data_8FVH
#
_entry.id   8FVH
#
_cell.length_a   1.00
_cell.length_b   1.00
_cell.length_c   1.00
_cell.angle_alpha   90.00
_cell.angle_beta   90.00
_cell.angle_gamma   90.00
#
_symmetry.space_group_name_H-M   'P 1'
#
loop_
_entity.id
_entity.type
_entity.pdbx_description
1 polymer 'E217 collar protein gp28'
2 polymer 'E217 gateway protein gp29'
3 polymer 'E217 head-to-tail connector protein gp27'
4 polymer 'E217 portal protein gp19'
#
loop_
_entity_poly.entity_id
_entity_poly.type
_entity_poly.pdbx_seq_one_letter_code
_entity_poly.pdbx_strand_id
1 'polypeptide(L)'
;IPGANLLRMAFGVIGTQIVRYRKFEQRVKNDQAQYVSMFGEPFDLAASVQRVRRDQYAQFNLEFQRNYVMIFANFDMVDL
DRNMAGDQFLWTGRVFQLESQGSWFYQDGWGVCLAVDIGAAKA
;
C,A,B,D,E,F
2 'polypeptide(L)'
;MFDGELIAKLVVELNAAMTSAQEALQFPDFEVVQKAQPTQQGTSTRPTIFFQKLFDIPRGWPATDWHLDNTARKYVEITR
QHVETTFQISSLHWQNPEITHVVTASDIANYVRAYFQARSTIERVKELDFLILRVSQISNEAFENDNHQFEFHPSFDMVV
TYNQYIRLYENAAYSADGVLIG
;
M,P,S,V,Y,b
3 'polypeptide(L)'
;MVIFDEHKFRTLFPEFADPAAYPDVRLQMYFDIACEFISDRDSPYRILNGKALEACLYLLTAHLLSLSTMQVQGAAGGGV
TAGGTQGGFITSATVGEVSVAKLAPPAKNGWQWWLSGTPYGQELWALLSVKAVGGFYIGGLPERRGFRKVGGTFW
;
N,Q,T,W,Z,c,G,H,I,J,K,L
4 'polypeptide(L)'
;PTMLQDWYNSQGFIGYQACAIISQHWLVDKACSMSGEDAARNGWELKSDGRKLSDEQSALIARRDMEFRVKDNLVELNRF
KNVFGVRIALFVVESDDPDYYEKPFNPDGVTPGSYKGISQIDPYWAMPQLTAGSTADPSSEHFYEPDFWIISGKKYHRSH
LVVVRGPQPPDILKPTYIFGGIPLTQRIYERVYAAERTANEAPLLAMSKRTSTIHVDVEKAIANEEAFNARLAFWIANRD
NHGVKVLGIDEGMEQFDTNLADFDSIIMNQYQLVAAIAKTPATKLLGTSPKGFNATGEHETISYHEELESIQEHIFDPLL
ERHYLLLAKSEEIDVQLEIVWNPVDSTSSQQQAELNNKKAATDEIYINSGVVSPDEVRERLRDDPRSGYNRLTDDQAETE
PGMSPENLAEFEKAGAQSAKAKGEAERAEAQAG
;
O,R,U,X,a,d,e,f,g,h,i,j
#
# COMPACT_ATOMS: atom_id res chain seq x y z
N ILE A 1 -31.67 -2.73 46.42
CA ILE A 1 -32.12 -3.86 47.23
C ILE A 1 -32.41 -3.41 48.64
N PRO A 2 -33.55 -3.84 49.19
CA PRO A 2 -33.84 -3.64 50.62
C PRO A 2 -33.11 -4.64 51.51
N GLY A 3 -31.83 -4.86 51.21
CA GLY A 3 -31.00 -5.76 51.97
C GLY A 3 -29.90 -5.01 52.71
N ALA A 4 -28.72 -4.98 52.12
CA ALA A 4 -27.60 -4.26 52.72
C ALA A 4 -27.94 -2.80 52.90
N ASN A 5 -27.49 -2.24 54.02
CA ASN A 5 -27.78 -0.85 54.36
C ASN A 5 -27.26 0.10 53.28
N LEU A 6 -28.11 1.02 52.84
CA LEU A 6 -27.73 2.02 51.85
C LEU A 6 -27.19 3.29 52.49
N LEU A 7 -27.77 3.73 53.60
CA LEU A 7 -27.22 4.85 54.33
C LEU A 7 -25.82 4.52 54.86
N ARG A 8 -25.54 3.23 55.05
CA ARG A 8 -24.22 2.82 55.50
C ARG A 8 -23.15 3.18 54.48
N MET A 9 -23.37 2.82 53.21
CA MET A 9 -22.41 3.16 52.17
C MET A 9 -22.49 4.63 51.77
N ALA A 10 -23.67 5.24 51.86
CA ALA A 10 -23.78 6.65 51.52
C ALA A 10 -22.97 7.52 52.49
N PHE A 11 -22.92 7.12 53.76
CA PHE A 11 -22.14 7.85 54.75
C PHE A 11 -20.64 7.80 54.47
N GLY A 12 -20.20 6.91 53.59
CA GLY A 12 -18.81 6.85 53.22
C GLY A 12 -18.39 7.86 52.18
N VAL A 13 -19.31 8.73 51.74
CA VAL A 13 -19.01 9.69 50.68
C VAL A 13 -19.29 11.10 51.18
N ILE A 14 -20.52 11.35 51.65
CA ILE A 14 -20.94 12.72 51.93
C ILE A 14 -20.22 13.27 53.16
N GLY A 15 -20.14 12.49 54.23
CA GLY A 15 -19.60 13.01 55.48
C GLY A 15 -20.71 13.42 56.43
N THR A 16 -20.55 13.11 57.71
CA THR A 16 -21.63 13.28 58.68
C THR A 16 -21.21 14.13 59.87
N GLN A 17 -22.07 14.20 60.88
CA GLN A 17 -21.79 14.88 62.14
C GLN A 17 -21.92 13.87 63.29
N ILE A 18 -21.77 14.36 64.51
CA ILE A 18 -21.77 13.50 65.70
C ILE A 18 -22.74 14.08 66.73
N VAL A 19 -23.62 13.22 67.24
CA VAL A 19 -24.61 13.62 68.23
C VAL A 19 -24.59 12.62 69.38
N ARG A 20 -25.14 13.05 70.51
CA ARG A 20 -25.30 12.19 71.68
C ARG A 20 -26.76 11.77 71.79
N TYR A 21 -27.00 10.48 71.94
CA TYR A 21 -28.33 9.89 71.87
C TYR A 21 -28.62 9.11 73.13
N ARG A 22 -29.84 9.26 73.66
CA ARG A 22 -30.27 8.51 74.83
C ARG A 22 -31.69 8.01 74.60
N LYS A 23 -31.94 6.77 75.03
CA LYS A 23 -33.22 6.12 74.86
C LYS A 23 -34.10 6.30 76.09
N PHE A 24 -35.35 5.85 75.97
CA PHE A 24 -36.31 5.91 77.06
C PHE A 24 -36.56 4.54 77.67
N GLU A 25 -36.68 4.51 79.00
CA GLU A 25 -36.95 3.27 79.71
C GLU A 25 -38.30 3.28 80.43
N GLN A 26 -38.57 4.25 81.30
CA GLN A 26 -39.74 4.19 82.15
C GLN A 26 -40.07 5.58 82.67
N ARG A 27 -41.28 5.72 83.21
CA ARG A 27 -41.78 6.98 83.74
C ARG A 27 -42.55 6.73 85.03
N VAL A 28 -42.66 7.77 85.86
CA VAL A 28 -43.36 7.70 87.14
C VAL A 28 -44.23 8.94 87.29
N LYS A 29 -44.83 9.09 88.47
CA LYS A 29 -45.66 10.23 88.82
C LYS A 29 -44.92 11.12 89.81
N ASN A 30 -45.43 12.34 89.97
CA ASN A 30 -44.86 13.33 90.88
C ASN A 30 -45.97 13.99 91.70
N ASP A 31 -46.82 13.15 92.30
CA ASP A 31 -47.96 13.47 93.16
C ASP A 31 -48.72 14.70 92.65
N GLN A 32 -48.74 14.86 91.33
CA GLN A 32 -49.57 15.84 90.65
C GLN A 32 -50.21 15.24 89.41
N ALA A 33 -50.15 13.91 89.26
CA ALA A 33 -50.65 13.21 88.08
C ALA A 33 -49.91 13.65 86.81
N GLN A 34 -48.65 14.05 86.97
CA GLN A 34 -47.79 14.41 85.87
C GLN A 34 -46.67 13.39 85.74
N TYR A 35 -46.25 13.13 84.51
CA TYR A 35 -45.26 12.09 84.26
C TYR A 35 -43.85 12.66 84.32
N VAL A 36 -42.94 11.92 84.93
CA VAL A 36 -41.53 12.27 84.98
C VAL A 36 -40.76 11.12 84.34
N SER A 37 -40.22 11.35 83.15
CA SER A 37 -39.54 10.31 82.41
C SER A 37 -38.12 10.10 82.93
N MET A 38 -37.57 8.91 82.64
CA MET A 38 -36.20 8.58 82.95
C MET A 38 -35.53 8.00 81.71
N PHE A 39 -34.51 8.69 81.20
CA PHE A 39 -33.66 8.19 80.15
C PHE A 39 -32.41 7.58 80.76
N GLY A 40 -31.65 6.87 79.93
CA GLY A 40 -30.46 6.22 80.44
C GLY A 40 -29.47 5.88 79.35
N GLU A 41 -28.20 5.78 79.77
CA GLU A 41 -27.08 5.39 78.93
C GLU A 41 -27.01 6.28 77.69
N PRO A 42 -26.61 7.55 77.82
CA PRO A 42 -26.43 8.39 76.64
C PRO A 42 -25.15 8.03 75.90
N PHE A 43 -25.30 7.48 74.70
CA PHE A 43 -24.19 7.01 73.89
C PHE A 43 -23.97 7.96 72.72
N ASP A 44 -23.04 7.61 71.84
CA ASP A 44 -22.63 8.45 70.74
C ASP A 44 -23.01 7.79 69.42
N LEU A 45 -23.57 8.60 68.51
CA LEU A 45 -24.09 8.10 67.24
C LEU A 45 -23.66 9.04 66.12
N ALA A 46 -23.55 8.49 64.91
CA ALA A 46 -23.19 9.24 63.72
C ALA A 46 -24.41 9.40 62.83
N ALA A 47 -24.68 10.64 62.41
CA ALA A 47 -25.89 10.93 61.67
C ALA A 47 -25.69 12.15 60.79
N SER A 48 -26.61 12.34 59.85
CA SER A 48 -26.62 13.49 58.95
C SER A 48 -27.81 14.37 59.27
N VAL A 49 -27.57 15.68 59.35
CA VAL A 49 -28.57 16.64 59.83
C VAL A 49 -28.78 17.71 58.77
N GLN A 50 -30.03 18.10 58.55
CA GLN A 50 -30.40 19.08 57.54
C GLN A 50 -31.41 20.08 58.12
N ARG A 51 -31.79 21.06 57.31
CA ARG A 51 -32.63 22.17 57.71
C ARG A 51 -34.10 21.93 57.36
N VAL A 52 -34.96 22.84 57.82
CA VAL A 52 -36.41 22.68 57.70
C VAL A 52 -37.08 23.94 57.15
N ARG A 53 -36.31 25.03 57.02
CA ARG A 53 -36.82 26.31 56.48
C ARG A 53 -37.95 26.86 57.37
N ARG A 54 -37.53 27.32 58.55
CA ARG A 54 -38.44 27.74 59.61
C ARG A 54 -39.02 29.14 59.39
N ASP A 55 -40.24 29.34 59.89
CA ASP A 55 -40.93 30.62 59.95
C ASP A 55 -41.62 30.75 61.31
N GLN A 56 -42.18 31.92 61.58
CA GLN A 56 -42.91 32.16 62.82
C GLN A 56 -44.36 32.56 62.53
N TYR A 57 -45.12 32.76 63.60
CA TYR A 57 -46.55 33.02 63.53
C TYR A 57 -46.92 33.95 64.68
N ALA A 58 -48.21 33.99 65.01
CA ALA A 58 -48.66 34.80 66.15
C ALA A 58 -49.85 34.10 66.80
N GLN A 59 -49.66 33.59 68.02
CA GLN A 59 -50.75 32.93 68.72
C GLN A 59 -51.76 33.96 69.21
N PHE A 60 -51.35 34.84 70.12
CA PHE A 60 -52.20 35.95 70.55
C PHE A 60 -51.27 37.10 70.94
N ASN A 61 -51.00 37.97 69.97
CA ASN A 61 -50.13 39.15 70.14
C ASN A 61 -48.73 38.79 70.60
N LEU A 62 -48.28 37.56 70.36
CA LEU A 62 -46.92 37.12 70.64
C LEU A 62 -46.36 36.44 69.39
N GLU A 63 -45.06 36.12 69.40
CA GLU A 63 -44.41 35.66 68.18
C GLU A 63 -44.23 34.14 68.13
N PHE A 64 -43.49 33.55 69.07
CA PHE A 64 -43.45 32.10 69.25
C PHE A 64 -43.03 31.35 67.98
N GLN A 65 -41.78 31.55 67.59
CA GLN A 65 -41.21 30.73 66.52
C GLN A 65 -40.71 29.40 67.08
N ARG A 66 -40.95 28.33 66.34
CA ARG A 66 -40.56 26.99 66.74
C ARG A 66 -39.41 26.48 65.87
N ASN A 67 -38.52 25.70 66.48
CA ASN A 67 -37.28 25.26 65.86
C ASN A 67 -37.36 23.79 65.47
N TYR A 68 -36.95 23.49 64.24
CA TYR A 68 -37.03 22.16 63.66
C TYR A 68 -35.68 21.71 63.10
N VAL A 69 -35.51 20.39 63.03
CA VAL A 69 -34.29 19.76 62.53
C VAL A 69 -34.67 18.46 61.84
N MET A 70 -33.97 18.12 60.77
CA MET A 70 -34.14 16.85 60.08
C MET A 70 -32.85 16.04 60.19
N ILE A 71 -32.96 14.79 60.64
CA ILE A 71 -31.79 13.95 60.90
C ILE A 71 -31.96 12.61 60.19
N PHE A 72 -30.87 12.13 59.58
CA PHE A 72 -30.80 10.80 59.00
C PHE A 72 -29.83 9.96 59.82
N ALA A 73 -30.27 8.78 60.26
CA ALA A 73 -29.39 7.91 61.04
C ALA A 73 -29.74 6.46 60.75
N ASN A 74 -28.75 5.58 60.94
CA ASN A 74 -28.95 4.14 60.81
C ASN A 74 -29.24 3.52 62.17
N PHE A 75 -30.32 4.01 62.78
CA PHE A 75 -30.74 3.54 64.09
C PHE A 75 -32.25 3.34 64.07
N ASP A 76 -32.71 2.41 64.91
CA ASP A 76 -34.14 2.10 64.97
C ASP A 76 -34.77 2.95 66.08
N MET A 77 -34.97 4.23 65.76
CA MET A 77 -35.48 5.20 66.70
C MET A 77 -37.00 5.16 66.78
N VAL A 78 -37.53 5.49 67.95
CA VAL A 78 -38.97 5.54 68.18
C VAL A 78 -39.33 6.93 68.67
N ASP A 79 -40.41 7.49 68.11
CA ASP A 79 -40.82 8.85 68.43
C ASP A 79 -42.02 8.93 69.35
N LEU A 80 -42.91 7.95 69.31
CA LEU A 80 -44.12 8.04 70.12
C LEU A 80 -44.82 6.70 70.14
N ASP A 81 -45.27 6.32 71.32
CA ASP A 81 -46.00 5.10 71.60
C ASP A 81 -46.70 5.32 72.93
N ARG A 82 -47.07 4.23 73.60
CA ARG A 82 -47.64 4.36 74.94
C ARG A 82 -46.57 4.80 75.94
N ASN A 83 -45.41 5.24 75.44
CA ASN A 83 -44.32 5.76 76.24
C ASN A 83 -43.69 6.98 75.55
N MET A 84 -42.50 7.36 76.02
CA MET A 84 -41.78 8.56 75.60
C MET A 84 -41.03 8.35 74.29
N ALA A 85 -40.57 9.46 73.72
CA ALA A 85 -39.66 9.49 72.58
C ALA A 85 -38.20 9.38 73.06
N GLY A 86 -37.26 9.68 72.17
CA GLY A 86 -35.87 9.79 72.50
C GLY A 86 -35.37 11.23 72.41
N ASP A 87 -34.12 11.42 72.82
CA ASP A 87 -33.50 12.74 72.87
C ASP A 87 -32.18 12.73 72.13
N GLN A 88 -31.65 13.93 71.90
CA GLN A 88 -30.39 14.15 71.21
C GLN A 88 -29.99 15.59 71.43
N PHE A 89 -28.77 15.93 71.02
CA PHE A 89 -28.41 17.34 70.91
C PHE A 89 -27.25 17.51 69.96
N LEU A 90 -27.35 18.51 69.08
CA LEU A 90 -26.19 18.98 68.33
C LEU A 90 -25.50 20.10 69.10
N TRP A 91 -26.28 21.05 69.61
CA TRP A 91 -25.81 21.99 70.64
C TRP A 91 -26.83 22.21 71.74
N THR A 92 -28.09 21.85 71.56
CA THR A 92 -29.14 21.99 72.55
C THR A 92 -30.06 20.78 72.49
N GLY A 93 -30.73 20.49 73.59
CA GLY A 93 -31.59 19.31 73.65
C GLY A 93 -32.67 19.35 72.59
N ARG A 94 -33.04 18.16 72.10
CA ARG A 94 -33.97 18.05 70.99
C ARG A 94 -34.81 16.79 71.13
N VAL A 95 -36.01 16.82 70.56
CA VAL A 95 -36.92 15.68 70.56
C VAL A 95 -37.64 15.62 69.21
N PHE A 96 -37.92 14.41 68.76
CA PHE A 96 -38.39 14.19 67.39
C PHE A 96 -39.73 13.47 67.36
N GLN A 97 -40.36 13.50 66.18
CA GLN A 97 -41.67 12.87 65.99
C GLN A 97 -41.84 12.41 64.53
N LEU A 98 -41.50 11.14 64.29
CA LEU A 98 -41.72 10.47 63.00
C LEU A 98 -41.23 9.02 63.10
N GLU A 99 -41.35 8.27 62.00
CA GLU A 99 -40.71 6.97 61.90
C GLU A 99 -40.11 6.82 60.51
N SER A 100 -39.44 5.70 60.26
CA SER A 100 -38.89 5.39 58.95
C SER A 100 -38.59 3.89 58.87
N GLN A 101 -37.85 3.49 57.83
CA GLN A 101 -37.70 2.09 57.45
C GLN A 101 -36.76 1.33 58.38
N GLY A 102 -37.07 1.34 59.68
CA GLY A 102 -36.12 0.81 60.66
C GLY A 102 -35.88 -0.69 60.53
N SER A 103 -36.95 -1.46 60.33
CA SER A 103 -36.82 -2.90 60.38
C SER A 103 -36.01 -3.46 59.22
N TRP A 104 -35.70 -2.66 58.20
CA TRP A 104 -34.80 -3.17 57.17
C TRP A 104 -33.36 -2.74 57.43
N PHE A 105 -33.06 -1.45 57.26
CA PHE A 105 -31.67 -1.03 57.43
C PHE A 105 -31.37 0.39 57.93
N TYR A 106 -32.33 1.32 57.91
CA TYR A 106 -32.02 2.67 58.39
C TYR A 106 -33.32 3.43 58.63
N GLN A 107 -33.19 4.60 59.26
CA GLN A 107 -34.34 5.46 59.52
C GLN A 107 -34.04 6.92 59.20
N ASP A 108 -35.06 7.75 59.40
CA ASP A 108 -35.03 9.19 59.21
C ASP A 108 -35.69 9.85 60.43
N GLY A 109 -35.32 11.10 60.69
CA GLY A 109 -35.66 11.74 61.94
C GLY A 109 -36.23 13.15 61.77
N TRP A 110 -36.59 13.72 62.91
CA TRP A 110 -37.01 15.11 63.09
C TRP A 110 -36.32 15.66 64.32
N GLY A 111 -36.85 16.77 64.82
CA GLY A 111 -36.33 17.34 66.04
C GLY A 111 -36.93 18.71 66.31
N VAL A 112 -37.27 18.97 67.57
CA VAL A 112 -37.72 20.28 68.01
C VAL A 112 -36.76 20.72 69.10
N CYS A 113 -36.20 21.92 68.94
CA CYS A 113 -35.15 22.39 69.82
C CYS A 113 -35.72 22.72 71.19
N LEU A 114 -35.46 21.86 72.17
CA LEU A 114 -35.68 22.24 73.55
C LEU A 114 -34.68 23.33 73.93
N ALA A 115 -34.86 23.91 75.11
CA ALA A 115 -34.24 25.20 75.40
C ALA A 115 -32.72 25.19 75.29
N VAL A 116 -32.04 24.50 76.20
CA VAL A 116 -30.58 24.47 76.23
C VAL A 116 -30.10 23.12 76.74
N ASP A 117 -28.79 22.93 76.75
CA ASP A 117 -28.15 21.82 77.43
C ASP A 117 -27.54 22.28 78.75
N ILE A 118 -27.26 21.32 79.62
CA ILE A 118 -26.85 21.64 80.99
C ILE A 118 -25.51 22.39 80.99
N GLY A 119 -24.54 21.88 80.23
CA GLY A 119 -23.21 22.44 80.22
C GLY A 119 -22.18 21.41 80.65
N ALA A 120 -21.05 21.91 81.17
CA ALA A 120 -19.94 21.08 81.61
C ALA A 120 -19.51 20.12 80.49
N ALA A 121 -18.99 20.74 79.42
CA ALA A 121 -18.63 20.04 78.19
C ALA A 121 -19.84 19.38 77.55
N LYS A 122 -20.96 20.11 77.53
CA LYS A 122 -22.18 19.70 76.83
C LYS A 122 -22.70 18.36 77.33
N ALA A 123 -23.09 18.35 78.60
CA ALA A 123 -23.68 17.15 79.22
C ALA A 123 -25.04 16.84 78.61
N ILE B 1 -41.42 33.55 18.11
CA ILE B 1 -41.68 34.97 17.89
C ILE B 1 -43.17 35.26 18.01
N PRO B 2 -43.53 36.33 18.73
CA PRO B 2 -44.90 36.82 18.76
C PRO B 2 -45.26 37.63 17.51
N GLY B 3 -44.85 37.12 16.35
CA GLY B 3 -45.11 37.75 15.07
C GLY B 3 -46.06 36.94 14.23
N ALA B 4 -45.51 36.14 13.32
CA ALA B 4 -46.30 35.26 12.49
C ALA B 4 -47.14 34.32 13.36
N ASN B 5 -48.34 34.03 12.88
CA ASN B 5 -49.29 33.25 13.66
C ASN B 5 -48.83 31.81 13.80
N LEU B 6 -48.60 31.36 15.03
CA LEU B 6 -48.16 29.99 15.27
C LEU B 6 -49.32 29.00 15.08
N LEU B 7 -50.51 29.34 15.56
CA LEU B 7 -51.65 28.48 15.34
C LEU B 7 -51.98 28.35 13.86
N ARG B 8 -51.63 29.35 13.06
CA ARG B 8 -51.83 29.28 11.62
C ARG B 8 -51.05 28.14 11.01
N MET B 9 -49.75 28.04 11.33
CA MET B 9 -48.95 26.97 10.78
C MET B 9 -49.21 25.63 11.47
N ALA B 10 -49.58 25.65 12.75
CA ALA B 10 -49.88 24.41 13.45
C ALA B 10 -51.09 23.72 12.86
N PHE B 11 -52.08 24.49 12.40
CA PHE B 11 -53.27 23.92 11.78
C PHE B 11 -52.98 23.22 10.47
N GLY B 12 -51.79 23.42 9.90
CA GLY B 12 -51.39 22.72 8.70
C GLY B 12 -50.89 21.32 8.93
N VAL B 13 -50.89 20.85 10.17
CA VAL B 13 -50.35 19.53 10.49
C VAL B 13 -51.41 18.68 11.18
N ILE B 14 -51.97 19.19 12.28
CA ILE B 14 -52.82 18.36 13.13
C ILE B 14 -54.15 18.06 12.45
N GLY B 15 -54.78 19.07 11.87
CA GLY B 15 -56.12 18.89 11.32
C GLY B 15 -57.18 19.38 12.28
N THR B 16 -58.19 20.07 11.75
CA THR B 16 -59.16 20.77 12.61
C THR B 16 -60.59 20.36 12.33
N GLN B 17 -61.54 21.06 12.93
CA GLN B 17 -62.97 20.90 12.70
C GLN B 17 -63.52 22.21 12.14
N ILE B 18 -64.83 22.23 11.87
CA ILE B 18 -65.50 23.40 11.33
C ILE B 18 -66.72 23.70 12.20
N VAL B 19 -66.83 24.96 12.63
CA VAL B 19 -67.93 25.41 13.47
C VAL B 19 -68.54 26.66 12.85
N ARG B 20 -69.78 26.94 13.24
CA ARG B 20 -70.47 28.16 12.83
C ARG B 20 -70.44 29.16 13.98
N TYR B 21 -69.94 30.36 13.69
CA TYR B 21 -69.68 31.37 14.71
C TYR B 21 -70.48 32.62 14.41
N ARG B 22 -71.11 33.19 15.44
CA ARG B 22 -71.88 34.42 15.31
C ARG B 22 -71.51 35.37 16.44
N LYS B 23 -71.42 36.65 16.10
CA LYS B 23 -70.96 37.68 17.02
C LYS B 23 -72.12 38.49 17.54
N PHE B 24 -71.91 39.14 18.68
CA PHE B 24 -72.94 39.94 19.32
C PHE B 24 -72.88 41.39 18.85
N GLU B 25 -74.06 42.02 18.72
CA GLU B 25 -74.14 43.40 18.27
C GLU B 25 -74.72 44.33 19.34
N GLN B 26 -75.94 44.09 19.80
CA GLN B 26 -76.61 44.98 20.76
C GLN B 26 -77.82 44.24 21.33
N ARG B 27 -78.36 44.78 22.42
CA ARG B 27 -79.47 44.15 23.12
C ARG B 27 -80.50 45.19 23.51
N VAL B 28 -81.72 44.71 23.78
CA VAL B 28 -82.86 45.54 24.16
C VAL B 28 -83.58 44.89 25.33
N LYS B 29 -84.69 45.49 25.73
CA LYS B 29 -85.51 45.01 26.84
C LYS B 29 -86.79 44.35 26.32
N ASN B 30 -87.48 43.66 27.22
CA ASN B 30 -88.72 42.95 26.90
C ASN B 30 -89.77 43.22 27.97
N ASP B 31 -89.96 44.51 28.28
CA ASP B 31 -90.89 45.09 29.25
C ASP B 31 -91.00 44.19 30.49
N GLN B 32 -89.87 43.61 30.89
CA GLN B 32 -89.75 42.86 32.12
C GLN B 32 -88.42 43.16 32.80
N ALA B 33 -87.68 44.15 32.32
CA ALA B 33 -86.32 44.46 32.77
C ALA B 33 -85.38 43.29 32.55
N GLN B 34 -85.68 42.47 31.54
CA GLN B 34 -84.83 41.34 31.16
C GLN B 34 -84.21 41.63 29.80
N TYR B 35 -82.89 41.47 29.72
CA TYR B 35 -82.20 41.74 28.48
C TYR B 35 -82.44 40.61 27.49
N VAL B 36 -82.74 40.96 26.24
CA VAL B 36 -82.80 40.00 25.15
C VAL B 36 -81.80 40.44 24.09
N SER B 37 -80.89 39.55 23.75
CA SER B 37 -79.77 39.86 22.88
C SER B 37 -80.04 39.39 21.45
N MET B 38 -79.30 39.97 20.51
CA MET B 38 -79.43 39.63 19.10
C MET B 38 -78.05 39.62 18.45
N PHE B 39 -77.82 38.63 17.60
CA PHE B 39 -76.55 38.43 16.94
C PHE B 39 -76.71 38.67 15.43
N GLY B 40 -75.60 38.53 14.71
CA GLY B 40 -75.64 38.83 13.29
C GLY B 40 -74.70 38.01 12.42
N GLU B 41 -75.24 37.48 11.33
CA GLU B 41 -74.50 36.84 10.24
C GLU B 41 -73.54 35.75 10.73
N PRO B 42 -74.06 34.59 11.14
CA PRO B 42 -73.17 33.48 11.48
C PRO B 42 -72.37 33.05 10.26
N PHE B 43 -71.12 32.65 10.50
CA PHE B 43 -70.20 32.28 9.44
C PHE B 43 -69.40 31.05 9.85
N ASP B 44 -68.63 30.52 8.92
CA ASP B 44 -67.87 29.29 9.12
C ASP B 44 -66.45 29.63 9.56
N LEU B 45 -65.98 28.96 10.61
CA LEU B 45 -64.66 29.20 11.17
C LEU B 45 -63.97 27.86 11.40
N ALA B 46 -62.66 27.83 11.17
CA ALA B 46 -61.86 26.63 11.37
C ALA B 46 -61.19 26.70 12.73
N ALA B 47 -61.39 25.66 13.55
CA ALA B 47 -60.89 25.67 14.90
C ALA B 47 -60.62 24.24 15.36
N SER B 48 -59.82 24.13 16.42
CA SER B 48 -59.51 22.85 17.05
C SER B 48 -60.24 22.77 18.39
N VAL B 49 -60.94 21.66 18.62
CA VAL B 49 -61.81 21.50 19.77
C VAL B 49 -61.23 20.41 20.67
N GLN B 50 -61.13 20.70 21.95
CA GLN B 50 -60.47 19.85 22.93
C GLN B 50 -61.47 19.42 24.01
N ARG B 51 -60.96 18.80 25.07
CA ARG B 51 -61.77 18.26 26.14
C ARG B 51 -61.26 18.72 27.50
N VAL B 52 -62.18 18.92 28.44
CA VAL B 52 -61.85 19.15 29.85
C VAL B 52 -62.66 18.18 30.70
N ARG B 53 -63.75 17.68 30.12
CA ARG B 53 -64.44 16.48 30.61
C ARG B 53 -65.02 16.57 32.02
N ARG B 54 -66.16 17.25 32.03
CA ARG B 54 -67.14 17.36 33.10
C ARG B 54 -67.29 16.12 33.97
N ASP B 55 -67.42 16.36 35.27
CA ASP B 55 -68.00 15.43 36.23
C ASP B 55 -69.10 16.15 36.99
N GLN B 56 -70.15 15.42 37.39
CA GLN B 56 -71.33 16.08 37.91
C GLN B 56 -71.28 16.23 39.44
N TYR B 57 -72.32 16.86 39.97
CA TYR B 57 -72.44 17.16 41.38
C TYR B 57 -73.90 16.94 41.77
N ALA B 58 -74.30 17.49 42.92
CA ALA B 58 -75.70 17.42 43.32
C ALA B 58 -76.05 18.64 44.15
N GLN B 59 -77.31 19.04 44.07
CA GLN B 59 -77.87 20.05 44.98
C GLN B 59 -78.83 19.41 45.96
N PHE B 60 -79.90 18.77 45.46
CA PHE B 60 -80.60 17.76 46.22
C PHE B 60 -81.42 16.94 45.22
N ASN B 61 -81.00 15.70 44.99
CA ASN B 61 -81.64 14.78 44.03
C ASN B 61 -81.48 15.29 42.60
N LEU B 62 -80.92 16.47 42.44
CA LEU B 62 -80.74 17.07 41.13
C LEU B 62 -79.26 16.98 40.77
N GLU B 63 -78.95 16.34 39.66
CA GLU B 63 -77.57 16.03 39.32
C GLU B 63 -76.87 17.21 38.65
N PHE B 64 -77.41 17.70 37.53
CA PHE B 64 -76.95 18.93 36.90
C PHE B 64 -75.46 18.85 36.53
N GLN B 65 -75.17 17.95 35.60
CA GLN B 65 -73.84 17.91 34.99
C GLN B 65 -73.74 19.04 33.98
N ARG B 66 -72.71 19.87 34.12
CA ARG B 66 -72.50 21.01 33.24
C ARG B 66 -71.47 20.66 32.19
N ASN B 67 -71.83 20.86 30.92
CA ASN B 67 -71.01 20.41 29.80
C ASN B 67 -70.03 21.48 29.36
N TYR B 68 -68.76 21.11 29.22
CA TYR B 68 -67.69 22.03 28.90
C TYR B 68 -66.93 21.56 27.66
N VAL B 69 -66.34 22.53 26.96
CA VAL B 69 -65.57 22.29 25.74
C VAL B 69 -64.46 23.34 25.68
N MET B 70 -63.30 22.93 25.18
CA MET B 70 -62.17 23.82 24.97
C MET B 70 -61.87 23.93 23.48
N ILE B 71 -61.79 25.15 22.97
CA ILE B 71 -61.64 25.41 21.55
C ILE B 71 -60.47 26.35 21.30
N PHE B 72 -59.62 25.99 20.34
CA PHE B 72 -58.53 26.84 19.87
C PHE B 72 -58.90 27.41 18.50
N ALA B 73 -58.81 28.72 18.35
CA ALA B 73 -59.12 29.35 17.07
C ALA B 73 -58.28 30.60 16.90
N ASN B 74 -58.03 30.97 15.65
CA ASN B 74 -57.30 32.19 15.34
C ASN B 74 -58.27 33.34 15.07
N PHE B 75 -59.04 33.66 16.10
CA PHE B 75 -60.03 34.72 16.02
C PHE B 75 -59.96 35.56 17.29
N ASP B 76 -60.15 36.87 17.12
CA ASP B 76 -60.13 37.79 18.25
C ASP B 76 -61.55 37.87 18.82
N MET B 77 -61.87 36.90 19.66
CA MET B 77 -63.22 36.71 20.18
C MET B 77 -63.30 37.07 21.65
N VAL B 78 -64.44 37.62 22.05
CA VAL B 78 -64.65 38.15 23.39
C VAL B 78 -65.72 37.32 24.09
N ASP B 79 -65.49 37.01 25.36
CA ASP B 79 -66.42 36.21 26.14
C ASP B 79 -67.39 37.03 26.97
N LEU B 80 -66.96 38.17 27.49
CA LEU B 80 -67.82 38.96 28.36
C LEU B 80 -67.21 40.33 28.59
N ASP B 81 -68.06 41.34 28.58
CA ASP B 81 -67.73 42.72 28.92
C ASP B 81 -69.06 43.39 29.28
N ARG B 82 -69.08 44.72 29.27
CA ARG B 82 -70.36 45.40 29.44
C ARG B 82 -71.33 45.10 28.30
N ASN B 83 -70.92 44.31 27.31
CA ASN B 83 -71.74 43.76 26.25
C ASN B 83 -71.91 42.26 26.46
N MET B 84 -72.51 41.59 25.48
CA MET B 84 -72.84 40.18 25.55
C MET B 84 -71.64 39.30 25.15
N ALA B 85 -71.93 38.01 24.95
CA ALA B 85 -70.92 37.01 24.62
C ALA B 85 -71.08 36.57 23.16
N GLY B 86 -70.32 35.55 22.75
CA GLY B 86 -70.42 34.96 21.45
C GLY B 86 -70.98 33.55 21.52
N ASP B 87 -71.33 33.02 20.34
CA ASP B 87 -71.98 31.72 20.24
C ASP B 87 -71.30 30.86 19.19
N GLN B 88 -71.52 29.55 19.31
CA GLN B 88 -70.99 28.56 18.39
C GLN B 88 -71.82 27.29 18.55
N PHE B 89 -71.64 26.35 17.63
CA PHE B 89 -72.23 25.02 17.82
C PHE B 89 -71.51 24.01 16.93
N LEU B 90 -70.83 23.06 17.57
CA LEU B 90 -70.38 21.86 16.86
C LEU B 90 -71.57 20.98 16.53
N TRP B 91 -72.44 20.74 17.51
CA TRP B 91 -73.76 20.15 17.29
C TRP B 91 -74.87 20.83 18.06
N THR B 92 -74.57 21.63 19.07
CA THR B 92 -75.55 22.33 19.89
C THR B 92 -74.94 23.65 20.32
N GLY B 93 -75.80 24.65 20.58
CA GLY B 93 -75.31 25.98 20.89
C GLY B 93 -74.44 26.00 22.13
N ARG B 94 -73.44 26.87 22.13
CA ARG B 94 -72.51 26.97 23.24
C ARG B 94 -72.14 28.43 23.49
N VAL B 95 -71.61 28.68 24.68
CA VAL B 95 -71.13 30.01 25.08
C VAL B 95 -69.90 29.82 25.95
N PHE B 96 -68.92 30.71 25.81
CA PHE B 96 -67.60 30.55 26.41
C PHE B 96 -67.30 31.65 27.40
N GLN B 97 -66.28 31.40 28.24
CA GLN B 97 -65.87 32.34 29.30
C GLN B 97 -64.34 32.33 29.43
N LEU B 98 -63.66 33.17 28.64
CA LEU B 98 -62.21 33.35 28.75
C LEU B 98 -61.73 34.38 27.74
N GLU B 99 -60.43 34.65 27.72
CA GLU B 99 -59.80 35.37 26.63
C GLU B 99 -58.48 34.68 26.30
N SER B 100 -57.71 35.27 25.39
CA SER B 100 -56.37 34.78 25.05
C SER B 100 -55.64 35.86 24.23
N GLN B 101 -54.50 35.48 23.66
CA GLN B 101 -53.53 36.41 23.09
C GLN B 101 -54.01 36.98 21.75
N GLY B 102 -55.18 37.62 21.79
CA GLY B 102 -55.84 38.03 20.56
C GLY B 102 -55.08 39.08 19.79
N SER B 103 -54.56 40.10 20.48
CA SER B 103 -53.97 41.23 19.77
C SER B 103 -52.67 40.87 19.09
N TRP B 104 -52.11 39.68 19.32
CA TRP B 104 -50.94 39.31 18.54
C TRP B 104 -51.31 38.44 17.34
N PHE B 105 -51.73 37.21 17.58
CA PHE B 105 -52.04 36.33 16.45
C PHE B 105 -53.11 35.25 16.60
N TYR B 106 -53.52 34.89 17.82
CA TYR B 106 -54.53 33.83 17.96
C TYR B 106 -55.10 33.87 19.37
N GLN B 107 -56.19 33.11 19.58
CA GLN B 107 -56.81 33.01 20.88
C GLN B 107 -57.18 31.57 21.22
N ASP B 108 -57.75 31.41 22.41
CA ASP B 108 -58.22 30.15 22.96
C ASP B 108 -59.63 30.35 23.50
N GLY B 109 -60.40 29.27 23.55
CA GLY B 109 -61.81 29.36 23.82
C GLY B 109 -62.29 28.43 24.92
N TRP B 110 -63.59 28.47 25.17
CA TRP B 110 -64.28 27.64 26.14
C TRP B 110 -65.64 27.29 25.55
N GLY B 111 -66.55 26.83 26.40
CA GLY B 111 -67.88 26.55 25.94
C GLY B 111 -68.71 25.79 26.94
N VAL B 112 -69.97 26.18 27.10
CA VAL B 112 -70.93 25.44 27.90
C VAL B 112 -72.09 25.06 26.99
N CYS B 113 -72.46 23.79 27.00
CA CYS B 113 -73.44 23.29 26.05
C CYS B 113 -74.82 23.81 26.41
N LEU B 114 -75.33 24.73 25.60
CA LEU B 114 -76.75 25.06 25.68
C LEU B 114 -77.57 23.89 25.13
N ALA B 115 -78.89 24.04 25.16
CA ALA B 115 -79.75 22.86 25.02
C ALA B 115 -79.58 22.15 23.68
N VAL B 116 -80.04 22.78 22.59
CA VAL B 116 -80.03 22.15 21.27
C VAL B 116 -79.84 23.20 20.19
N ASP B 117 -79.75 22.75 18.95
CA ASP B 117 -79.85 23.61 17.78
C ASP B 117 -81.23 23.47 17.15
N ILE B 118 -81.61 24.49 16.36
CA ILE B 118 -82.97 24.56 15.85
C ILE B 118 -83.26 23.41 14.90
N GLY B 119 -82.34 23.13 13.99
CA GLY B 119 -82.56 22.15 12.94
C GLY B 119 -82.64 22.80 11.57
N ALA B 120 -83.25 22.07 10.64
CA ALA B 120 -83.38 22.51 9.26
C ALA B 120 -82.01 22.89 8.68
N ALA B 121 -81.18 21.85 8.54
CA ALA B 121 -79.76 21.96 8.19
C ALA B 121 -78.94 22.60 9.31
N LYS B 122 -79.37 22.37 10.55
CA LYS B 122 -78.63 22.77 11.75
C LYS B 122 -78.38 24.28 11.78
N ALA B 123 -79.47 25.03 11.84
CA ALA B 123 -79.41 26.49 11.92
C ALA B 123 -78.82 26.93 13.25
N ILE C 1 -52.51 12.96 14.86
CA ILE C 1 -53.68 13.51 14.19
C ILE C 1 -54.94 13.14 14.94
N PRO C 2 -55.84 14.11 15.12
CA PRO C 2 -57.19 13.84 15.64
C PRO C 2 -58.11 13.26 14.56
N GLY C 3 -57.60 12.31 13.80
CA GLY C 3 -58.36 11.64 12.77
C GLY C 3 -58.59 10.19 13.11
N ALA C 4 -57.77 9.30 12.53
CA ALA C 4 -57.83 7.89 12.88
C ALA C 4 -57.57 7.72 14.37
N ASN C 5 -58.40 6.91 15.02
CA ASN C 5 -58.31 6.77 16.46
C ASN C 5 -57.01 6.13 16.92
N LEU C 6 -56.43 6.70 17.98
CA LEU C 6 -55.22 6.17 18.56
C LEU C 6 -55.51 4.97 19.47
N LEU C 7 -56.71 4.92 20.06
CA LEU C 7 -57.04 3.83 20.96
C LEU C 7 -57.10 2.49 20.23
N ARG C 8 -57.60 2.49 18.98
CA ARG C 8 -57.70 1.24 18.23
C ARG C 8 -56.33 0.64 17.97
N MET C 9 -55.38 1.46 17.53
CA MET C 9 -54.04 0.94 17.29
C MET C 9 -53.31 0.66 18.60
N ALA C 10 -53.64 1.38 19.67
CA ALA C 10 -53.05 1.08 20.96
C ALA C 10 -53.54 -0.26 21.50
N PHE C 11 -54.79 -0.63 21.20
CA PHE C 11 -55.31 -1.92 21.63
C PHE C 11 -54.64 -3.09 20.92
N GLY C 12 -53.86 -2.84 19.87
CA GLY C 12 -53.18 -3.91 19.17
C GLY C 12 -51.97 -4.47 19.86
N VAL C 13 -51.52 -3.87 20.96
CA VAL C 13 -50.33 -4.29 21.68
C VAL C 13 -50.63 -4.60 23.15
N ILE C 14 -51.40 -3.74 23.80
CA ILE C 14 -51.55 -3.86 25.26
C ILE C 14 -52.42 -5.06 25.62
N GLY C 15 -53.51 -5.29 24.90
CA GLY C 15 -54.44 -6.33 25.28
C GLY C 15 -55.51 -5.83 26.21
N THR C 16 -56.75 -6.29 26.01
CA THR C 16 -57.90 -5.72 26.71
C THR C 16 -58.73 -6.77 27.42
N GLN C 17 -59.89 -6.36 27.92
CA GLN C 17 -60.87 -7.25 28.54
C GLN C 17 -62.20 -7.09 27.82
N ILE C 18 -63.18 -7.91 28.21
CA ILE C 18 -64.48 -7.93 27.56
C ILE C 18 -65.56 -7.66 28.60
N VAL C 19 -66.47 -6.74 28.29
CA VAL C 19 -67.55 -6.36 29.18
C VAL C 19 -68.86 -6.39 28.39
N ARG C 20 -69.97 -6.52 29.12
CA ARG C 20 -71.30 -6.46 28.54
C ARG C 20 -71.86 -5.06 28.78
N TYR C 21 -72.25 -4.39 27.71
CA TYR C 21 -72.66 -2.99 27.76
C TYR C 21 -74.09 -2.84 27.30
N ARG C 22 -74.90 -2.11 28.06
CA ARG C 22 -76.28 -1.83 27.71
C ARG C 22 -76.53 -0.33 27.82
N LYS C 23 -77.33 0.19 26.89
CA LYS C 23 -77.60 1.61 26.79
C LYS C 23 -78.97 1.94 27.38
N PHE C 24 -79.14 3.21 27.76
CA PHE C 24 -80.39 3.69 28.33
C PHE C 24 -81.30 4.20 27.22
N GLU C 25 -82.58 3.88 27.32
CA GLU C 25 -83.55 4.28 26.30
C GLU C 25 -84.62 5.22 26.83
N GLN C 26 -85.33 4.86 27.89
CA GLN C 26 -86.45 5.67 28.36
C GLN C 26 -86.77 5.28 29.81
N ARG C 27 -87.69 6.01 30.40
CA ARG C 27 -88.06 5.82 31.80
C ARG C 27 -89.53 6.19 31.98
N VAL C 28 -90.15 5.58 33.00
CA VAL C 28 -91.55 5.81 33.34
C VAL C 28 -91.66 5.95 34.86
N LYS C 29 -92.89 6.17 35.33
CA LYS C 29 -93.19 6.32 36.75
C LYS C 29 -93.70 5.01 37.34
N ASN C 30 -93.71 4.94 38.66
CA ASN C 30 -94.16 3.76 39.40
C ASN C 30 -95.07 4.17 40.54
N ASP C 31 -96.07 5.02 40.23
CA ASP C 31 -97.10 5.57 41.11
C ASP C 31 -96.53 5.89 42.49
N GLN C 32 -95.30 6.37 42.51
CA GLN C 32 -94.67 6.91 43.71
C GLN C 32 -93.89 8.17 43.37
N ALA C 33 -94.04 8.70 42.15
CA ALA C 33 -93.26 9.80 41.63
C ALA C 33 -91.77 9.45 41.58
N GLN C 34 -91.46 8.17 41.43
CA GLN C 34 -90.10 7.69 41.27
C GLN C 34 -89.93 7.15 39.86
N TYR C 35 -88.74 7.35 39.30
CA TYR C 35 -88.45 6.96 37.94
C TYR C 35 -87.88 5.55 37.89
N VAL C 36 -88.38 4.73 36.98
CA VAL C 36 -87.82 3.42 36.69
C VAL C 36 -87.45 3.38 35.22
N SER C 37 -86.24 2.90 34.93
CA SER C 37 -85.68 2.96 33.60
C SER C 37 -85.63 1.58 32.95
N MET C 38 -85.49 1.57 31.63
CA MET C 38 -85.39 0.35 30.87
C MET C 38 -84.24 0.47 29.88
N PHE C 39 -83.43 -0.59 29.80
CA PHE C 39 -82.29 -0.63 28.91
C PHE C 39 -82.56 -1.61 27.77
N GLY C 40 -81.69 -1.59 26.76
CA GLY C 40 -81.95 -2.38 25.58
C GLY C 40 -80.77 -3.15 25.00
N GLU C 41 -80.93 -4.46 24.89
CA GLU C 41 -80.04 -5.35 24.15
C GLU C 41 -78.58 -5.19 24.53
N PRO C 42 -78.16 -5.67 25.69
CA PRO C 42 -76.74 -5.61 26.05
C PRO C 42 -75.88 -6.38 25.06
N PHE C 43 -74.69 -5.86 24.78
CA PHE C 43 -73.78 -6.45 23.81
C PHE C 43 -72.37 -6.45 24.38
N ASP C 44 -71.48 -7.18 23.71
CA ASP C 44 -70.10 -7.30 24.14
C ASP C 44 -69.26 -6.19 23.55
N LEU C 45 -68.41 -5.59 24.37
CA LEU C 45 -67.55 -4.48 23.97
C LEU C 45 -66.14 -4.71 24.47
N ALA C 46 -65.16 -4.35 23.66
CA ALA C 46 -63.75 -4.50 24.02
C ALA C 46 -63.25 -3.18 24.61
N ALA C 47 -62.73 -3.24 25.84
CA ALA C 47 -62.31 -2.03 26.53
C ALA C 47 -61.15 -2.36 27.46
N SER C 48 -60.40 -1.32 27.81
CA SER C 48 -59.29 -1.43 28.75
C SER C 48 -59.73 -0.86 30.09
N VAL C 49 -59.70 -1.70 31.12
CA VAL C 49 -60.21 -1.35 32.44
C VAL C 49 -59.03 -1.17 33.39
N GLN C 50 -59.01 -0.03 34.09
CA GLN C 50 -57.92 0.29 35.00
C GLN C 50 -58.46 0.62 36.38
N ARG C 51 -57.60 1.14 37.25
CA ARG C 51 -57.94 1.36 38.65
C ARG C 51 -57.78 2.83 39.03
N VAL C 52 -58.55 3.24 40.03
CA VAL C 52 -58.23 4.44 40.79
C VAL C 52 -58.16 4.18 42.29
N ARG C 53 -58.82 3.14 42.79
CA ARG C 53 -58.54 2.55 44.11
C ARG C 53 -58.72 3.55 45.24
N ARG C 54 -60.00 3.83 45.45
CA ARG C 54 -60.59 4.47 46.61
C ARG C 54 -60.09 3.96 47.96
N ASP C 55 -60.20 4.80 48.98
CA ASP C 55 -60.04 4.45 50.38
C ASP C 55 -61.36 4.64 51.10
N GLN C 56 -61.42 4.22 52.35
CA GLN C 56 -62.66 4.22 53.12
C GLN C 56 -62.78 5.50 53.94
N TYR C 57 -63.99 5.72 54.47
CA TYR C 57 -64.28 6.86 55.34
C TYR C 57 -65.34 6.40 56.34
N ALA C 58 -66.00 7.35 56.99
CA ALA C 58 -67.04 7.01 57.94
C ALA C 58 -68.05 8.13 58.03
N GLN C 59 -69.27 7.78 58.45
CA GLN C 59 -70.27 8.77 58.84
C GLN C 59 -70.50 8.73 60.35
N PHE C 60 -70.93 7.59 60.88
CA PHE C 60 -70.75 7.29 62.30
C PHE C 60 -70.94 5.79 62.46
N ASN C 61 -69.84 5.07 62.73
CA ASN C 61 -69.81 3.62 62.84
C ASN C 61 -70.17 2.95 61.53
N LEU C 62 -70.48 3.74 60.50
CA LEU C 62 -70.81 3.23 59.18
C LEU C 62 -69.67 3.61 58.25
N GLU C 63 -69.02 2.60 57.68
CA GLU C 63 -67.79 2.85 56.92
C GLU C 63 -68.09 3.31 55.51
N PHE C 64 -68.78 2.47 54.71
CA PHE C 64 -69.25 2.84 53.39
C PHE C 64 -68.09 3.24 52.46
N GLN C 65 -67.23 2.27 52.18
CA GLN C 65 -66.24 2.45 51.12
C GLN C 65 -66.92 2.26 49.76
N ARG C 66 -66.67 3.20 48.84
CA ARG C 66 -67.34 3.21 47.55
C ARG C 66 -66.34 2.78 46.47
N ASN C 67 -66.68 1.71 45.75
CA ASN C 67 -65.74 1.12 44.80
C ASN C 67 -65.80 1.83 43.44
N TYR C 68 -64.63 2.04 42.85
CA TYR C 68 -64.49 2.74 41.58
C TYR C 68 -63.71 1.90 40.58
N VAL C 69 -63.93 2.22 39.30
CA VAL C 69 -63.25 1.57 38.18
C VAL C 69 -63.03 2.63 37.11
N MET C 70 -61.90 2.54 36.41
CA MET C 70 -61.58 3.42 35.29
C MET C 70 -61.51 2.57 34.02
N ILE C 71 -62.30 2.94 33.02
CA ILE C 71 -62.46 2.15 31.80
C ILE C 71 -62.21 3.02 30.58
N PHE C 72 -61.36 2.52 29.67
CA PHE C 72 -61.12 3.15 28.38
C PHE C 72 -61.77 2.32 27.29
N ALA C 73 -62.60 2.96 26.46
CA ALA C 73 -63.26 2.27 25.37
C ALA C 73 -63.45 3.22 24.19
N ASN C 74 -63.54 2.64 23.00
CA ASN C 74 -63.80 3.42 21.79
C ASN C 74 -65.28 3.40 21.44
N PHE C 75 -66.07 3.97 22.36
CA PHE C 75 -67.51 4.04 22.21
C PHE C 75 -67.98 5.44 22.58
N ASP C 76 -69.01 5.91 21.89
CA ASP C 76 -69.55 7.25 22.14
C ASP C 76 -70.66 7.12 23.18
N MET C 77 -70.24 7.02 24.43
CA MET C 77 -71.11 6.71 25.56
C MET C 77 -71.33 7.94 26.44
N VAL C 78 -72.52 8.02 27.03
CA VAL C 78 -72.95 9.18 27.80
C VAL C 78 -73.22 8.75 29.24
N ASP C 79 -72.88 9.62 30.18
CA ASP C 79 -73.01 9.32 31.60
C ASP C 79 -74.21 9.99 32.26
N LEU C 80 -74.63 11.16 31.80
CA LEU C 80 -75.67 11.88 32.50
C LEU C 80 -76.20 13.01 31.64
N ASP C 81 -77.52 13.10 31.54
CA ASP C 81 -78.23 14.16 30.86
C ASP C 81 -79.65 14.13 31.42
N ARG C 82 -80.60 14.70 30.69
CA ARG C 82 -82.02 14.47 30.99
C ARG C 82 -82.37 12.99 30.82
N ASN C 83 -81.39 12.20 30.39
CA ASN C 83 -81.46 10.74 30.35
C ASN C 83 -80.77 10.16 31.57
N MET C 84 -80.58 8.83 31.57
CA MET C 84 -79.77 8.12 32.56
C MET C 84 -78.42 7.77 31.92
N ALA C 85 -77.59 7.05 32.66
CA ALA C 85 -76.31 6.56 32.19
C ALA C 85 -76.44 5.18 31.55
N GLY C 86 -75.30 4.60 31.18
CA GLY C 86 -75.23 3.23 30.73
C GLY C 86 -74.73 2.32 31.84
N ASP C 87 -74.79 1.02 31.57
CA ASP C 87 -74.39 0.01 32.53
C ASP C 87 -73.33 -0.90 31.94
N GLN C 88 -72.71 -1.70 32.80
CA GLN C 88 -71.67 -2.63 32.42
C GLN C 88 -71.44 -3.55 33.61
N PHE C 89 -70.70 -4.64 33.38
CA PHE C 89 -70.26 -5.45 34.49
C PHE C 89 -69.06 -6.28 34.08
N LEU C 90 -67.91 -6.01 34.71
CA LEU C 90 -66.77 -6.93 34.63
C LEU C 90 -67.06 -8.19 35.42
N TRP C 91 -67.55 -8.03 36.66
CA TRP C 91 -68.15 -9.13 37.40
C TRP C 91 -69.42 -8.73 38.13
N THR C 92 -69.69 -7.44 38.30
CA THR C 92 -70.86 -6.95 39.01
C THR C 92 -71.32 -5.67 38.33
N GLY C 93 -72.61 -5.36 38.47
CA GLY C 93 -73.17 -4.21 37.79
C GLY C 93 -72.47 -2.93 38.17
N ARG C 94 -72.36 -2.02 37.20
CA ARG C 94 -71.58 -0.81 37.37
C ARG C 94 -72.21 0.33 36.60
N VAL C 95 -71.90 1.56 37.02
CA VAL C 95 -72.42 2.77 36.37
C VAL C 95 -71.38 3.87 36.52
N PHE C 96 -71.28 4.73 35.51
CA PHE C 96 -70.17 5.67 35.39
C PHE C 96 -70.66 7.11 35.31
N GLN C 97 -69.75 8.05 35.57
CA GLN C 97 -70.06 9.49 35.60
C GLN C 97 -68.89 10.29 35.02
N LEU C 98 -68.91 10.50 33.70
CA LEU C 98 -67.95 11.37 33.02
C LEU C 98 -68.24 11.46 31.52
N GLU C 99 -67.44 12.21 30.79
CA GLU C 99 -67.46 12.15 29.33
C GLU C 99 -66.04 12.13 28.78
N SER C 100 -65.88 12.10 27.45
CA SER C 100 -64.57 12.13 26.81
C SER C 100 -64.77 12.43 25.33
N GLN C 101 -63.69 12.29 24.55
CA GLN C 101 -63.61 12.78 23.18
C GLN C 101 -64.41 11.94 22.18
N GLY C 102 -65.70 11.79 22.41
CA GLY C 102 -66.49 10.85 21.61
C GLY C 102 -66.62 11.29 20.16
N SER C 103 -66.91 12.56 19.93
CA SER C 103 -67.26 13.00 18.59
C SER C 103 -66.07 12.96 17.64
N TRP C 104 -64.85 12.76 18.12
CA TRP C 104 -63.77 12.51 17.18
C TRP C 104 -63.52 11.03 17.00
N PHE C 105 -62.99 10.35 18.01
CA PHE C 105 -62.71 8.93 17.83
C PHE C 105 -62.81 7.97 19.03
N TYR C 106 -62.66 8.42 20.28
CA TYR C 106 -62.73 7.48 21.40
C TYR C 106 -63.11 8.23 22.68
N GLN C 107 -63.44 7.46 23.72
CA GLN C 107 -63.83 8.03 25.00
C GLN C 107 -63.13 7.32 26.15
N ASP C 108 -63.51 7.73 27.37
CA ASP C 108 -62.93 7.25 28.62
C ASP C 108 -64.05 7.16 29.64
N GLY C 109 -63.83 6.34 30.68
CA GLY C 109 -64.92 6.01 31.57
C GLY C 109 -64.69 6.08 33.07
N TRP C 110 -65.70 5.64 33.81
CA TRP C 110 -65.70 5.49 35.27
C TRP C 110 -66.53 4.27 35.63
N GLY C 111 -66.90 4.20 36.90
CA GLY C 111 -67.74 3.12 37.37
C GLY C 111 -67.82 3.07 38.87
N VAL C 112 -69.02 2.81 39.39
CA VAL C 112 -69.23 2.53 40.81
C VAL C 112 -69.88 1.17 40.91
N CYS C 113 -69.33 0.31 41.76
CA CYS C 113 -69.79 -1.07 41.85
C CYS C 113 -71.15 -1.12 42.51
N LEU C 114 -72.19 -1.35 41.70
CA LEU C 114 -73.47 -1.77 42.26
C LEU C 114 -73.35 -3.20 42.78
N ALA C 115 -74.37 -3.64 43.51
CA ALA C 115 -74.20 -4.76 44.42
C ALA C 115 -73.70 -6.04 43.75
N VAL C 116 -74.53 -6.66 42.92
CA VAL C 116 -74.20 -7.97 42.34
C VAL C 116 -74.79 -8.08 40.95
N ASP C 117 -74.49 -9.19 40.28
CA ASP C 117 -75.10 -9.57 39.02
C ASP C 117 -76.08 -10.70 39.31
N ILE C 118 -77.09 -10.82 38.44
CA ILE C 118 -78.20 -11.75 38.71
C ILE C 118 -77.70 -13.19 38.75
N GLY C 119 -76.85 -13.57 37.80
CA GLY C 119 -76.38 -14.94 37.69
C GLY C 119 -76.80 -15.57 36.37
N ALA C 120 -76.92 -16.89 36.38
CA ALA C 120 -77.28 -17.67 35.18
C ALA C 120 -76.32 -17.34 34.03
N ALA C 121 -75.06 -17.74 34.24
CA ALA C 121 -73.95 -17.39 33.36
C ALA C 121 -73.74 -15.88 33.30
N LYS C 122 -73.92 -15.22 34.46
CA LYS C 122 -73.63 -13.79 34.63
C LYS C 122 -74.46 -12.94 33.65
N ALA C 123 -75.79 -13.02 33.83
CA ALA C 123 -76.71 -12.23 33.03
C ALA C 123 -76.55 -10.74 33.34
N ILE D 1 -20.18 17.67 49.27
CA ILE D 1 -19.82 17.47 50.66
C ILE D 1 -20.36 18.61 51.52
N PRO D 2 -20.96 18.27 52.66
CA PRO D 2 -21.34 19.28 53.66
C PRO D 2 -20.14 19.75 54.49
N GLY D 3 -19.03 20.03 53.81
CA GLY D 3 -17.83 20.53 54.46
C GLY D 3 -17.54 21.95 54.04
N ALA D 4 -16.63 22.11 53.07
CA ALA D 4 -16.34 23.42 52.52
C ALA D 4 -17.62 24.01 51.92
N ASN D 5 -17.87 25.28 52.22
CA ASN D 5 -19.12 25.90 51.80
C ASN D 5 -19.21 26.03 50.29
N LEU D 6 -20.38 25.68 49.75
CA LEU D 6 -20.66 25.84 48.34
C LEU D 6 -20.98 27.29 47.97
N LEU D 7 -21.52 28.06 48.92
CA LEU D 7 -21.85 29.44 48.64
C LEU D 7 -20.60 30.28 48.38
N ARG D 8 -19.50 29.99 49.07
CA ARG D 8 -18.27 30.73 48.86
C ARG D 8 -17.76 30.57 47.44
N MET D 9 -17.72 29.32 46.96
CA MET D 9 -17.24 29.08 45.60
C MET D 9 -18.25 29.54 44.57
N ALA D 10 -19.55 29.51 44.90
CA ALA D 10 -20.56 30.04 44.00
C ALA D 10 -20.42 31.55 43.84
N PHE D 11 -20.09 32.25 44.93
CA PHE D 11 -19.90 33.70 44.87
C PHE D 11 -18.71 34.11 44.00
N GLY D 12 -17.84 33.18 43.65
CA GLY D 12 -16.76 33.48 42.75
C GLY D 12 -17.13 33.49 41.28
N VAL D 13 -18.41 33.27 40.97
CA VAL D 13 -18.89 33.17 39.60
C VAL D 13 -20.01 34.17 39.32
N ILE D 14 -21.05 34.16 40.16
CA ILE D 14 -22.26 34.92 39.84
C ILE D 14 -22.06 36.41 40.05
N GLY D 15 -21.50 36.79 41.20
CA GLY D 15 -21.43 38.20 41.55
C GLY D 15 -22.49 38.57 42.57
N THR D 16 -22.12 39.40 43.54
CA THR D 16 -22.96 39.66 44.70
C THR D 16 -23.22 41.15 44.85
N GLN D 17 -23.84 41.52 45.97
CA GLN D 17 -24.11 42.90 46.34
C GLN D 17 -23.43 43.19 47.68
N ILE D 18 -23.63 44.40 48.20
CA ILE D 18 -23.02 44.85 49.43
C ILE D 18 -24.10 45.42 50.35
N VAL D 19 -24.13 44.95 51.60
CA VAL D 19 -25.10 45.40 52.58
C VAL D 19 -24.40 45.70 53.88
N ARG D 20 -25.04 46.53 54.71
CA ARG D 20 -24.57 46.83 56.04
C ARG D 20 -25.39 46.02 57.03
N TYR D 21 -24.71 45.26 57.89
CA TYR D 21 -25.35 44.31 58.79
C TYR D 21 -25.05 44.67 60.23
N ARG D 22 -26.07 44.63 61.08
CA ARG D 22 -25.92 44.88 62.51
C ARG D 22 -26.67 43.81 63.30
N LYS D 23 -26.10 43.40 64.42
CA LYS D 23 -26.62 42.34 65.25
C LYS D 23 -27.30 42.91 66.49
N PHE D 24 -28.07 42.05 67.16
CA PHE D 24 -28.81 42.41 68.36
C PHE D 24 -28.09 41.92 69.61
N GLU D 25 -28.06 42.76 70.64
CA GLU D 25 -27.36 42.44 71.88
C GLU D 25 -28.28 42.35 73.10
N GLN D 26 -29.06 43.40 73.41
CA GLN D 26 -30.00 43.29 74.52
C GLN D 26 -31.14 44.28 74.33
N ARG D 27 -32.05 44.29 75.30
CA ARG D 27 -33.30 45.03 75.25
C ARG D 27 -33.56 45.64 76.62
N VAL D 28 -34.33 46.73 76.66
CA VAL D 28 -34.69 47.42 77.88
C VAL D 28 -36.14 47.88 77.79
N LYS D 29 -36.61 48.55 78.84
CA LYS D 29 -37.97 49.06 78.94
C LYS D 29 -37.98 50.57 78.79
N ASN D 30 -39.16 51.11 78.52
CA ASN D 30 -39.36 52.55 78.33
C ASN D 30 -40.61 53.01 79.10
N ASP D 31 -40.69 52.61 80.36
CA ASP D 31 -41.75 52.90 81.34
C ASP D 31 -43.13 52.91 80.67
N GLN D 32 -43.31 52.00 79.71
CA GLN D 32 -44.60 51.72 79.10
C GLN D 32 -44.79 50.22 78.92
N ALA D 33 -43.91 49.41 79.50
CA ALA D 33 -43.88 47.96 79.32
C ALA D 33 -43.63 47.59 77.86
N GLN D 34 -43.00 48.49 77.11
CA GLN D 34 -42.64 48.26 75.72
C GLN D 34 -41.14 48.05 75.63
N TYR D 35 -40.74 47.06 74.85
CA TYR D 35 -39.33 46.73 74.70
C TYR D 35 -38.68 47.62 73.64
N VAL D 36 -37.58 48.25 74.00
CA VAL D 36 -36.75 48.98 73.04
C VAL D 36 -35.35 48.38 73.06
N SER D 37 -34.83 48.07 71.89
CA SER D 37 -33.62 47.28 71.75
C SER D 37 -32.46 48.13 71.23
N MET D 38 -31.26 47.56 71.34
CA MET D 38 -30.03 48.24 70.95
C MET D 38 -29.19 47.31 70.09
N PHE D 39 -28.70 47.82 68.97
CA PHE D 39 -27.82 47.10 68.07
C PHE D 39 -26.42 47.68 68.15
N GLY D 40 -25.43 46.87 67.81
CA GLY D 40 -24.03 47.24 68.00
C GLY D 40 -23.17 46.98 66.79
N GLU D 41 -22.36 47.98 66.44
CA GLU D 41 -21.28 47.88 65.45
C GLU D 41 -21.76 47.33 64.11
N PRO D 42 -22.50 48.11 63.33
CA PRO D 42 -22.90 47.65 61.99
C PRO D 42 -21.67 47.54 61.08
N PHE D 43 -21.43 46.35 60.56
CA PHE D 43 -20.29 46.07 59.70
C PHE D 43 -20.78 45.82 58.27
N ASP D 44 -19.85 45.43 57.42
CA ASP D 44 -20.12 45.25 56.00
C ASP D 44 -20.03 43.77 55.63
N LEU D 45 -21.00 43.31 54.85
CA LEU D 45 -21.10 41.90 54.49
C LEU D 45 -21.41 41.78 53.00
N ALA D 46 -20.96 40.68 52.41
CA ALA D 46 -21.21 40.39 51.01
C ALA D 46 -22.27 39.31 50.90
N ALA D 47 -23.32 39.57 50.12
CA ALA D 47 -24.45 38.66 50.05
C ALA D 47 -25.11 38.77 48.68
N SER D 48 -25.91 37.76 48.36
CA SER D 48 -26.69 37.72 47.12
C SER D 48 -28.15 37.96 47.47
N VAL D 49 -28.73 39.01 46.90
CA VAL D 49 -30.08 39.45 47.23
C VAL D 49 -31.00 39.14 46.05
N GLN D 50 -32.13 38.50 46.34
CA GLN D 50 -33.07 38.09 45.30
C GLN D 50 -34.48 38.55 45.64
N ARG D 51 -35.46 38.07 44.89
CA ARG D 51 -36.83 38.55 44.97
C ARG D 51 -37.80 37.43 45.30
N VAL D 52 -38.93 37.79 45.92
CA VAL D 52 -40.07 36.88 46.06
C VAL D 52 -41.31 37.60 45.53
N ARG D 53 -41.31 38.93 45.64
CA ARG D 53 -42.18 39.84 44.89
C ARG D 53 -43.67 39.56 45.14
N ARG D 54 -44.06 39.99 46.33
CA ARG D 54 -45.40 40.18 46.84
C ARG D 54 -46.40 40.90 45.94
N ASP D 55 -47.68 40.73 46.24
CA ASP D 55 -48.78 41.49 45.68
C ASP D 55 -49.56 42.15 46.81
N GLN D 56 -50.56 42.95 46.46
CA GLN D 56 -51.30 43.77 47.41
C GLN D 56 -52.58 43.06 47.86
N TYR D 57 -53.19 43.58 48.92
CA TYR D 57 -54.42 43.04 49.47
C TYR D 57 -55.23 44.19 50.07
N ALA D 58 -56.18 43.86 50.94
CA ALA D 58 -56.96 44.88 51.63
C ALA D 58 -57.32 44.38 53.03
N GLN D 59 -57.06 45.22 54.04
CA GLN D 59 -57.46 44.88 55.40
C GLN D 59 -58.90 45.29 55.66
N PHE D 60 -59.18 46.60 55.60
CA PHE D 60 -60.56 47.09 55.61
C PHE D 60 -60.55 48.43 54.88
N ASN D 61 -60.90 48.40 53.60
CA ASN D 61 -61.00 49.60 52.77
C ASN D 61 -59.65 50.32 52.69
N LEU D 62 -58.57 49.55 52.75
CA LEU D 62 -57.21 50.07 52.65
C LEU D 62 -56.40 49.10 51.78
N GLU D 63 -55.12 49.40 51.57
CA GLU D 63 -54.34 48.62 50.61
C GLU D 63 -53.20 47.83 51.25
N PHE D 64 -52.21 48.49 51.87
CA PHE D 64 -51.26 47.83 52.76
C PHE D 64 -50.51 46.67 52.07
N GLN D 65 -49.65 47.03 51.12
CA GLN D 65 -48.79 46.03 50.50
C GLN D 65 -47.56 45.72 51.37
N ARG D 66 -47.14 44.46 51.34
CA ARG D 66 -46.05 43.94 52.19
C ARG D 66 -44.78 43.76 51.35
N ASN D 67 -43.87 44.75 51.41
CA ASN D 67 -42.64 44.66 50.64
C ASN D 67 -41.73 43.56 51.20
N TYR D 68 -41.13 42.79 50.29
CA TYR D 68 -40.39 41.58 50.66
C TYR D 68 -39.09 41.48 49.88
N VAL D 69 -38.10 40.82 50.48
CA VAL D 69 -36.78 40.61 49.89
C VAL D 69 -36.25 39.26 50.36
N MET D 70 -35.47 38.60 49.51
CA MET D 70 -34.80 37.34 49.84
C MET D 70 -33.30 37.50 49.67
N ILE D 71 -32.53 37.08 50.69
CA ILE D 71 -31.08 37.29 50.72
C ILE D 71 -30.38 35.96 50.99
N PHE D 72 -29.26 35.76 50.30
CA PHE D 72 -28.37 34.62 50.52
C PHE D 72 -27.04 35.14 51.06
N ALA D 73 -26.58 34.59 52.18
CA ALA D 73 -25.31 35.01 52.75
C ALA D 73 -24.68 33.85 53.50
N ASN D 74 -23.35 33.93 53.65
CA ASN D 74 -22.59 32.93 54.39
C ASN D 74 -22.34 33.47 55.79
N PHE D 75 -23.42 33.57 56.56
CA PHE D 75 -23.36 34.09 57.92
C PHE D 75 -24.33 33.31 58.78
N ASP D 76 -24.00 33.22 60.07
CA ASP D 76 -24.81 32.46 61.02
C ASP D 76 -25.72 33.44 61.74
N MET D 77 -26.83 33.79 61.09
CA MET D 77 -27.70 34.87 61.51
C MET D 77 -29.05 34.33 61.97
N VAL D 78 -29.59 34.96 63.01
CA VAL D 78 -30.81 34.48 63.69
C VAL D 78 -31.94 35.47 63.44
N ASP D 79 -33.15 34.93 63.25
CA ASP D 79 -34.32 35.75 62.94
C ASP D 79 -35.23 35.97 64.13
N LEU D 80 -35.31 35.02 65.06
CA LEU D 80 -36.22 35.17 66.18
C LEU D 80 -35.91 34.13 67.24
N ASP D 81 -35.96 34.56 68.48
CA ASP D 81 -35.74 33.75 69.67
C ASP D 81 -36.28 34.57 70.84
N ARG D 82 -35.88 34.22 72.05
CA ARG D 82 -36.12 35.14 73.17
C ARG D 82 -35.40 36.47 72.98
N ASN D 83 -34.63 36.62 71.90
CA ASN D 83 -33.96 37.84 71.48
C ASN D 83 -34.75 38.53 70.37
N MET D 84 -34.10 39.50 69.72
CA MET D 84 -34.58 40.19 68.53
C MET D 84 -33.99 39.54 67.27
N ALA D 85 -34.25 40.14 66.11
CA ALA D 85 -33.62 39.75 64.86
C ALA D 85 -32.51 40.74 64.51
N GLY D 86 -31.84 40.47 63.38
CA GLY D 86 -30.84 41.38 62.86
C GLY D 86 -31.44 42.34 61.84
N ASP D 87 -30.62 43.31 61.44
CA ASP D 87 -31.04 44.36 60.52
C ASP D 87 -30.07 44.43 59.34
N GLN D 88 -30.51 45.13 58.30
CA GLN D 88 -29.74 45.32 57.08
C GLN D 88 -30.41 46.43 56.28
N PHE D 89 -29.70 46.91 55.25
CA PHE D 89 -30.34 47.81 54.31
C PHE D 89 -29.57 47.82 52.99
N LEU D 90 -30.22 47.35 51.93
CA LEU D 90 -29.72 47.61 50.58
C LEU D 90 -29.91 49.07 50.22
N TRP D 91 -31.12 49.61 50.47
CA TRP D 91 -31.36 51.05 50.46
C TRP D 91 -32.21 51.53 51.62
N THR D 92 -33.02 50.68 52.24
CA THR D 92 -33.85 51.02 53.39
C THR D 92 -33.77 49.90 54.40
N GLY D 93 -34.04 50.23 55.66
CA GLY D 93 -33.91 49.24 56.72
C GLY D 93 -34.79 48.03 56.49
N ARG D 94 -34.34 46.89 56.99
CA ARG D 94 -35.00 45.62 56.71
C ARG D 94 -34.79 44.65 57.86
N VAL D 95 -35.67 43.65 57.95
CA VAL D 95 -35.60 42.63 58.99
C VAL D 95 -36.22 41.34 58.44
N PHE D 96 -35.66 40.20 58.86
CA PHE D 96 -35.96 38.92 58.23
C PHE D 96 -36.54 37.93 59.23
N GLN D 97 -37.12 36.84 58.69
CA GLN D 97 -37.80 35.82 59.48
C GLN D 97 -37.58 34.45 58.83
N LEU D 98 -36.52 33.76 59.24
CA LEU D 98 -36.27 32.37 58.82
C LEU D 98 -35.02 31.81 59.49
N GLU D 99 -34.70 30.55 59.19
CA GLU D 99 -33.42 29.98 59.59
C GLU D 99 -32.97 28.98 58.55
N SER D 100 -31.68 28.64 58.58
CA SER D 100 -31.10 27.79 57.56
C SER D 100 -29.84 27.13 58.11
N GLN D 101 -29.03 26.55 57.21
CA GLN D 101 -27.95 25.63 57.54
C GLN D 101 -26.71 26.30 58.13
N GLY D 102 -26.88 27.08 59.20
CA GLY D 102 -25.78 27.90 59.69
C GLY D 102 -24.62 27.09 60.25
N SER D 103 -24.91 26.08 61.06
CA SER D 103 -23.86 25.41 61.80
C SER D 103 -22.96 24.56 60.91
N TRP D 104 -23.31 24.38 59.64
CA TRP D 104 -22.34 23.74 58.75
C TRP D 104 -21.52 24.79 58.00
N PHE D 105 -22.15 25.52 57.07
CA PHE D 105 -21.38 26.51 56.33
C PHE D 105 -22.07 27.79 55.83
N TYR D 106 -23.39 27.80 55.63
CA TYR D 106 -24.04 29.03 55.15
C TYR D 106 -25.52 29.00 55.48
N GLN D 107 -26.16 30.15 55.34
CA GLN D 107 -27.59 30.31 55.65
C GLN D 107 -28.33 31.00 54.51
N ASP D 108 -29.63 31.20 54.74
CA ASP D 108 -30.54 31.85 53.81
C ASP D 108 -31.31 32.92 54.56
N GLY D 109 -31.95 33.83 53.83
CA GLY D 109 -32.51 35.02 54.41
C GLY D 109 -33.91 35.35 53.92
N TRP D 110 -34.45 36.43 54.49
CA TRP D 110 -35.70 37.08 54.12
C TRP D 110 -35.55 38.57 54.37
N GLY D 111 -36.66 39.28 54.43
CA GLY D 111 -36.63 40.70 54.68
C GLY D 111 -37.93 41.39 54.41
N VAL D 112 -38.34 42.29 55.30
CA VAL D 112 -39.49 43.16 55.10
C VAL D 112 -38.98 44.60 55.16
N CYS D 113 -39.38 45.39 54.17
CA CYS D 113 -38.85 46.75 54.05
C CYS D 113 -39.40 47.62 55.16
N LEU D 114 -38.56 47.93 56.15
CA LEU D 114 -38.87 49.04 57.04
C LEU D 114 -38.80 50.34 56.25
N ALA D 115 -39.25 51.43 56.89
CA ALA D 115 -39.61 52.62 56.13
C ALA D 115 -38.46 53.19 55.30
N VAL D 116 -37.44 53.76 55.97
CA VAL D 116 -36.34 54.40 55.28
C VAL D 116 -35.05 54.25 56.08
N ASP D 117 -33.95 54.75 55.53
CA ASP D 117 -32.71 54.91 56.27
C ASP D 117 -32.52 56.37 56.67
N ILE D 118 -31.67 56.59 57.67
CA ILE D 118 -31.54 57.92 58.25
C ILE D 118 -30.97 58.91 57.23
N GLY D 119 -29.94 58.49 56.49
CA GLY D 119 -29.26 59.40 55.58
C GLY D 119 -27.84 59.66 56.01
N ALA D 120 -27.25 60.76 55.56
CA ALA D 120 -25.87 61.11 55.86
C ALA D 120 -24.93 59.96 55.47
N ALA D 121 -24.89 59.73 54.16
CA ALA D 121 -24.19 58.59 53.56
C ALA D 121 -24.85 57.27 53.94
N LYS D 122 -26.18 57.29 54.06
CA LYS D 122 -27.00 56.10 54.29
C LYS D 122 -26.57 55.37 55.57
N ALA D 123 -26.74 56.06 56.69
CA ALA D 123 -26.44 55.49 57.99
C ALA D 123 -27.45 54.41 58.35
N ILE E 1 -25.11 35.99 34.94
CA ILE E 1 -24.63 37.00 35.86
C ILE E 1 -25.72 38.02 36.16
N PRO E 2 -25.92 38.35 37.43
CA PRO E 2 -26.80 39.45 37.82
C PRO E 2 -26.16 40.82 37.63
N GLY E 3 -25.49 41.00 36.51
CA GLY E 3 -24.86 42.27 36.16
C GLY E 3 -25.54 42.89 34.97
N ALA E 4 -24.95 42.73 33.79
CA ALA E 4 -25.59 43.16 32.56
C ALA E 4 -26.94 42.46 32.41
N ASN E 5 -27.95 43.23 32.05
CA ASN E 5 -29.32 42.72 32.00
C ASN E 5 -29.50 41.66 30.92
N LEU E 6 -30.38 40.71 31.21
CA LEU E 6 -30.74 39.67 30.26
C LEU E 6 -31.96 40.03 29.43
N LEU E 7 -32.84 40.89 29.94
CA LEU E 7 -34.00 41.31 29.16
C LEU E 7 -33.59 42.09 27.91
N ARG E 8 -32.54 42.91 28.02
CA ARG E 8 -32.09 43.70 26.88
C ARG E 8 -31.65 42.81 25.73
N MET E 9 -30.88 41.77 26.03
CA MET E 9 -30.49 40.84 24.97
C MET E 9 -31.65 39.95 24.54
N ALA E 10 -32.59 39.67 25.45
CA ALA E 10 -33.76 38.89 25.08
C ALA E 10 -34.62 39.62 24.06
N PHE E 11 -34.78 40.94 24.22
CA PHE E 11 -35.55 41.71 23.25
C PHE E 11 -34.90 41.76 21.87
N GLY E 12 -33.63 41.37 21.76
CA GLY E 12 -32.99 41.29 20.47
C GLY E 12 -33.35 40.08 19.65
N VAL E 13 -34.22 39.21 20.17
CA VAL E 13 -34.59 37.98 19.49
C VAL E 13 -36.10 37.89 19.33
N ILE E 14 -36.83 37.95 20.45
CA ILE E 14 -38.25 37.62 20.43
C ILE E 14 -39.06 38.69 19.70
N GLY E 15 -38.79 39.97 20.00
CA GLY E 15 -39.62 41.03 19.46
C GLY E 15 -40.65 41.50 20.45
N THR E 16 -40.89 42.82 20.50
CA THR E 16 -41.71 43.40 21.56
C THR E 16 -42.85 44.25 21.01
N GLN E 17 -43.54 44.96 21.90
CA GLN E 17 -44.60 45.88 21.55
C GLN E 17 -44.29 47.24 22.18
N ILE E 18 -45.17 48.21 21.94
CA ILE E 18 -44.96 49.59 22.34
C ILE E 18 -46.13 50.05 23.19
N VAL E 19 -45.83 50.63 24.35
CA VAL E 19 -46.83 51.18 25.25
C VAL E 19 -46.40 52.59 25.66
N ARG E 20 -47.38 53.36 26.12
CA ARG E 20 -47.14 54.69 26.66
C ARG E 20 -47.22 54.65 28.17
N TYR E 21 -46.19 55.17 28.84
CA TYR E 21 -46.02 55.03 30.27
C TYR E 21 -45.96 56.40 30.93
N ARG E 22 -46.75 56.58 31.99
CA ARG E 22 -46.73 57.81 32.76
C ARG E 22 -46.61 57.48 34.24
N LYS E 23 -45.89 58.33 34.97
CA LYS E 23 -45.57 58.10 36.37
C LYS E 23 -46.40 58.99 37.29
N PHE E 24 -46.39 58.65 38.57
CA PHE E 24 -47.13 59.37 39.59
C PHE E 24 -46.20 60.30 40.35
N GLU E 25 -46.65 61.54 40.57
CA GLU E 25 -45.87 62.53 41.28
C GLU E 25 -46.47 62.91 42.63
N GLN E 26 -47.72 63.37 42.68
CA GLN E 26 -48.29 63.81 43.95
C GLN E 26 -49.80 63.70 43.89
N ARG E 27 -50.45 64.07 44.99
CA ARG E 27 -51.85 63.76 45.24
C ARG E 27 -52.46 64.86 46.09
N VAL E 28 -53.74 65.17 45.84
CA VAL E 28 -54.44 66.25 46.53
C VAL E 28 -55.86 65.78 46.85
N LYS E 29 -56.63 66.68 47.46
CA LYS E 29 -58.00 66.40 47.88
C LYS E 29 -59.00 67.16 47.00
N ASN E 30 -60.26 66.76 47.12
CA ASN E 30 -61.36 67.36 46.37
C ASN E 30 -62.55 67.62 47.29
N ASP E 31 -62.27 68.26 48.43
CA ASP E 31 -63.19 68.64 49.51
C ASP E 31 -64.25 67.58 49.74
N GLN E 32 -63.86 66.32 49.61
CA GLN E 32 -64.67 65.17 49.99
C GLN E 32 -63.82 64.11 50.67
N ALA E 33 -62.58 64.44 51.01
CA ALA E 33 -61.61 63.50 51.58
C ALA E 33 -61.34 62.35 50.61
N GLN E 34 -61.41 62.64 49.31
CA GLN E 34 -61.10 61.68 48.27
C GLN E 34 -59.85 62.15 47.53
N TYR E 35 -58.87 61.26 47.41
CA TYR E 35 -57.64 61.59 46.72
C TYR E 35 -57.84 61.60 45.22
N VAL E 36 -57.21 62.57 44.55
CA VAL E 36 -57.14 62.61 43.10
C VAL E 36 -55.68 62.72 42.69
N SER E 37 -55.25 61.84 41.80
CA SER E 37 -53.84 61.69 41.48
C SER E 37 -53.42 62.64 40.36
N MET E 38 -52.11 62.82 40.24
CA MET E 38 -51.52 63.65 39.19
C MET E 38 -50.40 62.87 38.52
N PHE E 39 -50.44 62.82 37.19
CA PHE E 39 -49.44 62.14 36.40
C PHE E 39 -48.78 63.13 35.45
N GLY E 40 -47.51 62.89 35.13
CA GLY E 40 -46.76 63.83 34.32
C GLY E 40 -45.91 63.24 33.23
N GLU E 41 -45.95 63.86 32.05
CA GLU E 41 -45.08 63.55 30.91
C GLU E 41 -45.12 62.08 30.53
N PRO E 42 -46.21 61.60 29.93
CA PRO E 42 -46.24 60.20 29.48
C PRO E 42 -45.29 59.95 28.34
N PHE E 43 -44.21 59.22 28.60
CA PHE E 43 -43.20 58.94 27.61
C PHE E 43 -43.50 57.59 26.94
N ASP E 44 -42.55 57.12 26.13
CA ASP E 44 -42.75 55.91 25.33
C ASP E 44 -41.75 54.84 25.76
N LEU E 45 -42.25 53.62 25.93
CA LEU E 45 -41.45 52.52 26.45
C LEU E 45 -41.69 51.28 25.59
N ALA E 46 -40.67 50.43 25.52
CA ALA E 46 -40.75 49.16 24.80
C ALA E 46 -40.79 48.02 25.80
N ALA E 47 -41.78 47.14 25.66
CA ALA E 47 -42.01 46.09 26.63
C ALA E 47 -42.66 44.89 25.95
N SER E 48 -42.67 43.77 26.67
CA SER E 48 -43.30 42.54 26.22
C SER E 48 -44.55 42.26 27.05
N VAL E 49 -45.68 42.10 26.38
CA VAL E 49 -46.98 41.93 27.04
C VAL E 49 -47.36 40.45 26.93
N GLN E 50 -47.81 39.88 28.04
CA GLN E 50 -48.01 38.45 28.19
C GLN E 50 -49.48 38.13 28.45
N ARG E 51 -49.73 36.87 28.82
CA ARG E 51 -51.07 36.30 28.88
C ARG E 51 -51.33 35.69 30.25
N VAL E 52 -52.45 36.08 30.87
CA VAL E 52 -52.92 35.39 32.07
C VAL E 52 -54.37 34.93 31.97
N ARG E 53 -55.23 35.61 31.23
CA ARG E 53 -56.53 35.09 30.77
C ARG E 53 -57.50 34.65 31.85
N ARG E 54 -58.11 35.67 32.44
CA ARG E 54 -59.23 35.72 33.36
C ARG E 54 -60.41 34.78 33.11
N ASP E 55 -61.10 34.42 34.19
CA ASP E 55 -62.45 33.89 34.17
C ASP E 55 -63.32 34.78 35.07
N GLN E 56 -64.64 34.67 34.91
CA GLN E 56 -65.57 35.54 35.62
C GLN E 56 -66.25 34.80 36.77
N TYR E 57 -67.05 35.55 37.52
CA TYR E 57 -67.65 35.08 38.76
C TYR E 57 -69.00 35.77 38.92
N ALA E 58 -69.53 35.78 40.14
CA ALA E 58 -70.79 36.45 40.41
C ALA E 58 -70.80 37.03 41.82
N GLN E 59 -71.31 38.26 41.94
CA GLN E 59 -71.60 38.82 43.26
C GLN E 59 -73.01 38.45 43.69
N PHE E 60 -74.01 38.88 42.91
CA PHE E 60 -75.33 38.27 42.95
C PHE E 60 -76.04 38.64 41.66
N ASN E 61 -76.16 37.67 40.75
CA ASN E 61 -76.78 37.85 39.45
C ASN E 61 -76.14 39.01 38.68
N LEU E 62 -74.84 39.17 38.91
CA LEU E 62 -73.98 40.05 38.13
C LEU E 62 -72.73 39.25 37.83
N GLU E 63 -71.98 39.67 36.81
CA GLU E 63 -70.88 38.85 36.31
C GLU E 63 -69.50 39.42 36.63
N PHE E 64 -69.20 40.63 36.19
CA PHE E 64 -68.01 41.36 36.65
C PHE E 64 -66.71 40.57 36.40
N GLN E 65 -66.40 40.37 35.13
CA GLN E 65 -65.13 39.78 34.78
C GLN E 65 -63.99 40.77 35.00
N ARG E 66 -62.87 40.28 35.51
CA ARG E 66 -61.71 41.12 35.82
C ARG E 66 -60.67 40.95 34.72
N ASN E 67 -60.32 42.04 34.06
CA ASN E 67 -59.39 41.97 32.94
C ASN E 67 -57.95 42.15 33.40
N TYR E 68 -57.08 41.25 32.95
CA TYR E 68 -55.72 41.15 33.47
C TYR E 68 -54.72 41.05 32.31
N VAL E 69 -53.50 41.51 32.56
CA VAL E 69 -52.42 41.52 31.57
C VAL E 69 -51.10 41.39 32.31
N MET E 70 -50.14 40.70 31.70
CA MET E 70 -48.79 40.55 32.22
C MET E 70 -47.80 41.25 31.29
N ILE E 71 -46.91 42.06 31.85
CA ILE E 71 -45.98 42.87 31.06
C ILE E 71 -44.56 42.72 31.60
N PHE E 72 -43.61 42.52 30.70
CA PHE E 72 -42.19 42.50 31.00
C PHE E 72 -41.53 43.76 30.48
N ALA E 73 -40.82 44.48 31.34
CA ALA E 73 -40.13 45.69 30.91
C ALA E 73 -38.86 45.89 31.72
N ASN E 74 -37.92 46.62 31.13
CA ASN E 74 -36.68 46.98 31.80
C ASN E 74 -36.82 48.42 32.31
N PHE E 75 -37.60 48.57 33.37
CA PHE E 75 -37.87 49.87 33.97
C PHE E 75 -38.22 49.65 35.43
N ASP E 76 -38.07 50.72 36.22
CA ASP E 76 -38.36 50.65 37.65
C ASP E 76 -39.80 51.09 37.86
N MET E 77 -40.71 50.12 37.88
CA MET E 77 -42.13 50.36 37.99
C MET E 77 -42.60 50.05 39.41
N VAL E 78 -43.28 51.02 40.03
CA VAL E 78 -43.79 50.89 41.39
C VAL E 78 -45.30 50.72 41.33
N ASP E 79 -45.83 49.79 42.10
CA ASP E 79 -47.25 49.47 42.07
C ASP E 79 -48.01 49.97 43.28
N LEU E 80 -47.37 50.13 44.42
CA LEU E 80 -48.06 50.60 45.61
C LEU E 80 -47.04 50.93 46.68
N ASP E 81 -47.31 52.01 47.40
CA ASP E 81 -46.54 52.46 48.56
C ASP E 81 -47.40 53.54 49.21
N ARG E 82 -46.81 54.33 50.10
CA ARG E 82 -47.54 55.48 50.61
C ARG E 82 -47.86 56.50 49.53
N ASN E 83 -47.28 56.35 48.33
CA ASN E 83 -47.65 57.09 47.14
C ASN E 83 -48.49 56.19 46.22
N MET E 84 -48.73 56.66 45.00
CA MET E 84 -49.57 55.96 44.04
C MET E 84 -48.73 55.46 42.86
N ALA E 85 -49.27 54.47 42.15
CA ALA E 85 -48.55 53.76 41.11
C ALA E 85 -48.65 54.48 39.77
N GLY E 86 -48.17 53.83 38.71
CA GLY E 86 -48.18 54.39 37.37
C GLY E 86 -49.21 53.72 36.48
N ASP E 87 -49.29 54.21 35.25
CA ASP E 87 -50.31 53.79 34.30
C ASP E 87 -49.66 53.43 32.96
N GLN E 88 -50.48 52.84 32.10
CA GLN E 88 -50.07 52.44 30.75
C GLN E 88 -51.32 52.19 29.94
N PHE E 89 -51.16 52.04 28.63
CA PHE E 89 -52.28 51.58 27.81
C PHE E 89 -51.75 51.02 26.49
N LEU E 90 -51.96 49.71 26.28
CA LEU E 90 -51.78 49.14 24.95
C LEU E 90 -52.91 49.60 24.03
N TRP E 91 -54.15 49.51 24.50
CA TRP E 91 -55.29 50.15 23.84
C TRP E 91 -56.22 50.87 24.81
N THR E 92 -56.25 50.49 26.09
CA THR E 92 -57.07 51.14 27.11
C THR E 92 -56.23 51.27 28.37
N GLY E 93 -56.61 52.24 29.21
CA GLY E 93 -55.83 52.51 30.41
C GLY E 93 -55.70 51.29 31.30
N ARG E 94 -54.59 51.23 32.03
CA ARG E 94 -54.28 50.03 32.80
C ARG E 94 -53.41 50.39 33.99
N VAL E 95 -53.51 49.59 35.06
CA VAL E 95 -52.75 49.79 36.29
C VAL E 95 -52.40 48.43 36.87
N PHE E 96 -51.22 48.34 37.48
CA PHE E 96 -50.63 47.06 37.86
C PHE E 96 -50.39 46.98 39.37
N GLN E 97 -50.13 45.75 39.85
CA GLN E 97 -49.88 45.48 41.27
C GLN E 97 -48.81 44.39 41.41
N LEU E 98 -47.54 44.80 41.49
CA LEU E 98 -46.43 43.90 41.81
C LEU E 98 -45.10 44.66 41.89
N GLU E 99 -44.02 43.92 42.16
CA GLU E 99 -42.67 44.44 42.02
C GLU E 99 -41.82 43.37 41.34
N SER E 100 -40.56 43.71 41.07
CA SER E 100 -39.62 42.77 40.44
C SER E 100 -38.20 43.33 40.62
N GLN E 101 -37.25 42.73 39.90
CA GLN E 101 -35.83 42.92 40.17
C GLN E 101 -35.29 44.23 39.63
N GLY E 102 -35.93 45.35 39.98
CA GLY E 102 -35.58 46.63 39.37
C GLY E 102 -34.20 47.11 39.73
N SER E 103 -33.80 46.99 40.99
CA SER E 103 -32.54 47.55 41.44
C SER E 103 -31.34 46.83 40.85
N TRP E 104 -31.53 45.68 40.21
CA TRP E 104 -30.40 45.11 39.49
C TRP E 104 -30.46 45.50 38.01
N PHE E 105 -31.43 44.96 37.27
CA PHE E 105 -31.50 45.30 35.85
C PHE E 105 -32.85 45.35 35.14
N TYR E 106 -33.89 44.65 35.61
CA TYR E 106 -35.17 44.70 34.91
C TYR E 106 -36.30 44.30 35.85
N GLN E 107 -37.54 44.54 35.42
CA GLN E 107 -38.72 44.22 36.23
C GLN E 107 -39.75 43.44 35.42
N ASP E 108 -40.88 43.19 36.07
CA ASP E 108 -42.00 42.44 35.55
C ASP E 108 -43.29 43.15 35.98
N GLY E 109 -44.39 42.84 35.29
CA GLY E 109 -45.60 43.61 35.51
C GLY E 109 -46.92 42.87 35.68
N TRP E 110 -47.98 43.64 35.81
CA TRP E 110 -49.38 43.22 35.80
C TRP E 110 -50.20 44.32 35.14
N GLY E 111 -51.50 44.27 35.33
CA GLY E 111 -52.36 45.30 34.79
C GLY E 111 -53.82 44.90 34.82
N VAL E 112 -54.68 45.85 35.17
CA VAL E 112 -56.13 45.66 35.13
C VAL E 112 -56.68 46.68 34.15
N CYS E 113 -57.49 46.20 33.21
CA CYS E 113 -57.98 47.06 32.14
C CYS E 113 -58.98 48.06 32.70
N LEU E 114 -58.55 49.31 32.84
CA LEU E 114 -59.49 50.39 33.07
C LEU E 114 -60.33 50.60 31.81
N ALA E 115 -61.31 51.50 31.89
CA ALA E 115 -62.38 51.48 30.90
C ALA E 115 -61.91 51.71 29.47
N VAL E 116 -61.45 52.92 29.16
CA VAL E 116 -61.05 53.28 27.80
C VAL E 116 -59.94 54.31 27.84
N ASP E 117 -59.42 54.68 26.68
CA ASP E 117 -58.58 55.85 26.51
C ASP E 117 -59.39 57.01 25.95
N ILE E 118 -58.86 58.22 26.11
CA ILE E 118 -59.61 59.41 25.74
C ILE E 118 -59.88 59.46 24.24
N GLY E 119 -58.87 59.16 23.43
CA GLY E 119 -59.01 59.28 22.00
C GLY E 119 -58.09 60.36 21.44
N ALA E 120 -58.40 60.88 20.26
CA ALA E 120 -57.58 61.89 19.60
C ALA E 120 -56.14 61.40 19.47
N ALA E 121 -55.99 60.35 18.66
CA ALA E 121 -54.73 59.62 18.49
C ALA E 121 -54.34 58.90 19.77
N LYS E 122 -55.35 58.42 20.51
CA LYS E 122 -55.16 57.57 21.70
C LYS E 122 -54.31 58.28 22.75
N ALA E 123 -54.85 59.39 23.25
CA ALA E 123 -54.19 60.15 24.32
C ALA E 123 -54.14 59.34 25.61
N ILE F 1 -47.58 -5.37 29.29
CA ILE F 1 -48.85 -6.03 29.02
C ILE F 1 -49.58 -6.32 30.33
N PRO F 2 -50.87 -6.03 30.37
CA PRO F 2 -51.72 -6.42 31.50
C PRO F 2 -52.09 -7.91 31.49
N GLY F 3 -51.10 -8.75 31.22
CA GLY F 3 -51.28 -10.19 31.23
C GLY F 3 -50.50 -10.82 32.36
N ALA F 4 -49.32 -11.36 32.05
CA ALA F 4 -48.44 -11.88 33.07
C ALA F 4 -48.08 -10.77 34.05
N ASN F 5 -48.15 -11.08 35.34
CA ASN F 5 -47.95 -10.07 36.36
C ASN F 5 -46.51 -9.55 36.39
N LEU F 6 -46.38 -8.23 36.50
CA LEU F 6 -45.08 -7.59 36.64
C LEU F 6 -44.50 -7.73 38.04
N LEU F 7 -45.35 -7.77 39.06
CA LEU F 7 -44.86 -7.88 40.44
C LEU F 7 -44.13 -9.19 40.65
N ARG F 8 -44.64 -10.28 40.08
CA ARG F 8 -44.04 -11.59 40.28
C ARG F 8 -42.62 -11.64 39.72
N MET F 9 -42.42 -11.08 38.53
CA MET F 9 -41.09 -11.05 37.94
C MET F 9 -40.21 -9.97 38.55
N ALA F 10 -40.80 -8.94 39.15
CA ALA F 10 -40.02 -7.94 39.86
C ALA F 10 -39.52 -8.47 41.18
N PHE F 11 -40.26 -9.39 41.80
CA PHE F 11 -39.82 -9.98 43.07
C PHE F 11 -38.56 -10.81 42.93
N GLY F 12 -38.16 -11.15 41.70
CA GLY F 12 -36.92 -11.86 41.48
C GLY F 12 -35.69 -11.00 41.50
N VAL F 13 -35.85 -9.69 41.75
CA VAL F 13 -34.71 -8.77 41.72
C VAL F 13 -34.55 -8.09 43.08
N ILE F 14 -35.61 -7.41 43.52
CA ILE F 14 -35.49 -6.55 44.70
C ILE F 14 -35.32 -7.37 45.97
N GLY F 15 -36.12 -8.41 46.13
CA GLY F 15 -36.13 -9.15 47.38
C GLY F 15 -37.25 -8.72 48.29
N THR F 16 -37.81 -9.66 49.06
CA THR F 16 -39.03 -9.38 49.81
C THR F 16 -38.94 -9.81 51.28
N GLN F 17 -40.07 -9.75 51.97
CA GLN F 17 -40.20 -10.22 53.34
C GLN F 17 -41.42 -11.14 53.43
N ILE F 18 -41.50 -11.90 54.51
CA ILE F 18 -42.53 -12.92 54.67
C ILE F 18 -43.46 -12.52 55.80
N VAL F 19 -44.76 -12.56 55.54
CA VAL F 19 -45.78 -12.22 56.51
C VAL F 19 -46.79 -13.36 56.58
N ARG F 20 -47.55 -13.40 57.68
CA ARG F 20 -48.61 -14.36 57.86
C ARG F 20 -49.95 -13.70 57.61
N TYR F 21 -50.75 -14.28 56.73
CA TYR F 21 -51.99 -13.67 56.26
C TYR F 21 -53.16 -14.59 56.57
N ARG F 22 -54.22 -14.02 57.16
CA ARG F 22 -55.44 -14.75 57.45
C ARG F 22 -56.63 -13.99 56.89
N LYS F 23 -57.59 -14.74 56.36
CA LYS F 23 -58.75 -14.17 55.68
C LYS F 23 -59.97 -14.23 56.60
N PHE F 24 -61.02 -13.53 56.18
CA PHE F 24 -62.25 -13.41 56.95
C PHE F 24 -63.35 -14.27 56.35
N GLU F 25 -64.13 -14.92 57.22
CA GLU F 25 -65.21 -15.80 56.76
C GLU F 25 -66.60 -15.32 57.17
N GLN F 26 -66.88 -15.15 58.46
CA GLN F 26 -68.18 -14.61 58.87
C GLN F 26 -68.04 -13.97 60.25
N ARG F 27 -69.15 -13.38 60.71
CA ARG F 27 -69.19 -12.69 61.99
C ARG F 27 -70.51 -13.01 62.68
N VAL F 28 -70.53 -12.87 64.00
CA VAL F 28 -71.69 -13.15 64.83
C VAL F 28 -71.85 -12.02 65.85
N LYS F 29 -72.84 -12.18 66.73
CA LYS F 29 -73.16 -11.20 67.76
C LYS F 29 -72.73 -11.72 69.13
N ASN F 30 -72.66 -10.79 70.09
CA ASN F 30 -72.23 -11.10 71.45
C ASN F 30 -73.18 -10.44 72.45
N ASP F 31 -74.49 -10.64 72.24
CA ASP F 31 -75.63 -10.14 73.02
C ASP F 31 -75.37 -8.73 73.52
N GLN F 32 -74.72 -7.92 72.67
CA GLN F 32 -74.52 -6.50 72.90
C GLN F 32 -74.71 -5.73 71.60
N ALA F 33 -75.19 -6.39 70.54
CA ALA F 33 -75.30 -5.82 69.21
C ALA F 33 -73.94 -5.37 68.67
N GLN F 34 -72.88 -6.07 69.08
CA GLN F 34 -71.52 -5.81 68.61
C GLN F 34 -71.05 -7.01 67.81
N TYR F 35 -70.62 -6.76 66.57
CA TYR F 35 -70.13 -7.83 65.72
C TYR F 35 -68.77 -8.32 66.21
N VAL F 36 -68.62 -9.63 66.31
CA VAL F 36 -67.34 -10.26 66.58
C VAL F 36 -67.05 -11.24 65.45
N SER F 37 -65.87 -11.14 64.85
CA SER F 37 -65.55 -11.87 63.63
C SER F 37 -64.62 -13.04 63.93
N MET F 38 -64.48 -13.90 62.93
CA MET F 38 -63.61 -15.07 63.02
C MET F 38 -62.83 -15.23 61.73
N PHE F 39 -61.56 -15.58 61.86
CA PHE F 39 -60.67 -15.78 60.73
C PHE F 39 -60.22 -17.24 60.69
N GLY F 40 -59.75 -17.68 59.53
CA GLY F 40 -59.41 -19.08 59.37
C GLY F 40 -58.12 -19.37 58.64
N GLU F 41 -57.31 -20.26 59.24
CA GLU F 41 -56.12 -20.84 58.64
C GLU F 41 -55.16 -19.79 58.09
N PRO F 42 -54.45 -19.07 58.95
CA PRO F 42 -53.41 -18.15 58.47
C PRO F 42 -52.32 -18.92 57.73
N PHE F 43 -51.79 -18.30 56.68
CA PHE F 43 -50.78 -18.92 55.84
C PHE F 43 -49.66 -17.91 55.57
N ASP F 44 -48.57 -18.41 55.00
CA ASP F 44 -47.39 -17.60 54.73
C ASP F 44 -47.49 -17.00 53.33
N LEU F 45 -47.20 -15.71 53.23
CA LEU F 45 -47.27 -14.98 51.98
C LEU F 45 -46.01 -14.16 51.78
N ALA F 46 -45.60 -14.01 50.53
CA ALA F 46 -44.41 -13.24 50.18
C ALA F 46 -44.86 -11.88 49.66
N ALA F 47 -44.35 -10.81 50.27
CA ALA F 47 -44.81 -9.47 49.95
C ALA F 47 -43.67 -8.47 50.18
N SER F 48 -43.81 -7.31 49.54
CA SER F 48 -42.87 -6.20 49.70
C SER F 48 -43.54 -5.12 50.54
N VAL F 49 -42.93 -4.80 51.67
CA VAL F 49 -43.48 -3.87 52.64
C VAL F 49 -42.72 -2.54 52.52
N GLN F 50 -43.47 -1.45 52.41
CA GLN F 50 -42.92 -0.11 52.23
C GLN F 50 -43.32 0.75 53.43
N ARG F 51 -43.03 2.05 53.32
CA ARG F 51 -43.28 2.98 54.40
C ARG F 51 -44.15 4.14 53.93
N VAL F 52 -44.90 4.72 54.86
CA VAL F 52 -45.50 6.03 54.65
C VAL F 52 -45.16 7.01 55.76
N ARG F 53 -44.78 6.53 56.94
CA ARG F 53 -44.05 7.30 57.95
C ARG F 53 -44.86 8.51 58.44
N ARG F 54 -45.82 8.13 59.26
CA ARG F 54 -46.75 8.88 60.09
C ARG F 54 -46.18 10.06 60.87
N ASP F 55 -47.05 11.02 61.17
CA ASP F 55 -46.78 12.08 62.15
C ASP F 55 -47.99 12.18 63.08
N GLN F 56 -47.73 12.64 64.31
CA GLN F 56 -48.76 12.62 65.34
C GLN F 56 -49.49 13.96 65.41
N TYR F 57 -50.51 14.00 66.26
CA TYR F 57 -51.42 15.13 66.39
C TYR F 57 -51.84 15.22 67.85
N ALA F 58 -52.94 15.91 68.13
CA ALA F 58 -53.45 15.96 69.49
C ALA F 58 -54.97 16.12 69.46
N GLN F 59 -55.61 15.61 70.52
CA GLN F 59 -57.02 15.89 70.79
C GLN F 59 -57.14 16.81 72.00
N PHE F 60 -56.63 16.38 73.15
CA PHE F 60 -56.19 17.31 74.18
C PHE F 60 -55.28 16.53 75.13
N ASN F 61 -53.99 16.82 75.08
CA ASN F 61 -52.96 16.10 75.84
C ASN F 61 -52.83 14.66 75.38
N LEU F 62 -53.66 14.25 74.43
CA LEU F 62 -53.65 12.90 73.90
C LEU F 62 -53.02 12.95 72.52
N GLU F 63 -51.79 12.44 72.42
CA GLU F 63 -51.03 12.62 71.18
C GLU F 63 -51.53 11.71 70.07
N PHE F 64 -51.63 10.40 70.34
CA PHE F 64 -52.30 9.46 69.46
C PHE F 64 -51.68 9.45 68.06
N GLN F 65 -50.43 9.01 68.00
CA GLN F 65 -49.82 8.75 66.71
C GLN F 65 -50.32 7.41 66.17
N ARG F 66 -50.82 7.42 64.94
CA ARG F 66 -51.36 6.21 64.32
C ARG F 66 -50.32 5.62 63.40
N ASN F 67 -50.11 4.31 63.51
CA ASN F 67 -49.05 3.63 62.79
C ASN F 67 -49.55 3.06 61.48
N TYR F 68 -48.79 3.30 60.40
CA TYR F 68 -49.21 2.98 59.05
C TYR F 68 -48.10 2.22 58.32
N VAL F 69 -48.51 1.37 57.39
CA VAL F 69 -47.59 0.55 56.60
C VAL F 69 -48.17 0.38 55.20
N MET F 70 -47.29 0.31 54.20
CA MET F 70 -47.68 0.06 52.82
C MET F 70 -47.08 -1.28 52.36
N ILE F 71 -47.91 -2.15 51.81
CA ILE F 71 -47.52 -3.51 51.45
C ILE F 71 -47.92 -3.81 50.02
N PHE F 72 -47.01 -4.41 49.26
CA PHE F 72 -47.26 -4.89 47.90
C PHE F 72 -47.25 -6.42 47.91
N ALA F 73 -48.31 -7.02 47.38
CA ALA F 73 -48.39 -8.48 47.35
C ALA F 73 -49.24 -8.93 46.17
N ASN F 74 -48.86 -10.03 45.55
CA ASN F 74 -49.61 -10.60 44.43
C ASN F 74 -50.73 -11.49 44.97
N PHE F 75 -51.71 -10.84 45.58
CA PHE F 75 -52.85 -11.52 46.16
C PHE F 75 -54.09 -10.67 45.95
N ASP F 76 -55.23 -11.33 45.79
CA ASP F 76 -56.50 -10.64 45.54
C ASP F 76 -57.19 -10.41 46.87
N MET F 77 -56.69 -9.43 47.61
CA MET F 77 -57.14 -9.14 48.96
C MET F 77 -58.12 -7.99 48.97
N VAL F 78 -59.02 -7.99 49.96
CA VAL F 78 -60.09 -7.00 50.08
C VAL F 78 -60.02 -6.36 51.45
N ASP F 79 -60.22 -5.05 51.50
CA ASP F 79 -60.16 -4.31 52.75
C ASP F 79 -61.52 -4.13 53.41
N LEU F 80 -62.58 -3.97 52.63
CA LEU F 80 -63.86 -3.63 53.23
C LEU F 80 -64.98 -3.81 52.21
N ASP F 81 -66.09 -4.34 52.69
CA ASP F 81 -67.34 -4.50 51.97
C ASP F 81 -68.42 -4.65 53.04
N ARG F 82 -69.56 -5.23 52.68
CA ARG F 82 -70.56 -5.57 53.68
C ARG F 82 -70.05 -6.64 54.64
N ASN F 83 -68.78 -7.01 54.53
CA ASN F 83 -68.09 -7.95 55.41
C ASN F 83 -66.84 -7.30 56.00
N MET F 84 -66.00 -8.11 56.65
CA MET F 84 -64.83 -7.66 57.40
C MET F 84 -63.64 -7.49 56.46
N ALA F 85 -62.47 -7.18 57.03
CA ALA F 85 -61.20 -7.03 56.35
C ALA F 85 -60.34 -8.27 56.54
N GLY F 86 -59.09 -8.18 56.08
CA GLY F 86 -58.09 -9.19 56.33
C GLY F 86 -57.05 -8.71 57.33
N ASP F 87 -56.21 -9.64 57.78
CA ASP F 87 -55.22 -9.34 58.80
C ASP F 87 -53.85 -9.84 58.38
N GLN F 88 -52.84 -9.36 59.09
CA GLN F 88 -51.45 -9.70 58.85
C GLN F 88 -50.64 -9.25 60.05
N PHE F 89 -49.39 -9.70 60.12
CA PHE F 89 -48.48 -9.15 61.11
C PHE F 89 -47.04 -9.42 60.69
N LEU F 90 -46.29 -8.34 60.43
CA LEU F 90 -44.84 -8.45 60.31
C LEU F 90 -44.22 -8.69 61.69
N TRP F 91 -44.63 -7.89 62.67
CA TRP F 91 -44.35 -8.17 64.08
C TRP F 91 -45.55 -7.99 65.00
N THR F 92 -46.54 -7.18 64.61
CA THR F 92 -47.75 -6.97 65.39
C THR F 92 -48.94 -6.96 64.44
N GLY F 93 -50.11 -7.28 64.97
CA GLY F 93 -51.30 -7.40 64.13
C GLY F 93 -51.57 -6.11 63.37
N ARG F 94 -52.17 -6.25 62.19
CA ARG F 94 -52.35 -5.12 61.29
C ARG F 94 -53.58 -5.32 60.44
N VAL F 95 -54.14 -4.21 59.95
CA VAL F 95 -55.34 -4.22 59.10
C VAL F 95 -55.25 -3.03 58.15
N PHE F 96 -55.79 -3.21 56.94
CA PHE F 96 -55.58 -2.27 55.85
C PHE F 96 -56.90 -1.73 55.30
N GLN F 97 -56.79 -0.63 54.53
CA GLN F 97 -57.95 0.03 53.90
C GLN F 97 -57.53 0.58 52.53
N LEU F 98 -57.72 -0.23 51.48
CA LEU F 98 -57.51 0.21 50.10
C LEU F 98 -57.87 -0.93 49.16
N GLU F 99 -57.74 -0.71 47.85
CA GLU F 99 -57.85 -1.79 46.88
C GLU F 99 -56.80 -1.59 45.80
N SER F 100 -56.71 -2.54 44.87
CA SER F 100 -55.73 -2.47 43.79
C SER F 100 -56.15 -3.41 42.67
N GLN F 101 -55.24 -3.66 41.73
CA GLN F 101 -55.56 -4.32 40.46
C GLN F 101 -55.66 -5.83 40.59
N GLY F 102 -56.50 -6.31 41.52
CA GLY F 102 -56.51 -7.74 41.82
C GLY F 102 -56.96 -8.61 40.66
N SER F 103 -58.05 -8.21 39.99
CA SER F 103 -58.64 -9.09 39.00
C SER F 103 -57.78 -9.25 37.76
N TRP F 104 -56.71 -8.48 37.61
CA TRP F 104 -55.80 -8.77 36.51
C TRP F 104 -54.65 -9.65 36.99
N PHE F 105 -53.74 -9.13 37.81
CA PHE F 105 -52.67 -9.99 38.28
C PHE F 105 -52.10 -9.77 39.69
N TYR F 106 -52.18 -8.55 40.25
CA TYR F 106 -51.55 -8.30 41.55
C TYR F 106 -52.25 -7.14 42.24
N GLN F 107 -51.89 -6.91 43.51
CA GLN F 107 -52.45 -5.82 44.29
C GLN F 107 -51.37 -5.21 45.17
N ASP F 108 -51.74 -4.13 45.87
CA ASP F 108 -50.91 -3.57 46.92
C ASP F 108 -51.82 -3.16 48.08
N GLY F 109 -51.22 -3.02 49.26
CA GLY F 109 -52.01 -2.88 50.47
C GLY F 109 -51.70 -1.70 51.37
N TRP F 110 -52.20 -1.78 52.60
CA TRP F 110 -52.03 -0.74 53.60
C TRP F 110 -51.84 -1.44 54.95
N GLY F 111 -52.00 -0.70 56.03
CA GLY F 111 -51.93 -1.30 57.33
C GLY F 111 -51.93 -0.31 58.47
N VAL F 112 -52.66 -0.63 59.53
CA VAL F 112 -52.63 0.11 60.77
C VAL F 112 -52.21 -0.84 61.88
N CYS F 113 -51.20 -0.45 62.64
CA CYS F 113 -50.64 -1.34 63.65
C CYS F 113 -51.58 -1.47 64.83
N LEU F 114 -52.26 -2.60 64.93
CA LEU F 114 -52.89 -2.96 66.18
C LEU F 114 -51.81 -3.33 67.20
N ALA F 115 -52.21 -3.42 68.46
CA ALA F 115 -51.24 -3.32 69.55
C ALA F 115 -50.11 -4.33 69.47
N VAL F 116 -50.41 -5.61 69.66
CA VAL F 116 -49.38 -6.66 69.69
C VAL F 116 -49.95 -7.95 69.14
N ASP F 117 -49.10 -8.98 69.05
CA ASP F 117 -49.52 -10.34 68.78
C ASP F 117 -49.50 -11.15 70.06
N ILE F 118 -50.12 -12.34 70.01
CA ILE F 118 -50.31 -13.14 71.21
C ILE F 118 -48.96 -13.56 71.80
N GLY F 119 -48.04 -14.01 70.95
CA GLY F 119 -46.76 -14.50 71.41
C GLY F 119 -46.53 -15.94 70.96
N ALA F 120 -45.81 -16.69 71.79
CA ALA F 120 -45.46 -18.08 71.51
C ALA F 120 -44.86 -18.23 70.12
N ALA F 121 -43.69 -17.59 69.94
CA ALA F 121 -43.01 -17.51 68.67
C ALA F 121 -43.89 -16.83 67.62
N LYS F 122 -44.48 -15.70 68.00
CA LYS F 122 -45.25 -14.83 67.10
C LYS F 122 -46.40 -15.58 66.45
N ALA F 123 -47.34 -16.01 67.29
CA ALA F 123 -48.55 -16.68 66.81
C ALA F 123 -49.49 -15.67 66.14
N MET G 1 -96.36 2.77 60.02
CA MET G 1 -97.06 2.30 58.83
C MET G 1 -97.78 3.50 58.21
N PHE G 2 -98.50 3.27 57.12
CA PHE G 2 -99.34 4.30 56.49
C PHE G 2 -98.50 5.47 55.96
N ASP G 3 -97.54 5.15 55.10
CA ASP G 3 -96.78 6.20 54.43
C ASP G 3 -96.86 6.10 52.90
N GLY G 4 -96.64 4.91 52.33
CA GLY G 4 -96.69 4.79 50.89
C GLY G 4 -98.05 5.12 50.31
N GLU G 5 -99.11 4.71 51.02
CA GLU G 5 -100.46 5.10 50.62
C GLU G 5 -100.62 6.62 50.63
N LEU G 6 -100.06 7.27 51.64
CA LEU G 6 -100.10 8.73 51.71
C LEU G 6 -99.41 9.36 50.51
N ILE G 7 -98.25 8.82 50.11
CA ILE G 7 -97.54 9.37 48.97
C ILE G 7 -98.33 9.16 47.69
N ALA G 8 -98.97 7.99 47.54
CA ALA G 8 -99.78 7.76 46.35
C ALA G 8 -100.93 8.76 46.27
N LYS G 9 -101.64 8.96 47.38
CA LYS G 9 -102.75 9.91 47.38
C LYS G 9 -102.25 11.33 47.10
N LEU G 10 -101.13 11.71 47.69
CA LEU G 10 -100.58 13.04 47.47
C LEU G 10 -100.19 13.23 46.00
N VAL G 11 -99.63 12.20 45.38
CA VAL G 11 -99.26 12.27 43.98
C VAL G 11 -100.50 12.47 43.11
N VAL G 12 -101.57 11.73 43.41
CA VAL G 12 -102.80 11.90 42.65
C VAL G 12 -103.33 13.32 42.79
N GLU G 13 -103.34 13.84 44.02
CA GLU G 13 -103.82 15.21 44.24
C GLU G 13 -102.96 16.23 43.52
N LEU G 14 -101.64 16.04 43.52
CA LEU G 14 -100.75 16.96 42.82
C LEU G 14 -100.98 16.92 41.32
N ASN G 15 -101.25 15.73 40.77
CA ASN G 15 -101.56 15.64 39.35
C ASN G 15 -102.83 16.40 39.02
N ALA G 16 -103.86 16.26 39.87
CA ALA G 16 -105.09 17.01 39.64
C ALA G 16 -104.84 18.52 39.73
N ALA G 17 -104.05 18.95 40.70
CA ALA G 17 -103.74 20.37 40.85
C ALA G 17 -102.99 20.90 39.64
N MET G 18 -102.05 20.11 39.11
CA MET G 18 -101.33 20.53 37.91
C MET G 18 -102.23 20.57 36.68
N THR G 19 -103.18 19.64 36.56
CA THR G 19 -104.13 19.76 35.46
C THR G 19 -104.90 21.06 35.54
N SER G 20 -105.40 21.39 36.74
CA SER G 20 -106.14 22.63 36.91
C SER G 20 -105.26 23.84 36.60
N ALA G 21 -104.02 23.83 37.07
CA ALA G 21 -103.13 24.95 36.85
C ALA G 21 -102.78 25.10 35.37
N GLN G 22 -102.62 23.99 34.66
CA GLN G 22 -102.32 24.06 33.23
C GLN G 22 -103.48 24.65 32.46
N GLU G 23 -104.71 24.25 32.80
CA GLU G 23 -105.87 24.89 32.16
C GLU G 23 -105.94 26.37 32.53
N ALA G 24 -105.51 26.72 33.74
CA ALA G 24 -105.67 28.10 34.19
C ALA G 24 -104.63 29.04 33.58
N LEU G 25 -103.39 28.58 33.42
CA LEU G 25 -102.27 29.46 33.09
C LEU G 25 -101.54 29.11 31.80
N GLN G 26 -101.99 28.07 31.08
CA GLN G 26 -101.41 27.71 29.78
C GLN G 26 -99.92 27.36 29.87
N PHE G 27 -99.60 26.30 30.60
CA PHE G 27 -98.25 25.75 30.59
C PHE G 27 -98.03 24.96 29.30
N PRO G 28 -96.77 24.75 28.90
CA PRO G 28 -96.52 23.77 27.83
C PRO G 28 -96.90 22.35 28.22
N ASP G 29 -96.33 21.84 29.32
CA ASP G 29 -96.60 20.51 29.87
C ASP G 29 -95.98 20.46 31.25
N PHE G 30 -96.38 19.46 32.03
CA PHE G 30 -95.93 19.39 33.41
C PHE G 30 -95.54 17.96 33.78
N GLU G 31 -94.79 17.84 34.86
CA GLU G 31 -94.40 16.57 35.45
C GLU G 31 -94.37 16.70 36.95
N VAL G 32 -94.84 15.68 37.66
CA VAL G 32 -94.74 15.62 39.11
C VAL G 32 -93.72 14.55 39.47
N VAL G 33 -92.73 14.92 40.28
CA VAL G 33 -91.59 14.08 40.58
C VAL G 33 -91.26 14.19 42.06
N GLN G 34 -90.93 13.05 42.67
CA GLN G 34 -90.44 13.04 44.04
C GLN G 34 -88.94 13.31 44.08
N LYS G 35 -88.52 14.05 45.09
CA LYS G 35 -87.09 14.24 45.30
C LYS G 35 -86.49 13.00 45.97
N ALA G 36 -85.16 13.01 46.08
CA ALA G 36 -84.39 11.87 46.58
C ALA G 36 -84.71 10.59 45.82
N GLN G 37 -84.40 10.61 44.52
CA GLN G 37 -84.61 9.42 43.70
C GLN G 37 -83.65 8.31 44.13
N PRO G 38 -84.13 7.09 44.32
CA PRO G 38 -83.24 6.01 44.76
C PRO G 38 -82.28 5.54 43.67
N THR G 39 -82.43 6.02 42.45
CA THR G 39 -81.58 5.62 41.34
C THR G 39 -81.06 6.86 40.63
N GLN G 40 -79.84 6.78 40.09
CA GLN G 40 -79.26 7.91 39.36
C GLN G 40 -80.15 8.31 38.20
N GLN G 41 -80.71 9.52 38.27
CA GLN G 41 -81.62 10.00 37.25
C GLN G 41 -81.33 11.47 36.97
N GLY G 42 -81.84 11.96 35.84
CA GLY G 42 -81.63 13.34 35.46
C GLY G 42 -82.87 14.18 35.50
N THR G 43 -82.71 15.46 35.83
CA THR G 43 -83.83 16.39 35.89
C THR G 43 -84.40 16.61 34.49
N SER G 44 -85.70 16.93 34.44
CA SER G 44 -86.41 17.12 33.18
C SER G 44 -86.59 18.61 32.91
N THR G 45 -86.62 18.97 31.63
CA THR G 45 -86.71 20.37 31.25
C THR G 45 -88.13 20.92 31.43
N ARG G 46 -89.12 20.04 31.48
CA ARG G 46 -90.50 20.49 31.58
C ARG G 46 -90.74 21.15 32.94
N PRO G 47 -91.72 22.05 33.02
CA PRO G 47 -92.14 22.57 34.33
C PRO G 47 -92.48 21.42 35.26
N THR G 48 -91.88 21.43 36.44
CA THR G 48 -91.85 20.26 37.30
C THR G 48 -92.25 20.63 38.73
N ILE G 49 -92.80 19.65 39.44
CA ILE G 49 -93.11 19.76 40.86
C ILE G 49 -92.31 18.73 41.62
N PHE G 50 -91.65 19.17 42.68
CA PHE G 50 -90.87 18.28 43.53
C PHE G 50 -91.43 18.32 44.95
N PHE G 51 -91.54 17.15 45.56
CA PHE G 51 -92.02 17.04 46.92
C PHE G 51 -91.12 16.10 47.71
N GLN G 52 -91.15 16.25 49.03
CA GLN G 52 -90.30 15.49 49.93
C GLN G 52 -90.93 15.50 51.31
N LYS G 53 -90.61 14.50 52.12
CA LYS G 53 -91.10 14.40 53.48
C LYS G 53 -89.95 14.67 54.44
N LEU G 54 -90.18 15.58 55.39
CA LEU G 54 -89.12 16.07 56.27
C LEU G 54 -89.13 15.42 57.65
N PHE G 55 -90.22 15.52 58.39
CA PHE G 55 -90.25 14.98 59.74
C PHE G 55 -91.68 14.80 60.20
N ASP G 56 -91.84 14.15 61.36
CA ASP G 56 -93.16 13.83 61.91
C ASP G 56 -93.22 14.24 63.37
N ILE G 57 -94.42 14.51 63.85
CA ILE G 57 -94.67 14.93 65.23
C ILE G 57 -95.84 14.12 65.77
N PRO G 58 -95.67 13.37 66.86
CA PRO G 58 -96.76 12.49 67.34
C PRO G 58 -98.04 13.23 67.73
N ARG G 59 -97.94 14.43 68.29
CA ARG G 59 -99.11 15.25 68.59
C ARG G 59 -100.12 14.54 69.51
N GLY G 60 -99.74 14.29 70.75
CA GLY G 60 -100.70 13.82 71.72
C GLY G 60 -100.35 12.44 72.24
N TRP G 61 -100.87 12.13 73.42
CA TRP G 61 -100.69 10.80 74.00
C TRP G 61 -101.46 9.77 73.19
N PRO G 62 -100.96 8.54 73.10
CA PRO G 62 -101.67 7.50 72.36
C PRO G 62 -102.99 7.15 73.03
N ALA G 63 -103.96 6.76 72.22
CA ALA G 63 -105.29 6.37 72.68
C ALA G 63 -105.50 4.89 72.40
N THR G 64 -105.89 4.14 73.43
CA THR G 64 -106.09 2.70 73.31
C THR G 64 -107.56 2.37 73.48
N ASP G 65 -108.06 1.49 72.61
CA ASP G 65 -109.39 0.92 72.74
C ASP G 65 -109.29 -0.58 72.57
N TRP G 66 -110.19 -1.31 73.24
CA TRP G 66 -110.11 -2.76 73.34
C TRP G 66 -111.23 -3.40 72.55
N HIS G 67 -110.89 -4.42 71.76
CA HIS G 67 -111.85 -5.20 71.00
C HIS G 67 -111.66 -6.67 71.36
N LEU G 68 -112.76 -7.35 71.68
CA LEU G 68 -112.71 -8.69 72.25
C LEU G 68 -112.97 -9.73 71.18
N ASP G 69 -112.13 -10.77 71.15
CA ASP G 69 -112.33 -11.93 70.30
C ASP G 69 -112.89 -13.05 71.16
N ASN G 70 -114.16 -13.40 70.92
CA ASN G 70 -114.83 -14.39 71.77
C ASN G 70 -114.29 -15.79 71.54
N THR G 71 -114.00 -16.14 70.28
CA THR G 71 -113.58 -17.50 69.97
C THR G 71 -112.25 -17.84 70.64
N ALA G 72 -111.29 -16.92 70.60
CA ALA G 72 -109.98 -17.15 71.18
C ALA G 72 -109.86 -16.64 72.61
N ARG G 73 -110.88 -15.95 73.12
CA ARG G 73 -110.87 -15.41 74.48
C ARG G 73 -109.68 -14.49 74.71
N LYS G 74 -109.51 -13.53 73.80
CA LYS G 74 -108.42 -12.57 73.89
C LYS G 74 -108.95 -11.17 73.59
N TYR G 75 -108.29 -10.17 74.15
CA TYR G 75 -108.50 -8.78 73.81
C TYR G 75 -107.51 -8.37 72.74
N VAL G 76 -108.01 -7.71 71.70
CA VAL G 76 -107.16 -7.11 70.68
C VAL G 76 -107.05 -5.63 70.99
N GLU G 77 -105.86 -5.21 71.43
CA GLU G 77 -105.63 -3.84 71.86
C GLU G 77 -105.17 -3.01 70.66
N ILE G 78 -106.01 -2.06 70.25
CA ILE G 78 -105.69 -1.17 69.14
C ILE G 78 -105.25 0.17 69.72
N THR G 79 -104.12 0.67 69.26
CA THR G 79 -103.60 1.95 69.70
C THR G 79 -103.53 2.90 68.50
N ARG G 80 -104.10 4.09 68.65
CA ARG G 80 -104.17 5.06 67.57
C ARG G 80 -103.35 6.29 67.95
N GLN G 81 -102.50 6.74 67.04
CA GLN G 81 -101.70 7.93 67.24
C GLN G 81 -101.94 8.88 66.07
N HIS G 82 -102.20 10.15 66.39
CA HIS G 82 -102.58 11.15 65.39
C HIS G 82 -101.39 12.06 65.14
N VAL G 83 -100.64 11.79 64.07
CA VAL G 83 -99.38 12.45 63.82
C VAL G 83 -99.57 13.53 62.76
N GLU G 84 -98.54 14.37 62.61
CA GLU G 84 -98.49 15.42 61.60
C GLU G 84 -97.23 15.22 60.76
N THR G 85 -97.37 15.38 59.45
CA THR G 85 -96.26 15.22 58.52
C THR G 85 -96.01 16.53 57.80
N THR G 86 -94.73 16.89 57.66
CA THR G 86 -94.35 18.13 56.98
C THR G 86 -93.76 17.77 55.61
N PHE G 87 -94.46 18.18 54.55
CA PHE G 87 -93.99 17.99 53.19
C PHE G 87 -93.52 19.31 52.62
N GLN G 88 -92.43 19.27 51.86
CA GLN G 88 -91.88 20.45 51.22
C GLN G 88 -92.15 20.39 49.73
N ILE G 89 -92.83 21.40 49.20
CA ILE G 89 -93.21 21.46 47.80
C ILE G 89 -92.37 22.54 47.13
N SER G 90 -91.77 22.21 45.99
CA SER G 90 -90.97 23.15 45.23
C SER G 90 -91.18 22.90 43.75
N SER G 91 -90.93 23.94 42.96
CA SER G 91 -91.16 23.90 41.52
C SER G 91 -89.95 24.45 40.79
N LEU G 92 -89.87 24.13 39.49
CA LEU G 92 -88.76 24.56 38.66
C LEU G 92 -89.27 24.94 37.28
N HIS G 93 -88.81 26.06 36.76
CA HIS G 93 -89.19 26.53 35.43
C HIS G 93 -88.17 27.56 34.98
N TRP G 94 -87.76 27.46 33.71
CA TRP G 94 -86.76 28.36 33.15
C TRP G 94 -87.44 29.41 32.29
N GLN G 95 -87.12 30.67 32.51
CA GLN G 95 -87.77 31.77 31.81
C GLN G 95 -87.07 32.03 30.48
N ASN G 96 -87.86 32.19 29.42
CA ASN G 96 -87.33 32.49 28.11
C ASN G 96 -87.58 33.95 27.80
N PRO G 97 -86.55 34.79 27.73
CA PRO G 97 -86.78 36.24 27.69
C PRO G 97 -87.50 36.73 26.44
N GLU G 98 -87.48 35.98 25.35
CA GLU G 98 -88.00 36.53 24.09
C GLU G 98 -89.49 36.27 23.92
N ILE G 99 -90.04 35.25 24.59
CA ILE G 99 -91.46 34.99 24.47
C ILE G 99 -92.25 36.08 25.18
N THR G 100 -93.34 36.54 24.55
CA THR G 100 -94.12 37.63 25.12
C THR G 100 -95.05 37.13 26.23
N HIS G 101 -95.55 35.90 26.11
CA HIS G 101 -96.39 35.33 27.15
C HIS G 101 -95.53 34.84 28.31
N VAL G 102 -95.70 35.46 29.47
CA VAL G 102 -94.80 35.26 30.60
C VAL G 102 -95.57 34.55 31.72
N VAL G 103 -94.97 33.48 32.24
CA VAL G 103 -95.47 32.80 33.43
C VAL G 103 -94.24 32.45 34.27
N THR G 104 -94.34 32.66 35.58
CA THR G 104 -93.20 32.48 36.45
C THR G 104 -93.31 31.18 37.24
N ALA G 105 -92.17 30.67 37.69
CA ALA G 105 -92.18 29.52 38.58
C ALA G 105 -92.88 29.85 39.90
N SER G 106 -92.71 31.10 40.36
CA SER G 106 -93.42 31.52 41.56
C SER G 106 -94.92 31.51 41.34
N ASP G 107 -95.37 31.79 40.12
CA ASP G 107 -96.80 31.67 39.82
C ASP G 107 -97.27 30.23 39.96
N ILE G 108 -96.46 29.28 39.47
CA ILE G 108 -96.82 27.87 39.59
C ILE G 108 -96.91 27.47 41.07
N ALA G 109 -95.90 27.86 41.86
CA ALA G 109 -95.91 27.51 43.27
C ALA G 109 -97.08 28.15 44.00
N ASN G 110 -97.38 29.42 43.69
CA ASN G 110 -98.50 30.09 44.34
C ASN G 110 -99.82 29.45 43.97
N TYR G 111 -99.99 29.07 42.70
CA TYR G 111 -101.25 28.44 42.31
C TYR G 111 -101.41 27.09 42.99
N VAL G 112 -100.34 26.31 43.09
CA VAL G 112 -100.44 25.03 43.78
C VAL G 112 -100.76 25.23 45.25
N ARG G 113 -100.13 26.23 45.87
CA ARG G 113 -100.42 26.52 47.27
C ARG G 113 -101.88 26.93 47.45
N ALA G 114 -102.39 27.78 46.56
CA ALA G 114 -103.76 28.26 46.69
C ALA G 114 -104.77 27.14 46.45
N TYR G 115 -104.45 26.22 45.56
CA TYR G 115 -105.36 25.11 45.28
C TYR G 115 -105.57 24.25 46.52
N PHE G 116 -104.50 23.99 47.27
CA PHE G 116 -104.61 23.10 48.42
C PHE G 116 -105.28 23.78 49.61
N GLN G 117 -105.33 25.11 49.61
CA GLN G 117 -105.94 25.85 50.71
C GLN G 117 -107.42 26.12 50.48
N ALA G 118 -107.95 25.81 49.30
CA ALA G 118 -109.37 26.04 49.04
C ALA G 118 -110.23 25.09 49.85
N ARG G 119 -111.44 25.53 50.16
CA ARG G 119 -112.34 24.72 50.98
C ARG G 119 -112.87 23.53 50.20
N SER G 120 -113.06 23.68 48.89
CA SER G 120 -113.55 22.57 48.08
C SER G 120 -112.59 21.40 48.09
N THR G 121 -111.29 21.69 47.92
CA THR G 121 -110.30 20.62 47.93
C THR G 121 -110.19 19.97 49.30
N ILE G 122 -110.32 20.75 50.36
CA ILE G 122 -110.30 20.19 51.71
C ILE G 122 -111.49 19.25 51.91
N GLU G 123 -112.67 19.67 51.44
CA GLU G 123 -113.86 18.82 51.55
C GLU G 123 -113.67 17.53 50.77
N ARG G 124 -113.07 17.61 49.58
CA ARG G 124 -112.85 16.39 48.79
C ARG G 124 -111.81 15.49 49.44
N VAL G 125 -110.77 16.08 50.03
CA VAL G 125 -109.71 15.30 50.66
C VAL G 125 -110.21 14.64 51.93
N LYS G 126 -111.20 15.23 52.60
CA LYS G 126 -111.69 14.66 53.86
C LYS G 126 -112.07 13.18 53.71
N GLU G 127 -112.59 12.79 52.54
CA GLU G 127 -112.91 11.38 52.33
C GLU G 127 -111.66 10.52 52.19
N LEU G 128 -110.49 11.13 51.97
CA LEU G 128 -109.24 10.40 51.84
C LEU G 128 -108.49 10.28 53.16
N ASP G 129 -109.12 10.65 54.28
CA ASP G 129 -108.65 10.42 55.63
C ASP G 129 -107.44 11.25 56.02
N PHE G 130 -107.35 12.49 55.56
CA PHE G 130 -106.35 13.42 56.08
C PHE G 130 -106.78 14.84 55.78
N LEU G 131 -106.15 15.80 56.45
CA LEU G 131 -106.47 17.21 56.30
C LEU G 131 -105.19 18.03 56.29
N ILE G 132 -105.30 19.28 55.83
CA ILE G 132 -104.16 20.16 55.65
C ILE G 132 -104.33 21.37 56.55
N LEU G 133 -103.25 21.78 57.21
CA LEU G 133 -103.25 22.99 58.01
C LEU G 133 -102.86 24.19 57.14
N ARG G 134 -102.62 25.33 57.79
CA ARG G 134 -102.37 26.55 57.05
C ARG G 134 -100.89 26.64 56.61
N VAL G 135 -100.68 27.30 55.48
CA VAL G 135 -99.35 27.53 54.91
C VAL G 135 -99.03 29.01 55.06
N SER G 136 -97.83 29.32 55.53
CA SER G 136 -97.53 30.66 56.01
C SER G 136 -96.40 31.37 55.27
N GLN G 137 -95.69 30.72 54.35
CA GLN G 137 -94.59 31.40 53.67
C GLN G 137 -94.23 30.68 52.37
N ILE G 138 -93.82 31.48 51.38
CA ILE G 138 -93.27 31.00 50.12
C ILE G 138 -92.07 31.87 49.79
N SER G 139 -90.95 31.23 49.43
CA SER G 139 -89.68 31.93 49.25
C SER G 139 -89.07 31.60 47.89
N ASN G 140 -88.34 32.56 47.33
CA ASN G 140 -87.61 32.39 46.09
C ASN G 140 -86.12 32.27 46.38
N GLU G 141 -85.44 31.36 45.70
CA GLU G 141 -84.00 31.19 45.82
C GLU G 141 -83.40 31.04 44.42
N ALA G 142 -82.18 31.51 44.27
CA ALA G 142 -81.50 31.56 42.97
C ALA G 142 -80.43 30.48 42.89
N PHE G 143 -80.53 29.61 41.89
CA PHE G 143 -79.49 28.65 41.55
C PHE G 143 -78.57 29.24 40.49
N GLU G 144 -77.73 28.38 39.90
CA GLU G 144 -76.81 28.80 38.86
C GLU G 144 -76.97 28.01 37.57
N ASN G 145 -77.65 26.87 37.59
CA ASN G 145 -78.03 26.10 36.39
C ASN G 145 -76.75 25.63 35.70
N ASP G 146 -76.59 25.81 34.38
CA ASP G 146 -75.44 25.30 33.65
C ASP G 146 -74.37 26.39 33.55
N ASN G 147 -73.80 26.72 34.72
CA ASN G 147 -72.63 27.61 34.87
C ASN G 147 -73.05 29.05 34.60
N HIS G 148 -74.24 29.23 34.05
CA HIS G 148 -74.89 30.53 33.86
C HIS G 148 -76.39 30.30 33.77
N GLN G 149 -77.09 31.33 33.31
CA GLN G 149 -78.55 31.29 33.25
C GLN G 149 -79.14 31.08 34.65
N PHE G 150 -78.99 32.10 35.51
CA PHE G 150 -79.59 32.08 36.84
C PHE G 150 -81.04 31.63 36.77
N GLU G 151 -81.50 30.95 37.81
CA GLU G 151 -82.83 30.36 37.83
C GLU G 151 -83.38 30.44 39.25
N PHE G 152 -84.71 30.38 39.35
CA PHE G 152 -85.40 30.47 40.63
C PHE G 152 -85.93 29.10 41.03
N HIS G 153 -85.95 28.83 42.34
CA HIS G 153 -86.44 27.57 42.89
C HIS G 153 -87.38 27.88 44.05
N PRO G 154 -88.61 28.33 43.77
CA PRO G 154 -89.55 28.63 44.84
C PRO G 154 -89.92 27.37 45.62
N SER G 155 -90.22 27.56 46.91
CA SER G 155 -90.52 26.44 47.78
C SER G 155 -91.43 26.88 48.91
N PHE G 156 -92.12 25.91 49.50
CA PHE G 156 -92.96 26.14 50.67
C PHE G 156 -93.25 24.81 51.35
N ASP G 157 -93.75 24.88 52.58
CA ASP G 157 -93.98 23.71 53.41
C ASP G 157 -95.47 23.50 53.63
N MET G 158 -95.88 22.23 53.67
CA MET G 158 -97.27 21.85 53.89
C MET G 158 -97.34 20.80 54.98
N VAL G 159 -98.38 20.88 55.81
CA VAL G 159 -98.57 19.98 56.94
C VAL G 159 -99.81 19.14 56.70
N VAL G 160 -99.67 17.82 56.86
CA VAL G 160 -100.75 16.87 56.65
C VAL G 160 -100.90 16.03 57.91
N THR G 161 -102.13 15.95 58.42
CA THR G 161 -102.42 15.24 59.66
C THR G 161 -103.32 14.04 59.35
N TYR G 162 -103.05 12.91 60.01
CA TYR G 162 -103.84 11.71 59.85
C TYR G 162 -103.72 10.85 61.10
N ASN G 163 -104.28 9.65 61.01
CA ASN G 163 -104.24 8.68 62.09
C ASN G 163 -103.52 7.42 61.62
N GLN G 164 -102.72 6.82 62.50
CA GLN G 164 -102.03 5.58 62.21
C GLN G 164 -102.28 4.58 63.33
N TYR G 165 -102.40 3.31 62.98
CA TYR G 165 -102.87 2.28 63.88
C TYR G 165 -101.83 1.19 64.08
N ILE G 166 -101.80 0.63 65.29
CA ILE G 166 -101.02 -0.55 65.60
C ILE G 166 -101.94 -1.53 66.33
N ARG G 167 -101.60 -2.81 66.27
CA ARG G 167 -102.46 -3.87 66.78
C ARG G 167 -101.65 -4.80 67.67
N LEU G 168 -102.24 -5.22 68.78
CA LEU G 168 -101.55 -6.06 69.76
C LEU G 168 -102.56 -6.95 70.46
N TYR G 169 -102.04 -7.88 71.26
CA TYR G 169 -102.84 -8.90 71.93
C TYR G 169 -102.72 -8.76 73.44
N GLU G 170 -103.77 -9.18 74.15
CA GLU G 170 -103.81 -9.09 75.60
C GLU G 170 -104.80 -10.12 76.14
N ASN G 171 -104.55 -10.58 77.36
CA ASN G 171 -105.40 -11.60 77.98
C ASN G 171 -106.72 -10.98 78.45
N ALA G 172 -107.67 -11.85 78.79
CA ALA G 172 -109.00 -11.44 79.22
C ALA G 172 -109.39 -12.20 80.48
N ALA G 173 -110.19 -11.54 81.32
CA ALA G 173 -110.70 -12.13 82.56
C ALA G 173 -112.21 -12.18 82.50
N TYR G 174 -112.80 -13.20 83.14
CA TYR G 174 -114.22 -13.47 83.03
C TYR G 174 -114.96 -13.55 84.36
N SER G 175 -114.27 -13.45 85.49
CA SER G 175 -114.91 -13.58 86.78
C SER G 175 -114.07 -12.90 87.84
N ALA G 176 -114.68 -12.66 89.00
CA ALA G 176 -114.01 -12.01 90.11
C ALA G 176 -114.46 -12.62 91.43
N ASP G 177 -113.57 -12.57 92.42
CA ASP G 177 -113.87 -13.05 93.76
C ASP G 177 -112.97 -12.32 94.75
N GLY G 178 -113.37 -12.34 96.02
CA GLY G 178 -112.64 -11.62 97.04
C GLY G 178 -112.82 -12.21 98.41
N VAL G 179 -112.17 -11.58 99.39
CA VAL G 179 -112.26 -11.98 100.79
C VAL G 179 -112.47 -10.73 101.63
N LEU G 180 -113.30 -10.84 102.66
CA LEU G 180 -113.58 -9.74 103.57
C LEU G 180 -113.10 -10.12 104.96
N ILE G 181 -112.29 -9.25 105.56
CA ILE G 181 -111.75 -9.47 106.90
C ILE G 181 -111.97 -8.22 107.73
N GLY G 182 -111.96 -8.40 109.05
CA GLY G 182 -112.18 -7.30 109.96
C GLY G 182 -111.33 -7.36 111.22
N MET H 1 -55.36 28.75 99.57
CA MET H 1 -54.95 27.36 99.45
C MET H 1 -54.36 27.10 98.08
N PHE H 2 -54.80 27.89 97.10
CA PHE H 2 -54.26 27.88 95.74
C PHE H 2 -54.38 26.51 95.08
N ASP H 3 -53.36 26.09 94.35
CA ASP H 3 -53.49 24.96 93.44
C ASP H 3 -52.78 23.69 93.88
N GLY H 4 -51.50 23.75 94.24
CA GLY H 4 -50.75 22.53 94.49
C GLY H 4 -51.37 21.65 95.55
N GLU H 5 -51.78 22.25 96.67
CA GLU H 5 -52.45 21.48 97.72
C GLU H 5 -53.77 20.92 97.20
N LEU H 6 -54.54 21.74 96.48
CA LEU H 6 -55.82 21.29 95.96
C LEU H 6 -55.65 20.13 94.98
N ILE H 7 -54.66 20.24 94.08
CA ILE H 7 -54.43 19.19 93.10
C ILE H 7 -53.98 17.91 93.78
N ALA H 8 -53.09 18.02 94.77
CA ALA H 8 -52.64 16.82 95.48
C ALA H 8 -53.80 16.13 96.20
N LYS H 9 -54.64 16.91 96.88
CA LYS H 9 -55.78 16.34 97.59
C LYS H 9 -56.74 15.68 96.62
N LEU H 10 -57.03 16.33 95.49
CA LEU H 10 -57.93 15.76 94.51
C LEU H 10 -57.37 14.47 93.91
N VAL H 11 -56.05 14.43 93.70
CA VAL H 11 -55.43 13.21 93.19
C VAL H 11 -55.58 12.07 94.19
N VAL H 12 -55.35 12.35 95.48
CA VAL H 12 -55.52 11.31 96.48
C VAL H 12 -56.96 10.81 96.52
N GLU H 13 -57.92 11.74 96.45
CA GLU H 13 -59.32 11.34 96.49
C GLU H 13 -59.71 10.51 95.26
N LEU H 14 -59.22 10.89 94.08
CA LEU H 14 -59.49 10.11 92.88
C LEU H 14 -58.87 8.72 92.97
N ASN H 15 -57.67 8.62 93.54
CA ASN H 15 -57.06 7.31 93.75
C ASN H 15 -57.91 6.45 94.67
N ALA H 16 -58.43 7.04 95.75
CA ALA H 16 -59.32 6.28 96.63
C ALA H 16 -60.59 5.85 95.91
N ALA H 17 -61.15 6.72 95.08
CA ALA H 17 -62.37 6.38 94.36
C ALA H 17 -62.13 5.21 93.42
N MET H 18 -61.01 5.22 92.69
CA MET H 18 -60.67 4.07 91.86
C MET H 18 -60.39 2.82 92.67
N THR H 19 -59.75 2.96 93.83
CA THR H 19 -59.53 1.80 94.68
C THR H 19 -60.84 1.14 95.05
N SER H 20 -61.86 1.95 95.38
CA SER H 20 -63.18 1.39 95.65
C SER H 20 -63.80 0.79 94.39
N ALA H 21 -63.75 1.52 93.28
CA ALA H 21 -64.45 1.09 92.07
C ALA H 21 -63.87 -0.20 91.50
N GLN H 22 -62.60 -0.48 91.80
CA GLN H 22 -62.00 -1.70 91.25
C GLN H 22 -62.66 -2.95 91.83
N GLU H 23 -62.83 -3.00 93.15
CA GLU H 23 -63.60 -4.09 93.74
C GLU H 23 -65.07 -3.97 93.39
N ALA H 24 -65.55 -2.75 93.14
CA ALA H 24 -66.97 -2.58 92.81
C ALA H 24 -67.32 -3.23 91.47
N LEU H 25 -66.48 -3.05 90.45
CA LEU H 25 -66.79 -3.49 89.10
C LEU H 25 -65.76 -4.43 88.47
N GLN H 26 -64.69 -4.77 89.19
CA GLN H 26 -63.69 -5.74 88.71
C GLN H 26 -62.99 -5.26 87.43
N PHE H 27 -62.29 -4.13 87.55
CA PHE H 27 -61.43 -3.67 86.47
C PHE H 27 -60.16 -4.52 86.42
N PRO H 28 -59.48 -4.54 85.27
CA PRO H 28 -58.11 -5.11 85.27
C PRO H 28 -57.14 -4.31 86.11
N ASP H 29 -57.00 -3.02 85.84
CA ASP H 29 -56.13 -2.10 86.57
C ASP H 29 -56.50 -0.68 86.17
N PHE H 30 -55.98 0.29 86.90
CA PHE H 30 -56.36 1.68 86.68
C PHE H 30 -55.15 2.60 86.81
N GLU H 31 -55.34 3.84 86.37
CA GLU H 31 -54.36 4.90 86.50
C GLU H 31 -55.08 6.24 86.51
N VAL H 32 -54.58 7.18 87.30
CA VAL H 32 -55.10 8.54 87.35
C VAL H 32 -54.00 9.49 86.88
N VAL H 33 -54.30 10.27 85.85
CA VAL H 33 -53.34 11.19 85.24
C VAL H 33 -54.02 12.52 84.99
N GLN H 34 -53.20 13.57 84.87
CA GLN H 34 -53.72 14.90 84.57
C GLN H 34 -53.61 15.19 83.08
N LYS H 35 -54.59 15.91 82.56
CA LYS H 35 -54.49 16.38 81.20
C LYS H 35 -53.50 17.55 81.10
N ALA H 36 -53.14 17.89 79.88
CA ALA H 36 -52.15 18.94 79.59
C ALA H 36 -50.83 18.66 80.29
N GLN H 37 -50.18 17.56 79.92
CA GLN H 37 -48.87 17.24 80.48
C GLN H 37 -47.84 18.25 79.97
N PRO H 38 -47.02 18.81 80.85
CA PRO H 38 -46.01 19.79 80.39
C PRO H 38 -44.97 19.18 79.48
N THR H 39 -44.79 17.86 79.53
CA THR H 39 -43.84 17.16 78.69
C THR H 39 -44.58 16.24 77.73
N GLN H 40 -43.96 15.99 76.57
CA GLN H 40 -44.51 15.04 75.62
C GLN H 40 -44.71 13.69 76.27
N GLN H 41 -45.89 13.11 76.10
CA GLN H 41 -46.22 11.84 76.74
C GLN H 41 -47.10 11.03 75.82
N GLY H 42 -47.17 9.73 76.09
CA GLY H 42 -48.07 8.84 75.39
C GLY H 42 -49.09 8.26 76.35
N THR H 43 -50.30 8.08 75.85
CA THR H 43 -51.39 7.58 76.69
C THR H 43 -51.17 6.10 77.02
N SER H 44 -51.89 5.63 78.04
CA SER H 44 -51.76 4.28 78.55
C SER H 44 -52.98 3.45 78.17
N THR H 45 -52.74 2.18 77.84
CA THR H 45 -53.79 1.27 77.40
C THR H 45 -54.42 0.55 78.60
N ARG H 46 -54.92 1.35 79.54
CA ARG H 46 -55.59 0.82 80.72
C ARG H 46 -56.71 1.76 81.10
N PRO H 47 -57.69 1.29 81.86
CA PRO H 47 -58.73 2.19 82.38
C PRO H 47 -58.12 3.39 83.09
N THR H 48 -58.41 4.58 82.60
CA THR H 48 -57.69 5.78 83.00
C THR H 48 -58.68 6.88 83.35
N ILE H 49 -58.25 7.78 84.23
CA ILE H 49 -59.00 8.96 84.61
C ILE H 49 -58.17 10.20 84.30
N PHE H 50 -58.81 11.21 83.72
CA PHE H 50 -58.18 12.47 83.38
C PHE H 50 -58.93 13.58 84.07
N PHE H 51 -58.19 14.61 84.49
CA PHE H 51 -58.81 15.79 85.08
C PHE H 51 -58.07 17.04 84.62
N GLN H 52 -58.78 18.18 84.70
CA GLN H 52 -58.27 19.44 84.23
C GLN H 52 -59.02 20.56 84.93
N LYS H 53 -58.41 21.74 84.98
CA LYS H 53 -59.01 22.91 85.63
C LYS H 53 -59.46 23.87 84.54
N LEU H 54 -60.72 24.33 84.63
CA LEU H 54 -61.27 25.16 83.57
C LEU H 54 -61.22 26.65 83.93
N PHE H 55 -61.86 27.04 85.03
CA PHE H 55 -61.93 28.46 85.37
C PHE H 55 -62.30 28.61 86.84
N ASP H 56 -62.41 29.87 87.27
CA ASP H 56 -62.64 30.19 88.67
C ASP H 56 -63.71 31.27 88.78
N ILE H 57 -64.43 31.29 89.89
CA ILE H 57 -65.46 32.29 90.17
C ILE H 57 -65.19 32.86 91.56
N PRO H 58 -64.99 34.18 91.68
CA PRO H 58 -64.69 34.75 93.00
C PRO H 58 -65.79 34.57 94.04
N ARG H 59 -67.06 34.60 93.63
CA ARG H 59 -68.18 34.29 94.53
C ARG H 59 -68.21 35.15 95.79
N GLY H 60 -68.45 36.44 95.64
CA GLY H 60 -68.69 37.28 96.79
C GLY H 60 -67.62 38.34 96.96
N TRP H 61 -67.98 39.41 97.68
CA TRP H 61 -67.02 40.45 97.99
C TRP H 61 -65.98 39.93 98.98
N PRO H 62 -64.74 40.41 98.89
CA PRO H 62 -63.72 39.97 99.84
C PRO H 62 -64.04 40.41 101.26
N ALA H 63 -63.64 39.59 102.23
CA ALA H 63 -63.85 39.87 103.64
C ALA H 63 -62.49 40.07 104.31
N THR H 64 -62.33 41.20 104.99
CA THR H 64 -61.08 41.54 105.66
C THR H 64 -61.28 41.54 107.16
N ASP H 65 -60.32 40.94 107.87
CA ASP H 65 -60.24 41.02 109.32
C ASP H 65 -58.84 41.47 109.70
N TRP H 66 -58.73 42.08 110.88
CA TRP H 66 -57.50 42.74 111.31
C TRP H 66 -56.91 42.02 112.50
N HIS H 67 -55.61 41.76 112.44
CA HIS H 67 -54.85 41.18 113.54
C HIS H 67 -53.72 42.12 113.90
N LEU H 68 -53.50 42.33 115.19
CA LEU H 68 -52.57 43.33 115.68
C LEU H 68 -51.28 42.68 116.17
N ASP H 69 -50.15 43.21 115.71
CA ASP H 69 -48.83 42.78 116.17
C ASP H 69 -48.30 43.84 117.14
N ASN H 70 -48.24 43.49 118.42
CA ASN H 70 -47.91 44.48 119.44
C ASN H 70 -46.45 44.90 119.38
N THR H 71 -45.55 43.96 119.08
CA THR H 71 -44.12 44.25 119.14
C THR H 71 -43.72 45.33 118.13
N ALA H 72 -44.24 45.23 116.90
CA ALA H 72 -43.89 46.18 115.86
C ALA H 72 -44.94 47.27 115.67
N ARG H 73 -46.02 47.25 116.46
CA ARG H 73 -47.07 48.28 116.40
C ARG H 73 -47.66 48.38 115.00
N LYS H 74 -48.07 47.23 114.46
CA LYS H 74 -48.63 47.17 113.12
C LYS H 74 -49.86 46.28 113.09
N TYR H 75 -50.81 46.66 112.25
CA TYR H 75 -51.93 45.80 111.89
C TYR H 75 -51.55 44.99 110.66
N VAL H 76 -51.75 43.68 110.72
CA VAL H 76 -51.62 42.81 109.56
C VAL H 76 -53.00 42.51 109.02
N GLU H 77 -53.25 42.92 107.78
CA GLU H 77 -54.57 42.79 107.17
C GLU H 77 -54.66 41.45 106.46
N ILE H 78 -55.66 40.65 106.84
CA ILE H 78 -55.90 39.35 106.25
C ILE H 78 -57.20 39.41 105.48
N THR H 79 -57.15 39.06 104.19
CA THR H 79 -58.31 39.11 103.31
C THR H 79 -58.60 37.71 102.80
N ARG H 80 -59.86 37.29 102.90
CA ARG H 80 -60.29 35.96 102.51
C ARG H 80 -61.30 36.04 101.39
N GLN H 81 -61.12 35.23 100.35
CA GLN H 81 -62.02 35.16 99.22
C GLN H 81 -62.46 33.71 99.02
N HIS H 82 -63.76 33.51 98.85
CA HIS H 82 -64.33 32.17 98.76
C HIS H 82 -64.54 31.82 97.30
N VAL H 83 -63.63 31.04 96.73
CA VAL H 83 -63.56 30.83 95.30
C VAL H 83 -64.21 29.50 94.94
N GLU H 84 -64.78 29.44 93.74
CA GLU H 84 -65.33 28.21 93.17
C GLU H 84 -64.53 27.85 91.92
N THR H 85 -64.09 26.60 91.83
CA THR H 85 -63.33 26.11 90.70
C THR H 85 -64.04 24.91 90.09
N THR H 86 -64.01 24.82 88.76
CA THR H 86 -64.62 23.72 88.04
C THR H 86 -63.55 22.81 87.47
N PHE H 87 -63.61 21.53 87.83
CA PHE H 87 -62.71 20.52 87.30
C PHE H 87 -63.48 19.61 86.36
N GLN H 88 -62.87 19.29 85.22
CA GLN H 88 -63.49 18.39 84.25
C GLN H 88 -62.91 17.00 84.38
N ILE H 89 -63.76 16.03 84.70
CA ILE H 89 -63.36 14.64 84.90
C ILE H 89 -63.80 13.84 83.68
N SER H 90 -62.88 13.03 83.15
CA SER H 90 -63.17 12.20 82.00
C SER H 90 -62.43 10.88 82.14
N SER H 91 -62.93 9.86 81.46
CA SER H 91 -62.38 8.52 81.54
C SER H 91 -62.15 7.97 80.14
N LEU H 92 -61.43 6.85 80.07
CA LEU H 92 -61.11 6.21 78.81
C LEU H 92 -60.97 4.71 79.02
N HIS H 93 -61.60 3.92 78.16
CA HIS H 93 -61.55 2.48 78.22
C HIS H 93 -61.97 1.91 76.87
N TRP H 94 -61.30 0.85 76.44
CA TRP H 94 -61.58 0.23 75.14
C TRP H 94 -62.32 -1.09 75.35
N GLN H 95 -63.31 -1.34 74.52
CA GLN H 95 -64.19 -2.49 74.67
C GLN H 95 -63.69 -3.65 73.81
N ASN H 96 -63.44 -4.78 74.45
CA ASN H 96 -63.08 -5.98 73.71
C ASN H 96 -64.32 -6.84 73.50
N PRO H 97 -64.80 -6.97 72.26
CA PRO H 97 -66.10 -7.64 72.04
C PRO H 97 -66.11 -9.12 72.43
N GLU H 98 -64.96 -9.77 72.50
CA GLU H 98 -64.96 -11.21 72.72
C GLU H 98 -65.22 -11.57 74.18
N ILE H 99 -64.78 -10.73 75.12
CA ILE H 99 -64.95 -11.05 76.54
C ILE H 99 -66.43 -10.97 76.90
N THR H 100 -66.88 -11.88 77.76
CA THR H 100 -68.28 -11.94 78.13
C THR H 100 -68.59 -10.98 79.27
N HIS H 101 -67.61 -10.71 80.13
CA HIS H 101 -67.81 -9.77 81.23
C HIS H 101 -67.60 -8.34 80.71
N VAL H 102 -68.64 -7.53 80.77
CA VAL H 102 -68.66 -6.23 80.12
C VAL H 102 -68.65 -5.14 81.19
N VAL H 103 -67.77 -4.16 81.00
CA VAL H 103 -67.75 -2.94 81.81
C VAL H 103 -67.49 -1.78 80.86
N THR H 104 -68.24 -0.69 81.00
CA THR H 104 -68.17 0.41 80.06
C THR H 104 -67.42 1.58 80.67
N ALA H 105 -66.83 2.42 79.80
CA ALA H 105 -66.20 3.63 80.27
C ALA H 105 -67.21 4.57 80.93
N SER H 106 -68.40 4.69 80.34
CA SER H 106 -69.46 5.47 80.97
C SER H 106 -69.84 4.88 82.33
N ASP H 107 -69.73 3.56 82.48
CA ASP H 107 -69.97 2.95 83.78
C ASP H 107 -68.97 3.44 84.81
N ILE H 108 -67.69 3.50 84.44
CA ILE H 108 -66.67 3.99 85.35
C ILE H 108 -66.91 5.45 85.70
N ALA H 109 -67.25 6.26 84.70
CA ALA H 109 -67.52 7.67 84.96
C ALA H 109 -68.71 7.84 85.89
N ASN H 110 -69.77 7.05 85.68
CA ASN H 110 -70.94 7.12 86.56
C ASN H 110 -70.59 6.73 87.98
N TYR H 111 -69.80 5.67 88.15
CA TYR H 111 -69.43 5.26 89.50
C TYR H 111 -68.57 6.32 90.18
N VAL H 112 -67.64 6.93 89.45
CA VAL H 112 -66.82 7.97 90.03
C VAL H 112 -67.66 9.16 90.44
N ARG H 113 -68.62 9.56 89.59
CA ARG H 113 -69.52 10.64 89.97
C ARG H 113 -70.32 10.29 91.22
N ALA H 114 -70.84 9.06 91.28
CA ALA H 114 -71.64 8.66 92.43
C ALA H 114 -70.84 8.65 93.71
N TYR H 115 -69.56 8.27 93.62
CA TYR H 115 -68.72 8.22 94.81
C TYR H 115 -68.57 9.62 95.43
N PHE H 116 -68.38 10.64 94.59
CA PHE H 116 -68.12 11.97 95.11
C PHE H 116 -69.38 12.63 95.65
N GLN H 117 -70.55 12.11 95.29
CA GLN H 117 -71.81 12.70 95.73
C GLN H 117 -72.37 12.07 97.00
N ALA H 118 -71.72 11.03 97.52
CA ALA H 118 -72.21 10.37 98.72
C ALA H 118 -71.99 11.24 99.95
N ARG H 119 -72.82 11.03 100.96
CA ARG H 119 -72.71 11.81 102.19
C ARG H 119 -71.43 11.49 102.94
N SER H 120 -71.03 10.22 102.98
CA SER H 120 -69.85 9.84 103.75
C SER H 120 -68.59 10.48 103.18
N THR H 121 -68.45 10.51 101.86
CA THR H 121 -67.27 11.11 101.26
C THR H 121 -67.23 12.62 101.50
N ILE H 122 -68.39 13.28 101.47
CA ILE H 122 -68.44 14.71 101.78
C ILE H 122 -68.04 14.96 103.22
N GLU H 123 -68.54 14.13 104.14
CA GLU H 123 -68.15 14.27 105.54
C GLU H 123 -66.66 14.08 105.73
N ARG H 124 -66.07 13.11 105.01
CA ARG H 124 -64.64 12.88 105.15
C ARG H 124 -63.83 14.01 104.53
N VAL H 125 -64.30 14.59 103.42
CA VAL H 125 -63.48 15.58 102.73
C VAL H 125 -63.66 16.95 103.36
N LYS H 126 -64.68 17.11 104.22
CA LYS H 126 -64.86 18.39 104.90
C LYS H 126 -63.62 18.79 105.69
N GLU H 127 -62.97 17.82 106.34
CA GLU H 127 -61.76 18.12 107.10
C GLU H 127 -60.61 18.52 106.18
N LEU H 128 -60.72 18.27 104.88
CA LEU H 128 -59.71 18.69 103.92
C LEU H 128 -59.95 20.09 103.38
N ASP H 129 -60.89 20.83 103.99
CA ASP H 129 -61.11 22.25 103.77
C ASP H 129 -61.70 22.59 102.41
N PHE H 130 -62.56 21.73 101.84
CA PHE H 130 -63.35 22.09 100.68
C PHE H 130 -64.54 21.17 100.57
N LEU H 131 -65.54 21.61 99.81
CA LEU H 131 -66.78 20.88 99.63
C LEU H 131 -67.15 20.85 98.15
N ILE H 132 -68.16 20.06 97.82
CA ILE H 132 -68.54 19.77 96.44
C ILE H 132 -70.01 20.10 96.25
N LEU H 133 -70.34 20.69 95.11
CA LEU H 133 -71.73 20.95 94.74
C LEU H 133 -72.25 19.80 93.87
N ARG H 134 -73.45 19.99 93.32
CA ARG H 134 -74.09 18.91 92.56
C ARG H 134 -73.50 18.82 91.16
N VAL H 135 -73.63 17.63 90.57
CA VAL H 135 -73.23 17.36 89.19
C VAL H 135 -74.49 17.07 88.40
N SER H 136 -74.62 17.71 87.23
CA SER H 136 -75.90 17.75 86.53
C SER H 136 -75.94 17.00 85.21
N GLN H 137 -74.82 16.55 84.67
CA GLN H 137 -74.85 15.91 83.37
C GLN H 137 -73.57 15.12 83.12
N ILE H 138 -73.73 13.97 82.46
CA ILE H 138 -72.63 13.16 81.94
C ILE H 138 -72.93 12.86 80.49
N SER H 139 -71.95 13.05 79.61
CA SER H 139 -72.14 12.93 78.17
C SER H 139 -71.15 11.93 77.59
N ASN H 140 -71.61 11.13 76.62
CA ASN H 140 -70.77 10.22 75.87
C ASN H 140 -70.42 10.86 74.53
N GLU H 141 -69.14 10.84 74.17
CA GLU H 141 -68.68 11.32 72.88
C GLU H 141 -67.83 10.25 72.22
N ALA H 142 -68.03 10.06 70.92
CA ALA H 142 -67.37 9.01 70.16
C ALA H 142 -66.36 9.63 69.20
N PHE H 143 -65.16 9.06 69.16
CA PHE H 143 -64.10 9.50 68.27
C PHE H 143 -63.44 8.31 67.61
N GLU H 144 -62.65 8.58 66.57
CA GLU H 144 -62.16 7.50 65.70
C GLU H 144 -61.03 6.71 66.35
N ASN H 145 -60.26 7.34 67.22
CA ASN H 145 -59.15 6.70 67.93
C ASN H 145 -58.00 6.40 66.97
N ASP H 146 -56.78 6.27 67.51
CA ASP H 146 -55.61 6.15 66.66
C ASP H 146 -55.59 4.87 65.85
N ASN H 147 -56.18 3.79 66.37
CA ASN H 147 -56.21 2.52 65.67
C ASN H 147 -57.39 2.40 64.72
N HIS H 148 -58.01 3.52 64.34
CA HIS H 148 -59.17 3.53 63.45
C HIS H 148 -60.30 2.64 63.99
N GLN H 149 -60.50 2.68 65.30
CA GLN H 149 -61.56 1.92 65.97
C GLN H 149 -62.39 2.85 66.81
N PHE H 150 -63.70 2.83 66.62
CA PHE H 150 -64.58 3.73 67.34
C PHE H 150 -64.49 3.48 68.84
N GLU H 151 -64.53 4.57 69.61
CA GLU H 151 -64.33 4.51 71.05
C GLU H 151 -65.05 5.69 71.69
N PHE H 152 -65.32 5.56 72.99
CA PHE H 152 -66.09 6.55 73.74
C PHE H 152 -65.19 7.29 74.73
N HIS H 153 -65.50 8.56 74.95
CA HIS H 153 -64.79 9.42 75.90
C HIS H 153 -65.80 10.16 76.76
N PRO H 154 -66.43 9.46 77.71
CA PRO H 154 -67.39 10.14 78.59
C PRO H 154 -66.70 11.15 79.49
N SER H 155 -67.43 12.21 79.85
CA SER H 155 -66.85 13.25 80.67
C SER H 155 -67.95 13.97 81.44
N PHE H 156 -67.55 14.61 82.55
CA PHE H 156 -68.43 15.47 83.33
C PHE H 156 -67.55 16.43 84.12
N ASP H 157 -68.15 17.49 84.63
CA ASP H 157 -67.43 18.53 85.35
C ASP H 157 -67.89 18.58 86.80
N MET H 158 -66.98 18.97 87.69
CA MET H 158 -67.22 18.98 89.12
C MET H 158 -66.74 20.29 89.71
N VAL H 159 -67.41 20.74 90.78
CA VAL H 159 -67.16 22.04 91.37
C VAL H 159 -66.77 21.86 92.83
N VAL H 160 -65.66 22.48 93.22
CA VAL H 160 -65.18 22.46 94.60
C VAL H 160 -64.99 23.90 95.07
N THR H 161 -65.41 24.18 96.30
CA THR H 161 -65.37 25.52 96.88
C THR H 161 -64.42 25.53 98.06
N TYR H 162 -63.61 26.60 98.16
CA TYR H 162 -62.66 26.75 99.26
C TYR H 162 -62.40 28.23 99.48
N ASN H 163 -61.36 28.51 100.27
CA ASN H 163 -61.01 29.87 100.66
C ASN H 163 -59.58 30.17 100.25
N GLN H 164 -59.34 31.40 99.79
CA GLN H 164 -58.01 31.89 99.46
C GLN H 164 -57.64 33.01 100.40
N TYR H 165 -56.41 32.99 100.89
CA TYR H 165 -55.94 33.96 101.88
C TYR H 165 -54.78 34.77 101.33
N ILE H 166 -54.84 36.08 101.55
CA ILE H 166 -53.75 36.99 101.23
C ILE H 166 -53.47 37.80 102.50
N ARG H 167 -52.24 38.31 102.60
CA ARG H 167 -51.77 38.94 103.82
C ARG H 167 -51.04 40.24 103.48
N LEU H 168 -51.35 41.31 104.23
CA LEU H 168 -50.79 42.62 103.96
C LEU H 168 -50.61 43.37 105.28
N TYR H 169 -50.01 44.55 105.20
CA TYR H 169 -49.66 45.35 106.37
C TYR H 169 -50.39 46.68 106.34
N GLU H 170 -50.59 47.25 107.53
CA GLU H 170 -51.27 48.53 107.68
C GLU H 170 -50.86 49.17 109.00
N ASN H 171 -50.88 50.50 109.03
CA ASN H 171 -50.49 51.24 110.22
C ASN H 171 -51.56 51.14 111.30
N ALA H 172 -51.19 51.54 112.51
CA ALA H 172 -52.08 51.48 113.66
C ALA H 172 -52.03 52.78 114.44
N ALA H 173 -53.20 53.17 114.98
CA ALA H 173 -53.34 54.37 115.78
C ALA H 173 -53.65 53.99 117.22
N TYR H 174 -53.15 54.78 118.18
CA TYR H 174 -53.24 54.45 119.59
C TYR H 174 -53.93 55.50 120.44
N SER H 175 -54.32 56.64 119.88
CA SER H 175 -54.92 57.70 120.67
C SER H 175 -55.73 58.60 119.76
N ALA H 176 -56.57 59.43 120.37
CA ALA H 176 -57.42 60.36 119.64
C ALA H 176 -57.55 61.66 120.40
N ASP H 177 -57.74 62.76 119.66
CA ASP H 177 -57.98 64.06 120.22
C ASP H 177 -58.78 64.91 119.23
N GLY H 178 -59.39 65.97 119.74
CA GLY H 178 -60.26 66.78 118.91
C GLY H 178 -60.36 68.21 119.42
N VAL H 179 -61.14 69.01 118.69
CA VAL H 179 -61.40 70.40 119.03
C VAL H 179 -62.90 70.64 118.91
N LEU H 180 -63.44 71.44 119.82
CA LEU H 180 -64.85 71.79 119.84
C LEU H 180 -65.00 73.29 119.64
N ILE H 181 -65.79 73.69 118.64
CA ILE H 181 -66.01 75.09 118.33
C ILE H 181 -67.51 75.33 118.20
N GLY H 182 -67.90 76.59 118.37
CA GLY H 182 -69.30 76.97 118.30
C GLY H 182 -69.55 78.32 117.65
N MET I 1 -104.07 38.20 40.51
CA MET I 1 -103.04 39.07 39.94
C MET I 1 -101.66 38.48 40.19
N PHE I 2 -101.08 37.88 39.15
CA PHE I 2 -99.85 37.13 39.28
C PHE I 2 -98.63 37.98 38.91
N ASP I 3 -97.48 37.31 38.76
CA ASP I 3 -96.19 38.00 38.80
C ASP I 3 -95.99 38.93 37.60
N GLY I 4 -96.36 38.49 36.40
CA GLY I 4 -95.95 39.21 35.20
C GLY I 4 -96.42 40.65 35.18
N GLU I 5 -97.71 40.87 35.46
CA GLU I 5 -98.23 42.23 35.48
C GLU I 5 -97.69 43.01 36.67
N LEU I 6 -97.42 42.33 37.79
CA LEU I 6 -96.74 43.00 38.90
C LEU I 6 -95.41 43.59 38.44
N ILE I 7 -94.61 42.79 37.73
CA ILE I 7 -93.30 43.25 37.28
C ILE I 7 -93.46 44.36 36.26
N ALA I 8 -94.44 44.25 35.36
CA ALA I 8 -94.63 45.29 34.36
C ALA I 8 -94.99 46.63 35.01
N LYS I 9 -95.96 46.61 35.93
CA LYS I 9 -96.32 47.85 36.61
C LYS I 9 -95.16 48.39 37.43
N LEU I 10 -94.40 47.51 38.08
CA LEU I 10 -93.29 47.96 38.89
C LEU I 10 -92.20 48.61 38.05
N VAL I 11 -91.89 48.05 36.88
CA VAL I 11 -90.87 48.65 36.04
C VAL I 11 -91.34 49.98 35.47
N VAL I 12 -92.64 50.08 35.14
CA VAL I 12 -93.16 51.37 34.68
C VAL I 12 -93.02 52.42 35.78
N GLU I 13 -93.38 52.05 37.00
CA GLU I 13 -93.27 53.00 38.11
C GLU I 13 -91.82 53.38 38.39
N LEU I 14 -90.91 52.41 38.31
CA LEU I 14 -89.49 52.72 38.52
C LEU I 14 -88.96 53.64 37.44
N ASN I 15 -89.40 53.44 36.19
CA ASN I 15 -88.99 54.33 35.12
C ASN I 15 -89.48 55.75 35.38
N ALA I 16 -90.72 55.89 35.82
CA ALA I 16 -91.23 57.23 36.13
C ALA I 16 -90.44 57.87 37.27
N ALA I 17 -90.15 57.09 38.32
CA ALA I 17 -89.39 57.61 39.45
C ALA I 17 -88.00 58.05 39.03
N MET I 18 -87.35 57.27 38.15
CA MET I 18 -86.02 57.65 37.71
C MET I 18 -86.05 58.86 36.79
N THR I 19 -87.09 59.00 35.97
CA THR I 19 -87.23 60.21 35.18
C THR I 19 -87.36 61.44 36.07
N SER I 20 -88.12 61.32 37.16
CA SER I 20 -88.21 62.42 38.12
C SER I 20 -86.86 62.69 38.78
N ALA I 21 -86.16 61.63 39.19
CA ALA I 21 -84.89 61.80 39.90
C ALA I 21 -83.83 62.42 39.01
N GLN I 22 -83.86 62.11 37.71
CA GLN I 22 -82.89 62.71 36.80
C GLN I 22 -83.04 64.23 36.74
N GLU I 23 -84.29 64.70 36.68
CA GLU I 23 -84.54 66.14 36.75
C GLU I 23 -84.10 66.70 38.09
N ALA I 24 -84.35 65.96 39.17
CA ALA I 24 -84.06 66.48 40.50
C ALA I 24 -82.57 66.61 40.76
N LEU I 25 -81.77 65.62 40.34
CA LEU I 25 -80.37 65.53 40.75
C LEU I 25 -79.38 65.57 39.60
N GLN I 26 -79.84 65.59 38.35
CA GLN I 26 -78.97 65.75 37.18
C GLN I 26 -77.94 64.63 37.05
N PHE I 27 -78.42 63.39 36.88
CA PHE I 27 -77.54 62.32 36.46
C PHE I 27 -77.29 62.43 34.95
N PRO I 28 -76.22 61.79 34.45
CA PRO I 28 -76.04 61.72 33.00
C PRO I 28 -77.16 60.98 32.30
N ASP I 29 -77.42 59.74 32.72
CA ASP I 29 -78.48 58.91 32.19
C ASP I 29 -78.72 57.77 33.15
N PHE I 30 -79.88 57.11 33.02
CA PHE I 30 -80.26 56.05 33.94
C PHE I 30 -80.69 54.83 33.16
N GLU I 31 -80.93 53.74 33.89
CA GLU I 31 -81.38 52.49 33.33
C GLU I 31 -81.96 51.61 34.42
N VAL I 32 -83.05 50.92 34.11
CA VAL I 32 -83.71 50.02 35.06
C VAL I 32 -83.63 48.61 34.51
N VAL I 33 -83.08 47.69 35.30
CA VAL I 33 -82.93 46.30 34.92
C VAL I 33 -83.30 45.41 36.09
N GLN I 34 -83.53 44.13 35.81
CA GLN I 34 -83.83 43.14 36.83
C GLN I 34 -82.57 42.38 37.21
N LYS I 35 -82.57 41.84 38.42
CA LYS I 35 -81.49 41.00 38.92
C LYS I 35 -81.81 39.52 38.74
N ALA I 36 -82.51 39.15 37.67
CA ALA I 36 -82.95 37.78 37.42
C ALA I 36 -82.70 37.44 35.95
N GLN I 37 -81.52 37.80 35.45
CA GLN I 37 -81.21 37.63 34.03
C GLN I 37 -81.22 36.15 33.65
N PRO I 38 -82.20 35.68 32.88
CA PRO I 38 -82.17 34.27 32.46
C PRO I 38 -81.01 33.95 31.53
N THR I 39 -80.53 34.95 30.79
CA THR I 39 -79.42 34.77 29.88
C THR I 39 -78.17 35.45 30.44
N GLN I 40 -77.01 34.92 30.08
CA GLN I 40 -75.75 35.56 30.43
C GLN I 40 -75.72 36.98 29.91
N GLN I 41 -75.36 37.92 30.79
CA GLN I 41 -75.30 39.34 30.42
C GLN I 41 -74.10 39.96 31.13
N GLY I 42 -73.87 41.24 30.87
CA GLY I 42 -72.63 41.85 31.32
C GLY I 42 -72.70 43.18 32.05
N THR I 43 -73.90 43.60 32.48
CA THR I 43 -74.08 44.85 33.23
C THR I 43 -73.71 46.08 32.41
N SER I 44 -74.04 47.26 32.91
CA SER I 44 -73.82 48.51 32.19
C SER I 44 -73.11 49.51 33.07
N THR I 45 -72.31 50.37 32.44
CA THR I 45 -71.57 51.42 33.14
C THR I 45 -72.35 52.73 33.15
N ARG I 46 -73.57 52.66 33.69
CA ARG I 46 -74.46 53.79 33.77
C ARG I 46 -75.19 53.73 35.10
N PRO I 47 -75.64 54.87 35.63
CA PRO I 47 -76.46 54.84 36.84
C PRO I 47 -77.64 53.90 36.68
N THR I 48 -77.63 52.82 37.46
CA THR I 48 -78.55 51.72 37.26
C THR I 48 -79.31 51.44 38.55
N ILE I 49 -80.54 50.98 38.40
CA ILE I 49 -81.38 50.54 39.52
C ILE I 49 -81.75 49.09 39.30
N PHE I 50 -81.79 48.32 40.38
CA PHE I 50 -82.02 46.89 40.33
C PHE I 50 -83.19 46.52 41.22
N PHE I 51 -83.90 45.46 40.87
CA PHE I 51 -84.98 44.95 41.71
C PHE I 51 -85.04 43.43 41.60
N GLN I 52 -85.66 42.82 42.61
CA GLN I 52 -85.79 41.38 42.71
C GLN I 52 -86.79 41.05 43.81
N LYS I 53 -87.47 39.92 43.68
CA LYS I 53 -88.44 39.46 44.68
C LYS I 53 -87.76 38.45 45.60
N LEU I 54 -87.99 38.59 46.90
CA LEU I 54 -87.39 37.68 47.87
C LEU I 54 -88.34 36.54 48.23
N PHE I 55 -89.51 36.88 48.77
CA PHE I 55 -90.42 35.87 49.29
C PHE I 55 -91.84 36.41 49.31
N ASP I 56 -92.72 35.68 50.01
CA ASP I 56 -94.14 35.95 49.98
C ASP I 56 -94.79 35.50 51.28
N ILE I 57 -95.84 36.21 51.69
CA ILE I 57 -96.59 35.92 52.90
C ILE I 57 -98.06 35.87 52.55
N PRO I 58 -98.80 34.83 52.95
CA PRO I 58 -100.23 34.76 52.60
C PRO I 58 -101.10 35.79 53.31
N ARG I 59 -100.81 36.10 54.57
CA ARG I 59 -101.49 37.19 55.29
C ARG I 59 -103.01 37.02 55.34
N GLY I 60 -103.49 35.99 56.04
CA GLY I 60 -104.91 35.89 56.30
C GLY I 60 -105.51 34.60 55.75
N TRP I 61 -106.59 34.17 56.37
CA TRP I 61 -107.32 33.02 55.87
C TRP I 61 -107.99 33.36 54.55
N PRO I 62 -108.08 32.40 53.63
CA PRO I 62 -108.71 32.67 52.34
C PRO I 62 -110.18 33.02 52.51
N ALA I 63 -110.65 33.93 51.65
CA ALA I 63 -112.04 34.35 51.63
C ALA I 63 -112.70 33.84 50.36
N THR I 64 -113.82 33.14 50.50
CA THR I 64 -114.49 32.52 49.37
C THR I 64 -115.82 33.20 49.09
N ASP I 65 -116.13 33.34 47.80
CA ASP I 65 -117.39 33.90 47.33
C ASP I 65 -118.02 32.92 46.35
N TRP I 66 -119.34 32.97 46.26
CA TRP I 66 -120.09 32.06 45.40
C TRP I 66 -120.87 32.84 44.37
N HIS I 67 -120.69 32.48 43.09
CA HIS I 67 -121.39 33.08 41.98
C HIS I 67 -122.06 31.97 41.18
N LEU I 68 -123.35 32.14 40.89
CA LEU I 68 -124.16 31.08 40.32
C LEU I 68 -124.29 31.25 38.82
N ASP I 69 -124.09 30.17 38.08
CA ASP I 69 -124.33 30.12 36.64
C ASP I 69 -125.67 29.43 36.41
N ASN I 70 -126.66 30.19 35.95
CA ASN I 70 -128.01 29.65 35.82
C ASN I 70 -128.10 28.64 34.68
N THR I 71 -127.43 28.91 33.56
CA THR I 71 -127.57 28.06 32.39
C THR I 71 -127.07 26.64 32.66
N ALA I 72 -125.92 26.51 33.31
CA ALA I 72 -125.35 25.20 33.58
C ALA I 72 -125.69 24.66 34.97
N ARG I 73 -126.43 25.43 35.77
CA ARG I 73 -126.83 25.02 37.11
C ARG I 73 -125.62 24.65 37.97
N LYS I 74 -124.65 25.56 38.02
CA LYS I 74 -123.42 25.35 38.77
C LYS I 74 -123.06 26.59 39.54
N TYR I 75 -122.40 26.39 40.69
CA TYR I 75 -121.77 27.46 41.45
C TYR I 75 -120.31 27.58 41.03
N VAL I 76 -119.87 28.80 40.77
CA VAL I 76 -118.47 29.09 40.52
C VAL I 76 -117.89 29.69 41.79
N GLU I 77 -117.01 28.94 42.45
CA GLU I 77 -116.44 29.35 43.72
C GLU I 77 -115.18 30.16 43.46
N ILE I 78 -115.17 31.42 43.89
CA ILE I 78 -114.03 32.31 43.75
C ILE I 78 -113.37 32.46 45.12
N THR I 79 -112.06 32.23 45.17
CA THR I 79 -111.29 32.35 46.40
C THR I 79 -110.27 33.46 46.26
N ARG I 80 -110.22 34.35 47.25
CA ARG I 80 -109.34 35.51 47.22
C ARG I 80 -108.40 35.46 48.41
N GLN I 81 -107.12 35.69 48.17
CA GLN I 81 -106.11 35.72 49.21
C GLN I 81 -105.32 37.02 49.11
N HIS I 82 -105.18 37.72 50.24
CA HIS I 82 -104.54 39.03 50.27
C HIS I 82 -103.04 38.81 50.49
N VAL I 83 -102.27 38.90 49.42
CA VAL I 83 -100.86 38.52 49.42
C VAL I 83 -99.98 39.74 49.68
N GLU I 84 -98.93 39.53 50.46
CA GLU I 84 -97.86 40.51 50.65
C GLU I 84 -96.57 39.95 50.10
N THR I 85 -95.88 40.74 49.28
CA THR I 85 -94.63 40.32 48.67
C THR I 85 -93.55 41.37 48.93
N THR I 86 -92.30 40.92 48.96
CA THR I 86 -91.16 41.76 49.31
C THR I 86 -90.24 41.89 48.11
N PHE I 87 -89.86 43.12 47.77
CA PHE I 87 -88.94 43.40 46.68
C PHE I 87 -87.71 44.09 47.25
N GLN I 88 -86.55 43.78 46.66
CA GLN I 88 -85.30 44.44 47.05
C GLN I 88 -84.87 45.40 45.95
N ILE I 89 -84.70 46.66 46.31
CA ILE I 89 -84.27 47.70 45.37
C ILE I 89 -82.84 48.08 45.71
N SER I 90 -81.98 48.10 44.69
CA SER I 90 -80.58 48.43 44.87
C SER I 90 -80.08 49.17 43.63
N SER I 91 -79.00 49.93 43.82
CA SER I 91 -78.49 50.80 42.77
C SER I 91 -76.98 50.76 42.74
N LEU I 92 -76.42 51.18 41.60
CA LEU I 92 -74.98 51.25 41.42
C LEU I 92 -74.61 52.56 40.73
N HIS I 93 -73.48 53.14 41.15
CA HIS I 93 -72.94 54.35 40.54
C HIS I 93 -71.51 54.50 40.98
N TRP I 94 -70.62 54.82 40.04
CA TRP I 94 -69.20 54.95 40.31
C TRP I 94 -68.84 56.42 40.44
N GLN I 95 -68.04 56.73 41.45
CA GLN I 95 -67.72 58.12 41.79
C GLN I 95 -66.44 58.53 41.07
N ASN I 96 -66.54 59.54 40.23
CA ASN I 96 -65.34 60.10 39.60
C ASN I 96 -64.81 61.24 40.47
N PRO I 97 -63.63 61.09 41.08
CA PRO I 97 -63.17 62.11 42.04
C PRO I 97 -62.88 63.47 41.41
N GLU I 98 -62.66 63.53 40.09
CA GLU I 98 -62.25 64.80 39.50
C GLU I 98 -63.43 65.76 39.32
N ILE I 99 -64.63 65.23 39.06
CA ILE I 99 -65.76 66.13 38.80
C ILE I 99 -66.15 66.84 40.08
N THR I 100 -66.45 68.14 39.96
CA THR I 100 -66.82 68.93 41.13
C THR I 100 -68.28 68.70 41.52
N HIS I 101 -69.14 68.44 40.55
CA HIS I 101 -70.54 68.15 40.84
C HIS I 101 -70.66 66.71 41.31
N VAL I 102 -71.05 66.53 42.57
CA VAL I 102 -71.01 65.22 43.22
C VAL I 102 -72.43 64.74 43.46
N VAL I 103 -72.70 63.49 43.06
CA VAL I 103 -73.95 62.81 43.35
C VAL I 103 -73.59 61.37 43.72
N THR I 104 -74.22 60.86 44.77
CA THR I 104 -73.88 59.56 45.31
C THR I 104 -74.95 58.53 44.94
N ALA I 105 -74.53 57.26 44.86
CA ALA I 105 -75.49 56.18 44.69
C ALA I 105 -76.46 56.13 45.85
N SER I 106 -75.99 56.47 47.05
CA SER I 106 -76.88 56.57 48.19
C SER I 106 -77.94 57.64 47.98
N ASP I 107 -77.58 58.74 47.31
CA ASP I 107 -78.56 59.77 46.98
C ASP I 107 -79.65 59.23 46.06
N ILE I 108 -79.26 58.46 45.04
CA ILE I 108 -80.24 57.89 44.14
C ILE I 108 -81.16 56.93 44.88
N ALA I 109 -80.58 56.07 45.72
CA ALA I 109 -81.40 55.13 46.48
C ALA I 109 -82.36 55.86 47.40
N ASN I 110 -81.89 56.90 48.09
CA ASN I 110 -82.75 57.65 48.99
C ASN I 110 -83.87 58.34 48.23
N TYR I 111 -83.56 58.92 47.08
CA TYR I 111 -84.61 59.61 46.32
C TYR I 111 -85.64 58.62 45.80
N VAL I 112 -85.20 57.46 45.33
CA VAL I 112 -86.15 56.46 44.84
C VAL I 112 -87.03 55.96 45.98
N ARG I 113 -86.44 55.75 47.16
CA ARG I 113 -87.24 55.32 48.30
C ARG I 113 -88.24 56.40 48.70
N ALA I 114 -87.81 57.66 48.70
CA ALA I 114 -88.71 58.74 49.12
C ALA I 114 -89.84 58.94 48.13
N TYR I 115 -89.58 58.71 46.84
CA TYR I 115 -90.62 58.88 45.84
C TYR I 115 -91.78 57.92 46.08
N PHE I 116 -91.48 56.68 46.47
CA PHE I 116 -92.53 55.68 46.62
C PHE I 116 -93.34 55.90 47.91
N GLN I 117 -92.80 56.68 48.84
CA GLN I 117 -93.46 56.91 50.12
C GLN I 117 -94.35 58.15 50.12
N ALA I 118 -94.36 58.92 49.04
CA ALA I 118 -95.17 60.13 48.99
C ALA I 118 -96.66 59.78 48.86
N ARG I 119 -97.50 60.71 49.32
CA ARG I 119 -98.94 60.50 49.25
C ARG I 119 -99.42 60.47 47.80
N SER I 120 -98.88 61.35 46.95
CA SER I 120 -99.30 61.41 45.56
C SER I 120 -98.97 60.11 44.84
N THR I 121 -97.80 59.54 45.11
CA THR I 121 -97.43 58.27 44.49
C THR I 121 -98.38 57.15 44.91
N ILE I 122 -98.75 57.11 46.18
CA ILE I 122 -99.67 56.08 46.66
C ILE I 122 -101.04 56.26 46.02
N GLU I 123 -101.49 57.52 45.87
CA GLU I 123 -102.77 57.77 45.22
C GLU I 123 -102.74 57.32 43.77
N ARG I 124 -101.64 57.56 43.06
CA ARG I 124 -101.51 57.07 41.68
C ARG I 124 -101.50 55.55 41.64
N VAL I 125 -100.81 54.92 42.59
CA VAL I 125 -100.65 53.47 42.57
C VAL I 125 -101.98 52.77 42.87
N LYS I 126 -102.81 53.37 43.75
CA LYS I 126 -104.01 52.69 44.21
C LYS I 126 -104.89 52.22 43.06
N GLU I 127 -104.99 53.02 41.99
CA GLU I 127 -105.79 52.60 40.85
C GLU I 127 -105.14 51.50 40.04
N LEU I 128 -103.89 51.15 40.34
CA LEU I 128 -103.23 49.99 39.74
C LEU I 128 -103.36 48.74 40.61
N ASP I 129 -104.22 48.78 41.63
CA ASP I 129 -104.65 47.61 42.39
C ASP I 129 -103.55 47.03 43.28
N PHE I 130 -102.72 47.87 43.87
CA PHE I 130 -101.81 47.45 44.93
C PHE I 130 -101.39 48.65 45.75
N LEU I 131 -100.80 48.39 46.91
CA LEU I 131 -100.38 49.44 47.82
C LEU I 131 -99.02 49.09 48.41
N ILE I 132 -98.43 50.07 49.10
CA ILE I 132 -97.06 49.96 49.60
C ILE I 132 -97.07 50.25 51.10
N LEU I 133 -96.30 49.48 51.85
CA LEU I 133 -96.15 49.70 53.28
C LEU I 133 -94.90 50.55 53.55
N ARG I 134 -94.53 50.66 54.82
CA ARG I 134 -93.45 51.53 55.23
C ARG I 134 -92.08 50.86 55.03
N VAL I 135 -91.10 51.67 54.65
CA VAL I 135 -89.71 51.24 54.48
C VAL I 135 -88.91 51.75 55.66
N SER I 136 -88.07 50.89 56.24
CA SER I 136 -87.50 51.16 57.55
C SER I 136 -85.97 51.21 57.59
N GLN I 137 -85.27 50.89 56.51
CA GLN I 137 -83.82 50.88 56.59
C GLN I 137 -83.20 50.89 55.19
N ILE I 138 -82.08 51.61 55.07
CA ILE I 138 -81.24 51.61 53.89
C ILE I 138 -79.80 51.45 54.35
N SER I 139 -79.04 50.59 53.66
CA SER I 139 -77.69 50.24 54.07
C SER I 139 -76.72 50.40 52.91
N ASN I 140 -75.50 50.85 53.20
CA ASN I 140 -74.42 50.94 52.23
C ASN I 140 -73.46 49.78 52.44
N GLU I 141 -73.09 49.11 51.35
CA GLU I 141 -72.12 48.03 51.38
C GLU I 141 -71.03 48.29 50.36
N ALA I 142 -69.78 48.03 50.74
CA ALA I 142 -68.62 48.30 49.92
C ALA I 142 -68.04 47.00 49.40
N PHE I 143 -67.73 46.95 48.10
CA PHE I 143 -67.12 45.78 47.48
C PHE I 143 -65.98 46.22 46.56
N GLU I 144 -65.19 45.25 46.12
CA GLU I 144 -63.92 45.56 45.48
C GLU I 144 -64.09 45.98 44.02
N ASN I 145 -65.11 45.46 43.35
CA ASN I 145 -65.43 45.81 41.95
C ASN I 145 -64.40 45.21 40.99
N ASP I 146 -64.80 45.02 39.73
CA ASP I 146 -63.95 44.31 38.78
C ASP I 146 -62.75 45.13 38.33
N ASN I 147 -62.74 46.43 38.61
CA ASN I 147 -61.58 47.26 38.30
C ASN I 147 -60.66 47.45 39.50
N HIS I 148 -60.87 46.67 40.56
CA HIS I 148 -60.10 46.78 41.80
C HIS I 148 -60.22 48.17 42.41
N GLN I 149 -61.41 48.76 42.32
CA GLN I 149 -61.70 50.07 42.89
C GLN I 149 -62.93 49.97 43.78
N PHE I 150 -62.83 50.47 45.00
CA PHE I 150 -63.94 50.40 45.94
C PHE I 150 -65.14 51.19 45.43
N GLU I 151 -66.33 50.68 45.71
CA GLU I 151 -67.56 51.43 45.48
C GLU I 151 -68.66 50.83 46.33
N PHE I 152 -69.80 51.52 46.36
CA PHE I 152 -70.90 51.17 47.25
C PHE I 152 -72.06 50.56 46.48
N HIS I 153 -72.82 49.71 47.16
CA HIS I 153 -74.01 49.06 46.61
C HIS I 153 -75.15 49.19 47.60
N PRO I 154 -75.75 50.37 47.70
CA PRO I 154 -76.86 50.55 48.64
C PRO I 154 -78.09 49.76 48.22
N SER I 155 -78.91 49.39 49.20
CA SER I 155 -80.10 48.60 48.94
C SER I 155 -81.12 48.80 50.05
N PHE I 156 -82.38 48.49 49.75
CA PHE I 156 -83.45 48.53 50.75
C PHE I 156 -84.58 47.64 50.26
N ASP I 157 -85.51 47.34 51.17
CA ASP I 157 -86.60 46.41 50.91
C ASP I 157 -87.92 47.16 50.85
N MET I 158 -88.79 46.75 49.94
CA MET I 158 -90.12 47.31 49.78
C MET I 158 -91.16 46.20 49.85
N VAL I 159 -92.37 46.55 50.28
CA VAL I 159 -93.46 45.60 50.45
C VAL I 159 -94.64 46.05 49.61
N VAL I 160 -95.20 45.12 48.85
CA VAL I 160 -96.34 45.37 47.97
C VAL I 160 -97.45 44.38 48.30
N THR I 161 -98.65 44.90 48.52
CA THR I 161 -99.80 44.09 48.90
C THR I 161 -100.81 44.07 47.77
N TYR I 162 -101.32 42.88 47.45
CA TYR I 162 -102.28 42.71 46.37
C TYR I 162 -103.15 41.49 46.65
N ASN I 163 -104.01 41.16 45.69
CA ASN I 163 -104.98 40.09 45.83
C ASN I 163 -104.74 39.04 44.77
N GLN I 164 -105.02 37.78 45.10
CA GLN I 164 -104.88 36.66 44.18
C GLN I 164 -106.21 35.94 44.06
N TYR I 165 -106.58 35.57 42.84
CA TYR I 165 -107.86 34.96 42.56
C TYR I 165 -107.68 33.62 41.87
N ILE I 166 -108.45 32.62 42.31
CA ILE I 166 -108.60 31.35 41.61
C ILE I 166 -110.08 31.02 41.56
N ARG I 167 -110.46 30.16 40.62
CA ARG I 167 -111.85 29.82 40.40
C ARG I 167 -112.02 28.30 40.31
N LEU I 168 -113.11 27.81 40.89
CA LEU I 168 -113.40 26.38 40.90
C LEU I 168 -114.91 26.18 40.79
N TYR I 169 -115.31 24.93 40.59
CA TYR I 169 -116.71 24.59 40.36
C TYR I 169 -117.26 23.81 41.54
N GLU I 170 -118.58 23.86 41.70
CA GLU I 170 -119.27 23.19 42.80
C GLU I 170 -120.72 22.98 42.42
N ASN I 171 -121.30 21.90 42.94
CA ASN I 171 -122.68 21.56 42.65
C ASN I 171 -123.64 22.54 43.31
N ALA I 172 -124.89 22.52 42.87
CA ALA I 172 -125.91 23.42 43.38
C ALA I 172 -127.18 22.64 43.70
N ALA I 173 -127.87 23.08 44.76
CA ALA I 173 -129.12 22.47 45.20
C ALA I 173 -130.26 23.46 45.03
N TYR I 174 -131.46 22.94 44.75
CA TYR I 174 -132.59 23.78 44.41
C TYR I 174 -133.83 23.52 45.25
N SER I 175 -133.81 22.57 46.17
CA SER I 175 -135.00 22.25 46.96
C SER I 175 -134.57 21.55 48.24
N ALA I 176 -135.52 21.43 49.17
CA ALA I 176 -135.27 20.81 50.45
C ALA I 176 -136.44 19.94 50.85
N ASP I 177 -136.14 18.81 51.49
CA ASP I 177 -137.15 17.89 51.99
C ASP I 177 -136.74 17.44 53.39
N GLY I 178 -137.74 17.05 54.18
CA GLY I 178 -137.48 16.64 55.55
C GLY I 178 -138.49 15.64 56.05
N VAL I 179 -138.18 15.05 57.20
CA VAL I 179 -139.07 14.12 57.88
C VAL I 179 -139.11 14.48 59.36
N LEU I 180 -140.29 14.40 59.96
CA LEU I 180 -140.49 14.70 61.37
C LEU I 180 -140.95 13.46 62.10
N ILE I 181 -140.25 13.11 63.18
CA ILE I 181 -140.58 11.93 63.98
C ILE I 181 -140.60 12.34 65.45
N GLY I 182 -141.31 11.54 66.24
CA GLY I 182 -141.45 11.81 67.66
C GLY I 182 -141.43 10.57 68.53
N MET J 1 -57.41 61.30 81.77
CA MET J 1 -55.98 61.50 81.93
C MET J 1 -55.23 61.06 80.68
N PHE J 2 -55.94 60.31 79.82
CA PHE J 2 -55.40 59.78 78.57
C PHE J 2 -54.41 58.64 78.85
N ASP J 3 -54.01 57.93 77.79
CA ASP J 3 -53.43 56.61 77.96
C ASP J 3 -52.09 56.63 78.70
N GLY J 4 -51.17 57.50 78.28
CA GLY J 4 -49.79 57.36 78.74
C GLY J 4 -49.65 57.40 80.24
N GLU J 5 -50.31 58.37 80.89
CA GLU J 5 -50.27 58.46 82.33
C GLU J 5 -50.89 57.24 82.99
N LEU J 6 -52.04 56.81 82.48
CA LEU J 6 -52.70 55.63 83.03
C LEU J 6 -51.85 54.38 82.87
N ILE J 7 -51.23 54.22 81.69
CA ILE J 7 -50.40 53.05 81.46
C ILE J 7 -49.19 53.04 82.38
N ALA J 8 -48.56 54.21 82.57
CA ALA J 8 -47.42 54.28 83.49
C ALA J 8 -47.81 53.92 84.91
N LYS J 9 -48.93 54.47 85.39
CA LYS J 9 -49.37 54.17 86.74
C LYS J 9 -49.72 52.69 86.89
N LEU J 10 -50.39 52.11 85.90
CA LEU J 10 -50.71 50.70 85.94
C LEU J 10 -49.47 49.83 85.95
N VAL J 11 -48.45 50.22 85.19
CA VAL J 11 -47.20 49.46 85.17
C VAL J 11 -46.54 49.49 86.54
N VAL J 12 -46.51 50.67 87.19
CA VAL J 12 -45.93 50.76 88.52
C VAL J 12 -46.69 49.88 89.50
N GLU J 13 -48.02 49.94 89.45
CA GLU J 13 -48.83 49.13 90.36
C GLU J 13 -48.61 47.64 90.12
N LEU J 14 -48.53 47.22 88.86
CA LEU J 14 -48.28 45.82 88.56
C LEU J 14 -46.91 45.37 89.04
N ASN J 15 -45.92 46.24 88.93
CA ASN J 15 -44.59 45.90 89.45
C ASN J 15 -44.64 45.69 90.96
N ALA J 16 -45.33 46.57 91.67
CA ALA J 16 -45.45 46.40 93.12
C ALA J 16 -46.19 45.11 93.47
N ALA J 17 -47.27 44.82 92.75
CA ALA J 17 -48.02 43.60 93.00
C ALA J 17 -47.18 42.36 92.74
N MET J 18 -46.38 42.38 91.67
CA MET J 18 -45.54 41.24 91.37
C MET J 18 -44.44 41.06 92.40
N THR J 19 -43.89 42.16 92.92
CA THR J 19 -42.92 42.04 94.00
C THR J 19 -43.55 41.39 95.23
N SER J 20 -44.75 41.84 95.60
CA SER J 20 -45.44 41.23 96.74
C SER J 20 -45.69 39.75 96.50
N ALA J 21 -46.12 39.40 95.28
CA ALA J 21 -46.37 38.00 94.96
C ALA J 21 -45.10 37.17 95.02
N GLN J 22 -43.97 37.74 94.59
CA GLN J 22 -42.72 37.01 94.65
C GLN J 22 -42.31 36.72 96.08
N GLU J 23 -42.48 37.70 96.98
CA GLU J 23 -42.23 37.42 98.40
C GLU J 23 -43.22 36.40 98.93
N ALA J 24 -44.45 36.40 98.42
CA ALA J 24 -45.48 35.52 98.98
C ALA J 24 -45.28 34.06 98.57
N LEU J 25 -44.95 33.81 97.31
CA LEU J 25 -44.97 32.46 96.76
C LEU J 25 -43.60 31.91 96.38
N GLN J 26 -42.57 32.76 96.32
CA GLN J 26 -41.19 32.32 96.11
C GLN J 26 -40.98 31.70 94.73
N PHE J 27 -41.38 32.42 93.68
CA PHE J 27 -40.98 32.04 92.34
C PHE J 27 -39.79 32.90 91.88
N PRO J 28 -38.98 32.40 90.94
CA PRO J 28 -37.64 32.99 90.74
C PRO J 28 -37.63 34.48 90.40
N ASP J 29 -38.25 34.88 89.30
CA ASP J 29 -38.17 36.26 88.84
C ASP J 29 -39.36 36.55 87.94
N PHE J 30 -39.65 37.83 87.75
CA PHE J 30 -40.83 38.25 87.03
C PHE J 30 -40.50 39.37 86.07
N GLU J 31 -41.40 39.57 85.11
CA GLU J 31 -41.33 40.66 84.15
C GLU J 31 -42.73 41.20 83.91
N VAL J 32 -42.83 42.50 83.64
CA VAL J 32 -44.09 43.16 83.32
C VAL J 32 -43.94 43.79 81.94
N VAL J 33 -44.71 43.28 80.98
CA VAL J 33 -44.61 43.72 79.59
C VAL J 33 -46.00 43.94 79.02
N GLN J 34 -46.07 44.78 78.00
CA GLN J 34 -47.31 44.98 77.27
C GLN J 34 -47.45 43.93 76.17
N LYS J 35 -48.69 43.52 75.91
CA LYS J 35 -48.90 42.34 75.06
C LYS J 35 -48.57 42.63 73.60
N ALA J 36 -49.07 43.75 73.07
CA ALA J 36 -48.92 44.06 71.65
C ALA J 36 -47.74 44.99 71.47
N GLN J 37 -46.55 44.42 71.31
CA GLN J 37 -45.35 45.21 71.14
C GLN J 37 -45.35 45.85 69.74
N PRO J 38 -44.95 47.12 69.63
CA PRO J 38 -44.90 47.77 68.32
C PRO J 38 -43.68 47.41 67.49
N THR J 39 -42.81 46.54 67.98
CA THR J 39 -41.63 46.11 67.25
C THR J 39 -41.48 44.61 67.41
N GLN J 40 -40.90 43.97 66.41
CA GLN J 40 -40.71 42.52 66.40
C GLN J 40 -39.83 42.12 67.58
N GLN J 41 -40.43 41.50 68.60
CA GLN J 41 -39.70 41.09 69.79
C GLN J 41 -40.07 39.66 70.15
N GLY J 42 -39.25 39.06 71.01
CA GLY J 42 -39.50 37.69 71.43
C GLY J 42 -39.92 37.58 72.89
N THR J 43 -40.65 36.52 73.20
CA THR J 43 -41.14 36.30 74.55
C THR J 43 -39.97 35.97 75.48
N SER J 44 -40.22 36.10 76.78
CA SER J 44 -39.22 35.83 77.80
C SER J 44 -39.61 34.57 78.57
N THR J 45 -38.59 33.78 78.95
CA THR J 45 -38.86 32.52 79.63
C THR J 45 -39.22 32.72 81.09
N ARG J 46 -38.92 33.90 81.64
CA ARG J 46 -39.22 34.17 83.04
C ARG J 46 -40.74 34.21 83.25
N PRO J 47 -41.21 33.89 84.46
CA PRO J 47 -42.62 34.11 84.76
C PRO J 47 -43.03 35.54 84.46
N THR J 48 -44.04 35.69 83.61
CA THR J 48 -44.35 36.98 83.02
C THR J 48 -45.81 37.33 83.24
N ILE J 49 -46.08 38.62 83.31
CA ILE J 49 -47.44 39.15 83.38
C ILE J 49 -47.65 40.05 82.17
N PHE J 50 -48.84 39.97 81.59
CA PHE J 50 -49.16 40.71 80.38
C PHE J 50 -50.41 41.55 80.63
N PHE J 51 -50.48 42.70 79.96
CA PHE J 51 -51.68 43.52 80.02
C PHE J 51 -51.94 44.17 78.68
N GLN J 52 -53.20 44.52 78.45
CA GLN J 52 -53.64 45.12 77.20
C GLN J 52 -54.93 45.89 77.49
N LYS J 53 -55.23 46.86 76.65
CA LYS J 53 -56.46 47.63 76.76
C LYS J 53 -57.39 47.26 75.61
N LEU J 54 -58.66 47.03 75.95
CA LEU J 54 -59.66 46.57 74.98
C LEU J 54 -61.00 47.24 75.26
N PHE J 55 -61.43 48.09 74.32
CA PHE J 55 -62.65 48.88 74.29
C PHE J 55 -62.79 49.82 75.49
N ASP J 56 -63.80 50.69 75.43
CA ASP J 56 -63.94 51.81 76.36
C ASP J 56 -65.41 52.25 76.35
N ILE J 57 -65.85 52.84 77.45
CA ILE J 57 -67.25 53.22 77.66
C ILE J 57 -67.29 54.61 78.26
N PRO J 58 -68.13 55.52 77.74
CA PRO J 58 -68.13 56.91 78.28
C PRO J 58 -68.86 57.08 79.59
N ARG J 59 -69.89 56.28 79.87
CA ARG J 59 -70.56 56.26 81.17
C ARG J 59 -71.12 57.63 81.60
N GLY J 60 -72.11 58.13 80.89
CA GLY J 60 -72.83 59.27 81.40
C GLY J 60 -72.73 60.48 80.48
N TRP J 61 -73.68 61.39 80.61
CA TRP J 61 -73.66 62.62 79.85
C TRP J 61 -72.49 63.50 80.32
N PRO J 62 -71.89 64.25 79.41
CA PRO J 62 -70.78 65.14 79.83
C PRO J 62 -71.28 66.25 80.74
N ALA J 63 -70.39 66.68 81.65
CA ALA J 63 -70.68 67.75 82.58
C ALA J 63 -69.77 68.94 82.29
N THR J 64 -70.36 70.10 82.08
CA THR J 64 -69.61 71.31 81.76
C THR J 64 -69.69 72.31 82.91
N ASP J 65 -68.54 72.91 83.24
CA ASP J 65 -68.48 74.00 84.19
C ASP J 65 -67.68 75.14 83.57
N TRP J 66 -67.99 76.36 83.98
CA TRP J 66 -67.46 77.55 83.33
C TRP J 66 -66.49 78.27 84.26
N HIS J 67 -65.33 78.64 83.73
CA HIS J 67 -64.33 79.41 84.46
C HIS J 67 -64.03 80.67 83.66
N LEU J 68 -64.05 81.82 84.33
CA LEU J 68 -63.98 83.11 83.67
C LEU J 68 -62.56 83.67 83.74
N ASP J 69 -62.07 84.15 82.59
CA ASP J 69 -60.79 84.85 82.50
C ASP J 69 -61.08 86.33 82.39
N ASN J 70 -60.76 87.08 83.45
CA ASN J 70 -61.11 88.50 83.50
C ASN J 70 -60.30 89.32 82.51
N THR J 71 -59.00 89.00 82.38
CA THR J 71 -58.13 89.83 81.56
C THR J 71 -58.55 89.82 80.10
N ALA J 72 -58.88 88.66 79.55
CA ALA J 72 -59.28 88.54 78.16
C ALA J 72 -60.79 88.59 77.97
N ARG J 73 -61.56 88.63 79.05
CA ARG J 73 -63.02 88.70 78.99
C ARG J 73 -63.61 87.52 78.23
N LYS J 74 -63.19 86.31 78.61
CA LYS J 74 -63.67 85.08 77.99
C LYS J 74 -64.01 84.06 79.06
N TYR J 75 -64.95 83.18 78.73
CA TYR J 75 -65.25 82.00 79.52
C TYR J 75 -64.43 80.83 79.00
N VAL J 76 -63.80 80.10 79.90
CA VAL J 76 -63.12 78.86 79.57
C VAL J 76 -64.02 77.71 79.96
N GLU J 77 -64.55 76.99 78.98
CA GLU J 77 -65.51 75.92 79.22
C GLU J 77 -64.75 74.61 79.38
N ILE J 78 -64.87 74.00 80.56
CA ILE J 78 -64.24 72.72 80.85
C ILE J 78 -65.32 71.65 80.85
N THR J 79 -65.11 70.58 80.10
CA THR J 79 -66.05 69.47 80.01
C THR J 79 -65.38 68.22 80.55
N ARG J 80 -66.03 67.55 81.49
CA ARG J 80 -65.50 66.38 82.15
C ARG J 80 -66.35 65.17 81.82
N GLN J 81 -65.72 64.06 81.46
CA GLN J 81 -66.40 62.81 81.15
C GLN J 81 -65.80 61.71 82.01
N HIS J 82 -66.67 60.93 82.66
CA HIS J 82 -66.24 59.89 83.59
C HIS J 82 -66.17 58.58 82.83
N VAL J 83 -64.96 58.16 82.48
CA VAL J 83 -64.75 57.08 81.53
C VAL J 83 -64.42 55.78 82.27
N GLU J 84 -64.81 54.66 81.68
CA GLU J 84 -64.44 53.33 82.17
C GLU J 84 -63.64 52.62 81.08
N THR J 85 -62.53 52.00 81.47
CA THR J 85 -61.70 51.23 80.55
C THR J 85 -61.49 49.83 81.10
N THR J 86 -61.51 48.84 80.21
CA THR J 86 -61.30 47.45 80.59
C THR J 86 -59.93 46.99 80.10
N PHE J 87 -59.13 46.49 81.03
CA PHE J 87 -57.81 45.94 80.73
C PHE J 87 -57.84 44.42 80.88
N GLN J 88 -57.20 43.73 79.95
CA GLN J 88 -57.04 42.29 80.02
C GLN J 88 -55.67 41.96 80.59
N ILE J 89 -55.63 41.16 81.64
CA ILE J 89 -54.39 40.79 82.32
C ILE J 89 -54.25 39.28 82.25
N SER J 90 -53.08 38.82 81.82
CA SER J 90 -52.81 37.40 81.68
C SER J 90 -51.36 37.13 82.06
N SER J 91 -51.09 35.88 82.44
CA SER J 91 -49.77 35.47 82.89
C SER J 91 -49.31 34.24 82.11
N LEU J 92 -48.04 33.90 82.28
CA LEU J 92 -47.44 32.77 81.59
C LEU J 92 -46.35 32.17 82.46
N HIS J 93 -46.33 30.84 82.54
CA HIS J 93 -45.33 30.12 83.32
C HIS J 93 -45.34 28.66 82.89
N TRP J 94 -44.15 28.08 82.77
CA TRP J 94 -44.02 26.68 82.35
C TRP J 94 -43.70 25.82 83.56
N GLN J 95 -44.36 24.67 83.64
CA GLN J 95 -44.30 23.81 84.82
C GLN J 95 -43.25 22.72 84.59
N ASN J 96 -42.15 22.81 85.32
CA ASN J 96 -41.15 21.75 85.26
C ASN J 96 -41.60 20.57 86.12
N PRO J 97 -41.83 19.40 85.53
CA PRO J 97 -42.50 18.31 86.26
C PRO J 97 -41.63 17.59 87.27
N GLU J 98 -40.34 17.91 87.39
CA GLU J 98 -39.47 17.28 88.37
C GLU J 98 -39.00 18.24 89.46
N ILE J 99 -39.76 19.28 89.76
CA ILE J 99 -39.49 20.17 90.88
C ILE J 99 -40.57 19.95 91.93
N THR J 100 -40.14 19.63 93.16
CA THR J 100 -41.10 19.31 94.20
C THR J 100 -41.89 20.54 94.64
N HIS J 101 -41.27 21.72 94.60
CA HIS J 101 -41.99 22.94 94.92
C HIS J 101 -42.76 23.42 93.70
N VAL J 102 -44.08 23.48 93.83
CA VAL J 102 -44.97 23.71 92.69
C VAL J 102 -45.66 25.05 92.87
N VAL J 103 -45.61 25.88 91.82
CA VAL J 103 -46.39 27.10 91.73
C VAL J 103 -46.98 27.15 90.32
N THR J 104 -48.28 27.45 90.24
CA THR J 104 -48.97 27.43 88.97
C THR J 104 -49.12 28.86 88.42
N ALA J 105 -49.26 28.95 87.09
CA ALA J 105 -49.56 30.23 86.48
C ALA J 105 -50.91 30.75 86.97
N SER J 106 -51.87 29.85 87.17
CA SER J 106 -53.16 30.26 87.73
C SER J 106 -52.98 30.82 89.14
N ASP J 107 -52.01 30.30 89.90
CA ASP J 107 -51.74 30.86 91.22
C ASP J 107 -51.25 32.30 91.12
N ILE J 108 -50.36 32.57 90.17
CA ILE J 108 -49.86 33.93 89.99
C ILE J 108 -50.98 34.86 89.57
N ALA J 109 -51.81 34.42 88.62
CA ALA J 109 -52.93 35.25 88.18
C ALA J 109 -53.91 35.51 89.32
N ASN J 110 -54.21 34.48 90.12
CA ASN J 110 -55.12 34.66 91.24
C ASN J 110 -54.56 35.61 92.28
N TYR J 111 -53.25 35.51 92.57
CA TYR J 111 -52.67 36.41 93.55
C TYR J 111 -52.69 37.85 93.05
N VAL J 112 -52.38 38.06 91.77
CA VAL J 112 -52.42 39.42 91.23
C VAL J 112 -53.86 39.95 91.25
N ARG J 113 -54.83 39.10 90.96
CA ARG J 113 -56.22 39.53 91.04
C ARG J 113 -56.62 39.90 92.46
N ALA J 114 -56.20 39.09 93.44
CA ALA J 114 -56.58 39.33 94.82
C ALA J 114 -55.91 40.58 95.38
N TYR J 115 -54.69 40.86 94.93
CA TYR J 115 -53.99 42.05 95.39
C TYR J 115 -54.75 43.31 95.00
N PHE J 116 -55.28 43.35 93.77
CA PHE J 116 -55.93 44.56 93.28
C PHE J 116 -57.32 44.73 93.87
N GLN J 117 -57.88 43.67 94.45
CA GLN J 117 -59.21 43.74 95.06
C GLN J 117 -59.15 44.06 96.55
N ALA J 118 -57.97 44.11 97.14
CA ALA J 118 -57.86 44.44 98.56
C ALA J 118 -58.21 45.90 98.80
N ARG J 119 -58.65 46.20 100.02
CA ARG J 119 -59.09 47.55 100.33
C ARG J 119 -57.91 48.49 100.51
N SER J 120 -56.78 47.98 101.00
CA SER J 120 -55.60 48.83 101.18
C SER J 120 -55.08 49.35 99.85
N THR J 121 -55.04 48.49 98.83
CA THR J 121 -54.57 48.93 97.53
C THR J 121 -55.53 49.92 96.90
N ILE J 122 -56.83 49.74 97.11
CA ILE J 122 -57.81 50.70 96.61
C ILE J 122 -57.61 52.05 97.29
N GLU J 123 -57.39 52.04 98.61
CA GLU J 123 -57.13 53.29 99.32
C GLU J 123 -55.88 53.97 98.80
N ARG J 124 -54.83 53.18 98.49
CA ARG J 124 -53.60 53.78 98.00
C ARG J 124 -53.77 54.34 96.58
N VAL J 125 -54.50 53.64 95.72
CA VAL J 125 -54.65 54.11 94.35
C VAL J 125 -55.71 55.21 94.25
N LYS J 126 -56.47 55.45 95.31
CA LYS J 126 -57.42 56.57 95.29
C LYS J 126 -56.71 57.89 95.03
N GLU J 127 -55.57 58.10 95.68
CA GLU J 127 -54.82 59.34 95.45
C GLU J 127 -54.11 59.35 94.10
N LEU J 128 -54.11 58.24 93.37
CA LEU J 128 -53.63 58.20 92.01
C LEU J 128 -54.72 58.50 90.99
N ASP J 129 -55.90 58.90 91.46
CA ASP J 129 -57.02 59.40 90.65
C ASP J 129 -57.69 58.34 89.79
N PHE J 130 -57.81 57.11 90.27
CA PHE J 130 -58.62 56.10 89.60
C PHE J 130 -58.98 55.02 90.60
N LEU J 131 -60.13 54.38 90.38
CA LEU J 131 -60.62 53.30 91.22
C LEU J 131 -60.88 52.08 90.36
N ILE J 132 -61.16 50.96 91.02
CA ILE J 132 -61.30 49.66 90.37
C ILE J 132 -62.64 49.06 90.76
N LEU J 133 -63.33 48.46 89.79
CA LEU J 133 -64.56 47.75 90.06
C LEU J 133 -64.26 46.28 90.36
N ARG J 134 -65.32 45.46 90.40
CA ARG J 134 -65.17 44.07 90.80
C ARG J 134 -64.78 43.19 89.61
N VAL J 135 -64.03 42.13 89.89
CA VAL J 135 -63.59 41.15 88.91
C VAL J 135 -64.35 39.86 89.18
N SER J 136 -64.90 39.25 88.11
CA SER J 136 -65.87 38.19 88.28
C SER J 136 -65.49 36.85 87.66
N GLN J 137 -64.36 36.75 86.95
CA GLN J 137 -64.03 35.48 86.32
C GLN J 137 -62.55 35.42 85.96
N ILE J 138 -61.94 34.26 86.22
CA ILE J 138 -60.59 33.93 85.77
C ILE J 138 -60.66 32.57 85.09
N SER J 139 -60.10 32.47 83.89
CA SER J 139 -60.24 31.29 83.06
C SER J 139 -58.87 30.74 82.67
N ASN J 140 -58.75 29.42 82.62
CA ASN J 140 -57.54 28.73 82.18
C ASN J 140 -57.74 28.26 80.75
N GLU J 141 -56.81 28.64 79.86
CA GLU J 141 -56.81 28.17 78.49
C GLU J 141 -55.49 27.50 78.19
N ALA J 142 -55.56 26.37 77.49
CA ALA J 142 -54.39 25.54 77.21
C ALA J 142 -54.07 25.56 75.73
N PHE J 143 -52.80 25.84 75.42
CA PHE J 143 -52.30 25.81 74.05
C PHE J 143 -51.06 24.94 74.00
N GLU J 144 -50.52 24.76 72.79
CA GLU J 144 -49.46 23.79 72.57
C GLU J 144 -48.07 24.40 72.51
N ASN J 145 -47.91 25.68 72.86
CA ASN J 145 -46.59 26.29 73.01
C ASN J 145 -45.79 26.27 71.71
N ASP J 146 -44.51 26.66 71.78
CA ASP J 146 -43.63 26.64 70.62
C ASP J 146 -42.66 25.47 70.62
N ASN J 147 -42.33 24.91 71.78
CA ASN J 147 -41.53 23.70 71.88
C ASN J 147 -42.43 22.47 71.90
N HIS J 148 -43.59 22.56 71.25
CA HIS J 148 -44.69 21.61 71.45
C HIS J 148 -45.00 21.60 72.94
N GLN J 149 -45.27 20.43 73.52
CA GLN J 149 -45.64 20.35 74.93
C GLN J 149 -46.96 21.08 75.16
N PHE J 150 -47.38 21.22 76.41
CA PHE J 150 -48.63 21.89 76.72
C PHE J 150 -48.38 22.94 77.80
N GLU J 151 -49.19 23.99 77.76
CA GLU J 151 -49.00 25.12 78.67
C GLU J 151 -50.33 25.84 78.83
N PHE J 152 -50.48 26.54 79.95
CA PHE J 152 -51.70 27.25 80.28
C PHE J 152 -51.47 28.74 80.16
N HIS J 153 -52.54 29.47 79.79
CA HIS J 153 -52.51 30.93 79.65
C HIS J 153 -53.72 31.52 80.38
N PRO J 154 -53.70 31.57 81.70
CA PRO J 154 -54.84 32.14 82.43
C PRO J 154 -54.98 33.63 82.16
N SER J 155 -56.23 34.10 82.24
CA SER J 155 -56.52 35.49 81.93
C SER J 155 -57.74 35.95 82.71
N PHE J 156 -57.86 37.26 82.87
CA PHE J 156 -59.03 37.87 83.49
C PHE J 156 -59.07 39.35 83.11
N ASP J 157 -60.23 39.97 83.35
CA ASP J 157 -60.48 41.34 82.93
C ASP J 157 -60.60 42.25 84.14
N MET J 158 -60.14 43.49 84.00
CA MET J 158 -60.19 44.49 85.06
C MET J 158 -60.77 45.78 84.50
N VAL J 159 -61.51 46.49 85.34
CA VAL J 159 -62.16 47.75 84.96
C VAL J 159 -61.59 48.88 85.79
N VAL J 160 -61.18 49.95 85.12
CA VAL J 160 -60.59 51.12 85.77
C VAL J 160 -61.37 52.35 85.34
N THR J 161 -61.79 53.16 86.31
CA THR J 161 -62.60 54.35 86.07
C THR J 161 -61.80 55.59 86.39
N TYR J 162 -61.90 56.61 85.52
CA TYR J 162 -61.19 57.86 85.71
C TYR J 162 -61.95 58.97 84.99
N ASN J 163 -61.38 60.17 85.03
CA ASN J 163 -62.00 61.36 84.46
C ASN J 163 -61.20 61.87 83.28
N GLN J 164 -61.88 62.38 82.27
CA GLN J 164 -61.24 62.95 81.08
C GLN J 164 -61.63 64.41 80.97
N TYR J 165 -60.65 65.26 80.67
CA TYR J 165 -60.85 66.71 80.65
C TYR J 165 -60.53 67.27 79.28
N ILE J 166 -61.39 68.17 78.81
CA ILE J 166 -61.17 68.93 77.58
C ILE J 166 -61.44 70.39 77.89
N ARG J 167 -60.82 71.28 77.11
CA ARG J 167 -60.86 72.71 77.38
C ARG J 167 -61.23 73.46 76.11
N LEU J 168 -62.10 74.46 76.24
CA LEU J 168 -62.59 75.22 75.10
C LEU J 168 -62.85 76.66 75.52
N TYR J 169 -63.19 77.49 74.53
CA TYR J 169 -63.36 78.93 74.73
C TYR J 169 -64.78 79.34 74.37
N GLU J 170 -65.27 80.40 75.02
CA GLU J 170 -66.61 80.90 74.80
C GLU J 170 -66.68 82.37 75.19
N ASN J 171 -67.57 83.11 74.53
CA ASN J 171 -67.71 84.54 74.79
C ASN J 171 -68.42 84.78 76.12
N ALA J 172 -68.38 86.02 76.58
CA ALA J 172 -68.98 86.42 77.84
C ALA J 172 -69.80 87.70 77.66
N ALA J 173 -70.86 87.82 78.46
CA ALA J 173 -71.73 88.99 78.43
C ALA J 173 -71.68 89.67 79.79
N TYR J 174 -71.84 91.00 79.80
CA TYR J 174 -71.65 91.79 81.00
C TYR J 174 -72.84 92.68 81.37
N SER J 175 -73.89 92.72 80.55
CA SER J 175 -75.01 93.60 80.83
C SER J 175 -76.25 93.07 80.11
N ALA J 176 -77.41 93.60 80.51
CA ALA J 176 -78.68 93.19 79.93
C ALA J 176 -79.61 94.39 79.83
N ASP J 177 -80.51 94.34 78.86
CA ASP J 177 -81.52 95.36 78.65
C ASP J 177 -82.71 94.76 77.93
N GLY J 178 -83.86 95.43 78.02
CA GLY J 178 -85.07 94.91 77.42
C GLY J 178 -86.07 96.00 77.10
N VAL J 179 -87.20 95.58 76.55
CA VAL J 179 -88.30 96.47 76.20
C VAL J 179 -89.60 95.86 76.70
N LEU J 180 -90.50 96.70 77.19
CA LEU J 180 -91.80 96.26 77.69
C LEU J 180 -92.88 96.79 76.76
N ILE J 181 -93.74 95.88 76.30
CA ILE J 181 -94.80 96.21 75.35
C ILE J 181 -96.13 95.77 75.93
N GLY J 182 -97.14 96.63 75.78
CA GLY J 182 -98.47 96.33 76.29
C GLY J 182 -99.55 96.40 75.24
N MET K 1 -81.23 68.16 52.06
CA MET K 1 -79.83 67.87 52.27
C MET K 1 -79.50 66.42 51.94
N PHE K 2 -78.70 66.22 50.90
CA PHE K 2 -78.27 64.89 50.52
C PHE K 2 -76.82 64.66 50.96
N ASP K 3 -76.24 63.54 50.53
CA ASP K 3 -75.01 63.05 51.14
C ASP K 3 -73.83 64.01 50.92
N GLY K 4 -73.69 64.54 49.70
CA GLY K 4 -72.49 65.29 49.37
C GLY K 4 -72.26 66.50 50.26
N GLU K 5 -73.31 67.31 50.45
CA GLU K 5 -73.19 68.48 51.31
C GLU K 5 -72.89 68.07 52.74
N LEU K 6 -73.54 67.01 53.22
CA LEU K 6 -73.25 66.49 54.55
C LEU K 6 -71.80 66.05 54.67
N ILE K 7 -71.26 65.40 53.64
CA ILE K 7 -69.87 64.96 53.68
C ILE K 7 -68.94 66.16 53.75
N ALA K 8 -69.22 67.21 52.96
CA ALA K 8 -68.36 68.39 53.00
C ALA K 8 -68.38 69.05 54.38
N LYS K 9 -69.57 69.19 54.96
CA LYS K 9 -69.67 69.79 56.28
C LYS K 9 -68.96 68.95 57.33
N LEU K 10 -69.12 67.64 57.27
CA LEU K 10 -68.43 66.75 58.19
C LEU K 10 -66.92 66.87 58.03
N VAL K 11 -66.44 67.02 56.80
CA VAL K 11 -65.01 67.15 56.55
C VAL K 11 -64.46 68.41 57.20
N VAL K 12 -65.14 69.55 57.01
CA VAL K 12 -64.62 70.78 57.59
C VAL K 12 -64.68 70.73 59.11
N GLU K 13 -65.74 70.13 59.67
CA GLU K 13 -65.81 69.99 61.11
C GLU K 13 -64.70 69.10 61.65
N LEU K 14 -64.40 68.01 60.95
CA LEU K 14 -63.33 67.12 61.37
C LEU K 14 -61.97 67.81 61.28
N ASN K 15 -61.77 68.65 60.27
CA ASN K 15 -60.53 69.42 60.18
C ASN K 15 -60.38 70.35 61.37
N ALA K 16 -61.46 71.05 61.74
CA ALA K 16 -61.39 71.92 62.90
C ALA K 16 -61.09 71.14 64.18
N ALA K 17 -61.75 69.99 64.35
CA ALA K 17 -61.50 69.15 65.52
C ALA K 17 -60.06 68.67 65.57
N MET K 18 -59.50 68.30 64.41
CA MET K 18 -58.13 67.83 64.37
C MET K 18 -57.15 68.94 64.68
N THR K 19 -57.42 70.16 64.21
CA THR K 19 -56.55 71.28 64.59
C THR K 19 -56.58 71.50 66.10
N SER K 20 -57.78 71.45 66.70
CA SER K 20 -57.88 71.61 68.15
C SER K 20 -57.09 70.51 68.86
N ALA K 21 -57.22 69.27 68.40
CA ALA K 21 -56.51 68.16 69.04
C ALA K 21 -55.01 68.32 68.89
N GLN K 22 -54.54 68.79 67.73
CA GLN K 22 -53.11 68.98 67.55
C GLN K 22 -52.56 70.04 68.49
N GLU K 23 -53.28 71.16 68.64
CA GLU K 23 -52.86 72.15 69.62
C GLU K 23 -52.91 71.59 71.04
N ALA K 24 -53.82 70.65 71.28
CA ALA K 24 -53.96 70.11 72.63
C ALA K 24 -52.83 69.15 73.00
N LEU K 25 -52.44 68.27 72.07
CA LEU K 25 -51.57 67.14 72.40
C LEU K 25 -50.27 67.10 71.61
N GLN K 26 -49.99 68.09 70.76
CA GLN K 26 -48.72 68.18 70.02
C GLN K 26 -48.47 66.97 69.13
N PHE K 27 -49.34 66.78 68.15
CA PHE K 27 -49.06 65.80 67.10
C PHE K 27 -48.00 66.34 66.15
N PRO K 28 -47.33 65.46 65.40
CA PRO K 28 -46.49 65.96 64.30
C PRO K 28 -47.29 66.67 63.22
N ASP K 29 -48.31 66.00 62.67
CA ASP K 29 -49.21 66.55 61.67
C ASP K 29 -50.38 65.59 61.54
N PHE K 30 -51.45 66.04 60.89
CA PHE K 30 -52.65 65.24 60.78
C PHE K 30 -53.16 65.25 59.35
N GLU K 31 -54.18 64.43 59.11
CA GLU K 31 -54.78 64.29 57.79
C GLU K 31 -56.18 63.69 57.94
N VAL K 32 -57.11 64.16 57.13
CA VAL K 32 -58.49 63.67 57.14
C VAL K 32 -58.79 63.07 55.77
N VAL K 33 -59.12 61.79 55.74
CA VAL K 33 -59.37 61.07 54.50
C VAL K 33 -60.58 60.17 54.66
N GLN K 34 -61.25 59.88 53.55
CA GLN K 34 -62.35 58.93 53.55
C GLN K 34 -61.83 57.53 53.25
N LYS K 35 -62.50 56.51 53.81
CA LYS K 35 -61.95 55.16 53.76
C LYS K 35 -62.02 54.58 52.35
N ALA K 36 -63.22 54.44 51.79
CA ALA K 36 -63.41 53.75 50.52
C ALA K 36 -63.04 54.70 49.38
N GLN K 37 -61.75 54.76 49.09
CA GLN K 37 -61.26 55.58 47.98
C GLN K 37 -61.72 54.98 46.66
N PRO K 38 -62.35 55.76 45.78
CA PRO K 38 -62.70 55.19 44.47
C PRO K 38 -61.47 54.83 43.64
N THR K 39 -60.58 55.79 43.39
CA THR K 39 -59.34 55.51 42.70
C THR K 39 -58.36 54.83 43.67
N GLN K 40 -57.49 53.99 43.11
CA GLN K 40 -56.48 53.32 43.91
C GLN K 40 -55.58 54.34 44.60
N GLN K 41 -55.31 54.10 45.89
CA GLN K 41 -54.46 54.98 46.68
C GLN K 41 -53.65 54.11 47.62
N GLY K 42 -52.78 54.74 48.41
CA GLY K 42 -51.81 53.99 49.17
C GLY K 42 -51.66 54.29 50.65
N THR K 43 -52.51 55.15 51.21
CA THR K 43 -52.49 55.53 52.62
C THR K 43 -51.23 56.31 52.97
N SER K 44 -51.24 56.99 54.12
CA SER K 44 -50.15 57.87 54.50
C SER K 44 -49.64 57.51 55.89
N THR K 45 -48.34 57.76 56.11
CA THR K 45 -47.70 57.48 57.40
C THR K 45 -47.74 58.73 58.28
N ARG K 46 -48.96 59.14 58.61
CA ARG K 46 -49.18 60.29 59.47
C ARG K 46 -50.34 59.96 60.40
N PRO K 47 -50.46 60.66 61.52
CA PRO K 47 -51.69 60.57 62.31
C PRO K 47 -52.88 60.98 61.46
N THR K 48 -53.74 60.03 61.14
CA THR K 48 -54.85 60.27 60.24
C THR K 48 -56.16 59.87 60.90
N ILE K 49 -57.24 60.46 60.41
CA ILE K 49 -58.59 60.14 60.85
C ILE K 49 -59.38 59.66 59.65
N PHE K 50 -60.22 58.65 59.86
CA PHE K 50 -61.00 58.04 58.79
C PHE K 50 -62.47 58.15 59.13
N PHE K 51 -63.30 58.26 58.10
CA PHE K 51 -64.75 58.21 58.28
C PHE K 51 -65.39 57.47 57.12
N GLN K 52 -66.55 56.89 57.39
CA GLN K 52 -67.30 56.13 56.42
C GLN K 52 -68.78 56.23 56.77
N LYS K 53 -69.63 55.99 55.77
CA LYS K 53 -71.07 56.08 55.95
C LYS K 53 -71.68 54.69 55.84
N LEU K 54 -72.55 54.34 56.79
CA LEU K 54 -73.17 53.04 56.85
C LEU K 54 -74.50 53.13 57.58
N PHE K 55 -75.50 52.40 57.09
CA PHE K 55 -76.85 52.36 57.63
C PHE K 55 -77.58 53.68 57.45
N ASP K 56 -78.92 53.62 57.43
CA ASP K 56 -79.76 54.80 57.26
C ASP K 56 -81.19 54.51 57.69
N ILE K 57 -81.67 55.22 58.71
CA ILE K 57 -83.01 54.95 59.24
C ILE K 57 -83.93 56.13 58.94
N PRO K 58 -85.14 55.89 58.41
CA PRO K 58 -86.01 57.02 58.07
C PRO K 58 -86.65 57.72 59.26
N ARG K 59 -86.89 57.01 60.36
CA ARG K 59 -87.32 57.63 61.62
C ARG K 59 -88.59 58.46 61.49
N GLY K 60 -89.71 57.80 61.22
CA GLY K 60 -90.99 58.51 61.29
C GLY K 60 -91.70 58.58 59.96
N TRP K 61 -93.02 58.72 60.04
CA TRP K 61 -93.83 58.87 58.83
C TRP K 61 -93.50 60.20 58.15
N PRO K 62 -93.55 60.25 56.83
CA PRO K 62 -93.26 61.50 56.13
C PRO K 62 -94.32 62.56 56.41
N ALA K 63 -93.90 63.81 56.38
CA ALA K 63 -94.78 64.95 56.61
C ALA K 63 -94.88 65.78 55.34
N THR K 64 -96.11 66.07 54.92
CA THR K 64 -96.37 66.80 53.69
C THR K 64 -97.00 68.16 54.00
N ASP K 65 -96.57 69.17 53.29
CA ASP K 65 -97.21 70.49 53.30
C ASP K 65 -97.35 70.99 51.88
N TRP K 66 -98.31 71.88 51.66
CA TRP K 66 -98.70 72.31 50.32
C TRP K 66 -98.40 73.79 50.14
N HIS K 67 -97.77 74.12 49.02
CA HIS K 67 -97.52 75.50 48.63
C HIS K 67 -98.14 75.75 47.27
N LEU K 68 -98.89 76.83 47.16
CA LEU K 68 -99.72 77.09 45.99
C LEU K 68 -99.04 78.03 45.02
N ASP K 69 -99.06 77.67 43.74
CA ASP K 69 -98.58 78.53 42.66
C ASP K 69 -99.79 79.14 41.97
N ASN K 70 -99.98 80.44 42.17
CA ASN K 70 -101.17 81.11 41.64
C ASN K 70 -101.10 81.23 40.12
N THR K 71 -99.93 81.50 39.57
CA THR K 71 -99.82 81.74 38.14
C THR K 71 -100.19 80.50 37.34
N ALA K 72 -99.73 79.32 37.77
CA ALA K 72 -100.00 78.09 37.06
C ALA K 72 -101.16 77.29 37.63
N ARG K 73 -101.78 77.76 38.72
CA ARG K 73 -102.90 77.09 39.36
C ARG K 73 -102.55 75.65 39.73
N LYS K 74 -101.45 75.49 40.46
CA LYS K 74 -100.96 74.19 40.87
C LYS K 74 -100.54 74.23 42.33
N TYR K 75 -100.68 73.09 43.00
CA TYR K 75 -100.10 72.87 44.32
C TYR K 75 -98.75 72.19 44.16
N VAL K 76 -97.75 72.71 44.85
CA VAL K 76 -96.44 72.09 44.94
C VAL K 76 -96.36 71.37 46.28
N GLU K 77 -96.36 70.05 46.24
CA GLU K 77 -96.34 69.24 47.45
C GLU K 77 -94.90 69.00 47.88
N ILE K 78 -94.55 69.47 49.07
CA ILE K 78 -93.22 69.25 49.63
C ILE K 78 -93.34 68.21 50.73
N THR K 79 -92.51 67.17 50.66
CA THR K 79 -92.49 66.10 51.64
C THR K 79 -91.15 66.10 52.35
N ARG K 80 -91.19 66.09 53.67
CA ARG K 80 -89.98 66.15 54.49
C ARG K 80 -89.87 64.89 55.34
N GLN K 81 -88.69 64.29 55.35
CA GLN K 81 -88.41 63.11 56.15
C GLN K 81 -87.21 63.38 57.04
N HIS K 82 -87.34 63.06 58.32
CA HIS K 82 -86.29 63.33 59.30
C HIS K 82 -85.37 62.11 59.38
N VAL K 83 -84.18 62.23 58.82
CA VAL K 83 -83.32 61.08 58.59
C VAL K 83 -82.26 60.99 59.67
N GLU K 84 -81.82 59.75 59.95
CA GLU K 84 -80.75 59.46 60.92
C GLU K 84 -79.65 58.68 60.19
N THR K 85 -78.51 59.34 59.99
CA THR K 85 -77.37 58.69 59.34
C THR K 85 -76.29 58.34 60.35
N THR K 86 -75.67 57.18 60.17
CA THR K 86 -74.64 56.68 61.06
C THR K 86 -73.29 56.71 60.35
N PHE K 87 -72.31 57.35 60.98
CA PHE K 87 -70.95 57.41 60.48
C PHE K 87 -70.01 56.67 61.42
N GLN K 88 -69.06 55.95 60.85
CA GLN K 88 -68.02 55.26 61.62
C GLN K 88 -66.71 56.01 61.46
N ILE K 89 -66.08 56.35 62.58
CA ILE K 89 -64.85 57.13 62.60
C ILE K 89 -63.76 56.31 63.26
N SER K 90 -62.61 56.23 62.59
CA SER K 90 -61.48 55.46 63.09
C SER K 90 -60.20 56.25 62.80
N SER K 91 -59.14 55.89 63.54
CA SER K 91 -57.88 56.61 63.45
C SER K 91 -56.71 55.63 63.43
N LEU K 92 -55.58 56.10 62.92
CA LEU K 92 -54.36 55.31 62.88
C LEU K 92 -53.19 56.15 63.36
N HIS K 93 -52.29 55.53 64.13
CA HIS K 93 -51.07 56.17 64.58
C HIS K 93 -50.14 55.08 65.09
N TRP K 94 -48.87 55.12 64.66
CA TRP K 94 -47.90 54.10 65.02
C TRP K 94 -47.05 54.60 66.19
N GLN K 95 -47.04 53.83 67.27
CA GLN K 95 -46.30 54.21 68.46
C GLN K 95 -44.82 53.89 68.28
N ASN K 96 -43.97 54.88 68.51
CA ASN K 96 -42.53 54.70 68.39
C ASN K 96 -41.95 54.53 69.78
N PRO K 97 -41.40 53.36 70.13
CA PRO K 97 -41.06 53.07 71.53
C PRO K 97 -40.01 53.99 72.13
N GLU K 98 -39.06 54.49 71.34
CA GLU K 98 -37.90 55.14 71.94
C GLU K 98 -38.16 56.60 72.28
N ILE K 99 -39.21 57.20 71.72
CA ILE K 99 -39.52 58.59 72.06
C ILE K 99 -40.18 58.63 73.43
N THR K 100 -39.80 59.64 74.23
CA THR K 100 -40.32 59.74 75.59
C THR K 100 -41.72 60.33 75.63
N HIS K 101 -42.01 61.25 74.71
CA HIS K 101 -43.34 61.86 74.66
C HIS K 101 -44.29 60.91 73.94
N VAL K 102 -45.32 60.45 74.65
CA VAL K 102 -46.19 59.38 74.18
C VAL K 102 -47.59 59.94 73.93
N VAL K 103 -48.14 59.61 72.77
CA VAL K 103 -49.54 59.88 72.45
C VAL K 103 -50.06 58.68 71.66
N THR K 104 -51.19 58.14 72.08
CA THR K 104 -51.72 56.92 71.50
C THR K 104 -52.83 57.24 70.49
N ALA K 105 -53.08 56.30 69.59
CA ALA K 105 -54.19 56.44 68.66
C ALA K 105 -55.52 56.52 69.40
N SER K 106 -55.68 55.72 70.46
CA SER K 106 -56.89 55.78 71.26
C SER K 106 -57.06 57.16 71.90
N ASP K 107 -55.95 57.82 72.24
CA ASP K 107 -56.04 59.18 72.74
C ASP K 107 -56.62 60.12 71.68
N ILE K 108 -56.18 59.98 70.44
CA ILE K 108 -56.70 60.81 69.36
C ILE K 108 -58.18 60.55 69.16
N ALA K 109 -58.59 59.28 69.14
CA ALA K 109 -60.00 58.95 68.97
C ALA K 109 -60.83 59.49 70.13
N ASN K 110 -60.33 59.37 71.35
CA ASN K 110 -61.05 59.88 72.51
C ASN K 110 -61.23 61.38 72.43
N TYR K 111 -60.16 62.11 72.06
CA TYR K 111 -60.29 63.56 71.97
C TYR K 111 -61.25 63.97 70.87
N VAL K 112 -61.20 63.28 69.72
CA VAL K 112 -62.12 63.61 68.63
C VAL K 112 -63.56 63.35 69.06
N ARG K 113 -63.81 62.25 69.76
CA ARG K 113 -65.15 62.00 70.27
C ARG K 113 -65.58 63.07 71.25
N ALA K 114 -64.70 63.45 72.18
CA ALA K 114 -65.06 64.42 73.21
C ALA K 114 -65.35 65.78 72.59
N TYR K 115 -64.64 66.14 71.53
CA TYR K 115 -64.91 67.40 70.86
C TYR K 115 -66.33 67.45 70.30
N PHE K 116 -66.77 66.35 69.70
CA PHE K 116 -68.08 66.35 69.06
C PHE K 116 -69.22 66.25 70.07
N GLN K 117 -68.91 65.88 71.31
CA GLN K 117 -69.93 65.80 72.35
C GLN K 117 -70.03 67.08 73.18
N ALA K 118 -69.12 68.03 72.98
CA ALA K 118 -69.18 69.28 73.71
C ALA K 118 -70.40 70.10 73.30
N ARG K 119 -70.87 70.93 74.22
CA ARG K 119 -72.10 71.68 73.98
C ARG K 119 -71.85 72.86 73.05
N SER K 120 -70.68 73.47 73.13
CA SER K 120 -70.36 74.59 72.25
C SER K 120 -70.30 74.14 70.80
N THR K 121 -69.72 72.96 70.54
CA THR K 121 -69.68 72.46 69.17
C THR K 121 -71.08 72.14 68.66
N ILE K 122 -71.94 71.65 69.54
CA ILE K 122 -73.34 71.40 69.14
C ILE K 122 -74.02 72.71 68.79
N GLU K 123 -73.78 73.76 69.57
CA GLU K 123 -74.36 75.06 69.26
C GLU K 123 -73.84 75.59 67.92
N ARG K 124 -72.56 75.39 67.65
CA ARG K 124 -72.00 75.81 66.37
C ARG K 124 -72.60 75.02 65.21
N VAL K 125 -72.82 73.71 65.40
CA VAL K 125 -73.18 72.88 64.26
C VAL K 125 -74.69 72.93 64.02
N LYS K 126 -75.45 73.43 65.01
CA LYS K 126 -76.89 73.53 64.83
C LYS K 126 -77.24 74.44 63.66
N GLU K 127 -76.53 75.56 63.52
CA GLU K 127 -76.78 76.46 62.40
C GLU K 127 -76.31 75.86 61.08
N LEU K 128 -75.58 74.75 61.11
CA LEU K 128 -75.26 73.98 59.92
C LEU K 128 -76.32 72.94 59.59
N ASP K 129 -77.47 73.00 60.28
CA ASP K 129 -78.68 72.24 59.97
C ASP K 129 -78.58 70.75 60.25
N PHE K 130 -77.85 70.34 61.28
CA PHE K 130 -77.92 68.97 61.78
C PHE K 130 -77.39 68.91 63.19
N LEU K 131 -77.74 67.84 63.89
CA LEU K 131 -77.36 67.64 65.29
C LEU K 131 -76.79 66.24 65.47
N ILE K 132 -76.23 66.00 66.65
CA ILE K 132 -75.49 64.78 66.95
C ILE K 132 -76.13 64.11 68.17
N LEU K 133 -76.20 62.78 68.13
CA LEU K 133 -76.71 62.00 69.25
C LEU K 133 -75.55 61.53 70.12
N ARG K 134 -75.86 60.76 71.15
CA ARG K 134 -74.85 60.33 72.10
C ARG K 134 -74.04 59.15 71.56
N VAL K 135 -72.75 59.13 71.91
CA VAL K 135 -71.83 58.06 71.53
C VAL K 135 -71.63 57.17 72.73
N SER K 136 -71.67 55.85 72.51
CA SER K 136 -71.76 54.90 73.62
C SER K 136 -70.56 53.98 73.77
N GLN K 137 -69.67 53.88 72.79
CA GLN K 137 -68.57 52.94 72.93
C GLN K 137 -67.42 53.31 72.00
N ILE K 138 -66.21 52.96 72.43
CA ILE K 138 -65.00 53.03 71.61
C ILE K 138 -64.24 51.72 71.81
N SER K 139 -63.72 51.16 70.73
CA SER K 139 -63.07 49.85 70.78
C SER K 139 -61.66 49.93 70.19
N ASN K 140 -60.74 49.18 70.81
CA ASN K 140 -59.38 49.04 70.31
C ASN K 140 -59.23 47.67 69.67
N GLU K 141 -58.72 47.64 68.44
CA GLU K 141 -58.46 46.40 67.73
C GLU K 141 -57.01 46.38 67.25
N ALA K 142 -56.38 45.22 67.40
CA ALA K 142 -54.98 45.05 67.05
C ALA K 142 -54.86 44.24 65.77
N PHE K 143 -54.10 44.76 64.80
CA PHE K 143 -53.83 44.07 63.56
C PHE K 143 -52.33 44.07 63.30
N GLU K 144 -51.94 43.49 62.16
CA GLU K 144 -50.55 43.15 61.94
C GLU K 144 -49.78 44.18 61.13
N ASN K 145 -50.44 45.12 60.46
CA ASN K 145 -49.79 46.21 59.74
C ASN K 145 -49.07 45.71 58.49
N ASP K 146 -48.76 46.60 57.54
CA ASP K 146 -48.06 46.18 56.33
C ASP K 146 -46.62 45.81 56.64
N ASN K 147 -45.97 46.55 57.54
CA ASN K 147 -44.81 45.99 58.19
C ASN K 147 -45.27 44.94 59.20
N HIS K 148 -44.38 44.03 59.57
CA HIS K 148 -44.76 42.92 60.42
C HIS K 148 -44.79 43.28 61.89
N GLN K 149 -44.94 44.56 62.22
CA GLN K 149 -45.05 45.00 63.60
C GLN K 149 -46.49 45.35 63.94
N PHE K 150 -46.86 45.13 65.20
CA PHE K 150 -48.26 45.27 65.61
C PHE K 150 -48.69 46.74 65.59
N GLU K 151 -50.01 46.94 65.64
CA GLU K 151 -50.58 48.28 65.62
C GLU K 151 -52.01 48.20 66.12
N PHE K 152 -52.58 49.36 66.43
CA PHE K 152 -53.94 49.48 66.94
C PHE K 152 -54.79 50.31 65.98
N HIS K 153 -56.08 49.99 65.92
CA HIS K 153 -57.04 50.70 65.06
C HIS K 153 -58.31 51.01 65.86
N PRO K 154 -58.29 52.05 66.69
CA PRO K 154 -59.49 52.41 67.43
C PRO K 154 -60.58 52.93 66.52
N SER K 155 -61.84 52.77 66.96
CA SER K 155 -62.98 53.18 66.16
C SER K 155 -64.18 53.43 67.06
N PHE K 156 -65.13 54.20 66.54
CA PHE K 156 -66.39 54.45 67.21
C PHE K 156 -67.42 54.94 66.19
N ASP K 157 -68.69 54.93 66.58
CA ASP K 157 -69.79 55.26 65.70
C ASP K 157 -70.44 56.57 66.13
N MET K 158 -70.86 57.37 65.16
CA MET K 158 -71.50 58.65 65.39
C MET K 158 -72.81 58.73 64.60
N VAL K 159 -73.79 59.43 65.16
CA VAL K 159 -75.13 59.54 64.57
C VAL K 159 -75.42 60.99 64.27
N VAL K 160 -75.91 61.26 63.06
CA VAL K 160 -76.21 62.61 62.59
C VAL K 160 -77.64 62.61 62.05
N THR K 161 -78.45 63.57 62.51
CA THR K 161 -79.84 63.67 62.14
C THR K 161 -80.06 64.93 61.30
N TYR K 162 -80.85 64.80 60.24
CA TYR K 162 -81.15 65.94 59.37
C TYR K 162 -82.46 65.69 58.65
N ASN K 163 -82.80 66.60 57.75
CA ASN K 163 -84.07 66.56 57.01
C ASN K 163 -83.80 66.38 55.53
N GLN K 164 -84.70 65.67 54.85
CA GLN K 164 -84.62 65.45 53.41
C GLN K 164 -85.90 65.98 52.76
N TYR K 165 -85.75 66.67 51.64
CA TYR K 165 -86.86 67.33 50.98
C TYR K 165 -87.03 66.82 49.56
N ILE K 166 -88.29 66.66 49.14
CA ILE K 166 -88.65 66.29 47.78
C ILE K 166 -89.86 67.12 47.38
N ARG K 167 -89.93 67.46 46.09
CA ARG K 167 -90.98 68.34 45.58
C ARG K 167 -91.76 67.63 44.48
N LEU K 168 -93.07 67.84 44.46
CA LEU K 168 -93.94 67.22 43.48
C LEU K 168 -95.11 68.15 43.19
N TYR K 169 -95.88 67.81 42.15
CA TYR K 169 -96.97 68.65 41.68
C TYR K 169 -98.31 67.96 41.92
N GLU K 170 -99.37 68.76 42.05
CA GLU K 170 -100.71 68.27 42.28
C GLU K 170 -101.71 69.32 41.84
N ASN K 171 -102.87 68.86 41.36
CA ASN K 171 -103.91 69.76 40.88
C ASN K 171 -104.54 70.52 42.05
N ALA K 172 -105.27 71.58 41.70
CA ALA K 172 -105.94 72.42 42.68
C ALA K 172 -107.39 72.66 42.27
N ALA K 173 -108.25 72.82 43.28
CA ALA K 173 -109.68 73.08 43.08
C ALA K 173 -110.02 74.45 43.64
N TYR K 174 -111.01 75.10 43.04
CA TYR K 174 -111.34 76.48 43.38
C TYR K 174 -112.80 76.70 43.75
N SER K 175 -113.66 75.69 43.67
CA SER K 175 -115.07 75.87 43.97
C SER K 175 -115.67 74.52 44.33
N ALA K 176 -116.86 74.57 44.94
CA ALA K 176 -117.57 73.37 45.36
C ALA K 176 -119.05 73.54 45.12
N ASP K 177 -119.74 72.42 44.92
CA ASP K 177 -121.18 72.40 44.74
C ASP K 177 -121.70 71.01 45.10
N GLY K 178 -123.02 70.92 45.30
CA GLY K 178 -123.62 69.67 45.71
C GLY K 178 -125.10 69.62 45.41
N VAL K 179 -125.71 68.50 45.80
CA VAL K 179 -127.14 68.28 45.63
C VAL K 179 -127.69 67.72 46.94
N LEU K 180 -128.90 68.15 47.30
CA LEU K 180 -129.56 67.69 48.51
C LEU K 180 -130.78 66.85 48.13
N ILE K 181 -130.86 65.64 48.69
CA ILE K 181 -131.91 64.70 48.37
C ILE K 181 -132.59 64.25 49.66
N GLY K 182 -133.92 64.18 49.63
CA GLY K 182 -134.68 63.77 50.79
C GLY K 182 -135.62 62.62 50.51
N MET L 1 -78.19 0.16 87.50
CA MET L 1 -78.03 -1.13 86.84
C MET L 1 -76.77 -1.18 86.01
N PHE L 2 -76.31 0.02 85.59
CA PHE L 2 -75.13 0.18 84.75
C PHE L 2 -75.37 -0.34 83.34
N ASP L 3 -74.44 -0.05 82.42
CA ASP L 3 -74.74 -0.13 81.00
C ASP L 3 -75.03 -1.55 80.53
N GLY L 4 -74.28 -2.54 81.00
CA GLY L 4 -74.35 -3.86 80.40
C GLY L 4 -75.74 -4.48 80.45
N GLU L 5 -76.33 -4.51 81.65
CA GLU L 5 -77.67 -5.08 81.80
C GLU L 5 -78.69 -4.30 80.99
N LEU L 6 -78.63 -2.97 81.07
CA LEU L 6 -79.58 -2.13 80.35
C LEU L 6 -79.48 -2.34 78.85
N ILE L 7 -78.25 -2.40 78.32
CA ILE L 7 -78.08 -2.57 76.89
C ILE L 7 -78.56 -3.94 76.44
N ALA L 8 -78.25 -4.98 77.22
CA ALA L 8 -78.73 -6.31 76.87
C ALA L 8 -80.25 -6.37 76.84
N LYS L 9 -80.90 -5.80 77.86
CA LYS L 9 -82.36 -5.77 77.84
C LYS L 9 -82.88 -5.01 76.64
N LEU L 10 -82.40 -3.78 76.43
CA LEU L 10 -82.87 -2.98 75.31
C LEU L 10 -82.71 -3.73 74.00
N VAL L 11 -81.64 -4.51 73.86
CA VAL L 11 -81.50 -5.36 72.68
C VAL L 11 -82.61 -6.39 72.61
N VAL L 12 -82.96 -7.00 73.74
CA VAL L 12 -83.99 -8.05 73.71
C VAL L 12 -85.34 -7.49 73.26
N GLU L 13 -85.79 -6.39 73.87
CA GLU L 13 -87.03 -5.78 73.40
C GLU L 13 -86.92 -5.18 72.00
N LEU L 14 -85.73 -4.75 71.57
CA LEU L 14 -85.60 -4.31 70.19
C LEU L 14 -85.82 -5.46 69.22
N ASN L 15 -85.28 -6.63 69.54
CA ASN L 15 -85.53 -7.81 68.71
C ASN L 15 -87.01 -8.17 68.70
N ALA L 16 -87.66 -8.11 69.86
CA ALA L 16 -89.09 -8.42 69.89
C ALA L 16 -89.90 -7.44 69.05
N ALA L 17 -89.59 -6.15 69.15
CA ALA L 17 -90.30 -5.15 68.36
C ALA L 17 -90.07 -5.35 66.88
N MET L 18 -88.83 -5.69 66.49
CA MET L 18 -88.56 -5.94 65.08
C MET L 18 -89.30 -7.16 64.57
N THR L 19 -89.41 -8.22 65.38
CA THR L 19 -90.18 -9.38 64.98
C THR L 19 -91.64 -9.01 64.77
N SER L 20 -92.21 -8.25 65.69
CA SER L 20 -93.60 -7.81 65.53
C SER L 20 -93.77 -6.98 64.26
N ALA L 21 -92.84 -6.07 64.01
CA ALA L 21 -92.92 -5.23 62.81
C ALA L 21 -92.81 -6.07 61.55
N GLN L 22 -91.96 -7.10 61.55
CA GLN L 22 -91.83 -7.95 60.37
C GLN L 22 -93.13 -8.70 60.10
N GLU L 23 -93.76 -9.24 61.14
CA GLU L 23 -95.07 -9.85 60.94
C GLU L 23 -96.10 -8.81 60.48
N ALA L 24 -95.94 -7.56 60.88
CA ALA L 24 -96.92 -6.55 60.51
C ALA L 24 -96.80 -6.12 59.05
N LEU L 25 -95.58 -5.96 58.55
CA LEU L 25 -95.36 -5.34 57.24
C LEU L 25 -94.61 -6.20 56.25
N GLN L 26 -94.34 -7.46 56.57
CA GLN L 26 -93.73 -8.40 55.63
C GLN L 26 -92.36 -7.93 55.14
N PHE L 27 -91.41 -7.82 56.06
CA PHE L 27 -90.04 -7.49 55.71
C PHE L 27 -89.32 -8.73 55.19
N PRO L 28 -88.25 -8.54 54.41
CA PRO L 28 -87.39 -9.69 54.09
C PRO L 28 -86.72 -10.30 55.31
N ASP L 29 -85.97 -9.49 56.06
CA ASP L 29 -85.25 -9.89 57.28
C ASP L 29 -84.81 -8.62 57.98
N PHE L 30 -84.23 -8.79 59.16
CA PHE L 30 -83.80 -7.64 59.95
C PHE L 30 -82.59 -7.99 60.81
N GLU L 31 -81.91 -6.94 61.26
CA GLU L 31 -80.80 -7.06 62.20
C GLU L 31 -80.92 -5.94 63.23
N VAL L 32 -80.36 -6.16 64.41
CA VAL L 32 -80.26 -5.13 65.45
C VAL L 32 -78.79 -4.93 65.75
N VAL L 33 -78.28 -3.73 65.48
CA VAL L 33 -76.85 -3.45 65.55
C VAL L 33 -76.64 -2.15 66.33
N GLN L 34 -75.62 -2.16 67.18
CA GLN L 34 -75.20 -0.94 67.86
C GLN L 34 -74.45 -0.02 66.89
N LYS L 35 -74.50 1.28 67.19
CA LYS L 35 -73.93 2.29 66.30
C LYS L 35 -72.55 2.74 66.79
N ALA L 36 -71.83 1.87 67.46
CA ALA L 36 -70.41 2.10 67.72
C ALA L 36 -69.68 0.77 67.88
N GLN L 37 -69.07 0.28 66.81
CA GLN L 37 -68.37 -0.99 66.89
C GLN L 37 -66.91 -0.77 67.26
N PRO L 38 -66.44 -1.38 68.35
CA PRO L 38 -65.01 -1.26 68.67
C PRO L 38 -64.11 -1.82 67.60
N THR L 39 -64.56 -2.83 66.87
CA THR L 39 -63.81 -3.41 65.78
C THR L 39 -64.33 -2.88 64.45
N GLN L 40 -63.46 -2.87 63.45
CA GLN L 40 -63.86 -2.50 62.09
C GLN L 40 -65.04 -3.35 61.63
N GLN L 41 -65.96 -2.73 60.90
CA GLN L 41 -67.15 -3.43 60.41
C GLN L 41 -67.48 -2.90 59.02
N GLY L 42 -68.57 -3.43 58.45
CA GLY L 42 -68.90 -3.09 57.08
C GLY L 42 -70.35 -2.75 56.82
N THR L 43 -71.23 -2.94 57.80
CA THR L 43 -72.68 -2.74 57.68
C THR L 43 -73.28 -3.79 56.75
N SER L 44 -74.60 -3.94 56.79
CA SER L 44 -75.27 -5.02 56.07
C SER L 44 -76.37 -4.46 55.18
N THR L 45 -76.59 -5.12 54.04
CA THR L 45 -77.64 -4.74 53.09
C THR L 45 -78.95 -5.42 53.49
N ARG L 46 -79.45 -5.03 54.65
CA ARG L 46 -80.68 -5.57 55.21
C ARG L 46 -81.42 -4.44 55.90
N PRO L 47 -82.72 -4.59 56.14
CA PRO L 47 -83.42 -3.63 56.99
C PRO L 47 -82.92 -3.75 58.42
N THR L 48 -82.16 -2.76 58.86
CA THR L 48 -81.50 -2.82 60.17
C THR L 48 -81.97 -1.69 61.05
N ILE L 49 -81.78 -1.87 62.35
CA ILE L 49 -82.08 -0.85 63.36
C ILE L 49 -80.80 -0.58 64.13
N PHE L 50 -80.62 0.67 64.53
CA PHE L 50 -79.42 1.10 65.22
C PHE L 50 -79.79 1.81 66.51
N PHE L 51 -78.92 1.71 67.50
CA PHE L 51 -79.13 2.39 68.78
C PHE L 51 -77.80 2.83 69.35
N GLN L 52 -77.85 3.82 70.24
CA GLN L 52 -76.66 4.40 70.84
C GLN L 52 -77.08 5.25 72.04
N LYS L 53 -76.21 5.29 73.04
CA LYS L 53 -76.43 6.09 74.24
C LYS L 53 -75.76 7.45 74.07
N LEU L 54 -76.47 8.52 74.40
CA LEU L 54 -75.97 9.88 74.20
C LEU L 54 -75.45 10.52 75.48
N PHE L 55 -76.29 10.65 76.52
CA PHE L 55 -75.85 11.33 77.73
C PHE L 55 -76.76 10.94 78.89
N ASP L 56 -76.50 11.53 80.06
CA ASP L 56 -77.15 11.14 81.31
C ASP L 56 -77.59 12.38 82.08
N ILE L 57 -78.64 12.23 82.87
CA ILE L 57 -79.14 13.28 83.76
C ILE L 57 -79.33 12.67 85.15
N PRO L 58 -78.63 13.14 86.18
CA PRO L 58 -78.79 12.54 87.52
C PRO L 58 -80.20 12.66 88.10
N ARG L 59 -80.92 13.74 87.80
CA ARG L 59 -82.34 13.87 88.16
C ARG L 59 -82.61 13.70 89.66
N GLY L 60 -82.12 14.62 90.47
CA GLY L 60 -82.52 14.65 91.85
C GLY L 60 -81.37 14.37 92.80
N TRP L 61 -81.52 14.85 94.04
CA TRP L 61 -80.52 14.60 95.05
C TRP L 61 -80.47 13.11 95.40
N PRO L 62 -79.30 12.59 95.72
CA PRO L 62 -79.21 11.16 96.08
C PRO L 62 -79.94 10.87 97.38
N ALA L 63 -80.44 9.64 97.50
CA ALA L 63 -81.14 9.17 98.68
C ALA L 63 -80.33 8.07 99.33
N THR L 64 -80.11 8.18 100.64
CA THR L 64 -79.31 7.23 101.39
C THR L 64 -80.18 6.40 102.31
N ASP L 65 -79.88 5.11 102.40
CA ASP L 65 -80.53 4.21 103.35
C ASP L 65 -79.46 3.46 104.13
N TRP L 66 -79.76 3.17 105.38
CA TRP L 66 -78.80 2.56 106.29
C TRP L 66 -79.25 1.15 106.64
N HIS L 67 -78.35 0.18 106.45
CA HIS L 67 -78.59 -1.21 106.80
C HIS L 67 -77.48 -1.68 107.73
N LEU L 68 -77.85 -2.31 108.83
CA LEU L 68 -76.93 -2.61 109.91
C LEU L 68 -76.44 -4.05 109.83
N ASP L 69 -75.14 -4.24 109.99
CA ASP L 69 -74.52 -5.57 110.08
C ASP L 69 -74.19 -5.82 111.55
N ASN L 70 -74.92 -6.75 112.17
CA ASN L 70 -74.75 -6.99 113.59
C ASN L 70 -73.43 -7.69 113.90
N THR L 71 -73.02 -8.63 113.04
CA THR L 71 -71.82 -9.41 113.31
C THR L 71 -70.58 -8.53 113.35
N ALA L 72 -70.45 -7.60 112.42
CA ALA L 72 -69.28 -6.75 112.33
C ALA L 72 -69.49 -5.38 112.97
N ARG L 73 -70.70 -5.10 113.46
CA ARG L 73 -71.02 -3.81 114.10
C ARG L 73 -70.73 -2.64 113.17
N LYS L 74 -71.30 -2.71 111.96
CA LYS L 74 -71.10 -1.69 110.95
C LYS L 74 -72.42 -1.36 110.28
N TYR L 75 -72.53 -0.12 109.82
CA TYR L 75 -73.61 0.33 108.95
C TYR L 75 -73.15 0.24 107.50
N VAL L 76 -73.99 -0.33 106.65
CA VAL L 76 -73.76 -0.34 105.21
C VAL L 76 -74.65 0.75 104.62
N GLU L 77 -74.03 1.80 104.10
CA GLU L 77 -74.75 2.95 103.58
C GLU L 77 -75.02 2.74 102.10
N ILE L 78 -76.28 2.54 101.74
CA ILE L 78 -76.69 2.35 100.35
C ILE L 78 -77.23 3.68 99.83
N THR L 79 -76.70 4.13 98.70
CA THR L 79 -77.12 5.37 98.08
C THR L 79 -77.71 5.06 96.70
N ARG L 80 -78.88 5.61 96.42
CA ARG L 80 -79.62 5.33 95.20
C ARG L 80 -79.80 6.63 94.41
N GLN L 81 -79.56 6.56 93.10
CA GLN L 81 -79.73 7.69 92.21
C GLN L 81 -80.58 7.26 91.02
N HIS L 82 -81.38 8.19 90.50
CA HIS L 82 -82.38 7.89 89.49
C HIS L 82 -82.08 8.70 88.23
N VAL L 83 -81.57 8.01 87.20
CA VAL L 83 -81.03 8.67 86.02
C VAL L 83 -81.97 8.45 84.83
N GLU L 84 -81.63 9.10 83.71
CA GLU L 84 -82.53 9.15 82.56
C GLU L 84 -81.99 8.43 81.32
N THR L 85 -80.70 8.55 81.02
CA THR L 85 -80.01 7.72 80.02
C THR L 85 -80.74 7.73 78.67
N THR L 86 -80.75 8.91 78.04
CA THR L 86 -81.38 9.04 76.73
C THR L 86 -80.67 8.18 75.69
N PHE L 87 -81.45 7.63 74.76
CA PHE L 87 -80.93 6.80 73.68
C PHE L 87 -81.40 7.37 72.34
N GLN L 88 -80.66 7.05 71.29
CA GLN L 88 -81.00 7.44 69.93
C GLN L 88 -81.23 6.20 69.08
N ILE L 89 -82.39 6.13 68.44
CA ILE L 89 -82.75 4.99 67.60
C ILE L 89 -82.86 5.47 66.17
N SER L 90 -82.26 4.73 65.24
CA SER L 90 -82.31 5.07 63.83
C SER L 90 -82.33 3.78 63.01
N SER L 91 -82.85 3.88 61.79
CA SER L 91 -83.02 2.73 60.93
C SER L 91 -82.46 3.03 59.55
N LEU L 92 -82.35 1.98 58.73
CA LEU L 92 -81.80 2.10 57.38
C LEU L 92 -82.47 1.07 56.48
N HIS L 93 -82.84 1.50 55.27
CA HIS L 93 -83.45 0.63 54.29
C HIS L 93 -83.39 1.31 52.93
N TRP L 94 -83.13 0.52 51.89
CA TRP L 94 -83.01 1.04 50.54
C TRP L 94 -84.26 0.69 49.73
N GLN L 95 -84.82 1.69 49.05
CA GLN L 95 -86.10 1.54 48.38
C GLN L 95 -85.88 1.14 46.93
N ASN L 96 -86.20 -0.11 46.61
CA ASN L 96 -86.14 -0.55 45.22
C ASN L 96 -87.35 -0.02 44.46
N PRO L 97 -87.13 0.70 43.37
CA PRO L 97 -88.24 1.41 42.70
C PRO L 97 -89.11 0.56 41.78
N GLU L 98 -88.76 -0.70 41.51
CA GLU L 98 -89.57 -1.53 40.62
C GLU L 98 -90.25 -2.70 41.34
N ILE L 99 -90.56 -2.56 42.62
CA ILE L 99 -91.37 -3.53 43.34
C ILE L 99 -92.68 -2.87 43.73
N THR L 100 -93.79 -3.58 43.54
CA THR L 100 -95.10 -2.99 43.82
C THR L 100 -95.32 -2.81 45.31
N HIS L 101 -95.03 -3.84 46.10
CA HIS L 101 -95.16 -3.74 47.55
C HIS L 101 -94.08 -2.80 48.09
N VAL L 102 -94.50 -1.68 48.69
CA VAL L 102 -93.61 -0.61 49.08
C VAL L 102 -93.67 -0.44 50.59
N VAL L 103 -92.51 -0.40 51.24
CA VAL L 103 -92.39 -0.08 52.65
C VAL L 103 -91.16 0.81 52.82
N THR L 104 -91.32 1.88 53.60
CA THR L 104 -90.26 2.88 53.73
C THR L 104 -89.49 2.67 55.03
N ALA L 105 -88.29 3.24 55.09
CA ALA L 105 -87.54 3.24 56.34
C ALA L 105 -88.27 4.01 57.43
N SER L 106 -88.94 5.10 57.03
CA SER L 106 -89.74 5.85 57.99
C SER L 106 -90.85 4.99 58.56
N ASP L 107 -91.37 4.04 57.78
CA ASP L 107 -92.33 3.09 58.32
C ASP L 107 -91.73 2.25 59.43
N ILE L 108 -90.50 1.76 59.22
CA ILE L 108 -89.84 0.96 60.25
C ILE L 108 -89.63 1.80 61.51
N ALA L 109 -89.14 3.02 61.36
CA ALA L 109 -88.90 3.87 62.51
C ALA L 109 -90.21 4.19 63.24
N ASN L 110 -91.27 4.50 62.50
CA ASN L 110 -92.55 4.83 63.11
C ASN L 110 -93.13 3.64 63.86
N TYR L 111 -93.07 2.46 63.26
CA TYR L 111 -93.61 1.28 63.93
C TYR L 111 -92.81 0.95 65.18
N VAL L 112 -91.48 1.06 65.12
CA VAL L 112 -90.67 0.79 66.29
C VAL L 112 -90.98 1.79 67.39
N ARG L 113 -91.15 3.07 67.03
CA ARG L 113 -91.53 4.07 68.04
C ARG L 113 -92.88 3.77 68.64
N ALA L 114 -93.86 3.41 67.81
CA ALA L 114 -95.21 3.17 68.30
C ALA L 114 -95.26 1.95 69.20
N TYR L 115 -94.45 0.94 68.91
CA TYR L 115 -94.41 -0.25 69.76
C TYR L 115 -93.98 0.10 71.17
N PHE L 116 -92.98 0.98 71.30
CA PHE L 116 -92.44 1.28 72.63
C PHE L 116 -93.35 2.22 73.41
N GLN L 117 -94.32 2.85 72.76
CA GLN L 117 -95.23 3.76 73.42
C GLN L 117 -96.54 3.11 73.85
N ALA L 118 -96.78 1.86 73.44
CA ALA L 118 -98.00 1.16 73.84
C ALA L 118 -97.95 0.83 75.32
N ARG L 119 -99.14 0.78 75.93
CA ARG L 119 -99.21 0.55 77.38
C ARG L 119 -98.91 -0.89 77.74
N SER L 120 -99.24 -1.83 76.87
CA SER L 120 -98.92 -3.23 77.14
C SER L 120 -97.41 -3.44 77.22
N THR L 121 -96.66 -2.84 76.29
CA THR L 121 -95.22 -2.97 76.33
C THR L 121 -94.63 -2.29 77.55
N ILE L 122 -95.22 -1.16 77.97
CA ILE L 122 -94.76 -0.49 79.18
C ILE L 122 -94.99 -1.39 80.40
N GLU L 123 -96.16 -2.03 80.47
CA GLU L 123 -96.45 -2.92 81.58
C GLU L 123 -95.48 -4.11 81.59
N ARG L 124 -95.15 -4.64 80.41
CA ARG L 124 -94.19 -5.75 80.36
C ARG L 124 -92.80 -5.29 80.76
N VAL L 125 -92.40 -4.09 80.35
CA VAL L 125 -91.07 -3.57 80.66
C VAL L 125 -90.94 -3.30 82.16
N LYS L 126 -92.02 -2.88 82.80
CA LYS L 126 -91.95 -2.47 84.20
C LYS L 126 -91.30 -3.54 85.08
N GLU L 127 -91.56 -4.81 84.79
CA GLU L 127 -90.94 -5.87 85.60
C GLU L 127 -89.45 -5.98 85.34
N LEU L 128 -88.95 -5.38 84.26
CA LEU L 128 -87.52 -5.35 83.98
C LEU L 128 -86.84 -4.11 84.55
N ASP L 129 -87.50 -3.39 85.45
CA ASP L 129 -86.90 -2.36 86.30
C ASP L 129 -86.52 -1.09 85.56
N PHE L 130 -87.25 -0.71 84.51
CA PHE L 130 -87.09 0.61 83.92
C PHE L 130 -88.37 1.00 83.19
N LEU L 131 -88.47 2.27 82.83
CA LEU L 131 -89.68 2.82 82.23
C LEU L 131 -89.29 3.81 81.15
N ILE L 132 -90.22 4.06 80.23
CA ILE L 132 -89.98 4.86 79.05
C ILE L 132 -90.81 6.14 79.12
N LEU L 133 -90.20 7.26 78.75
CA LEU L 133 -90.89 8.54 78.70
C LEU L 133 -91.47 8.76 77.29
N ARG L 134 -92.00 9.95 77.05
CA ARG L 134 -92.66 10.21 75.78
C ARG L 134 -91.65 10.64 74.71
N VAL L 135 -91.96 10.28 73.46
CA VAL L 135 -91.14 10.61 72.30
C VAL L 135 -91.84 11.71 71.52
N SER L 136 -91.09 12.72 71.10
CA SER L 136 -91.69 13.95 70.58
C SER L 136 -91.41 14.23 69.12
N GLN L 137 -90.45 13.56 68.48
CA GLN L 137 -90.15 13.91 67.10
C GLN L 137 -89.44 12.76 66.40
N ILE L 138 -89.69 12.65 65.10
CA ILE L 138 -88.98 11.73 64.20
C ILE L 138 -88.63 12.52 62.94
N SER L 139 -87.37 12.42 62.52
CA SER L 139 -86.87 13.23 61.41
C SER L 139 -86.28 12.36 60.32
N ASN L 140 -86.44 12.79 59.08
CA ASN L 140 -85.84 12.14 57.91
C ASN L 140 -84.63 12.93 57.46
N GLU L 141 -83.52 12.25 57.22
CA GLU L 141 -82.32 12.84 56.69
C GLU L 141 -81.90 12.08 55.44
N ALA L 142 -81.38 12.81 54.45
CA ALA L 142 -81.05 12.24 53.15
C ALA L 142 -79.54 12.09 53.03
N PHE L 143 -79.08 10.84 52.89
CA PHE L 143 -77.70 10.56 52.60
C PHE L 143 -77.46 10.55 51.09
N GLU L 144 -76.29 10.07 50.69
CA GLU L 144 -76.00 9.82 49.28
C GLU L 144 -75.40 8.42 49.11
N ASN L 145 -75.58 7.56 50.11
CA ASN L 145 -75.17 6.15 50.09
C ASN L 145 -73.69 6.10 49.73
N ASP L 146 -73.29 5.44 48.65
CA ASP L 146 -71.88 5.37 48.25
C ASP L 146 -71.75 5.96 46.86
N ASN L 147 -71.68 7.29 46.79
CA ASN L 147 -71.58 8.06 45.55
C ASN L 147 -72.70 7.68 44.58
N HIS L 148 -73.84 7.21 45.09
CA HIS L 148 -74.96 6.83 44.24
C HIS L 148 -76.20 6.70 45.10
N GLN L 149 -77.36 6.79 44.46
CA GLN L 149 -78.59 6.30 45.08
C GLN L 149 -78.94 6.98 46.41
N PHE L 150 -79.38 8.24 46.35
CA PHE L 150 -79.86 8.94 47.53
C PHE L 150 -80.68 8.03 48.43
N GLU L 151 -80.47 8.16 49.74
CA GLU L 151 -81.09 7.25 50.70
C GLU L 151 -81.52 8.06 51.92
N PHE L 152 -82.45 7.50 52.68
CA PHE L 152 -83.03 8.16 53.85
C PHE L 152 -82.55 7.49 55.13
N HIS L 153 -82.40 8.28 56.20
CA HIS L 153 -81.93 7.79 57.50
C HIS L 153 -82.79 8.37 58.61
N PRO L 154 -83.98 7.82 58.84
CA PRO L 154 -84.84 8.33 59.92
C PRO L 154 -84.22 8.05 61.29
N SER L 155 -84.58 8.88 62.26
CA SER L 155 -84.03 8.76 63.61
C SER L 155 -84.97 9.42 64.61
N PHE L 156 -84.84 9.01 65.87
CA PHE L 156 -85.57 9.60 66.97
C PHE L 156 -84.89 9.24 68.28
N ASP L 157 -85.28 9.94 69.35
CA ASP L 157 -84.65 9.81 70.66
C ASP L 157 -85.62 9.19 71.65
N MET L 158 -85.09 8.36 72.55
CA MET L 158 -85.88 7.65 73.55
C MET L 158 -85.19 7.74 74.90
N VAL L 159 -85.99 7.76 75.96
CA VAL L 159 -85.51 7.95 77.33
C VAL L 159 -86.00 6.80 78.19
N VAL L 160 -85.07 6.17 78.94
CA VAL L 160 -85.40 5.07 79.82
C VAL L 160 -84.83 5.36 81.21
N THR L 161 -85.70 5.49 82.20
CA THR L 161 -85.31 5.86 83.56
C THR L 161 -85.17 4.62 84.42
N TYR L 162 -84.18 4.64 85.33
CA TYR L 162 -83.94 3.54 86.25
C TYR L 162 -83.16 4.05 87.45
N ASN L 163 -82.71 3.12 88.29
CA ASN L 163 -82.03 3.43 89.54
C ASN L 163 -80.62 2.89 89.52
N GLN L 164 -79.71 3.59 90.20
CA GLN L 164 -78.32 3.18 90.33
C GLN L 164 -77.98 3.05 91.81
N TYR L 165 -77.25 1.99 92.16
CA TYR L 165 -76.96 1.68 93.55
C TYR L 165 -75.45 1.63 93.80
N ILE L 166 -75.05 2.15 94.95
CA ILE L 166 -73.67 2.10 95.42
C ILE L 166 -73.68 1.78 96.91
N ARG L 167 -72.68 1.04 97.37
CA ARG L 167 -72.60 0.58 98.74
C ARG L 167 -71.32 1.09 99.39
N LEU L 168 -71.42 1.46 100.67
CA LEU L 168 -70.29 1.98 101.42
C LEU L 168 -70.44 1.58 102.88
N TYR L 169 -69.39 1.83 103.65
CA TYR L 169 -69.32 1.43 105.06
C TYR L 169 -69.26 2.65 105.96
N GLU L 170 -69.76 2.50 107.18
CA GLU L 170 -69.78 3.57 108.17
C GLU L 170 -69.87 2.97 109.56
N ASN L 171 -69.27 3.66 110.53
CA ASN L 171 -69.24 3.17 111.90
C ASN L 171 -70.63 3.30 112.54
N ALA L 172 -70.80 2.61 113.67
CA ALA L 172 -72.06 2.59 114.40
C ALA L 172 -71.82 2.85 115.87
N ALA L 173 -72.81 3.48 116.52
CA ALA L 173 -72.76 3.79 117.94
C ALA L 173 -73.88 3.04 118.65
N TYR L 174 -73.64 2.70 119.92
CA TYR L 174 -74.55 1.84 120.66
C TYR L 174 -75.02 2.43 121.99
N SER L 175 -74.53 3.59 122.39
CA SER L 175 -74.91 4.17 123.68
C SER L 175 -74.68 5.67 123.64
N ALA L 176 -75.28 6.37 124.60
CA ALA L 176 -75.16 7.81 124.70
C ALA L 176 -75.06 8.22 126.16
N ASP L 177 -74.38 9.35 126.39
CA ASP L 177 -74.23 9.93 127.72
C ASP L 177 -73.97 11.42 127.59
N GLY L 178 -74.16 12.14 128.69
CA GLY L 178 -73.99 13.57 128.68
C GLY L 178 -73.74 14.13 130.06
N VAL L 179 -73.61 15.46 130.11
CA VAL L 179 -73.39 16.20 131.35
C VAL L 179 -74.34 17.39 131.39
N LEU L 180 -74.89 17.67 132.57
CA LEU L 180 -75.80 18.79 132.76
C LEU L 180 -75.15 19.79 133.70
N ILE L 181 -75.09 21.05 133.26
CA ILE L 181 -74.48 22.12 134.04
C ILE L 181 -75.42 23.32 134.04
N GLY L 182 -75.28 24.16 135.05
CA GLY L 182 -76.11 25.34 135.19
C GLY L 182 -75.40 26.56 135.75
N MET M 1 -25.26 -43.51 28.63
CA MET M 1 -26.25 -42.59 29.18
C MET M 1 -26.16 -42.55 30.71
N VAL M 2 -26.26 -41.35 31.27
CA VAL M 2 -26.19 -41.13 32.71
C VAL M 2 -27.58 -41.34 33.29
N ILE M 3 -27.65 -42.07 34.40
CA ILE M 3 -28.93 -42.35 35.05
C ILE M 3 -29.28 -41.19 35.97
N PHE M 4 -30.46 -40.61 35.75
CA PHE M 4 -30.92 -39.50 36.57
C PHE M 4 -31.32 -40.00 37.95
N ASP M 5 -30.85 -39.31 38.98
CA ASP M 5 -31.18 -39.64 40.36
C ASP M 5 -32.04 -38.52 40.93
N GLU M 6 -33.27 -38.85 41.33
CA GLU M 6 -34.17 -37.84 41.87
C GLU M 6 -33.71 -37.38 43.25
N HIS M 7 -33.17 -38.29 44.05
CA HIS M 7 -32.84 -37.95 45.43
C HIS M 7 -31.66 -36.97 45.48
N LYS M 8 -30.62 -37.23 44.70
CA LYS M 8 -29.49 -36.31 44.65
C LYS M 8 -29.92 -34.95 44.09
N PHE M 9 -30.76 -34.95 43.05
CA PHE M 9 -31.24 -33.70 42.49
C PHE M 9 -32.03 -32.89 43.51
N ARG M 10 -32.92 -33.55 44.25
CA ARG M 10 -33.71 -32.84 45.25
C ARG M 10 -32.84 -32.33 46.39
N THR M 11 -31.83 -33.09 46.79
CA THR M 11 -30.93 -32.60 47.83
C THR M 11 -30.08 -31.44 47.33
N LEU M 12 -29.74 -31.42 46.05
CA LEU M 12 -28.90 -30.34 45.52
C LEU M 12 -29.67 -29.03 45.46
N PHE M 13 -30.94 -29.08 45.05
CA PHE M 13 -31.78 -27.89 44.93
C PHE M 13 -32.97 -28.04 45.87
N PRO M 14 -32.86 -27.51 47.10
CA PRO M 14 -33.95 -27.71 48.08
C PRO M 14 -35.27 -27.08 47.66
N GLU M 15 -35.27 -26.11 46.75
CA GLU M 15 -36.53 -25.49 46.34
C GLU M 15 -37.43 -26.43 45.56
N PHE M 16 -36.93 -27.58 45.13
CA PHE M 16 -37.73 -28.60 44.46
C PHE M 16 -37.99 -29.80 45.37
N ALA M 17 -38.05 -29.56 46.68
CA ALA M 17 -38.22 -30.66 47.63
C ALA M 17 -39.64 -31.18 47.64
N ASP M 18 -40.62 -30.36 47.28
CA ASP M 18 -42.02 -30.76 47.37
C ASP M 18 -42.34 -31.81 46.32
N PRO M 19 -42.75 -33.02 46.69
CA PRO M 19 -43.07 -34.04 45.68
C PRO M 19 -44.43 -33.87 45.05
N ALA M 20 -45.36 -33.15 45.71
CA ALA M 20 -46.69 -32.99 45.15
C ALA M 20 -46.66 -32.08 43.92
N ALA M 21 -45.97 -30.94 44.02
CA ALA M 21 -45.92 -30.00 42.90
C ALA M 21 -44.91 -30.41 41.84
N TYR M 22 -43.96 -31.28 42.16
CA TYR M 22 -42.90 -31.68 41.25
C TYR M 22 -42.82 -33.20 41.21
N PRO M 23 -43.67 -33.84 40.42
CA PRO M 23 -43.63 -35.31 40.33
C PRO M 23 -42.36 -35.79 39.65
N ASP M 24 -42.01 -37.05 39.96
CA ASP M 24 -40.79 -37.65 39.42
C ASP M 24 -40.86 -37.77 37.90
N VAL M 25 -42.03 -38.06 37.36
CA VAL M 25 -42.17 -38.24 35.91
C VAL M 25 -41.80 -36.95 35.19
N ARG M 26 -42.24 -35.81 35.72
CA ARG M 26 -41.92 -34.53 35.11
C ARG M 26 -40.41 -34.27 35.09
N LEU M 27 -39.75 -34.55 36.21
CA LEU M 27 -38.30 -34.37 36.27
C LEU M 27 -37.58 -35.29 35.30
N GLN M 28 -38.01 -36.55 35.22
CA GLN M 28 -37.39 -37.48 34.30
C GLN M 28 -37.57 -37.05 32.85
N MET M 29 -38.78 -36.56 32.51
CA MET M 29 -39.02 -36.10 31.15
C MET M 29 -38.18 -34.88 30.81
N TYR M 30 -38.02 -33.96 31.76
CA TYR M 30 -37.18 -32.80 31.49
C TYR M 30 -35.71 -33.17 31.39
N PHE M 31 -35.26 -34.16 32.16
CA PHE M 31 -33.90 -34.66 31.99
C PHE M 31 -33.73 -35.29 30.61
N ASP M 32 -34.73 -36.04 30.15
CA ASP M 32 -34.67 -36.65 28.84
C ASP M 32 -34.63 -35.59 27.74
N ILE M 33 -35.32 -34.48 27.93
CA ILE M 33 -35.20 -33.38 26.98
C ILE M 33 -33.82 -32.76 27.05
N ALA M 34 -33.31 -32.54 28.28
CA ALA M 34 -32.02 -31.88 28.44
C ALA M 34 -30.87 -32.70 27.88
N CYS M 35 -31.00 -34.02 27.83
CA CYS M 35 -29.89 -34.81 27.30
C CYS M 35 -29.71 -34.65 25.79
N GLU M 36 -30.46 -33.76 25.15
CA GLU M 36 -30.30 -33.47 23.74
C GLU M 36 -29.60 -32.14 23.47
N PHE M 37 -29.77 -31.15 24.36
CA PHE M 37 -28.98 -29.92 24.26
C PHE M 37 -27.50 -30.23 24.45
N ILE M 38 -27.18 -31.07 25.44
CA ILE M 38 -25.80 -31.46 25.74
C ILE M 38 -25.73 -32.97 25.61
N SER M 39 -24.71 -33.46 24.91
CA SER M 39 -24.55 -34.91 24.72
C SER M 39 -24.34 -35.59 26.06
N ASP M 40 -25.07 -36.68 26.27
CA ASP M 40 -24.96 -37.45 27.50
C ASP M 40 -23.91 -38.56 27.41
N ARG M 41 -23.34 -38.78 26.23
CA ARG M 41 -22.25 -39.74 26.09
C ARG M 41 -21.01 -39.24 26.82
N ASP M 42 -20.34 -40.14 27.53
CA ASP M 42 -19.19 -39.79 28.34
C ASP M 42 -17.98 -40.62 27.93
N SER M 43 -16.83 -39.95 27.85
CA SER M 43 -15.55 -40.59 27.62
C SER M 43 -14.49 -39.82 28.41
N PRO M 44 -13.41 -40.47 28.82
CA PRO M 44 -12.37 -39.76 29.58
C PRO M 44 -11.66 -38.69 28.78
N TYR M 45 -11.72 -38.73 27.45
CA TYR M 45 -11.01 -37.77 26.62
C TYR M 45 -11.77 -36.47 26.44
N ARG M 46 -13.03 -36.39 26.87
CA ARG M 46 -13.82 -35.19 26.67
C ARG M 46 -13.42 -34.09 27.65
N ILE M 47 -13.61 -32.85 27.21
CA ILE M 47 -13.35 -31.70 28.09
C ILE M 47 -14.27 -31.73 29.29
N LEU M 48 -15.56 -31.99 29.06
CA LEU M 48 -16.55 -32.15 30.14
C LEU M 48 -16.70 -33.64 30.40
N ASN M 49 -15.96 -34.13 31.40
CA ASN M 49 -16.05 -35.52 31.82
C ASN M 49 -16.12 -35.57 33.33
N GLY M 50 -16.38 -36.78 33.85
CA GLY M 50 -16.56 -36.88 35.28
C GLY M 50 -17.89 -36.29 35.70
N LYS M 51 -18.01 -36.01 37.00
CA LYS M 51 -19.26 -35.50 37.54
C LYS M 51 -19.55 -34.07 37.09
N ALA M 52 -18.60 -33.38 36.46
CA ALA M 52 -18.90 -32.08 35.89
C ALA M 52 -19.99 -32.19 34.83
N LEU M 53 -19.97 -33.27 34.05
CA LEU M 53 -20.99 -33.47 33.03
C LEU M 53 -22.38 -33.62 33.66
N GLU M 54 -22.50 -34.40 34.72
CA GLU M 54 -23.81 -34.55 35.35
C GLU M 54 -24.22 -33.28 36.09
N ALA M 55 -23.24 -32.50 36.58
CA ALA M 55 -23.58 -31.20 37.15
C ALA M 55 -24.17 -30.27 36.10
N CYS M 56 -23.57 -30.25 34.91
CA CYS M 56 -24.12 -29.46 33.82
C CYS M 56 -25.51 -29.93 33.43
N LEU M 57 -25.70 -31.25 33.36
CA LEU M 57 -27.02 -31.79 33.02
C LEU M 57 -28.06 -31.41 34.06
N TYR M 58 -27.69 -31.49 35.34
CA TYR M 58 -28.62 -31.11 36.40
C TYR M 58 -28.96 -29.63 36.34
N LEU M 59 -27.97 -28.77 36.07
CA LEU M 59 -28.25 -27.34 35.95
C LEU M 59 -29.18 -27.06 34.79
N LEU M 60 -28.96 -27.70 33.64
CA LEU M 60 -29.84 -27.51 32.49
C LEU M 60 -31.25 -28.00 32.80
N THR M 61 -31.37 -29.14 33.47
CA THR M 61 -32.68 -29.66 33.84
C THR M 61 -33.42 -28.70 34.76
N ALA M 62 -32.71 -28.14 35.75
CA ALA M 62 -33.34 -27.19 36.66
C ALA M 62 -33.78 -25.93 35.91
N HIS M 63 -32.94 -25.45 34.99
CA HIS M 63 -33.30 -24.29 34.18
C HIS M 63 -34.58 -24.55 33.39
N LEU M 64 -34.65 -25.71 32.71
CA LEU M 64 -35.84 -26.05 31.94
C LEU M 64 -37.06 -26.16 32.84
N LEU M 65 -36.91 -26.78 34.01
CA LEU M 65 -38.04 -26.94 34.91
C LEU M 65 -38.56 -25.58 35.38
N SER M 66 -37.67 -24.66 35.74
CA SER M 66 -38.10 -23.34 36.17
C SER M 66 -38.81 -22.60 35.06
N LEU M 67 -38.23 -22.61 33.85
CA LEU M 67 -38.86 -21.92 32.73
C LEU M 67 -40.24 -22.49 32.43
N SER M 68 -40.38 -23.82 32.52
CA SER M 68 -41.67 -24.45 32.23
C SER M 68 -42.69 -24.11 33.30
N THR M 69 -42.33 -24.26 34.57
CA THR M 69 -43.26 -23.99 35.66
C THR M 69 -43.59 -22.51 35.78
N MET M 70 -42.86 -21.63 35.09
CA MET M 70 -43.23 -20.22 35.06
C MET M 70 -44.64 -20.03 34.49
N GLN M 71 -44.98 -20.77 33.44
CA GLN M 71 -46.18 -20.46 32.66
C GLN M 71 -47.46 -21.05 33.24
N VAL M 72 -47.37 -22.12 34.02
CA VAL M 72 -48.55 -22.93 34.31
C VAL M 72 -49.56 -22.17 35.14
N GLN M 73 -49.11 -21.55 36.24
CA GLN M 73 -50.05 -20.98 37.21
C GLN M 73 -49.60 -19.65 37.80
N GLY M 74 -48.52 -19.05 37.28
CA GLY M 74 -47.97 -17.86 37.91
C GLY M 74 -48.88 -16.64 37.81
N ALA M 75 -49.60 -16.52 36.69
CA ALA M 75 -50.35 -15.30 36.40
C ALA M 75 -51.62 -15.14 37.22
N ALA M 76 -51.83 -15.94 38.27
CA ALA M 76 -52.99 -15.87 39.15
C ALA M 76 -54.29 -16.20 38.44
N GLY M 77 -54.22 -16.75 37.23
CA GLY M 77 -55.40 -17.13 36.49
C GLY M 77 -55.18 -18.43 35.74
N GLY M 78 -54.25 -19.24 36.25
CA GLY M 78 -53.90 -20.48 35.58
C GLY M 78 -53.19 -20.31 34.27
N GLY M 79 -52.31 -19.33 34.16
CA GLY M 79 -51.59 -19.08 32.93
C GLY M 79 -52.52 -18.70 31.80
N VAL M 80 -53.48 -17.83 32.10
CA VAL M 80 -54.46 -17.40 31.10
C VAL M 80 -53.88 -16.40 30.11
N THR M 81 -52.61 -16.01 30.30
CA THR M 81 -51.97 -15.06 29.38
C THR M 81 -51.98 -15.62 27.96
N ALA M 82 -52.35 -14.77 27.00
CA ALA M 82 -52.52 -15.22 25.62
C ALA M 82 -51.21 -15.72 25.03
N GLY M 83 -50.11 -14.99 25.26
CA GLY M 83 -48.83 -15.37 24.72
C GLY M 83 -47.86 -15.98 25.71
N GLY M 84 -48.29 -16.38 26.89
CA GLY M 84 -47.38 -16.91 27.87
C GLY M 84 -46.54 -15.80 28.50
N THR M 85 -45.58 -16.24 29.31
CA THR M 85 -44.66 -15.33 29.97
C THR M 85 -43.30 -15.45 29.30
N GLN M 86 -42.80 -14.33 28.78
CA GLN M 86 -41.50 -14.32 28.12
C GLN M 86 -40.38 -14.22 29.14
N GLY M 87 -39.30 -14.97 28.90
CA GLY M 87 -38.14 -14.96 29.75
C GLY M 87 -37.13 -13.92 29.33
N GLY M 88 -36.05 -13.84 30.10
CA GLY M 88 -34.97 -12.92 29.81
C GLY M 88 -34.40 -12.33 31.07
N PHE M 89 -33.29 -11.62 30.91
CA PHE M 89 -32.65 -10.95 32.03
C PHE M 89 -33.33 -9.62 32.31
N ILE M 90 -33.48 -9.29 33.59
CA ILE M 90 -34.17 -8.09 34.02
C ILE M 90 -33.09 -7.09 34.46
N THR M 91 -32.82 -6.11 33.60
CA THR M 91 -31.75 -5.15 33.89
C THR M 91 -32.18 -4.12 34.92
N SER M 92 -33.46 -3.81 35.02
CA SER M 92 -33.94 -2.79 35.94
C SER M 92 -35.32 -3.17 36.43
N ALA M 93 -35.68 -2.63 37.59
CA ALA M 93 -36.98 -2.91 38.21
C ALA M 93 -37.34 -1.76 39.13
N THR M 94 -38.62 -1.70 39.49
CA THR M 94 -39.12 -0.65 40.37
C THR M 94 -40.44 -1.11 40.97
N VAL M 95 -40.55 -1.00 42.30
CA VAL M 95 -41.78 -1.32 43.01
C VAL M 95 -42.00 -0.22 44.04
N GLY M 96 -42.93 0.68 43.75
CA GLY M 96 -43.19 1.79 44.64
C GLY M 96 -42.04 2.77 44.72
N GLU M 97 -41.35 2.80 45.86
CA GLU M 97 -40.19 3.66 46.06
C GLU M 97 -38.93 2.83 46.28
N VAL M 98 -38.81 1.73 45.55
CA VAL M 98 -37.62 0.88 45.56
C VAL M 98 -37.23 0.63 44.10
N SER M 99 -35.96 0.86 43.79
CA SER M 99 -35.47 0.71 42.42
C SER M 99 -34.12 0.03 42.44
N VAL M 100 -33.91 -0.87 41.48
CA VAL M 100 -32.65 -1.59 41.33
C VAL M 100 -32.28 -1.63 39.85
N ALA M 101 -31.01 -1.38 39.55
CA ALA M 101 -30.50 -1.47 38.19
C ALA M 101 -29.22 -2.31 38.20
N LYS M 102 -29.17 -3.30 37.32
CA LYS M 102 -28.09 -4.27 37.31
C LYS M 102 -27.29 -4.18 36.02
N LEU M 103 -26.19 -4.92 35.98
CA LEU M 103 -25.28 -4.91 34.84
C LEU M 103 -25.71 -5.97 33.82
N ALA M 104 -25.85 -5.54 32.57
CA ALA M 104 -26.29 -6.45 31.52
C ALA M 104 -25.20 -7.47 31.20
N PRO M 105 -25.53 -8.74 31.07
CA PRO M 105 -24.49 -9.74 30.77
C PRO M 105 -24.07 -9.64 29.31
N PRO M 106 -22.85 -10.09 28.99
CA PRO M 106 -22.36 -10.05 27.60
C PRO M 106 -22.90 -11.21 26.75
N ALA M 107 -24.10 -11.05 26.24
CA ALA M 107 -24.75 -12.05 25.41
C ALA M 107 -24.50 -11.73 23.94
N LYS M 108 -24.11 -12.74 23.16
CA LYS M 108 -23.80 -12.57 21.76
C LYS M 108 -24.70 -13.36 20.82
N ASN M 109 -25.39 -14.40 21.30
CA ASN M 109 -26.25 -15.20 20.45
C ASN M 109 -27.46 -15.65 21.26
N GLY M 110 -28.31 -16.45 20.63
CA GLY M 110 -29.52 -16.90 21.29
C GLY M 110 -29.24 -17.83 22.47
N TRP M 111 -28.21 -18.65 22.35
CA TRP M 111 -27.90 -19.62 23.40
C TRP M 111 -27.56 -18.93 24.72
N GLN M 112 -26.62 -17.98 24.68
CA GLN M 112 -26.23 -17.29 25.91
C GLN M 112 -27.35 -16.41 26.43
N TRP M 113 -28.06 -15.73 25.54
CA TRP M 113 -29.16 -14.87 25.96
C TRP M 113 -30.24 -15.69 26.66
N TRP M 114 -30.55 -16.87 26.14
CA TRP M 114 -31.51 -17.76 26.80
C TRP M 114 -30.96 -18.25 28.13
N LEU M 115 -29.68 -18.63 28.18
CA LEU M 115 -29.10 -19.13 29.42
C LEU M 115 -29.12 -18.08 30.52
N SER M 116 -29.03 -16.80 30.15
CA SER M 116 -29.03 -15.75 31.16
C SER M 116 -30.36 -15.58 31.87
N GLY M 117 -31.38 -16.36 31.51
CA GLY M 117 -32.69 -16.16 32.10
C GLY M 117 -32.78 -16.47 33.58
N THR M 118 -32.15 -17.57 34.00
CA THR M 118 -32.28 -18.05 35.37
C THR M 118 -30.92 -18.35 35.98
N PRO M 119 -30.81 -18.30 37.31
CA PRO M 119 -29.49 -18.49 37.94
C PRO M 119 -28.83 -19.81 37.60
N TYR M 120 -29.59 -20.89 37.43
CA TYR M 120 -28.99 -22.15 37.00
C TYR M 120 -28.38 -22.01 35.62
N GLY M 121 -29.07 -21.30 34.72
CA GLY M 121 -28.49 -21.05 33.41
C GLY M 121 -27.22 -20.23 33.49
N GLN M 122 -27.20 -19.22 34.36
CA GLN M 122 -25.99 -18.43 34.53
C GLN M 122 -24.84 -19.27 35.05
N GLU M 123 -25.10 -20.15 36.01
CA GLU M 123 -24.06 -21.04 36.51
C GLU M 123 -23.55 -21.97 35.42
N LEU M 124 -24.45 -22.53 34.62
CA LEU M 124 -24.04 -23.39 33.52
C LEU M 124 -23.18 -22.62 32.53
N TRP M 125 -23.58 -21.38 32.21
CA TRP M 125 -22.80 -20.55 31.29
C TRP M 125 -21.40 -20.28 31.85
N ALA M 126 -21.32 -19.96 33.14
CA ALA M 126 -20.02 -19.71 33.74
C ALA M 126 -19.13 -20.95 33.69
N LEU M 127 -19.69 -22.12 34.00
CA LEU M 127 -18.90 -23.34 33.97
C LEU M 127 -18.42 -23.64 32.55
N LEU M 128 -19.30 -23.47 31.56
CA LEU M 128 -18.89 -23.69 30.17
C LEU M 128 -17.80 -22.72 29.75
N SER M 129 -17.92 -21.46 30.18
CA SER M 129 -16.90 -20.47 29.83
C SER M 129 -15.54 -20.83 30.43
N VAL M 130 -15.53 -21.31 31.69
CA VAL M 130 -14.26 -21.73 32.28
C VAL M 130 -13.69 -22.91 31.52
N LYS M 131 -14.52 -23.90 31.20
CA LYS M 131 -14.01 -25.10 30.56
C LYS M 131 -13.75 -24.91 29.08
N ALA M 132 -14.11 -23.76 28.50
CA ALA M 132 -13.96 -23.53 27.07
C ALA M 132 -12.61 -22.93 26.69
N VAL M 133 -11.70 -22.75 27.65
CA VAL M 133 -10.40 -22.15 27.34
C VAL M 133 -9.59 -23.13 26.50
N GLY M 134 -8.75 -22.59 25.63
CA GLY M 134 -7.90 -23.40 24.78
C GLY M 134 -8.51 -23.67 23.42
N GLY M 135 -8.15 -24.79 22.81
CA GLY M 135 -8.68 -25.14 21.50
C GLY M 135 -8.29 -26.56 21.13
N PHE M 136 -8.74 -26.95 19.95
CA PHE M 136 -8.51 -28.31 19.43
C PHE M 136 -7.56 -28.26 18.25
N TYR M 137 -6.70 -29.26 18.16
CA TYR M 137 -5.89 -29.52 16.98
C TYR M 137 -6.20 -30.92 16.50
N ILE M 138 -6.76 -31.03 15.30
CA ILE M 138 -7.41 -32.28 14.89
C ILE M 138 -6.56 -33.04 13.87
N GLY M 139 -6.27 -32.41 12.74
CA GLY M 139 -5.49 -33.05 11.70
C GLY M 139 -4.01 -32.78 11.87
N GLY M 140 -3.19 -33.75 11.48
CA GLY M 140 -1.75 -33.60 11.52
C GLY M 140 -1.08 -34.90 11.92
N LEU M 141 0.18 -35.02 11.54
CA LEU M 141 1.02 -36.18 11.81
C LEU M 141 2.35 -35.73 12.37
N PRO M 142 3.03 -36.56 13.17
CA PRO M 142 4.32 -36.17 13.73
C PRO M 142 5.44 -36.20 12.70
N GLU M 143 5.55 -35.14 11.91
CA GLU M 143 6.60 -35.07 10.89
C GLU M 143 7.97 -34.80 11.48
N ARG M 144 8.03 -34.12 12.63
CA ARG M 144 9.32 -33.75 13.23
C ARG M 144 10.07 -34.94 13.80
N ARG M 145 9.45 -36.12 13.89
CA ARG M 145 10.11 -37.28 14.45
C ARG M 145 11.26 -37.78 13.58
N GLY M 146 11.28 -37.42 12.31
CA GLY M 146 12.26 -37.93 11.38
C GLY M 146 13.55 -37.16 11.24
N PHE M 147 13.77 -36.13 12.06
CA PHE M 147 14.95 -35.29 11.95
C PHE M 147 15.66 -35.18 13.29
N ARG M 148 16.98 -35.04 13.22
CA ARG M 148 17.84 -34.99 14.41
C ARG M 148 18.00 -33.54 14.85
N LYS M 149 17.83 -33.31 16.16
CA LYS M 149 17.81 -31.96 16.70
C LYS M 149 18.66 -31.88 17.97
N VAL M 150 19.30 -30.72 18.14
CA VAL M 150 20.00 -30.32 19.37
C VAL M 150 21.01 -31.39 19.77
N GLY M 151 20.66 -32.21 20.76
CA GLY M 151 21.60 -33.17 21.32
C GLY M 151 21.48 -34.55 20.70
N GLY M 152 21.41 -34.61 19.38
CA GLY M 152 21.27 -35.90 18.72
C GLY M 152 20.03 -36.66 19.11
N THR M 153 18.91 -35.95 19.25
CA THR M 153 17.65 -36.56 19.67
C THR M 153 16.62 -36.42 18.56
N PHE M 154 15.54 -37.19 18.70
CA PHE M 154 14.45 -37.17 17.73
C PHE M 154 13.10 -36.81 18.33
N TRP M 155 13.02 -36.63 19.64
CA TRP M 155 11.76 -36.27 20.29
C TRP M 155 11.29 -34.89 19.85
N MET N 1 -42.37 -38.33 6.60
CA MET N 1 -43.34 -37.80 7.56
C MET N 1 -43.07 -38.36 8.95
N VAL N 2 -43.41 -37.57 9.97
CA VAL N 2 -43.28 -37.97 11.37
C VAL N 2 -44.67 -37.94 12.00
N ILE N 3 -45.02 -39.01 12.70
CA ILE N 3 -46.35 -39.10 13.32
C ILE N 3 -46.41 -38.14 14.50
N PHE N 4 -47.51 -37.39 14.58
CA PHE N 4 -47.70 -36.39 15.62
C PHE N 4 -48.61 -36.99 16.70
N ASP N 5 -48.09 -37.07 17.92
CA ASP N 5 -48.80 -37.67 19.05
C ASP N 5 -49.41 -36.55 19.88
N GLU N 6 -50.74 -36.44 19.85
CA GLU N 6 -51.41 -35.40 20.60
C GLU N 6 -51.32 -35.65 22.10
N HIS N 7 -51.32 -36.92 22.50
CA HIS N 7 -51.21 -37.23 23.92
C HIS N 7 -49.87 -36.78 24.49
N LYS N 8 -48.78 -37.11 23.79
CA LYS N 8 -47.47 -36.67 24.23
C LYS N 8 -47.34 -35.16 24.20
N PHE N 9 -47.93 -34.52 23.19
CA PHE N 9 -47.89 -33.07 23.11
C PHE N 9 -48.59 -32.42 24.31
N ARG N 10 -49.80 -32.90 24.63
CA ARG N 10 -50.50 -32.36 25.79
C ARG N 10 -49.78 -32.67 27.09
N THR N 11 -49.09 -33.82 27.16
CA THR N 11 -48.29 -34.12 28.34
C THR N 11 -47.14 -33.15 28.49
N LEU N 12 -46.51 -32.78 27.38
CA LEU N 12 -45.36 -31.87 27.44
C LEU N 12 -45.77 -30.49 27.92
N PHE N 13 -46.87 -29.96 27.41
CA PHE N 13 -47.35 -28.63 27.79
C PHE N 13 -48.69 -28.76 28.50
N PRO N 14 -48.70 -28.76 29.83
CA PRO N 14 -49.98 -28.90 30.55
C PRO N 14 -50.94 -27.75 30.33
N GLU N 15 -50.46 -26.59 29.88
CA GLU N 15 -51.35 -25.46 29.65
C GLU N 15 -52.26 -25.67 28.44
N PHE N 16 -51.97 -26.65 27.59
CA PHE N 16 -52.83 -26.97 26.46
C PHE N 16 -53.64 -28.23 26.69
N ALA N 17 -53.73 -28.70 27.95
CA ALA N 17 -54.32 -29.99 28.25
C ALA N 17 -55.83 -30.02 28.01
N ASP N 18 -56.48 -28.86 27.91
CA ASP N 18 -57.93 -28.84 27.74
C ASP N 18 -58.28 -29.24 26.31
N PRO N 19 -59.04 -30.31 26.10
CA PRO N 19 -59.38 -30.72 24.74
C PRO N 19 -60.51 -29.89 24.16
N ALA N 20 -61.40 -29.39 25.02
CA ALA N 20 -62.51 -28.58 24.54
C ALA N 20 -62.01 -27.26 23.96
N ALA N 21 -61.05 -26.62 24.61
CA ALA N 21 -60.52 -25.36 24.10
C ALA N 21 -59.57 -25.56 22.93
N TYR N 22 -58.85 -26.67 22.90
CA TYR N 22 -57.86 -26.95 21.86
C TYR N 22 -58.18 -28.31 21.24
N PRO N 23 -59.03 -28.34 20.21
CA PRO N 23 -59.37 -29.61 19.57
C PRO N 23 -58.15 -30.24 18.89
N ASP N 24 -58.19 -31.56 18.74
CA ASP N 24 -57.06 -32.28 18.16
C ASP N 24 -56.87 -31.91 16.69
N VAL N 25 -57.96 -31.56 15.99
CA VAL N 25 -57.84 -31.17 14.59
C VAL N 25 -57.03 -29.89 14.45
N ARG N 26 -57.20 -28.95 15.38
CA ARG N 26 -56.41 -27.72 15.36
C ARG N 26 -54.93 -28.03 15.55
N LEU N 27 -54.61 -28.91 16.49
CA LEU N 27 -53.21 -29.28 16.72
C LEU N 27 -52.62 -29.96 15.49
N GLN N 28 -53.38 -30.86 14.87
CA GLN N 28 -52.89 -31.54 13.67
C GLN N 28 -52.66 -30.55 12.54
N MET N 29 -53.57 -29.59 12.37
CA MET N 29 -53.39 -28.57 11.34
C MET N 29 -52.14 -27.74 11.60
N TYR N 30 -51.91 -27.36 12.85
CA TYR N 30 -50.73 -26.55 13.14
C TYR N 30 -49.45 -27.35 12.98
N PHE N 31 -49.47 -28.64 13.30
CA PHE N 31 -48.31 -29.48 13.03
C PHE N 31 -48.04 -29.58 11.53
N ASP N 32 -49.10 -29.73 10.74
CA ASP N 32 -48.93 -29.79 9.29
C ASP N 32 -48.42 -28.48 8.73
N ILE N 33 -48.79 -27.35 9.35
CA ILE N 33 -48.23 -26.07 8.94
C ILE N 33 -46.76 -25.97 9.33
N ALA N 34 -46.41 -26.43 10.54
CA ALA N 34 -45.05 -26.29 11.03
C ALA N 34 -44.07 -27.21 10.31
N CYS N 35 -44.56 -28.34 9.80
CA CYS N 35 -43.64 -29.25 9.10
C CYS N 35 -43.12 -28.64 7.80
N GLU N 36 -43.71 -27.55 7.32
CA GLU N 36 -43.18 -26.87 6.15
C GLU N 36 -41.99 -25.98 6.49
N PHE N 37 -41.98 -25.38 7.69
CA PHE N 37 -40.85 -24.55 8.10
C PHE N 37 -39.59 -25.38 8.23
N ILE N 38 -39.68 -26.54 8.88
CA ILE N 38 -38.55 -27.41 9.14
C ILE N 38 -38.83 -28.76 8.51
N SER N 39 -37.90 -29.25 7.70
CA SER N 39 -38.06 -30.55 7.07
C SER N 39 -38.12 -31.64 8.12
N ASP N 40 -39.11 -32.52 8.00
CA ASP N 40 -39.33 -33.58 8.96
C ASP N 40 -38.70 -34.91 8.55
N ARG N 41 -37.99 -34.96 7.43
CA ARG N 41 -37.29 -36.17 7.04
C ARG N 41 -36.17 -36.46 8.03
N ASP N 42 -36.12 -37.70 8.52
CA ASP N 42 -35.17 -38.10 9.54
C ASP N 42 -34.14 -39.05 8.95
N SER N 43 -32.87 -38.71 9.10
CA SER N 43 -31.77 -39.55 8.69
C SER N 43 -30.68 -39.48 9.76
N PRO N 44 -29.88 -40.54 9.91
CA PRO N 44 -28.79 -40.50 10.88
C PRO N 44 -27.68 -39.52 10.54
N TYR N 45 -27.65 -38.99 9.32
CA TYR N 45 -26.58 -38.12 8.87
C TYR N 45 -26.93 -36.64 8.99
N ARG N 46 -28.09 -36.30 9.55
CA ARG N 46 -28.43 -34.92 9.81
C ARG N 46 -27.93 -34.49 11.18
N ILE N 47 -27.76 -33.18 11.34
CA ILE N 47 -27.40 -32.65 12.66
C ILE N 47 -28.58 -32.76 13.61
N LEU N 48 -29.79 -32.50 13.13
CA LEU N 48 -31.01 -32.67 13.91
C LEU N 48 -31.63 -34.02 13.56
N ASN N 49 -31.81 -34.87 14.56
CA ASN N 49 -32.39 -36.18 14.33
C ASN N 49 -32.93 -36.74 15.63
N GLY N 50 -34.04 -37.47 15.53
CA GLY N 50 -34.59 -38.14 16.69
C GLY N 50 -35.27 -37.18 17.65
N LYS N 51 -34.94 -37.33 18.93
CA LYS N 51 -35.61 -36.56 19.97
C LYS N 51 -35.44 -35.06 19.77
N ALA N 52 -34.26 -34.63 19.31
CA ALA N 52 -34.06 -33.21 19.05
C ALA N 52 -35.00 -32.70 17.97
N LEU N 53 -35.13 -33.46 16.88
CA LEU N 53 -36.02 -33.04 15.80
C LEU N 53 -37.47 -32.99 16.27
N GLU N 54 -37.91 -33.99 17.03
CA GLU N 54 -39.27 -33.96 17.54
C GLU N 54 -39.49 -32.79 18.49
N ALA N 55 -38.49 -32.48 19.33
CA ALA N 55 -38.61 -31.35 20.23
C ALA N 55 -38.73 -30.04 19.46
N CYS N 56 -37.92 -29.86 18.40
CA CYS N 56 -38.04 -28.65 17.60
C CYS N 56 -39.41 -28.54 16.96
N LEU N 57 -39.91 -29.64 16.40
CA LEU N 57 -41.23 -29.60 15.76
C LEU N 57 -42.32 -29.25 16.76
N TYR N 58 -42.27 -29.86 17.95
CA TYR N 58 -43.29 -29.59 18.96
C TYR N 58 -43.21 -28.15 19.46
N LEU N 59 -41.99 -27.63 19.63
CA LEU N 59 -41.83 -26.25 20.07
C LEU N 59 -42.36 -25.28 19.02
N LEU N 60 -42.10 -25.55 17.74
CA LEU N 60 -42.64 -24.70 16.68
C LEU N 60 -44.16 -24.74 16.69
N THR N 61 -44.74 -25.94 16.89
CA THR N 61 -46.19 -26.05 16.96
C THR N 61 -46.76 -25.23 18.12
N ALA N 62 -46.12 -25.30 19.28
CA ALA N 62 -46.60 -24.53 20.43
C ALA N 62 -46.48 -23.04 20.17
N HIS N 63 -45.38 -22.61 19.55
CA HIS N 63 -45.21 -21.20 19.21
C HIS N 63 -46.34 -20.72 18.30
N LEU N 64 -46.64 -21.50 17.25
CA LEU N 64 -47.72 -21.13 16.34
C LEU N 64 -49.06 -21.09 17.07
N LEU N 65 -49.29 -22.05 17.96
CA LEU N 65 -50.55 -22.09 18.69
C LEU N 65 -50.74 -20.87 19.57
N SER N 66 -49.69 -20.48 20.31
CA SER N 66 -49.79 -19.28 21.15
C SER N 66 -49.95 -18.02 20.30
N LEU N 67 -49.26 -17.96 19.16
CA LEU N 67 -49.42 -16.80 18.27
C LEU N 67 -50.86 -16.69 17.80
N SER N 68 -51.46 -17.82 17.44
CA SER N 68 -52.86 -17.82 17.05
C SER N 68 -53.76 -17.43 18.21
N THR N 69 -53.39 -17.84 19.42
CA THR N 69 -54.20 -17.51 20.59
C THR N 69 -54.30 -16.01 20.80
N MET N 70 -53.16 -15.31 20.70
CA MET N 70 -53.19 -13.86 20.92
C MET N 70 -54.09 -13.14 19.95
N GLN N 71 -54.43 -13.75 18.81
CA GLN N 71 -55.38 -13.17 17.87
C GLN N 71 -56.80 -13.63 18.11
N VAL N 72 -57.01 -14.93 18.37
CA VAL N 72 -58.37 -15.44 18.48
C VAL N 72 -59.03 -14.94 19.76
N GLN N 73 -58.30 -14.90 20.89
CA GLN N 73 -58.86 -14.33 22.10
C GLN N 73 -57.88 -13.45 22.87
N GLY N 74 -56.82 -12.97 22.22
CA GLY N 74 -56.02 -11.93 22.84
C GLY N 74 -56.78 -10.64 22.99
N ALA N 75 -57.49 -10.23 21.92
CA ALA N 75 -58.45 -9.14 22.04
C ALA N 75 -59.73 -9.60 22.70
N ALA N 76 -60.13 -10.85 22.46
CA ALA N 76 -61.28 -11.54 23.06
C ALA N 76 -62.61 -10.98 22.60
N GLY N 77 -62.63 -9.95 21.76
CA GLY N 77 -63.87 -9.42 21.23
C GLY N 77 -64.14 -9.95 19.84
N GLY N 78 -63.70 -11.17 19.56
CA GLY N 78 -63.84 -11.73 18.23
C GLY N 78 -62.85 -11.19 17.22
N GLY N 79 -61.73 -10.64 17.67
CA GLY N 79 -60.76 -10.05 16.76
C GLY N 79 -61.30 -8.85 16.02
N VAL N 80 -61.95 -7.94 16.76
CA VAL N 80 -62.58 -6.78 16.15
C VAL N 80 -61.64 -5.58 16.07
N THR N 81 -60.36 -5.75 16.38
CA THR N 81 -59.41 -4.66 16.35
C THR N 81 -59.06 -4.29 14.90
N ALA N 82 -58.11 -3.35 14.77
CA ALA N 82 -57.82 -2.77 13.47
C ALA N 82 -57.01 -3.73 12.59
N GLY N 83 -55.79 -4.04 13.01
CA GLY N 83 -54.90 -4.87 12.23
C GLY N 83 -54.51 -6.18 12.87
N GLY N 84 -55.02 -6.48 14.05
CA GLY N 84 -54.62 -7.67 14.77
C GLY N 84 -53.49 -7.41 15.75
N THR N 85 -53.43 -8.23 16.78
CA THR N 85 -52.39 -8.11 17.78
C THR N 85 -51.03 -8.40 17.16
N GLN N 86 -50.03 -7.62 17.54
CA GLN N 86 -48.68 -7.74 17.00
C GLN N 86 -47.76 -8.39 18.02
N GLY N 87 -46.91 -9.28 17.54
CA GLY N 87 -46.01 -10.05 18.40
C GLY N 87 -44.61 -9.48 18.39
N GLY N 88 -43.83 -9.86 19.39
CA GLY N 88 -42.47 -9.39 19.50
C GLY N 88 -42.04 -9.33 20.95
N PHE N 89 -40.73 -9.27 21.15
CA PHE N 89 -40.20 -9.17 22.49
C PHE N 89 -40.52 -7.81 23.09
N ILE N 90 -40.94 -7.83 24.36
CA ILE N 90 -41.29 -6.61 25.07
C ILE N 90 -40.07 -6.19 25.88
N THR N 91 -39.40 -5.13 25.45
CA THR N 91 -38.19 -4.68 26.12
C THR N 91 -38.48 -3.97 27.42
N SER N 92 -39.62 -3.29 27.52
CA SER N 92 -39.98 -2.57 28.74
C SER N 92 -41.49 -2.57 28.89
N ALA N 93 -41.94 -2.47 30.14
CA ALA N 93 -43.36 -2.44 30.45
C ALA N 93 -43.56 -1.70 31.75
N THR N 94 -44.78 -1.21 31.95
CA THR N 94 -45.12 -0.46 33.15
C THR N 94 -46.62 -0.57 33.40
N VAL N 95 -46.99 -1.02 34.59
CA VAL N 95 -48.38 -1.15 34.98
C VAL N 95 -48.52 -0.52 36.37
N GLY N 96 -49.21 0.61 36.45
CA GLY N 96 -49.37 1.30 37.71
C GLY N 96 -48.07 1.85 38.25
N GLU N 97 -47.61 1.33 39.39
CA GLU N 97 -46.40 1.80 40.05
C GLU N 97 -45.29 0.77 40.01
N VAL N 98 -45.34 -0.17 39.08
CA VAL N 98 -44.32 -1.20 38.93
C VAL N 98 -43.75 -1.10 37.52
N SER N 99 -42.44 -1.06 37.42
CA SER N 99 -41.75 -0.93 36.14
C SER N 99 -40.67 -2.00 36.03
N VAL N 100 -40.56 -2.60 34.84
CA VAL N 100 -39.60 -3.67 34.59
C VAL N 100 -38.98 -3.44 33.22
N ALA N 101 -37.66 -3.58 33.13
CA ALA N 101 -36.94 -3.47 31.88
C ALA N 101 -36.07 -4.70 31.69
N LYS N 102 -36.05 -5.22 30.46
CA LYS N 102 -35.32 -6.44 30.15
C LYS N 102 -34.29 -6.21 29.06
N LEU N 103 -33.45 -7.21 28.86
CA LEU N 103 -32.37 -7.14 27.87
C LEU N 103 -32.90 -7.51 26.49
N ALA N 104 -32.44 -6.78 25.49
CA ALA N 104 -32.89 -7.01 24.12
C ALA N 104 -32.12 -8.19 23.51
N PRO N 105 -32.81 -9.20 22.98
CA PRO N 105 -32.11 -10.32 22.37
C PRO N 105 -31.43 -9.89 21.08
N PRO N 106 -30.35 -10.55 20.69
CA PRO N 106 -29.62 -10.19 19.45
C PRO N 106 -30.25 -10.78 18.19
N ALA N 107 -31.27 -10.09 17.69
CA ALA N 107 -31.97 -10.52 16.48
C ALA N 107 -31.36 -9.84 15.27
N LYS N 108 -31.09 -10.63 14.22
CA LYS N 108 -30.43 -10.11 13.02
C LYS N 108 -31.25 -10.27 11.75
N ASN N 109 -32.38 -10.97 11.79
CA ASN N 109 -33.22 -11.12 10.61
C ASN N 109 -34.63 -11.46 11.06
N GLY N 110 -35.51 -11.71 10.09
CA GLY N 110 -36.90 -11.97 10.40
C GLY N 110 -37.12 -13.26 11.18
N TRP N 111 -36.32 -14.28 10.90
CA TRP N 111 -36.51 -15.58 11.55
C TRP N 111 -36.32 -15.48 13.06
N GLN N 112 -35.18 -14.93 13.49
CA GLN N 112 -34.90 -14.85 14.92
C GLN N 112 -35.82 -13.86 15.62
N TRP N 113 -36.11 -12.72 14.97
CA TRP N 113 -37.01 -11.74 15.56
C TRP N 113 -38.40 -12.32 15.76
N TRP N 114 -38.91 -13.05 14.76
CA TRP N 114 -40.19 -13.70 14.90
C TRP N 114 -40.17 -14.78 15.97
N LEU N 115 -39.07 -15.53 16.05
CA LEU N 115 -38.97 -16.59 17.05
C LEU N 115 -38.99 -16.02 18.47
N SER N 116 -38.36 -14.86 18.67
CA SER N 116 -38.24 -14.31 20.02
C SER N 116 -39.56 -13.81 20.60
N GLY N 117 -40.69 -14.03 19.92
CA GLY N 117 -41.96 -13.54 20.42
C GLY N 117 -42.42 -14.25 21.68
N THR N 118 -42.24 -15.56 21.75
CA THR N 118 -42.78 -16.39 22.81
C THR N 118 -41.69 -17.27 23.41
N PRO N 119 -41.86 -17.73 24.65
CA PRO N 119 -40.82 -18.57 25.26
C PRO N 119 -40.49 -19.83 24.48
N TYR N 120 -41.48 -20.45 23.84
CA TYR N 120 -41.20 -21.63 23.02
C TYR N 120 -40.31 -21.27 21.84
N GLY N 121 -40.55 -20.12 21.22
CA GLY N 121 -39.67 -19.68 20.15
C GLY N 121 -38.26 -19.43 20.64
N GLN N 122 -38.12 -18.85 21.83
CA GLN N 122 -36.79 -18.63 22.39
C GLN N 122 -36.08 -19.95 22.64
N GLU N 123 -36.79 -20.94 23.18
CA GLU N 123 -36.19 -22.24 23.42
C GLU N 123 -35.77 -22.90 22.11
N LEU N 124 -36.61 -22.80 21.07
CA LEU N 124 -36.26 -23.37 19.78
C LEU N 124 -35.02 -22.69 19.20
N TRP N 125 -34.96 -21.36 19.32
CA TRP N 125 -33.79 -20.62 18.83
C TRP N 125 -32.54 -21.06 19.57
N ALA N 126 -32.63 -21.22 20.89
CA ALA N 126 -31.47 -21.64 21.67
C ALA N 126 -31.00 -23.03 21.25
N LEU N 127 -31.94 -23.96 21.07
CA LEU N 127 -31.57 -25.31 20.64
C LEU N 127 -30.92 -25.29 19.26
N LEU N 128 -31.47 -24.52 18.33
CA LEU N 128 -30.88 -24.42 17.01
C LEU N 128 -29.48 -23.82 17.08
N SER N 129 -29.29 -22.81 17.94
CA SER N 129 -27.98 -22.20 18.09
C SER N 129 -26.97 -23.21 18.65
N VAL N 130 -27.39 -24.02 19.61
CA VAL N 130 -26.48 -25.04 20.14
C VAL N 130 -26.11 -26.03 19.06
N LYS N 131 -27.10 -26.52 18.31
CA LYS N 131 -26.84 -27.53 17.30
C LYS N 131 -26.16 -26.97 16.05
N ALA N 132 -26.09 -25.65 15.90
CA ALA N 132 -25.61 -25.03 14.68
C ALA N 132 -24.10 -24.86 14.64
N VAL N 133 -23.38 -25.17 15.71
CA VAL N 133 -21.94 -24.98 15.73
C VAL N 133 -21.28 -25.94 14.73
N GLY N 134 -20.22 -25.47 14.10
CA GLY N 134 -19.50 -26.29 13.13
C GLY N 134 -19.63 -25.78 11.71
N GLY N 135 -19.56 -26.68 10.75
CA GLY N 135 -19.66 -26.27 9.36
C GLY N 135 -19.84 -27.47 8.45
N PHE N 136 -19.79 -27.20 7.15
CA PHE N 136 -19.96 -28.22 6.13
C PHE N 136 -18.81 -28.16 5.14
N TYR N 137 -18.51 -29.31 4.53
CA TYR N 137 -17.56 -29.40 3.42
C TYR N 137 -18.07 -30.48 2.49
N ILE N 138 -18.54 -30.07 1.30
CA ILE N 138 -19.34 -30.94 0.46
C ILE N 138 -18.51 -31.54 -0.67
N GLY N 139 -17.98 -30.69 -1.55
CA GLY N 139 -17.19 -31.16 -2.67
C GLY N 139 -15.79 -31.51 -2.21
N GLY N 140 -15.35 -32.72 -2.53
CA GLY N 140 -14.01 -33.13 -2.15
C GLY N 140 -13.73 -34.60 -2.36
N LEU N 141 -12.47 -34.92 -2.67
CA LEU N 141 -12.01 -36.29 -2.87
C LEU N 141 -10.75 -36.51 -2.04
N PRO N 142 -10.52 -37.75 -1.59
CA PRO N 142 -9.31 -38.01 -0.80
C PRO N 142 -8.05 -37.95 -1.65
N GLU N 143 -7.63 -36.73 -2.00
CA GLU N 143 -6.46 -36.56 -2.85
C GLU N 143 -5.18 -36.96 -2.12
N ARG N 144 -5.18 -36.94 -0.79
CA ARG N 144 -3.99 -37.18 -0.01
C ARG N 144 -3.64 -38.66 0.14
N ARG N 145 -4.49 -39.56 -0.35
CA ARG N 145 -4.28 -40.98 -0.15
C ARG N 145 -3.23 -41.59 -1.08
N GLY N 146 -2.72 -40.82 -2.05
CA GLY N 146 -1.77 -41.33 -3.00
C GLY N 146 -0.31 -41.04 -2.71
N PHE N 147 0.02 -40.54 -1.52
CA PHE N 147 1.39 -40.17 -1.18
C PHE N 147 1.81 -40.82 0.13
N ARG N 148 3.11 -41.08 0.25
CA ARG N 148 3.68 -41.70 1.43
C ARG N 148 4.18 -40.61 2.38
N LYS N 149 3.76 -40.69 3.64
CA LYS N 149 4.05 -39.66 4.63
C LYS N 149 4.58 -40.27 5.92
N VAL N 150 5.52 -39.56 6.54
CA VAL N 150 6.04 -39.88 7.88
C VAL N 150 6.50 -41.32 7.96
N GLY N 151 5.65 -42.19 8.50
CA GLY N 151 6.02 -43.58 8.73
C GLY N 151 5.47 -44.53 7.70
N GLY N 152 5.48 -44.12 6.44
CA GLY N 152 4.96 -44.98 5.38
C GLY N 152 3.48 -45.26 5.50
N THR N 153 2.70 -44.27 5.94
CA THR N 153 1.26 -44.40 6.09
C THR N 153 0.56 -43.52 5.07
N PHE N 154 -0.36 -44.12 4.30
CA PHE N 154 -1.15 -43.38 3.33
C PHE N 154 -2.39 -42.75 3.96
N TRP N 155 -2.66 -43.02 5.22
CA TRP N 155 -3.85 -42.51 5.89
C TRP N 155 -3.73 -41.02 6.19
N MET O 1 -52.24 -22.53 -11.84
CA MET O 1 -52.75 -21.56 -10.89
C MET O 1 -53.45 -22.26 -9.72
N VAL O 2 -53.07 -21.88 -8.51
CA VAL O 2 -53.64 -22.48 -7.30
C VAL O 2 -55.07 -21.99 -7.14
N ILE O 3 -55.99 -22.92 -6.92
CA ILE O 3 -57.40 -22.58 -6.75
C ILE O 3 -57.64 -22.21 -5.29
N PHE O 4 -58.19 -21.01 -5.07
CA PHE O 4 -58.46 -20.53 -3.73
C PHE O 4 -59.65 -21.29 -3.13
N ASP O 5 -59.49 -21.76 -1.90
CA ASP O 5 -60.55 -22.44 -1.17
C ASP O 5 -60.94 -21.61 0.03
N GLU O 6 -62.16 -21.07 0.01
CA GLU O 6 -62.61 -20.21 1.10
C GLU O 6 -62.84 -21.01 2.38
N HIS O 7 -63.22 -22.28 2.26
CA HIS O 7 -63.44 -23.09 3.45
C HIS O 7 -62.16 -23.29 4.24
N LYS O 8 -61.08 -23.66 3.55
CA LYS O 8 -59.79 -23.81 4.23
C LYS O 8 -59.30 -22.49 4.79
N PHE O 9 -59.50 -21.39 4.05
CA PHE O 9 -59.08 -20.09 4.54
C PHE O 9 -59.80 -19.72 5.82
N ARG O 10 -61.12 -19.93 5.86
CA ARG O 10 -61.88 -19.61 7.06
C ARG O 10 -61.53 -20.54 8.21
N THR O 11 -61.22 -21.80 7.92
CA THR O 11 -60.77 -22.72 8.96
C THR O 11 -59.44 -22.27 9.55
N LEU O 12 -58.52 -21.81 8.70
CA LEU O 12 -57.19 -21.44 9.16
C LEU O 12 -57.22 -20.17 10.00
N PHE O 13 -58.05 -19.19 9.62
CA PHE O 13 -58.14 -17.90 10.30
C PHE O 13 -59.56 -17.71 10.79
N PRO O 14 -59.88 -18.19 12.00
CA PRO O 14 -61.26 -18.09 12.49
C PRO O 14 -61.75 -16.65 12.68
N GLU O 15 -60.86 -15.68 12.78
CA GLU O 15 -61.29 -14.30 12.93
C GLU O 15 -62.00 -13.77 11.68
N PHE O 16 -61.90 -14.47 10.55
CA PHE O 16 -62.61 -14.12 9.33
C PHE O 16 -63.78 -15.06 9.07
N ALA O 17 -64.37 -15.62 10.14
CA ALA O 17 -65.44 -16.59 9.97
C ALA O 17 -66.76 -15.94 9.56
N ASP O 18 -66.97 -14.68 9.92
CA ASP O 18 -68.23 -13.99 9.68
C ASP O 18 -68.47 -13.82 8.18
N PRO O 19 -69.44 -14.51 7.57
CA PRO O 19 -69.65 -14.36 6.13
C PRO O 19 -70.32 -13.05 5.75
N ALA O 20 -71.03 -12.41 6.69
CA ALA O 20 -71.70 -11.16 6.36
C ALA O 20 -70.70 -10.02 6.15
N ALA O 21 -69.74 -9.89 7.06
CA ALA O 21 -68.75 -8.82 6.97
C ALA O 21 -67.65 -9.12 5.98
N TYR O 22 -67.45 -10.39 5.60
CA TYR O 22 -66.38 -10.78 4.69
C TYR O 22 -66.96 -11.66 3.58
N PRO O 23 -67.60 -11.05 2.58
CA PRO O 23 -68.12 -11.83 1.46
C PRO O 23 -67.01 -12.51 0.69
N ASP O 24 -67.32 -13.67 0.10
CA ASP O 24 -66.33 -14.45 -0.62
C ASP O 24 -65.78 -13.72 -1.84
N VAL O 25 -66.55 -12.77 -2.39
CA VAL O 25 -66.06 -12.02 -3.55
C VAL O 25 -64.84 -11.21 -3.19
N ARG O 26 -64.87 -10.54 -2.02
CA ARG O 26 -63.72 -9.77 -1.59
C ARG O 26 -62.51 -10.66 -1.36
N LEU O 27 -62.71 -11.83 -0.75
CA LEU O 27 -61.61 -12.75 -0.52
C LEU O 27 -61.00 -13.22 -1.84
N GLN O 28 -61.85 -13.55 -2.81
CA GLN O 28 -61.34 -13.97 -4.11
C GLN O 28 -60.58 -12.84 -4.80
N MET O 29 -61.10 -11.62 -4.71
CA MET O 29 -60.41 -10.49 -5.33
C MET O 29 -59.06 -10.26 -4.69
N TYR O 30 -58.98 -10.36 -3.37
CA TYR O 30 -57.70 -10.13 -2.71
C TYR O 30 -56.72 -11.28 -2.98
N PHE O 31 -57.22 -12.51 -3.14
CA PHE O 31 -56.34 -13.59 -3.57
C PHE O 31 -55.82 -13.33 -4.98
N ASP O 32 -56.69 -12.83 -5.87
CA ASP O 32 -56.26 -12.52 -7.23
C ASP O 32 -55.22 -11.41 -7.25
N ILE O 33 -55.34 -10.45 -6.33
CA ILE O 33 -54.30 -9.42 -6.23
C ILE O 33 -53.01 -10.01 -5.68
N ALA O 34 -53.12 -10.82 -4.62
CA ALA O 34 -51.93 -11.40 -3.97
C ALA O 34 -51.19 -12.38 -4.87
N CYS O 35 -51.86 -12.96 -5.86
CA CYS O 35 -51.12 -13.85 -6.74
C CYS O 35 -50.16 -13.12 -7.66
N GLU O 36 -50.01 -11.81 -7.50
CA GLU O 36 -49.10 -11.03 -8.30
C GLU O 36 -47.85 -10.58 -7.54
N PHE O 37 -47.98 -10.33 -6.23
CA PHE O 37 -46.80 -10.12 -5.40
C PHE O 37 -45.90 -11.35 -5.42
N ILE O 38 -46.50 -12.53 -5.27
CA ILE O 38 -45.80 -13.80 -5.31
C ILE O 38 -46.37 -14.61 -6.45
N SER O 39 -45.49 -15.15 -7.30
CA SER O 39 -45.94 -15.93 -8.44
C SER O 39 -46.71 -17.16 -7.98
N ASP O 40 -47.87 -17.38 -8.59
CA ASP O 40 -48.69 -18.54 -8.28
C ASP O 40 -48.29 -19.76 -9.08
N ARG O 41 -47.39 -19.62 -10.05
CA ARG O 41 -46.92 -20.76 -10.81
C ARG O 41 -46.10 -21.68 -9.90
N ASP O 42 -46.32 -22.99 -10.04
CA ASP O 42 -45.69 -23.97 -9.17
C ASP O 42 -44.97 -24.99 -10.04
N SER O 43 -43.77 -25.36 -9.62
CA SER O 43 -42.99 -26.42 -10.23
C SER O 43 -42.22 -27.13 -9.12
N PRO O 44 -41.91 -28.42 -9.29
CA PRO O 44 -41.18 -29.14 -8.23
C PRO O 44 -39.78 -28.61 -8.00
N TYR O 45 -39.20 -27.88 -8.95
CA TYR O 45 -37.83 -27.40 -8.80
C TYR O 45 -37.75 -26.09 -8.03
N ARG O 46 -38.88 -25.49 -7.68
CA ARG O 46 -38.86 -24.19 -7.02
C ARG O 46 -38.54 -24.33 -5.54
N ILE O 47 -37.93 -23.28 -4.98
CA ILE O 47 -37.59 -23.27 -3.56
C ILE O 47 -38.86 -23.34 -2.72
N LEU O 48 -39.85 -22.54 -3.08
CA LEU O 48 -41.18 -22.60 -2.48
C LEU O 48 -42.11 -23.33 -3.42
N ASN O 49 -42.70 -24.43 -2.96
CA ASN O 49 -43.61 -25.20 -3.78
C ASN O 49 -44.60 -25.94 -2.90
N GLY O 50 -45.77 -26.23 -3.46
CA GLY O 50 -46.76 -26.99 -2.73
C GLY O 50 -47.31 -26.24 -1.54
N LYS O 51 -47.32 -26.92 -0.39
CA LYS O 51 -47.99 -26.38 0.78
C LYS O 51 -47.33 -25.10 1.29
N ALA O 52 -46.01 -24.97 1.10
CA ALA O 52 -45.35 -23.73 1.46
C ALA O 52 -45.89 -22.56 0.63
N LEU O 53 -46.04 -22.77 -0.68
CA LEU O 53 -46.61 -21.74 -1.53
C LEU O 53 -48.05 -21.43 -1.14
N GLU O 54 -48.83 -22.47 -0.83
CA GLU O 54 -50.21 -22.24 -0.41
C GLU O 54 -50.27 -21.40 0.86
N ALA O 55 -49.43 -21.72 1.84
CA ALA O 55 -49.41 -20.95 3.09
C ALA O 55 -48.97 -19.52 2.84
N CYS O 56 -47.97 -19.32 1.97
CA CYS O 56 -47.51 -17.98 1.68
C CYS O 56 -48.62 -17.15 1.04
N LEU O 57 -49.32 -17.73 0.06
CA LEU O 57 -50.41 -17.01 -0.58
C LEU O 57 -51.53 -16.69 0.39
N TYR O 58 -51.87 -17.64 1.26
CA TYR O 58 -52.93 -17.40 2.24
C TYR O 58 -52.54 -16.29 3.21
N LEU O 59 -51.28 -16.30 3.69
CA LEU O 59 -50.83 -15.27 4.61
C LEU O 59 -50.85 -13.90 3.95
N LEU O 60 -50.39 -13.82 2.69
CA LEU O 60 -50.41 -12.54 1.99
C LEU O 60 -51.84 -12.04 1.80
N THR O 61 -52.76 -12.95 1.45
CA THR O 61 -54.15 -12.55 1.29
C THR O 61 -54.74 -12.03 2.60
N ALA O 62 -54.44 -12.71 3.71
CA ALA O 62 -54.94 -12.25 5.01
C ALA O 62 -54.37 -10.88 5.36
N HIS O 63 -53.07 -10.67 5.09
CA HIS O 63 -52.45 -9.38 5.35
C HIS O 63 -53.14 -8.28 4.56
N LEU O 64 -53.35 -8.51 3.27
CA LEU O 64 -54.01 -7.50 2.43
C LEU O 64 -55.44 -7.24 2.93
N LEU O 65 -56.15 -8.29 3.31
CA LEU O 65 -57.52 -8.12 3.78
C LEU O 65 -57.56 -7.27 5.05
N SER O 66 -56.65 -7.53 6.00
CA SER O 66 -56.62 -6.74 7.22
C SER O 66 -56.30 -5.28 6.92
N LEU O 67 -55.28 -5.05 6.10
CA LEU O 67 -54.92 -3.66 5.77
C LEU O 67 -56.07 -2.93 5.09
N SER O 68 -56.80 -3.62 4.21
CA SER O 68 -57.91 -2.98 3.52
C SER O 68 -59.05 -2.69 4.47
N THR O 69 -59.45 -3.68 5.29
CA THR O 69 -60.58 -3.50 6.18
C THR O 69 -60.29 -2.53 7.32
N MET O 70 -59.04 -2.16 7.55
CA MET O 70 -58.75 -1.16 8.57
C MET O 70 -59.41 0.17 8.26
N GLN O 71 -59.39 0.58 6.98
CA GLN O 71 -59.77 1.95 6.63
C GLN O 71 -61.26 2.21 6.82
N VAL O 72 -62.10 1.30 6.32
CA VAL O 72 -63.50 1.64 6.05
C VAL O 72 -64.32 1.91 7.30
N GLN O 73 -63.88 1.45 8.48
CA GLN O 73 -64.71 1.59 9.67
C GLN O 73 -63.90 1.97 10.91
N GLY O 74 -62.80 2.70 10.71
CA GLY O 74 -61.90 2.97 11.82
C GLY O 74 -62.32 4.06 12.79
N ALA O 75 -62.45 5.30 12.29
CA ALA O 75 -62.59 6.48 13.14
C ALA O 75 -64.02 6.70 13.61
N ALA O 76 -64.87 5.67 13.60
CA ALA O 76 -66.27 5.75 14.02
C ALA O 76 -67.08 6.71 13.15
N GLY O 77 -66.59 6.99 11.95
CA GLY O 77 -67.30 7.83 11.01
C GLY O 77 -67.17 7.28 9.60
N GLY O 78 -66.95 5.97 9.51
CA GLY O 78 -66.75 5.34 8.22
C GLY O 78 -65.49 5.75 7.48
N GLY O 79 -64.38 5.88 8.19
CA GLY O 79 -63.15 6.30 7.55
C GLY O 79 -63.23 7.71 7.00
N VAL O 80 -63.78 8.64 7.78
CA VAL O 80 -63.95 10.02 7.35
C VAL O 80 -62.60 10.73 7.39
N THR O 81 -61.57 10.04 7.87
CA THR O 81 -60.23 10.59 7.90
C THR O 81 -59.78 10.97 6.49
N ALA O 82 -59.16 12.14 6.38
CA ALA O 82 -58.80 12.67 5.06
C ALA O 82 -57.77 11.78 4.37
N GLY O 83 -56.73 11.37 5.10
CA GLY O 83 -55.67 10.57 4.53
C GLY O 83 -55.71 9.10 4.85
N GLY O 84 -56.79 8.59 5.43
CA GLY O 84 -56.86 7.20 5.80
C GLY O 84 -56.03 6.88 7.03
N THR O 85 -55.92 5.60 7.33
CA THR O 85 -55.14 5.11 8.44
C THR O 85 -53.85 4.51 7.91
N GLN O 86 -52.71 4.97 8.44
CA GLN O 86 -51.42 4.46 8.01
C GLN O 86 -51.02 3.24 8.82
N GLY O 87 -50.30 2.34 8.17
CA GLY O 87 -49.82 1.13 8.81
C GLY O 87 -48.40 1.26 9.32
N GLY O 88 -47.90 0.18 9.89
CA GLY O 88 -46.54 0.13 10.38
C GLY O 88 -46.47 -0.55 11.74
N PHE O 89 -45.24 -0.85 12.15
CA PHE O 89 -45.02 -1.47 13.44
C PHE O 89 -45.09 -0.42 14.55
N ILE O 90 -45.70 -0.80 15.67
CA ILE O 90 -45.89 0.09 16.80
C ILE O 90 -44.87 -0.30 17.87
N THR O 91 -43.84 0.54 18.04
CA THR O 91 -42.76 0.22 18.97
C THR O 91 -43.07 0.65 20.40
N SER O 92 -44.12 1.44 20.62
CA SER O 92 -44.46 1.86 21.97
C SER O 92 -45.92 2.29 22.00
N ALA O 93 -46.51 2.24 23.19
CA ALA O 93 -47.88 2.64 23.39
C ALA O 93 -48.09 3.00 24.85
N THR O 94 -49.19 3.72 25.11
CA THR O 94 -49.54 4.12 26.47
C THR O 94 -51.03 4.41 26.51
N VAL O 95 -51.72 3.84 27.49
CA VAL O 95 -53.14 4.08 27.71
C VAL O 95 -53.31 4.31 29.21
N GLY O 96 -53.43 5.56 29.61
CA GLY O 96 -53.54 5.88 31.01
C GLY O 96 -52.26 5.61 31.78
N GLU O 97 -52.26 4.57 32.60
CA GLU O 97 -51.09 4.17 33.37
C GLU O 97 -50.64 2.77 33.00
N VAL O 98 -50.76 2.43 31.72
CA VAL O 98 -50.26 1.18 31.17
C VAL O 98 -49.38 1.54 29.97
N SER O 99 -48.13 1.09 29.99
CA SER O 99 -47.18 1.40 28.94
C SER O 99 -46.41 0.15 28.53
N VAL O 100 -46.18 0.01 27.24
CA VAL O 100 -45.47 -1.14 26.67
C VAL O 100 -44.50 -0.65 25.61
N ALA O 101 -43.27 -1.16 25.63
CA ALA O 101 -42.27 -0.84 24.61
C ALA O 101 -41.72 -2.14 24.06
N LYS O 102 -41.67 -2.24 22.73
CA LYS O 102 -41.28 -3.48 22.05
C LYS O 102 -39.99 -3.27 21.28
N LEU O 103 -39.54 -4.34 20.62
CA LEU O 103 -38.29 -4.36 19.89
C LEU O 103 -38.54 -4.12 18.41
N ALA O 104 -37.81 -3.19 17.83
CA ALA O 104 -38.01 -2.84 16.42
C ALA O 104 -37.46 -3.94 15.52
N PRO O 105 -38.25 -4.43 14.56
CA PRO O 105 -37.73 -5.47 13.68
C PRO O 105 -36.70 -4.90 12.72
N PRO O 106 -35.80 -5.74 12.19
CA PRO O 106 -34.75 -5.26 11.27
C PRO O 106 -35.23 -5.11 9.83
N ALA O 107 -35.98 -4.05 9.58
CA ALA O 107 -36.47 -3.75 8.24
C ALA O 107 -35.44 -2.89 7.50
N LYS O 108 -35.17 -3.24 6.25
CA LYS O 108 -34.17 -2.55 5.46
C LYS O 108 -34.69 -2.03 4.12
N ASN O 109 -35.93 -2.32 3.76
CA ASN O 109 -36.50 -1.82 2.52
C ASN O 109 -38.02 -1.74 2.68
N GLY O 110 -38.69 -1.34 1.60
CA GLY O 110 -40.14 -1.19 1.67
C GLY O 110 -40.87 -2.49 1.87
N TRP O 111 -40.37 -3.57 1.27
CA TRP O 111 -41.05 -4.86 1.35
C TRP O 111 -41.14 -5.34 2.80
N GLN O 112 -40.00 -5.39 3.49
CA GLN O 112 -40.00 -5.89 4.86
C GLN O 112 -40.72 -4.94 5.81
N TRP O 113 -40.55 -3.63 5.62
CA TRP O 113 -41.22 -2.66 6.47
C TRP O 113 -42.73 -2.77 6.33
N TRP O 114 -43.22 -2.95 5.10
CA TRP O 114 -44.65 -3.16 4.90
C TRP O 114 -45.11 -4.47 5.51
N LEU O 115 -44.31 -5.54 5.35
CA LEU O 115 -44.70 -6.83 5.89
C LEU O 115 -44.80 -6.81 7.40
N SER O 116 -43.97 -5.99 8.06
CA SER O 116 -43.99 -5.94 9.52
C SER O 116 -45.26 -5.30 10.08
N GLY O 117 -46.21 -4.89 9.23
CA GLY O 117 -47.39 -4.21 9.73
C GLY O 117 -48.30 -5.09 10.57
N THR O 118 -48.54 -6.31 10.13
CA THR O 118 -49.52 -7.21 10.74
C THR O 118 -48.91 -8.58 10.98
N PRO O 119 -49.45 -9.34 11.94
CA PRO O 119 -48.82 -10.64 12.28
C PRO O 119 -48.73 -11.60 11.12
N TYR O 120 -49.70 -11.60 10.20
CA TYR O 120 -49.60 -12.47 9.04
C TYR O 120 -48.41 -12.08 8.18
N GLY O 121 -48.17 -10.78 8.00
CA GLY O 121 -46.99 -10.33 7.28
C GLY O 121 -45.71 -10.75 7.97
N GLN O 122 -45.68 -10.66 9.31
CA GLN O 122 -44.49 -11.09 10.05
C GLN O 122 -44.23 -12.58 9.87
N GLU O 123 -45.28 -13.40 9.91
CA GLU O 123 -45.10 -14.82 9.70
C GLU O 123 -44.63 -15.12 8.28
N LEU O 124 -45.18 -14.42 7.29
CA LEU O 124 -44.72 -14.59 5.92
C LEU O 124 -43.25 -14.22 5.79
N TRP O 125 -42.83 -13.12 6.42
CA TRP O 125 -41.44 -12.71 6.37
C TRP O 125 -40.54 -13.76 7.02
N ALA O 126 -40.98 -14.32 8.15
CA ALA O 126 -40.19 -15.36 8.82
C ALA O 126 -40.03 -16.57 7.92
N LEU O 127 -41.12 -17.02 7.29
CA LEU O 127 -41.05 -18.18 6.41
C LEU O 127 -40.13 -17.93 5.23
N LEU O 128 -40.22 -16.74 4.64
CA LEU O 128 -39.34 -16.40 3.53
C LEU O 128 -37.88 -16.37 3.97
N SER O 129 -37.62 -15.84 5.17
CA SER O 129 -36.26 -15.80 5.68
C SER O 129 -35.70 -17.20 5.88
N VAL O 130 -36.49 -18.12 6.41
CA VAL O 130 -36.02 -19.50 6.56
C VAL O 130 -35.74 -20.11 5.19
N LYS O 131 -36.64 -19.92 4.24
CA LYS O 131 -36.48 -20.56 2.94
C LYS O 131 -35.48 -19.84 2.05
N ALA O 132 -34.95 -18.70 2.46
CA ALA O 132 -34.05 -17.91 1.64
C ALA O 132 -32.58 -18.27 1.84
N VAL O 133 -32.27 -19.29 2.64
CA VAL O 133 -30.89 -19.65 2.90
C VAL O 133 -30.28 -20.26 1.64
N GLY O 134 -29.01 -19.95 1.39
CA GLY O 134 -28.31 -20.49 0.24
C GLY O 134 -28.29 -19.55 -0.94
N GLY O 135 -28.15 -20.10 -2.14
CA GLY O 135 -28.13 -19.29 -3.34
C GLY O 135 -28.26 -20.15 -4.57
N PHE O 136 -28.19 -19.50 -5.73
CA PHE O 136 -28.33 -20.16 -7.01
C PHE O 136 -27.03 -20.12 -7.79
N TYR O 137 -26.75 -21.19 -8.51
CA TYR O 137 -25.68 -21.24 -9.49
C TYR O 137 -26.33 -21.46 -10.86
N ILE O 138 -26.27 -20.45 -11.71
CA ILE O 138 -27.09 -20.39 -12.91
C ILE O 138 -26.33 -20.81 -14.16
N GLY O 139 -25.16 -20.22 -14.38
CA GLY O 139 -24.34 -20.55 -15.54
C GLY O 139 -23.21 -21.49 -15.17
N GLY O 140 -22.81 -22.30 -16.13
CA GLY O 140 -21.69 -23.21 -15.95
C GLY O 140 -21.94 -24.55 -16.63
N LEU O 141 -20.85 -25.26 -16.89
CA LEU O 141 -20.85 -26.56 -17.54
C LEU O 141 -19.95 -27.52 -16.77
N PRO O 142 -20.23 -28.82 -16.84
CA PRO O 142 -19.39 -29.80 -16.12
C PRO O 142 -18.03 -30.03 -16.80
N GLU O 143 -17.10 -29.12 -16.53
CA GLU O 143 -15.78 -29.21 -17.14
C GLU O 143 -14.91 -30.27 -16.50
N ARG O 144 -15.14 -30.60 -15.23
CA ARG O 144 -14.27 -31.53 -14.51
C ARG O 144 -14.44 -32.97 -14.97
N ARG O 145 -15.45 -33.27 -15.78
CA ARG O 145 -15.68 -34.64 -16.22
C ARG O 145 -14.63 -35.12 -17.21
N GLY O 146 -13.79 -34.23 -17.73
CA GLY O 146 -12.79 -34.59 -18.71
C GLY O 146 -11.42 -34.96 -18.18
N PHE O 147 -11.26 -35.10 -16.88
CA PHE O 147 -9.96 -35.36 -16.27
C PHE O 147 -10.06 -36.48 -15.26
N ARG O 148 -8.94 -37.17 -15.05
CA ARG O 148 -8.87 -38.35 -14.20
C ARG O 148 -8.32 -37.95 -12.83
N LYS O 149 -8.99 -38.40 -11.77
CA LYS O 149 -8.65 -37.99 -10.41
C LYS O 149 -8.65 -39.18 -9.47
N VAL O 150 -7.79 -39.08 -8.45
CA VAL O 150 -7.71 -40.03 -7.33
C VAL O 150 -7.57 -41.46 -7.84
N GLY O 151 -8.67 -42.21 -7.81
CA GLY O 151 -8.64 -43.61 -8.15
C GLY O 151 -9.01 -43.90 -9.59
N GLY O 152 -8.44 -43.13 -10.51
CA GLY O 152 -8.77 -43.32 -11.92
C GLY O 152 -10.23 -43.11 -12.24
N THR O 153 -10.86 -42.11 -11.61
CA THR O 153 -12.27 -41.81 -11.81
C THR O 153 -12.43 -40.47 -12.51
N PHE O 154 -13.59 -40.30 -13.13
CA PHE O 154 -13.93 -39.06 -13.83
C PHE O 154 -15.11 -38.34 -13.22
N TRP O 155 -15.69 -38.87 -12.15
CA TRP O 155 -16.81 -38.24 -11.47
C TRP O 155 -16.38 -36.92 -10.84
N MET P 1 -52.58 3.66 -24.24
CA MET P 1 -53.06 3.97 -22.91
C MET P 1 -54.08 2.92 -22.43
N VAL P 2 -53.93 2.50 -21.18
CA VAL P 2 -54.81 1.50 -20.58
C VAL P 2 -56.13 2.17 -20.23
N ILE P 3 -57.25 1.50 -20.55
CA ILE P 3 -58.56 2.04 -20.25
C ILE P 3 -58.79 1.99 -18.75
N PHE P 4 -59.28 3.10 -18.19
CA PHE P 4 -59.53 3.20 -16.76
C PHE P 4 -60.98 2.86 -16.48
N ASP P 5 -61.21 1.80 -15.69
CA ASP P 5 -62.53 1.32 -15.37
C ASP P 5 -62.95 1.89 -14.02
N GLU P 6 -63.88 2.85 -14.04
CA GLU P 6 -64.34 3.47 -12.80
C GLU P 6 -65.10 2.47 -11.93
N HIS P 7 -65.88 1.58 -12.55
CA HIS P 7 -66.69 0.64 -11.79
C HIS P 7 -65.80 -0.27 -10.94
N LYS P 8 -64.82 -0.92 -11.56
CA LYS P 8 -63.93 -1.79 -10.80
C LYS P 8 -63.04 -1.01 -9.85
N PHE P 9 -62.76 0.27 -10.15
CA PHE P 9 -62.01 1.10 -9.21
C PHE P 9 -62.79 1.30 -7.93
N ARG P 10 -64.06 1.70 -8.05
CA ARG P 10 -64.90 1.86 -6.88
C ARG P 10 -65.12 0.53 -6.17
N THR P 11 -65.16 -0.57 -6.93
CA THR P 11 -65.27 -1.89 -6.31
C THR P 11 -64.03 -2.20 -5.47
N LEU P 12 -62.85 -1.82 -5.95
CA LEU P 12 -61.62 -2.12 -5.22
C LEU P 12 -61.56 -1.36 -3.90
N PHE P 13 -61.90 -0.08 -3.92
CA PHE P 13 -61.86 0.76 -2.72
C PHE P 13 -63.26 1.19 -2.35
N PRO P 14 -63.92 0.52 -1.40
CA PRO P 14 -65.29 0.90 -1.03
C PRO P 14 -65.38 2.28 -0.40
N GLU P 15 -64.29 2.83 0.11
CA GLU P 15 -64.34 4.16 0.72
C GLU P 15 -64.55 5.27 -0.29
N PHE P 16 -64.38 5.00 -1.59
CA PHE P 16 -64.64 5.97 -2.65
C PHE P 16 -65.92 5.65 -3.41
N ALA P 17 -66.84 4.89 -2.79
CA ALA P 17 -68.00 4.40 -3.51
C ALA P 17 -68.97 5.52 -3.86
N ASP P 18 -69.02 6.58 -3.05
CA ASP P 18 -70.02 7.62 -3.23
C ASP P 18 -69.72 8.39 -4.51
N PRO P 19 -70.65 8.43 -5.46
CA PRO P 19 -70.40 9.18 -6.70
C PRO P 19 -70.58 10.68 -6.54
N ALA P 20 -71.45 11.11 -5.63
CA ALA P 20 -71.65 12.54 -5.43
C ALA P 20 -70.40 13.21 -4.90
N ALA P 21 -69.72 12.57 -3.95
CA ALA P 21 -68.50 13.14 -3.38
C ALA P 21 -67.30 13.01 -4.32
N TYR P 22 -67.27 11.95 -5.12
CA TYR P 22 -66.15 11.68 -6.03
C TYR P 22 -66.69 11.48 -7.43
N PRO P 23 -66.85 12.55 -8.19
CA PRO P 23 -67.36 12.42 -9.57
C PRO P 23 -66.38 11.66 -10.45
N ASP P 24 -66.93 11.05 -11.50
CA ASP P 24 -66.12 10.25 -12.41
C ASP P 24 -65.11 11.09 -13.17
N VAL P 25 -65.43 12.35 -13.47
CA VAL P 25 -64.50 13.21 -14.18
C VAL P 25 -63.26 13.48 -13.34
N ARG P 26 -63.43 13.65 -12.03
CA ARG P 26 -62.28 13.84 -11.16
C ARG P 26 -61.39 12.61 -11.14
N LEU P 27 -62.00 11.42 -11.09
CA LEU P 27 -61.22 10.19 -11.12
C LEU P 27 -60.46 10.05 -12.43
N GLN P 28 -61.11 10.37 -13.55
CA GLN P 28 -60.42 10.30 -14.83
C GLN P 28 -59.27 11.29 -14.90
N MET P 29 -59.47 12.50 -14.36
CA MET P 29 -58.40 13.48 -14.32
C MET P 29 -57.21 12.96 -13.51
N TYR P 30 -57.48 12.36 -12.36
CA TYR P 30 -56.37 11.88 -11.53
C TYR P 30 -55.68 10.68 -12.15
N PHE P 31 -56.43 9.82 -12.85
CA PHE P 31 -55.79 8.73 -13.59
C PHE P 31 -54.90 9.27 -14.71
N ASP P 32 -55.35 10.31 -15.39
CA ASP P 32 -54.54 10.91 -16.45
C ASP P 32 -53.30 11.57 -15.88
N ILE P 33 -53.39 12.12 -14.68
CA ILE P 33 -52.20 12.65 -14.02
C ILE P 33 -51.26 11.51 -13.61
N ALA P 34 -51.82 10.41 -13.11
CA ALA P 34 -50.99 9.32 -12.61
C ALA P 34 -50.28 8.58 -13.73
N CYS P 35 -50.89 8.49 -14.91
CA CYS P 35 -50.24 7.75 -15.99
C CYS P 35 -48.98 8.44 -16.48
N GLU P 36 -48.73 9.68 -16.08
CA GLU P 36 -47.48 10.35 -16.40
C GLU P 36 -46.33 9.85 -15.53
N PHE P 37 -46.61 9.55 -14.27
CA PHE P 37 -45.58 9.05 -13.37
C PHE P 37 -45.05 7.70 -13.84
N ILE P 38 -45.94 6.79 -14.19
CA ILE P 38 -45.59 5.43 -14.58
C ILE P 38 -46.07 5.20 -16.01
N SER P 39 -45.16 4.74 -16.87
CA SER P 39 -45.54 4.47 -18.25
C SER P 39 -46.59 3.36 -18.30
N ASP P 40 -47.66 3.61 -19.04
CA ASP P 40 -48.77 2.69 -19.14
C ASP P 40 -48.70 1.78 -20.36
N ARG P 41 -47.64 1.87 -21.16
CA ARG P 41 -47.46 0.94 -22.26
C ARG P 41 -47.24 -0.47 -21.72
N ASP P 42 -47.93 -1.44 -22.30
CA ASP P 42 -47.91 -2.82 -21.81
C ASP P 42 -47.26 -3.68 -22.88
N SER P 43 -46.21 -4.40 -22.48
CA SER P 43 -45.57 -5.39 -23.32
C SER P 43 -45.16 -6.57 -22.44
N PRO P 44 -45.06 -7.77 -23.01
CA PRO P 44 -44.68 -8.94 -22.19
C PRO P 44 -43.24 -8.91 -21.73
N TYR P 45 -42.41 -8.00 -22.22
CA TYR P 45 -41.00 -7.97 -21.89
C TYR P 45 -40.66 -6.96 -20.81
N ARG P 46 -41.64 -6.29 -20.23
CA ARG P 46 -41.40 -5.39 -19.11
C ARG P 46 -41.45 -6.15 -17.80
N ILE P 47 -40.85 -5.54 -16.76
CA ILE P 47 -40.94 -6.12 -15.42
C ILE P 47 -42.38 -6.07 -14.92
N LEU P 48 -43.07 -4.96 -15.13
CA LEU P 48 -44.46 -4.80 -14.76
C LEU P 48 -45.33 -5.06 -15.99
N ASN P 49 -46.21 -6.05 -15.90
CA ASN P 49 -47.07 -6.43 -17.00
C ASN P 49 -48.27 -7.18 -16.45
N GLY P 50 -49.28 -7.35 -17.31
CA GLY P 50 -50.49 -7.98 -16.83
C GLY P 50 -51.26 -7.05 -15.90
N LYS P 51 -51.93 -7.65 -14.91
CA LYS P 51 -52.71 -6.86 -13.97
C LYS P 51 -51.84 -6.13 -12.96
N ALA P 52 -50.54 -6.42 -12.90
CA ALA P 52 -49.67 -5.68 -12.00
C ALA P 52 -49.61 -4.20 -12.36
N LEU P 53 -49.52 -3.90 -13.66
CA LEU P 53 -49.44 -2.51 -14.09
C LEU P 53 -50.70 -1.74 -13.74
N GLU P 54 -51.88 -2.33 -13.98
CA GLU P 54 -53.12 -1.66 -13.64
C GLU P 54 -53.30 -1.54 -12.13
N ALA P 55 -52.84 -2.53 -11.36
CA ALA P 55 -52.88 -2.39 -9.90
C ALA P 55 -52.01 -1.25 -9.44
N CYS P 56 -50.81 -1.12 -10.01
CA CYS P 56 -49.94 0.01 -9.68
C CYS P 56 -50.60 1.34 -10.01
N LEU P 57 -51.19 1.44 -11.20
CA LEU P 57 -51.84 2.68 -11.61
C LEU P 57 -53.01 3.01 -10.69
N TYR P 58 -53.81 2.00 -10.32
CA TYR P 58 -54.94 2.25 -9.44
C TYR P 58 -54.48 2.69 -8.06
N LEU P 59 -53.41 2.08 -7.55
CA LEU P 59 -52.89 2.49 -6.25
C LEU P 59 -52.36 3.91 -6.28
N LEU P 60 -51.67 4.29 -7.35
CA LEU P 60 -51.18 5.66 -7.48
C LEU P 60 -52.35 6.64 -7.57
N THR P 61 -53.40 6.27 -8.30
CA THR P 61 -54.59 7.11 -8.38
C THR P 61 -55.23 7.29 -7.02
N ALA P 62 -55.32 6.20 -6.24
CA ALA P 62 -55.88 6.30 -4.90
C ALA P 62 -55.03 7.19 -4.00
N HIS P 63 -53.71 7.09 -4.11
CA HIS P 63 -52.82 7.96 -3.33
C HIS P 63 -53.06 9.42 -3.67
N LEU P 64 -53.12 9.74 -4.97
CA LEU P 64 -53.35 11.13 -5.38
C LEU P 64 -54.71 11.62 -4.91
N LEU P 65 -55.74 10.78 -5.00
CA LEU P 65 -57.08 11.17 -4.57
C LEU P 65 -57.12 11.41 -3.07
N SER P 66 -56.44 10.56 -2.29
CA SER P 66 -56.41 10.75 -0.84
C SER P 66 -55.71 12.05 -0.48
N LEU P 67 -54.59 12.35 -1.14
CA LEU P 67 -53.92 13.63 -0.88
C LEU P 67 -54.80 14.81 -1.27
N SER P 68 -55.53 14.69 -2.39
CA SER P 68 -56.44 15.75 -2.80
C SER P 68 -57.53 15.97 -1.76
N THR P 69 -58.09 14.89 -1.21
CA THR P 69 -59.06 15.01 -0.14
C THR P 69 -58.46 15.70 1.07
N MET P 70 -57.26 15.27 1.47
CA MET P 70 -56.56 15.90 2.60
C MET P 70 -56.39 17.39 2.40
N GLN P 71 -56.10 17.84 1.17
CA GLN P 71 -55.94 19.25 0.89
C GLN P 71 -57.26 20.01 0.85
N VAL P 72 -58.26 19.47 0.15
CA VAL P 72 -59.49 20.22 -0.07
C VAL P 72 -60.30 20.31 1.22
N GLN P 73 -60.50 19.18 1.90
CA GLN P 73 -61.37 19.16 3.07
C GLN P 73 -60.70 18.57 4.31
N GLY P 74 -59.37 18.48 4.32
CA GLY P 74 -58.68 18.18 5.56
C GLY P 74 -58.83 19.30 6.57
N ALA P 75 -58.65 20.55 6.10
CA ALA P 75 -59.02 21.71 6.90
C ALA P 75 -60.52 21.94 6.86
N ALA P 76 -61.16 21.68 5.72
CA ALA P 76 -62.60 21.76 5.48
C ALA P 76 -63.14 23.19 5.52
N GLY P 77 -62.30 24.19 5.80
CA GLY P 77 -62.75 25.56 5.78
C GLY P 77 -62.42 26.23 4.46
N GLY P 78 -62.44 25.46 3.38
CA GLY P 78 -62.05 25.97 2.09
C GLY P 78 -60.56 26.08 1.87
N GLY P 79 -59.76 25.38 2.66
CA GLY P 79 -58.31 25.47 2.54
C GLY P 79 -57.78 26.85 2.86
N VAL P 80 -58.24 27.43 3.98
CA VAL P 80 -57.87 28.78 4.36
C VAL P 80 -56.55 28.74 5.13
N THR P 81 -55.94 27.56 5.20
CA THR P 81 -54.65 27.41 5.85
C THR P 81 -53.59 28.19 5.06
N ALA P 82 -52.57 28.67 5.79
CA ALA P 82 -51.54 29.51 5.17
C ALA P 82 -50.84 28.80 4.02
N GLY P 83 -50.35 27.59 4.26
CA GLY P 83 -49.61 26.87 3.24
C GLY P 83 -50.23 25.55 2.85
N GLY P 84 -51.34 25.19 3.48
CA GLY P 84 -52.00 23.92 3.21
C GLY P 84 -51.43 22.79 4.04
N THR P 85 -52.24 21.74 4.17
CA THR P 85 -51.84 20.59 4.95
C THR P 85 -50.66 19.88 4.29
N GLN P 86 -49.69 19.46 5.10
CA GLN P 86 -48.51 18.77 4.61
C GLN P 86 -48.61 17.28 4.91
N GLY P 87 -47.99 16.47 4.05
CA GLY P 87 -48.08 15.03 4.12
C GLY P 87 -46.77 14.41 4.55
N GLY P 88 -46.85 13.19 5.06
CA GLY P 88 -45.68 12.47 5.50
C GLY P 88 -46.04 11.45 6.55
N PHE P 89 -45.12 10.53 6.78
CA PHE P 89 -45.33 9.50 7.79
C PHE P 89 -45.30 10.13 9.18
N ILE P 90 -46.27 9.76 10.02
CA ILE P 90 -46.38 10.31 11.37
C ILE P 90 -45.64 9.36 12.31
N THR P 91 -44.43 9.74 12.69
CA THR P 91 -43.62 8.87 13.56
C THR P 91 -44.24 8.70 14.92
N SER P 92 -44.75 9.77 15.52
CA SER P 92 -45.32 9.72 16.86
C SER P 92 -46.55 10.61 16.93
N ALA P 93 -47.45 10.28 17.85
CA ALA P 93 -48.67 11.05 18.05
C ALA P 93 -49.12 10.90 19.49
N THR P 94 -49.93 11.86 19.94
CA THR P 94 -50.43 11.86 21.31
C THR P 94 -51.71 12.66 21.35
N VAL P 95 -52.79 12.06 21.85
CA VAL P 95 -54.07 12.72 22.00
C VAL P 95 -54.57 12.46 23.41
N GLY P 96 -54.35 13.41 24.30
CA GLY P 96 -54.80 13.26 25.67
C GLY P 96 -53.97 12.30 26.48
N GLU P 97 -54.57 11.18 26.89
CA GLU P 97 -53.91 10.20 27.75
C GLU P 97 -53.43 8.99 26.98
N VAL P 98 -53.45 9.04 25.65
CA VAL P 98 -53.01 7.94 24.80
C VAL P 98 -51.91 8.45 23.89
N SER P 99 -50.79 7.72 23.84
CA SER P 99 -49.67 8.06 22.98
C SER P 99 -49.19 6.81 22.27
N VAL P 100 -48.82 6.96 20.99
CA VAL P 100 -48.41 5.85 20.16
C VAL P 100 -47.20 6.28 19.33
N ALA P 101 -46.18 5.44 19.27
CA ALA P 101 -44.99 5.68 18.47
C ALA P 101 -44.77 4.51 17.52
N LYS P 102 -44.41 4.82 16.27
CA LYS P 102 -44.22 3.81 15.24
C LYS P 102 -42.80 3.83 14.72
N LEU P 103 -42.51 2.88 13.84
CA LEU P 103 -41.17 2.73 13.25
C LEU P 103 -41.04 3.55 11.99
N ALA P 104 -39.91 4.24 11.86
CA ALA P 104 -39.67 5.10 10.70
C ALA P 104 -39.29 4.25 9.49
N PRO P 105 -39.98 4.42 8.36
CA PRO P 105 -39.63 3.64 7.17
C PRO P 105 -38.31 4.08 6.60
N PRO P 106 -37.60 3.20 5.89
CA PRO P 106 -36.30 3.57 5.29
C PRO P 106 -36.44 4.31 3.95
N ALA P 107 -36.67 5.62 4.04
CA ALA P 107 -36.80 6.47 2.87
C ALA P 107 -35.45 7.10 2.54
N LYS P 108 -35.10 7.11 1.26
CA LYS P 108 -33.80 7.60 0.83
C LYS P 108 -33.86 8.69 -0.23
N ASN P 109 -35.05 9.04 -0.73
CA ASN P 109 -35.18 10.10 -1.72
C ASN P 109 -36.61 10.61 -1.68
N GLY P 110 -36.89 11.59 -2.55
CA GLY P 110 -38.22 12.20 -2.56
C GLY P 110 -39.32 11.24 -2.94
N TRP P 111 -39.03 10.29 -3.85
CA TRP P 111 -40.05 9.37 -4.32
C TRP P 111 -40.59 8.51 -3.19
N GLN P 112 -39.70 7.85 -2.46
CA GLN P 112 -40.14 6.95 -1.40
C GLN P 112 -40.74 7.72 -0.22
N TRP P 113 -40.14 8.86 0.12
CA TRP P 113 -40.67 9.67 1.21
C TRP P 113 -42.08 10.16 0.89
N TRP P 114 -42.31 10.60 -0.34
CA TRP P 114 -43.64 11.02 -0.75
C TRP P 114 -44.61 9.86 -0.76
N LEU P 115 -44.15 8.69 -1.22
CA LEU P 115 -45.02 7.52 -1.29
C LEU P 115 -45.47 7.09 0.10
N SER P 116 -44.59 7.18 1.09
CA SER P 116 -44.92 6.67 2.42
C SER P 116 -45.98 7.50 3.13
N GLY P 117 -46.59 8.49 2.47
CA GLY P 117 -47.58 9.32 3.15
C GLY P 117 -48.87 8.59 3.48
N THR P 118 -49.35 7.75 2.57
CA THR P 118 -50.64 7.10 2.68
C THR P 118 -50.48 5.60 2.52
N PRO P 119 -51.42 4.81 3.06
CA PRO P 119 -51.29 3.34 2.94
C PRO P 119 -51.21 2.84 1.52
N TYR P 120 -51.94 3.48 0.59
CA TYR P 120 -51.86 3.07 -0.81
C TYR P 120 -50.45 3.30 -1.35
N GLY P 121 -49.83 4.42 -0.99
CA GLY P 121 -48.46 4.64 -1.40
C GLY P 121 -47.50 3.60 -0.82
N GLN P 122 -47.71 3.22 0.44
CA GLN P 122 -46.88 2.19 1.04
C GLN P 122 -47.03 0.87 0.31
N GLU P 123 -48.26 0.49 -0.03
CA GLU P 123 -48.48 -0.75 -0.77
C GLU P 123 -47.84 -0.70 -2.14
N LEU P 124 -47.96 0.43 -2.83
CA LEU P 124 -47.33 0.58 -4.14
C LEU P 124 -45.82 0.45 -4.03
N TRP P 125 -45.22 1.10 -3.02
CA TRP P 125 -43.78 1.00 -2.81
C TRP P 125 -43.37 -0.44 -2.53
N ALA P 126 -44.15 -1.15 -1.72
CA ALA P 126 -43.82 -2.54 -1.42
C ALA P 126 -43.86 -3.41 -2.67
N LEU P 127 -44.90 -3.25 -3.49
CA LEU P 127 -44.97 -4.04 -4.72
C LEU P 127 -43.82 -3.70 -5.67
N LEU P 128 -43.49 -2.42 -5.81
CA LEU P 128 -42.36 -2.05 -6.64
C LEU P 128 -41.06 -2.65 -6.12
N SER P 129 -40.88 -2.65 -4.80
CA SER P 129 -39.68 -3.25 -4.22
C SER P 129 -39.61 -4.74 -4.49
N VAL P 130 -40.74 -5.44 -4.39
CA VAL P 130 -40.76 -6.87 -4.71
C VAL P 130 -40.38 -7.09 -6.17
N LYS P 131 -40.99 -6.32 -7.08
CA LYS P 131 -40.74 -6.52 -8.49
C LYS P 131 -39.38 -6.02 -8.94
N ALA P 132 -38.69 -5.25 -8.11
CA ALA P 132 -37.44 -4.60 -8.52
C ALA P 132 -36.21 -5.47 -8.35
N VAL P 133 -36.35 -6.69 -7.82
CA VAL P 133 -35.19 -7.53 -7.59
C VAL P 133 -34.59 -7.95 -8.93
N GLY P 134 -33.25 -8.04 -8.98
CA GLY P 134 -32.57 -8.42 -10.19
C GLY P 134 -31.88 -7.26 -10.88
N GLY P 135 -31.70 -7.38 -12.19
CA GLY P 135 -31.07 -6.32 -12.95
C GLY P 135 -31.21 -6.54 -14.43
N PHE P 136 -30.55 -5.68 -15.20
CA PHE P 136 -30.59 -5.75 -16.66
C PHE P 136 -29.18 -5.84 -17.21
N TYR P 137 -29.06 -6.52 -18.36
CA TYR P 137 -27.86 -6.47 -19.19
C TYR P 137 -28.31 -6.18 -20.61
N ILE P 138 -27.76 -5.11 -21.19
CA ILE P 138 -28.35 -4.45 -22.35
C ILE P 138 -27.52 -4.69 -23.61
N GLY P 139 -26.28 -4.24 -23.61
CA GLY P 139 -25.45 -4.39 -24.79
C GLY P 139 -24.62 -5.65 -24.77
N GLY P 140 -24.94 -6.63 -25.60
CA GLY P 140 -24.19 -7.87 -25.61
C GLY P 140 -24.45 -8.75 -26.81
N LEU P 141 -23.45 -9.55 -27.18
CA LEU P 141 -23.54 -10.48 -28.29
C LEU P 141 -23.07 -11.86 -27.86
N PRO P 142 -23.67 -12.92 -28.39
CA PRO P 142 -23.27 -14.27 -27.98
C PRO P 142 -21.90 -14.67 -28.51
N GLU P 143 -20.84 -14.14 -27.92
CA GLU P 143 -19.49 -14.46 -28.35
C GLU P 143 -19.08 -15.88 -27.99
N ARG P 144 -19.80 -16.54 -27.08
CA ARG P 144 -19.43 -17.86 -26.62
C ARG P 144 -19.94 -18.98 -27.52
N ARG P 145 -20.65 -18.65 -28.60
CA ARG P 145 -21.18 -19.66 -29.51
C ARG P 145 -20.16 -20.11 -30.55
N GLY P 146 -19.01 -19.46 -30.64
CA GLY P 146 -18.01 -19.80 -31.63
C GLY P 146 -16.94 -20.78 -31.19
N PHE P 147 -17.06 -21.37 -30.01
CA PHE P 147 -16.03 -22.25 -29.47
C PHE P 147 -16.64 -23.56 -29.02
N ARG P 148 -15.79 -24.59 -28.96
CA ARG P 148 -16.21 -25.93 -28.57
C ARG P 148 -15.82 -26.16 -27.11
N LYS P 149 -16.78 -26.63 -26.32
CA LYS P 149 -16.59 -26.76 -24.88
C LYS P 149 -17.09 -28.12 -24.39
N VAL P 150 -16.34 -28.70 -23.45
CA VAL P 150 -16.72 -29.88 -22.68
C VAL P 150 -17.07 -31.02 -23.63
N GLY P 151 -18.37 -31.20 -23.90
CA GLY P 151 -18.82 -32.34 -24.68
C GLY P 151 -19.09 -32.03 -26.14
N GLY P 152 -18.23 -31.21 -26.73
CA GLY P 152 -18.43 -30.83 -28.12
C GLY P 152 -19.71 -30.04 -28.34
N THR P 153 -20.10 -29.22 -27.37
CA THR P 153 -21.30 -28.42 -27.45
C THR P 153 -20.94 -26.95 -27.58
N PHE P 154 -21.78 -26.21 -28.30
CA PHE P 154 -21.59 -24.78 -28.50
C PHE P 154 -22.55 -23.92 -27.68
N TRP P 155 -23.49 -24.54 -26.98
CA TRP P 155 -24.51 -23.82 -26.22
C TRP P 155 -23.94 -23.24 -24.94
N MET Q 1 -42.59 28.41 -25.08
CA MET Q 1 -43.61 28.96 -24.19
C MET Q 1 -44.92 28.20 -24.33
N VAL Q 2 -45.54 27.87 -23.20
CA VAL Q 2 -46.79 27.13 -23.15
C VAL Q 2 -47.89 28.06 -22.66
N ILE Q 3 -49.03 28.04 -23.34
CA ILE Q 3 -50.12 28.94 -22.98
C ILE Q 3 -50.77 28.47 -21.69
N PHE Q 4 -50.84 29.36 -20.71
CA PHE Q 4 -51.45 29.05 -19.42
C PHE Q 4 -52.97 29.09 -19.55
N ASP Q 5 -53.63 28.08 -18.99
CA ASP Q 5 -55.09 28.00 -18.99
C ASP Q 5 -55.59 28.16 -17.56
N GLU Q 6 -56.30 29.25 -17.30
CA GLU Q 6 -56.84 29.49 -15.96
C GLU Q 6 -57.91 28.46 -15.61
N HIS Q 7 -58.73 28.07 -16.58
CA HIS Q 7 -59.82 27.13 -16.31
C HIS Q 7 -59.27 25.78 -15.87
N LYS Q 8 -58.25 25.27 -16.58
CA LYS Q 8 -57.66 24.00 -16.20
C LYS Q 8 -57.00 24.07 -14.84
N PHE Q 9 -56.30 25.18 -14.56
CA PHE Q 9 -55.64 25.34 -13.27
C PHE Q 9 -56.66 25.36 -12.14
N ARG Q 10 -57.75 26.09 -12.31
CA ARG Q 10 -58.77 26.14 -11.27
C ARG Q 10 -59.47 24.79 -11.10
N THR Q 11 -59.66 24.06 -12.20
CA THR Q 11 -60.23 22.73 -12.11
C THR Q 11 -59.32 21.78 -11.35
N LEU Q 12 -58.01 21.86 -11.59
CA LEU Q 12 -57.08 20.93 -10.96
C LEU Q 12 -56.96 21.17 -9.46
N PHE Q 13 -56.94 22.44 -9.04
CA PHE Q 13 -56.79 22.82 -7.64
C PHE Q 13 -58.03 23.59 -7.20
N PRO Q 14 -59.06 22.90 -6.69
CA PRO Q 14 -60.30 23.60 -6.32
C PRO Q 14 -60.13 24.62 -5.21
N GLU Q 15 -59.06 24.54 -4.42
CA GLU Q 15 -58.87 25.52 -3.35
C GLU Q 15 -58.59 26.92 -3.89
N PHE Q 16 -58.30 27.07 -5.19
CA PHE Q 16 -58.11 28.36 -5.82
C PHE Q 16 -59.29 28.74 -6.70
N ALA Q 17 -60.49 28.23 -6.36
CA ALA Q 17 -61.66 28.48 -7.19
C ALA Q 17 -62.19 29.90 -7.04
N ASP Q 18 -61.84 30.60 -5.96
CA ASP Q 18 -62.37 31.94 -5.73
C ASP Q 18 -61.75 32.92 -6.71
N PRO Q 19 -62.53 33.58 -7.56
CA PRO Q 19 -61.94 34.52 -8.52
C PRO Q 19 -61.62 35.87 -7.87
N ALA Q 20 -62.36 36.23 -6.83
CA ALA Q 20 -62.13 37.51 -6.17
C ALA Q 20 -60.82 37.50 -5.39
N ALA Q 21 -60.57 36.44 -4.62
CA ALA Q 21 -59.35 36.38 -3.84
C ALA Q 21 -58.12 36.05 -4.69
N TYR Q 22 -58.31 35.40 -5.83
CA TYR Q 22 -57.22 34.97 -6.69
C TYR Q 22 -57.49 35.45 -8.11
N PRO Q 23 -57.14 36.70 -8.41
CA PRO Q 23 -57.36 37.22 -9.76
C PRO Q 23 -56.49 36.53 -10.79
N ASP Q 24 -56.94 36.62 -12.05
CA ASP Q 24 -56.25 35.96 -13.15
C ASP Q 24 -54.84 36.54 -13.33
N VAL Q 25 -54.71 37.86 -13.14
CA VAL Q 25 -53.42 38.51 -13.37
C VAL Q 25 -52.34 37.95 -12.46
N ARG Q 26 -52.69 37.69 -11.20
CA ARG Q 26 -51.71 37.12 -10.27
C ARG Q 26 -51.26 35.73 -10.74
N LEU Q 27 -52.22 34.90 -11.18
CA LEU Q 27 -51.86 33.57 -11.66
C LEU Q 27 -50.96 33.64 -12.88
N GLN Q 28 -51.28 34.53 -13.81
CA GLN Q 28 -50.45 34.69 -15.01
C GLN Q 28 -49.05 35.16 -14.64
N MET Q 29 -48.95 36.12 -13.70
CA MET Q 29 -47.64 36.60 -13.29
C MET Q 29 -46.82 35.50 -12.63
N TYR Q 30 -47.46 34.68 -11.81
CA TYR Q 30 -46.71 33.62 -11.15
C TYR Q 30 -46.32 32.52 -12.13
N PHE Q 31 -47.14 32.25 -13.14
CA PHE Q 31 -46.72 31.34 -14.21
C PHE Q 31 -45.52 31.91 -14.96
N ASP Q 32 -45.54 33.22 -15.22
CA ASP Q 32 -44.42 33.84 -15.92
C ASP Q 32 -43.15 33.76 -15.09
N ILE Q 33 -43.27 33.90 -13.77
CA ILE Q 33 -42.10 33.72 -12.91
C ILE Q 33 -41.63 32.27 -12.93
N ALA Q 34 -42.57 31.33 -12.83
CA ALA Q 34 -42.22 29.91 -12.76
C ALA Q 34 -41.61 29.39 -14.05
N CYS Q 35 -41.87 30.04 -15.19
CA CYS Q 35 -41.24 29.54 -16.41
C CYS Q 35 -39.75 29.83 -16.47
N GLU Q 36 -39.16 30.36 -15.40
CA GLU Q 36 -37.71 30.57 -15.32
C GLU Q 36 -37.02 29.54 -14.45
N PHE Q 37 -37.68 29.05 -13.40
CA PHE Q 37 -37.12 27.95 -12.63
C PHE Q 37 -37.01 26.69 -13.49
N ILE Q 38 -38.03 26.42 -14.29
CA ILE Q 38 -38.05 25.28 -15.21
C ILE Q 38 -38.26 25.82 -16.61
N SER Q 39 -37.44 25.34 -17.55
CA SER Q 39 -37.57 25.78 -18.93
C SER Q 39 -38.92 25.38 -19.51
N ASP Q 40 -39.57 26.32 -20.17
CA ASP Q 40 -40.85 26.07 -20.81
C ASP Q 40 -40.71 25.53 -22.24
N ARG Q 41 -39.50 25.49 -22.78
CA ARG Q 41 -39.29 24.92 -24.10
C ARG Q 41 -39.54 23.42 -24.08
N ASP Q 42 -40.21 22.92 -25.11
CA ASP Q 42 -40.58 21.51 -25.18
C ASP Q 42 -40.04 20.94 -26.47
N SER Q 43 -39.40 19.78 -26.38
CA SER Q 43 -38.95 19.01 -27.54
C SER Q 43 -39.23 17.54 -27.26
N PRO Q 44 -39.47 16.75 -28.31
CA PRO Q 44 -39.74 15.31 -28.09
C PRO Q 44 -38.57 14.55 -27.52
N TYR Q 45 -37.35 15.08 -27.62
CA TYR Q 45 -36.16 14.37 -27.17
C TYR Q 45 -35.81 14.65 -25.70
N ARG Q 46 -36.57 15.50 -25.02
CA ARG Q 46 -36.29 15.81 -23.63
C ARG Q 46 -36.69 14.66 -22.72
N ILE Q 47 -36.57 14.87 -21.42
CA ILE Q 47 -37.02 13.90 -20.43
C ILE Q 47 -38.41 14.21 -19.93
N LEU Q 48 -38.67 15.47 -19.59
CA LEU Q 48 -40.00 15.94 -19.23
C LEU Q 48 -40.67 16.45 -20.50
N ASN Q 49 -41.65 15.70 -21.00
CA ASN Q 49 -42.27 16.00 -22.28
C ASN Q 49 -43.77 16.20 -22.13
N GLY Q 50 -44.27 17.27 -22.73
CA GLY Q 50 -45.71 17.45 -22.85
C GLY Q 50 -46.40 17.56 -21.51
N LYS Q 51 -47.28 16.60 -21.25
CA LYS Q 51 -48.15 16.68 -20.08
C LYS Q 51 -47.35 16.67 -18.78
N ALA Q 52 -46.23 15.95 -18.75
CA ALA Q 52 -45.38 16.00 -17.55
C ALA Q 52 -44.86 17.41 -17.30
N LEU Q 53 -44.38 18.07 -18.36
CA LEU Q 53 -43.90 19.44 -18.23
C LEU Q 53 -45.02 20.38 -17.79
N GLU Q 54 -46.22 20.18 -18.35
CA GLU Q 54 -47.37 20.98 -17.93
C GLU Q 54 -47.67 20.79 -16.45
N ALA Q 55 -47.62 19.53 -15.98
CA ALA Q 55 -47.90 19.25 -14.57
C ALA Q 55 -46.86 19.90 -13.67
N CYS Q 56 -45.58 19.82 -14.04
CA CYS Q 56 -44.55 20.45 -13.22
C CYS Q 56 -44.72 21.97 -13.19
N LEU Q 57 -45.05 22.57 -14.34
CA LEU Q 57 -45.25 24.02 -14.34
C LEU Q 57 -46.43 24.42 -13.47
N TYR Q 58 -47.53 23.66 -13.55
CA TYR Q 58 -48.69 23.98 -12.72
C TYR Q 58 -48.39 23.81 -11.24
N LEU Q 59 -47.67 22.75 -10.88
CA LEU Q 59 -47.32 22.53 -9.48
C LEU Q 59 -46.42 23.64 -8.95
N LEU Q 60 -45.44 24.05 -9.75
CA LEU Q 60 -44.55 25.14 -9.33
C LEU Q 60 -45.33 26.44 -9.17
N THR Q 61 -46.27 26.71 -10.09
CA THR Q 61 -47.08 27.91 -9.97
C THR Q 61 -47.92 27.88 -8.70
N ALA Q 62 -48.52 26.74 -8.38
CA ALA Q 62 -49.32 26.62 -7.16
C ALA Q 62 -48.46 26.81 -5.92
N HIS Q 63 -47.26 26.23 -5.93
CA HIS Q 63 -46.34 26.40 -4.80
C HIS Q 63 -46.00 27.86 -4.58
N LEU Q 64 -45.63 28.57 -5.66
CA LEU Q 64 -45.31 29.98 -5.54
C LEU Q 64 -46.51 30.78 -5.05
N LEU Q 65 -47.69 30.48 -5.58
CA LEU Q 65 -48.88 31.23 -5.18
C LEU Q 65 -49.19 31.04 -3.70
N SER Q 66 -49.09 29.81 -3.21
CA SER Q 66 -49.34 29.55 -1.79
C SER Q 66 -48.33 30.28 -0.91
N LEU Q 67 -47.04 30.17 -1.26
CA LEU Q 67 -46.02 30.82 -0.44
C LEU Q 67 -46.20 32.34 -0.45
N SER Q 68 -46.61 32.90 -1.59
CA SER Q 68 -46.80 34.35 -1.66
C SER Q 68 -48.02 34.79 -0.86
N THR Q 69 -49.14 34.09 -1.01
CA THR Q 69 -50.35 34.47 -0.29
C THR Q 69 -50.25 34.19 1.21
N MET Q 70 -49.23 33.45 1.65
CA MET Q 70 -49.02 33.27 3.08
C MET Q 70 -48.83 34.61 3.79
N GLN Q 71 -48.02 35.49 3.21
CA GLN Q 71 -47.53 36.66 3.95
C GLN Q 71 -48.58 37.76 4.07
N VAL Q 72 -49.43 37.95 3.05
CA VAL Q 72 -50.14 39.21 2.90
C VAL Q 72 -51.18 39.41 4.01
N GLN Q 73 -51.87 38.35 4.42
CA GLN Q 73 -53.06 38.56 5.24
C GLN Q 73 -53.22 37.54 6.37
N GLY Q 74 -52.14 36.92 6.84
CA GLY Q 74 -52.28 35.83 7.78
C GLY Q 74 -52.17 36.17 9.25
N ALA Q 75 -51.30 37.13 9.60
CA ALA Q 75 -50.94 37.38 10.99
C ALA Q 75 -51.96 38.23 11.74
N ALA Q 76 -53.18 38.34 11.23
CA ALA Q 76 -54.27 39.10 11.84
C ALA Q 76 -53.99 40.59 11.90
N GLY Q 77 -52.95 41.06 11.21
CA GLY Q 77 -52.65 42.47 11.13
C GLY Q 77 -52.23 42.86 9.73
N GLY Q 78 -52.65 42.06 8.76
CA GLY Q 78 -52.27 42.30 7.37
C GLY Q 78 -50.81 42.10 7.09
N GLY Q 79 -50.20 41.05 7.64
CA GLY Q 79 -48.79 40.80 7.43
C GLY Q 79 -47.93 41.91 7.99
N VAL Q 80 -48.23 42.33 9.22
CA VAL Q 80 -47.52 43.42 9.87
C VAL Q 80 -46.23 42.85 10.47
N THR Q 81 -46.01 41.55 10.30
CA THR Q 81 -44.79 40.92 10.78
C THR Q 81 -43.56 41.58 10.17
N ALA Q 82 -42.56 41.83 11.00
CA ALA Q 82 -41.39 42.58 10.57
C ALA Q 82 -40.64 41.87 9.44
N GLY Q 83 -40.46 40.55 9.58
CA GLY Q 83 -39.75 39.77 8.59
C GLY Q 83 -40.59 38.80 7.79
N GLY Q 84 -41.91 38.88 7.85
CA GLY Q 84 -42.75 37.94 7.14
C GLY Q 84 -42.77 36.59 7.83
N THR Q 85 -43.35 35.61 7.15
CA THR Q 85 -43.42 34.25 7.64
C THR Q 85 -42.42 33.39 6.89
N GLN Q 86 -41.59 32.66 7.63
CA GLN Q 86 -40.59 31.78 7.02
C GLN Q 86 -41.20 30.41 6.76
N GLY Q 87 -41.00 29.92 5.53
CA GLY Q 87 -41.50 28.61 5.17
C GLY Q 87 -40.58 27.49 5.63
N GLY Q 88 -40.99 26.27 5.31
CA GLY Q 88 -40.21 25.11 5.64
C GLY Q 88 -41.08 23.99 6.17
N PHE Q 89 -40.50 22.80 6.23
CA PHE Q 89 -41.22 21.64 6.74
C PHE Q 89 -41.36 21.73 8.25
N ILE Q 90 -42.52 21.31 8.75
CA ILE Q 90 -42.81 21.34 10.18
C ILE Q 90 -42.66 19.91 10.71
N THR Q 91 -41.59 19.68 11.47
CA THR Q 91 -41.31 18.33 11.95
C THR Q 91 -42.26 17.93 13.08
N SER Q 92 -42.54 18.86 14.00
CA SER Q 92 -43.38 18.57 15.15
C SER Q 92 -44.31 19.74 15.41
N ALA Q 93 -45.41 19.45 16.09
CA ALA Q 93 -46.41 20.46 16.43
C ALA Q 93 -47.11 20.06 17.71
N THR Q 94 -47.72 21.04 18.37
CA THR Q 94 -48.44 20.80 19.60
C THR Q 94 -49.47 21.90 19.80
N VAL Q 95 -50.71 21.51 20.08
CA VAL Q 95 -51.80 22.45 20.36
C VAL Q 95 -52.56 21.88 21.56
N GLY Q 96 -52.31 22.44 22.74
CA GLY Q 96 -52.98 21.98 23.94
C GLY Q 96 -52.52 20.59 24.34
N GLU Q 97 -53.39 19.60 24.19
CA GLU Q 97 -53.08 18.21 24.49
C GLU Q 97 -53.14 17.35 23.24
N VAL Q 98 -52.64 17.89 22.13
CA VAL Q 98 -52.52 17.16 20.87
C VAL Q 98 -51.11 17.39 20.35
N SER Q 99 -50.40 16.29 20.06
CA SER Q 99 -49.03 16.37 19.60
C SER Q 99 -48.83 15.43 18.41
N VAL Q 100 -48.07 15.89 17.43
CA VAL Q 100 -47.78 15.11 16.23
C VAL Q 100 -46.31 15.29 15.88
N ALA Q 101 -45.65 14.18 15.53
CA ALA Q 101 -44.26 14.20 15.10
C ALA Q 101 -44.14 13.45 13.78
N LYS Q 102 -43.50 14.08 12.81
CA LYS Q 102 -43.42 13.54 11.45
C LYS Q 102 -41.98 13.17 11.11
N LEU Q 103 -41.81 12.61 9.92
CA LEU Q 103 -40.51 12.17 9.43
C LEU Q 103 -39.89 13.25 8.56
N ALA Q 104 -38.64 13.59 8.85
CA ALA Q 104 -37.97 14.66 8.12
C ALA Q 104 -37.62 14.20 6.71
N PRO Q 105 -37.93 14.99 5.68
CA PRO Q 105 -37.57 14.58 4.33
C PRO Q 105 -36.07 14.67 4.10
N PRO Q 106 -35.53 13.90 3.16
CA PRO Q 106 -34.08 13.92 2.89
C PRO Q 106 -33.65 15.08 1.99
N ALA Q 107 -33.65 16.27 2.56
CA ALA Q 107 -33.21 17.47 1.85
C ALA Q 107 -31.70 17.62 1.97
N LYS Q 108 -31.04 17.97 0.86
CA LYS Q 108 -29.60 18.10 0.83
C LYS Q 108 -29.09 19.41 0.24
N ASN Q 109 -29.96 20.26 -0.29
CA ASN Q 109 -29.55 21.56 -0.80
C ASN Q 109 -30.75 22.50 -0.72
N GLY Q 110 -30.58 23.72 -1.23
CA GLY Q 110 -31.64 24.70 -1.13
C GLY Q 110 -32.87 24.34 -1.94
N TRP Q 111 -32.68 23.74 -3.11
CA TRP Q 111 -33.80 23.43 -4.00
C TRP Q 111 -34.80 22.49 -3.33
N GLN Q 112 -34.31 21.35 -2.84
CA GLN Q 112 -35.21 20.37 -2.23
C GLN Q 112 -35.78 20.88 -0.92
N TRP Q 113 -34.96 21.56 -0.12
CA TRP Q 113 -35.45 22.08 1.16
C TRP Q 113 -36.57 23.09 0.93
N TRP Q 114 -36.42 23.96 -0.07
CA TRP Q 114 -37.48 24.90 -0.39
C TRP Q 114 -38.70 24.19 -0.95
N LEU Q 115 -38.50 23.17 -1.78
CA LEU Q 115 -39.63 22.44 -2.36
C LEU Q 115 -40.43 21.72 -1.29
N SER Q 116 -39.78 21.30 -0.20
CA SER Q 116 -40.49 20.57 0.85
C SER Q 116 -41.46 21.43 1.63
N GLY Q 117 -41.55 22.73 1.34
CA GLY Q 117 -42.40 23.61 2.13
C GLY Q 117 -43.88 23.32 2.00
N THR Q 118 -44.35 23.01 0.79
CA THR Q 118 -45.76 22.86 0.53
C THR Q 118 -46.03 21.56 -0.22
N PRO Q 119 -47.23 21.00 -0.09
CA PRO Q 119 -47.52 19.71 -0.74
C PRO Q 119 -47.33 19.72 -2.25
N TYR Q 120 -47.62 20.83 -2.92
CA TYR Q 120 -47.36 20.90 -4.35
C TYR Q 120 -45.87 20.79 -4.64
N GLY Q 121 -45.04 21.45 -3.83
CA GLY Q 121 -43.60 21.30 -3.98
C GLY Q 121 -43.13 19.87 -3.73
N GLN Q 122 -43.72 19.21 -2.74
CA GLN Q 122 -43.36 17.82 -2.47
C GLN Q 122 -43.72 16.92 -3.64
N GLU Q 123 -44.90 17.12 -4.23
CA GLU Q 123 -45.29 16.33 -5.39
C GLU Q 123 -44.38 16.59 -6.58
N LEU Q 124 -44.02 17.86 -6.79
CA LEU Q 124 -43.09 18.18 -7.87
C LEU Q 124 -41.75 17.51 -7.66
N TRP Q 125 -41.25 17.52 -6.42
CA TRP Q 125 -39.99 16.86 -6.12
C TRP Q 125 -40.08 15.36 -6.36
N ALA Q 126 -41.19 14.75 -5.98
CA ALA Q 126 -41.37 13.31 -6.21
C ALA Q 126 -41.35 13.00 -7.70
N LEU Q 127 -42.06 13.80 -8.49
CA LEU Q 127 -42.10 13.57 -9.93
C LEU Q 127 -40.72 13.72 -10.55
N LEU Q 128 -39.98 14.76 -10.13
CA LEU Q 128 -38.63 14.95 -10.64
C LEU Q 128 -37.73 13.79 -10.25
N SER Q 129 -37.88 13.28 -9.03
CA SER Q 129 -37.06 12.15 -8.59
C SER Q 129 -37.35 10.91 -9.41
N VAL Q 130 -38.62 10.65 -9.73
CA VAL Q 130 -38.95 9.50 -10.58
C VAL Q 130 -38.34 9.69 -11.96
N LYS Q 131 -38.49 10.87 -12.54
CA LYS Q 131 -38.01 11.08 -13.90
C LYS Q 131 -36.50 11.25 -13.99
N ALA Q 132 -35.80 11.37 -12.86
CA ALA Q 132 -34.37 11.64 -12.84
C ALA Q 132 -33.52 10.36 -12.93
N VAL Q 133 -34.14 9.19 -13.02
CA VAL Q 133 -33.37 7.95 -13.07
C VAL Q 133 -32.62 7.86 -14.39
N GLY Q 134 -31.43 7.26 -14.34
CA GLY Q 134 -30.62 7.08 -15.53
C GLY Q 134 -29.49 8.08 -15.62
N GLY Q 135 -29.08 8.40 -16.85
CA GLY Q 135 -28.00 9.36 -17.04
C GLY Q 135 -27.90 9.76 -18.50
N PHE Q 136 -26.95 10.65 -18.76
CA PHE Q 136 -26.73 11.20 -20.10
C PHE Q 136 -25.40 10.73 -20.63
N TYR Q 137 -25.36 10.48 -21.94
CA TYR Q 137 -24.11 10.26 -22.68
C TYR Q 137 -24.07 11.28 -23.80
N ILE Q 138 -23.10 12.19 -23.75
CA ILE Q 138 -23.11 13.39 -24.58
C ILE Q 138 -22.10 13.31 -25.71
N GLY Q 139 -20.85 12.98 -25.40
CA GLY Q 139 -19.81 12.89 -26.41
C GLY Q 139 -19.51 11.44 -26.77
N GLY Q 140 -19.23 11.20 -28.03
CA GLY Q 140 -18.88 9.88 -28.50
C GLY Q 140 -19.33 9.65 -29.93
N LEU Q 141 -18.63 8.75 -30.61
CA LEU Q 141 -18.89 8.38 -31.99
C LEU Q 141 -19.00 6.86 -32.10
N PRO Q 142 -19.76 6.37 -33.09
CA PRO Q 142 -19.91 4.90 -33.24
C PRO Q 142 -18.67 4.24 -33.83
N GLU Q 143 -17.70 3.98 -32.95
CA GLU Q 143 -16.43 3.40 -33.38
C GLU Q 143 -16.55 1.91 -33.69
N ARG Q 144 -17.46 1.20 -33.03
CA ARG Q 144 -17.53 -0.25 -33.16
C ARG Q 144 -18.08 -0.69 -34.51
N ARG Q 145 -18.59 0.22 -35.34
CA ARG Q 145 -19.16 -0.16 -36.61
C ARG Q 145 -18.12 -0.60 -37.64
N GLY Q 146 -16.84 -0.39 -37.37
CA GLY Q 146 -15.80 -0.73 -38.30
C GLY Q 146 -15.15 -2.09 -38.12
N PHE Q 147 -15.65 -2.91 -37.21
CA PHE Q 147 -15.04 -4.21 -36.92
C PHE Q 147 -16.09 -5.31 -36.99
N ARG Q 148 -15.71 -6.44 -37.56
CA ARG Q 148 -16.59 -7.60 -37.71
C ARG Q 148 -16.64 -8.38 -36.41
N LYS Q 149 -17.84 -8.77 -35.99
CA LYS Q 149 -18.03 -9.42 -34.70
C LYS Q 149 -18.97 -10.61 -34.83
N VAL Q 150 -18.69 -11.64 -34.02
CA VAL Q 150 -19.56 -12.80 -33.82
C VAL Q 150 -19.92 -13.45 -35.16
N GLY Q 151 -21.12 -13.19 -35.64
CA GLY Q 151 -21.62 -13.85 -36.84
C GLY Q 151 -21.41 -13.07 -38.11
N GLY Q 152 -20.20 -12.54 -38.30
CA GLY Q 152 -19.92 -11.76 -39.49
C GLY Q 152 -20.79 -10.53 -39.62
N THR Q 153 -21.02 -9.83 -38.53
CA THR Q 153 -21.87 -8.64 -38.51
C THR Q 153 -21.06 -7.43 -38.05
N PHE Q 154 -21.58 -6.25 -38.38
CA PHE Q 154 -20.94 -5.00 -38.00
C PHE Q 154 -21.79 -4.14 -37.07
N TRP Q 155 -23.02 -4.55 -36.76
CA TRP Q 155 -23.87 -3.81 -35.85
C TRP Q 155 -23.27 -3.77 -34.44
N MET R 1 -26.01 48.64 -16.30
CA MET R 1 -27.03 48.85 -15.28
C MET R 1 -28.40 48.44 -15.80
N VAL R 2 -29.27 47.99 -14.89
CA VAL R 2 -30.64 47.61 -15.21
C VAL R 2 -31.57 48.62 -14.57
N ILE R 3 -32.55 49.09 -15.33
CA ILE R 3 -33.51 50.06 -14.83
C ILE R 3 -34.43 49.39 -13.82
N PHE R 4 -34.65 50.05 -12.69
CA PHE R 4 -35.48 49.53 -11.61
C PHE R 4 -36.87 50.13 -11.72
N ASP R 5 -37.88 49.29 -11.83
CA ASP R 5 -39.26 49.72 -12.02
C ASP R 5 -39.97 49.61 -10.67
N GLU R 6 -40.24 50.75 -10.05
CA GLU R 6 -40.86 50.76 -8.73
C GLU R 6 -42.32 50.30 -8.80
N HIS R 7 -43.05 50.70 -9.84
CA HIS R 7 -44.44 50.30 -9.97
C HIS R 7 -44.56 48.79 -10.10
N LYS R 8 -43.76 48.19 -10.98
CA LYS R 8 -43.80 46.73 -11.12
C LYS R 8 -43.31 46.04 -9.88
N PHE R 9 -42.38 46.66 -9.14
CA PHE R 9 -41.91 46.09 -7.88
C PHE R 9 -43.04 46.00 -6.87
N ARG R 10 -43.76 47.10 -6.65
CA ARG R 10 -44.91 47.04 -5.75
C ARG R 10 -45.98 46.11 -6.27
N THR R 11 -46.10 45.97 -7.60
CA THR R 11 -47.04 45.01 -8.15
C THR R 11 -46.65 43.59 -7.76
N LEU R 12 -45.35 43.29 -7.75
CA LEU R 12 -44.90 41.95 -7.41
C LEU R 12 -45.17 41.62 -5.95
N PHE R 13 -44.87 42.55 -5.04
CA PHE R 13 -45.04 42.33 -3.61
C PHE R 13 -46.11 43.27 -3.07
N PRO R 14 -47.36 42.81 -2.91
CA PRO R 14 -48.42 43.70 -2.41
C PRO R 14 -48.20 44.17 -0.99
N GLU R 15 -47.36 43.49 -0.19
CA GLU R 15 -47.14 43.91 1.18
C GLU R 15 -46.31 45.18 1.29
N PHE R 16 -45.65 45.59 0.20
CA PHE R 16 -44.90 46.84 0.17
C PHE R 16 -45.61 47.92 -0.63
N ALA R 17 -46.92 47.77 -0.84
CA ALA R 17 -47.66 48.65 -1.74
C ALA R 17 -47.85 50.06 -1.20
N ASP R 18 -47.62 50.29 0.08
CA ASP R 18 -47.88 51.60 0.66
C ASP R 18 -46.75 52.56 0.32
N PRO R 19 -47.00 53.65 -0.41
CA PRO R 19 -45.93 54.61 -0.70
C PRO R 19 -45.56 55.49 0.48
N ALA R 20 -46.44 55.62 1.47
CA ALA R 20 -46.13 56.45 2.64
C ALA R 20 -45.10 55.78 3.53
N ALA R 21 -45.29 54.48 3.80
CA ALA R 21 -44.36 53.75 4.67
C ALA R 21 -43.05 53.42 3.95
N TYR R 22 -43.10 53.18 2.65
CA TYR R 22 -41.93 52.80 1.87
C TYR R 22 -41.75 53.79 0.72
N PRO R 23 -41.00 54.88 0.96
CA PRO R 23 -40.77 55.85 -0.11
C PRO R 23 -39.96 55.25 -1.24
N ASP R 24 -40.15 55.81 -2.44
CA ASP R 24 -39.48 55.29 -3.62
C ASP R 24 -37.97 55.49 -3.56
N VAL R 25 -37.52 56.55 -2.89
CA VAL R 25 -36.09 56.79 -2.78
C VAL R 25 -35.42 55.71 -1.96
N ARG R 26 -36.09 55.22 -0.90
CA ARG R 26 -35.55 54.13 -0.11
C ARG R 26 -35.43 52.86 -0.96
N LEU R 27 -36.44 52.57 -1.77
CA LEU R 27 -36.37 51.40 -2.65
C LEU R 27 -35.25 51.53 -3.65
N GLN R 28 -35.06 52.72 -4.23
CA GLN R 28 -33.97 52.91 -5.18
C GLN R 28 -32.62 52.74 -4.50
N MET R 29 -32.48 53.26 -3.28
CA MET R 29 -31.24 53.08 -2.53
C MET R 29 -30.96 51.60 -2.29
N TYR R 30 -31.98 50.85 -1.90
CA TYR R 30 -31.76 49.43 -1.62
C TYR R 30 -31.46 48.65 -2.88
N PHE R 31 -32.07 49.02 -4.02
CA PHE R 31 -31.69 48.39 -5.28
C PHE R 31 -30.24 48.70 -5.65
N ASP R 32 -29.82 49.94 -5.41
CA ASP R 32 -28.44 50.30 -5.70
C ASP R 32 -27.46 49.56 -4.78
N ILE R 33 -27.88 49.28 -3.55
CA ILE R 33 -27.05 48.46 -2.67
C ILE R 33 -27.01 47.02 -3.15
N ALA R 34 -28.15 46.49 -3.58
CA ALA R 34 -28.23 45.08 -3.98
C ALA R 34 -27.56 44.81 -5.32
N CYS R 35 -27.39 45.82 -6.17
CA CYS R 35 -26.74 45.56 -7.45
C CYS R 35 -25.25 45.27 -7.29
N GLU R 36 -24.68 45.44 -6.10
CA GLU R 36 -23.29 45.11 -5.85
C GLU R 36 -23.09 43.65 -5.46
N PHE R 37 -24.08 43.04 -4.78
CA PHE R 37 -23.97 41.62 -4.45
C PHE R 37 -23.97 40.77 -5.73
N ILE R 38 -24.85 41.09 -6.67
CA ILE R 38 -24.97 40.36 -7.93
C ILE R 38 -24.75 41.33 -9.07
N SER R 39 -23.84 40.99 -9.97
CA SER R 39 -23.57 41.82 -11.13
C SER R 39 -24.82 41.92 -12.01
N ASP R 40 -25.17 43.14 -12.40
CA ASP R 40 -26.37 43.39 -13.18
C ASP R 40 -26.11 43.47 -14.68
N ARG R 41 -24.88 43.22 -15.13
CA ARG R 41 -24.60 43.16 -16.55
C ARG R 41 -25.31 41.97 -17.16
N ASP R 42 -26.03 42.19 -18.26
CA ASP R 42 -26.84 41.17 -18.90
C ASP R 42 -26.27 40.84 -20.26
N SER R 43 -25.98 39.56 -20.49
CA SER R 43 -25.52 39.06 -21.78
C SER R 43 -26.17 37.71 -22.03
N PRO R 44 -26.35 37.34 -23.30
CA PRO R 44 -26.94 36.02 -23.59
C PRO R 44 -26.09 34.85 -23.15
N TYR R 45 -24.80 35.07 -22.89
CA TYR R 45 -23.88 33.98 -22.57
C TYR R 45 -23.75 33.74 -21.07
N ARG R 46 -24.49 34.45 -20.24
CA ARG R 46 -24.52 34.18 -18.81
C ARG R 46 -25.59 33.17 -18.48
N ILE R 47 -25.39 32.46 -17.37
CA ILE R 47 -26.40 31.50 -16.91
C ILE R 47 -27.62 32.23 -16.40
N LEU R 48 -27.42 33.32 -15.66
CA LEU R 48 -28.52 34.16 -15.21
C LEU R 48 -28.74 35.24 -16.25
N ASN R 49 -29.86 35.16 -16.97
CA ASN R 49 -30.19 36.13 -18.00
C ASN R 49 -31.69 36.12 -18.22
N GLY R 50 -32.16 37.08 -19.00
CA GLY R 50 -33.60 37.22 -19.14
C GLY R 50 -34.20 37.78 -17.87
N LYS R 51 -35.49 37.52 -17.69
CA LYS R 51 -36.19 38.02 -16.51
C LYS R 51 -35.80 37.29 -15.23
N ALA R 52 -35.02 36.21 -15.32
CA ALA R 52 -34.52 35.56 -14.12
C ALA R 52 -33.60 36.50 -13.33
N LEU R 53 -32.77 37.27 -14.04
CA LEU R 53 -31.90 38.23 -13.37
C LEU R 53 -32.72 39.30 -12.66
N GLU R 54 -33.79 39.79 -13.30
CA GLU R 54 -34.65 40.76 -12.65
C GLU R 54 -35.31 40.17 -11.42
N ALA R 55 -35.77 38.92 -11.51
CA ALA R 55 -36.37 38.26 -10.36
C ALA R 55 -35.39 38.14 -9.21
N CYS R 56 -34.14 37.75 -9.51
CA CYS R 56 -33.13 37.62 -8.47
C CYS R 56 -32.85 38.96 -7.80
N LEU R 57 -32.69 40.01 -8.61
CA LEU R 57 -32.41 41.33 -8.06
C LEU R 57 -33.56 41.82 -7.20
N TYR R 58 -34.79 41.62 -7.66
CA TYR R 58 -35.95 42.06 -6.89
C TYR R 58 -36.08 41.27 -5.59
N LEU R 59 -35.78 39.97 -5.62
CA LEU R 59 -35.84 39.18 -4.40
C LEU R 59 -34.78 39.64 -3.40
N LEU R 60 -33.57 39.95 -3.88
CA LEU R 60 -32.54 40.46 -2.99
C LEU R 60 -32.95 41.81 -2.40
N THR R 61 -33.56 42.67 -3.22
CA THR R 61 -34.04 43.95 -2.71
C THR R 61 -35.10 43.75 -1.63
N ALA R 62 -36.04 42.82 -1.84
CA ALA R 62 -37.06 42.56 -0.85
C ALA R 62 -36.45 42.00 0.43
N HIS R 63 -35.46 41.14 0.31
CA HIS R 63 -34.78 40.60 1.50
C HIS R 63 -34.13 41.73 2.29
N LEU R 64 -33.41 42.62 1.62
CA LEU R 64 -32.78 43.74 2.31
C LEU R 64 -33.83 44.64 2.96
N LEU R 65 -34.94 44.87 2.27
CA LEU R 65 -36.00 45.71 2.82
C LEU R 65 -36.61 45.08 4.06
N SER R 66 -36.83 43.77 4.05
CA SER R 66 -37.38 43.09 5.22
C SER R 66 -36.43 43.17 6.40
N LEU R 67 -35.13 42.95 6.16
CA LEU R 67 -34.16 43.08 7.24
C LEU R 67 -34.12 44.51 7.78
N SER R 68 -34.23 45.50 6.90
CA SER R 68 -34.30 46.88 7.37
C SER R 68 -35.53 47.12 8.23
N THR R 69 -36.68 46.58 7.81
CA THR R 69 -37.90 46.70 8.60
C THR R 69 -37.74 46.07 9.97
N MET R 70 -36.98 44.98 10.05
CA MET R 70 -36.80 44.29 11.32
C MET R 70 -36.16 45.14 12.39
N GLN R 71 -35.47 46.23 12.02
CA GLN R 71 -34.67 46.99 12.97
C GLN R 71 -35.40 48.20 13.54
N VAL R 72 -35.78 49.16 12.69
CA VAL R 72 -36.21 50.45 13.22
C VAL R 72 -37.64 50.41 13.74
N GLN R 73 -38.54 49.66 13.08
CA GLN R 73 -39.84 49.39 13.68
C GLN R 73 -40.06 47.93 14.03
N GLY R 74 -39.05 47.08 13.83
CA GLY R 74 -39.14 45.72 14.37
C GLY R 74 -39.13 45.72 15.89
N ALA R 75 -38.22 46.50 16.48
CA ALA R 75 -38.31 46.80 17.91
C ALA R 75 -39.40 47.84 18.16
N ALA R 76 -39.62 48.74 17.20
CA ALA R 76 -40.68 49.74 17.16
C ALA R 76 -40.50 50.83 18.21
N GLY R 77 -39.48 50.76 19.05
CA GLY R 77 -39.21 51.82 19.99
C GLY R 77 -38.03 52.68 19.55
N GLY R 78 -37.89 52.84 18.24
CA GLY R 78 -36.75 53.55 17.70
C GLY R 78 -35.47 52.74 17.67
N GLY R 79 -35.56 51.41 17.75
CA GLY R 79 -34.38 50.57 17.79
C GLY R 79 -33.56 50.78 19.04
N VAL R 80 -34.25 50.82 20.19
CA VAL R 80 -33.58 51.11 21.47
C VAL R 80 -32.76 49.94 21.98
N THR R 81 -32.88 48.77 21.36
CA THR R 81 -32.10 47.61 21.78
C THR R 81 -30.61 47.90 21.61
N ALA R 82 -29.81 47.40 22.55
CA ALA R 82 -28.38 47.71 22.56
C ALA R 82 -27.68 47.17 21.31
N GLY R 83 -28.01 45.94 20.91
CA GLY R 83 -27.33 45.34 19.78
C GLY R 83 -28.18 45.25 18.52
N GLY R 84 -29.48 45.49 18.66
CA GLY R 84 -30.38 45.38 17.54
C GLY R 84 -30.86 43.96 17.30
N THR R 85 -31.97 43.86 16.57
CA THR R 85 -32.56 42.56 16.29
C THR R 85 -31.64 41.75 15.39
N GLN R 86 -31.53 40.46 15.67
CA GLN R 86 -30.70 39.54 14.91
C GLN R 86 -31.56 38.65 14.02
N GLY R 87 -31.02 38.27 12.87
CA GLY R 87 -31.74 37.50 11.89
C GLY R 87 -31.23 36.08 11.80
N GLY R 88 -32.06 35.20 11.26
CA GLY R 88 -31.70 33.79 11.12
C GLY R 88 -32.93 32.93 11.15
N PHE R 89 -32.76 31.70 10.64
CA PHE R 89 -33.86 30.75 10.64
C PHE R 89 -34.20 30.34 12.07
N ILE R 90 -35.50 30.25 12.35
CA ILE R 90 -35.99 29.89 13.68
C ILE R 90 -36.39 28.41 13.62
N THR R 91 -35.56 27.56 14.23
CA THR R 91 -35.82 26.12 14.17
C THR R 91 -37.00 25.73 15.05
N SER R 92 -37.15 26.36 16.21
CA SER R 92 -38.22 26.03 17.14
C SER R 92 -38.74 27.30 17.79
N ALA R 93 -40.02 27.27 18.14
CA ALA R 93 -40.66 28.40 18.80
C ALA R 93 -41.81 27.88 19.66
N THR R 94 -42.19 28.70 20.65
CA THR R 94 -43.26 28.33 21.56
C THR R 94 -43.92 29.60 22.10
N VAL R 95 -45.25 29.67 21.98
CA VAL R 95 -46.01 30.80 22.50
C VAL R 95 -47.20 30.23 23.26
N GLY R 96 -47.09 30.17 24.59
CA GLY R 96 -48.16 29.65 25.39
C GLY R 96 -48.31 28.15 25.31
N GLU R 97 -49.45 27.69 24.77
CA GLU R 97 -49.77 26.28 24.70
C GLU R 97 -49.51 25.70 23.32
N VAL R 98 -48.93 26.47 22.40
CA VAL R 98 -48.68 26.04 21.03
C VAL R 98 -47.19 26.08 20.77
N SER R 99 -46.65 25.00 20.24
CA SER R 99 -45.23 24.90 19.93
C SER R 99 -45.04 24.17 18.62
N VAL R 100 -44.13 24.66 17.78
CA VAL R 100 -43.84 24.07 16.48
C VAL R 100 -42.33 23.99 16.29
N ALA R 101 -41.87 22.93 15.64
CA ALA R 101 -40.46 22.75 15.33
C ALA R 101 -40.31 22.49 13.83
N LYS R 102 -39.36 23.18 13.20
CA LYS R 102 -39.15 23.08 11.77
C LYS R 102 -37.81 22.40 11.48
N LEU R 103 -37.52 22.25 10.19
CA LEU R 103 -36.33 21.54 9.72
C LEU R 103 -35.23 22.54 9.41
N ALA R 104 -34.02 22.27 9.90
CA ALA R 104 -32.91 23.18 9.70
C ALA R 104 -32.41 23.09 8.26
N PRO R 105 -32.33 24.22 7.55
CA PRO R 105 -31.83 24.16 6.17
C PRO R 105 -30.34 23.87 6.15
N PRO R 106 -29.83 23.28 5.07
CA PRO R 106 -28.39 22.94 4.97
C PRO R 106 -27.53 24.13 4.54
N ALA R 107 -27.17 24.95 5.52
CA ALA R 107 -26.33 26.12 5.30
C ALA R 107 -24.88 25.75 5.57
N LYS R 108 -23.98 26.19 4.69
CA LYS R 108 -22.58 25.84 4.79
C LYS R 108 -21.63 27.04 4.82
N ASN R 109 -22.14 28.26 4.72
CA ASN R 109 -21.30 29.44 4.78
C ASN R 109 -22.18 30.64 5.12
N GLY R 110 -21.55 31.82 5.16
CA GLY R 110 -22.28 33.02 5.55
C GLY R 110 -23.36 33.41 4.56
N TRP R 111 -23.11 33.18 3.26
CA TRP R 111 -24.06 33.59 2.24
C TRP R 111 -25.40 32.87 2.39
N GLN R 112 -25.36 31.54 2.45
CA GLN R 112 -26.59 30.76 2.53
C GLN R 112 -27.28 30.96 3.88
N TRP R 113 -26.50 31.03 4.96
CA TRP R 113 -27.07 31.24 6.28
C TRP R 113 -27.78 32.59 6.35
N TRP R 114 -27.17 33.63 5.81
CA TRP R 114 -27.80 34.94 5.78
C TRP R 114 -29.05 34.93 4.89
N LEU R 115 -28.99 34.25 3.75
CA LEU R 115 -30.13 34.19 2.86
C LEU R 115 -31.31 33.49 3.52
N SER R 116 -31.04 32.49 4.35
CA SER R 116 -32.15 31.71 4.92
C SER R 116 -32.92 32.45 6.00
N GLY R 117 -32.74 33.75 6.21
CA GLY R 117 -33.44 34.43 7.28
C GLY R 117 -34.85 34.87 6.94
N THR R 118 -35.15 35.06 5.66
CA THR R 118 -36.44 35.54 5.21
C THR R 118 -36.91 34.73 4.02
N PRO R 119 -38.22 34.65 3.79
CA PRO R 119 -38.73 33.84 2.66
C PRO R 119 -38.17 34.26 1.31
N TYR R 120 -37.99 35.56 1.09
CA TYR R 120 -37.42 36.02 -0.18
C TYR R 120 -35.99 35.51 -0.35
N GLY R 121 -35.21 35.54 0.71
CA GLY R 121 -33.87 34.97 0.65
C GLY R 121 -33.89 33.49 0.34
N GLN R 122 -34.82 32.75 0.93
CA GLN R 122 -34.94 31.32 0.66
C GLN R 122 -35.29 31.08 -0.81
N GLU R 123 -36.22 31.86 -1.36
CA GLU R 123 -36.58 31.71 -2.75
C GLU R 123 -35.41 32.04 -3.67
N LEU R 124 -34.65 33.08 -3.35
CA LEU R 124 -33.47 33.43 -4.14
C LEU R 124 -32.44 32.32 -4.09
N TRP R 125 -32.21 31.75 -2.91
CA TRP R 125 -31.27 30.64 -2.78
C TRP R 125 -31.73 29.44 -3.61
N ALA R 126 -33.02 29.14 -3.57
CA ALA R 126 -33.53 28.01 -4.36
C ALA R 126 -33.34 28.25 -5.86
N LEU R 127 -33.62 29.47 -6.33
CA LEU R 127 -33.44 29.77 -7.74
C LEU R 127 -31.98 29.66 -8.14
N LEU R 128 -31.06 30.18 -7.31
CA LEU R 128 -29.64 30.06 -7.60
C LEU R 128 -29.21 28.61 -7.63
N SER R 129 -29.73 27.79 -6.70
CA SER R 129 -29.39 26.37 -6.68
C SER R 129 -29.86 25.67 -7.94
N VAL R 130 -31.07 26.00 -8.41
CA VAL R 130 -31.56 25.40 -9.65
C VAL R 130 -30.67 25.80 -10.82
N LYS R 131 -30.33 27.09 -10.92
CA LYS R 131 -29.55 27.56 -12.05
C LYS R 131 -28.08 27.17 -11.96
N ALA R 132 -27.62 26.68 -10.82
CA ALA R 132 -26.21 26.45 -10.58
C ALA R 132 -25.72 25.09 -11.04
N VAL R 133 -26.61 24.22 -11.53
CA VAL R 133 -26.20 22.88 -11.94
C VAL R 133 -25.27 22.96 -13.15
N GLY R 134 -24.24 22.12 -13.17
CA GLY R 134 -23.32 22.07 -14.28
C GLY R 134 -21.93 22.58 -13.94
N GLY R 135 -21.24 23.12 -14.93
CA GLY R 135 -19.91 23.65 -14.70
C GLY R 135 -19.43 24.45 -15.89
N PHE R 136 -18.18 24.87 -15.81
CA PHE R 136 -17.55 25.67 -16.87
C PHE R 136 -16.28 24.99 -17.35
N TYR R 137 -15.96 25.22 -18.63
CA TYR R 137 -14.67 24.86 -19.19
C TYR R 137 -14.09 26.12 -19.83
N ILE R 138 -12.93 26.54 -19.35
CA ILE R 138 -12.40 27.87 -19.64
C ILE R 138 -11.27 27.82 -20.65
N GLY R 139 -10.17 27.13 -20.31
CA GLY R 139 -9.07 26.98 -21.24
C GLY R 139 -9.28 25.76 -22.12
N GLY R 140 -8.99 25.92 -23.41
CA GLY R 140 -9.15 24.81 -24.32
C GLY R 140 -9.19 25.19 -25.78
N LEU R 141 -8.62 24.34 -26.63
CA LEU R 141 -8.61 24.53 -28.07
C LEU R 141 -9.08 23.24 -28.75
N PRO R 142 -9.77 23.36 -29.88
CA PRO R 142 -10.28 22.15 -30.55
C PRO R 142 -9.17 21.35 -31.20
N GLU R 143 -8.44 20.58 -30.39
CA GLU R 143 -7.34 19.78 -30.92
C GLU R 143 -7.83 18.56 -31.68
N ARG R 144 -9.08 18.15 -31.49
CA ARG R 144 -9.60 16.93 -32.08
C ARG R 144 -10.05 17.11 -33.52
N ARG R 145 -9.92 18.31 -34.09
CA ARG R 145 -10.33 18.57 -35.46
C ARG R 145 -9.22 18.35 -36.47
N GLY R 146 -8.08 17.83 -36.04
CA GLY R 146 -6.97 17.56 -36.92
C GLY R 146 -6.77 16.10 -37.30
N PHE R 147 -7.64 15.20 -36.83
CA PHE R 147 -7.47 13.77 -37.06
C PHE R 147 -8.74 13.19 -37.68
N ARG R 148 -8.56 12.12 -38.45
CA ARG R 148 -9.65 11.44 -39.14
C ARG R 148 -10.15 10.29 -38.29
N LYS R 149 -11.45 10.28 -38.02
CA LYS R 149 -12.05 9.32 -37.09
C LYS R 149 -13.28 8.65 -37.72
N VAL R 150 -13.44 7.37 -37.41
CA VAL R 150 -14.64 6.59 -37.75
C VAL R 150 -14.95 6.67 -39.23
N GLY R 151 -15.90 7.52 -39.60
CA GLY R 151 -16.37 7.60 -40.97
C GLY R 151 -15.73 8.71 -41.78
N GLY R 152 -14.43 8.92 -41.58
CA GLY R 152 -13.74 9.98 -42.29
C GLY R 152 -14.25 11.36 -41.95
N THR R 153 -14.65 11.58 -40.70
CA THR R 153 -15.17 12.86 -40.24
C THR R 153 -14.22 13.48 -39.24
N PHE R 154 -14.20 14.82 -39.21
CA PHE R 154 -13.36 15.57 -38.29
C PHE R 154 -14.14 16.20 -37.15
N TRP R 155 -15.47 16.17 -37.20
CA TRP R 155 -16.30 16.81 -36.19
C TRP R 155 -16.29 16.02 -34.88
N MET S 1 -7.39 56.58 1.58
CA MET S 1 -8.37 57.21 2.45
C MET S 1 -9.63 57.61 1.70
N VAL S 2 -10.79 57.25 2.25
CA VAL S 2 -12.08 57.57 1.67
C VAL S 2 -12.79 58.53 2.62
N ILE S 3 -13.36 59.60 2.06
CA ILE S 3 -14.00 60.62 2.89
C ILE S 3 -15.32 60.07 3.44
N PHE S 4 -15.47 60.15 4.75
CA PHE S 4 -16.68 59.67 5.41
C PHE S 4 -17.76 60.75 5.36
N ASP S 5 -18.95 60.37 4.92
CA ASP S 5 -20.09 61.28 4.83
C ASP S 5 -21.10 60.93 5.91
N GLU S 6 -21.32 61.86 6.83
CA GLU S 6 -22.30 61.63 7.89
C GLU S 6 -23.71 61.55 7.34
N HIS S 7 -24.04 62.39 6.37
CA HIS S 7 -25.41 62.48 5.88
C HIS S 7 -25.84 61.19 5.22
N LYS S 8 -24.98 60.63 4.35
CA LYS S 8 -25.29 59.36 3.71
C LYS S 8 -25.38 58.24 4.73
N PHE S 9 -24.49 58.24 5.72
CA PHE S 9 -24.51 57.20 6.74
C PHE S 9 -25.82 57.23 7.52
N ARG S 10 -26.23 58.42 7.96
CA ARG S 10 -27.49 58.53 8.70
C ARG S 10 -28.69 58.20 7.82
N THR S 11 -28.63 58.52 6.53
CA THR S 11 -29.70 58.12 5.62
C THR S 11 -29.78 56.61 5.51
N LEU S 12 -28.63 55.93 5.44
CA LEU S 12 -28.62 54.49 5.25
C LEU S 12 -29.16 53.75 6.47
N PHE S 13 -28.80 54.21 7.68
CA PHE S 13 -29.22 53.58 8.93
C PHE S 13 -30.04 54.59 9.73
N PRO S 14 -31.36 54.60 9.59
CA PRO S 14 -32.17 55.60 10.29
C PRO S 14 -32.10 55.51 11.80
N GLU S 15 -31.72 54.36 12.37
CA GLU S 15 -31.65 54.24 13.82
C GLU S 15 -30.56 55.10 14.44
N PHE S 16 -29.65 55.64 13.63
CA PHE S 16 -28.62 56.55 14.11
C PHE S 16 -28.90 57.99 13.72
N ALA S 17 -30.18 58.35 13.61
CA ALA S 17 -30.54 59.69 13.17
C ALA S 17 -30.35 60.74 14.25
N ASP S 18 -30.48 60.34 15.51
CA ASP S 18 -30.44 61.29 16.63
C ASP S 18 -29.05 61.89 16.74
N PRO S 19 -28.86 63.19 16.46
CA PRO S 19 -27.51 63.76 16.53
C PRO S 19 -27.02 63.95 17.96
N ALA S 20 -27.93 64.11 18.91
CA ALA S 20 -27.51 64.33 20.30
C ALA S 20 -26.84 63.10 20.88
N ALA S 21 -27.43 61.92 20.68
CA ALA S 21 -26.86 60.69 21.22
C ALA S 21 -25.69 60.17 20.39
N TYR S 22 -25.57 60.58 19.13
CA TYR S 22 -24.52 60.09 18.24
C TYR S 22 -23.82 61.28 17.59
N PRO S 23 -22.87 61.88 18.28
CA PRO S 23 -22.14 63.03 17.72
C PRO S 23 -21.30 62.63 16.52
N ASP S 24 -21.01 63.64 15.69
CA ASP S 24 -20.22 63.40 14.47
C ASP S 24 -18.82 62.91 14.80
N VAL S 25 -18.22 63.45 15.87
CA VAL S 25 -16.86 63.08 16.22
C VAL S 25 -16.75 61.60 16.52
N ARG S 26 -17.75 61.05 17.22
CA ARG S 26 -17.74 59.63 17.55
C ARG S 26 -17.80 58.78 16.28
N LEU S 27 -18.67 59.15 15.34
CA LEU S 27 -18.77 58.40 14.10
C LEU S 27 -17.48 58.48 13.31
N GLN S 28 -16.87 59.66 13.24
CA GLN S 28 -15.61 59.80 12.51
C GLN S 28 -14.50 58.97 13.16
N MET S 29 -14.45 58.96 14.49
CA MET S 29 -13.44 58.17 15.18
C MET S 29 -13.63 56.68 14.91
N TYR S 30 -14.89 56.21 14.92
CA TYR S 30 -15.12 54.79 14.66
C TYR S 30 -14.84 54.43 13.22
N PHE S 31 -15.11 55.34 12.27
CA PHE S 31 -14.70 55.10 10.89
C PHE S 31 -13.19 55.01 10.77
N ASP S 32 -12.47 55.89 11.48
CA ASP S 32 -11.01 55.85 11.46
C ASP S 32 -10.49 54.54 12.03
N ILE S 33 -11.13 54.04 13.08
CA ILE S 33 -10.74 52.72 13.59
C ILE S 33 -11.04 51.63 12.57
N ALA S 34 -12.22 51.68 11.96
CA ALA S 34 -12.62 50.65 11.01
C ALA S 34 -11.75 50.63 9.77
N CYS S 35 -11.12 51.75 9.43
CA CYS S 35 -10.30 51.68 8.22
C CYS S 35 -9.00 50.90 8.41
N GLU S 36 -8.80 50.23 9.54
CA GLU S 36 -7.66 49.35 9.74
C GLU S 36 -8.02 47.87 9.68
N PHE S 37 -9.24 47.50 10.05
CA PHE S 37 -9.69 46.13 9.81
C PHE S 37 -9.71 45.82 8.32
N ILE S 38 -10.22 46.75 7.51
CA ILE S 38 -10.28 46.62 6.07
C ILE S 38 -9.50 47.78 5.45
N SER S 39 -8.63 47.46 4.50
CA SER S 39 -7.84 48.49 3.84
C SER S 39 -8.75 49.46 3.10
N ASP S 40 -8.51 50.75 3.29
CA ASP S 40 -9.29 51.78 2.62
C ASP S 40 -8.69 52.23 1.30
N ARG S 41 -7.51 51.72 0.94
CA ARG S 41 -6.95 52.01 -0.37
C ARG S 41 -7.80 51.35 -1.45
N ASP S 42 -8.01 52.07 -2.54
CA ASP S 42 -8.88 51.61 -3.62
C ASP S 42 -8.12 51.60 -4.93
N SER S 43 -8.31 50.54 -5.70
CA SER S 43 -7.80 50.41 -7.06
C SER S 43 -8.81 49.62 -7.86
N PRO S 44 -8.89 49.85 -9.18
CA PRO S 44 -9.85 49.09 -10.00
C PRO S 44 -9.55 47.60 -10.06
N TYR S 45 -8.33 47.17 -9.75
CA TYR S 45 -7.97 45.77 -9.85
C TYR S 45 -8.37 44.95 -8.62
N ARG S 46 -8.81 45.60 -7.55
CA ARG S 46 -9.15 44.88 -6.34
C ARG S 46 -10.51 44.20 -6.48
N ILE S 47 -10.68 43.11 -5.73
CA ILE S 47 -11.96 42.40 -5.73
C ILE S 47 -13.05 43.28 -5.15
N LEU S 48 -12.77 43.95 -4.05
CA LEU S 48 -13.71 44.91 -3.44
C LEU S 48 -13.33 46.30 -3.93
N ASN S 49 -13.95 46.71 -5.03
CA ASN S 49 -13.77 48.03 -5.59
C ASN S 49 -15.13 48.67 -5.82
N GLY S 50 -15.11 49.94 -6.24
CA GLY S 50 -16.37 50.63 -6.39
C GLY S 50 -16.95 50.95 -5.01
N LYS S 51 -18.24 51.30 -5.02
CA LYS S 51 -18.90 51.67 -3.77
C LYS S 51 -19.21 50.48 -2.89
N ALA S 52 -18.97 49.25 -3.36
CA ALA S 52 -19.04 48.11 -2.46
C ALA S 52 -18.06 48.25 -1.31
N LEU S 53 -16.88 48.83 -1.58
CA LEU S 53 -15.89 49.02 -0.54
C LEU S 53 -16.41 49.94 0.55
N GLU S 54 -17.03 51.06 0.17
CA GLU S 54 -17.57 51.96 1.18
C GLU S 54 -18.80 51.36 1.85
N ALA S 55 -19.52 50.48 1.16
CA ALA S 55 -20.61 49.76 1.81
C ALA S 55 -20.08 48.88 2.94
N CYS S 56 -19.01 48.13 2.67
CA CYS S 56 -18.40 47.32 3.73
C CYS S 56 -17.86 48.19 4.86
N LEU S 57 -17.23 49.31 4.52
CA LEU S 57 -16.72 50.20 5.55
C LEU S 57 -17.84 50.74 6.43
N TYR S 58 -18.96 51.12 5.82
CA TYR S 58 -20.09 51.62 6.58
C TYR S 58 -20.68 50.54 7.48
N LEU S 59 -20.78 49.31 6.95
CA LEU S 59 -21.30 48.21 7.77
C LEU S 59 -20.39 47.94 8.97
N LEU S 60 -19.08 47.93 8.75
CA LEU S 60 -18.15 47.72 9.85
C LEU S 60 -18.24 48.85 10.88
N THR S 61 -18.36 50.08 10.41
CA THR S 61 -18.49 51.21 11.33
C THR S 61 -19.75 51.09 12.16
N ALA S 62 -20.87 50.71 11.54
CA ALA S 62 -22.12 50.54 12.28
C ALA S 62 -21.99 49.42 13.30
N HIS S 63 -21.36 48.32 12.92
CA HIS S 63 -21.14 47.21 13.87
C HIS S 63 -20.33 47.67 15.07
N LEU S 64 -19.23 48.38 14.82
CA LEU S 64 -18.41 48.89 15.92
C LEU S 64 -19.19 49.84 16.81
N LEU S 65 -19.98 50.74 16.20
CA LEU S 65 -20.74 51.70 16.97
C LEU S 65 -21.76 51.00 17.87
N SER S 66 -22.47 50.00 17.33
CA SER S 66 -23.44 49.28 18.14
C SER S 66 -22.78 48.57 19.30
N LEU S 67 -21.69 47.85 19.02
CA LEU S 67 -20.99 47.12 20.09
C LEU S 67 -20.48 48.08 21.16
N SER S 68 -19.99 49.25 20.75
CA SER S 68 -19.47 50.21 21.72
C SER S 68 -20.60 50.81 22.56
N THR S 69 -21.69 51.24 21.92
CA THR S 69 -22.79 51.84 22.65
C THR S 69 -23.54 50.84 23.51
N MET S 70 -23.30 49.54 23.32
CA MET S 70 -23.91 48.55 24.22
C MET S 70 -23.49 48.78 25.67
N GLN S 71 -22.20 49.06 25.91
CA GLN S 71 -21.67 49.00 27.27
C GLN S 71 -22.08 50.20 28.12
N VAL S 72 -22.16 51.38 27.52
CA VAL S 72 -22.23 52.62 28.30
C VAL S 72 -23.47 52.70 29.16
N GLN S 73 -24.65 52.34 28.61
CA GLN S 73 -25.90 52.61 29.29
C GLN S 73 -26.81 51.38 29.34
N GLY S 74 -26.22 50.20 29.50
CA GLY S 74 -27.00 48.98 29.43
C GLY S 74 -27.72 48.56 30.70
N ALA S 75 -26.98 48.37 31.79
CA ALA S 75 -27.50 47.72 32.99
C ALA S 75 -28.28 48.65 33.90
N ALA S 76 -28.78 49.77 33.39
CA ALA S 76 -29.58 50.73 34.14
C ALA S 76 -28.80 51.36 35.29
N GLY S 77 -27.47 51.27 35.24
CA GLY S 77 -26.63 51.88 36.24
C GLY S 77 -25.40 52.51 35.60
N GLY S 78 -25.54 52.88 34.33
CA GLY S 78 -24.42 53.45 33.59
C GLY S 78 -23.30 52.49 33.31
N GLY S 79 -23.60 51.25 32.96
CA GLY S 79 -22.57 50.27 32.67
C GLY S 79 -21.73 49.97 33.89
N VAL S 80 -22.39 49.76 35.03
CA VAL S 80 -21.70 49.52 36.30
C VAL S 80 -21.28 48.06 36.35
N THR S 81 -21.59 47.31 35.29
CA THR S 81 -21.19 45.91 35.22
C THR S 81 -19.67 45.80 35.33
N ALA S 82 -19.20 44.85 36.14
CA ALA S 82 -17.78 44.76 36.43
C ALA S 82 -16.97 44.45 35.17
N GLY S 83 -17.44 43.53 34.34
CA GLY S 83 -16.74 43.15 33.13
C GLY S 83 -17.38 43.59 31.83
N GLY S 84 -18.34 44.50 31.86
CA GLY S 84 -19.02 44.90 30.64
C GLY S 84 -19.99 43.83 30.16
N THR S 85 -20.55 44.08 28.98
CA THR S 85 -21.50 43.17 28.37
C THR S 85 -20.80 42.43 27.23
N GLN S 86 -20.77 41.10 27.32
CA GLN S 86 -20.13 40.29 26.30
C GLN S 86 -21.06 40.12 25.10
N GLY S 87 -20.48 40.19 23.91
CA GLY S 87 -21.22 40.02 22.68
C GLY S 87 -21.27 38.55 22.25
N GLY S 88 -21.98 38.32 21.17
CA GLY S 88 -22.09 36.98 20.61
C GLY S 88 -23.47 36.76 20.03
N PHE S 89 -23.62 35.60 19.41
CA PHE S 89 -24.90 35.21 18.84
C PHE S 89 -25.75 34.50 19.88
N ILE S 90 -27.02 34.88 19.96
CA ILE S 90 -27.95 34.34 20.93
C ILE S 90 -28.69 33.18 20.27
N THR S 91 -28.31 31.95 20.61
CA THR S 91 -28.91 30.78 19.98
C THR S 91 -30.36 30.58 20.43
N SER S 92 -30.63 30.80 21.72
CA SER S 92 -31.96 30.58 22.26
C SER S 92 -32.27 31.65 23.30
N ALA S 93 -33.57 31.85 23.54
CA ALA S 93 -34.03 32.84 24.49
C ALA S 93 -35.37 32.41 25.05
N THR S 94 -35.76 33.02 26.17
CA THR S 94 -37.03 32.70 26.81
C THR S 94 -37.41 33.85 27.73
N VAL S 95 -38.63 34.34 27.58
CA VAL S 95 -39.17 35.40 28.43
C VAL S 95 -40.59 34.99 28.83
N GLY S 96 -40.74 34.54 30.08
CA GLY S 96 -42.03 34.10 30.55
C GLY S 96 -42.49 32.83 29.86
N GLU S 97 -43.51 32.94 29.01
CA GLU S 97 -44.04 31.82 28.25
C GLU S 97 -43.85 32.03 26.75
N VAL S 98 -42.71 32.62 26.38
CA VAL S 98 -42.32 32.80 24.99
C VAL S 98 -40.90 32.29 24.83
N SER S 99 -40.68 31.42 23.84
CA SER S 99 -39.37 30.82 23.62
C SER S 99 -39.06 30.80 22.14
N VAL S 100 -37.80 31.09 21.81
CA VAL S 100 -37.33 31.08 20.42
C VAL S 100 -35.98 30.40 20.38
N ALA S 101 -35.78 29.51 19.40
CA ALA S 101 -34.50 28.85 19.18
C ALA S 101 -34.13 28.99 17.71
N LYS S 102 -32.90 29.45 17.46
CA LYS S 102 -32.46 29.76 16.11
C LYS S 102 -31.31 28.85 15.69
N LEU S 103 -30.92 28.97 14.43
CA LEU S 103 -29.88 28.15 13.84
C LEU S 103 -28.52 28.81 14.04
N ALA S 104 -27.58 28.05 14.57
CA ALA S 104 -26.25 28.59 14.84
C ALA S 104 -25.50 28.82 13.53
N PRO S 105 -24.84 29.97 13.36
CA PRO S 105 -24.11 30.21 12.12
C PRO S 105 -22.84 29.40 12.06
N PRO S 106 -22.32 29.12 10.87
CA PRO S 106 -21.06 28.35 10.73
C PRO S 106 -19.81 29.20 10.93
N ALA S 107 -19.45 29.41 12.19
CA ALA S 107 -18.28 30.18 12.56
C ALA S 107 -17.09 29.26 12.77
N LYS S 108 -15.96 29.62 12.17
CA LYS S 108 -14.75 28.81 12.24
C LYS S 108 -13.59 29.48 12.95
N ASN S 109 -13.59 30.81 13.09
CA ASN S 109 -12.50 31.52 13.74
C ASN S 109 -13.06 32.73 14.48
N GLY S 110 -12.16 33.51 15.07
CA GLY S 110 -12.58 34.66 15.83
C GLY S 110 -13.24 35.74 14.99
N TRP S 111 -12.76 35.92 13.75
CA TRP S 111 -13.30 36.98 12.89
C TRP S 111 -14.78 36.75 12.60
N GLN S 112 -15.14 35.56 12.13
CA GLN S 112 -16.53 35.29 11.79
C GLN S 112 -17.41 35.25 13.04
N TRP S 113 -16.90 34.67 14.13
CA TRP S 113 -17.67 34.60 15.36
C TRP S 113 -17.98 36.00 15.88
N TRP S 114 -16.99 36.89 15.81
CA TRP S 114 -17.22 38.28 16.20
C TRP S 114 -18.20 38.97 15.27
N LEU S 115 -18.06 38.74 13.96
CA LEU S 115 -18.95 39.38 12.99
C LEU S 115 -20.40 38.94 13.18
N SER S 116 -20.62 37.72 13.67
CA SER S 116 -21.98 37.23 13.85
C SER S 116 -22.73 37.94 14.95
N GLY S 117 -22.10 38.88 15.67
CA GLY S 117 -22.74 39.50 16.82
C GLY S 117 -23.94 40.36 16.46
N THR S 118 -23.82 41.15 15.39
CA THR S 118 -24.83 42.14 15.04
C THR S 118 -25.23 42.00 13.59
N PRO S 119 -26.46 42.43 13.24
CA PRO S 119 -26.93 42.25 11.85
C PRO S 119 -26.04 42.92 10.81
N TYR S 120 -25.44 44.07 11.12
CA TYR S 120 -24.50 44.67 10.18
C TYR S 120 -23.29 43.77 9.97
N GLY S 121 -22.80 43.15 11.04
CA GLY S 121 -21.71 42.20 10.89
C GLY S 121 -22.10 41.00 10.04
N GLN S 122 -23.34 40.51 10.22
CA GLN S 122 -23.80 39.40 9.40
C GLN S 122 -23.89 39.78 7.94
N GLU S 123 -24.37 40.99 7.65
CA GLU S 123 -24.43 41.45 6.26
C GLU S 123 -23.03 41.58 5.67
N LEU S 124 -22.08 42.12 6.44
CA LEU S 124 -20.71 42.22 5.97
C LEU S 124 -20.13 40.83 5.69
N TRP S 125 -20.38 39.88 6.57
CA TRP S 125 -19.88 38.52 6.37
C TRP S 125 -20.49 37.91 5.11
N ALA S 126 -21.78 38.11 4.88
CA ALA S 126 -22.40 37.58 3.68
C ALA S 126 -21.80 38.19 2.43
N LEU S 127 -21.59 39.50 2.42
CA LEU S 127 -21.00 40.16 1.25
C LEU S 127 -19.60 39.64 0.99
N LEU S 128 -18.79 39.50 2.05
CA LEU S 128 -17.44 38.98 1.89
C LEU S 128 -17.46 37.55 1.37
N SER S 129 -18.40 36.73 1.85
CA SER S 129 -18.51 35.36 1.37
C SER S 129 -18.86 35.31 -0.11
N VAL S 130 -19.77 36.16 -0.56
CA VAL S 130 -20.09 36.20 -1.98
C VAL S 130 -18.88 36.62 -2.80
N LYS S 131 -18.19 37.66 -2.35
CA LYS S 131 -17.06 38.17 -3.12
C LYS S 131 -15.81 37.32 -2.99
N ALA S 132 -15.80 36.32 -2.11
CA ALA S 132 -14.63 35.49 -1.88
C ALA S 132 -14.52 34.30 -2.82
N VAL S 133 -15.46 34.15 -3.76
CA VAL S 133 -15.41 33.00 -4.66
C VAL S 133 -14.23 33.14 -5.61
N GLY S 134 -13.65 32.02 -6.00
CA GLY S 134 -12.52 32.01 -6.91
C GLY S 134 -11.20 31.89 -6.20
N GLY S 135 -10.15 32.41 -6.82
CA GLY S 135 -8.82 32.33 -6.23
C GLY S 135 -7.85 33.23 -6.95
N PHE S 136 -6.63 33.27 -6.44
CA PHE S 136 -5.57 34.11 -6.99
C PHE S 136 -4.50 33.25 -7.64
N TYR S 137 -3.95 33.74 -8.75
CA TYR S 137 -2.75 33.17 -9.35
C TYR S 137 -1.74 34.29 -9.50
N ILE S 138 -0.63 34.17 -8.79
CA ILE S 138 0.29 35.29 -8.56
C ILE S 138 1.55 35.18 -9.40
N GLY S 139 2.29 34.08 -9.26
CA GLY S 139 3.51 33.88 -9.99
C GLY S 139 3.30 33.08 -11.27
N GLY S 140 4.09 33.37 -12.27
CA GLY S 140 4.03 32.66 -13.54
C GLY S 140 4.25 33.58 -14.71
N LEU S 141 4.68 32.99 -15.82
CA LEU S 141 4.96 33.69 -17.06
C LEU S 141 4.29 32.96 -18.22
N PRO S 142 3.95 33.68 -19.29
CA PRO S 142 3.28 33.03 -20.42
C PRO S 142 4.23 32.18 -21.25
N GLU S 143 4.49 30.94 -20.80
CA GLU S 143 5.38 30.06 -21.52
C GLU S 143 4.75 29.47 -22.78
N ARG S 144 3.42 29.36 -22.81
CA ARG S 144 2.75 28.71 -23.92
C ARG S 144 2.76 29.54 -25.21
N ARG S 145 3.19 30.80 -25.15
CA ARG S 145 3.20 31.64 -26.35
C ARG S 145 4.31 31.28 -27.32
N GLY S 146 5.24 30.42 -26.92
CA GLY S 146 6.35 30.05 -27.77
C GLY S 146 6.17 28.82 -28.63
N PHE S 147 4.97 28.23 -28.64
CA PHE S 147 4.73 26.99 -29.37
C PHE S 147 3.50 27.13 -30.24
N ARG S 148 3.48 26.36 -31.34
CA ARG S 148 2.43 26.41 -32.35
C ARG S 148 1.39 25.33 -32.06
N LYS S 149 0.12 25.71 -32.06
CA LYS S 149 -0.95 24.82 -31.67
C LYS S 149 -2.12 24.89 -32.64
N VAL S 150 -2.77 23.74 -32.83
CA VAL S 150 -4.02 23.60 -33.57
C VAL S 150 -3.87 24.18 -34.97
N GLY S 151 -4.40 25.38 -35.17
CA GLY S 151 -4.45 25.98 -36.50
C GLY S 151 -3.29 26.91 -36.78
N GLY S 152 -2.08 26.50 -36.44
CA GLY S 152 -0.92 27.34 -36.64
C GLY S 152 -0.99 28.65 -35.89
N THR S 153 -1.46 28.61 -34.64
CA THR S 153 -1.62 29.80 -33.82
C THR S 153 -0.71 29.70 -32.60
N PHE S 154 -0.48 30.84 -31.97
CA PHE S 154 0.36 30.93 -30.78
C PHE S 154 -0.38 31.43 -29.55
N TRP S 155 -1.64 31.82 -29.67
CA TRP S 155 -2.41 32.31 -28.53
C TRP S 155 -2.64 31.20 -27.51
N MET T 1 9.61 52.10 22.27
CA MET T 1 8.50 52.46 23.14
C MET T 1 7.48 53.32 22.41
N VAL T 2 6.23 53.24 22.84
CA VAL T 2 5.13 54.03 22.29
C VAL T 2 4.53 54.86 23.41
N ILE T 3 4.33 56.15 23.16
CA ILE T 3 3.78 57.03 24.17
C ILE T 3 2.30 56.72 24.36
N PHE T 4 1.88 56.63 25.61
CA PHE T 4 0.50 56.28 25.96
C PHE T 4 -0.26 57.56 26.28
N ASP T 5 -1.29 57.85 25.49
CA ASP T 5 -2.08 59.07 25.65
C ASP T 5 -3.27 58.76 26.54
N GLU T 6 -3.21 59.25 27.78
CA GLU T 6 -4.31 59.03 28.72
C GLU T 6 -5.59 59.72 28.24
N HIS T 7 -5.48 60.95 27.72
CA HIS T 7 -6.65 61.68 27.26
C HIS T 7 -7.34 60.95 26.12
N LYS T 8 -6.57 60.53 25.11
CA LYS T 8 -7.16 59.80 24.00
C LYS T 8 -7.71 58.46 24.45
N PHE T 9 -7.07 57.80 25.41
CA PHE T 9 -7.59 56.54 25.94
C PHE T 9 -8.96 56.75 26.56
N ARG T 10 -9.10 57.76 27.43
CA ARG T 10 -10.41 58.03 28.01
C ARG T 10 -11.42 58.46 26.97
N THR T 11 -10.96 59.13 25.91
CA THR T 11 -11.86 59.50 24.82
C THR T 11 -12.39 58.26 24.11
N LEU T 12 -11.55 57.24 23.95
CA LEU T 12 -11.97 56.04 23.24
C LEU T 12 -13.05 55.29 24.02
N PHE T 13 -12.85 55.11 25.33
CA PHE T 13 -13.81 54.39 26.17
C PHE T 13 -14.42 55.34 27.17
N PRO T 14 -15.63 55.86 26.92
CA PRO T 14 -16.24 56.80 27.87
C PRO T 14 -16.55 56.19 29.23
N GLU T 15 -16.63 54.87 29.33
CA GLU T 15 -16.94 54.23 30.61
C GLU T 15 -15.78 54.33 31.60
N PHE T 16 -14.58 54.66 31.14
CA PHE T 16 -13.43 54.86 32.01
C PHE T 16 -13.12 56.33 32.23
N ALA T 17 -14.04 57.23 31.86
CA ALA T 17 -13.77 58.66 31.86
C ALA T 17 -13.59 59.25 33.26
N ASP T 18 -13.99 58.53 34.30
CA ASP T 18 -13.89 59.08 35.65
C ASP T 18 -12.44 59.03 36.11
N PRO T 19 -11.80 60.16 36.42
CA PRO T 19 -10.41 60.13 36.85
C PRO T 19 -10.26 59.71 38.31
N ALA T 20 -11.28 60.02 39.12
CA ALA T 20 -11.24 59.66 40.53
C ALA T 20 -11.26 58.14 40.71
N ALA T 21 -12.10 57.44 39.94
CA ALA T 21 -12.18 56.00 40.05
C ALA T 21 -11.00 55.31 39.37
N TYR T 22 -10.51 55.87 38.27
CA TYR T 22 -9.41 55.28 37.49
C TYR T 22 -8.28 56.30 37.40
N PRO T 23 -7.35 56.29 38.35
CA PRO T 23 -6.23 57.25 38.30
C PRO T 23 -5.32 56.98 37.11
N ASP T 24 -4.62 58.04 36.70
CA ASP T 24 -3.72 57.94 35.55
C ASP T 24 -2.57 56.97 35.81
N VAL T 25 -2.12 56.87 37.06
CA VAL T 25 -1.02 55.96 37.37
C VAL T 25 -1.44 54.51 37.16
N ARG T 26 -2.69 54.18 37.46
CA ARG T 26 -3.19 52.83 37.22
C ARG T 26 -3.18 52.52 35.73
N LEU T 27 -3.65 53.46 34.91
CA LEU T 27 -3.67 53.25 33.46
C LEU T 27 -2.24 53.09 32.92
N GLN T 28 -1.32 53.93 33.40
CA GLN T 28 0.06 53.80 32.94
C GLN T 28 0.66 52.46 33.34
N MET T 29 0.38 52.00 34.55
CA MET T 29 0.88 50.70 35.00
C MET T 29 0.32 49.59 34.14
N TYR T 30 -0.97 49.64 33.81
CA TYR T 30 -1.54 48.58 33.00
C TYR T 30 -1.04 48.62 31.56
N PHE T 31 -0.77 49.81 31.03
CA PHE T 31 -0.13 49.89 29.72
C PHE T 31 1.27 49.30 29.75
N ASP T 32 2.01 49.56 30.84
CA ASP T 32 3.35 48.99 30.96
C ASP T 32 3.31 47.48 31.10
N ILE T 33 2.26 46.94 31.72
CA ILE T 33 2.09 45.49 31.76
C ILE T 33 1.75 44.95 30.39
N ALA T 34 0.85 45.63 29.67
CA ALA T 34 0.39 45.14 28.37
C ALA T 34 1.46 45.25 27.29
N CYS T 35 2.43 46.15 27.44
CA CYS T 35 3.46 46.25 26.40
C CYS T 35 4.38 45.05 26.39
N GLU T 36 4.30 44.17 27.38
CA GLU T 36 5.08 42.94 27.38
C GLU T 36 4.39 41.80 26.65
N PHE T 37 3.06 41.77 26.66
CA PHE T 37 2.33 40.76 25.89
C PHE T 37 2.59 40.93 24.40
N ILE T 38 2.53 42.17 23.92
CA ILE T 38 2.70 42.49 22.51
C ILE T 38 3.85 43.47 22.37
N SER T 39 4.81 43.16 21.50
CA SER T 39 5.93 44.06 21.27
C SER T 39 5.44 45.38 20.71
N ASP T 40 5.92 46.47 21.28
CA ASP T 40 5.49 47.82 20.89
C ASP T 40 6.45 48.47 19.90
N ARG T 41 7.49 47.78 19.47
CA ARG T 41 8.38 48.33 18.46
C ARG T 41 7.64 48.46 17.13
N ASP T 42 7.72 49.63 16.51
CA ASP T 42 7.00 49.94 15.29
C ASP T 42 7.98 50.05 14.13
N SER T 43 7.72 49.29 13.07
CA SER T 43 8.48 49.35 11.84
C SER T 43 7.52 49.22 10.67
N PRO T 44 7.87 49.80 9.51
CA PRO T 44 6.98 49.67 8.33
C PRO T 44 6.92 48.26 7.77
N TYR T 45 7.78 47.35 8.22
CA TYR T 45 7.84 46.01 7.68
C TYR T 45 7.10 44.98 8.52
N ARG T 46 6.39 45.41 9.55
CA ARG T 46 5.57 44.50 10.34
C ARG T 46 4.15 44.46 9.78
N ILE T 47 3.44 43.37 10.09
CA ILE T 47 2.04 43.27 9.70
C ILE T 47 1.20 44.22 10.53
N LEU T 48 1.49 44.33 11.83
CA LEU T 48 0.83 45.29 12.71
C LEU T 48 1.72 46.52 12.82
N ASN T 49 1.19 47.68 12.43
CA ASN T 49 1.94 48.91 12.51
C ASN T 49 0.98 50.09 12.52
N GLY T 50 1.43 51.19 13.10
CA GLY T 50 0.63 52.40 13.12
C GLY T 50 -0.55 52.32 14.08
N LYS T 51 -1.63 52.99 13.69
CA LYS T 51 -2.80 53.08 14.56
C LYS T 51 -3.45 51.73 14.80
N ALA T 52 -3.23 50.75 13.92
CA ALA T 52 -3.70 49.40 14.20
C ALA T 52 -3.00 48.81 15.42
N LEU T 53 -1.67 48.94 15.47
CA LEU T 53 -0.92 48.48 16.64
C LEU T 53 -1.31 49.28 17.87
N GLU T 54 -1.50 50.58 17.73
CA GLU T 54 -1.93 51.40 18.85
C GLU T 54 -3.28 50.95 19.39
N ALA T 55 -4.23 50.65 18.51
CA ALA T 55 -5.53 50.16 18.93
C ALA T 55 -5.43 48.80 19.60
N CYS T 56 -4.56 47.92 19.09
CA CYS T 56 -4.34 46.64 19.74
C CYS T 56 -3.87 46.83 21.17
N LEU T 57 -2.88 47.71 21.36
CA LEU T 57 -2.36 47.94 22.69
C LEU T 57 -3.43 48.52 23.61
N TYR T 58 -4.20 49.47 23.11
CA TYR T 58 -5.25 50.08 23.93
C TYR T 58 -6.33 49.07 24.30
N LEU T 59 -6.69 48.19 23.36
CA LEU T 59 -7.69 47.16 23.65
C LEU T 59 -7.18 46.18 24.70
N LEU T 60 -5.90 45.80 24.60
CA LEU T 60 -5.33 44.93 25.62
C LEU T 60 -5.34 45.61 26.99
N THR T 61 -5.02 46.89 27.03
CA THR T 61 -5.07 47.64 28.28
C THR T 61 -6.48 47.66 28.86
N ALA T 62 -7.48 47.89 28.01
CA ALA T 62 -8.86 47.92 28.48
C ALA T 62 -9.28 46.55 29.02
N HIS T 63 -8.88 45.48 28.33
CA HIS T 63 -9.20 44.13 28.80
C HIS T 63 -8.60 43.87 30.17
N LEU T 64 -7.32 44.24 30.35
CA LEU T 64 -6.69 44.06 31.64
C LEU T 64 -7.38 44.87 32.72
N LEU T 65 -7.77 46.12 32.40
CA LEU T 65 -8.43 46.97 33.37
C LEU T 65 -9.77 46.39 33.80
N SER T 66 -10.57 45.90 32.84
CA SER T 66 -11.86 45.31 33.17
C SER T 66 -11.69 44.05 34.01
N LEU T 67 -10.71 43.21 33.67
CA LEU T 67 -10.46 42.02 34.48
C LEU T 67 -10.04 42.41 35.90
N SER T 68 -9.23 43.45 36.04
CA SER T 68 -8.86 43.94 37.36
C SER T 68 -10.08 44.42 38.13
N THR T 69 -11.01 45.10 37.44
CA THR T 69 -12.23 45.57 38.07
C THR T 69 -13.04 44.41 38.62
N MET T 70 -13.15 43.33 37.84
CA MET T 70 -13.92 42.17 38.29
C MET T 70 -13.48 41.69 39.67
N GLN T 71 -12.19 41.78 39.97
CA GLN T 71 -11.67 41.33 41.25
C GLN T 71 -11.71 42.43 42.31
N VAL T 72 -11.36 43.66 41.94
CA VAL T 72 -11.28 44.74 42.94
C VAL T 72 -12.66 45.05 43.49
N GLN T 73 -13.67 45.18 42.61
CA GLN T 73 -15.00 45.53 43.09
C GLN T 73 -16.12 44.74 42.42
N GLY T 74 -15.82 43.64 41.73
CA GLY T 74 -16.87 42.75 41.29
C GLY T 74 -17.57 42.09 42.46
N ALA T 75 -16.80 41.59 43.42
CA ALA T 75 -17.37 41.19 44.70
C ALA T 75 -17.70 42.40 45.56
N ALA T 76 -16.87 43.44 45.50
CA ALA T 76 -17.03 44.73 46.16
C ALA T 76 -16.93 44.65 47.67
N GLY T 77 -16.72 43.47 48.24
CA GLY T 77 -16.52 43.35 49.67
C GLY T 77 -15.04 43.32 50.02
N GLY T 78 -14.23 43.99 49.21
CA GLY T 78 -12.80 43.95 49.38
C GLY T 78 -12.15 42.70 48.84
N GLY T 79 -12.81 41.99 47.93
CA GLY T 79 -12.29 40.73 47.43
C GLY T 79 -12.21 39.67 48.50
N VAL T 80 -13.28 39.53 49.28
CA VAL T 80 -13.29 38.62 50.42
C VAL T 80 -13.47 37.17 50.01
N THR T 81 -13.83 36.91 48.76
CA THR T 81 -13.98 35.53 48.31
C THR T 81 -12.65 34.79 48.42
N ALA T 82 -12.72 33.53 48.87
CA ALA T 82 -11.50 32.76 49.10
C ALA T 82 -10.74 32.50 47.80
N GLY T 83 -11.46 32.15 46.73
CA GLY T 83 -10.80 31.81 45.49
C GLY T 83 -10.65 32.97 44.52
N GLY T 84 -11.52 33.96 44.63
CA GLY T 84 -11.51 35.08 43.71
C GLY T 84 -12.39 34.83 42.49
N THR T 85 -12.84 35.93 41.89
CA THR T 85 -13.72 35.83 40.74
C THR T 85 -12.97 35.24 39.55
N GLN T 86 -13.67 34.45 38.75
CA GLN T 86 -13.09 33.78 37.60
C GLN T 86 -13.72 34.31 36.32
N GLY T 87 -12.90 34.47 35.29
CA GLY T 87 -13.33 35.03 34.02
C GLY T 87 -13.55 33.95 32.97
N GLY T 88 -14.22 34.33 31.89
CA GLY T 88 -14.49 33.40 30.81
C GLY T 88 -15.81 33.75 30.14
N PHE T 89 -15.98 33.19 28.95
CA PHE T 89 -17.22 33.40 28.22
C PHE T 89 -18.36 32.67 28.89
N ILE T 90 -19.49 33.34 29.03
CA ILE T 90 -20.67 32.77 29.66
C ILE T 90 -21.54 32.16 28.56
N THR T 91 -21.62 30.83 28.54
CA THR T 91 -22.39 30.16 27.50
C THR T 91 -23.89 30.33 27.73
N SER T 92 -24.35 30.19 28.96
CA SER T 92 -25.76 30.29 29.28
C SER T 92 -25.94 30.99 30.62
N ALA T 93 -27.11 31.60 30.79
CA ALA T 93 -27.43 32.31 32.02
C ALA T 93 -28.94 32.29 32.23
N THR T 94 -29.35 32.48 33.47
CA THR T 94 -30.77 32.47 33.82
C THR T 94 -30.97 33.30 35.07
N VAL T 95 -31.89 34.27 35.00
CA VAL T 95 -32.27 35.09 36.14
C VAL T 95 -33.79 35.12 36.20
N GLY T 96 -34.36 34.43 37.19
CA GLY T 96 -35.79 34.38 37.33
C GLY T 96 -36.49 33.63 36.22
N GLU T 97 -37.27 34.34 35.40
CA GLU T 97 -38.03 33.74 34.32
C GLU T 97 -37.48 34.10 32.95
N VAL T 98 -36.24 34.56 32.88
CA VAL T 98 -35.58 34.91 31.62
C VAL T 98 -34.31 34.09 31.50
N SER T 99 -34.15 33.39 30.38
CA SER T 99 -32.99 32.57 30.13
C SER T 99 -32.47 32.84 28.73
N VAL T 100 -31.16 32.89 28.58
CA VAL T 100 -30.51 33.20 27.32
C VAL T 100 -29.34 32.25 27.12
N ALA T 101 -29.21 31.71 25.91
CA ALA T 101 -28.12 30.83 25.53
C ALA T 101 -27.36 31.41 24.35
N LYS T 102 -26.03 31.34 24.40
CA LYS T 102 -25.18 31.93 23.38
C LYS T 102 -24.34 30.86 22.70
N LEU T 103 -23.60 31.28 21.68
CA LEU T 103 -22.77 30.39 20.88
C LEU T 103 -21.34 30.39 21.42
N ALA T 104 -20.78 29.19 21.57
CA ALA T 104 -19.44 29.06 22.14
C ALA T 104 -18.39 29.45 21.10
N PRO T 105 -17.48 30.37 21.43
CA PRO T 105 -16.44 30.74 20.47
C PRO T 105 -15.44 29.61 20.31
N PRO T 106 -14.76 29.54 19.15
CA PRO T 106 -13.77 28.47 18.90
C PRO T 106 -12.40 28.78 19.50
N ALA T 107 -12.24 28.47 20.79
CA ALA T 107 -10.98 28.68 21.49
C ALA T 107 -10.16 27.39 21.47
N LYS T 108 -8.90 27.51 21.11
CA LYS T 108 -8.02 26.35 20.96
C LYS T 108 -6.82 26.35 21.89
N ASN T 109 -6.59 27.43 22.64
CA ASN T 109 -5.46 27.46 23.58
C ASN T 109 -5.79 28.50 24.65
N GLY T 110 -4.84 28.72 25.56
CA GLY T 110 -5.05 29.66 26.64
C GLY T 110 -5.21 31.10 26.17
N TRP T 111 -4.50 31.48 25.11
CA TRP T 111 -4.53 32.87 24.65
C TRP T 111 -5.93 33.28 24.22
N GLN T 112 -6.55 32.51 23.32
CA GLN T 112 -7.86 32.87 22.80
C GLN T 112 -8.93 32.72 23.86
N TRP T 113 -8.84 31.66 24.68
CA TRP T 113 -9.81 31.46 25.75
C TRP T 113 -9.78 32.60 26.74
N TRP T 114 -8.58 33.05 27.13
CA TRP T 114 -8.46 34.19 28.03
C TRP T 114 -8.95 35.47 27.37
N LEU T 115 -8.68 35.64 26.08
CA LEU T 115 -9.12 36.84 25.38
C LEU T 115 -10.64 36.91 25.32
N SER T 116 -11.31 35.79 25.16
CA SER T 116 -12.76 35.80 24.99
C SER T 116 -13.51 36.19 26.27
N GLY T 117 -12.85 36.59 27.35
CA GLY T 117 -13.57 36.93 28.56
C GLY T 117 -14.39 38.18 28.45
N THR T 118 -13.87 39.20 27.78
CA THR T 118 -14.48 40.53 27.73
C THR T 118 -14.61 40.99 26.29
N PRO T 119 -15.54 41.92 26.01
CA PRO T 119 -15.70 42.38 24.62
C PRO T 119 -14.44 42.96 24.01
N TYR T 120 -13.62 43.66 24.80
CA TYR T 120 -12.38 44.19 24.26
C TYR T 120 -11.44 43.07 23.83
N GLY T 121 -11.37 41.99 24.60
CA GLY T 121 -10.59 40.85 24.20
C GLY T 121 -11.11 40.22 22.92
N GLN T 122 -12.43 40.14 22.77
CA GLN T 122 -13.00 39.60 21.55
C GLN T 122 -12.64 40.47 20.35
N GLU T 123 -12.71 41.78 20.51
CA GLU T 123 -12.35 42.69 19.43
C GLU T 123 -10.88 42.55 19.05
N LEU T 124 -10.01 42.44 20.06
CA LEU T 124 -8.58 42.26 19.79
C LEU T 124 -8.33 40.95 19.06
N TRP T 125 -9.00 39.87 19.48
CA TRP T 125 -8.86 38.59 18.81
C TRP T 125 -9.31 38.68 17.36
N ALA T 126 -10.44 39.35 17.12
CA ALA T 126 -10.93 39.49 15.75
C ALA T 126 -9.96 40.27 14.88
N LEU T 127 -9.40 41.37 15.41
CA LEU T 127 -8.44 42.15 14.62
C LEU T 127 -7.18 41.34 14.34
N LEU T 128 -6.69 40.61 15.33
CA LEU T 128 -5.52 39.76 15.11
C LEU T 128 -5.82 38.68 14.06
N SER T 129 -7.02 38.10 14.09
CA SER T 129 -7.39 37.09 13.11
C SER T 129 -7.43 37.69 11.71
N VAL T 130 -7.96 38.91 11.57
CA VAL T 130 -7.98 39.55 10.26
C VAL T 130 -6.57 39.80 9.77
N LYS T 131 -5.71 40.33 10.63
CA LYS T 131 -4.35 40.66 10.22
C LYS T 131 -3.46 39.44 10.07
N ALA T 132 -3.88 38.27 10.54
CA ALA T 132 -3.03 37.10 10.59
C ALA T 132 -3.03 36.29 9.31
N VAL T 133 -3.86 36.64 8.32
CA VAL T 133 -3.93 35.87 7.09
C VAL T 133 -2.61 36.00 6.33
N GLY T 134 -2.21 34.91 5.68
CA GLY T 134 -0.97 34.91 4.91
C GLY T 134 0.10 34.00 5.51
N GLY T 135 1.35 34.34 5.30
CA GLY T 135 2.43 33.53 5.83
C GLY T 135 3.76 34.23 5.71
N PHE T 136 4.81 33.50 6.06
CA PHE T 136 6.17 34.02 6.04
C PHE T 136 7.06 33.10 5.23
N TYR T 137 8.11 33.67 4.65
CA TYR T 137 9.17 32.92 3.99
C TYR T 137 10.47 33.66 4.22
N ILE T 138 11.34 33.09 5.04
CA ILE T 138 12.47 33.83 5.59
C ILE T 138 13.77 33.47 4.87
N GLY T 139 14.17 32.21 4.92
CA GLY T 139 15.38 31.80 4.24
C GLY T 139 15.18 31.70 2.76
N GLY T 140 15.99 32.39 1.96
CA GLY T 140 15.83 32.35 0.53
C GLY T 140 16.69 33.33 -0.23
N LEU T 141 17.08 32.96 -1.44
CA LEU T 141 17.90 33.79 -2.32
C LEU T 141 17.30 33.82 -3.71
N PRO T 142 17.49 34.93 -4.44
CA PRO T 142 16.93 35.01 -5.79
C PRO T 142 17.66 34.11 -6.77
N GLU T 143 17.39 32.81 -6.69
CA GLU T 143 18.06 31.82 -7.54
C GLU T 143 17.64 31.91 -9.00
N ARG T 144 16.45 32.41 -9.30
CA ARG T 144 15.88 32.36 -10.63
C ARG T 144 16.34 33.50 -11.53
N ARG T 145 17.33 34.28 -11.11
CA ARG T 145 17.80 35.42 -11.91
C ARG T 145 18.99 35.07 -12.79
N GLY T 146 19.41 33.80 -12.82
CA GLY T 146 20.52 33.38 -13.64
C GLY T 146 20.15 32.64 -14.91
N PHE T 147 18.87 32.54 -15.25
CA PHE T 147 18.43 31.79 -16.41
C PHE T 147 17.52 32.64 -17.30
N ARG T 148 17.59 32.39 -18.60
CA ARG T 148 16.79 33.10 -19.59
C ARG T 148 15.48 32.35 -19.81
N LYS T 149 14.36 33.05 -19.68
CA LYS T 149 13.04 32.44 -19.73
C LYS T 149 12.13 33.20 -20.67
N VAL T 150 11.26 32.46 -21.36
CA VAL T 150 10.19 32.99 -22.20
C VAL T 150 10.72 34.00 -23.20
N GLY T 151 10.56 35.28 -22.91
CA GLY T 151 10.92 36.33 -23.85
C GLY T 151 12.29 36.94 -23.58
N GLY T 152 13.25 36.10 -23.24
CA GLY T 152 14.58 36.61 -22.93
C GLY T 152 14.62 37.52 -21.72
N THR T 153 13.85 37.18 -20.69
CA THR T 153 13.77 37.98 -19.48
C THR T 153 14.31 37.20 -18.30
N PHE T 154 14.84 37.94 -17.31
CA PHE T 154 15.38 37.34 -16.10
C PHE T 154 14.51 37.60 -14.87
N TRP T 155 13.51 38.47 -14.97
CA TRP T 155 12.67 38.81 -13.83
C TRP T 155 11.69 37.69 -13.48
N MET U 1 19.28 36.38 40.94
CA MET U 1 17.98 36.17 41.58
C MET U 1 17.22 37.49 41.70
N VAL U 2 15.97 37.49 41.23
CA VAL U 2 15.14 38.69 41.28
C VAL U 2 14.75 38.96 42.73
N ILE U 3 14.90 40.20 43.16
CA ILE U 3 14.56 40.58 44.53
C ILE U 3 13.09 40.94 44.59
N PHE U 4 12.35 40.27 45.47
CA PHE U 4 10.93 40.51 45.61
C PHE U 4 10.69 41.87 46.26
N ASP U 5 9.81 42.67 45.65
CA ASP U 5 9.45 43.97 46.18
C ASP U 5 8.01 43.92 46.70
N GLU U 6 7.87 44.06 48.02
CA GLU U 6 6.55 43.96 48.64
C GLU U 6 5.67 45.14 48.24
N HIS U 7 6.25 46.34 48.15
CA HIS U 7 5.47 47.53 47.84
C HIS U 7 4.87 47.46 46.45
N LYS U 8 5.68 47.05 45.46
CA LYS U 8 5.17 46.89 44.10
C LYS U 8 4.11 45.81 44.03
N PHE U 9 4.30 44.71 44.76
CA PHE U 9 3.32 43.63 44.76
C PHE U 9 1.98 44.12 45.32
N ARG U 10 2.01 44.85 46.43
CA ARG U 10 0.77 45.37 46.99
C ARG U 10 0.13 46.41 46.09
N THR U 11 0.95 47.20 45.38
CA THR U 11 0.40 48.16 44.42
C THR U 11 -0.30 47.46 43.27
N LEU U 12 0.30 46.36 42.78
CA LEU U 12 -0.26 45.69 41.62
C LEU U 12 -1.58 44.99 41.93
N PHE U 13 -1.70 44.38 43.12
CA PHE U 13 -2.88 43.63 43.53
C PHE U 13 -3.46 44.30 44.77
N PRO U 14 -4.38 45.24 44.61
CA PRO U 14 -4.94 45.94 45.78
C PRO U 14 -5.69 45.04 46.74
N GLU U 15 -6.18 43.88 46.29
CA GLU U 15 -6.91 42.99 47.18
C GLU U 15 -6.03 42.41 48.28
N PHE U 16 -4.70 42.52 48.15
CA PHE U 16 -3.76 42.09 49.17
C PHE U 16 -3.15 43.28 49.91
N ALA U 17 -3.91 44.38 50.02
CA ALA U 17 -3.38 45.59 50.64
C ALA U 17 -3.31 45.47 52.16
N ASP U 18 -4.16 44.65 52.77
CA ASP U 18 -4.22 44.57 54.22
C ASP U 18 -2.96 43.93 54.78
N PRO U 19 -2.19 44.64 55.61
CA PRO U 19 -0.96 44.03 56.16
C PRO U 19 -1.22 43.09 57.33
N ALA U 20 -2.36 43.22 58.01
CA ALA U 20 -2.64 42.36 59.15
C ALA U 20 -2.92 40.92 58.71
N ALA U 21 -3.76 40.74 57.70
CA ALA U 21 -4.10 39.42 57.23
C ALA U 21 -3.05 38.81 56.32
N TYR U 22 -2.17 39.63 55.73
CA TYR U 22 -1.15 39.17 54.79
C TYR U 22 0.20 39.71 55.22
N PRO U 23 0.85 39.06 56.18
CA PRO U 23 2.17 39.52 56.62
C PRO U 23 3.21 39.40 55.52
N ASP U 24 4.25 40.22 55.63
CA ASP U 24 5.31 40.24 54.63
C ASP U 24 6.02 38.89 54.57
N VAL U 25 6.18 38.24 55.72
CA VAL U 25 6.92 36.98 55.77
C VAL U 25 6.25 35.92 54.90
N ARG U 26 4.91 35.84 54.96
CA ARG U 26 4.20 34.87 54.15
C ARG U 26 4.40 35.15 52.66
N LEU U 27 4.33 36.42 52.26
CA LEU U 27 4.54 36.76 50.86
C LEU U 27 5.95 36.39 50.41
N GLN U 28 6.95 36.66 51.24
CA GLN U 28 8.31 36.31 50.90
C GLN U 28 8.48 34.80 50.78
N MET U 29 7.87 34.05 51.70
CA MET U 29 7.95 32.59 51.63
C MET U 29 7.31 32.06 50.36
N TYR U 30 6.15 32.62 49.99
CA TYR U 30 5.49 32.13 48.78
C TYR U 30 6.25 32.54 47.52
N PHE U 31 6.91 33.69 47.53
CA PHE U 31 7.79 34.03 46.42
C PHE U 31 8.97 33.06 46.34
N ASP U 32 9.53 32.69 47.49
CA ASP U 32 10.63 31.74 47.50
C ASP U 32 10.19 30.38 46.99
N ILE U 33 8.94 29.99 47.26
CA ILE U 33 8.43 28.74 46.69
C ILE U 33 8.23 28.89 45.19
N ALA U 34 7.63 30.01 44.77
CA ALA U 34 7.31 30.21 43.35
C ALA U 34 8.55 30.34 42.48
N CYS U 35 9.69 30.76 43.04
CA CYS U 35 10.89 30.87 42.21
C CYS U 35 11.45 29.50 41.84
N GLU U 36 10.75 28.41 42.17
CA GLU U 36 11.20 27.07 41.80
C GLU U 36 10.36 26.44 40.70
N PHE U 37 9.07 26.77 40.62
CA PHE U 37 8.28 26.36 39.46
C PHE U 37 8.84 26.99 38.19
N ILE U 38 9.19 28.26 38.25
CA ILE U 38 9.78 28.99 37.13
C ILE U 38 11.17 29.44 37.55
N SER U 39 12.17 29.21 36.70
CA SER U 39 13.53 29.61 37.02
C SER U 39 13.60 31.12 37.24
N ASP U 40 14.25 31.52 38.32
CA ASP U 40 14.31 32.92 38.70
C ASP U 40 15.50 33.66 38.12
N ARG U 41 16.44 32.97 37.49
CA ARG U 41 17.56 33.63 36.85
C ARG U 41 17.13 34.26 35.54
N ASP U 42 17.85 35.30 35.13
CA ASP U 42 17.53 36.04 33.93
C ASP U 42 18.76 36.21 33.06
N SER U 43 18.55 36.06 31.75
CA SER U 43 19.57 36.33 30.74
C SER U 43 18.89 36.97 29.55
N PRO U 44 19.61 37.80 28.80
CA PRO U 44 18.99 38.43 27.62
C PRO U 44 18.59 37.46 26.53
N TYR U 45 19.16 36.25 26.52
CA TYR U 45 18.86 35.27 25.48
C TYR U 45 17.62 34.44 25.76
N ARG U 46 17.04 34.54 26.95
CA ARG U 46 15.88 33.75 27.29
C ARG U 46 14.62 34.30 26.64
N ILE U 47 13.67 33.41 26.38
CA ILE U 47 12.39 33.83 25.81
C ILE U 47 11.65 34.74 26.79
N LEU U 48 11.64 34.35 28.06
CA LEU U 48 11.06 35.17 29.13
C LEU U 48 12.20 35.94 29.80
N ASN U 49 12.28 37.24 29.52
CA ASN U 49 13.30 38.08 30.11
C ASN U 49 12.73 39.48 30.31
N GLY U 50 13.43 40.26 31.13
CA GLY U 50 12.93 41.58 31.43
C GLY U 50 11.74 41.53 32.38
N LYS U 51 10.87 42.52 32.25
CA LYS U 51 9.73 42.65 33.15
C LYS U 51 8.76 41.48 33.05
N ALA U 52 8.79 40.74 31.93
CA ALA U 52 7.90 39.59 31.80
C ALA U 52 8.21 38.53 32.85
N LEU U 53 9.49 38.33 33.16
CA LEU U 53 9.86 37.34 34.17
C LEU U 53 9.28 37.70 35.53
N GLU U 54 9.43 38.96 35.95
CA GLU U 54 8.91 39.36 37.24
C GLU U 54 7.39 39.38 37.25
N ALA U 55 6.76 39.70 36.12
CA ALA U 55 5.30 39.62 36.05
C ALA U 55 4.83 38.18 36.24
N CYS U 56 5.50 37.23 35.59
CA CYS U 56 5.15 35.82 35.75
C CYS U 56 5.35 35.37 37.18
N LEU U 57 6.46 35.77 37.80
CA LEU U 57 6.72 35.39 39.18
C LEU U 57 5.66 35.96 40.11
N TYR U 58 5.27 37.22 39.90
CA TYR U 58 4.25 37.84 40.74
C TYR U 58 2.91 37.15 40.56
N LEU U 59 2.55 36.80 39.33
CA LEU U 59 1.29 36.10 39.10
C LEU U 59 1.28 34.74 39.78
N LEU U 60 2.38 33.99 39.67
CA LEU U 60 2.46 32.70 40.32
C LEU U 60 2.38 32.83 41.84
N THR U 61 3.05 33.84 42.39
CA THR U 61 3.00 34.06 43.84
C THR U 61 1.59 34.38 44.29
N ALA U 62 0.88 35.23 43.55
CA ALA U 62 -0.50 35.57 43.90
C ALA U 62 -1.39 34.34 43.82
N HIS U 63 -1.19 33.51 42.79
CA HIS U 63 -1.97 32.28 42.68
C HIS U 63 -1.76 31.38 43.89
N LEU U 64 -0.50 31.16 44.25
CA LEU U 64 -0.20 30.31 45.41
C LEU U 64 -0.79 30.90 46.68
N LEU U 65 -0.69 32.22 46.84
CA LEU U 65 -1.22 32.86 48.04
C LEU U 65 -2.73 32.68 48.14
N SER U 66 -3.45 32.85 47.03
CA SER U 66 -4.89 32.68 47.05
C SER U 66 -5.27 31.24 47.38
N LEU U 67 -4.63 30.28 46.72
CA LEU U 67 -4.93 28.87 47.00
C LEU U 67 -4.66 28.53 48.45
N SER U 68 -3.57 29.05 49.02
CA SER U 68 -3.25 28.74 50.41
C SER U 68 -4.24 29.40 51.37
N THR U 69 -4.53 30.68 51.17
CA THR U 69 -5.40 31.39 52.10
C THR U 69 -6.84 30.91 52.02
N MET U 70 -7.24 30.25 50.94
CA MET U 70 -8.59 29.69 50.90
C MET U 70 -8.78 28.61 51.96
N GLN U 71 -7.70 27.92 52.35
CA GLN U 71 -7.82 26.72 53.16
C GLN U 71 -8.19 27.03 54.61
N VAL U 72 -7.65 28.11 55.18
CA VAL U 72 -7.62 28.25 56.63
C VAL U 72 -8.88 28.88 57.23
N GLN U 73 -9.74 29.51 56.43
CA GLN U 73 -10.88 30.21 57.00
C GLN U 73 -12.16 30.04 56.20
N GLY U 74 -12.28 28.98 55.42
CA GLY U 74 -13.42 28.83 54.52
C GLY U 74 -14.74 28.43 55.15
N ALA U 75 -14.76 27.28 55.81
CA ALA U 75 -16.01 26.66 56.25
C ALA U 75 -16.58 27.25 57.53
N ALA U 76 -16.15 28.45 57.91
CA ALA U 76 -16.60 29.14 59.12
C ALA U 76 -16.25 28.38 60.39
N GLY U 77 -15.27 27.49 60.29
CA GLY U 77 -14.78 26.75 61.44
C GLY U 77 -13.28 26.63 61.43
N GLY U 78 -12.63 27.58 60.76
CA GLY U 78 -11.18 27.54 60.63
C GLY U 78 -10.66 26.39 59.79
N GLY U 79 -11.31 26.11 58.67
CA GLY U 79 -10.89 24.99 57.84
C GLY U 79 -11.03 23.65 58.54
N VAL U 80 -12.13 23.46 59.25
CA VAL U 80 -12.37 22.21 59.98
C VAL U 80 -12.65 21.05 59.03
N THR U 81 -12.79 21.32 57.74
CA THR U 81 -13.04 20.27 56.77
C THR U 81 -11.92 19.23 56.79
N ALA U 82 -12.31 17.96 56.70
CA ALA U 82 -11.35 16.88 56.85
C ALA U 82 -10.32 16.88 55.73
N GLY U 83 -10.77 17.06 54.49
CA GLY U 83 -9.90 17.03 53.33
C GLY U 83 -9.54 18.37 52.74
N GLY U 84 -9.86 19.46 53.40
CA GLY U 84 -9.58 20.78 52.86
C GLY U 84 -10.55 21.14 51.74
N THR U 85 -10.25 22.26 51.09
CA THR U 85 -11.05 22.73 49.97
C THR U 85 -10.30 22.50 48.67
N GLN U 86 -10.93 21.81 47.73
CA GLN U 86 -10.30 21.49 46.46
C GLN U 86 -10.50 22.65 45.47
N GLY U 87 -9.49 22.86 44.63
CA GLY U 87 -9.54 23.88 43.61
C GLY U 87 -10.03 23.34 42.27
N GLY U 88 -10.07 24.24 41.30
CA GLY U 88 -10.49 23.87 39.95
C GLY U 88 -11.38 24.94 39.36
N PHE U 89 -11.63 24.79 38.06
CA PHE U 89 -12.51 25.70 37.36
C PHE U 89 -13.97 25.30 37.57
N ILE U 90 -14.81 26.29 37.82
CA ILE U 90 -16.21 26.07 38.11
C ILE U 90 -16.99 26.26 36.80
N THR U 91 -17.42 25.15 36.21
CA THR U 91 -18.10 25.22 34.93
C THR U 91 -19.50 25.81 35.06
N SER U 92 -20.22 25.46 36.12
CA SER U 92 -21.59 25.92 36.32
C SER U 92 -21.84 26.21 37.79
N ALA U 93 -22.83 27.05 38.05
CA ALA U 93 -23.20 27.42 39.40
C ALA U 93 -24.68 27.77 39.43
N THR U 94 -25.25 27.73 40.64
CA THR U 94 -26.66 28.04 40.82
C THR U 94 -26.88 28.44 42.27
N VAL U 95 -27.57 29.56 42.48
CA VAL U 95 -27.93 30.04 43.81
C VAL U 95 -29.37 30.50 43.72
N GLY U 96 -30.30 29.70 44.25
CA GLY U 96 -31.70 30.03 44.18
C GLY U 96 -32.24 29.95 42.77
N GLU U 97 -32.56 31.11 42.18
CA GLU U 97 -33.02 31.20 40.80
C GLU U 97 -32.06 32.05 39.97
N VAL U 98 -30.77 31.91 40.22
CA VAL U 98 -29.72 32.51 39.42
C VAL U 98 -28.77 31.39 38.99
N SER U 99 -28.61 31.24 37.68
CA SER U 99 -27.79 30.16 37.13
C SER U 99 -26.85 30.71 36.07
N VAL U 100 -25.61 30.22 36.08
CA VAL U 100 -24.59 30.65 35.13
C VAL U 100 -23.83 29.42 34.66
N ALA U 101 -23.60 29.33 33.34
CA ALA U 101 -22.81 28.25 32.75
C ALA U 101 -21.70 28.85 31.92
N LYS U 102 -20.48 28.38 32.12
CA LYS U 102 -19.29 28.95 31.49
C LYS U 102 -18.68 27.96 30.51
N LEU U 103 -17.63 28.41 29.84
CA LEU U 103 -16.93 27.62 28.83
C LEU U 103 -15.70 26.97 29.45
N ALA U 104 -15.56 25.66 29.25
CA ALA U 104 -14.45 24.92 29.84
C ALA U 104 -13.15 25.25 29.12
N PRO U 105 -12.09 25.62 29.84
CA PRO U 105 -10.83 25.91 29.17
C PRO U 105 -10.18 24.64 28.65
N PRO U 106 -9.33 24.74 27.63
CA PRO U 106 -8.67 23.55 27.06
C PRO U 106 -7.44 23.09 27.84
N ALA U 107 -7.68 22.43 28.97
CA ALA U 107 -6.61 21.89 29.79
C ALA U 107 -6.29 20.46 29.36
N LYS U 108 -5.00 20.16 29.21
CA LYS U 108 -4.57 18.85 28.75
C LYS U 108 -3.60 18.15 29.68
N ASN U 109 -3.12 18.81 30.73
CA ASN U 109 -2.24 18.17 31.70
C ASN U 109 -2.49 18.81 33.06
N GLY U 110 -1.72 18.36 34.05
CA GLY U 110 -1.90 18.88 35.40
C GLY U 110 -1.54 20.34 35.53
N TRP U 111 -0.52 20.78 34.79
CA TRP U 111 -0.06 22.16 34.90
C TRP U 111 -1.14 23.15 34.51
N GLN U 112 -1.72 22.97 33.32
CA GLN U 112 -2.74 23.90 32.85
C GLN U 112 -4.02 23.79 33.67
N TRP U 113 -4.40 22.57 34.05
CA TRP U 113 -5.61 22.38 34.84
C TRP U 113 -5.48 23.07 36.20
N TRP U 114 -4.31 22.96 36.82
CA TRP U 114 -4.07 23.66 38.07
C TRP U 114 -4.05 25.17 37.88
N LEU U 115 -3.43 25.64 36.79
CA LEU U 115 -3.37 27.08 36.54
C LEU U 115 -4.75 27.67 36.33
N SER U 116 -5.68 26.90 35.75
CA SER U 116 -7.01 27.42 35.49
C SER U 116 -7.83 27.66 36.77
N GLY U 117 -7.26 27.40 37.94
CA GLY U 117 -8.04 27.54 39.17
C GLY U 117 -8.42 28.97 39.49
N THR U 118 -7.51 29.91 39.32
CA THR U 118 -7.68 31.29 39.75
C THR U 118 -7.30 32.24 38.61
N PRO U 119 -7.85 33.46 38.63
CA PRO U 119 -7.58 34.39 37.51
C PRO U 119 -6.11 34.70 37.30
N TYR U 120 -5.32 34.77 38.36
CA TYR U 120 -3.87 34.99 38.18
C TYR U 120 -3.24 33.82 37.42
N GLY U 121 -3.65 32.59 37.74
CA GLY U 121 -3.18 31.45 36.98
C GLY U 121 -3.60 31.50 35.53
N GLN U 122 -4.83 31.94 35.26
CA GLN U 122 -5.29 32.06 33.88
C GLN U 122 -4.48 33.09 33.11
N GLU U 123 -4.18 34.23 33.73
CA GLU U 123 -3.37 35.24 33.08
C GLU U 123 -1.96 34.74 32.82
N LEU U 124 -1.39 34.02 33.79
CA LEU U 124 -0.06 33.42 33.59
C LEU U 124 -0.08 32.43 32.43
N TRP U 125 -1.12 31.61 32.36
CA TRP U 125 -1.24 30.66 31.25
C TRP U 125 -1.34 31.39 29.91
N ALA U 126 -2.12 32.46 29.86
CA ALA U 126 -2.24 33.22 28.62
C ALA U 126 -0.89 33.81 28.20
N LEU U 127 -0.17 34.39 29.14
CA LEU U 127 1.13 34.98 28.82
C LEU U 127 2.10 33.92 28.33
N LEU U 128 2.13 32.77 28.99
CA LEU U 128 3.02 31.69 28.54
C LEU U 128 2.62 31.20 27.16
N SER U 129 1.31 31.12 26.88
CA SER U 129 0.87 30.68 25.57
C SER U 129 1.31 31.64 24.48
N VAL U 130 1.19 32.95 24.73
CA VAL U 130 1.66 33.92 23.74
C VAL U 130 3.17 33.79 23.53
N LYS U 131 3.93 33.70 24.62
CA LYS U 131 5.38 33.65 24.50
C LYS U 131 5.89 32.30 24.01
N ALA U 132 5.04 31.28 23.93
CA ALA U 132 5.46 29.94 23.57
C ALA U 132 5.47 29.69 22.06
N VAL U 133 5.15 30.70 21.24
CA VAL U 133 5.13 30.49 19.80
C VAL U 133 6.55 30.29 19.29
N GLY U 134 6.69 29.44 18.28
CA GLY U 134 8.00 29.17 17.70
C GLY U 134 8.63 27.89 18.21
N GLY U 135 9.95 27.82 18.16
CA GLY U 135 10.66 26.65 18.64
C GLY U 135 12.14 26.91 18.73
N PHE U 136 12.87 25.90 19.16
CA PHE U 136 14.31 25.97 19.34
C PHE U 136 15.02 25.11 18.31
N TYR U 137 16.18 25.60 17.85
CA TYR U 137 17.11 24.80 17.05
C TYR U 137 18.43 24.78 17.82
N ILE U 138 18.82 23.59 18.27
CA ILE U 138 19.87 23.45 19.27
C ILE U 138 21.18 22.99 18.66
N GLY U 139 21.16 21.89 17.91
CA GLY U 139 22.36 21.37 17.28
C GLY U 139 22.45 21.78 15.83
N GLY U 140 23.68 21.96 15.36
CA GLY U 140 23.91 22.30 13.96
C GLY U 140 25.09 23.23 13.81
N LEU U 141 25.66 23.23 12.62
CA LEU U 141 26.80 24.05 12.25
C LEU U 141 26.55 24.72 10.92
N PRO U 142 27.19 25.87 10.66
CA PRO U 142 26.99 26.56 9.37
C PRO U 142 27.67 25.84 8.21
N GLU U 143 27.02 24.80 7.69
CA GLU U 143 27.57 24.07 6.56
C GLU U 143 27.56 24.90 5.28
N ARG U 144 26.53 25.72 5.08
CA ARG U 144 26.34 26.41 3.81
C ARG U 144 27.37 27.51 3.55
N ARG U 145 28.17 27.87 4.54
CA ARG U 145 29.14 28.94 4.35
C ARG U 145 30.29 28.54 3.43
N GLY U 146 30.42 27.25 3.12
CA GLY U 146 31.50 26.77 2.29
C GLY U 146 31.22 26.66 0.81
N PHE U 147 30.08 27.16 0.33
CA PHE U 147 29.70 27.03 -1.07
C PHE U 147 29.25 28.37 -1.62
N ARG U 148 29.46 28.56 -2.92
CA ARG U 148 29.16 29.81 -3.60
C ARG U 148 27.79 29.73 -4.25
N LYS U 149 26.98 30.77 -4.06
CA LYS U 149 25.60 30.79 -4.51
C LYS U 149 25.25 32.11 -5.15
N VAL U 150 24.29 32.06 -6.08
CA VAL U 150 23.67 33.22 -6.72
C VAL U 150 24.74 34.13 -7.32
N GLY U 151 25.01 35.25 -6.66
CA GLY U 151 25.92 36.24 -7.20
C GLY U 151 27.33 36.12 -6.68
N GLY U 152 27.87 34.91 -6.69
CA GLY U 152 29.21 34.70 -6.18
C GLY U 152 29.37 35.05 -4.72
N THR U 153 28.37 34.72 -3.90
CA THR U 153 28.39 35.02 -2.48
C THR U 153 28.42 33.74 -1.67
N PHE U 154 28.91 33.86 -0.44
CA PHE U 154 29.00 32.73 0.48
C PHE U 154 28.09 32.87 1.70
N TRP U 155 27.35 33.95 1.81
CA TRP U 155 26.43 34.15 2.93
C TRP U 155 25.29 33.14 2.88
N MET V 1 19.15 10.41 52.99
CA MET V 1 18.09 10.88 53.88
C MET V 1 18.08 12.41 53.95
N VAL V 2 16.89 12.97 54.17
CA VAL V 2 16.70 14.40 54.31
C VAL V 2 16.05 14.65 55.66
N ILE V 3 16.60 15.60 56.42
CA ILE V 3 16.09 15.88 57.76
C ILE V 3 14.75 16.60 57.63
N PHE V 4 13.77 16.15 58.42
CA PHE V 4 12.42 16.69 58.40
C PHE V 4 12.29 17.72 59.51
N ASP V 5 11.98 18.96 59.13
CA ASP V 5 11.87 20.07 60.08
C ASP V 5 10.40 20.28 60.41
N GLU V 6 10.00 19.87 61.60
CA GLU V 6 8.61 20.03 62.01
C GLU V 6 8.22 21.49 62.14
N HIS V 7 9.13 22.32 62.65
CA HIS V 7 8.82 23.74 62.85
C HIS V 7 8.49 24.42 61.53
N LYS V 8 9.36 24.26 60.53
CA LYS V 8 9.10 24.89 59.24
C LYS V 8 7.91 24.25 58.54
N PHE V 9 7.63 22.97 58.82
CA PHE V 9 6.46 22.33 58.25
C PHE V 9 5.19 22.98 58.77
N ARG V 10 5.09 23.14 60.10
CA ARG V 10 3.93 23.83 60.66
C ARG V 10 3.88 25.29 60.23
N THR V 11 5.04 25.90 59.98
CA THR V 11 5.05 27.26 59.45
C THR V 11 4.44 27.31 58.05
N LEU V 12 4.74 26.30 57.23
CA LEU V 12 4.24 26.29 55.86
C LEU V 12 2.72 26.14 55.82
N PHE V 13 2.18 25.22 56.61
CA PHE V 13 0.74 24.98 56.64
C PHE V 13 0.19 25.37 58.00
N PRO V 14 -0.38 26.56 58.15
CA PRO V 14 -0.92 26.97 59.46
C PRO V 14 -2.08 26.12 59.94
N GLU V 15 -2.76 25.40 59.06
CA GLU V 15 -3.88 24.57 59.48
C GLU V 15 -3.45 23.37 60.31
N PHE V 16 -2.16 23.03 60.31
CA PHE V 16 -1.63 21.95 61.12
C PHE V 16 -0.85 22.47 62.32
N ALA V 17 -1.09 23.71 62.72
CA ALA V 17 -0.27 24.34 63.76
C ALA V 17 -0.44 23.66 65.11
N ASP V 18 -1.66 23.24 65.44
CA ASP V 18 -1.97 22.72 66.76
C ASP V 18 -1.15 21.46 67.04
N PRO V 19 -0.30 21.48 68.06
CA PRO V 19 0.51 20.28 68.36
C PRO V 19 -0.28 19.19 69.05
N ALA V 20 -1.32 19.54 69.81
CA ALA V 20 -2.11 18.52 70.51
C ALA V 20 -2.85 17.64 69.52
N ALA V 21 -3.42 18.22 68.47
CA ALA V 21 -4.15 17.44 67.47
C ALA V 21 -3.21 16.70 66.54
N TYR V 22 -2.02 17.25 66.27
CA TYR V 22 -1.06 16.65 65.35
C TYR V 22 0.28 16.51 66.05
N PRO V 23 0.50 15.40 66.76
CA PRO V 23 1.78 15.21 67.44
C PRO V 23 2.92 15.07 66.45
N ASP V 24 4.12 15.43 66.91
CA ASP V 24 5.29 15.39 66.04
C ASP V 24 5.64 13.97 65.60
N VAL V 25 5.35 12.97 66.45
CA VAL V 25 5.63 11.59 66.08
C VAL V 25 4.79 11.16 64.88
N ARG V 26 3.53 11.61 64.83
CA ARG V 26 2.68 11.31 63.69
C ARG V 26 3.24 11.92 62.41
N LEU V 27 3.71 13.17 62.50
CA LEU V 27 4.30 13.83 61.34
C LEU V 27 5.56 13.11 60.88
N GLN V 28 6.40 12.68 61.82
CA GLN V 28 7.62 11.96 61.45
C GLN V 28 7.28 10.62 60.80
N MET V 29 6.27 9.93 61.32
CA MET V 29 5.83 8.68 60.71
C MET V 29 5.37 8.90 59.28
N TYR V 30 4.57 9.95 59.06
CA TYR V 30 4.05 10.18 57.71
C TYR V 30 5.15 10.64 56.76
N PHE V 31 6.13 11.40 57.25
CA PHE V 31 7.28 11.73 56.40
C PHE V 31 8.07 10.49 56.04
N ASP V 32 8.24 9.57 56.99
CA ASP V 32 8.95 8.32 56.69
C ASP V 32 8.18 7.48 55.70
N ILE V 33 6.85 7.50 55.75
CA ILE V 33 6.06 6.80 54.75
C ILE V 33 6.19 7.47 53.38
N ALA V 34 6.18 8.81 53.36
CA ALA V 34 6.23 9.53 52.10
C ALA V 34 7.57 9.41 51.41
N CYS V 35 8.66 9.30 52.17
CA CYS V 35 9.97 9.20 51.54
C CYS V 35 10.15 7.90 50.77
N GLU V 36 9.24 6.93 50.93
CA GLU V 36 9.27 5.73 50.12
C GLU V 36 8.74 5.99 48.71
N PHE V 37 7.71 6.83 48.58
CA PHE V 37 7.14 7.12 47.26
C PHE V 37 8.16 7.82 46.37
N ILE V 38 8.87 8.80 46.90
CA ILE V 38 9.82 9.61 46.15
C ILE V 38 11.19 9.47 46.79
N SER V 39 12.19 9.12 45.99
CA SER V 39 13.54 8.99 46.50
C SER V 39 14.03 10.35 47.01
N ASP V 40 14.58 10.34 48.23
CA ASP V 40 15.03 11.56 48.88
C ASP V 40 16.52 11.82 48.72
N ARG V 41 17.23 10.98 47.96
CA ARG V 41 18.64 11.26 47.67
C ARG V 41 18.75 12.51 46.82
N ASP V 42 19.63 13.43 47.22
CA ASP V 42 19.77 14.71 46.57
C ASP V 42 21.14 14.80 45.90
N SER V 43 21.14 15.07 44.60
CA SER V 43 22.36 15.28 43.83
C SER V 43 22.10 16.40 42.83
N PRO V 44 23.15 17.12 42.43
CA PRO V 44 22.95 18.20 41.45
C PRO V 44 22.51 17.71 40.07
N TYR V 45 22.67 16.43 39.77
CA TYR V 45 22.38 15.91 38.44
C TYR V 45 20.96 15.37 38.30
N ARG V 46 20.14 15.47 39.34
CA ARG V 46 18.74 15.10 39.20
C ARG V 46 17.91 16.30 38.74
N ILE V 47 16.75 15.99 38.14
CA ILE V 47 15.83 17.06 37.76
C ILE V 47 15.22 17.70 39.00
N LEU V 48 14.82 16.89 39.96
CA LEU V 48 14.35 17.39 41.25
C LEU V 48 15.53 17.50 42.20
N ASN V 49 15.88 18.72 42.59
CA ASN V 49 17.02 18.96 43.45
C ASN V 49 16.84 20.29 44.15
N GLY V 50 17.68 20.56 45.13
CA GLY V 50 17.53 21.77 45.90
C GLY V 50 16.28 21.71 46.77
N LYS V 51 15.63 22.85 46.90
CA LYS V 51 14.43 22.94 47.74
C LYS V 51 13.18 22.41 47.03
N ALA V 52 13.25 22.12 45.74
CA ALA V 52 12.12 21.52 45.06
C ALA V 52 11.79 20.14 45.64
N LEU V 53 12.83 19.35 45.91
CA LEU V 53 12.60 18.03 46.50
C LEU V 53 11.98 18.15 47.88
N GLU V 54 12.44 19.10 48.68
CA GLU V 54 11.87 19.32 50.01
C GLU V 54 10.41 19.73 49.92
N ALA V 55 10.10 20.64 48.99
CA ALA V 55 8.71 21.07 48.81
C ALA V 55 7.83 19.90 48.39
N CYS V 56 8.31 19.07 47.46
CA CYS V 56 7.53 17.93 46.99
C CYS V 56 7.29 16.95 48.13
N LEU V 57 8.32 16.67 48.93
CA LEU V 57 8.15 15.75 50.05
C LEU V 57 7.18 16.30 51.08
N TYR V 58 7.27 17.60 51.37
CA TYR V 58 6.34 18.21 52.33
C TYR V 58 4.91 18.16 51.81
N LEU V 59 4.73 18.38 50.50
CA LEU V 59 3.39 18.31 49.92
C LEU V 59 2.82 16.90 50.01
N LEU V 60 3.65 15.89 49.74
CA LEU V 60 3.18 14.51 49.86
C LEU V 60 2.82 14.19 51.32
N THR V 61 3.62 14.68 52.26
CA THR V 61 3.30 14.49 53.67
C THR V 61 1.98 15.14 54.03
N ALA V 62 1.74 16.36 53.54
CA ALA V 62 0.48 17.03 53.80
C ALA V 62 -0.70 16.27 53.21
N HIS V 63 -0.53 15.74 52.00
CA HIS V 63 -1.58 14.94 51.37
C HIS V 63 -1.92 13.72 52.21
N LEU V 64 -0.90 12.99 52.65
CA LEU V 64 -1.13 11.81 53.47
C LEU V 64 -1.80 12.17 54.79
N LEU V 65 -1.36 13.27 55.41
CA LEU V 65 -1.96 13.71 56.67
C LEU V 65 -3.42 14.09 56.49
N SER V 66 -3.74 14.78 55.40
CA SER V 66 -5.12 15.16 55.14
C SER V 66 -6.00 13.94 54.94
N LEU V 67 -5.51 12.94 54.21
CA LEU V 67 -6.29 11.71 54.05
C LEU V 67 -6.46 11.00 55.39
N SER V 68 -5.41 10.99 56.22
CA SER V 68 -5.51 10.39 57.53
C SER V 68 -6.56 11.08 58.39
N THR V 69 -6.61 12.41 58.33
CA THR V 69 -7.66 13.14 59.02
C THR V 69 -9.04 12.76 58.50
N MET V 70 -9.20 12.74 57.18
CA MET V 70 -10.46 12.35 56.55
C MET V 70 -10.92 10.98 57.02
N GLN V 71 -10.00 10.05 57.24
CA GLN V 71 -10.36 8.72 57.74
C GLN V 71 -10.68 8.72 59.22
N VAL V 72 -9.78 9.27 60.05
CA VAL V 72 -9.94 9.13 61.50
C VAL V 72 -11.13 9.92 62.00
N GLN V 73 -11.27 11.18 61.58
CA GLN V 73 -12.33 12.03 62.10
C GLN V 73 -13.17 12.68 61.01
N GLY V 74 -13.10 12.20 59.77
CA GLY V 74 -14.07 12.63 58.79
C GLY V 74 -15.47 12.13 59.13
N ALA V 75 -15.58 10.87 59.51
CA ALA V 75 -16.82 10.37 60.10
C ALA V 75 -16.97 10.83 61.54
N ALA V 76 -15.87 10.91 62.28
CA ALA V 76 -15.76 11.38 63.65
C ALA V 76 -16.43 10.46 64.67
N GLY V 77 -17.05 9.36 64.22
CA GLY V 77 -17.63 8.41 65.14
C GLY V 77 -16.72 7.24 65.40
N GLY V 78 -15.42 7.43 65.14
CA GLY V 78 -14.47 6.35 65.28
C GLY V 78 -14.30 5.51 64.04
N GLY V 79 -14.70 6.01 62.87
CA GLY V 79 -14.60 5.25 61.65
C GLY V 79 -15.48 4.01 61.65
N VAL V 80 -16.74 4.17 62.05
CA VAL V 80 -17.67 3.05 62.17
C VAL V 80 -18.31 2.80 60.82
N THR V 81 -17.85 3.52 59.80
CA THR V 81 -18.34 3.30 58.44
C THR V 81 -17.94 1.91 57.95
N ALA V 82 -18.76 1.36 57.05
CA ALA V 82 -18.55 0.00 56.58
C ALA V 82 -17.18 -0.17 55.94
N GLY V 83 -16.84 0.70 55.00
CA GLY V 83 -15.57 0.57 54.29
C GLY V 83 -14.67 1.77 54.41
N GLY V 84 -15.11 2.79 55.14
CA GLY V 84 -14.35 4.00 55.30
C GLY V 84 -14.62 5.00 54.18
N THR V 85 -14.26 6.25 54.47
CA THR V 85 -14.46 7.32 53.51
C THR V 85 -13.57 7.11 52.29
N GLN V 86 -14.10 7.46 51.11
CA GLN V 86 -13.37 7.32 49.87
C GLN V 86 -13.01 8.69 49.31
N GLY V 87 -11.83 8.76 48.69
CA GLY V 87 -11.27 10.01 48.22
C GLY V 87 -11.34 10.11 46.70
N GLY V 88 -11.30 11.34 46.21
CA GLY V 88 -11.35 11.60 44.79
C GLY V 88 -11.88 12.98 44.51
N PHE V 89 -11.66 13.43 43.27
CA PHE V 89 -12.15 14.74 42.88
C PHE V 89 -13.67 14.72 42.80
N ILE V 90 -14.29 15.79 43.32
CA ILE V 90 -15.74 15.92 43.36
C ILE V 90 -16.13 16.79 42.18
N THR V 91 -16.62 16.17 41.10
CA THR V 91 -16.97 16.92 39.90
C THR V 91 -18.20 17.79 40.11
N SER V 92 -19.18 17.29 40.86
CA SER V 92 -20.42 18.03 41.08
C SER V 92 -20.88 17.83 42.52
N ALA V 93 -21.61 18.82 43.03
CA ALA V 93 -22.13 18.77 44.38
C ALA V 93 -23.38 19.64 44.45
N THR V 94 -24.20 19.37 45.47
CA THR V 94 -25.45 20.11 45.66
C THR V 94 -25.85 20.01 47.11
N VAL V 95 -26.07 21.16 47.75
CA VAL V 95 -26.51 21.21 49.13
C VAL V 95 -27.68 22.19 49.20
N GLY V 96 -28.90 21.67 49.18
CA GLY V 96 -30.07 22.50 49.24
C GLY V 96 -30.37 23.24 47.95
N GLU V 97 -30.28 24.57 47.99
CA GLU V 97 -30.62 25.41 46.85
C GLU V 97 -29.40 25.91 46.10
N VAL V 98 -28.22 25.38 46.42
CA VAL V 98 -26.97 25.77 45.78
C VAL V 98 -26.32 24.53 45.17
N SER V 99 -25.95 24.63 43.90
CA SER V 99 -25.29 23.53 43.20
C SER V 99 -24.10 24.07 42.42
N VAL V 100 -23.01 23.32 42.41
CA VAL V 100 -21.77 23.73 41.76
C VAL V 100 -21.19 22.55 41.01
N ALA V 101 -20.75 22.76 39.77
CA ALA V 101 -20.10 21.74 38.97
C ALA V 101 -18.74 22.24 38.51
N LYS V 102 -17.74 21.38 38.57
CA LYS V 102 -16.37 21.73 38.23
C LYS V 102 -15.89 20.90 37.04
N LEU V 103 -14.65 21.17 36.64
CA LEU V 103 -14.04 20.53 35.48
C LEU V 103 -13.23 19.31 35.91
N ALA V 104 -13.42 18.21 35.20
CA ALA V 104 -12.74 16.97 35.55
C ALA V 104 -11.28 17.03 35.13
N PRO V 105 -10.34 16.76 36.04
CA PRO V 105 -8.92 16.80 35.67
C PRO V 105 -8.57 15.65 34.76
N PRO V 106 -7.54 15.80 33.93
CA PRO V 106 -7.11 14.71 33.01
C PRO V 106 -6.24 13.66 33.71
N ALA V 107 -6.89 12.73 34.38
CA ALA V 107 -6.20 11.64 35.07
C ALA V 107 -6.14 10.42 34.16
N LYS V 108 -4.98 9.78 34.11
CA LYS V 108 -4.78 8.65 33.21
C LYS V 108 -4.29 7.38 33.90
N ASN V 109 -4.03 7.41 35.20
CA ASN V 109 -3.60 6.22 35.93
C ASN V 109 -3.88 6.44 37.41
N GLY V 110 -3.53 5.43 38.21
CA GLY V 110 -3.79 5.50 39.63
C GLY V 110 -3.06 6.62 40.34
N TRP V 111 -1.83 6.93 39.91
CA TRP V 111 -1.03 7.94 40.57
C TRP V 111 -1.69 9.31 40.50
N GLN V 112 -2.05 9.75 39.29
CA GLN V 112 -2.64 11.08 39.14
C GLN V 112 -4.04 11.15 39.74
N TRP V 113 -4.83 10.08 39.56
CA TRP V 113 -6.17 10.06 40.12
C TRP V 113 -6.13 10.14 41.64
N TRP V 114 -5.21 9.41 42.27
CA TRP V 114 -5.05 9.49 43.71
C TRP V 114 -4.55 10.86 44.14
N LEU V 115 -3.62 11.44 43.39
CA LEU V 115 -3.08 12.75 43.74
C LEU V 115 -4.13 13.84 43.67
N SER V 116 -5.07 13.75 42.73
CA SER V 116 -6.06 14.81 42.58
C SER V 116 -7.07 14.88 43.71
N GLY V 117 -6.90 14.09 44.78
CA GLY V 117 -7.86 14.10 45.86
C GLY V 117 -7.88 15.39 46.66
N THR V 118 -6.71 15.95 46.94
CA THR V 118 -6.56 17.09 47.82
C THR V 118 -5.74 18.17 47.14
N PRO V 119 -5.90 19.43 47.54
CA PRO V 119 -5.15 20.52 46.88
C PRO V 119 -3.65 20.34 46.93
N TYR V 120 -3.12 19.82 48.05
CA TYR V 120 -1.68 19.59 48.13
C TYR V 120 -1.24 18.58 47.06
N GLY V 121 -2.00 17.50 46.89
CA GLY V 121 -1.70 16.56 45.83
C GLY V 121 -1.82 17.20 44.45
N GLN V 122 -2.82 18.07 44.27
CA GLN V 122 -2.99 18.74 42.99
C GLN V 122 -1.77 19.57 42.62
N GLU V 123 -1.28 20.38 43.57
CA GLU V 123 -0.13 21.21 43.23
C GLU V 123 1.16 20.42 43.20
N LEU V 124 1.25 19.30 43.93
CA LEU V 124 2.38 18.40 43.75
C LEU V 124 2.41 17.84 42.34
N TRP V 125 1.24 17.42 41.84
CA TRP V 125 1.14 16.94 40.45
C TRP V 125 1.52 18.04 39.48
N ALA V 126 1.07 19.26 39.73
CA ALA V 126 1.41 20.37 38.84
C ALA V 126 2.91 20.62 38.81
N LEU V 127 3.55 20.60 39.97
CA LEU V 127 5.01 20.80 40.02
C LEU V 127 5.74 19.70 39.28
N LEU V 128 5.30 18.44 39.49
CA LEU V 128 5.93 17.33 38.76
C LEU V 128 5.75 17.48 37.26
N SER V 129 4.56 17.91 36.83
CA SER V 129 4.32 18.11 35.40
C SER V 129 5.21 19.20 34.83
N VAL V 130 5.40 20.29 35.58
CA VAL V 130 6.29 21.35 35.11
C VAL V 130 7.71 20.83 34.99
N LYS V 131 8.19 20.12 36.01
CA LYS V 131 9.57 19.65 36.01
C LYS V 131 9.80 18.47 35.07
N ALA V 132 8.74 17.85 34.56
CA ALA V 132 8.85 16.63 33.78
C ALA V 132 9.11 16.87 32.30
N VAL V 133 9.13 18.12 31.85
CA VAL V 133 9.32 18.40 30.43
C VAL V 133 10.73 17.99 30.01
N GLY V 134 10.85 17.45 28.80
CA GLY V 134 12.14 17.03 28.29
C GLY V 134 12.30 15.53 28.18
N GLY V 135 13.52 15.05 28.28
CA GLY V 135 13.77 13.62 28.19
C GLY V 135 15.18 13.28 28.58
N PHE V 136 15.52 12.00 28.40
CA PHE V 136 16.84 11.50 28.74
C PHE V 136 17.45 10.79 27.55
N TYR V 137 18.78 10.80 27.48
CA TYR V 137 19.53 10.01 26.52
C TYR V 137 20.71 9.41 27.26
N ILE V 138 20.75 8.08 27.34
CA ILE V 138 21.58 7.38 28.32
C ILE V 138 22.79 6.72 27.67
N GLY V 139 22.57 5.79 26.76
CA GLY V 139 23.69 5.07 26.16
C GLY V 139 24.26 5.79 24.96
N GLY V 140 25.41 6.45 25.14
CA GLY V 140 26.00 7.17 24.03
C GLY V 140 27.45 7.54 24.23
N LEU V 141 28.18 7.64 23.12
CA LEU V 141 29.58 8.03 23.10
C LEU V 141 29.79 9.12 22.06
N PRO V 142 30.71 10.05 22.31
CA PRO V 142 30.93 11.14 21.35
C PRO V 142 31.61 10.66 20.08
N GLU V 143 30.84 10.05 19.18
CA GLU V 143 31.39 9.54 17.92
C GLU V 143 31.63 10.63 16.89
N ARG V 144 31.16 11.86 17.14
CA ARG V 144 31.29 12.94 16.18
C ARG V 144 32.57 13.75 16.37
N ARG V 145 33.44 13.36 17.30
CA ARG V 145 34.69 14.07 17.54
C ARG V 145 35.86 13.49 16.77
N GLY V 146 35.62 12.54 15.88
CA GLY V 146 36.66 11.96 15.06
C GLY V 146 36.72 12.44 13.64
N PHE V 147 35.95 13.45 13.27
CA PHE V 147 35.87 13.92 11.89
C PHE V 147 35.98 15.44 11.86
N ARG V 148 36.40 15.96 10.72
CA ARG V 148 36.59 17.39 10.50
C ARG V 148 35.36 17.97 9.81
N LYS V 149 34.85 19.08 10.34
CA LYS V 149 33.62 19.68 9.84
C LYS V 149 33.77 21.18 9.70
N VAL V 150 33.19 21.72 8.62
CA VAL V 150 33.05 23.15 8.38
C VAL V 150 34.40 23.85 8.46
N GLY V 151 34.69 24.47 9.60
CA GLY V 151 35.89 25.29 9.74
C GLY V 151 37.04 24.56 10.41
N GLY V 152 37.23 23.29 10.06
CA GLY V 152 38.29 22.51 10.68
C GLY V 152 38.09 22.32 12.16
N THR V 153 36.84 22.19 12.60
CA THR V 153 36.52 22.03 14.02
C THR V 153 36.01 20.61 14.26
N PHE V 154 36.30 20.10 15.46
CA PHE V 154 35.86 18.77 15.85
C PHE V 154 34.74 18.79 16.88
N TRP V 155 34.37 19.97 17.39
CA TRP V 155 33.35 20.09 18.42
C TRP V 155 31.95 19.88 17.87
N MET W 1 9.33 -14.45 54.30
CA MET W 1 8.33 -14.15 55.31
C MET W 1 8.78 -12.99 56.20
N VAL W 2 7.88 -12.03 56.41
CA VAL W 2 8.14 -10.86 57.23
C VAL W 2 7.28 -10.96 58.47
N ILE W 3 7.87 -10.70 59.63
CA ILE W 3 7.15 -10.84 60.90
C ILE W 3 6.18 -9.68 61.05
N PHE W 4 4.90 -10.01 61.25
CA PHE W 4 3.86 -9.00 61.43
C PHE W 4 3.92 -8.42 62.83
N ASP W 5 3.84 -7.10 62.93
CA ASP W 5 3.86 -6.39 64.20
C ASP W 5 2.49 -5.78 64.43
N GLU W 6 1.78 -6.25 65.46
CA GLU W 6 0.46 -5.71 65.75
C GLU W 6 0.55 -4.26 66.24
N HIS W 7 1.57 -3.94 67.03
CA HIS W 7 1.69 -2.59 67.58
C HIS W 7 1.89 -1.56 66.48
N LYS W 8 2.77 -1.86 65.53
CA LYS W 8 3.01 -0.93 64.42
C LYS W 8 1.77 -0.76 63.57
N PHE W 9 1.06 -1.86 63.30
CA PHE W 9 -0.17 -1.78 62.51
C PHE W 9 -1.22 -0.94 63.21
N ARG W 10 -1.40 -1.14 64.52
CA ARG W 10 -2.40 -0.37 65.25
C ARG W 10 -2.03 1.11 65.33
N THR W 11 -0.74 1.42 65.50
CA THR W 11 -0.34 2.81 65.52
C THR W 11 -0.48 3.47 64.15
N LEU W 12 -0.27 2.72 63.07
CA LEU W 12 -0.39 3.29 61.73
C LEU W 12 -1.83 3.60 61.39
N PHE W 13 -2.77 2.72 61.76
CA PHE W 13 -4.19 2.88 61.47
C PHE W 13 -4.94 2.95 62.79
N PRO W 14 -5.14 4.14 63.34
CA PRO W 14 -5.80 4.24 64.65
C PRO W 14 -7.24 3.76 64.66
N GLU W 15 -7.89 3.67 63.51
CA GLU W 15 -9.28 3.18 63.48
C GLU W 15 -9.40 1.72 63.87
N PHE W 16 -8.28 0.99 63.93
CA PHE W 16 -8.27 -0.39 64.38
C PHE W 16 -7.65 -0.53 65.78
N ALA W 17 -7.79 0.53 66.60
CA ALA W 17 -7.17 0.51 67.92
C ALA W 17 -7.93 -0.37 68.91
N ASP W 18 -9.19 -0.69 68.64
CA ASP W 18 -9.98 -1.46 69.59
C ASP W 18 -9.51 -2.91 69.59
N PRO W 19 -9.04 -3.43 70.72
CA PRO W 19 -8.57 -4.83 70.74
C PRO W 19 -9.71 -5.82 70.84
N ALA W 20 -10.82 -5.41 71.46
CA ALA W 20 -11.96 -6.29 71.61
C ALA W 20 -12.63 -6.56 70.26
N ALA W 21 -12.84 -5.52 69.47
CA ALA W 21 -13.50 -5.69 68.17
C ALA W 21 -12.57 -6.29 67.13
N TYR W 22 -11.25 -6.09 67.27
CA TYR W 22 -10.27 -6.54 66.29
C TYR W 22 -9.20 -7.35 66.99
N PRO W 23 -9.45 -8.64 67.22
CA PRO W 23 -8.47 -9.49 67.90
C PRO W 23 -7.22 -9.69 67.06
N ASP W 24 -6.13 -10.04 67.75
CA ASP W 24 -4.84 -10.24 67.09
C ASP W 24 -4.93 -11.38 66.08
N VAL W 25 -5.67 -12.44 66.41
CA VAL W 25 -5.72 -13.63 65.56
C VAL W 25 -6.25 -13.28 64.17
N ARG W 26 -7.30 -12.46 64.11
CA ARG W 26 -7.85 -12.07 62.81
C ARG W 26 -6.83 -11.29 61.99
N LEU W 27 -6.11 -10.37 62.64
CA LEU W 27 -5.10 -9.59 61.92
C LEU W 27 -4.01 -10.49 61.38
N GLN W 28 -3.54 -11.44 62.19
CA GLN W 28 -2.51 -12.37 61.74
C GLN W 28 -3.00 -13.23 60.58
N MET W 29 -4.26 -13.70 60.67
CA MET W 29 -4.82 -14.50 59.59
C MET W 29 -4.92 -13.71 58.30
N TYR W 30 -5.32 -12.44 58.39
CA TYR W 30 -5.44 -11.65 57.17
C TYR W 30 -4.08 -11.29 56.59
N PHE W 31 -3.06 -11.11 57.44
CA PHE W 31 -1.71 -10.95 56.94
C PHE W 31 -1.25 -12.22 56.23
N ASP W 32 -1.57 -13.38 56.79
CA ASP W 32 -1.19 -14.65 56.17
C ASP W 32 -1.88 -14.82 54.82
N ILE W 33 -3.13 -14.36 54.71
CA ILE W 33 -3.81 -14.40 53.41
C ILE W 33 -3.14 -13.43 52.44
N ALA W 34 -2.84 -12.22 52.91
CA ALA W 34 -2.28 -11.19 52.04
C ALA W 34 -0.88 -11.53 51.54
N CYS W 35 -0.16 -12.40 52.25
CA CYS W 35 1.18 -12.72 51.75
C CYS W 35 1.15 -13.61 50.51
N GLU W 36 -0.01 -13.87 49.94
CA GLU W 36 -0.13 -14.59 48.67
C GLU W 36 -0.50 -13.70 47.49
N PHE W 37 -1.26 -12.63 47.72
CA PHE W 37 -1.47 -11.65 46.66
C PHE W 37 -0.16 -11.00 46.26
N ILE W 38 0.68 -10.67 47.23
CA ILE W 38 2.00 -10.08 47.01
C ILE W 38 3.03 -10.97 47.67
N SER W 39 4.10 -11.27 46.96
CA SER W 39 5.17 -12.10 47.51
C SER W 39 5.78 -11.44 48.74
N ASP W 40 5.93 -12.22 49.81
CA ASP W 40 6.41 -11.70 51.08
C ASP W 40 7.91 -11.78 51.26
N ARG W 41 8.63 -12.42 50.34
CA ARG W 41 10.08 -12.46 50.42
C ARG W 41 10.66 -11.12 49.98
N ASP W 42 11.90 -10.88 50.38
CA ASP W 42 12.57 -9.61 50.09
C ASP W 42 13.98 -9.88 49.59
N SER W 43 14.40 -9.11 48.59
CA SER W 43 15.76 -9.10 48.08
C SER W 43 16.10 -7.67 47.68
N PRO W 44 17.37 -7.28 47.77
CA PRO W 44 17.74 -5.90 47.40
C PRO W 44 17.52 -5.59 45.93
N TYR W 45 17.45 -6.61 45.06
CA TYR W 45 17.30 -6.37 43.63
C TYR W 45 15.85 -6.17 43.20
N ARG W 46 14.89 -6.40 44.10
CA ARG W 46 13.49 -6.27 43.73
C ARG W 46 13.10 -4.80 43.61
N ILE W 47 12.09 -4.54 42.78
CA ILE W 47 11.58 -3.18 42.63
C ILE W 47 10.97 -2.69 43.94
N LEU W 48 10.18 -3.55 44.58
CA LEU W 48 9.63 -3.28 45.90
C LEU W 48 10.46 -4.03 46.93
N ASN W 49 11.05 -3.29 47.88
CA ASN W 49 11.84 -3.91 48.93
C ASN W 49 11.79 -3.06 50.19
N GLY W 50 12.06 -3.72 51.31
CA GLY W 50 12.14 -3.03 52.59
C GLY W 50 10.84 -2.35 52.97
N LYS W 51 10.94 -1.07 53.34
CA LYS W 51 9.79 -0.35 53.88
C LYS W 51 8.67 -0.24 52.87
N ALA W 52 8.99 -0.16 51.57
CA ALA W 52 7.94 -0.14 50.56
C ALA W 52 7.12 -1.42 50.60
N LEU W 53 7.80 -2.57 50.64
CA LEU W 53 7.11 -3.85 50.72
C LEU W 53 6.29 -3.96 51.99
N GLU W 54 6.86 -3.49 53.11
CA GLU W 54 6.11 -3.49 54.36
C GLU W 54 4.83 -2.67 54.26
N ALA W 55 4.94 -1.49 53.64
CA ALA W 55 3.77 -0.63 53.49
C ALA W 55 2.70 -1.28 52.61
N CYS W 56 3.13 -1.89 51.50
CA CYS W 56 2.15 -2.57 50.65
C CYS W 56 1.46 -3.72 51.38
N LEU W 57 2.22 -4.50 52.13
CA LEU W 57 1.62 -5.61 52.87
C LEU W 57 0.63 -5.10 53.91
N TYR W 58 0.99 -4.04 54.64
CA TYR W 58 0.09 -3.49 55.65
C TYR W 58 -1.18 -2.92 55.00
N LEU W 59 -1.03 -2.22 53.87
CA LEU W 59 -2.20 -1.66 53.20
C LEU W 59 -3.13 -2.76 52.69
N LEU W 60 -2.56 -3.81 52.12
CA LEU W 60 -3.39 -4.93 51.65
C LEU W 60 -4.11 -5.60 52.82
N THR W 61 -3.41 -5.77 53.95
CA THR W 61 -4.06 -6.36 55.12
C THR W 61 -5.22 -5.49 55.60
N ALA W 62 -5.02 -4.18 55.66
CA ALA W 62 -6.09 -3.29 56.08
C ALA W 62 -7.28 -3.33 55.12
N HIS W 63 -6.99 -3.37 53.81
CA HIS W 63 -8.06 -3.46 52.82
C HIS W 63 -8.88 -4.73 53.02
N LEU W 64 -8.20 -5.87 53.17
CA LEU W 64 -8.91 -7.13 53.39
C LEU W 64 -9.72 -7.09 54.67
N LEU W 65 -9.14 -6.54 55.75
CA LEU W 65 -9.85 -6.48 57.01
C LEU W 65 -11.12 -5.64 56.91
N SER W 66 -11.03 -4.48 56.25
CA SER W 66 -12.20 -3.62 56.10
C SER W 66 -13.29 -4.31 55.29
N LEU W 67 -12.91 -4.92 54.15
CA LEU W 67 -13.91 -5.58 53.33
C LEU W 67 -14.55 -6.75 54.07
N SER W 68 -13.76 -7.46 54.88
CA SER W 68 -14.31 -8.59 55.62
C SER W 68 -15.26 -8.13 56.72
N THR W 69 -14.86 -7.12 57.50
CA THR W 69 -15.70 -6.64 58.58
C THR W 69 -16.92 -5.89 58.07
N MET W 70 -16.97 -5.54 56.79
CA MET W 70 -18.19 -4.96 56.23
C MET W 70 -19.37 -5.91 56.36
N GLN W 71 -19.16 -7.19 56.05
CA GLN W 71 -20.26 -8.13 55.88
C GLN W 71 -20.87 -8.59 57.21
N VAL W 72 -20.08 -8.65 58.27
CA VAL W 72 -20.49 -9.42 59.45
C VAL W 72 -21.69 -8.80 60.15
N GLN W 73 -21.66 -7.49 60.39
CA GLN W 73 -22.64 -6.91 61.31
C GLN W 73 -23.19 -5.56 60.88
N GLY W 74 -22.94 -5.11 59.65
CA GLY W 74 -23.33 -3.76 59.28
C GLY W 74 -24.79 -3.56 58.97
N ALA W 75 -25.48 -4.60 58.50
CA ALA W 75 -26.81 -4.47 57.93
C ALA W 75 -27.91 -4.38 58.99
N ALA W 76 -27.57 -4.10 60.24
CA ALA W 76 -28.50 -3.95 61.36
C ALA W 76 -29.26 -5.24 61.67
N GLY W 77 -28.85 -6.36 61.08
CA GLY W 77 -29.45 -7.64 61.36
C GLY W 77 -28.40 -8.73 61.42
N GLY W 78 -27.17 -8.34 61.73
CA GLY W 78 -26.07 -9.29 61.76
C GLY W 78 -25.70 -9.87 60.42
N GLY W 79 -25.71 -9.06 59.37
CA GLY W 79 -25.37 -9.55 58.04
C GLY W 79 -26.32 -10.61 57.56
N VAL W 80 -27.62 -10.35 57.72
CA VAL W 80 -28.66 -11.30 57.33
C VAL W 80 -28.93 -11.15 55.84
N THR W 81 -28.17 -10.26 55.18
CA THR W 81 -28.31 -10.07 53.75
C THR W 81 -28.03 -11.38 53.01
N ALA W 82 -28.87 -11.68 52.02
CA ALA W 82 -28.79 -12.97 51.34
C ALA W 82 -27.45 -13.15 50.63
N GLY W 83 -26.97 -12.11 49.95
CA GLY W 83 -25.72 -12.22 49.22
C GLY W 83 -24.61 -11.35 49.79
N GLY W 84 -24.85 -10.76 50.96
CA GLY W 84 -23.88 -9.87 51.54
C GLY W 84 -23.84 -8.52 50.84
N THR W 85 -22.87 -7.71 51.25
CA THR W 85 -22.68 -6.39 50.67
C THR W 85 -21.61 -6.45 49.60
N GLN W 86 -21.89 -5.88 48.43
CA GLN W 86 -20.95 -5.85 47.33
C GLN W 86 -20.13 -4.58 47.38
N GLY W 87 -18.80 -4.72 47.30
CA GLY W 87 -17.92 -3.57 47.33
C GLY W 87 -17.83 -2.88 45.96
N GLY W 88 -17.07 -1.81 45.93
CA GLY W 88 -16.84 -1.08 44.71
C GLY W 88 -16.82 0.42 44.96
N PHE W 89 -16.41 1.15 43.93
CA PHE W 89 -16.37 2.60 44.02
C PHE W 89 -17.76 3.19 43.88
N ILE W 90 -18.02 4.28 44.60
CA ILE W 90 -19.31 4.93 44.61
C ILE W 90 -19.15 6.27 43.90
N THR W 91 -19.63 6.34 42.64
CA THR W 91 -19.46 7.55 41.85
C THR W 91 -20.43 8.65 42.24
N SER W 92 -21.60 8.29 42.76
CA SER W 92 -22.60 9.28 43.13
C SER W 92 -23.37 8.81 44.35
N ALA W 93 -23.94 9.77 45.07
CA ALA W 93 -24.71 9.48 46.27
C ALA W 93 -25.71 10.60 46.49
N THR W 94 -26.72 10.32 47.31
CA THR W 94 -27.75 11.31 47.63
C THR W 94 -28.41 10.91 48.94
N VAL W 95 -28.51 11.86 49.86
CA VAL W 95 -29.19 11.67 51.14
C VAL W 95 -30.03 12.90 51.38
N GLY W 96 -31.34 12.79 51.14
CA GLY W 96 -32.23 13.91 51.33
C GLY W 96 -32.00 15.00 50.30
N GLU W 97 -31.46 16.13 50.73
CA GLU W 97 -31.15 17.25 49.85
C GLU W 97 -29.65 17.50 49.81
N VAL W 98 -28.86 16.43 49.80
CA VAL W 98 -27.42 16.51 49.66
C VAL W 98 -27.01 15.51 48.57
N SER W 99 -26.26 15.99 47.59
CA SER W 99 -25.84 15.18 46.46
C SER W 99 -24.36 15.40 46.17
N VAL W 100 -23.65 14.32 45.86
CA VAL W 100 -22.22 14.38 45.55
C VAL W 100 -21.96 13.48 44.36
N ALA W 101 -21.15 13.96 43.41
CA ALA W 101 -20.74 13.17 42.25
C ALA W 101 -19.22 13.24 42.14
N LYS W 102 -18.59 12.08 41.98
CA LYS W 102 -17.14 11.97 41.98
C LYS W 102 -16.65 11.53 40.61
N LEU W 103 -15.32 11.45 40.49
CA LEU W 103 -14.67 11.07 39.25
C LEU W 103 -14.33 9.58 39.27
N ALA W 104 -14.73 8.88 38.22
CA ALA W 104 -14.51 7.44 38.16
C ALA W 104 -13.03 7.13 37.94
N PRO W 105 -12.43 6.23 38.72
CA PRO W 105 -11.03 5.91 38.53
C PRO W 105 -10.83 5.09 37.26
N PRO W 106 -9.64 5.13 36.66
CA PRO W 106 -9.35 4.36 35.43
C PRO W 106 -9.02 2.90 35.70
N ALA W 107 -10.06 2.08 35.85
CA ALA W 107 -9.90 0.66 36.09
C ALA W 107 -10.02 -0.10 34.78
N LYS W 108 -9.11 -1.05 34.56
CA LYS W 108 -9.09 -1.84 33.33
C LYS W 108 -9.23 -3.34 33.54
N ASN W 109 -9.02 -3.83 34.76
CA ASN W 109 -9.15 -5.26 35.03
C ASN W 109 -9.71 -5.45 36.44
N GLY W 110 -9.80 -6.71 36.86
CA GLY W 110 -10.36 -7.00 38.15
C GLY W 110 -9.50 -6.51 39.30
N TRP W 111 -8.18 -6.54 39.13
CA TRP W 111 -7.26 -6.15 40.21
C TRP W 111 -7.48 -4.69 40.60
N GLN W 112 -7.44 -3.79 39.63
CA GLN W 112 -7.58 -2.37 39.93
C GLN W 112 -8.99 -2.03 40.39
N TRP W 113 -9.99 -2.64 39.75
CA TRP W 113 -11.38 -2.37 40.14
C TRP W 113 -11.63 -2.80 41.58
N TRP W 114 -11.08 -3.95 41.99
CA TRP W 114 -11.21 -4.39 43.37
C TRP W 114 -10.43 -3.48 44.30
N LEU W 115 -9.23 -3.06 43.90
CA LEU W 115 -8.42 -2.19 44.75
C LEU W 115 -9.08 -0.84 44.97
N SER W 116 -9.89 -0.38 44.02
CA SER W 116 -10.54 0.91 44.15
C SER W 116 -11.63 0.94 45.22
N GLY W 117 -11.94 -0.20 45.84
CA GLY W 117 -13.05 -0.24 46.77
C GLY W 117 -12.83 0.59 48.04
N THR W 118 -11.62 0.55 48.59
CA THR W 118 -11.34 1.20 49.86
C THR W 118 -10.11 2.08 49.75
N PRO W 119 -10.02 3.11 50.61
CA PRO W 119 -8.87 4.04 50.50
C PRO W 119 -7.52 3.38 50.64
N TYR W 120 -7.40 2.33 51.47
CA TYR W 120 -6.14 1.62 51.55
C TYR W 120 -5.80 0.96 50.22
N GLY W 121 -6.79 0.39 49.55
CA GLY W 121 -6.56 -0.17 48.22
C GLY W 121 -6.15 0.89 47.22
N GLN W 122 -6.77 2.07 47.30
CA GLN W 122 -6.40 3.16 46.39
C GLN W 122 -4.96 3.59 46.63
N GLU W 123 -4.55 3.70 47.90
CA GLU W 123 -3.17 4.07 48.19
C GLU W 123 -2.19 3.00 47.70
N LEU W 124 -2.55 1.73 47.87
CA LEU W 124 -1.71 0.65 47.36
C LEU W 124 -1.57 0.73 45.85
N TRP W 125 -2.68 0.98 45.16
CA TRP W 125 -2.64 1.10 43.71
C TRP W 125 -1.77 2.27 43.28
N ALA W 126 -1.88 3.40 43.98
CA ALA W 126 -1.04 4.56 43.65
C ALA W 126 0.43 4.23 43.82
N LEU W 127 0.79 3.58 44.93
CA LEU W 127 2.19 3.24 45.16
C LEU W 127 2.70 2.29 44.09
N LEU W 128 1.89 1.29 43.73
CA LEU W 128 2.31 0.36 42.68
C LEU W 128 2.46 1.08 41.35
N SER W 129 1.59 2.05 41.06
CA SER W 129 1.69 2.80 39.82
C SER W 129 2.98 3.63 39.78
N VAL W 130 3.35 4.26 40.89
CA VAL W 130 4.60 5.00 40.93
C VAL W 130 5.78 4.06 40.71
N LYS W 131 5.78 2.93 41.41
CA LYS W 131 6.92 2.02 41.33
C LYS W 131 6.95 1.19 40.06
N ALA W 132 5.90 1.23 39.24
CA ALA W 132 5.80 0.41 38.05
C ALA W 132 6.43 1.04 36.82
N VAL W 133 7.01 2.24 36.95
CA VAL W 133 7.60 2.90 35.79
C VAL W 133 8.85 2.14 35.35
N GLY W 134 9.10 2.12 34.05
CA GLY W 134 10.25 1.45 33.51
C GLY W 134 9.93 0.10 32.89
N GLY W 135 10.90 -0.81 32.88
CA GLY W 135 10.69 -2.11 32.28
C GLY W 135 11.81 -3.05 32.65
N PHE W 136 11.70 -4.28 32.16
CA PHE W 136 12.65 -5.34 32.44
C PHE W 136 13.38 -5.73 31.16
N TYR W 137 14.67 -6.02 31.28
CA TYR W 137 15.45 -6.63 30.21
C TYR W 137 16.09 -7.88 30.79
N ILE W 138 15.70 -9.04 30.28
CA ILE W 138 15.98 -10.32 30.94
C ILE W 138 17.06 -11.09 30.22
N GLY W 139 16.89 -11.36 28.94
CA GLY W 139 17.87 -12.11 28.15
C GLY W 139 18.82 -11.17 27.43
N GLY W 140 20.06 -11.60 27.29
CA GLY W 140 21.05 -10.84 26.57
C GLY W 140 22.43 -10.97 27.19
N LEU W 141 23.45 -10.80 26.36
CA LEU W 141 24.85 -10.91 26.75
C LEU W 141 25.59 -9.65 26.30
N PRO W 142 26.69 -9.30 26.99
CA PRO W 142 27.43 -8.10 26.61
C PRO W 142 28.24 -8.29 25.34
N GLU W 143 27.58 -8.14 24.18
CA GLU W 143 28.25 -8.36 22.91
C GLU W 143 29.19 -7.22 22.54
N ARG W 144 28.87 -5.99 22.94
CA ARG W 144 29.63 -4.83 22.51
C ARG W 144 31.04 -4.77 23.08
N ARG W 145 31.37 -5.61 24.06
CA ARG W 145 32.68 -5.55 24.68
C ARG W 145 33.79 -6.04 23.77
N GLY W 146 33.47 -6.69 22.66
CA GLY W 146 34.47 -7.23 21.76
C GLY W 146 34.93 -6.33 20.63
N PHE W 147 34.49 -5.09 20.58
CA PHE W 147 34.82 -4.19 19.49
C PHE W 147 35.31 -2.86 20.03
N ARG W 148 36.32 -2.31 19.35
CA ARG W 148 36.94 -1.04 19.74
C ARG W 148 36.14 0.12 19.19
N LYS W 149 35.88 1.12 20.02
CA LYS W 149 35.00 2.23 19.66
C LYS W 149 35.61 3.56 20.06
N VAL W 150 35.27 4.60 19.29
CA VAL W 150 35.55 6.00 19.59
C VAL W 150 37.03 6.20 19.91
N GLY W 151 37.34 6.38 21.19
CA GLY W 151 38.70 6.69 21.60
C GLY W 151 39.51 5.47 21.99
N GLY W 152 39.45 4.42 21.17
CA GLY W 152 40.17 3.20 21.48
C GLY W 152 39.71 2.56 22.77
N THR W 153 38.41 2.49 22.99
CA THR W 153 37.83 1.95 24.21
C THR W 153 37.01 0.71 23.90
N PHE W 154 36.84 -0.14 24.92
CA PHE W 154 36.03 -1.34 24.80
C PHE W 154 34.85 -1.34 25.76
N TRP W 155 34.75 -0.36 26.66
CA TRP W 155 33.58 -0.23 27.52
C TRP W 155 32.35 0.12 26.71
N MET X 1 -7.05 -34.94 45.57
CA MET X 1 -8.00 -33.98 46.11
C MET X 1 -7.51 -33.41 47.44
N VAL X 2 -7.76 -32.13 47.65
CA VAL X 2 -7.36 -31.43 48.87
C VAL X 2 -8.43 -31.64 49.92
N ILE X 3 -8.01 -31.95 51.15
CA ILE X 3 -8.96 -32.17 52.24
C ILE X 3 -9.61 -30.85 52.64
N PHE X 4 -10.93 -30.87 52.82
CA PHE X 4 -11.70 -29.68 53.15
C PHE X 4 -11.90 -29.63 54.66
N ASP X 5 -11.40 -28.57 55.29
CA ASP X 5 -11.51 -28.39 56.73
C ASP X 5 -12.66 -27.44 57.02
N GLU X 6 -13.74 -27.98 57.58
CA GLU X 6 -14.90 -27.15 57.90
C GLU X 6 -14.62 -26.20 59.05
N HIS X 7 -13.79 -26.62 60.02
CA HIS X 7 -13.50 -25.76 61.17
C HIS X 7 -12.80 -24.49 60.74
N LYS X 8 -11.71 -24.62 59.98
CA LYS X 8 -10.97 -23.44 59.56
C LYS X 8 -11.76 -22.64 58.53
N PHE X 9 -12.64 -23.29 57.77
CA PHE X 9 -13.54 -22.57 56.88
C PHE X 9 -14.46 -21.66 57.68
N ARG X 10 -15.14 -22.20 58.69
CA ARG X 10 -16.02 -21.39 59.53
C ARG X 10 -15.24 -20.32 60.26
N THR X 11 -13.97 -20.60 60.61
CA THR X 11 -13.13 -19.58 61.21
C THR X 11 -12.87 -18.43 60.24
N LEU X 12 -12.68 -18.76 58.96
CA LEU X 12 -12.41 -17.73 57.96
C LEU X 12 -13.60 -16.81 57.76
N PHE X 13 -14.81 -17.37 57.66
CA PHE X 13 -16.02 -16.59 57.46
C PHE X 13 -16.93 -16.71 58.67
N PRO X 14 -16.90 -15.74 59.59
CA PRO X 14 -17.76 -15.83 60.78
C PRO X 14 -19.24 -15.78 60.47
N GLU X 15 -19.65 -15.29 59.30
CA GLU X 15 -21.07 -15.22 58.98
C GLU X 15 -21.67 -16.58 58.69
N PHE X 16 -20.86 -17.62 58.49
CA PHE X 16 -21.34 -18.97 58.29
C PHE X 16 -21.10 -19.86 59.51
N ALA X 17 -20.90 -19.25 60.68
CA ALA X 17 -20.48 -19.98 61.87
C ALA X 17 -21.58 -20.82 62.49
N ASP X 18 -22.82 -20.67 62.05
CA ASP X 18 -23.92 -21.40 62.68
C ASP X 18 -24.03 -22.80 62.09
N PRO X 19 -23.80 -23.85 62.87
CA PRO X 19 -23.94 -25.22 62.32
C PRO X 19 -25.38 -25.62 62.09
N ALA X 20 -26.34 -24.98 62.75
CA ALA X 20 -27.74 -25.33 62.55
C ALA X 20 -28.23 -24.87 61.18
N ALA X 21 -27.92 -23.64 60.80
CA ALA X 21 -28.36 -23.11 59.52
C ALA X 21 -27.54 -23.66 58.35
N TYR X 22 -26.26 -23.94 58.57
CA TYR X 22 -25.36 -24.42 57.52
C TYR X 22 -24.76 -25.75 57.96
N PRO X 23 -25.41 -26.87 57.64
CA PRO X 23 -24.87 -28.18 58.02
C PRO X 23 -23.56 -28.47 57.31
N ASP X 24 -22.76 -29.34 57.93
CA ASP X 24 -21.46 -29.68 57.39
C ASP X 24 -21.58 -30.45 56.08
N VAL X 25 -22.62 -31.26 55.92
CA VAL X 25 -22.79 -32.02 54.68
C VAL X 25 -23.05 -31.09 53.51
N ARG X 26 -23.80 -30.01 53.73
CA ARG X 26 -24.02 -29.02 52.68
C ARG X 26 -22.71 -28.37 52.25
N LEU X 27 -21.87 -28.01 53.22
CA LEU X 27 -20.58 -27.42 52.90
C LEU X 27 -19.70 -28.39 52.13
N GLN X 28 -19.69 -29.66 52.53
CA GLN X 28 -18.89 -30.65 51.82
C GLN X 28 -19.40 -30.84 50.39
N MET X 29 -20.72 -30.86 50.21
CA MET X 29 -21.29 -30.96 48.87
C MET X 29 -20.88 -29.77 48.01
N TYR X 30 -20.92 -28.57 48.58
CA TYR X 30 -20.54 -27.39 47.79
C TYR X 30 -19.05 -27.36 47.48
N PHE X 31 -18.21 -27.85 48.40
CA PHE X 31 -16.79 -27.97 48.08
C PHE X 31 -16.55 -28.98 46.97
N ASP X 32 -17.29 -30.10 46.99
CA ASP X 32 -17.16 -31.09 45.94
C ASP X 32 -17.65 -30.55 44.60
N ILE X 33 -18.64 -29.66 44.61
CA ILE X 33 -19.06 -29.00 43.38
C ILE X 33 -17.99 -28.02 42.90
N ALA X 34 -17.41 -27.26 43.83
CA ALA X 34 -16.45 -26.23 43.46
C ALA X 34 -15.10 -26.78 43.03
N CYS X 35 -14.77 -28.01 43.43
CA CYS X 35 -13.49 -28.57 43.02
C CYS X 35 -13.47 -28.91 41.53
N GLU X 36 -14.59 -28.82 40.84
CA GLU X 36 -14.65 -29.09 39.41
C GLU X 36 -14.42 -27.85 38.56
N PHE X 37 -14.80 -26.67 39.05
CA PHE X 37 -14.48 -25.44 38.34
C PHE X 37 -12.97 -25.22 38.27
N ILE X 38 -12.27 -25.45 39.36
CA ILE X 38 -10.82 -25.27 39.45
C ILE X 38 -10.19 -26.60 39.84
N SER X 39 -9.20 -27.03 39.08
CA SER X 39 -8.50 -28.27 39.39
C SER X 39 -7.82 -28.17 40.73
N ASP X 40 -8.01 -29.18 41.57
CA ASP X 40 -7.46 -29.21 42.92
C ASP X 40 -6.16 -29.96 43.03
N ARG X 41 -5.60 -30.44 41.92
CA ARG X 41 -4.29 -31.07 41.95
C ARG X 41 -3.24 -30.02 42.29
N ASP X 42 -2.31 -30.37 43.18
CA ASP X 42 -1.31 -29.45 43.67
C ASP X 42 0.08 -29.92 43.26
N SER X 43 0.83 -29.06 42.59
CA SER X 43 2.20 -29.31 42.23
C SER X 43 3.01 -28.03 42.40
N PRO X 44 4.30 -28.13 42.68
CA PRO X 44 5.12 -26.91 42.81
C PRO X 44 5.27 -26.13 41.52
N TYR X 45 4.97 -26.73 40.37
CA TYR X 45 5.18 -26.08 39.08
C TYR X 45 3.93 -25.36 38.56
N ARG X 46 2.85 -25.33 39.33
CA ARG X 46 1.70 -24.54 38.93
C ARG X 46 1.84 -23.10 39.41
N ILE X 47 1.12 -22.20 38.74
CA ILE X 47 1.07 -20.81 39.18
C ILE X 47 0.30 -20.70 40.49
N LEU X 48 -0.82 -21.41 40.60
CA LEU X 48 -1.60 -21.45 41.82
C LEU X 48 -1.14 -22.64 42.66
N ASN X 49 -0.48 -22.35 43.79
CA ASN X 49 0.01 -23.39 44.68
C ASN X 49 0.15 -22.79 46.07
N GLY X 50 0.61 -23.60 47.01
CA GLY X 50 0.65 -23.14 48.39
C GLY X 50 -0.76 -22.99 48.94
N LYS X 51 -0.91 -22.08 49.91
CA LYS X 51 -2.22 -21.84 50.49
C LYS X 51 -3.13 -21.01 49.59
N ALA X 52 -2.61 -20.42 48.52
CA ALA X 52 -3.44 -19.65 47.61
C ALA X 52 -4.47 -20.55 46.92
N LEU X 53 -4.09 -21.80 46.64
CA LEU X 53 -5.02 -22.70 45.96
C LEU X 53 -6.26 -22.96 46.80
N GLU X 54 -6.08 -23.33 48.07
CA GLU X 54 -7.25 -23.57 48.90
C GLU X 54 -7.93 -22.27 49.32
N ALA X 55 -7.20 -21.15 49.30
CA ALA X 55 -7.89 -19.86 49.47
C ALA X 55 -8.87 -19.63 48.33
N CYS X 56 -8.44 -19.87 47.10
CA CYS X 56 -9.34 -19.73 45.96
C CYS X 56 -10.50 -20.72 46.05
N LEU X 57 -10.21 -21.95 46.46
CA LEU X 57 -11.27 -22.95 46.57
C LEU X 57 -12.30 -22.54 47.62
N TYR X 58 -11.85 -22.04 48.76
CA TYR X 58 -12.78 -21.61 49.80
C TYR X 58 -13.57 -20.40 49.35
N LEU X 59 -12.94 -19.48 48.61
CA LEU X 59 -13.68 -18.32 48.10
C LEU X 59 -14.77 -18.76 47.13
N LEU X 60 -14.46 -19.70 46.25
CA LEU X 60 -15.49 -20.22 45.34
C LEU X 60 -16.59 -20.92 46.10
N THR X 61 -16.24 -21.68 47.14
CA THR X 61 -17.26 -22.33 47.97
C THR X 61 -18.17 -21.30 48.63
N ALA X 62 -17.60 -20.23 49.16
CA ALA X 62 -18.41 -19.19 49.78
C ALA X 62 -19.31 -18.50 48.77
N HIS X 63 -18.79 -18.27 47.56
CA HIS X 63 -19.62 -17.68 46.50
C HIS X 63 -20.82 -18.57 46.18
N LEU X 64 -20.57 -19.87 46.01
CA LEU X 64 -21.67 -20.79 45.73
C LEU X 64 -22.66 -20.84 46.88
N LEU X 65 -22.17 -20.81 48.12
CA LEU X 65 -23.05 -20.84 49.27
C LEU X 65 -23.92 -19.59 49.33
N SER X 66 -23.34 -18.42 49.04
CA SER X 66 -24.12 -17.19 49.04
C SER X 66 -25.20 -17.21 47.97
N LEU X 67 -24.85 -17.67 46.76
CA LEU X 67 -25.86 -17.78 45.72
C LEU X 67 -26.96 -18.77 46.11
N SER X 68 -26.60 -19.87 46.77
CA SER X 68 -27.61 -20.79 47.25
C SER X 68 -28.52 -20.13 48.28
N THR X 69 -27.93 -19.36 49.19
CA THR X 69 -28.73 -18.65 50.19
C THR X 69 -29.70 -17.68 49.52
N MET X 70 -29.28 -17.07 48.42
CA MET X 70 -30.13 -16.08 47.74
C MET X 70 -31.47 -16.65 47.30
N GLN X 71 -31.58 -17.96 47.10
CA GLN X 71 -32.76 -18.56 46.48
C GLN X 71 -33.79 -19.04 47.50
N VAL X 72 -33.43 -20.01 48.34
CA VAL X 72 -34.43 -20.72 49.12
C VAL X 72 -34.91 -19.86 50.29
N GLN X 73 -34.01 -19.15 50.98
CA GLN X 73 -34.43 -18.21 52.00
C GLN X 73 -34.14 -16.75 51.63
N GLY X 74 -33.60 -16.48 50.44
CA GLY X 74 -33.54 -15.11 49.97
C GLY X 74 -34.93 -14.54 49.74
N ALA X 75 -35.79 -15.30 49.07
CA ALA X 75 -37.21 -14.98 49.03
C ALA X 75 -37.90 -15.37 50.32
N ALA X 76 -37.46 -16.47 50.95
CA ALA X 76 -37.93 -17.00 52.22
C ALA X 76 -39.37 -17.49 52.18
N GLY X 77 -40.03 -17.43 51.02
CA GLY X 77 -41.36 -17.98 50.90
C GLY X 77 -41.35 -19.37 50.30
N GLY X 78 -40.18 -20.00 50.33
CA GLY X 78 -40.00 -21.30 49.71
C GLY X 78 -39.61 -21.26 48.26
N GLY X 79 -39.09 -20.14 47.78
CA GLY X 79 -38.74 -20.00 46.37
C GLY X 79 -39.93 -20.09 45.45
N VAL X 80 -41.01 -19.37 45.80
CA VAL X 80 -42.26 -19.43 45.06
C VAL X 80 -42.20 -18.43 43.90
N THR X 81 -41.04 -17.81 43.73
CA THR X 81 -40.85 -16.85 42.63
C THR X 81 -40.94 -17.58 41.29
N ALA X 82 -41.27 -16.83 40.25
CA ALA X 82 -41.49 -17.42 38.93
C ALA X 82 -40.23 -18.10 38.42
N GLY X 83 -39.11 -17.40 38.40
CA GLY X 83 -37.88 -17.95 37.87
C GLY X 83 -36.75 -17.99 38.88
N GLY X 84 -37.00 -17.49 40.08
CA GLY X 84 -35.98 -17.42 41.10
C GLY X 84 -35.18 -16.13 41.04
N THR X 85 -34.53 -15.83 42.16
CA THR X 85 -33.74 -14.61 42.25
C THR X 85 -32.54 -14.68 41.31
N GLN X 86 -32.27 -13.57 40.63
CA GLN X 86 -31.17 -13.47 39.69
C GLN X 86 -30.01 -12.71 40.31
N GLY X 87 -28.80 -13.08 39.91
CA GLY X 87 -27.58 -12.51 40.47
C GLY X 87 -26.87 -11.61 39.49
N GLY X 88 -26.05 -10.72 40.01
CA GLY X 88 -25.30 -9.79 39.19
C GLY X 88 -24.97 -8.53 39.95
N PHE X 89 -23.99 -7.80 39.44
CA PHE X 89 -23.61 -6.55 40.07
C PHE X 89 -24.71 -5.51 39.92
N ILE X 90 -24.98 -4.77 41.00
CA ILE X 90 -26.02 -3.76 41.03
C ILE X 90 -25.35 -2.41 40.84
N THR X 91 -25.50 -1.84 39.65
CA THR X 91 -24.84 -0.57 39.35
C THR X 91 -25.50 0.61 40.05
N SER X 92 -26.81 0.56 40.26
CA SER X 92 -27.53 1.65 40.91
C SER X 92 -28.67 1.10 41.73
N ALA X 93 -29.02 1.81 42.80
CA ALA X 93 -30.12 1.42 43.66
C ALA X 93 -30.70 2.66 44.33
N THR X 94 -31.94 2.54 44.77
CA THR X 94 -32.64 3.64 45.42
C THR X 94 -33.68 3.09 46.38
N VAL X 95 -33.65 3.55 47.62
CA VAL X 95 -34.62 3.14 48.64
C VAL X 95 -35.10 4.42 49.31
N GLY X 96 -36.27 4.92 48.89
CA GLY X 96 -36.82 6.12 49.48
C GLY X 96 -36.09 7.38 49.09
N GLU X 97 -35.45 8.01 50.07
CA GLU X 97 -34.77 9.29 49.86
C GLU X 97 -33.27 9.16 49.68
N VAL X 98 -32.75 7.93 49.63
CA VAL X 98 -31.32 7.67 49.49
C VAL X 98 -31.09 6.91 48.19
N SER X 99 -30.17 7.40 47.37
CA SER X 99 -29.82 6.75 46.12
C SER X 99 -28.30 6.68 46.00
N VAL X 100 -27.80 5.55 45.49
CA VAL X 100 -26.38 5.30 45.38
C VAL X 100 -26.09 4.66 44.03
N ALA X 101 -25.07 5.15 43.34
CA ALA X 101 -24.63 4.59 42.06
C ALA X 101 -23.17 4.20 42.16
N LYS X 102 -22.83 3.03 41.61
CA LYS X 102 -21.48 2.49 41.68
C LYS X 102 -20.89 2.35 40.28
N LEU X 103 -19.67 1.84 40.22
CA LEU X 103 -18.92 1.72 38.98
C LEU X 103 -19.03 0.30 38.43
N ALA X 104 -19.30 0.19 37.14
CA ALA X 104 -19.48 -1.11 36.51
C ALA X 104 -18.13 -1.80 36.32
N PRO X 105 -17.97 -3.02 36.82
CA PRO X 105 -16.69 -3.72 36.63
C PRO X 105 -16.51 -4.12 35.18
N PRO X 106 -15.27 -4.28 34.72
CA PRO X 106 -15.00 -4.67 33.32
C PRO X 106 -15.11 -6.18 33.08
N ALA X 107 -16.34 -6.64 32.86
CA ALA X 107 -16.61 -8.03 32.59
C ALA X 107 -16.70 -8.26 31.08
N LYS X 108 -16.05 -9.32 30.61
CA LYS X 108 -15.97 -9.59 29.18
C LYS X 108 -16.46 -10.99 28.79
N ASN X 109 -16.90 -11.80 29.73
CA ASN X 109 -17.44 -13.12 29.42
C ASN X 109 -18.29 -13.58 30.59
N GLY X 110 -18.83 -14.79 30.47
CA GLY X 110 -19.71 -15.32 31.51
C GLY X 110 -19.01 -15.55 32.83
N TRP X 111 -17.74 -15.96 32.80
CA TRP X 111 -17.02 -16.28 34.02
C TRP X 111 -16.88 -15.07 34.92
N GLN X 112 -16.35 -13.98 34.38
CA GLN X 112 -16.13 -12.78 35.19
C GLN X 112 -17.44 -12.13 35.60
N TRP X 113 -18.42 -12.12 34.69
CA TRP X 113 -19.72 -11.53 35.02
C TRP X 113 -20.40 -12.31 36.14
N TRP X 114 -20.33 -13.64 36.10
CA TRP X 114 -20.89 -14.44 37.19
C TRP X 114 -20.13 -14.23 38.48
N LEU X 115 -18.79 -14.13 38.39
CA LEU X 115 -17.99 -13.93 39.60
C LEU X 115 -18.31 -12.60 40.26
N SER X 116 -18.62 -11.58 39.48
CA SER X 116 -18.82 -10.25 40.05
C SER X 116 -20.13 -10.11 40.82
N GLY X 117 -20.88 -11.18 41.10
CA GLY X 117 -22.16 -11.02 41.78
C GLY X 117 -22.07 -10.90 43.29
N THR X 118 -21.00 -11.40 43.89
CA THR X 118 -20.82 -11.41 45.33
C THR X 118 -19.41 -10.99 45.68
N PRO X 119 -19.19 -10.46 46.89
CA PRO X 119 -17.84 -10.00 47.26
C PRO X 119 -16.79 -11.11 47.20
N TYR X 120 -17.15 -12.34 47.56
CA TYR X 120 -16.19 -13.43 47.49
C TYR X 120 -15.78 -13.71 46.05
N GLY X 121 -16.73 -13.65 45.12
CA GLY X 121 -16.39 -13.79 43.72
C GLY X 121 -15.47 -12.69 43.23
N GLN X 122 -15.72 -11.45 43.67
CA GLN X 122 -14.86 -10.34 43.29
C GLN X 122 -13.44 -10.54 43.81
N GLU X 123 -13.31 -10.99 45.06
CA GLU X 123 -11.98 -11.24 45.62
C GLU X 123 -11.28 -12.36 44.87
N LEU X 124 -12.00 -13.43 44.53
CA LEU X 124 -11.42 -14.51 43.75
C LEU X 124 -10.95 -14.03 42.39
N TRP X 125 -11.77 -13.22 41.72
CA TRP X 125 -11.39 -12.66 40.44
C TRP X 125 -10.13 -11.80 40.55
N ALA X 126 -10.06 -10.99 41.60
CA ALA X 126 -8.89 -10.14 41.79
C ALA X 126 -7.63 -10.97 42.01
N LEU X 127 -7.73 -12.03 42.83
CA LEU X 127 -6.58 -12.87 43.07
C LEU X 127 -6.13 -13.59 41.79
N LEU X 128 -7.09 -14.08 41.01
CA LEU X 128 -6.75 -14.71 39.74
C LEU X 128 -6.08 -13.71 38.80
N SER X 129 -6.58 -12.48 38.76
CA SER X 129 -5.97 -11.46 37.91
C SER X 129 -4.54 -11.16 38.33
N VAL X 130 -4.29 -11.09 39.64
CA VAL X 130 -2.93 -10.87 40.11
C VAL X 130 -2.03 -12.02 39.70
N LYS X 131 -2.50 -13.25 39.90
CA LYS X 131 -1.67 -14.41 39.60
C LYS X 131 -1.55 -14.70 38.11
N ALA X 132 -2.36 -14.05 37.27
CA ALA X 132 -2.44 -14.39 35.85
C ALA X 132 -1.41 -13.67 34.99
N VAL X 133 -0.61 -12.76 35.56
CA VAL X 133 0.34 -12.00 34.75
C VAL X 133 1.42 -12.93 34.22
N GLY X 134 1.83 -12.70 32.96
CA GLY X 134 2.87 -13.49 32.35
C GLY X 134 2.37 -14.38 31.23
N GLY X 135 3.07 -15.48 30.98
CA GLY X 135 2.66 -16.39 29.94
C GLY X 135 3.41 -17.71 30.04
N PHE X 136 3.15 -18.58 29.06
CA PHE X 136 3.77 -19.90 29.01
C PHE X 136 4.52 -20.06 27.71
N TYR X 137 5.62 -20.83 27.77
CA TYR X 137 6.31 -21.31 26.58
C TYR X 137 6.36 -22.83 26.66
N ILE X 138 5.74 -23.50 25.70
CA ILE X 138 5.44 -24.92 25.79
C ILE X 138 6.40 -25.76 24.95
N GLY X 139 6.41 -25.55 23.64
CA GLY X 139 7.33 -26.25 22.77
C GLY X 139 8.65 -25.50 22.69
N GLY X 140 9.75 -26.25 22.75
CA GLY X 140 11.06 -25.62 22.66
C GLY X 140 12.21 -26.48 23.13
N LEU X 141 13.35 -26.32 22.48
CA LEU X 141 14.58 -27.04 22.81
C LEU X 141 15.73 -26.05 22.91
N PRO X 142 16.70 -26.30 23.79
CA PRO X 142 17.83 -25.38 23.93
C PRO X 142 18.76 -25.41 22.73
N GLU X 143 18.33 -24.79 21.62
CA GLU X 143 19.14 -24.78 20.41
C GLU X 143 20.34 -23.85 20.52
N ARG X 144 20.35 -22.94 21.49
CA ARG X 144 21.40 -21.94 21.61
C ARG X 144 22.62 -22.43 22.38
N ARG X 145 22.64 -23.69 22.81
CA ARG X 145 23.74 -24.25 23.57
C ARG X 145 24.79 -24.92 22.71
N GLY X 146 24.65 -24.84 21.39
CA GLY X 146 25.60 -25.43 20.47
C GLY X 146 26.57 -24.46 19.81
N PHE X 147 26.52 -23.18 20.16
CA PHE X 147 27.34 -22.17 19.53
C PHE X 147 28.13 -21.39 20.58
N ARG X 148 29.27 -20.85 20.15
CA ARG X 148 30.16 -20.10 21.02
C ARG X 148 29.87 -18.61 20.87
N LYS X 149 29.62 -17.93 21.99
CA LYS X 149 29.19 -16.54 21.98
C LYS X 149 29.99 -15.71 22.95
N VAL X 150 30.28 -14.47 22.56
CA VAL X 150 30.89 -13.44 23.40
C VAL X 150 32.19 -13.94 24.02
N GLY X 151 32.13 -14.36 25.27
CA GLY X 151 33.33 -14.73 26.00
C GLY X 151 33.58 -16.23 26.02
N GLY X 152 33.34 -16.88 24.88
CA GLY X 152 33.55 -18.32 24.81
C GLY X 152 32.64 -19.10 25.73
N THR X 153 31.40 -18.63 25.91
CA THR X 153 30.44 -19.28 26.78
C THR X 153 29.28 -19.82 25.96
N PHE X 154 28.67 -20.89 26.44
CA PHE X 154 27.55 -21.54 25.77
C PHE X 154 26.22 -21.29 26.48
N TRP X 155 26.25 -20.71 27.68
CA TRP X 155 25.03 -20.50 28.46
C TRP X 155 24.19 -19.36 27.90
N PRO Y 1 41.75 -6.43 26.69
CA PRO Y 1 40.33 -6.80 26.67
C PRO Y 1 40.08 -8.18 27.29
N THR Y 2 39.34 -8.21 28.40
CA THR Y 2 39.08 -9.47 29.07
C THR Y 2 38.27 -10.42 28.19
N MET Y 3 37.26 -9.88 27.50
CA MET Y 3 36.40 -10.72 26.66
C MET Y 3 37.19 -11.36 25.53
N LEU Y 4 38.06 -10.58 24.87
CA LEU Y 4 38.88 -11.13 23.80
C LEU Y 4 39.82 -12.21 24.34
N GLN Y 5 40.42 -11.96 25.50
CA GLN Y 5 41.33 -12.94 26.09
C GLN Y 5 40.59 -14.25 26.40
N ASP Y 6 39.40 -14.15 26.99
CA ASP Y 6 38.63 -15.35 27.29
C ASP Y 6 38.20 -16.08 26.03
N TRP Y 7 37.78 -15.34 25.01
CA TRP Y 7 37.35 -15.95 23.76
C TRP Y 7 38.50 -16.71 23.10
N TYR Y 8 39.70 -16.13 23.11
CA TYR Y 8 40.84 -16.81 22.50
C TYR Y 8 41.37 -17.94 23.38
N ASN Y 9 41.20 -17.84 24.69
CA ASN Y 9 41.66 -18.88 25.61
C ASN Y 9 40.73 -20.09 25.62
N SER Y 10 39.44 -19.90 25.31
CA SER Y 10 38.48 -20.99 25.42
C SER Y 10 38.89 -22.20 24.58
N GLN Y 11 39.42 -21.95 23.38
CA GLN Y 11 39.90 -23.05 22.55
C GLN Y 11 41.11 -23.72 23.20
N GLY Y 12 41.12 -25.04 23.18
CA GLY Y 12 42.18 -25.79 23.81
C GLY Y 12 42.02 -27.27 23.56
N PHE Y 13 42.97 -28.04 24.08
CA PHE Y 13 42.96 -29.49 23.89
C PHE Y 13 41.68 -30.10 24.45
N ILE Y 14 41.12 -31.05 23.71
CA ILE Y 14 39.83 -31.63 24.06
C ILE Y 14 40.01 -33.02 24.65
N GLY Y 15 41.02 -33.75 24.17
CA GLY Y 15 41.27 -35.09 24.67
C GLY Y 15 41.25 -36.15 23.58
N TYR Y 16 42.06 -37.19 23.76
CA TYR Y 16 42.17 -38.23 22.73
C TYR Y 16 40.85 -38.97 22.55
N GLN Y 17 40.14 -39.25 23.65
CA GLN Y 17 38.83 -39.88 23.54
C GLN Y 17 37.86 -39.00 22.77
N ALA Y 18 37.88 -37.69 23.05
CA ALA Y 18 37.01 -36.77 22.32
C ALA Y 18 37.32 -36.77 20.84
N CYS Y 19 38.61 -36.72 20.47
CA CYS Y 19 38.98 -36.76 19.06
C CYS Y 19 38.53 -38.07 18.41
N ALA Y 20 38.70 -39.19 19.12
CA ALA Y 20 38.28 -40.47 18.57
C ALA Y 20 36.78 -40.49 18.31
N ILE Y 21 35.99 -39.95 19.25
CA ILE Y 21 34.54 -39.92 19.05
C ILE Y 21 34.18 -38.99 17.89
N ILE Y 22 34.83 -37.83 17.79
CA ILE Y 22 34.51 -36.88 16.73
C ILE Y 22 34.83 -37.48 15.36
N SER Y 23 35.91 -38.26 15.27
CA SER Y 23 36.36 -38.78 13.99
C SER Y 23 35.35 -39.70 13.31
N GLN Y 24 34.24 -40.04 13.98
CA GLN Y 24 33.27 -40.95 13.38
C GLN Y 24 32.50 -40.29 12.24
N HIS Y 25 32.30 -38.98 12.29
CA HIS Y 25 31.45 -38.30 11.32
C HIS Y 25 32.05 -38.37 9.93
N TRP Y 26 31.17 -38.32 8.92
CA TRP Y 26 31.61 -38.50 7.54
C TRP Y 26 32.41 -37.31 7.03
N LEU Y 27 31.96 -36.09 7.34
CA LEU Y 27 32.63 -34.90 6.82
C LEU Y 27 34.04 -34.78 7.39
N VAL Y 28 34.20 -34.99 8.69
CA VAL Y 28 35.52 -34.92 9.31
C VAL Y 28 36.44 -36.00 8.73
N ASP Y 29 35.89 -37.20 8.55
CA ASP Y 29 36.68 -38.29 7.98
C ASP Y 29 37.15 -37.93 6.57
N LYS Y 30 36.26 -37.38 5.75
CA LYS Y 30 36.64 -36.98 4.40
C LYS Y 30 37.73 -35.91 4.44
N ALA Y 31 37.54 -34.90 5.30
CA ALA Y 31 38.52 -33.81 5.37
C ALA Y 31 39.89 -34.33 5.80
N CYS Y 32 39.93 -35.26 6.75
CA CYS Y 32 41.20 -35.80 7.20
C CYS Y 32 41.81 -36.78 6.22
N SER Y 33 41.00 -37.42 5.36
CA SER Y 33 41.49 -38.54 4.56
C SER Y 33 41.83 -38.17 3.12
N MET Y 34 41.18 -37.16 2.53
CA MET Y 34 41.40 -36.89 1.11
C MET Y 34 42.84 -36.47 0.83
N SER Y 35 43.43 -35.64 1.70
CA SER Y 35 44.80 -35.20 1.48
C SER Y 35 45.77 -36.37 1.49
N GLY Y 36 45.63 -37.27 2.47
CA GLY Y 36 46.48 -38.44 2.52
C GLY Y 36 46.28 -39.36 1.34
N GLU Y 37 45.03 -39.56 0.93
CA GLU Y 37 44.77 -40.42 -0.22
C GLU Y 37 45.36 -39.85 -1.50
N ASP Y 38 45.29 -38.53 -1.67
CA ASP Y 38 45.81 -37.91 -2.89
C ASP Y 38 47.33 -37.84 -2.91
N ALA Y 39 47.96 -37.64 -1.75
CA ALA Y 39 49.40 -37.39 -1.73
C ALA Y 39 50.20 -38.58 -2.24
N ALA Y 40 49.84 -39.79 -1.81
CA ALA Y 40 50.64 -40.99 -2.10
C ALA Y 40 50.00 -41.86 -3.17
N ARG Y 41 49.42 -41.26 -4.20
CA ARG Y 41 48.72 -42.00 -5.24
C ARG Y 41 49.49 -42.13 -6.54
N ASN Y 42 50.26 -41.10 -6.93
CA ASN Y 42 50.99 -41.16 -8.19
C ASN Y 42 52.25 -42.01 -8.08
N GLY Y 43 52.69 -42.36 -6.88
CA GLY Y 43 53.79 -43.28 -6.70
C GLY Y 43 55.15 -42.63 -6.91
N TRP Y 44 56.18 -43.43 -6.64
CA TRP Y 44 57.57 -43.00 -6.77
C TRP Y 44 58.37 -44.10 -7.45
N GLU Y 45 59.50 -43.71 -8.03
CA GLU Y 45 60.39 -44.64 -8.70
C GLU Y 45 61.70 -44.76 -7.95
N LEU Y 46 62.42 -45.84 -8.23
CA LEU Y 46 63.67 -46.16 -7.55
C LEU Y 46 64.84 -45.58 -8.34
N LYS Y 47 65.64 -44.75 -7.67
CA LYS Y 47 66.80 -44.13 -8.29
C LYS Y 47 67.99 -44.29 -7.36
N SER Y 48 69.16 -44.58 -7.93
CA SER Y 48 70.33 -44.91 -7.11
C SER Y 48 71.59 -44.36 -7.78
N ASP Y 49 72.09 -43.24 -7.25
CA ASP Y 49 73.37 -42.66 -7.66
C ASP Y 49 73.43 -42.38 -9.16
N GLY Y 50 72.32 -41.90 -9.72
CA GLY Y 50 72.30 -41.48 -11.10
C GLY Y 50 72.21 -42.59 -12.13
N ARG Y 51 71.98 -43.83 -11.71
CA ARG Y 51 71.89 -44.94 -12.65
C ARG Y 51 71.01 -46.03 -12.06
N LYS Y 52 70.59 -46.95 -12.91
CA LYS Y 52 69.71 -48.04 -12.52
C LYS Y 52 70.54 -49.30 -12.25
N LEU Y 53 70.30 -49.93 -11.12
CA LEU Y 53 71.04 -51.11 -10.68
C LEU Y 53 70.42 -52.36 -11.30
N SER Y 54 70.86 -53.53 -10.84
CA SER Y 54 70.44 -54.79 -11.45
C SER Y 54 68.94 -55.00 -11.31
N ASP Y 55 68.33 -55.54 -12.36
CA ASP Y 55 66.87 -55.66 -12.40
C ASP Y 55 66.36 -56.72 -11.43
N GLU Y 56 67.12 -57.78 -11.20
CA GLU Y 56 66.70 -58.80 -10.24
C GLU Y 56 66.59 -58.22 -8.83
N GLN Y 57 67.55 -57.38 -8.45
CA GLN Y 57 67.45 -56.70 -7.16
C GLN Y 57 66.27 -55.75 -7.11
N SER Y 58 65.96 -55.09 -8.24
CA SER Y 58 64.77 -54.26 -8.29
C SER Y 58 63.51 -55.08 -8.08
N ALA Y 59 63.44 -56.27 -8.68
CA ALA Y 59 62.30 -57.15 -8.45
C ALA Y 59 62.23 -57.61 -7.00
N LEU Y 60 63.38 -57.87 -6.39
CA LEU Y 60 63.42 -58.22 -4.98
C LEU Y 60 62.86 -57.09 -4.12
N ILE Y 61 63.27 -55.86 -4.43
CA ILE Y 61 62.74 -54.70 -3.71
C ILE Y 61 61.24 -54.59 -3.94
N ALA Y 62 60.77 -54.88 -5.15
CA ALA Y 62 59.35 -54.81 -5.46
C ALA Y 62 58.54 -55.81 -4.64
N ARG Y 63 59.03 -57.05 -4.54
CA ARG Y 63 58.28 -58.04 -3.77
C ARG Y 63 58.33 -57.74 -2.27
N ARG Y 64 59.48 -57.26 -1.78
CA ARG Y 64 59.54 -56.81 -0.39
C ARG Y 64 58.55 -55.69 -0.14
N ASP Y 65 58.44 -54.76 -1.10
CA ASP Y 65 57.51 -53.64 -0.98
C ASP Y 65 56.07 -54.14 -0.92
N MET Y 66 55.69 -54.98 -1.88
CA MET Y 66 54.31 -55.47 -1.93
C MET Y 66 53.96 -56.27 -0.69
N GLU Y 67 54.91 -57.06 -0.18
CA GLU Y 67 54.64 -57.85 1.02
C GLU Y 67 54.46 -56.96 2.25
N PHE Y 68 55.22 -55.87 2.33
CA PHE Y 68 55.25 -55.07 3.55
C PHE Y 68 54.21 -53.96 3.58
N ARG Y 69 53.55 -53.67 2.46
CA ARG Y 69 52.42 -52.75 2.41
C ARG Y 69 52.80 -51.35 2.93
N VAL Y 70 53.72 -50.70 2.22
CA VAL Y 70 54.14 -49.38 2.63
C VAL Y 70 53.06 -48.34 2.33
N LYS Y 71 52.33 -48.52 1.23
CA LYS Y 71 51.36 -47.51 0.80
C LYS Y 71 50.22 -47.38 1.80
N ASP Y 72 49.65 -48.50 2.25
CA ASP Y 72 48.60 -48.44 3.25
C ASP Y 72 49.13 -47.86 4.55
N ASN Y 73 50.38 -48.17 4.89
CA ASN Y 73 50.98 -47.59 6.09
C ASN Y 73 51.08 -46.07 5.97
N LEU Y 74 51.50 -45.57 4.81
CA LEU Y 74 51.58 -44.12 4.61
C LEU Y 74 50.21 -43.47 4.69
N VAL Y 75 49.20 -44.08 4.07
CA VAL Y 75 47.87 -43.50 4.07
C VAL Y 75 47.31 -43.45 5.49
N GLU Y 76 47.44 -44.55 6.22
CA GLU Y 76 46.97 -44.58 7.61
C GLU Y 76 47.76 -43.61 8.47
N LEU Y 77 49.07 -43.50 8.25
CA LEU Y 77 49.89 -42.57 9.00
C LEU Y 77 49.42 -41.15 8.82
N ASN Y 78 49.22 -40.73 7.57
CA ASN Y 78 48.74 -39.37 7.31
C ASN Y 78 47.35 -39.16 7.90
N ARG Y 79 46.46 -40.13 7.75
CA ARG Y 79 45.09 -39.99 8.22
C ARG Y 79 45.06 -39.81 9.73
N PHE Y 80 45.72 -40.68 10.48
CA PHE Y 80 45.67 -40.57 11.93
C PHE Y 80 46.57 -39.46 12.46
N LYS Y 81 47.58 -39.03 11.70
CA LYS Y 81 48.30 -37.82 12.05
C LYS Y 81 47.39 -36.61 11.98
N ASN Y 82 46.55 -36.53 10.93
CA ASN Y 82 45.58 -35.45 10.85
C ASN Y 82 44.55 -35.56 11.96
N VAL Y 83 44.11 -36.78 12.27
CA VAL Y 83 43.05 -36.96 13.27
C VAL Y 83 43.55 -36.60 14.66
N PHE Y 84 44.71 -37.12 15.05
CA PHE Y 84 45.19 -37.00 16.42
C PHE Y 84 46.24 -35.92 16.62
N GLY Y 85 47.02 -35.61 15.60
CA GLY Y 85 48.09 -34.65 15.69
C GLY Y 85 49.47 -35.27 15.82
N VAL Y 86 49.55 -36.48 16.35
CA VAL Y 86 50.81 -37.21 16.47
C VAL Y 86 50.58 -38.66 16.10
N ARG Y 87 51.52 -39.24 15.35
CA ARG Y 87 51.51 -40.65 15.03
C ARG Y 87 52.92 -41.18 15.17
N ILE Y 88 53.05 -42.38 15.72
CA ILE Y 88 54.33 -43.00 16.00
C ILE Y 88 54.47 -44.24 15.13
N ALA Y 89 55.57 -44.33 14.39
CA ALA Y 89 55.88 -45.48 13.55
C ALA Y 89 57.10 -46.19 14.12
N LEU Y 90 56.98 -47.50 14.32
CA LEU Y 90 58.05 -48.32 14.89
C LEU Y 90 58.46 -49.36 13.87
N PHE Y 91 59.77 -49.44 13.62
CA PHE Y 91 60.32 -50.43 12.70
C PHE Y 91 60.73 -51.66 13.50
N VAL Y 92 60.06 -52.78 13.24
CA VAL Y 92 60.27 -53.99 14.01
C VAL Y 92 61.52 -54.70 13.50
N VAL Y 93 62.53 -54.83 14.36
CA VAL Y 93 63.78 -55.49 14.03
C VAL Y 93 64.02 -56.59 15.07
N GLU Y 94 64.26 -57.80 14.59
CA GLU Y 94 64.52 -58.94 15.45
C GLU Y 94 66.01 -59.23 15.49
N SER Y 95 66.58 -59.26 16.69
CA SER Y 95 68.00 -59.53 16.88
C SER Y 95 68.19 -60.23 18.22
N ASP Y 96 69.45 -60.44 18.59
CA ASP Y 96 69.79 -61.11 19.83
C ASP Y 96 70.02 -60.15 20.99
N ASP Y 97 70.01 -58.84 20.74
CA ASP Y 97 70.24 -57.87 21.80
C ASP Y 97 69.01 -57.76 22.68
N PRO Y 98 69.10 -58.04 23.99
CA PRO Y 98 67.91 -57.97 24.85
C PRO Y 98 67.33 -56.57 25.01
N ASP Y 99 68.14 -55.53 24.80
CA ASP Y 99 67.68 -54.15 24.99
C ASP Y 99 68.17 -53.28 23.83
N TYR Y 100 68.02 -53.79 22.60
CA TYR Y 100 68.51 -53.05 21.44
C TYR Y 100 67.77 -51.73 21.28
N TYR Y 101 66.45 -51.72 21.45
CA TYR Y 101 65.68 -50.49 21.26
C TYR Y 101 66.01 -49.46 22.34
N GLU Y 102 66.44 -49.89 23.52
CA GLU Y 102 66.80 -48.95 24.57
C GLU Y 102 68.06 -48.18 24.22
N LYS Y 103 69.03 -48.83 23.58
CA LYS Y 103 70.25 -48.18 23.20
C LYS Y 103 70.02 -47.22 22.02
N PRO Y 104 70.87 -46.21 21.87
CA PRO Y 104 70.73 -45.31 20.72
C PRO Y 104 70.95 -46.05 19.41
N PHE Y 105 70.33 -45.53 18.35
CA PHE Y 105 70.35 -46.22 17.06
C PHE Y 105 71.76 -46.29 16.49
N ASN Y 106 72.11 -47.46 15.98
CA ASN Y 106 73.38 -47.68 15.30
C ASN Y 106 73.11 -48.45 14.01
N PRO Y 107 73.26 -47.82 12.85
CA PRO Y 107 72.96 -48.53 11.60
C PRO Y 107 73.84 -49.74 11.34
N ASP Y 108 75.03 -49.79 11.95
CA ASP Y 108 75.95 -50.90 11.71
C ASP Y 108 75.49 -52.20 12.35
N GLY Y 109 74.48 -52.16 13.22
CA GLY Y 109 74.01 -53.33 13.93
C GLY Y 109 72.93 -54.14 13.24
N VAL Y 110 72.62 -53.84 11.98
CA VAL Y 110 71.55 -54.53 11.27
C VAL Y 110 72.06 -55.88 10.78
N THR Y 111 71.42 -56.95 11.24
CA THR Y 111 71.73 -58.30 10.79
C THR Y 111 70.84 -58.68 9.62
N PRO Y 112 71.32 -59.54 8.72
CA PRO Y 112 70.47 -59.98 7.60
C PRO Y 112 69.20 -60.67 8.08
N GLY Y 113 68.09 -60.33 7.45
CA GLY Y 113 66.80 -60.90 7.80
C GLY Y 113 66.15 -60.34 9.04
N SER Y 114 66.76 -59.33 9.67
CA SER Y 114 66.21 -58.78 10.91
C SER Y 114 65.00 -57.89 10.66
N TYR Y 115 64.93 -57.24 9.50
CA TYR Y 115 63.82 -56.35 9.21
C TYR Y 115 62.56 -57.17 8.96
N LYS Y 116 61.47 -56.79 9.63
CA LYS Y 116 60.22 -57.54 9.55
C LYS Y 116 59.04 -56.72 9.05
N GLY Y 117 58.92 -55.47 9.45
CA GLY Y 117 57.80 -54.66 9.02
C GLY Y 117 57.74 -53.35 9.79
N ILE Y 118 56.63 -52.64 9.59
CA ILE Y 118 56.39 -51.33 10.19
C ILE Y 118 55.11 -51.41 11.01
N SER Y 119 55.18 -50.95 12.25
CA SER Y 119 54.04 -50.95 13.16
C SER Y 119 53.73 -49.52 13.59
N GLN Y 120 52.44 -49.21 13.68
CA GLN Y 120 51.97 -47.90 14.10
C GLN Y 120 51.19 -48.04 15.40
N ILE Y 121 51.39 -47.09 16.31
CA ILE Y 121 50.84 -47.15 17.66
C ILE Y 121 50.00 -45.92 17.90
N ASP Y 122 48.78 -46.13 18.40
CA ASP Y 122 47.91 -45.02 18.75
C ASP Y 122 48.50 -44.22 19.91
N PRO Y 123 48.22 -42.92 19.99
CA PRO Y 123 48.85 -42.10 21.04
C PRO Y 123 48.53 -42.53 22.45
N TYR Y 124 47.34 -43.08 22.70
CA TYR Y 124 46.98 -43.46 24.06
C TYR Y 124 47.64 -44.76 24.51
N TRP Y 125 48.29 -45.50 23.60
CA TRP Y 125 49.09 -46.65 23.99
C TRP Y 125 50.52 -46.28 24.34
N ALA Y 126 50.93 -45.04 24.07
CA ALA Y 126 52.29 -44.60 24.31
C ALA Y 126 52.31 -43.45 25.32
N MET Y 127 53.43 -43.32 26.03
CA MET Y 127 53.59 -42.25 27.01
C MET Y 127 55.03 -41.73 26.98
N PRO Y 128 55.25 -40.52 26.49
CA PRO Y 128 56.62 -40.00 26.38
C PRO Y 128 57.23 -39.70 27.74
N GLN Y 129 58.55 -39.72 27.78
CA GLN Y 129 59.33 -39.47 28.99
C GLN Y 129 60.43 -38.47 28.72
N LEU Y 130 60.68 -37.59 29.68
CA LEU Y 130 61.72 -36.59 29.59
C LEU Y 130 62.85 -36.91 30.56
N THR Y 131 64.04 -36.38 30.26
CA THR Y 131 65.21 -36.52 31.11
C THR Y 131 65.76 -35.14 31.45
N ALA Y 132 66.90 -35.14 32.16
CA ALA Y 132 67.54 -33.89 32.52
C ALA Y 132 68.04 -33.15 31.28
N GLY Y 133 68.59 -33.88 30.31
CA GLY Y 133 69.12 -33.25 29.12
C GLY Y 133 68.06 -32.57 28.27
N SER Y 134 66.85 -33.14 28.23
CA SER Y 134 65.78 -32.54 27.45
C SER Y 134 65.38 -31.18 27.99
N THR Y 135 65.34 -31.02 29.31
CA THR Y 135 64.93 -29.78 29.96
C THR Y 135 66.12 -29.09 30.64
N ALA Y 136 67.29 -29.13 30.01
CA ALA Y 136 68.48 -28.56 30.60
C ALA Y 136 68.53 -27.05 30.42
N ASP Y 137 68.60 -26.59 29.17
CA ASP Y 137 68.70 -25.16 28.87
C ASP Y 137 68.24 -24.93 27.45
N PRO Y 138 67.60 -23.79 27.17
CA PRO Y 138 67.09 -23.54 25.81
C PRO Y 138 68.17 -23.50 24.74
N SER Y 139 69.43 -23.28 25.12
CA SER Y 139 70.50 -23.33 24.14
C SER Y 139 70.70 -24.73 23.57
N SER Y 140 70.24 -25.76 24.27
CA SER Y 140 70.32 -27.12 23.76
C SER Y 140 69.35 -27.32 22.61
N GLU Y 141 69.80 -28.02 21.57
CA GLU Y 141 68.97 -28.29 20.41
C GLU Y 141 67.88 -29.33 20.69
N HIS Y 142 67.91 -29.98 21.84
CA HIS Y 142 66.92 -30.99 22.18
C HIS Y 142 66.03 -30.53 23.34
N PHE Y 143 65.64 -29.26 23.31
CA PHE Y 143 64.84 -28.69 24.39
C PHE Y 143 63.36 -28.97 24.16
N TYR Y 144 62.76 -29.70 25.11
CA TYR Y 144 61.34 -30.06 25.08
C TYR Y 144 60.99 -30.95 23.89
N GLU Y 145 61.73 -32.03 23.71
CA GLU Y 145 61.27 -33.18 22.95
C GLU Y 145 61.79 -34.45 23.60
N PRO Y 146 60.94 -35.45 23.83
CA PRO Y 146 61.33 -36.57 24.68
C PRO Y 146 62.43 -37.43 24.07
N ASP Y 147 63.20 -38.08 24.95
CA ASP Y 147 64.19 -39.05 24.51
C ASP Y 147 63.59 -40.45 24.42
N PHE Y 148 62.72 -40.81 25.36
CA PHE Y 148 62.17 -42.16 25.44
C PHE Y 148 60.65 -42.12 25.43
N TRP Y 149 60.06 -43.05 24.69
CA TRP Y 149 58.62 -43.29 24.72
C TRP Y 149 58.35 -44.66 25.31
N ILE Y 150 57.47 -44.73 26.29
CA ILE Y 150 57.09 -45.98 26.94
C ILE Y 150 55.84 -46.51 26.25
N ILE Y 151 55.95 -47.70 25.67
CA ILE Y 151 54.83 -48.37 25.02
C ILE Y 151 54.64 -49.72 25.71
N SER Y 152 53.48 -49.89 26.35
CA SER Y 152 53.14 -51.13 27.05
C SER Y 152 54.18 -51.50 28.11
N GLY Y 153 54.72 -50.48 28.79
CA GLY Y 153 55.58 -50.71 29.92
C GLY Y 153 57.04 -50.97 29.61
N LYS Y 154 57.50 -50.66 28.40
CA LYS Y 154 58.91 -50.81 28.05
C LYS Y 154 59.40 -49.57 27.31
N LYS Y 155 60.72 -49.37 27.37
CA LYS Y 155 61.34 -48.12 26.94
C LYS Y 155 61.88 -48.25 25.52
N TYR Y 156 61.69 -47.20 24.72
CA TYR Y 156 62.24 -47.09 23.38
C TYR Y 156 62.94 -45.75 23.23
N HIS Y 157 64.08 -45.76 22.55
CA HIS Y 157 64.80 -44.51 22.34
C HIS Y 157 64.17 -43.70 21.21
N ARG Y 158 64.45 -42.39 21.22
CA ARG Y 158 63.87 -41.49 20.23
C ARG Y 158 64.38 -41.81 18.82
N SER Y 159 65.67 -42.13 18.69
CA SER Y 159 66.25 -42.34 17.37
C SER Y 159 65.61 -43.53 16.65
N HIS Y 160 65.24 -44.58 17.37
CA HIS Y 160 64.60 -45.73 16.75
C HIS Y 160 63.18 -45.44 16.28
N LEU Y 161 62.60 -44.32 16.69
CA LEU Y 161 61.21 -43.99 16.37
C LEU Y 161 61.13 -42.84 15.39
N VAL Y 162 60.06 -42.82 14.61
CA VAL Y 162 59.75 -41.73 13.69
C VAL Y 162 58.45 -41.10 14.15
N VAL Y 163 58.50 -39.83 14.52
CA VAL Y 163 57.35 -39.11 15.06
C VAL Y 163 57.04 -37.94 14.13
N VAL Y 164 55.76 -37.80 13.78
CA VAL Y 164 55.28 -36.74 12.90
C VAL Y 164 54.25 -35.94 13.66
N ARG Y 165 54.37 -34.61 13.60
CA ARG Y 165 53.48 -33.71 14.31
C ARG Y 165 52.88 -32.71 13.34
N GLY Y 166 51.73 -32.15 13.73
CA GLY Y 166 51.08 -31.13 12.94
C GLY Y 166 51.66 -29.77 13.24
N PRO Y 167 50.78 -28.80 13.52
CA PRO Y 167 51.27 -27.47 13.93
C PRO Y 167 52.08 -27.57 15.21
N GLN Y 168 53.13 -26.76 15.29
CA GLN Y 168 54.04 -26.84 16.43
C GLN Y 168 53.77 -25.67 17.37
N PRO Y 169 53.18 -25.90 18.53
CA PRO Y 169 52.92 -24.81 19.48
C PRO Y 169 54.22 -24.36 20.14
N PRO Y 170 54.22 -23.20 20.79
CA PRO Y 170 55.40 -22.76 21.52
C PRO Y 170 55.72 -23.70 22.68
N ASP Y 171 56.87 -23.43 23.32
CA ASP Y 171 57.37 -24.33 24.35
C ASP Y 171 56.42 -24.42 25.53
N ILE Y 172 55.80 -23.31 25.92
CA ILE Y 172 54.93 -23.32 27.09
C ILE Y 172 53.70 -24.18 26.87
N LEU Y 173 53.17 -24.21 25.65
CA LEU Y 173 51.97 -24.99 25.36
C LEU Y 173 52.26 -26.44 24.99
N LYS Y 174 53.52 -26.80 24.79
CA LYS Y 174 53.85 -28.18 24.45
C LYS Y 174 53.41 -29.18 25.52
N PRO Y 175 53.61 -28.95 26.83
CA PRO Y 175 53.09 -29.90 27.82
C PRO Y 175 51.58 -30.07 27.76
N THR Y 176 50.85 -29.02 27.41
CA THR Y 176 49.39 -29.14 27.32
C THR Y 176 48.98 -30.13 26.24
N TYR Y 177 49.63 -30.06 25.07
CA TYR Y 177 49.36 -30.97 23.97
C TYR Y 177 50.18 -32.24 24.04
N ILE Y 178 50.84 -32.50 25.16
CA ILE Y 178 51.64 -33.70 25.39
C ILE Y 178 52.72 -33.74 24.32
N PHE Y 179 53.43 -32.62 24.15
CA PHE Y 179 54.56 -32.52 23.24
C PHE Y 179 54.19 -32.98 21.83
N GLY Y 180 53.10 -32.41 21.32
CA GLY Y 180 52.60 -32.81 20.02
C GLY Y 180 51.90 -31.72 19.24
N GLY Y 181 51.39 -32.07 18.05
CA GLY Y 181 50.71 -31.13 17.21
C GLY Y 181 49.29 -30.84 17.68
N ILE Y 182 48.61 -29.97 16.93
CA ILE Y 182 47.26 -29.55 17.24
C ILE Y 182 46.30 -30.37 16.37
N PRO Y 183 45.38 -31.12 16.96
CA PRO Y 183 44.46 -31.94 16.16
C PRO Y 183 43.55 -31.08 15.29
N LEU Y 184 43.20 -31.63 14.12
CA LEU Y 184 42.27 -30.96 13.23
C LEU Y 184 40.83 -31.06 13.73
N THR Y 185 40.52 -32.10 14.51
CA THR Y 185 39.15 -32.32 14.97
C THR Y 185 38.68 -31.16 15.85
N GLN Y 186 39.52 -30.70 16.77
CA GLN Y 186 39.12 -29.57 17.60
C GLN Y 186 39.01 -28.29 16.80
N ARG Y 187 39.66 -28.23 15.63
CA ARG Y 187 39.59 -27.05 14.78
C ARG Y 187 38.44 -27.11 13.77
N ILE Y 188 37.78 -28.25 13.63
CA ILE Y 188 36.74 -28.38 12.61
C ILE Y 188 35.39 -28.83 13.16
N TYR Y 189 35.32 -29.37 14.39
CA TYR Y 189 34.10 -30.02 14.84
C TYR Y 189 32.95 -29.03 15.03
N GLU Y 190 33.22 -27.87 15.62
CA GLU Y 190 32.14 -26.93 15.88
C GLU Y 190 31.56 -26.38 14.58
N ARG Y 191 32.41 -26.07 13.61
CA ARG Y 191 31.93 -25.57 12.32
C ARG Y 191 31.17 -26.66 11.57
N VAL Y 192 31.65 -27.90 11.65
CA VAL Y 192 30.93 -29.00 11.00
C VAL Y 192 29.55 -29.16 11.62
N TYR Y 193 29.46 -29.09 12.95
CA TYR Y 193 28.16 -29.21 13.60
C TYR Y 193 27.23 -28.06 13.19
N ALA Y 194 27.76 -26.84 13.16
CA ALA Y 194 26.93 -25.71 12.77
C ALA Y 194 26.39 -25.88 11.35
N ALA Y 195 27.25 -26.25 10.41
CA ALA Y 195 26.81 -26.43 9.03
C ALA Y 195 25.79 -27.55 8.92
N GLU Y 196 26.03 -28.68 9.59
CA GLU Y 196 25.12 -29.81 9.48
C GLU Y 196 23.76 -29.49 10.08
N ARG Y 197 23.73 -28.86 11.25
CA ARG Y 197 22.45 -28.52 11.88
C ARG Y 197 21.71 -27.49 11.05
N THR Y 198 22.41 -26.50 10.50
CA THR Y 198 21.76 -25.51 9.64
C THR Y 198 21.15 -26.18 8.41
N ALA Y 199 21.88 -27.11 7.79
CA ALA Y 199 21.34 -27.82 6.65
C ALA Y 199 20.12 -28.65 7.04
N ASN Y 200 20.16 -29.30 8.20
CA ASN Y 200 19.05 -30.14 8.62
C ASN Y 200 17.82 -29.33 8.99
N GLU Y 201 18.00 -28.07 9.41
CA GLU Y 201 16.87 -27.28 9.87
C GLU Y 201 15.87 -26.99 8.75
N ALA Y 202 16.34 -26.72 7.55
CA ALA Y 202 15.46 -26.24 6.48
C ALA Y 202 14.34 -27.20 6.11
N PRO Y 203 14.58 -28.50 5.90
CA PRO Y 203 13.46 -29.38 5.54
C PRO Y 203 12.38 -29.45 6.60
N LEU Y 204 12.74 -29.29 7.87
CA LEU Y 204 11.73 -29.31 8.93
C LEU Y 204 10.76 -28.13 8.79
N LEU Y 205 11.31 -26.93 8.62
CA LEU Y 205 10.45 -25.77 8.39
C LEU Y 205 9.67 -25.90 7.09
N ALA Y 206 10.25 -26.55 6.08
CA ALA Y 206 9.49 -26.83 4.86
C ALA Y 206 8.30 -27.72 5.16
N MET Y 207 8.49 -28.72 6.02
CA MET Y 207 7.39 -29.59 6.43
C MET Y 207 6.33 -28.81 7.18
N SER Y 208 6.73 -27.86 8.02
CA SER Y 208 5.80 -27.07 8.83
C SER Y 208 5.57 -25.68 8.24
N LYS Y 209 5.50 -25.58 6.90
CA LYS Y 209 5.46 -24.27 6.25
C LYS Y 209 4.13 -23.56 6.50
N ARG Y 210 3.01 -24.25 6.32
CA ARG Y 210 1.69 -23.63 6.29
C ARG Y 210 0.93 -23.95 7.58
N THR Y 211 0.28 -22.94 8.13
CA THR Y 211 -0.53 -23.07 9.34
C THR Y 211 -1.91 -22.51 9.07
N SER Y 212 -2.95 -23.24 9.45
CA SER Y 212 -4.34 -22.84 9.24
C SER Y 212 -5.08 -22.80 10.57
N THR Y 213 -5.87 -21.74 10.76
CA THR Y 213 -6.65 -21.58 11.97
C THR Y 213 -8.06 -21.10 11.61
N ILE Y 214 -9.03 -21.48 12.45
CA ILE Y 214 -10.40 -21.01 12.33
C ILE Y 214 -10.90 -20.64 13.72
N HIS Y 215 -11.71 -19.58 13.80
CA HIS Y 215 -12.30 -19.12 15.05
C HIS Y 215 -13.76 -19.54 15.08
N VAL Y 216 -14.15 -20.27 16.11
CA VAL Y 216 -15.52 -20.71 16.31
C VAL Y 216 -15.92 -20.43 17.76
N ASP Y 217 -17.18 -20.74 18.07
CA ASP Y 217 -17.67 -20.64 19.46
C ASP Y 217 -17.31 -21.94 20.15
N VAL Y 218 -16.16 -21.93 20.84
CA VAL Y 218 -15.65 -23.14 21.47
C VAL Y 218 -16.60 -23.66 22.53
N GLU Y 219 -17.36 -22.77 23.16
CA GLU Y 219 -18.31 -23.19 24.19
C GLU Y 219 -19.32 -24.19 23.62
N LYS Y 220 -19.94 -23.85 22.49
CA LYS Y 220 -20.86 -24.79 21.85
C LYS Y 220 -20.15 -26.05 21.38
N ALA Y 221 -18.90 -25.92 20.93
CA ALA Y 221 -18.16 -27.09 20.47
C ALA Y 221 -17.95 -28.08 21.60
N ILE Y 222 -17.58 -27.60 22.79
CA ILE Y 222 -17.42 -28.49 23.93
C ILE Y 222 -18.74 -28.89 24.57
N ALA Y 223 -19.83 -28.19 24.23
CA ALA Y 223 -21.14 -28.62 24.71
C ALA Y 223 -21.45 -30.04 24.28
N ASN Y 224 -21.29 -30.32 22.98
CA ASN Y 224 -21.46 -31.69 22.46
C ASN Y 224 -20.45 -31.89 21.33
N GLU Y 225 -19.28 -32.42 21.68
CA GLU Y 225 -18.24 -32.75 20.72
C GLU Y 225 -18.49 -34.18 20.22
N GLU Y 226 -17.47 -34.80 19.61
CA GLU Y 226 -17.44 -36.11 18.96
C GLU Y 226 -18.41 -36.16 17.80
N ALA Y 227 -19.04 -35.03 17.49
CA ALA Y 227 -19.65 -34.76 16.20
C ALA Y 227 -18.94 -33.64 15.47
N PHE Y 228 -18.57 -32.58 16.21
CA PHE Y 228 -17.68 -31.56 15.67
C PHE Y 228 -16.35 -32.18 15.23
N ASN Y 229 -15.79 -33.05 16.06
CA ASN Y 229 -14.54 -33.72 15.69
C ASN Y 229 -14.72 -34.58 14.45
N ALA Y 230 -15.85 -35.28 14.35
CA ALA Y 230 -16.10 -36.11 13.18
C ALA Y 230 -16.19 -35.27 11.91
N ARG Y 231 -16.92 -34.15 11.97
CA ARG Y 231 -17.05 -33.30 10.80
C ARG Y 231 -15.70 -32.71 10.39
N LEU Y 232 -14.92 -32.25 11.38
CA LEU Y 232 -13.61 -31.68 11.06
C LEU Y 232 -12.67 -32.75 10.48
N ALA Y 233 -12.73 -33.97 11.02
CA ALA Y 233 -11.93 -35.05 10.48
C ALA Y 233 -12.33 -35.38 9.05
N PHE Y 234 -13.64 -35.35 8.76
CA PHE Y 234 -14.09 -35.55 7.39
C PHE Y 234 -13.53 -34.47 6.47
N TRP Y 235 -13.56 -33.22 6.93
CA TRP Y 235 -13.02 -32.13 6.11
C TRP Y 235 -11.52 -32.35 5.84
N ILE Y 236 -10.77 -32.72 6.87
CA ILE Y 236 -9.33 -32.93 6.68
C ILE Y 236 -9.07 -34.10 5.75
N ALA Y 237 -9.86 -35.17 5.88
CA ALA Y 237 -9.66 -36.34 5.03
C ALA Y 237 -9.95 -36.03 3.58
N ASN Y 238 -11.00 -35.26 3.30
CA ASN Y 238 -11.40 -34.97 1.93
C ASN Y 238 -11.01 -33.57 1.48
N ARG Y 239 -9.92 -33.02 2.03
CA ARG Y 239 -9.51 -31.67 1.68
C ARG Y 239 -8.71 -31.65 0.39
N ASP Y 240 -9.04 -30.68 -0.47
CA ASP Y 240 -8.33 -30.45 -1.72
C ASP Y 240 -8.88 -29.15 -2.31
N ASN Y 241 -8.36 -28.78 -3.47
CA ASN Y 241 -8.94 -27.68 -4.22
C ASN Y 241 -10.23 -28.16 -4.89
N HIS Y 242 -11.02 -27.19 -5.37
CA HIS Y 242 -12.37 -27.37 -5.91
C HIS Y 242 -13.39 -27.69 -4.84
N GLY Y 243 -12.99 -27.72 -3.57
CA GLY Y 243 -13.91 -27.94 -2.48
C GLY Y 243 -14.27 -26.64 -1.77
N VAL Y 244 -15.46 -26.60 -1.19
CA VAL Y 244 -15.97 -25.41 -0.53
C VAL Y 244 -16.23 -25.75 0.94
N LYS Y 245 -15.82 -24.84 1.82
CA LYS Y 245 -16.06 -24.97 3.25
C LYS Y 245 -17.13 -23.98 3.67
N VAL Y 246 -18.14 -24.46 4.39
CA VAL Y 246 -19.26 -23.65 4.83
C VAL Y 246 -19.06 -23.31 6.30
N LEU Y 247 -19.18 -22.03 6.63
CA LEU Y 247 -18.97 -21.55 7.99
C LEU Y 247 -20.13 -20.63 8.37
N GLY Y 248 -20.22 -20.35 9.68
CA GLY Y 248 -21.22 -19.44 10.18
C GLY Y 248 -20.83 -17.99 9.93
N ILE Y 249 -21.79 -17.10 10.21
CA ILE Y 249 -21.58 -15.68 9.96
C ILE Y 249 -20.65 -15.05 10.98
N ASP Y 250 -20.47 -15.67 12.14
CA ASP Y 250 -19.59 -15.15 13.17
C ASP Y 250 -18.24 -15.86 13.24
N GLU Y 251 -17.97 -16.75 12.30
CA GLU Y 251 -16.70 -17.46 12.27
C GLU Y 251 -15.72 -16.79 11.31
N GLY Y 252 -14.49 -17.29 11.30
CA GLY Y 252 -13.48 -16.78 10.39
C GLY Y 252 -12.31 -17.72 10.33
N MET Y 253 -11.58 -17.67 9.21
CA MET Y 253 -10.43 -18.52 8.99
C MET Y 253 -9.27 -17.71 8.47
N GLU Y 254 -8.08 -17.96 9.03
CA GLU Y 254 -6.85 -17.29 8.62
C GLU Y 254 -5.81 -18.32 8.25
N GLN Y 255 -4.91 -17.94 7.34
CA GLN Y 255 -3.85 -18.81 6.87
C GLN Y 255 -2.53 -18.08 6.99
N PHE Y 256 -1.48 -18.83 7.30
CA PHE Y 256 -0.14 -18.28 7.52
C PHE Y 256 0.87 -19.12 6.77
N ASP Y 257 1.99 -18.49 6.40
CA ASP Y 257 3.05 -19.17 5.68
C ASP Y 257 4.39 -18.55 6.03
N THR Y 258 5.46 -19.27 5.71
CA THR Y 258 6.81 -18.88 6.07
C THR Y 258 7.68 -18.80 4.82
N ASN Y 259 8.53 -17.78 4.75
CA ASN Y 259 9.44 -17.60 3.63
C ASN Y 259 10.74 -18.34 3.91
N LEU Y 260 11.15 -19.20 2.97
CA LEU Y 260 12.32 -20.05 3.12
C LEU Y 260 13.32 -19.82 1.99
N ALA Y 261 13.58 -18.55 1.67
CA ALA Y 261 14.45 -18.19 0.55
C ALA Y 261 15.81 -17.69 1.01
N ASP Y 262 16.22 -18.01 2.25
CA ASP Y 262 17.47 -17.51 2.80
C ASP Y 262 18.44 -18.60 3.24
N PHE Y 263 18.00 -19.85 3.33
CA PHE Y 263 18.84 -20.89 3.92
C PHE Y 263 20.02 -21.27 3.04
N ASP Y 264 19.86 -21.18 1.72
CA ASP Y 264 20.90 -21.67 0.82
C ASP Y 264 22.20 -20.90 1.01
N SER Y 265 22.12 -19.57 1.12
CA SER Y 265 23.33 -18.78 1.29
C SER Y 265 24.04 -19.14 2.59
N ILE Y 266 23.29 -19.31 3.67
CA ILE Y 266 23.89 -19.65 4.96
C ILE Y 266 24.59 -21.00 4.87
N ILE Y 267 23.90 -21.99 4.29
CA ILE Y 267 24.48 -23.34 4.19
C ILE Y 267 25.75 -23.31 3.35
N MET Y 268 25.70 -22.62 2.21
CA MET Y 268 26.86 -22.57 1.33
C MET Y 268 28.03 -21.85 1.98
N ASN Y 269 27.76 -20.76 2.71
CA ASN Y 269 28.85 -20.07 3.41
C ASN Y 269 29.47 -20.97 4.48
N GLN Y 270 28.64 -21.69 5.23
CA GLN Y 270 29.18 -22.59 6.24
C GLN Y 270 30.04 -23.68 5.61
N TYR Y 271 29.59 -24.25 4.50
CA TYR Y 271 30.37 -25.30 3.85
C TYR Y 271 31.65 -24.76 3.24
N GLN Y 272 31.61 -23.53 2.71
CA GLN Y 272 32.83 -22.90 2.20
C GLN Y 272 33.84 -22.70 3.33
N LEU Y 273 33.38 -22.25 4.50
CA LEU Y 273 34.28 -22.11 5.64
C LEU Y 273 34.85 -23.46 6.07
N VAL Y 274 34.00 -24.50 6.07
CA VAL Y 274 34.46 -25.84 6.45
C VAL Y 274 35.57 -26.30 5.50
N ALA Y 275 35.36 -26.11 4.19
CA ALA Y 275 36.39 -26.47 3.24
C ALA Y 275 37.65 -25.61 3.40
N ALA Y 276 37.47 -24.35 3.83
CA ALA Y 276 38.62 -23.49 4.07
C ALA Y 276 39.48 -24.02 5.22
N ILE Y 277 38.83 -24.51 6.28
CA ILE Y 277 39.57 -25.00 7.44
C ILE Y 277 40.45 -26.18 7.06
N ALA Y 278 39.93 -27.10 6.26
CA ALA Y 278 40.63 -28.32 5.90
C ALA Y 278 41.72 -28.10 4.85
N LYS Y 279 41.89 -26.86 4.36
CA LYS Y 279 42.90 -26.55 3.34
C LYS Y 279 42.71 -27.41 2.09
N THR Y 280 41.44 -27.64 1.74
CA THR Y 280 41.08 -28.44 0.58
C THR Y 280 40.00 -27.71 -0.19
N PRO Y 281 40.08 -27.66 -1.52
CA PRO Y 281 39.02 -27.00 -2.30
C PRO Y 281 37.67 -27.65 -2.08
N ALA Y 282 36.63 -26.81 -2.04
CA ALA Y 282 35.27 -27.32 -1.83
C ALA Y 282 34.81 -28.22 -2.96
N THR Y 283 35.41 -28.09 -4.15
CA THR Y 283 35.02 -28.91 -5.28
C THR Y 283 35.32 -30.38 -5.08
N LYS Y 284 36.12 -30.73 -4.07
CA LYS Y 284 36.38 -32.13 -3.73
C LYS Y 284 35.58 -32.58 -2.52
N LEU Y 285 35.39 -31.71 -1.53
CA LEU Y 285 34.60 -32.06 -0.36
C LEU Y 285 33.13 -32.23 -0.70
N LEU Y 286 32.56 -31.26 -1.42
CA LEU Y 286 31.16 -31.31 -1.78
C LEU Y 286 30.93 -31.79 -3.21
N GLY Y 287 31.93 -31.68 -4.07
CA GLY Y 287 31.81 -32.08 -5.46
C GLY Y 287 31.53 -30.95 -6.42
N THR Y 288 31.15 -29.78 -5.93
CA THR Y 288 30.88 -28.63 -6.79
C THR Y 288 31.12 -27.36 -5.98
N SER Y 289 31.40 -26.27 -6.69
CA SER Y 289 31.58 -24.99 -6.02
C SER Y 289 30.26 -24.56 -5.37
N PRO Y 290 30.31 -23.91 -4.21
CA PRO Y 290 29.08 -23.51 -3.53
C PRO Y 290 28.32 -22.45 -4.32
N LYS Y 291 27.08 -22.22 -3.88
CA LYS Y 291 26.20 -21.28 -4.56
C LYS Y 291 26.80 -19.88 -4.55
N GLY Y 292 26.80 -19.23 -5.72
CA GLY Y 292 27.20 -17.84 -5.81
C GLY Y 292 28.69 -17.57 -5.83
N PHE Y 293 29.51 -18.60 -5.76
CA PHE Y 293 30.96 -18.43 -5.78
C PHE Y 293 31.48 -18.64 -7.19
N ASN Y 294 32.52 -17.88 -7.56
CA ASN Y 294 33.10 -18.01 -8.88
C ASN Y 294 33.70 -19.40 -9.08
N ALA Y 295 33.41 -19.99 -10.22
CA ALA Y 295 33.78 -21.37 -10.51
C ALA Y 295 34.93 -21.47 -11.51
N THR Y 296 35.89 -20.55 -11.42
CA THR Y 296 37.06 -20.62 -12.29
C THR Y 296 37.88 -21.87 -12.00
N GLY Y 297 38.24 -22.08 -10.74
CA GLY Y 297 38.88 -23.30 -10.31
C GLY Y 297 40.29 -23.52 -10.82
N GLU Y 298 40.88 -22.56 -11.52
CA GLU Y 298 42.24 -22.74 -12.04
C GLU Y 298 43.27 -22.70 -10.91
N HIS Y 299 43.16 -21.69 -10.03
CA HIS Y 299 44.16 -21.50 -8.99
C HIS Y 299 43.99 -22.48 -7.84
N GLU Y 300 42.77 -22.98 -7.61
CA GLU Y 300 42.55 -23.93 -6.53
C GLU Y 300 43.29 -25.24 -6.78
N THR Y 301 43.30 -25.70 -8.02
CA THR Y 301 44.06 -26.91 -8.35
C THR Y 301 45.55 -26.70 -8.12
N ILE Y 302 46.07 -25.54 -8.50
CA ILE Y 302 47.48 -25.24 -8.27
C ILE Y 302 47.81 -25.24 -6.78
N SER Y 303 46.96 -24.60 -5.98
CA SER Y 303 47.19 -24.57 -4.54
C SER Y 303 47.11 -25.96 -3.94
N TYR Y 304 46.15 -26.77 -4.38
CA TYR Y 304 46.02 -28.13 -3.84
C TYR Y 304 47.22 -28.98 -4.22
N HIS Y 305 47.71 -28.85 -5.45
CA HIS Y 305 48.89 -29.60 -5.86
C HIS Y 305 50.13 -29.14 -5.09
N GLU Y 306 50.25 -27.84 -4.84
CA GLU Y 306 51.35 -27.33 -4.04
C GLU Y 306 51.32 -27.92 -2.63
N GLU Y 307 50.14 -27.93 -2.01
CA GLU Y 307 50.02 -28.51 -0.67
C GLU Y 307 50.30 -30.00 -0.70
N LEU Y 308 49.85 -30.70 -1.75
CA LEU Y 308 50.09 -32.14 -1.85
C LEU Y 308 51.58 -32.45 -1.97
N GLU Y 309 52.30 -31.67 -2.77
CA GLU Y 309 53.73 -31.91 -2.89
C GLU Y 309 54.47 -31.52 -1.61
N SER Y 310 53.97 -30.52 -0.88
CA SER Y 310 54.53 -30.23 0.43
C SER Y 310 54.35 -31.40 1.39
N ILE Y 311 53.16 -32.00 1.39
CA ILE Y 311 52.90 -33.17 2.22
C ILE Y 311 53.83 -34.32 1.83
N GLN Y 312 53.99 -34.55 0.53
CA GLN Y 312 54.89 -35.60 0.06
C GLN Y 312 56.31 -35.35 0.54
N GLU Y 313 56.76 -34.10 0.48
CA GLU Y 313 58.12 -33.77 0.91
C GLU Y 313 58.29 -33.95 2.41
N HIS Y 314 57.25 -33.64 3.19
CA HIS Y 314 57.42 -33.56 4.64
C HIS Y 314 57.08 -34.86 5.35
N ILE Y 315 55.86 -35.36 5.17
CA ILE Y 315 55.38 -36.47 5.99
C ILE Y 315 55.98 -37.79 5.54
N PHE Y 316 55.79 -38.16 4.27
CA PHE Y 316 56.13 -39.49 3.81
C PHE Y 316 57.64 -39.70 3.65
N ASP Y 317 58.38 -38.62 3.41
CA ASP Y 317 59.79 -38.77 3.02
C ASP Y 317 60.66 -39.44 4.08
N PRO Y 318 60.66 -39.01 5.35
CA PRO Y 318 61.63 -39.61 6.29
C PRO Y 318 61.33 -41.05 6.63
N LEU Y 319 60.06 -41.40 6.85
CA LEU Y 319 59.70 -42.78 7.14
C LEU Y 319 60.14 -43.71 6.02
N LEU Y 320 59.81 -43.36 4.78
CA LEU Y 320 60.16 -44.20 3.65
C LEU Y 320 61.67 -44.25 3.43
N GLU Y 321 62.36 -43.13 3.68
CA GLU Y 321 63.81 -43.12 3.56
C GLU Y 321 64.45 -44.09 4.54
N ARG Y 322 64.02 -44.04 5.81
CA ARG Y 322 64.56 -44.96 6.81
C ARG Y 322 64.20 -46.40 6.47
N HIS Y 323 62.98 -46.62 5.96
CA HIS Y 323 62.56 -47.97 5.59
C HIS Y 323 63.46 -48.54 4.50
N TYR Y 324 63.74 -47.75 3.46
CA TYR Y 324 64.61 -48.24 2.39
C TYR Y 324 66.05 -48.40 2.88
N LEU Y 325 66.49 -47.54 3.80
CA LEU Y 325 67.81 -47.73 4.39
C LEU Y 325 67.92 -49.08 5.09
N LEU Y 326 66.95 -49.40 5.93
CA LEU Y 326 66.97 -50.68 6.64
C LEU Y 326 66.79 -51.85 5.69
N LEU Y 327 65.99 -51.68 4.64
CA LEU Y 327 65.84 -52.75 3.64
C LEU Y 327 67.15 -53.02 2.93
N ALA Y 328 67.88 -51.96 2.57
CA ALA Y 328 69.18 -52.14 1.92
C ALA Y 328 70.18 -52.79 2.85
N LYS Y 329 70.18 -52.38 4.13
CA LYS Y 329 71.15 -52.95 5.06
C LYS Y 329 70.84 -54.41 5.38
N SER Y 330 69.55 -54.75 5.52
CA SER Y 330 69.17 -56.11 5.87
C SER Y 330 69.37 -57.07 4.70
N GLU Y 331 68.95 -56.67 3.51
CA GLU Y 331 69.07 -57.52 2.34
C GLU Y 331 70.47 -57.52 1.74
N GLU Y 332 71.37 -56.71 2.28
CA GLU Y 332 72.79 -56.71 1.89
C GLU Y 332 72.96 -56.34 0.41
N ILE Y 333 72.52 -55.14 0.08
CA ILE Y 333 72.69 -54.57 -1.26
C ILE Y 333 73.70 -53.43 -1.15
N ASP Y 334 74.81 -53.56 -1.87
CA ASP Y 334 75.90 -52.58 -1.79
C ASP Y 334 75.67 -51.40 -2.73
N VAL Y 335 74.48 -50.81 -2.66
CA VAL Y 335 74.12 -49.65 -3.47
C VAL Y 335 73.35 -48.67 -2.62
N GLN Y 336 73.69 -47.39 -2.72
CA GLN Y 336 72.92 -46.33 -2.07
C GLN Y 336 71.80 -45.90 -3.00
N LEU Y 337 70.59 -45.78 -2.45
CA LEU Y 337 69.40 -45.50 -3.26
C LEU Y 337 68.68 -44.27 -2.73
N GLU Y 338 68.06 -43.53 -3.65
CA GLU Y 338 67.27 -42.36 -3.31
C GLU Y 338 65.90 -42.43 -3.98
N ILE Y 339 65.12 -41.36 -3.91
CA ILE Y 339 63.72 -41.38 -4.31
C ILE Y 339 63.46 -40.23 -5.28
N VAL Y 340 62.73 -40.53 -6.35
CA VAL Y 340 62.23 -39.53 -7.28
C VAL Y 340 60.70 -39.60 -7.28
N TRP Y 341 60.06 -38.45 -7.20
CA TRP Y 341 58.62 -38.37 -7.06
C TRP Y 341 57.97 -38.09 -8.42
N ASN Y 342 56.91 -38.84 -8.73
CA ASN Y 342 56.16 -38.62 -9.94
C ASN Y 342 55.36 -37.33 -9.85
N PRO Y 343 54.96 -36.75 -10.99
CA PRO Y 343 54.16 -35.52 -10.95
C PRO Y 343 52.85 -35.74 -10.20
N VAL Y 344 52.43 -34.71 -9.47
CA VAL Y 344 51.27 -34.86 -8.60
C VAL Y 344 49.96 -34.69 -9.36
N ASP Y 345 49.96 -33.96 -10.47
CA ASP Y 345 48.74 -33.74 -11.21
C ASP Y 345 48.25 -35.03 -11.86
N SER Y 346 46.94 -35.11 -12.05
CA SER Y 346 46.31 -36.25 -12.72
C SER Y 346 45.74 -35.80 -14.06
N THR Y 347 45.96 -36.60 -15.09
CA THR Y 347 45.58 -36.25 -16.44
C THR Y 347 44.82 -37.39 -17.10
N SER Y 348 43.94 -37.02 -18.02
CA SER Y 348 43.17 -37.96 -18.83
C SER Y 348 43.92 -38.23 -20.13
N SER Y 349 43.28 -38.94 -21.06
CA SER Y 349 43.97 -39.40 -22.27
C SER Y 349 44.36 -38.23 -23.17
N GLN Y 350 43.46 -37.28 -23.38
CA GLN Y 350 43.66 -36.27 -24.43
C GLN Y 350 44.86 -35.38 -24.12
N GLN Y 351 44.86 -34.72 -22.97
CA GLN Y 351 45.96 -33.83 -22.63
C GLN Y 351 47.24 -34.62 -22.35
N GLN Y 352 47.13 -35.88 -21.94
CA GLN Y 352 48.32 -36.71 -21.83
C GLN Y 352 48.99 -36.90 -23.19
N ALA Y 353 48.21 -37.25 -24.21
CA ALA Y 353 48.75 -37.40 -25.55
C ALA Y 353 49.30 -36.09 -26.08
N GLU Y 354 48.59 -34.99 -25.82
CA GLU Y 354 49.09 -33.69 -26.25
C GLU Y 354 50.38 -33.31 -25.52
N LEU Y 355 50.51 -33.72 -24.26
CA LEU Y 355 51.74 -33.51 -23.52
C LEU Y 355 52.90 -34.29 -24.13
N ASN Y 356 52.65 -35.55 -24.49
CA ASN Y 356 53.70 -36.35 -25.11
C ASN Y 356 54.11 -35.78 -26.46
N ASN Y 357 53.14 -35.28 -27.23
CA ASN Y 357 53.45 -34.74 -28.55
C ASN Y 357 54.35 -33.51 -28.45
N LYS Y 358 54.08 -32.63 -27.48
CA LYS Y 358 54.88 -31.42 -27.34
C LYS Y 358 56.32 -31.76 -26.97
N LYS Y 359 56.51 -32.77 -26.11
CA LYS Y 359 57.86 -33.17 -25.72
C LYS Y 359 58.62 -33.78 -26.89
N ALA Y 360 57.90 -34.38 -27.85
CA ALA Y 360 58.56 -34.96 -29.01
C ALA Y 360 59.26 -33.89 -29.85
N ALA Y 361 58.63 -32.73 -29.99
CA ALA Y 361 59.26 -31.65 -30.74
C ALA Y 361 60.56 -31.19 -30.07
N THR Y 362 60.56 -31.10 -28.74
CA THR Y 362 61.78 -30.74 -28.03
C THR Y 362 62.87 -31.78 -28.23
N ASP Y 363 62.48 -33.05 -28.31
CA ASP Y 363 63.46 -34.10 -28.57
C ASP Y 363 64.08 -33.96 -29.96
N GLU Y 364 63.26 -33.64 -30.97
CA GLU Y 364 63.76 -33.58 -32.34
C GLU Y 364 64.68 -32.38 -32.54
N ILE Y 365 64.39 -31.25 -31.91
CA ILE Y 365 65.19 -30.05 -32.13
C ILE Y 365 66.57 -30.22 -31.51
N TYR Y 366 66.67 -30.89 -30.37
CA TYR Y 366 67.96 -31.05 -29.71
C TYR Y 366 68.83 -32.07 -30.41
N ILE Y 367 68.25 -33.19 -30.85
CA ILE Y 367 69.05 -34.24 -31.48
C ILE Y 367 69.64 -33.75 -32.80
N ASN Y 368 68.91 -32.90 -33.53
CA ASN Y 368 69.44 -32.38 -34.78
C ASN Y 368 70.63 -31.47 -34.56
N SER Y 369 70.70 -30.78 -33.42
CA SER Y 369 71.80 -29.90 -33.11
C SER Y 369 72.88 -30.57 -32.27
N GLY Y 370 72.70 -31.83 -31.90
CA GLY Y 370 73.71 -32.55 -31.16
C GLY Y 370 73.73 -32.30 -29.66
N VAL Y 371 72.67 -31.71 -29.10
CA VAL Y 371 72.65 -31.42 -27.68
C VAL Y 371 72.55 -32.72 -26.87
N VAL Y 372 71.72 -33.65 -27.33
CA VAL Y 372 71.47 -34.90 -26.62
C VAL Y 372 71.75 -36.07 -27.56
N SER Y 373 72.01 -37.23 -26.96
CA SER Y 373 72.29 -38.46 -27.69
C SER Y 373 71.03 -39.28 -27.85
N PRO Y 374 70.92 -40.04 -28.94
CA PRO Y 374 69.67 -40.81 -29.17
C PRO Y 374 69.34 -41.80 -28.07
N ASP Y 375 70.34 -42.37 -27.40
CA ASP Y 375 70.05 -43.31 -26.31
C ASP Y 375 69.48 -42.60 -25.10
N GLU Y 376 69.95 -41.38 -24.81
CA GLU Y 376 69.54 -40.69 -23.60
C GLU Y 376 68.04 -40.41 -23.59
N VAL Y 377 67.50 -39.98 -24.73
CA VAL Y 377 66.05 -39.79 -24.81
C VAL Y 377 65.33 -41.14 -24.77
N ARG Y 378 65.91 -42.17 -25.40
CA ARG Y 378 65.29 -43.48 -25.38
C ARG Y 378 65.22 -44.04 -23.96
N GLU Y 379 66.29 -43.89 -23.19
CA GLU Y 379 66.31 -44.44 -21.84
C GLU Y 379 65.35 -43.68 -20.92
N ARG Y 380 65.33 -42.35 -21.02
CA ARG Y 380 64.36 -41.59 -20.22
C ARG Y 380 62.93 -41.93 -20.63
N LEU Y 381 62.74 -42.32 -21.90
CA LEU Y 381 61.43 -42.75 -22.35
C LEU Y 381 61.02 -44.05 -21.68
N ARG Y 382 61.99 -44.88 -21.32
CA ARG Y 382 61.68 -46.13 -20.65
C ARG Y 382 61.26 -45.90 -19.19
N ASP Y 383 61.94 -44.99 -18.51
CA ASP Y 383 61.65 -44.73 -17.10
C ASP Y 383 60.42 -43.87 -16.89
N ASP Y 384 59.97 -43.16 -17.92
CA ASP Y 384 58.79 -42.30 -17.79
C ASP Y 384 57.55 -43.16 -17.67
N PRO Y 385 56.77 -43.05 -16.59
CA PRO Y 385 55.55 -43.88 -16.46
C PRO Y 385 54.42 -43.39 -17.36
N ARG Y 386 54.32 -42.07 -17.52
CA ARG Y 386 53.27 -41.51 -18.37
C ARG Y 386 53.54 -41.75 -19.85
N SER Y 387 54.79 -42.06 -20.21
CA SER Y 387 55.11 -42.37 -21.60
C SER Y 387 54.45 -43.68 -22.01
N GLY Y 388 53.97 -43.73 -23.26
CA GLY Y 388 53.28 -44.92 -23.73
C GLY Y 388 54.20 -46.13 -23.83
N TYR Y 389 55.44 -45.91 -24.26
CA TYR Y 389 56.37 -47.01 -24.49
C TYR Y 389 56.86 -47.57 -23.15
N ASN Y 390 56.46 -48.80 -22.85
CA ASN Y 390 56.92 -49.48 -21.65
C ASN Y 390 57.29 -50.94 -21.88
N ARG Y 391 57.14 -51.47 -23.09
CA ARG Y 391 57.55 -52.82 -23.43
C ARG Y 391 58.83 -52.84 -24.26
N LEU Y 392 59.68 -51.84 -24.08
CA LEU Y 392 60.90 -51.72 -24.87
C LEU Y 392 61.87 -52.85 -24.54
N THR Y 393 62.70 -53.19 -25.52
CA THR Y 393 63.68 -54.26 -25.36
C THR Y 393 64.89 -53.76 -24.56
N ASP Y 394 65.88 -54.63 -24.42
CA ASP Y 394 67.09 -54.32 -23.67
C ASP Y 394 68.18 -53.78 -24.57
N ASP Y 395 67.90 -53.59 -25.86
CA ASP Y 395 68.90 -53.13 -26.81
C ASP Y 395 69.30 -51.69 -26.51
N GLN Y 396 70.46 -51.30 -27.03
CA GLN Y 396 71.02 -49.97 -26.83
C GLN Y 396 71.12 -49.24 -28.17
N ALA Y 397 70.78 -47.96 -28.15
CA ALA Y 397 70.76 -47.13 -29.34
C ALA Y 397 72.07 -46.35 -29.47
N GLU Y 398 72.11 -45.44 -30.44
CA GLU Y 398 73.33 -44.69 -30.70
C GLU Y 398 73.69 -43.80 -29.52
N THR Y 399 74.99 -43.65 -29.26
CA THR Y 399 75.47 -42.96 -28.06
C THR Y 399 76.08 -41.60 -28.34
N GLU Y 400 76.48 -41.31 -29.56
CA GLU Y 400 77.12 -40.04 -29.86
C GLU Y 400 76.07 -38.94 -30.00
N PRO Y 401 76.13 -37.87 -29.20
CA PRO Y 401 75.13 -36.80 -29.30
C PRO Y 401 75.24 -36.09 -30.65
N GLY Y 402 74.22 -36.27 -31.49
CA GLY Y 402 74.15 -35.62 -32.77
C GLY Y 402 74.21 -36.55 -33.97
N MET Y 403 74.46 -37.84 -33.76
CA MET Y 403 74.56 -38.79 -34.87
C MET Y 403 73.20 -39.42 -35.14
N SER Y 404 72.29 -38.57 -35.61
CA SER Y 404 70.98 -39.03 -36.04
C SER Y 404 71.10 -39.80 -37.34
N PRO Y 405 70.11 -40.64 -37.67
CA PRO Y 405 70.15 -41.37 -38.95
C PRO Y 405 70.32 -40.46 -40.16
N GLU Y 406 69.67 -39.29 -40.15
CA GLU Y 406 69.88 -38.33 -41.23
C GLU Y 406 71.24 -37.68 -41.12
N ASN Y 407 71.68 -37.35 -39.91
CA ASN Y 407 72.97 -36.70 -39.73
C ASN Y 407 74.13 -37.61 -40.09
N LEU Y 408 74.01 -38.92 -39.82
CA LEU Y 408 75.05 -39.85 -40.21
C LEU Y 408 75.22 -39.90 -41.72
N ALA Y 409 74.12 -39.87 -42.46
CA ALA Y 409 74.19 -39.97 -43.91
C ALA Y 409 74.92 -38.77 -44.52
N GLU Y 410 74.59 -37.56 -44.06
CA GLU Y 410 75.21 -36.38 -44.64
C GLU Y 410 76.64 -36.20 -44.15
N PHE Y 411 76.96 -36.73 -42.97
CA PHE Y 411 78.34 -36.64 -42.49
C PHE Y 411 79.29 -37.47 -43.35
N GLU Y 412 78.93 -38.74 -43.60
CA GLU Y 412 79.80 -39.61 -44.37
C GLU Y 412 79.90 -39.14 -45.83
N LYS Y 413 78.81 -38.61 -46.38
CA LYS Y 413 78.85 -38.10 -47.74
C LYS Y 413 79.79 -36.90 -47.85
N ALA Y 414 79.72 -35.99 -46.88
CA ALA Y 414 80.63 -34.85 -46.89
C ALA Y 414 82.07 -35.28 -46.60
N GLY Y 415 82.24 -36.21 -45.66
CA GLY Y 415 83.58 -36.70 -45.36
C GLY Y 415 84.23 -37.39 -46.54
N ALA Y 416 83.45 -38.20 -47.27
CA ALA Y 416 83.98 -38.86 -48.45
C ALA Y 416 84.27 -37.86 -49.57
N GLN Y 417 83.36 -36.92 -49.79
CA GLN Y 417 83.52 -35.96 -50.88
C GLN Y 417 84.72 -35.04 -50.65
N SER Y 418 85.08 -34.79 -49.38
CA SER Y 418 86.19 -33.91 -49.09
C SER Y 418 87.49 -34.45 -49.67
N ALA Y 419 87.73 -35.76 -49.55
CA ALA Y 419 88.94 -36.34 -50.09
C ALA Y 419 89.00 -36.25 -51.61
N LYS Y 420 87.84 -36.27 -52.28
CA LYS Y 420 87.82 -36.18 -53.74
C LYS Y 420 88.40 -34.86 -54.22
N ALA Y 421 88.00 -33.75 -53.58
CA ALA Y 421 88.50 -32.44 -54.00
C ALA Y 421 89.99 -32.30 -53.75
N LYS Y 422 90.48 -32.88 -52.65
CA LYS Y 422 91.91 -32.81 -52.36
C LYS Y 422 92.73 -33.54 -53.42
N GLY Y 423 92.24 -34.69 -53.87
CA GLY Y 423 92.93 -35.39 -54.95
C GLY Y 423 92.98 -34.62 -56.24
N GLU Y 424 91.94 -33.83 -56.52
CA GLU Y 424 91.95 -32.99 -57.70
C GLU Y 424 92.98 -31.87 -57.59
N ALA Y 425 93.18 -31.34 -56.37
CA ALA Y 425 94.12 -30.25 -56.20
C ALA Y 425 95.54 -30.65 -56.59
N GLU Y 426 95.99 -31.81 -56.11
CA GLU Y 426 97.32 -32.29 -56.50
C GLU Y 426 97.35 -32.72 -57.95
N ARG Y 427 96.23 -33.22 -58.48
CA ARG Y 427 96.16 -33.53 -59.91
C ARG Y 427 96.30 -32.28 -60.75
N ALA Y 428 95.61 -31.20 -60.36
CA ALA Y 428 95.67 -29.96 -61.12
C ALA Y 428 97.08 -29.37 -61.11
N GLU Y 429 97.75 -29.42 -59.96
CA GLU Y 429 99.10 -28.86 -59.84
C GLU Y 429 100.15 -29.68 -60.58
N ALA Y 430 99.79 -30.86 -61.09
CA ALA Y 430 100.71 -31.61 -61.93
C ALA Y 430 101.06 -30.81 -63.18
N GLN Y 431 100.08 -30.14 -63.76
CA GLN Y 431 100.35 -29.18 -64.82
C GLN Y 431 100.68 -27.81 -64.22
N ALA Y 432 101.04 -26.88 -65.09
CA ALA Y 432 101.47 -25.53 -64.69
C ALA Y 432 102.68 -25.58 -63.76
N GLY Y 433 103.59 -26.51 -64.01
CA GLY Y 433 104.78 -26.65 -63.19
C GLY Y 433 105.16 -28.10 -62.93
N PRO Z 1 44.52 16.46 17.65
CA PRO Z 1 43.22 16.06 18.19
C PRO Z 1 43.36 15.21 19.46
N THR Z 2 42.24 14.90 20.10
CA THR Z 2 42.24 14.09 21.32
C THR Z 2 41.75 12.67 21.07
N MET Z 3 40.56 12.51 20.48
CA MET Z 3 40.04 11.18 20.21
C MET Z 3 40.92 10.44 19.22
N LEU Z 4 41.39 11.13 18.18
CA LEU Z 4 42.30 10.49 17.22
C LEU Z 4 43.58 10.03 17.90
N GLN Z 5 44.16 10.89 18.75
CA GLN Z 5 45.38 10.52 19.44
C GLN Z 5 45.16 9.33 20.35
N ASP Z 6 44.04 9.31 21.08
CA ASP Z 6 43.74 8.18 21.94
C ASP Z 6 43.56 6.90 21.13
N TRP Z 7 42.86 6.98 20.01
CA TRP Z 7 42.63 5.80 19.17
C TRP Z 7 43.95 5.25 18.63
N TYR Z 8 44.84 6.13 18.18
CA TYR Z 8 46.11 5.64 17.64
C TYR Z 8 47.06 5.19 18.75
N ASN Z 9 46.92 5.75 19.95
CA ASN Z 9 47.80 5.39 21.06
C ASN Z 9 47.37 4.10 21.74
N SER Z 10 46.08 3.74 21.64
CA SER Z 10 45.60 2.53 22.32
C SER Z 10 46.32 1.29 21.83
N GLN Z 11 46.54 1.17 20.53
CA GLN Z 11 47.27 0.03 19.99
C GLN Z 11 48.70 0.02 20.50
N GLY Z 12 49.16 -1.14 20.95
CA GLY Z 12 50.51 -1.26 21.46
C GLY Z 12 50.89 -2.72 21.63
N PHE Z 13 52.05 -2.93 22.24
CA PHE Z 13 52.50 -4.28 22.51
C PHE Z 13 51.59 -4.94 23.55
N ILE Z 14 51.30 -6.22 23.34
CA ILE Z 14 50.37 -6.95 24.19
C ILE Z 14 51.09 -7.88 25.15
N GLY Z 15 52.09 -8.61 24.68
CA GLY Z 15 52.84 -9.53 25.52
C GLY Z 15 53.12 -10.85 24.83
N TYR Z 16 54.24 -11.48 25.22
CA TYR Z 16 54.63 -12.74 24.62
C TYR Z 16 53.65 -13.86 24.96
N GLN Z 17 53.19 -13.91 26.20
CA GLN Z 17 52.20 -14.93 26.57
C GLN Z 17 50.89 -14.71 25.82
N ALA Z 18 50.49 -13.45 25.65
CA ALA Z 18 49.29 -13.15 24.88
C ALA Z 18 49.45 -13.60 23.43
N CYS Z 19 50.61 -13.34 22.84
CA CYS Z 19 50.86 -13.79 21.47
C CYS Z 19 50.80 -15.31 21.38
N ALA Z 20 51.38 -16.01 22.36
CA ALA Z 20 51.34 -17.46 22.36
C ALA Z 20 49.92 -17.98 22.44
N ILE Z 21 49.09 -17.36 23.29
CA ILE Z 21 47.71 -17.79 23.41
C ILE Z 21 46.94 -17.52 22.12
N ILE Z 22 47.18 -16.36 21.49
CA ILE Z 22 46.52 -16.04 20.23
C ILE Z 22 46.94 -17.02 19.14
N SER Z 23 48.17 -17.53 19.21
CA SER Z 23 48.70 -18.39 18.17
C SER Z 23 48.09 -19.78 18.14
N GLN Z 24 46.97 -20.07 18.82
CA GLN Z 24 46.34 -21.37 18.71
C GLN Z 24 45.21 -21.40 17.67
N HIS Z 25 44.64 -20.25 17.34
CA HIS Z 25 43.54 -20.21 16.39
C HIS Z 25 44.01 -20.61 15.00
N TRP Z 26 43.14 -21.29 14.26
CA TRP Z 26 43.51 -21.82 12.96
C TRP Z 26 43.78 -20.71 11.95
N LEU Z 27 42.99 -19.64 11.98
CA LEU Z 27 43.16 -18.57 11.00
C LEU Z 27 44.52 -17.90 11.14
N VAL Z 28 44.91 -17.59 12.37
CA VAL Z 28 46.20 -16.95 12.61
C VAL Z 28 47.34 -17.86 12.17
N ASP Z 29 47.24 -19.15 12.51
CA ASP Z 29 48.29 -20.11 12.14
C ASP Z 29 48.42 -20.19 10.62
N LYS Z 30 47.30 -20.31 9.92
CA LYS Z 30 47.35 -20.35 8.46
C LYS Z 30 47.97 -19.09 7.90
N ALA Z 31 47.53 -17.92 8.40
CA ALA Z 31 48.04 -16.66 7.88
C ALA Z 31 49.54 -16.54 8.08
N CYS Z 32 50.05 -16.96 9.23
CA CYS Z 32 51.47 -16.82 9.50
C CYS Z 32 52.32 -17.96 8.94
N SER Z 33 51.71 -19.05 8.48
CA SER Z 33 52.50 -20.20 8.05
C SER Z 33 52.47 -20.47 6.55
N MET Z 34 51.42 -20.07 5.83
CA MET Z 34 51.37 -20.39 4.40
C MET Z 34 52.53 -19.76 3.64
N SER Z 35 52.81 -18.48 3.90
CA SER Z 35 53.90 -17.81 3.19
C SER Z 35 55.24 -18.46 3.51
N GLY Z 36 55.48 -18.79 4.78
CA GLY Z 36 56.73 -19.43 5.15
C GLY Z 36 56.90 -20.78 4.50
N GLU Z 37 55.84 -21.58 4.47
CA GLU Z 37 55.95 -22.89 3.84
C GLU Z 37 56.08 -22.80 2.32
N ASP Z 38 55.51 -21.75 1.72
CA ASP Z 38 55.62 -21.57 0.27
C ASP Z 38 56.99 -21.06 -0.14
N ALA Z 39 57.64 -20.26 0.70
CA ALA Z 39 58.90 -19.63 0.30
C ALA Z 39 60.00 -20.66 0.06
N ALA Z 40 60.11 -21.66 0.92
CA ALA Z 40 61.25 -22.57 0.94
C ALA Z 40 60.87 -24.00 0.58
N ARG Z 41 60.05 -24.17 -0.46
CA ARG Z 41 59.64 -25.49 -0.90
C ARG Z 41 60.23 -25.91 -2.24
N ASN Z 42 60.45 -24.97 -3.16
CA ASN Z 42 61.07 -25.31 -4.44
C ASN Z 42 62.50 -25.80 -4.24
N GLY Z 43 63.26 -25.13 -3.39
CA GLY Z 43 64.64 -25.51 -3.11
C GLY Z 43 65.63 -24.54 -3.74
N TRP Z 44 66.90 -24.88 -3.58
CA TRP Z 44 68.00 -24.07 -4.10
C TRP Z 44 69.12 -24.98 -4.57
N GLU Z 45 69.92 -24.45 -5.50
CA GLU Z 45 71.06 -25.17 -6.05
C GLU Z 45 72.33 -24.39 -5.77
N LEU Z 46 73.43 -25.12 -5.60
CA LEU Z 46 74.70 -24.55 -5.15
C LEU Z 46 75.68 -24.48 -6.32
N LYS Z 47 76.30 -23.32 -6.48
CA LYS Z 47 77.33 -23.10 -7.49
C LYS Z 47 78.61 -22.68 -6.78
N SER Z 48 79.71 -23.38 -7.07
CA SER Z 48 80.97 -23.20 -6.37
C SER Z 48 81.97 -22.53 -7.31
N ASP Z 49 82.35 -21.30 -6.99
CA ASP Z 49 83.34 -20.55 -7.75
C ASP Z 49 82.93 -20.43 -9.22
N GLY Z 50 81.62 -20.26 -9.45
CA GLY Z 50 81.13 -20.15 -10.81
C GLY Z 50 81.19 -21.42 -11.62
N ARG Z 51 81.22 -22.58 -10.97
CA ARG Z 51 81.29 -23.85 -11.68
C ARG Z 51 80.74 -24.93 -10.76
N LYS Z 52 80.48 -26.10 -11.36
CA LYS Z 52 79.92 -27.23 -10.63
C LYS Z 52 81.03 -28.01 -9.94
N LEU Z 53 80.85 -28.26 -8.64
CA LEU Z 53 81.82 -29.02 -7.87
C LEU Z 53 81.62 -30.52 -8.07
N SER Z 54 82.59 -31.30 -7.58
CA SER Z 54 82.66 -32.72 -7.88
C SER Z 54 81.57 -33.49 -7.14
N ASP Z 55 81.58 -34.82 -7.32
CA ASP Z 55 80.48 -35.64 -6.82
C ASP Z 55 80.54 -35.83 -5.31
N GLU Z 56 81.73 -36.09 -4.76
CA GLU Z 56 81.80 -36.45 -3.34
C GLU Z 56 81.50 -35.25 -2.45
N GLN Z 57 81.94 -34.06 -2.83
CA GLN Z 57 81.59 -32.86 -2.06
C GLN Z 57 80.09 -32.61 -2.11
N SER Z 58 79.47 -32.81 -3.28
CA SER Z 58 78.04 -32.63 -3.39
C SER Z 58 77.29 -33.61 -2.50
N ALA Z 59 77.72 -34.87 -2.49
CA ALA Z 59 77.08 -35.87 -1.65
C ALA Z 59 77.26 -35.54 -0.17
N LEU Z 60 78.46 -35.09 0.21
CA LEU Z 60 78.71 -34.73 1.60
C LEU Z 60 77.83 -33.57 2.03
N ILE Z 61 77.76 -32.52 1.21
CA ILE Z 61 76.92 -31.37 1.55
C ILE Z 61 75.46 -31.77 1.64
N ALA Z 62 74.99 -32.58 0.69
CA ALA Z 62 73.60 -33.02 0.70
C ALA Z 62 73.29 -33.78 1.98
N ARG Z 63 74.09 -34.80 2.30
CA ARG Z 63 73.79 -35.59 3.49
C ARG Z 63 73.85 -34.72 4.74
N ARG Z 64 74.89 -33.88 4.85
CA ARG Z 64 75.01 -33.02 6.03
C ARG Z 64 73.79 -32.13 6.18
N ASP Z 65 73.25 -31.63 5.07
CA ASP Z 65 71.99 -30.89 5.14
C ASP Z 65 70.86 -31.77 5.64
N MET Z 66 70.83 -33.03 5.22
CA MET Z 66 69.79 -33.95 5.69
C MET Z 66 69.86 -34.16 7.20
N GLU Z 67 71.05 -34.38 7.77
CA GLU Z 67 71.06 -34.53 9.22
C GLU Z 67 70.88 -33.22 9.97
N PHE Z 68 70.85 -32.08 9.28
CA PHE Z 68 70.69 -30.80 9.96
C PHE Z 68 69.29 -30.22 9.83
N ARG Z 69 68.44 -30.80 8.98
CA ARG Z 69 67.04 -30.38 8.83
C ARG Z 69 66.95 -28.88 8.55
N VAL Z 70 67.61 -28.46 7.46
CA VAL Z 70 67.68 -27.05 7.12
C VAL Z 70 66.30 -26.50 6.78
N LYS Z 71 65.52 -27.23 5.98
CA LYS Z 71 64.21 -26.75 5.56
C LYS Z 71 63.27 -26.58 6.75
N ASP Z 72 63.28 -27.54 7.68
CA ASP Z 72 62.46 -27.41 8.88
C ASP Z 72 62.86 -26.16 9.67
N ASN Z 73 64.17 -25.94 9.82
CA ASN Z 73 64.63 -24.77 10.56
C ASN Z 73 64.18 -23.48 9.90
N LEU Z 74 64.28 -23.41 8.56
CA LEU Z 74 63.85 -22.20 7.87
C LEU Z 74 62.35 -21.96 8.02
N VAL Z 75 61.55 -23.02 7.85
CA VAL Z 75 60.10 -22.87 7.93
C VAL Z 75 59.69 -22.43 9.33
N GLU Z 76 60.24 -23.08 10.37
CA GLU Z 76 59.91 -22.70 11.73
C GLU Z 76 60.43 -21.30 12.06
N LEU Z 77 61.60 -20.94 11.53
CA LEU Z 77 62.12 -19.60 11.72
C LEU Z 77 61.14 -18.56 11.22
N ASN Z 78 60.67 -18.70 9.97
CA ASN Z 78 59.76 -17.71 9.41
C ASN Z 78 58.43 -17.72 10.16
N ARG Z 79 57.91 -18.92 10.47
CA ARG Z 79 56.62 -19.01 11.14
C ARG Z 79 56.66 -18.32 12.51
N PHE Z 80 57.65 -18.64 13.33
CA PHE Z 80 57.72 -18.05 14.66
C PHE Z 80 58.17 -16.60 14.63
N LYS Z 81 58.88 -16.17 13.59
CA LYS Z 81 59.14 -14.75 13.43
C LYS Z 81 57.85 -13.99 13.18
N ASN Z 82 56.97 -14.54 12.35
CA ASN Z 82 55.68 -13.91 12.12
C ASN Z 82 54.84 -13.93 13.39
N VAL Z 83 54.88 -15.03 14.15
CA VAL Z 83 54.05 -15.14 15.34
C VAL Z 83 54.51 -14.19 16.42
N PHE Z 84 55.81 -14.15 16.69
CA PHE Z 84 56.35 -13.41 17.84
C PHE Z 84 56.95 -12.06 17.48
N GLY Z 85 57.26 -11.83 16.20
CA GLY Z 85 57.88 -10.59 15.77
C GLY Z 85 59.39 -10.59 15.80
N VAL Z 86 60.00 -11.51 16.55
CA VAL Z 86 61.46 -11.60 16.64
C VAL Z 86 61.83 -13.05 16.87
N ARG Z 87 62.87 -13.51 16.18
CA ARG Z 87 63.34 -14.88 16.30
C ARG Z 87 64.85 -14.86 16.44
N ILE Z 88 65.37 -15.82 17.20
CA ILE Z 88 66.79 -15.93 17.49
C ILE Z 88 67.30 -17.27 16.98
N ALA Z 89 68.35 -17.24 16.17
CA ALA Z 89 68.99 -18.43 15.64
C ALA Z 89 70.38 -18.55 16.22
N LEU Z 90 70.70 -19.71 16.80
CA LEU Z 90 71.98 -19.95 17.43
C LEU Z 90 72.64 -21.15 16.78
N PHE Z 91 73.91 -21.00 16.41
CA PHE Z 91 74.69 -22.07 15.80
C PHE Z 91 75.60 -22.67 16.86
N VAL Z 92 75.39 -23.95 17.17
CA VAL Z 92 76.18 -24.64 18.18
C VAL Z 92 77.47 -25.15 17.55
N VAL Z 93 78.61 -24.73 18.11
CA VAL Z 93 79.92 -25.20 17.71
C VAL Z 93 80.71 -25.51 18.97
N GLU Z 94 81.22 -26.73 19.08
CA GLU Z 94 81.89 -27.17 20.28
C GLU Z 94 83.33 -26.68 20.28
N SER Z 95 83.73 -26.01 21.36
CA SER Z 95 85.07 -25.47 21.50
C SER Z 95 85.58 -25.74 22.91
N ASP Z 96 86.91 -25.79 23.04
CA ASP Z 96 87.53 -25.98 24.35
C ASP Z 96 87.48 -24.73 25.20
N ASP Z 97 87.49 -23.54 24.59
CA ASP Z 97 87.45 -22.31 25.35
C ASP Z 97 86.05 -22.11 25.94
N PRO Z 98 85.92 -21.97 27.26
CA PRO Z 98 84.58 -21.76 27.84
C PRO Z 98 83.92 -20.47 27.41
N ASP Z 99 84.70 -19.47 26.99
CA ASP Z 99 84.18 -18.16 26.61
C ASP Z 99 84.28 -17.93 25.10
N TYR Z 100 84.05 -18.99 24.32
CA TYR Z 100 84.04 -18.83 22.87
C TYR Z 100 82.88 -17.94 22.41
N TYR Z 101 81.69 -18.16 22.97
CA TYR Z 101 80.52 -17.40 22.54
C TYR Z 101 80.60 -15.94 22.99
N GLU Z 102 81.12 -15.70 24.20
CA GLU Z 102 81.28 -14.33 24.67
C GLU Z 102 82.29 -13.57 23.81
N LYS Z 103 83.39 -14.22 23.47
CA LYS Z 103 84.38 -13.58 22.61
C LYS Z 103 83.79 -13.34 21.22
N PRO Z 104 84.04 -12.18 20.62
CA PRO Z 104 83.46 -11.88 19.31
C PRO Z 104 83.85 -12.91 18.27
N PHE Z 105 82.92 -13.17 17.36
CA PHE Z 105 83.08 -14.27 16.41
C PHE Z 105 84.32 -14.11 15.55
N ASN Z 106 85.03 -15.22 15.34
CA ASN Z 106 86.21 -15.26 14.50
C ASN Z 106 85.99 -16.29 13.41
N PRO Z 107 85.98 -15.90 12.12
CA PRO Z 107 85.76 -16.88 11.06
C PRO Z 107 86.80 -17.99 11.02
N ASP Z 108 88.03 -17.72 11.41
CA ASP Z 108 89.11 -18.69 11.33
C ASP Z 108 89.27 -19.52 12.60
N GLY Z 109 88.44 -19.29 13.61
CA GLY Z 109 88.56 -20.01 14.86
C GLY Z 109 87.83 -21.34 14.91
N VAL Z 110 87.30 -21.81 13.79
CA VAL Z 110 86.50 -23.03 13.79
C VAL Z 110 87.42 -24.24 13.76
N THR Z 111 87.20 -25.17 14.68
CA THR Z 111 87.88 -26.46 14.73
C THR Z 111 87.16 -27.45 13.83
N PRO Z 112 87.88 -28.18 12.97
CA PRO Z 112 87.20 -29.11 12.06
C PRO Z 112 86.39 -30.16 12.81
N GLY Z 113 85.20 -30.46 12.27
CA GLY Z 113 84.33 -31.45 12.87
C GLY Z 113 83.62 -31.02 14.14
N SER Z 114 83.69 -29.72 14.49
CA SER Z 114 83.12 -29.28 15.76
C SER Z 114 81.65 -28.86 15.64
N TYR Z 115 81.19 -28.57 14.43
CA TYR Z 115 79.82 -28.10 14.25
C TYR Z 115 78.83 -29.20 14.55
N LYS Z 116 77.73 -28.84 15.22
CA LYS Z 116 76.71 -29.79 15.64
C LYS Z 116 75.36 -29.57 14.97
N GLY Z 117 74.86 -28.35 14.94
CA GLY Z 117 73.55 -28.11 14.34
C GLY Z 117 73.08 -26.68 14.59
N ILE Z 118 71.76 -26.51 14.56
CA ILE Z 118 71.12 -25.21 14.71
C ILE Z 118 70.09 -25.29 15.83
N SER Z 119 70.05 -24.26 16.67
CA SER Z 119 69.06 -24.16 17.73
C SER Z 119 68.39 -22.79 17.67
N GLN Z 120 67.10 -22.77 17.99
CA GLN Z 120 66.30 -21.55 18.01
C GLN Z 120 65.67 -21.39 19.38
N ILE Z 121 65.61 -20.15 19.87
CA ILE Z 121 65.20 -19.83 21.23
C ILE Z 121 63.95 -18.97 21.17
N ASP Z 122 62.95 -19.31 21.98
CA ASP Z 122 61.75 -18.51 22.08
C ASP Z 122 62.05 -17.17 22.75
N PRO Z 123 61.27 -16.14 22.45
CA PRO Z 123 61.58 -14.80 23.01
C PRO Z 123 61.59 -14.73 24.52
N TYR Z 124 60.73 -15.50 25.19
CA TYR Z 124 60.63 -15.38 26.65
C TYR Z 124 61.79 -16.04 27.39
N TRP Z 125 62.65 -16.79 26.69
CA TRP Z 125 63.82 -17.36 27.33
C TRP Z 125 65.00 -16.39 27.32
N ALA Z 126 65.35 -15.87 26.16
CA ALA Z 126 66.49 -14.97 26.04
C ALA Z 126 66.17 -13.61 26.65
N MET Z 127 67.24 -12.90 27.04
CA MET Z 127 67.12 -11.56 27.58
C MET Z 127 68.22 -10.68 26.99
N PRO Z 128 67.88 -9.55 26.38
CA PRO Z 128 68.91 -8.72 25.75
C PRO Z 128 69.68 -7.90 26.78
N GLN Z 129 70.88 -7.49 26.37
CA GLN Z 129 71.74 -6.67 27.21
C GLN Z 129 72.34 -5.56 26.34
N LEU Z 130 72.30 -4.33 26.85
CA LEU Z 130 72.77 -3.16 26.13
C LEU Z 130 74.11 -2.72 26.71
N THR Z 131 75.13 -2.67 25.86
CA THR Z 131 76.44 -2.20 26.27
C THR Z 131 76.46 -0.67 26.27
N ALA Z 132 77.61 -0.09 26.63
CA ALA Z 132 77.73 1.36 26.64
C ALA Z 132 77.85 1.92 25.23
N GLY Z 133 78.61 1.23 24.37
CA GLY Z 133 78.78 1.71 23.01
C GLY Z 133 77.50 1.69 22.20
N SER Z 134 76.65 0.68 22.43
CA SER Z 134 75.39 0.58 21.70
C SER Z 134 74.49 1.78 22.00
N THR Z 135 74.43 2.21 23.26
CA THR Z 135 73.63 3.35 23.66
C THR Z 135 74.48 4.61 23.84
N ALA Z 136 75.62 4.67 23.13
CA ALA Z 136 76.54 5.79 23.31
C ALA Z 136 75.98 7.06 22.66
N ASP Z 137 75.77 7.03 21.35
CA ASP Z 137 75.30 8.22 20.63
C ASP Z 137 74.64 7.77 19.32
N PRO Z 138 73.74 8.58 18.77
CA PRO Z 138 73.10 8.19 17.50
C PRO Z 138 74.06 8.13 16.32
N SER Z 139 75.23 8.76 16.41
CA SER Z 139 76.15 8.79 15.28
C SER Z 139 76.67 7.40 14.95
N SER Z 140 76.77 6.52 15.96
CA SER Z 140 77.31 5.19 15.75
C SER Z 140 76.40 4.37 14.85
N GLU Z 141 77.00 3.46 14.08
CA GLU Z 141 76.25 2.56 13.22
C GLU Z 141 75.52 1.48 14.00
N HIS Z 142 75.89 1.26 15.27
CA HIS Z 142 75.26 0.24 16.09
C HIS Z 142 74.54 0.86 17.27
N PHE Z 143 73.78 1.92 17.01
CA PHE Z 143 73.01 2.59 18.06
C PHE Z 143 71.66 1.89 18.21
N TYR Z 144 71.36 1.45 19.43
CA TYR Z 144 70.13 0.72 19.76
C TYR Z 144 70.05 -0.63 19.05
N GLU Z 145 71.14 -1.40 19.13
CA GLU Z 145 71.10 -2.82 18.83
C GLU Z 145 71.82 -3.59 19.93
N PRO Z 146 71.15 -4.52 20.60
CA PRO Z 146 71.80 -5.25 21.70
C PRO Z 146 72.98 -6.08 21.22
N ASP Z 147 74.18 -5.71 21.67
CA ASP Z 147 75.38 -6.42 21.26
C ASP Z 147 75.60 -7.71 22.03
N PHE Z 148 74.75 -8.01 23.02
CA PHE Z 148 74.88 -9.21 23.82
C PHE Z 148 73.51 -9.72 24.22
N TRP Z 149 73.34 -11.03 24.16
CA TRP Z 149 72.11 -11.69 24.57
C TRP Z 149 72.41 -12.64 25.72
N ILE Z 150 71.59 -12.61 26.75
CA ILE Z 150 71.77 -13.45 27.94
C ILE Z 150 70.70 -14.53 27.90
N ILE Z 151 71.12 -15.79 27.87
CA ILE Z 151 70.24 -16.93 27.80
C ILE Z 151 70.59 -17.88 28.94
N SER Z 152 69.75 -17.90 29.98
CA SER Z 152 69.91 -18.81 31.12
C SER Z 152 71.29 -18.64 31.77
N GLY Z 153 71.76 -17.39 31.84
CA GLY Z 153 73.02 -17.09 32.47
C GLY Z 153 74.24 -17.27 31.60
N LYS Z 154 74.08 -17.73 30.37
CA LYS Z 154 75.20 -17.89 29.44
C LYS Z 154 75.23 -16.69 28.52
N LYS Z 155 76.42 -16.08 28.39
CA LYS Z 155 76.56 -14.78 27.76
C LYS Z 155 76.98 -14.98 26.30
N TYR Z 156 76.21 -14.42 25.37
CA TYR Z 156 76.46 -14.59 23.94
C TYR Z 156 76.63 -13.25 23.27
N HIS Z 157 77.67 -13.14 22.44
CA HIS Z 157 77.89 -11.92 21.67
C HIS Z 157 77.00 -11.88 20.44
N ARG Z 158 76.72 -10.67 19.97
CA ARG Z 158 75.80 -10.49 18.86
C ARG Z 158 76.35 -11.12 17.58
N SER Z 159 77.66 -11.04 17.36
CA SER Z 159 78.24 -11.50 16.10
C SER Z 159 77.98 -12.98 15.87
N HIS Z 160 78.07 -13.79 16.92
CA HIS Z 160 77.82 -15.22 16.78
C HIS Z 160 76.38 -15.49 16.35
N LEU Z 161 75.43 -14.78 16.96
CA LEU Z 161 74.01 -15.02 16.73
C LEU Z 161 73.56 -14.46 15.39
N VAL Z 162 72.47 -15.02 14.88
CA VAL Z 162 71.76 -14.49 13.71
C VAL Z 162 70.35 -14.20 14.16
N VAL Z 163 70.02 -12.91 14.31
CA VAL Z 163 68.73 -12.47 14.83
C VAL Z 163 67.98 -11.76 13.72
N VAL Z 164 66.73 -12.16 13.51
CA VAL Z 164 65.89 -11.60 12.46
C VAL Z 164 64.58 -11.12 13.09
N ARG Z 165 64.07 -9.98 12.60
CA ARG Z 165 62.87 -9.38 13.16
C ARG Z 165 62.00 -8.87 12.02
N GLY Z 166 60.73 -8.66 12.33
CA GLY Z 166 59.77 -8.20 11.36
C GLY Z 166 59.85 -6.70 11.12
N PRO Z 167 58.70 -6.03 11.11
CA PRO Z 167 58.70 -4.57 10.92
C PRO Z 167 59.50 -3.88 12.00
N GLN Z 168 60.23 -2.83 11.61
CA GLN Z 168 61.15 -2.15 12.51
C GLN Z 168 60.46 -0.96 13.15
N PRO Z 169 60.35 -0.91 14.47
CA PRO Z 169 59.75 0.26 15.13
C PRO Z 169 60.73 1.41 15.20
N PRO Z 170 60.25 2.62 15.46
CA PRO Z 170 61.16 3.74 15.69
C PRO Z 170 61.96 3.54 16.97
N ASP Z 171 63.04 4.33 17.08
CA ASP Z 171 63.99 4.12 18.17
C ASP Z 171 63.34 4.33 19.54
N ILE Z 172 62.49 5.34 19.67
CA ILE Z 172 61.85 5.61 20.96
C ILE Z 172 60.92 4.47 21.36
N LEU Z 173 60.34 3.77 20.38
CA LEU Z 173 59.44 2.66 20.66
C LEU Z 173 60.16 1.33 20.75
N LYS Z 174 61.46 1.27 20.42
CA LYS Z 174 62.19 0.02 20.50
C LYS Z 174 62.24 -0.56 21.91
N PRO Z 175 62.52 0.21 22.97
CA PRO Z 175 62.51 -0.39 24.31
C PRO Z 175 61.17 -1.00 24.70
N THR Z 176 60.07 -0.40 24.27
CA THR Z 176 58.75 -0.94 24.60
C THR Z 176 58.56 -2.33 23.99
N TYR Z 177 59.00 -2.51 22.75
CA TYR Z 177 58.94 -3.81 22.09
C TYR Z 177 60.14 -4.69 22.43
N ILE Z 178 61.03 -4.22 23.31
CA ILE Z 178 62.21 -4.96 23.75
C ILE Z 178 63.06 -5.25 22.51
N PHE Z 179 63.29 -4.21 21.70
CA PHE Z 179 64.21 -4.28 20.57
C PHE Z 179 63.89 -5.44 19.63
N GLY Z 180 62.61 -5.58 19.30
CA GLY Z 180 62.17 -6.66 18.43
C GLY Z 180 61.14 -6.15 17.43
N GLY Z 181 60.81 -7.03 16.48
CA GLY Z 181 59.81 -6.69 15.49
C GLY Z 181 58.41 -6.69 16.08
N ILE Z 182 57.52 -5.99 15.38
CA ILE Z 182 56.17 -5.77 15.89
C ILE Z 182 55.32 -6.97 15.47
N PRO Z 183 54.76 -7.73 16.41
CA PRO Z 183 54.18 -9.04 16.07
C PRO Z 183 52.84 -8.95 15.35
N LEU Z 184 52.63 -9.88 14.41
CA LEU Z 184 51.48 -9.83 13.51
C LEU Z 184 50.17 -10.20 14.20
N THR Z 185 50.23 -11.08 15.20
CA THR Z 185 49.03 -11.40 15.96
C THR Z 185 48.41 -10.13 16.53
N GLN Z 186 49.25 -9.17 16.93
CA GLN Z 186 48.76 -7.92 17.50
C GLN Z 186 47.86 -7.17 16.54
N ARG Z 187 48.11 -7.24 15.23
CA ARG Z 187 47.20 -6.58 14.31
C ARG Z 187 46.13 -7.50 13.74
N ILE Z 188 46.21 -8.81 13.95
CA ILE Z 188 45.27 -9.71 13.28
C ILE Z 188 44.23 -10.29 14.23
N TYR Z 189 44.47 -10.30 15.55
CA TYR Z 189 43.58 -11.03 16.44
C TYR Z 189 42.19 -10.40 16.52
N GLU Z 190 42.12 -9.07 16.60
CA GLU Z 190 40.83 -8.41 16.74
C GLU Z 190 39.95 -8.63 15.50
N ARG Z 191 40.54 -8.47 14.31
CA ARG Z 191 39.77 -8.67 13.10
C ARG Z 191 39.40 -10.13 12.91
N VAL Z 192 40.27 -11.05 13.32
CA VAL Z 192 39.94 -12.46 13.26
C VAL Z 192 38.74 -12.76 14.16
N TYR Z 193 38.75 -12.22 15.38
CA TYR Z 193 37.61 -12.42 16.27
C TYR Z 193 36.33 -11.85 15.68
N ALA Z 194 36.41 -10.66 15.09
CA ALA Z 194 35.23 -10.05 14.50
C ALA Z 194 34.67 -10.91 13.38
N ALA Z 195 35.54 -11.39 12.48
CA ALA Z 195 35.10 -12.22 11.38
C ALA Z 195 34.49 -13.53 11.88
N GLU Z 196 35.14 -14.17 12.85
CA GLU Z 196 34.63 -15.44 13.37
C GLU Z 196 33.28 -15.25 14.03
N ARG Z 197 33.12 -14.20 14.84
CA ARG Z 197 31.84 -13.97 15.51
C ARG Z 197 30.74 -13.65 14.51
N THR Z 198 31.06 -12.84 13.49
CA THR Z 198 30.06 -12.54 12.46
C THR Z 198 29.65 -13.80 11.72
N ALA Z 199 30.61 -14.68 11.41
CA ALA Z 199 30.28 -15.93 10.74
C ALA Z 199 29.42 -16.81 11.64
N ASN Z 200 29.70 -16.82 12.94
CA ASN Z 200 28.96 -17.68 13.85
C ASN Z 200 27.55 -17.17 14.12
N GLU Z 201 27.33 -15.86 14.00
CA GLU Z 201 26.04 -15.31 14.40
C GLU Z 201 24.90 -15.79 13.52
N ALA Z 202 25.13 -15.87 12.21
CA ALA Z 202 24.03 -16.14 11.27
C ALA Z 202 23.33 -17.48 11.50
N PRO Z 203 24.03 -18.60 11.67
CA PRO Z 203 23.30 -19.87 11.83
C PRO Z 203 22.35 -19.89 13.02
N LEU Z 204 22.71 -19.22 14.12
CA LEU Z 204 21.86 -19.27 15.29
C LEU Z 204 20.58 -18.46 15.07
N LEU Z 205 20.70 -17.31 14.42
CA LEU Z 205 19.51 -16.57 14.00
C LEU Z 205 18.65 -17.40 13.05
N ALA Z 206 19.29 -18.15 12.16
CA ALA Z 206 18.53 -19.04 11.28
C ALA Z 206 17.77 -20.08 12.08
N MET Z 207 18.41 -20.62 13.13
CA MET Z 207 17.73 -21.60 13.98
C MET Z 207 16.54 -20.98 14.70
N SER Z 208 16.65 -19.72 15.10
CA SER Z 208 15.55 -19.04 15.81
C SER Z 208 14.80 -18.06 14.90
N LYS Z 209 14.57 -18.44 13.65
CA LYS Z 209 14.06 -17.49 12.66
C LYS Z 209 12.62 -17.10 12.93
N ARG Z 210 11.75 -18.07 13.19
CA ARG Z 210 10.31 -17.83 13.25
C ARG Z 210 9.77 -18.03 14.65
N THR Z 211 8.92 -17.11 15.10
CA THR Z 211 8.26 -17.20 16.39
C THR Z 211 6.76 -17.07 16.20
N SER Z 212 6.00 -17.92 16.90
CA SER Z 212 4.54 -17.92 16.80
C SER Z 212 3.94 -17.76 18.20
N THR Z 213 2.93 -16.90 18.31
CA THR Z 213 2.27 -16.64 19.58
C THR Z 213 0.76 -16.66 19.40
N ILE Z 214 0.06 -17.00 20.48
CA ILE Z 214 -1.40 -16.99 20.52
C ILE Z 214 -1.84 -16.13 21.70
N HIS Z 215 -3.05 -15.60 21.60
CA HIS Z 215 -3.66 -14.81 22.65
C HIS Z 215 -4.84 -15.58 23.22
N VAL Z 216 -4.96 -15.63 24.54
CA VAL Z 216 -6.00 -16.39 25.21
C VAL Z 216 -6.20 -15.80 26.60
N ASP Z 217 -7.37 -16.06 27.17
CA ASP Z 217 -7.68 -15.61 28.53
C ASP Z 217 -6.84 -16.42 29.50
N VAL Z 218 -5.73 -15.83 29.97
CA VAL Z 218 -4.79 -16.54 30.82
C VAL Z 218 -5.40 -16.88 32.18
N GLU Z 219 -6.44 -16.15 32.60
CA GLU Z 219 -7.08 -16.46 33.88
C GLU Z 219 -7.67 -17.87 33.87
N LYS Z 220 -8.46 -18.20 32.86
CA LYS Z 220 -9.01 -19.54 32.74
C LYS Z 220 -7.91 -20.57 32.49
N ALA Z 221 -6.83 -20.16 31.81
CA ALA Z 221 -5.72 -21.08 31.56
C ALA Z 221 -5.07 -21.51 32.87
N ILE Z 222 -4.83 -20.55 33.77
CA ILE Z 222 -4.23 -20.88 35.06
C ILE Z 222 -5.24 -21.43 36.05
N ALA Z 223 -6.53 -21.31 35.76
CA ALA Z 223 -7.54 -21.87 36.65
C ALA Z 223 -7.38 -23.37 36.78
N ASN Z 224 -7.32 -24.08 35.64
CA ASN Z 224 -7.07 -25.52 35.63
C ASN Z 224 -6.12 -25.83 34.48
N GLU Z 225 -4.83 -25.78 34.76
CA GLU Z 225 -3.82 -26.20 33.81
C GLU Z 225 -3.52 -27.68 34.01
N GLU Z 226 -2.43 -28.16 33.44
CA GLU Z 226 -2.06 -29.57 33.29
C GLU Z 226 -2.97 -30.29 32.30
N ALA Z 227 -3.98 -29.63 31.77
CA ALA Z 227 -4.75 -30.08 30.63
C ALA Z 227 -4.62 -29.13 29.44
N PHE Z 228 -4.63 -27.82 29.71
CA PHE Z 228 -4.25 -26.84 28.69
C PHE Z 228 -2.84 -27.12 28.19
N ASN Z 229 -1.91 -27.37 29.11
CA ASN Z 229 -0.55 -27.69 28.72
C ASN Z 229 -0.51 -28.97 27.90
N ALA Z 230 -1.30 -29.98 28.29
CA ALA Z 230 -1.32 -31.24 27.55
C ALA Z 230 -1.81 -31.04 26.13
N ARG Z 231 -2.89 -30.28 25.96
CA ARG Z 231 -3.42 -30.02 24.63
C ARG Z 231 -2.42 -29.26 23.77
N LEU Z 232 -1.78 -28.24 24.35
CA LEU Z 232 -0.82 -27.45 23.59
C LEU Z 232 0.40 -28.28 23.21
N ALA Z 233 0.87 -29.13 24.12
CA ALA Z 233 1.99 -30.01 23.81
C ALA Z 233 1.62 -31.01 22.72
N PHE Z 234 0.38 -31.52 22.76
CA PHE Z 234 -0.08 -32.40 21.69
C PHE Z 234 -0.04 -31.69 20.34
N TRP Z 235 -0.54 -30.45 20.31
CA TRP Z 235 -0.50 -29.68 19.07
C TRP Z 235 0.93 -29.50 18.58
N ILE Z 236 1.83 -29.12 19.48
CA ILE Z 236 3.22 -28.87 19.08
C ILE Z 236 3.86 -30.16 18.56
N ALA Z 237 3.56 -31.29 19.21
CA ALA Z 237 4.13 -32.57 18.78
C ALA Z 237 3.64 -32.95 17.40
N ASN Z 238 2.35 -32.73 17.12
CA ASN Z 238 1.78 -33.12 15.83
C ASN Z 238 1.60 -31.93 14.89
N ARG Z 239 2.38 -30.88 15.06
CA ARG Z 239 2.23 -29.70 14.22
C ARG Z 239 2.84 -29.93 12.83
N ASP Z 240 2.07 -29.62 11.80
CA ASP Z 240 2.53 -29.63 10.42
C ASP Z 240 1.44 -29.02 9.54
N ASN Z 241 1.74 -28.88 8.26
CA ASN Z 241 0.71 -28.46 7.31
C ASN Z 241 -0.31 -29.58 7.13
N HIS Z 242 -1.44 -29.23 6.51
CA HIS Z 242 -2.63 -30.06 6.35
C HIS Z 242 -3.35 -30.29 7.67
N GLY Z 243 -3.02 -29.54 8.71
CA GLY Z 243 -3.72 -29.60 9.98
C GLY Z 243 -4.41 -28.29 10.27
N VAL Z 244 -5.47 -28.33 11.07
CA VAL Z 244 -6.27 -27.16 11.39
C VAL Z 244 -6.30 -26.97 12.90
N LYS Z 245 -6.11 -25.72 13.34
CA LYS Z 245 -6.19 -25.36 14.74
C LYS Z 245 -7.47 -24.58 14.98
N VAL Z 246 -8.18 -24.91 16.06
CA VAL Z 246 -9.48 -24.32 16.37
C VAL Z 246 -9.31 -23.38 17.55
N LEU Z 247 -9.78 -22.14 17.40
CA LEU Z 247 -9.67 -21.13 18.44
C LEU Z 247 -11.04 -20.52 18.72
N GLY Z 248 -11.16 -19.92 19.89
CA GLY Z 248 -12.37 -19.22 20.24
C GLY Z 248 -12.48 -17.87 19.56
N ILE Z 249 -13.69 -17.30 19.63
CA ILE Z 249 -13.93 -16.01 18.99
C ILE Z 249 -13.13 -14.90 19.68
N ASP Z 250 -12.78 -15.10 20.95
CA ASP Z 250 -12.05 -14.08 21.69
C ASP Z 250 -10.54 -14.25 21.63
N GLU Z 251 -10.03 -15.25 20.92
CA GLU Z 251 -8.62 -15.51 20.84
C GLU Z 251 -8.06 -15.07 19.49
N GLY Z 252 -6.73 -14.94 19.45
CA GLY Z 252 -6.04 -14.59 18.21
C GLY Z 252 -4.66 -15.20 18.19
N MET Z 253 -4.12 -15.32 16.97
CA MET Z 253 -2.80 -15.90 16.77
C MET Z 253 -2.05 -15.08 15.73
N GLU Z 254 -0.78 -14.80 16.00
CA GLU Z 254 0.05 -14.04 15.08
C GLU Z 254 1.44 -14.66 15.05
N GLN Z 255 2.15 -14.41 13.94
CA GLN Z 255 3.44 -15.01 13.68
C GLN Z 255 4.40 -13.96 13.12
N PHE Z 256 5.65 -14.00 13.59
CA PHE Z 256 6.68 -13.08 13.16
C PHE Z 256 7.83 -13.84 12.51
N ASP Z 257 8.59 -13.14 11.67
CA ASP Z 257 9.72 -13.72 10.97
C ASP Z 257 10.92 -12.79 11.11
N THR Z 258 11.99 -13.10 10.37
CA THR Z 258 13.18 -12.28 10.37
C THR Z 258 13.90 -12.48 9.04
N ASN Z 259 14.47 -11.40 8.51
CA ASN Z 259 15.13 -11.43 7.21
C ASN Z 259 16.63 -11.57 7.41
N LEU Z 260 17.22 -12.58 6.78
CA LEU Z 260 18.63 -12.91 6.94
C LEU Z 260 19.40 -12.75 5.63
N ALA Z 261 18.94 -11.88 4.75
CA ALA Z 261 19.50 -11.74 3.40
C ALA Z 261 20.60 -10.69 3.32
N ASP Z 262 21.29 -10.40 4.43
CA ASP Z 262 22.35 -9.41 4.41
C ASP Z 262 23.61 -9.81 5.16
N PHE Z 263 23.65 -10.99 5.77
CA PHE Z 263 24.81 -11.37 6.58
C PHE Z 263 25.99 -11.76 5.71
N ASP Z 264 25.74 -12.35 4.53
CA ASP Z 264 26.82 -12.87 3.71
C ASP Z 264 27.78 -11.77 3.29
N SER Z 265 27.25 -10.61 2.88
CA SER Z 265 28.12 -9.52 2.45
C SER Z 265 29.04 -9.08 3.59
N ILE Z 266 28.48 -8.97 4.80
CA ILE Z 266 29.30 -8.58 5.95
C ILE Z 266 30.38 -9.61 6.22
N ILE Z 267 30.02 -10.90 6.17
CA ILE Z 267 31.00 -11.95 6.45
C ILE Z 267 32.14 -11.90 5.44
N MET Z 268 31.81 -11.80 4.16
CA MET Z 268 32.88 -11.80 3.15
C MET Z 268 33.68 -10.51 3.19
N ASN Z 269 33.07 -9.38 3.56
CA ASN Z 269 33.85 -8.16 3.74
C ASN Z 269 34.86 -8.31 4.87
N GLN Z 270 34.43 -8.89 6.00
CA GLN Z 270 35.35 -9.12 7.10
C GLN Z 270 36.48 -10.06 6.69
N TYR Z 271 36.14 -11.13 5.96
CA TYR Z 271 37.18 -12.07 5.54
C TYR Z 271 38.14 -11.44 4.54
N GLN Z 272 37.64 -10.59 3.64
CA GLN Z 272 38.53 -9.87 2.73
C GLN Z 272 39.47 -8.95 3.49
N LEU Z 273 38.97 -8.26 4.52
CA LEU Z 273 39.84 -7.43 5.34
C LEU Z 273 40.90 -8.27 6.05
N VAL Z 274 40.50 -9.43 6.57
CA VAL Z 274 41.46 -10.31 7.22
C VAL Z 274 42.55 -10.74 6.25
N ALA Z 275 42.16 -11.11 5.03
CA ALA Z 275 43.14 -11.47 4.02
C ALA Z 275 44.05 -10.30 3.68
N ALA Z 276 43.50 -9.09 3.65
CA ALA Z 276 44.31 -7.91 3.35
C ALA Z 276 45.35 -7.67 4.44
N ILE Z 277 44.99 -7.91 5.70
CA ILE Z 277 45.93 -7.67 6.79
C ILE Z 277 47.15 -8.57 6.67
N ALA Z 278 46.93 -9.85 6.35
CA ALA Z 278 47.99 -10.84 6.36
C ALA Z 278 48.88 -10.80 5.13
N LYS Z 279 48.63 -9.89 4.19
CA LYS Z 279 49.41 -9.77 2.95
C LYS Z 279 49.40 -11.08 2.18
N THR Z 280 48.24 -11.73 2.12
CA THR Z 280 48.05 -12.98 1.41
C THR Z 280 46.77 -12.93 0.61
N PRO Z 281 46.76 -13.43 -0.63
CA PRO Z 281 45.51 -13.47 -1.39
C PRO Z 281 44.45 -14.30 -0.69
N ALA Z 282 43.20 -13.85 -0.79
CA ALA Z 282 42.11 -14.55 -0.13
C ALA Z 282 41.91 -15.95 -0.68
N THR Z 283 42.32 -16.18 -1.94
CA THR Z 283 42.16 -17.49 -2.55
C THR Z 283 43.01 -18.57 -1.89
N LYS Z 284 43.96 -18.19 -1.05
CA LYS Z 284 44.76 -19.15 -0.29
C LYS Z 284 44.30 -19.30 1.15
N LEU Z 285 44.00 -18.18 1.82
CA LEU Z 285 43.51 -18.27 3.19
C LEU Z 285 42.13 -18.91 3.26
N LEU Z 286 41.20 -18.43 2.43
CA LEU Z 286 39.84 -18.95 2.43
C LEU Z 286 39.61 -20.03 1.37
N GLY Z 287 40.49 -20.11 0.37
CA GLY Z 287 40.34 -21.10 -0.67
C GLY Z 287 39.38 -20.73 -1.78
N THR Z 288 38.75 -19.57 -1.71
CA THR Z 288 37.83 -19.12 -2.75
C THR Z 288 37.70 -17.61 -2.64
N SER Z 289 37.61 -16.93 -3.78
CA SER Z 289 37.40 -15.50 -3.78
C SER Z 289 36.08 -15.16 -3.10
N PRO Z 290 36.02 -14.09 -2.31
CA PRO Z 290 34.76 -13.75 -1.63
C PRO Z 290 33.66 -13.42 -2.62
N LYS Z 291 32.43 -13.68 -2.20
CA LYS Z 291 31.27 -13.47 -3.06
C LYS Z 291 31.16 -12.00 -3.46
N GLY Z 292 30.90 -11.76 -4.74
CA GLY Z 292 30.78 -10.43 -5.27
C GLY Z 292 32.08 -9.79 -5.70
N PHE Z 293 33.21 -10.44 -5.48
CA PHE Z 293 34.51 -9.94 -5.91
C PHE Z 293 34.97 -10.68 -7.15
N ASN Z 294 35.65 -9.96 -8.04
CA ASN Z 294 36.22 -10.60 -9.22
C ASN Z 294 37.35 -11.54 -8.80
N ALA Z 295 37.44 -12.68 -9.48
CA ALA Z 295 38.41 -13.72 -9.16
C ALA Z 295 39.42 -13.90 -10.27
N THR Z 296 39.80 -12.80 -10.93
CA THR Z 296 40.81 -12.89 -11.99
C THR Z 296 42.14 -13.36 -11.44
N GLY Z 297 42.62 -12.71 -10.38
CA GLY Z 297 43.85 -13.14 -9.72
C GLY Z 297 45.11 -13.00 -10.53
N GLU Z 298 45.06 -12.31 -11.68
CA GLU Z 298 46.26 -12.14 -12.49
C GLU Z 298 47.31 -11.34 -11.74
N HIS Z 299 46.93 -10.20 -11.17
CA HIS Z 299 47.87 -9.40 -10.39
C HIS Z 299 48.11 -9.99 -9.00
N GLU Z 300 47.14 -10.72 -8.47
CA GLU Z 300 47.29 -11.27 -7.12
C GLU Z 300 48.43 -12.28 -7.06
N THR Z 301 48.50 -13.19 -8.04
CA THR Z 301 49.59 -14.17 -8.06
C THR Z 301 50.94 -13.50 -8.27
N ILE Z 302 50.99 -12.48 -9.13
CA ILE Z 302 52.24 -11.76 -9.37
C ILE Z 302 52.72 -11.09 -8.08
N SER Z 303 51.80 -10.44 -7.37
CA SER Z 303 52.17 -9.78 -6.12
C SER Z 303 52.58 -10.80 -5.07
N TYR Z 304 51.92 -11.96 -5.04
CA TYR Z 304 52.30 -13.00 -4.11
C TYR Z 304 53.71 -13.49 -4.39
N HIS Z 305 54.03 -13.77 -5.66
CA HIS Z 305 55.39 -14.19 -5.99
C HIS Z 305 56.39 -13.11 -5.64
N GLU Z 306 55.99 -11.85 -5.81
CA GLU Z 306 56.85 -10.73 -5.44
C GLU Z 306 57.17 -10.77 -3.95
N GLU Z 307 56.14 -10.95 -3.13
CA GLU Z 307 56.35 -11.02 -1.69
C GLU Z 307 57.21 -12.22 -1.31
N LEU Z 308 56.97 -13.37 -1.94
CA LEU Z 308 57.75 -14.56 -1.61
C LEU Z 308 59.23 -14.39 -1.99
N GLU Z 309 59.52 -13.73 -3.11
CA GLU Z 309 60.92 -13.54 -3.46
C GLU Z 309 61.57 -12.51 -2.55
N SER Z 310 60.81 -11.51 -2.08
CA SER Z 310 61.35 -10.61 -1.07
C SER Z 310 61.68 -11.38 0.22
N ILE Z 311 60.79 -12.29 0.62
CA ILE Z 311 61.03 -13.11 1.80
C ILE Z 311 62.31 -13.94 1.60
N GLN Z 312 62.45 -14.57 0.44
CA GLN Z 312 63.64 -15.35 0.15
C GLN Z 312 64.90 -14.48 0.24
N GLU Z 313 64.84 -13.27 -0.30
CA GLU Z 313 66.00 -12.39 -0.27
C GLU Z 313 66.37 -12.00 1.16
N HIS Z 314 65.37 -11.69 1.99
CA HIS Z 314 65.67 -11.08 3.29
C HIS Z 314 65.81 -12.09 4.42
N ILE Z 315 64.78 -12.90 4.67
CA ILE Z 315 64.75 -13.64 5.91
C ILE Z 315 65.63 -14.89 5.85
N PHE Z 316 65.78 -15.50 4.68
CA PHE Z 316 66.42 -16.81 4.56
C PHE Z 316 67.88 -16.74 4.14
N ASP Z 317 68.27 -15.69 3.40
CA ASP Z 317 69.62 -15.64 2.86
C ASP Z 317 70.71 -15.63 3.93
N PRO Z 318 70.69 -14.74 4.94
CA PRO Z 318 71.83 -14.69 5.86
C PRO Z 318 72.07 -15.99 6.63
N LEU Z 319 71.00 -16.66 7.05
CA LEU Z 319 71.15 -17.91 7.79
C LEU Z 319 71.83 -18.97 6.92
N LEU Z 320 71.40 -19.10 5.67
CA LEU Z 320 72.01 -20.08 4.79
C LEU Z 320 73.45 -19.71 4.47
N GLU Z 321 73.74 -18.43 4.28
CA GLU Z 321 75.12 -18.01 4.02
C GLU Z 321 76.03 -18.38 5.19
N ARG Z 322 75.61 -18.05 6.41
CA ARG Z 322 76.42 -18.37 7.58
C ARG Z 322 76.59 -19.88 7.73
N HIS Z 323 75.49 -20.63 7.58
CA HIS Z 323 75.54 -22.07 7.71
C HIS Z 323 76.50 -22.69 6.70
N TYR Z 324 76.43 -22.27 5.45
CA TYR Z 324 77.24 -22.89 4.42
C TYR Z 324 78.70 -22.47 4.54
N LEU Z 325 78.96 -21.22 4.93
CA LEU Z 325 80.34 -20.81 5.19
C LEU Z 325 80.96 -21.66 6.29
N LEU Z 326 80.24 -21.79 7.42
CA LEU Z 326 80.79 -22.55 8.54
C LEU Z 326 80.97 -24.01 8.17
N LEU Z 327 80.00 -24.61 7.47
CA LEU Z 327 80.10 -26.01 7.09
C LEU Z 327 81.26 -26.23 6.10
N ALA Z 328 81.41 -25.34 5.12
CA ALA Z 328 82.49 -25.50 4.15
C ALA Z 328 83.85 -25.38 4.82
N LYS Z 329 84.01 -24.43 5.73
CA LYS Z 329 85.31 -24.29 6.39
C LYS Z 329 85.56 -25.45 7.35
N SER Z 330 84.50 -25.97 7.98
CA SER Z 330 84.67 -27.02 8.99
C SER Z 330 85.18 -28.31 8.38
N GLU Z 331 84.71 -28.68 7.20
CA GLU Z 331 85.03 -29.97 6.59
C GLU Z 331 86.07 -29.86 5.48
N GLU Z 332 87.01 -28.92 5.60
CA GLU Z 332 88.12 -28.78 4.66
C GLU Z 332 87.64 -28.64 3.22
N ILE Z 333 86.58 -27.86 3.03
CA ILE Z 333 86.08 -27.52 1.70
C ILE Z 333 86.63 -26.13 1.37
N ASP Z 334 87.74 -26.09 0.65
CA ASP Z 334 88.41 -24.82 0.35
C ASP Z 334 87.89 -24.20 -0.93
N VAL Z 335 86.57 -24.09 -1.04
CA VAL Z 335 85.91 -23.43 -2.18
C VAL Z 335 84.76 -22.61 -1.64
N GLN Z 336 84.65 -21.36 -2.09
CA GLN Z 336 83.55 -20.51 -1.69
C GLN Z 336 82.23 -21.01 -2.30
N LEU Z 337 81.15 -20.79 -1.58
CA LEU Z 337 79.83 -21.24 -2.00
C LEU Z 337 78.88 -20.05 -2.12
N GLU Z 338 78.07 -20.06 -3.19
CA GLU Z 338 77.02 -19.07 -3.38
C GLU Z 338 75.72 -19.80 -3.62
N ILE Z 339 74.61 -19.16 -3.21
CA ILE Z 339 73.30 -19.80 -3.17
C ILE Z 339 72.44 -19.21 -4.28
N VAL Z 340 71.87 -20.10 -5.11
CA VAL Z 340 70.96 -19.71 -6.18
C VAL Z 340 69.61 -20.36 -5.89
N TRP Z 341 68.57 -19.53 -5.86
CA TRP Z 341 67.23 -20.01 -5.53
C TRP Z 341 66.51 -20.47 -6.79
N ASN Z 342 65.72 -21.54 -6.65
CA ASN Z 342 64.86 -21.99 -7.73
C ASN Z 342 63.74 -20.99 -7.97
N PRO Z 343 63.18 -20.96 -9.18
CA PRO Z 343 62.05 -20.05 -9.43
C PRO Z 343 60.88 -20.35 -8.50
N VAL Z 344 60.27 -19.27 -8.00
CA VAL Z 344 59.18 -19.43 -7.05
C VAL Z 344 57.89 -19.83 -7.77
N ASP Z 345 57.74 -19.47 -9.04
CA ASP Z 345 56.53 -19.80 -9.78
C ASP Z 345 56.41 -21.31 -9.97
N SER Z 346 55.22 -21.83 -9.72
CA SER Z 346 54.92 -23.25 -9.86
C SER Z 346 53.84 -23.43 -10.92
N THR Z 347 54.11 -24.31 -11.89
CA THR Z 347 53.20 -24.56 -12.98
C THR Z 347 52.98 -26.06 -13.14
N SER Z 348 51.85 -26.42 -13.74
CA SER Z 348 51.51 -27.81 -13.96
C SER Z 348 52.33 -28.38 -15.12
N SER Z 349 52.05 -29.61 -15.51
CA SER Z 349 52.87 -30.30 -16.51
C SER Z 349 52.78 -29.62 -17.87
N GLN Z 350 51.58 -29.17 -18.26
CA GLN Z 350 51.41 -28.58 -19.57
C GLN Z 350 52.25 -27.32 -19.72
N GLN Z 351 52.09 -26.38 -18.79
CA GLN Z 351 52.87 -25.14 -18.84
C GLN Z 351 54.36 -25.44 -18.84
N GLN Z 352 54.78 -26.51 -18.15
CA GLN Z 352 56.16 -26.96 -18.27
C GLN Z 352 56.49 -27.37 -19.71
N ALA Z 353 55.54 -28.04 -20.38
CA ALA Z 353 55.79 -28.51 -21.73
C ALA Z 353 56.00 -27.36 -22.70
N GLU Z 354 55.08 -26.39 -22.73
CA GLU Z 354 55.35 -25.27 -23.62
C GLU Z 354 56.36 -24.28 -23.05
N LEU Z 355 56.78 -24.42 -21.79
CA LEU Z 355 57.91 -23.65 -21.31
C LEU Z 355 59.21 -24.18 -21.88
N ASN Z 356 59.38 -25.50 -21.87
CA ASN Z 356 60.62 -26.09 -22.37
C ASN Z 356 60.74 -25.91 -23.88
N ASN Z 357 59.63 -26.02 -24.60
CA ASN Z 357 59.69 -25.95 -26.06
C ASN Z 357 60.14 -24.57 -26.53
N LYS Z 358 59.65 -23.51 -25.90
CA LYS Z 358 60.09 -22.16 -26.29
C LYS Z 358 61.57 -21.97 -26.02
N LYS Z 359 62.07 -22.49 -24.89
CA LYS Z 359 63.50 -22.43 -24.63
C LYS Z 359 64.27 -23.24 -25.66
N ALA Z 360 63.75 -24.41 -26.04
CA ALA Z 360 64.42 -25.22 -27.05
C ALA Z 360 64.46 -24.50 -28.39
N ALA Z 361 63.36 -23.85 -28.78
CA ALA Z 361 63.35 -23.09 -30.02
C ALA Z 361 64.35 -21.94 -29.97
N THR Z 362 64.41 -21.23 -28.83
CA THR Z 362 65.35 -20.14 -28.69
C THR Z 362 66.79 -20.65 -28.73
N ASP Z 363 67.03 -21.83 -28.16
CA ASP Z 363 68.37 -22.39 -28.15
C ASP Z 363 68.87 -22.66 -29.57
N GLU Z 364 68.01 -23.21 -30.42
CA GLU Z 364 68.43 -23.58 -31.76
C GLU Z 364 68.82 -22.37 -32.60
N ILE Z 365 68.19 -21.22 -32.35
CA ILE Z 365 68.53 -20.01 -33.10
C ILE Z 365 69.96 -19.58 -32.81
N TYR Z 366 70.36 -19.62 -31.53
CA TYR Z 366 71.68 -19.13 -31.16
C TYR Z 366 72.79 -20.02 -31.71
N ILE Z 367 72.64 -21.34 -31.57
CA ILE Z 367 73.70 -22.26 -32.00
C ILE Z 367 73.89 -22.19 -33.50
N ASN Z 368 72.80 -22.14 -34.26
CA ASN Z 368 72.91 -22.02 -35.71
C ASN Z 368 73.55 -20.70 -36.11
N SER Z 369 73.39 -19.67 -35.30
CA SER Z 369 73.95 -18.35 -35.58
C SER Z 369 75.34 -18.16 -35.00
N GLY Z 370 75.89 -19.18 -34.35
CA GLY Z 370 77.25 -19.11 -33.82
C GLY Z 370 77.38 -18.42 -32.49
N VAL Z 371 76.28 -17.95 -31.88
CA VAL Z 371 76.38 -17.26 -30.60
C VAL Z 371 76.83 -18.22 -29.51
N VAL Z 372 76.26 -19.42 -29.47
CA VAL Z 372 76.57 -20.39 -28.42
C VAL Z 372 77.17 -21.64 -29.05
N SER Z 373 77.55 -22.60 -28.20
CA SER Z 373 78.12 -23.87 -28.61
C SER Z 373 77.17 -25.00 -28.22
N PRO Z 374 77.28 -26.16 -28.88
CA PRO Z 374 76.46 -27.30 -28.46
C PRO Z 374 76.70 -27.71 -27.02
N ASP Z 375 77.92 -27.54 -26.51
CA ASP Z 375 78.20 -27.91 -25.12
C ASP Z 375 77.65 -26.88 -24.14
N GLU Z 376 77.62 -25.60 -24.52
CA GLU Z 376 77.13 -24.57 -23.61
C GLU Z 376 75.67 -24.81 -23.23
N VAL Z 377 74.84 -25.14 -24.21
CA VAL Z 377 73.44 -25.42 -23.90
C VAL Z 377 73.30 -26.75 -23.15
N ARG Z 378 74.18 -27.72 -23.44
CA ARG Z 378 74.11 -29.00 -22.74
C ARG Z 378 74.30 -28.83 -21.24
N GLU Z 379 75.20 -27.94 -20.83
CA GLU Z 379 75.40 -27.69 -19.41
C GLU Z 379 74.13 -27.11 -18.77
N ARG Z 380 73.43 -26.24 -19.50
CA ARG Z 380 72.26 -25.57 -18.93
C ARG Z 380 71.16 -26.57 -18.60
N LEU Z 381 70.90 -27.53 -19.48
CA LEU Z 381 69.90 -28.56 -19.19
C LEU Z 381 70.32 -29.41 -17.99
N ARG Z 382 71.62 -29.71 -17.88
CA ARG Z 382 72.10 -30.49 -16.74
C ARG Z 382 71.87 -29.74 -15.43
N ASP Z 383 72.08 -28.41 -15.43
CA ASP Z 383 71.93 -27.64 -14.22
C ASP Z 383 70.47 -27.45 -13.84
N ASP Z 384 69.59 -27.33 -14.83
CA ASP Z 384 68.17 -27.10 -14.55
C ASP Z 384 67.51 -28.40 -14.12
N PRO Z 385 66.94 -28.47 -12.91
CA PRO Z 385 66.25 -29.71 -12.50
C PRO Z 385 64.87 -29.84 -13.11
N ARG Z 386 64.20 -28.71 -13.38
CA ARG Z 386 62.85 -28.75 -13.94
C ARG Z 386 62.83 -29.31 -15.35
N SER Z 387 63.94 -29.26 -16.08
CA SER Z 387 63.98 -29.82 -17.41
C SER Z 387 63.81 -31.33 -17.36
N GLY Z 388 63.15 -31.88 -18.38
CA GLY Z 388 62.96 -33.33 -18.44
C GLY Z 388 64.25 -34.09 -18.50
N TYR Z 389 65.28 -33.51 -19.10
CA TYR Z 389 66.60 -34.15 -19.19
C TYR Z 389 67.34 -33.92 -17.87
N ASN Z 390 67.41 -34.97 -17.05
CA ASN Z 390 68.12 -34.91 -15.78
C ASN Z 390 68.98 -36.13 -15.50
N ARG Z 391 69.04 -37.10 -16.42
CA ARG Z 391 69.83 -38.31 -16.24
C ARG Z 391 71.06 -38.33 -17.14
N LEU Z 392 71.49 -37.16 -17.62
CA LEU Z 392 72.58 -37.10 -18.58
C LEU Z 392 73.86 -37.68 -18.00
N THR Z 393 74.61 -38.39 -18.84
CA THR Z 393 75.90 -38.94 -18.46
C THR Z 393 76.95 -37.83 -18.50
N ASP Z 394 78.20 -38.20 -18.25
CA ASP Z 394 79.30 -37.24 -18.22
C ASP Z 394 79.90 -36.99 -19.59
N ASP Z 395 79.23 -37.41 -20.66
CA ASP Z 395 79.73 -37.16 -22.01
C ASP Z 395 79.69 -35.66 -22.32
N GLN Z 396 80.58 -35.25 -23.22
CA GLN Z 396 80.75 -33.84 -23.56
C GLN Z 396 80.44 -33.60 -25.03
N ALA Z 397 79.81 -32.48 -25.31
CA ALA Z 397 79.49 -32.08 -26.68
C ALA Z 397 80.62 -31.20 -27.22
N GLU Z 398 80.39 -30.58 -28.38
CA GLU Z 398 81.37 -29.68 -28.97
C GLU Z 398 81.34 -28.34 -28.26
N THR Z 399 82.52 -27.86 -27.86
CA THR Z 399 82.64 -26.60 -27.13
C THR Z 399 82.88 -25.39 -28.02
N GLU Z 400 83.26 -25.60 -29.28
CA GLU Z 400 83.52 -24.47 -30.17
C GLU Z 400 82.19 -23.88 -30.63
N PRO Z 401 81.96 -22.58 -30.45
CA PRO Z 401 80.63 -22.03 -30.71
C PRO Z 401 80.19 -22.20 -32.15
N GLY Z 402 78.90 -22.52 -32.33
CA GLY Z 402 78.30 -22.59 -33.64
C GLY Z 402 78.56 -23.86 -34.42
N MET Z 403 79.27 -24.82 -33.87
CA MET Z 403 79.60 -26.05 -34.59
C MET Z 403 78.47 -27.07 -34.43
N SER Z 404 77.36 -26.76 -35.10
CA SER Z 404 76.25 -27.70 -35.18
C SER Z 404 76.59 -28.80 -36.18
N PRO Z 405 75.91 -29.95 -36.08
CA PRO Z 405 76.19 -31.03 -37.04
C PRO Z 405 76.04 -30.61 -38.49
N GLU Z 406 75.05 -29.79 -38.81
CA GLU Z 406 74.93 -29.28 -40.17
C GLU Z 406 75.96 -28.19 -40.45
N ASN Z 407 76.32 -27.39 -39.44
CA ASN Z 407 77.36 -26.38 -39.63
C ASN Z 407 78.72 -27.03 -39.82
N LEU Z 408 79.00 -28.10 -39.08
CA LEU Z 408 80.26 -28.80 -39.26
C LEU Z 408 80.31 -29.50 -40.62
N ALA Z 409 79.17 -29.98 -41.11
CA ALA Z 409 79.14 -30.66 -42.40
C ALA Z 409 79.55 -29.73 -43.53
N GLU Z 410 79.09 -28.47 -43.49
CA GLU Z 410 79.45 -27.50 -44.50
C GLU Z 410 80.82 -26.87 -44.28
N PHE Z 411 81.46 -27.14 -43.14
CA PHE Z 411 82.77 -26.56 -42.87
C PHE Z 411 83.81 -27.04 -43.87
N GLU Z 412 84.08 -28.36 -43.87
CA GLU Z 412 85.10 -28.88 -44.78
C GLU Z 412 84.61 -28.92 -46.22
N LYS Z 413 83.29 -29.03 -46.43
CA LYS Z 413 82.76 -29.02 -47.78
C LYS Z 413 83.06 -27.69 -48.48
N ALA Z 414 82.86 -26.58 -47.78
CA ALA Z 414 83.19 -25.28 -48.35
C ALA Z 414 84.70 -25.13 -48.54
N GLY Z 415 85.49 -25.60 -47.58
CA GLY Z 415 86.93 -25.49 -47.69
C GLY Z 415 87.50 -26.32 -48.82
N ALA Z 416 87.00 -27.55 -48.99
CA ALA Z 416 87.50 -28.41 -50.06
C ALA Z 416 87.23 -27.81 -51.43
N GLN Z 417 86.03 -27.27 -51.64
CA GLN Z 417 85.74 -26.59 -52.90
C GLN Z 417 86.60 -25.35 -53.08
N SER Z 418 86.79 -24.59 -51.99
CA SER Z 418 87.66 -23.42 -52.06
C SER Z 418 89.10 -23.83 -52.36
N ALA Z 419 89.59 -24.88 -51.70
CA ALA Z 419 90.93 -25.36 -51.98
C ALA Z 419 91.05 -25.87 -53.41
N LYS Z 420 90.03 -26.59 -53.89
CA LYS Z 420 90.05 -27.07 -55.27
C LYS Z 420 90.07 -25.90 -56.26
N ALA Z 421 89.27 -24.87 -55.99
CA ALA Z 421 89.11 -23.77 -56.95
C ALA Z 421 90.41 -23.03 -57.21
N LYS Z 422 91.38 -23.12 -56.30
CA LYS Z 422 92.66 -22.47 -56.54
C LYS Z 422 93.44 -23.15 -57.67
N GLY Z 423 93.28 -24.46 -57.81
CA GLY Z 423 94.10 -25.19 -58.77
C GLY Z 423 93.86 -24.79 -60.21
N GLU Z 424 92.58 -24.67 -60.60
CA GLU Z 424 92.28 -24.38 -62.00
C GLU Z 424 92.77 -23.00 -62.42
N ALA Z 425 92.70 -22.02 -61.51
CA ALA Z 425 93.21 -20.69 -61.83
C ALA Z 425 94.70 -20.75 -62.14
N GLU Z 426 95.47 -21.47 -61.33
CA GLU Z 426 96.88 -21.68 -61.63
C GLU Z 426 97.06 -22.62 -62.82
N ARG Z 427 96.18 -23.61 -62.96
CA ARG Z 427 96.25 -24.51 -64.11
C ARG Z 427 96.00 -23.74 -65.40
N ALA Z 428 95.04 -22.82 -65.39
CA ALA Z 428 94.80 -21.99 -66.57
C ALA Z 428 95.97 -21.06 -66.85
N GLU Z 429 96.74 -20.69 -65.82
CA GLU Z 429 97.87 -19.81 -66.01
C GLU Z 429 98.95 -20.47 -66.87
N ALA Z 430 99.00 -21.80 -66.91
CA ALA Z 430 99.92 -22.48 -67.81
C ALA Z 430 99.60 -22.14 -69.25
N GLN Z 431 98.32 -22.17 -69.61
CA GLN Z 431 97.89 -21.74 -70.93
C GLN Z 431 97.93 -20.22 -71.03
N ALA Z 432 98.12 -19.74 -72.26
CA ALA Z 432 98.28 -18.30 -72.53
C ALA Z 432 99.41 -17.71 -71.70
N GLY Z 433 100.52 -18.43 -71.62
CA GLY Z 433 101.67 -17.98 -70.87
C GLY Z 433 102.99 -18.59 -71.34
N PRO AA 1 36.71 33.82 1.70
CA PRO AA 1 35.87 33.00 2.58
C PRO AA 1 36.60 32.61 3.87
N THR AA 2 36.09 33.05 5.01
CA THR AA 2 36.73 32.74 6.28
C THR AA 2 36.72 31.24 6.56
N MET AA 3 35.58 30.59 6.30
CA MET AA 3 35.48 29.16 6.59
C MET AA 3 36.42 28.34 5.72
N LEU AA 4 36.52 28.68 4.43
CA LEU AA 4 37.46 27.98 3.56
C LEU AA 4 38.89 28.18 4.03
N GLN AA 5 39.24 29.41 4.41
CA GLN AA 5 40.59 29.68 4.88
C GLN AA 5 40.91 28.89 6.14
N ASP AA 6 39.97 28.84 7.08
CA ASP AA 6 40.19 28.08 8.31
C ASP AA 6 40.31 26.58 8.02
N TRP AA 7 39.45 26.07 7.13
CA TRP AA 7 39.50 24.65 6.80
C TRP AA 7 40.83 24.27 6.16
N TYR AA 8 41.34 25.13 5.27
CA TYR AA 8 42.61 24.81 4.62
C TYR AA 8 43.80 25.05 5.54
N ASN AA 9 43.69 25.98 6.49
CA ASN AA 9 44.78 26.27 7.40
C ASN AA 9 44.86 25.29 8.56
N SER AA 10 43.76 24.60 8.88
CA SER AA 10 43.77 23.70 10.03
C SER AA 10 44.82 22.61 9.88
N GLN AA 11 45.02 22.10 8.68
CA GLN AA 11 46.06 21.10 8.46
C GLN AA 11 47.43 21.72 8.66
N GLY AA 12 48.30 20.99 9.35
CA GLY AA 12 49.64 21.48 9.63
C GLY AA 12 50.48 20.38 10.24
N PHE AA 13 51.68 20.77 10.66
CA PHE AA 13 52.60 19.82 11.26
C PHE AA 13 52.04 19.28 12.57
N ILE AA 14 52.28 18.00 12.84
CA ILE AA 14 51.75 17.36 14.02
C ILE AA 14 52.82 17.00 15.04
N GLY AA 15 54.06 16.76 14.60
CA GLY AA 15 55.12 16.43 15.54
C GLY AA 15 55.72 15.05 15.32
N TYR AA 16 57.01 14.93 15.63
CA TYR AA 16 57.69 13.64 15.45
C TYR AA 16 57.13 12.58 16.38
N GLN AA 17 56.78 12.96 17.61
CA GLN AA 17 56.18 12.00 18.53
C GLN AA 17 54.85 11.49 17.99
N ALA AA 18 54.02 12.39 17.47
CA ALA AA 18 52.73 11.97 16.90
C ALA AA 18 52.94 11.07 15.69
N CYS AA 19 53.90 11.41 14.83
CA CYS AA 19 54.18 10.56 13.68
C CYS AA 19 54.63 9.18 14.10
N ALA AA 20 55.52 9.11 15.10
CA ALA AA 20 56.00 7.81 15.58
C ALA AA 20 54.87 6.99 16.17
N ILE AA 21 53.99 7.61 16.95
CA ILE AA 21 52.87 6.89 17.53
C ILE AA 21 51.92 6.39 16.44
N ILE AA 22 51.63 7.23 15.46
CA ILE AA 22 50.71 6.85 14.39
C ILE AA 22 51.30 5.74 13.53
N SER AA 23 52.62 5.69 13.38
CA SER AA 23 53.25 4.72 12.50
C SER AA 23 53.05 3.27 12.95
N GLN AA 24 52.59 3.05 14.18
CA GLN AA 24 52.40 1.67 14.66
C GLN AA 24 51.33 0.94 13.87
N HIS AA 25 50.35 1.65 13.32
CA HIS AA 25 49.23 0.99 12.68
C HIS AA 25 49.67 0.22 11.44
N TRP AA 26 48.97 -0.89 11.18
CA TRP AA 26 49.36 -1.78 10.10
C TRP AA 26 49.17 -1.13 8.73
N LEU AA 27 48.06 -0.41 8.53
CA LEU AA 27 47.78 0.16 7.22
C LEU AA 27 48.79 1.24 6.86
N VAL AA 28 49.11 2.12 7.81
CA VAL AA 28 50.09 3.17 7.55
C VAL AA 28 51.45 2.57 7.26
N ASP AA 29 51.85 1.56 8.03
CA ASP AA 29 53.12 0.89 7.80
C ASP AA 29 53.16 0.27 6.40
N LYS AA 30 52.08 -0.41 6.01
CA LYS AA 30 52.02 -1.03 4.69
C LYS AA 30 52.16 0.03 3.60
N ALA AA 31 51.41 1.13 3.71
CA ALA AA 31 51.44 2.16 2.70
C ALA AA 31 52.83 2.79 2.60
N CYS AA 32 53.48 3.03 3.74
CA CYS AA 32 54.80 3.64 3.72
C CYS AA 32 55.91 2.67 3.32
N SER AA 33 55.67 1.37 3.42
CA SER AA 33 56.75 0.40 3.22
C SER AA 33 56.72 -0.30 1.86
N MET AA 34 55.54 -0.50 1.27
CA MET AA 34 55.49 -1.32 0.04
C MET AA 34 56.25 -0.67 -1.10
N SER AA 35 56.13 0.65 -1.26
CA SER AA 35 56.83 1.33 -2.35
C SER AA 35 58.34 1.17 -2.23
N GLY AA 36 58.87 1.37 -1.01
CA GLY AA 36 60.29 1.18 -0.80
C GLY AA 36 60.72 -0.26 -1.01
N GLU AA 37 59.91 -1.22 -0.56
CA GLU AA 37 60.25 -2.63 -0.75
C GLU AA 37 60.32 -3.00 -2.22
N ASP AA 38 59.35 -2.51 -3.01
CA ASP AA 38 59.33 -2.85 -4.43
C ASP AA 38 60.38 -2.11 -5.24
N ALA AA 39 60.72 -0.88 -4.84
CA ALA AA 39 61.60 -0.05 -5.67
C ALA AA 39 63.01 -0.62 -5.77
N ALA AA 40 63.56 -1.13 -4.66
CA ALA AA 40 64.98 -1.43 -4.60
C ALA AA 40 65.27 -2.92 -4.45
N ARG AA 41 64.58 -3.76 -5.21
CA ARG AA 41 64.81 -5.20 -5.14
C ARG AA 41 65.24 -5.83 -6.46
N ASN AA 42 65.00 -5.18 -7.60
CA ASN AA 42 65.40 -5.78 -8.87
C ASN AA 42 66.90 -5.68 -9.10
N GLY AA 43 67.62 -4.93 -8.28
CA GLY AA 43 69.07 -4.94 -8.31
C GLY AA 43 69.65 -4.06 -9.41
N TRP AA 44 70.96 -3.97 -9.38
CA TRP AA 44 71.71 -3.17 -10.35
C TRP AA 44 73.06 -3.83 -10.58
N GLU AA 45 73.67 -3.52 -11.72
CA GLU AA 45 74.95 -4.09 -12.10
C GLU AA 45 76.01 -3.00 -12.15
N LEU AA 46 77.21 -3.33 -11.71
CA LEU AA 46 78.31 -2.37 -11.74
C LEU AA 46 78.80 -2.18 -13.16
N LYS AA 47 78.75 -0.95 -13.65
CA LYS AA 47 79.14 -0.63 -15.01
C LYS AA 47 80.25 0.41 -14.94
N SER AA 48 81.32 0.23 -15.72
CA SER AA 48 82.50 1.09 -15.64
C SER AA 48 82.94 1.53 -17.03
N ASP AA 49 82.46 2.69 -17.45
CA ASP AA 49 82.98 3.40 -18.62
C ASP AA 49 82.89 2.56 -19.90
N GLY AA 50 81.80 1.82 -20.05
CA GLY AA 50 81.51 1.12 -21.28
C GLY AA 50 82.17 -0.23 -21.44
N ARG AA 51 83.03 -0.64 -20.51
CA ARG AA 51 83.66 -1.95 -20.57
C ARG AA 51 83.58 -2.59 -19.18
N LYS AA 52 83.86 -3.89 -19.13
CA LYS AA 52 83.80 -4.65 -17.89
C LYS AA 52 85.20 -4.79 -17.31
N LEU AA 53 85.35 -4.39 -16.05
CA LEU AA 53 86.63 -4.44 -15.36
C LEU AA 53 86.90 -5.85 -14.84
N SER AA 54 88.02 -6.03 -14.15
CA SER AA 54 88.47 -7.37 -13.77
C SER AA 54 87.56 -7.99 -12.72
N ASP AA 55 87.42 -9.32 -12.79
CA ASP AA 55 86.42 -10.02 -12.01
C ASP AA 55 86.80 -10.13 -10.53
N GLU AA 56 88.10 -10.22 -10.22
CA GLU AA 56 88.51 -10.38 -8.83
C GLU AA 56 88.12 -9.16 -7.99
N GLN AA 57 88.36 -7.96 -8.50
CA GLN AA 57 87.98 -6.77 -7.76
C GLN AA 57 86.47 -6.57 -7.79
N SER AA 58 85.79 -7.11 -8.81
CA SER AA 58 84.33 -7.13 -8.78
C SER AA 58 83.83 -7.98 -7.62
N ALA AA 59 84.43 -9.14 -7.41
CA ALA AA 59 84.08 -9.98 -6.26
C ALA AA 59 84.42 -9.27 -4.95
N LEU AA 60 85.54 -8.53 -4.95
CA LEU AA 60 85.87 -7.71 -3.78
C LEU AA 60 84.76 -6.71 -3.48
N ILE AA 61 84.30 -5.99 -4.50
CA ILE AA 61 83.21 -5.04 -4.32
C ILE AA 61 81.97 -5.77 -3.81
N ALA AA 62 81.70 -6.96 -4.35
CA ALA AA 62 80.52 -7.71 -3.93
C ALA AA 62 80.59 -8.09 -2.45
N ARG AA 63 81.76 -8.54 -1.98
CA ARG AA 63 81.86 -8.94 -0.57
C ARG AA 63 81.78 -7.74 0.36
N ARG AA 64 82.42 -6.63 0.00
CA ARG AA 64 82.25 -5.42 0.83
C ARG AA 64 80.80 -4.96 0.82
N ASP AA 65 80.12 -5.07 -0.33
CA ASP AA 65 78.73 -4.65 -0.41
C ASP AA 65 77.84 -5.51 0.49
N MET AA 66 78.00 -6.83 0.42
CA MET AA 66 77.22 -7.73 1.27
C MET AA 66 77.53 -7.50 2.74
N GLU AA 67 78.79 -7.21 3.06
CA GLU AA 67 79.15 -6.92 4.43
C GLU AA 67 78.49 -5.64 4.93
N PHE AA 68 78.39 -4.63 4.06
CA PHE AA 68 77.90 -3.32 4.48
C PHE AA 68 76.38 -3.17 4.42
N ARG AA 69 75.70 -4.08 3.73
CA ARG AA 69 74.22 -4.15 3.74
C ARG AA 69 73.60 -2.83 3.28
N VAL AA 70 73.85 -2.48 2.02
CA VAL AA 70 73.31 -1.22 1.51
C VAL AA 70 71.83 -1.37 1.15
N LYS AA 71 71.38 -2.58 0.82
CA LYS AA 71 69.99 -2.76 0.42
C LYS AA 71 69.04 -2.46 1.58
N ASP AA 72 69.32 -3.03 2.76
CA ASP AA 72 68.51 -2.75 3.93
C ASP AA 72 68.58 -1.27 4.30
N ASN AA 73 69.76 -0.67 4.15
CA ASN AA 73 69.90 0.76 4.42
C ASN AA 73 68.99 1.57 3.51
N LEU AA 74 68.95 1.24 2.22
CA LEU AA 74 68.06 1.93 1.29
C LEU AA 74 66.61 1.74 1.67
N VAL AA 75 66.24 0.52 2.05
CA VAL AA 75 64.84 0.22 2.38
C VAL AA 75 64.40 1.05 3.59
N GLU AA 76 65.18 1.02 4.67
CA GLU AA 76 64.81 1.82 5.84
C GLU AA 76 64.88 3.31 5.54
N LEU AA 77 65.81 3.73 4.68
CA LEU AA 77 65.87 5.14 4.30
C LEU AA 77 64.57 5.59 3.66
N ASN AA 78 64.10 4.83 2.68
CA ASN AA 78 62.84 5.19 2.02
C ASN AA 78 61.67 5.14 3.01
N ARG AA 79 61.63 4.09 3.83
CA ARG AA 79 60.50 3.92 4.76
C ARG AA 79 60.42 5.07 5.74
N PHE AA 80 61.55 5.43 6.36
CA PHE AA 80 61.52 6.49 7.36
C PHE AA 80 61.48 7.87 6.75
N LYS AA 81 61.92 8.05 5.51
CA LYS AA 81 61.66 9.30 4.82
C LYS AA 81 60.17 9.47 4.57
N ASN AA 82 59.49 8.39 4.20
CA ASN AA 82 58.04 8.47 4.02
C ASN AA 82 57.34 8.76 5.34
N VAL AA 83 57.74 8.10 6.42
CA VAL AA 83 56.99 8.25 7.66
C VAL AA 83 57.32 9.56 8.37
N PHE AA 84 58.52 10.09 8.20
CA PHE AA 84 58.96 11.29 8.93
C PHE AA 84 59.08 12.52 8.06
N GLY AA 85 59.29 12.37 6.77
CA GLY AA 85 59.47 13.51 5.89
C GLY AA 85 60.92 13.72 5.51
N VAL AA 86 61.83 13.52 6.46
CA VAL AA 86 63.26 13.67 6.22
C VAL AA 86 64.00 12.51 6.87
N ARG AA 87 65.04 12.03 6.19
CA ARG AA 87 65.95 11.05 6.74
C ARG AA 87 67.38 11.48 6.40
N ILE AA 88 68.29 11.26 7.33
CA ILE AA 88 69.68 11.69 7.20
C ILE AA 88 70.56 10.46 7.24
N ALA AA 89 71.42 10.32 6.23
CA ALA AA 89 72.41 9.25 6.16
C ALA AA 89 73.80 9.85 6.27
N LEU AA 90 74.62 9.27 7.14
CA LEU AA 90 75.95 9.77 7.43
C LEU AA 90 76.99 8.76 6.99
N PHE AA 91 77.98 9.22 6.23
CA PHE AA 91 79.07 8.38 5.75
C PHE AA 91 80.15 8.36 6.82
N VAL AA 92 80.30 7.22 7.50
CA VAL AA 92 81.24 7.10 8.61
C VAL AA 92 82.64 6.88 8.05
N VAL AA 93 83.55 7.81 8.31
CA VAL AA 93 84.93 7.75 7.85
C VAL AA 93 85.84 7.92 9.05
N GLU AA 94 86.80 7.01 9.21
CA GLU AA 94 87.75 7.05 10.31
C GLU AA 94 89.06 7.66 9.82
N SER AA 95 89.46 8.78 10.41
CA SER AA 95 90.68 9.46 10.01
C SER AA 95 91.31 10.11 11.24
N ASP AA 96 92.46 10.73 11.03
CA ASP AA 96 93.21 11.38 12.10
C ASP AA 96 92.83 12.85 12.29
N ASP AA 97 92.03 13.41 11.41
CA ASP AA 97 91.66 14.82 11.51
C ASP AA 97 90.68 15.01 12.66
N PRO AA 98 90.99 15.84 13.66
CA PRO AA 98 90.08 16.00 14.80
C PRO AA 98 88.71 16.56 14.42
N ASP AA 99 88.63 17.40 13.39
CA ASP AA 99 87.39 18.04 12.98
C ASP AA 99 87.20 17.91 11.47
N TYR AA 100 87.37 16.70 10.95
CA TYR AA 100 87.21 16.47 9.52
C TYR AA 100 85.79 16.76 9.06
N TYR AA 101 84.79 16.33 9.83
CA TYR AA 101 83.41 16.55 9.45
C TYR AA 101 83.01 18.02 9.52
N GLU AA 102 83.77 18.85 10.22
CA GLU AA 102 83.48 20.28 10.25
C GLU AA 102 83.87 20.95 8.95
N LYS AA 103 84.97 20.52 8.35
CA LYS AA 103 85.45 21.12 7.11
C LYS AA 103 84.55 20.70 5.94
N PRO AA 104 84.49 21.52 4.88
CA PRO AA 104 83.76 21.12 3.69
C PRO AA 104 84.36 19.87 3.06
N PHE AA 105 83.50 19.10 2.40
CA PHE AA 105 83.91 17.80 1.88
C PHE AA 105 85.02 17.94 0.84
N ASN AA 106 86.07 17.14 1.01
CA ASN AA 106 87.17 17.07 0.04
C ASN AA 106 87.38 15.61 -0.32
N PRO AA 107 87.01 15.19 -1.54
CA PRO AA 107 87.19 13.77 -1.90
C PRO AA 107 88.63 13.31 -1.91
N ASP AA 108 89.59 14.24 -2.03
CA ASP AA 108 91.00 13.87 -2.11
C ASP AA 108 91.57 13.40 -0.78
N GLY AA 109 90.85 13.60 0.32
CA GLY AA 109 91.35 13.25 1.64
C GLY AA 109 90.98 11.86 2.11
N VAL AA 110 90.57 10.96 1.22
CA VAL AA 110 90.14 9.63 1.60
C VAL AA 110 91.37 8.76 1.85
N THR AA 111 91.48 8.21 3.04
CA THR AA 111 92.50 7.27 3.53
C THR AA 111 92.10 5.84 3.15
N PRO AA 112 93.03 5.05 2.61
CA PRO AA 112 92.71 3.65 2.31
C PRO AA 112 92.26 2.91 3.57
N GLY AA 113 91.13 2.22 3.45
CA GLY AA 113 90.56 1.49 4.57
C GLY AA 113 89.79 2.34 5.56
N SER AA 114 89.65 3.65 5.32
CA SER AA 114 88.97 4.51 6.27
C SER AA 114 87.46 4.35 6.22
N TYR AA 115 86.90 3.94 5.07
CA TYR AA 115 85.47 3.79 4.94
C TYR AA 115 84.96 2.66 5.83
N LYS AA 116 83.88 2.90 6.56
CA LYS AA 116 83.37 1.94 7.53
C LYS AA 116 81.94 1.51 7.26
N GLY AA 117 81.05 2.41 6.90
CA GLY AA 117 79.66 2.03 6.67
C GLY AA 117 78.75 3.24 6.61
N ILE AA 118 77.45 2.98 6.74
CA ILE AA 118 76.42 3.99 6.65
C ILE AA 118 75.64 4.01 7.96
N SER AA 119 75.47 5.19 8.54
CA SER AA 119 74.68 5.37 9.75
C SER AA 119 73.50 6.29 9.45
N GLN AA 120 72.34 5.94 9.97
CA GLN AA 120 71.12 6.72 9.80
C GLN AA 120 70.67 7.28 11.14
N ILE AA 121 70.19 8.52 11.13
CA ILE AA 121 69.85 9.26 12.34
C ILE AA 121 68.40 9.69 12.27
N ASP AA 122 67.65 9.42 13.34
CA ASP AA 122 66.28 9.86 13.43
C ASP AA 122 66.22 11.39 13.48
N PRO AA 123 65.15 11.99 12.96
CA PRO AA 123 65.10 13.47 12.89
C PRO AA 123 65.14 14.15 14.25
N TYR AA 124 64.72 13.48 15.32
CA TYR AA 124 64.73 14.09 16.65
C TYR AA 124 66.07 13.93 17.37
N TRP AA 125 67.02 13.20 16.79
CA TRP AA 125 68.38 13.18 17.31
C TRP AA 125 69.25 14.26 16.69
N ALA AA 126 68.83 14.85 15.57
CA ALA AA 126 69.59 15.87 14.88
C ALA AA 126 68.84 17.20 14.90
N MET AA 127 69.60 18.28 15.05
CA MET AA 127 69.04 19.63 15.07
C MET AA 127 69.76 20.48 14.04
N PRO AA 128 69.07 20.94 12.99
CA PRO AA 128 69.73 21.73 11.96
C PRO AA 128 70.16 23.09 12.48
N GLN AA 129 71.23 23.62 11.88
CA GLN AA 129 71.75 24.94 12.20
C GLN AA 129 71.82 25.78 10.95
N LEU AA 130 71.37 27.04 11.06
CA LEU AA 130 71.33 27.96 9.94
C LEU AA 130 72.29 29.11 10.20
N THR AA 131 73.13 29.41 9.22
CA THR AA 131 74.08 30.50 9.31
C THR AA 131 73.57 31.73 8.55
N ALA AA 132 74.21 32.87 8.81
CA ALA AA 132 73.82 34.11 8.14
C ALA AA 132 74.05 34.04 6.64
N GLY AA 133 75.02 33.23 6.20
CA GLY AA 133 75.29 33.12 4.78
C GLY AA 133 74.14 32.50 4.01
N SER AA 134 73.52 31.46 4.58
CA SER AA 134 72.42 30.79 3.90
C SER AA 134 71.14 31.61 3.91
N THR AA 135 71.01 32.57 4.81
CA THR AA 135 69.84 33.43 4.91
C THR AA 135 70.16 34.87 4.50
N ALA AA 136 71.06 35.02 3.54
CA ALA AA 136 71.50 36.35 3.12
C ALA AA 136 70.47 37.03 2.23
N ASP AA 137 70.20 36.44 1.06
CA ASP AA 137 69.28 37.01 0.10
C ASP AA 137 68.71 35.92 -0.79
N PRO AA 138 67.51 36.10 -1.32
CA PRO AA 138 66.91 35.05 -2.18
C PRO AA 138 67.69 34.80 -3.46
N SER AA 139 68.51 35.75 -3.91
CA SER AA 139 69.31 35.51 -5.10
C SER AA 139 70.35 34.42 -4.89
N SER AA 140 70.73 34.15 -3.65
CA SER AA 140 71.65 33.05 -3.37
C SER AA 140 71.00 31.72 -3.70
N GLU AA 141 71.77 30.85 -4.37
CA GLU AA 141 71.26 29.56 -4.78
C GLU AA 141 71.01 28.61 -3.62
N HIS AA 142 71.47 28.93 -2.42
CA HIS AA 142 71.25 28.08 -1.26
C HIS AA 142 70.49 28.83 -0.18
N PHE AA 143 69.42 29.51 -0.56
CA PHE AA 143 68.58 30.21 0.40
C PHE AA 143 67.73 29.21 1.18
N TYR AA 144 67.93 29.19 2.50
CA TYR AA 144 67.18 28.32 3.43
C TYR AA 144 67.57 26.85 3.31
N GLU AA 145 68.85 26.59 3.04
CA GLU AA 145 69.42 25.26 3.25
C GLU AA 145 70.43 25.33 4.39
N PRO AA 146 70.24 24.57 5.47
CA PRO AA 146 71.17 24.66 6.61
C PRO AA 146 72.58 24.26 6.21
N ASP AA 147 73.56 24.98 6.75
CA ASP AA 147 74.96 24.62 6.54
C ASP AA 147 75.36 23.45 7.42
N PHE AA 148 74.90 23.42 8.67
CA PHE AA 148 75.36 22.43 9.63
C PHE AA 148 74.18 21.77 10.32
N TRP AA 149 74.39 20.51 10.73
CA TRP AA 149 73.44 19.76 11.53
C TRP AA 149 74.13 19.31 12.81
N ILE AA 150 73.48 19.52 13.94
CA ILE AA 150 74.02 19.14 15.25
C ILE AA 150 73.43 17.79 15.63
N ILE AA 151 74.30 16.81 15.83
CA ILE AA 151 73.90 15.46 16.22
C ILE AA 151 74.59 15.16 17.54
N SER AA 152 73.86 15.36 18.65
CA SER AA 152 74.37 15.08 19.99
C SER AA 152 75.63 15.90 20.30
N GLY AA 153 75.55 17.20 20.03
CA GLY AA 153 76.60 18.11 20.42
C GLY AA 153 77.78 18.22 19.49
N LYS AA 154 77.77 17.52 18.35
CA LYS AA 154 78.86 17.60 17.39
C LYS AA 154 78.36 18.19 16.08
N LYS AA 155 79.21 18.98 15.44
CA LYS AA 155 78.84 19.77 14.27
C LYS AA 155 79.30 19.07 13.01
N TYR AA 156 78.39 18.93 12.04
CA TYR AA 156 78.66 18.31 10.75
C TYR AA 156 78.33 19.29 9.63
N HIS AA 157 79.19 19.34 8.62
CA HIS AA 157 78.92 20.18 7.46
C HIS AA 157 77.86 19.54 6.57
N ARG AA 158 77.21 20.39 5.76
CA ARG AA 158 76.15 19.91 4.88
C ARG AA 158 76.67 18.95 3.82
N SER AA 159 77.84 19.24 3.26
CA SER AA 159 78.35 18.45 2.14
C SER AA 159 78.63 17.00 2.55
N HIS AA 160 79.05 16.78 3.79
CA HIS AA 160 79.34 15.43 4.25
C HIS AA 160 78.09 14.58 4.46
N LEU AA 161 76.91 15.18 4.40
CA LEU AA 161 75.66 14.49 4.69
C LEU AA 161 74.78 14.43 3.45
N VAL AA 162 73.94 13.40 3.40
CA VAL AA 162 72.95 13.22 2.34
C VAL AA 162 71.57 13.34 2.99
N VAL AA 163 70.80 14.31 2.55
CA VAL AA 163 69.48 14.60 3.12
C VAL AA 163 68.43 14.41 2.04
N VAL AA 164 67.39 13.65 2.36
CA VAL AA 164 66.30 13.36 1.43
C VAL AA 164 65.00 13.87 2.03
N ARG AA 165 64.20 14.55 1.21
CA ARG AA 165 62.95 15.14 1.65
C ARG AA 165 61.83 14.71 0.71
N GLY AA 166 60.60 14.75 1.24
CA GLY AA 166 59.42 14.49 0.45
C GLY AA 166 58.99 15.72 -0.30
N PRO AA 167 57.70 16.06 -0.20
CA PRO AA 167 57.22 17.31 -0.81
C PRO AA 167 57.93 18.52 -0.19
N GLN AA 168 58.24 19.50 -1.03
CA GLN AA 168 58.99 20.66 -0.57
C GLN AA 168 58.05 21.84 -0.40
N PRO AA 169 57.79 22.28 0.83
CA PRO AA 169 56.92 23.44 1.03
C PRO AA 169 57.61 24.71 0.58
N PRO AA 170 56.86 25.79 0.37
CA PRO AA 170 57.48 27.07 -0.01
C PRO AA 170 58.37 27.60 1.11
N ASP AA 171 59.15 28.62 0.77
CA ASP AA 171 60.12 29.17 1.70
C ASP AA 171 59.46 29.70 2.97
N ILE AA 172 58.23 30.19 2.87
CA ILE AA 172 57.56 30.76 4.03
C ILE AA 172 57.23 29.68 5.06
N LEU AA 173 56.83 28.50 4.60
CA LEU AA 173 56.46 27.41 5.49
C LEU AA 173 57.61 26.48 5.83
N LYS AA 174 58.76 26.64 5.18
CA LYS AA 174 59.91 25.78 5.49
C LYS AA 174 60.33 25.83 6.95
N PRO AA 175 60.39 26.97 7.63
CA PRO AA 175 60.72 26.94 9.07
C PRO AA 175 59.72 26.17 9.90
N THR AA 176 58.45 26.14 9.50
CA THR AA 176 57.45 25.40 10.27
C THR AA 176 57.74 23.91 10.28
N TYR AA 177 58.07 23.35 9.12
CA TYR AA 177 58.39 21.93 9.00
C TYR AA 177 59.85 21.64 9.32
N ILE AA 178 60.57 22.59 9.90
CA ILE AA 178 61.97 22.44 10.30
C ILE AA 178 62.77 22.09 9.05
N PHE AA 179 62.56 22.87 7.99
CA PHE AA 179 63.29 22.72 6.72
C PHE AA 179 63.21 21.28 6.21
N GLY AA 180 61.99 20.75 6.16
CA GLY AA 180 61.78 19.36 5.77
C GLY AA 180 60.50 19.18 4.99
N GLY AA 181 60.25 17.93 4.61
CA GLY AA 181 59.07 17.58 3.87
C GLY AA 181 57.84 17.40 4.75
N ILE AA 182 56.74 17.06 4.10
CA ILE AA 182 55.45 16.86 4.77
C ILE AA 182 55.28 15.37 5.03
N PRO AA 183 55.07 14.94 6.27
CA PRO AA 183 54.93 13.50 6.55
C PRO AA 183 53.69 12.92 5.89
N LEU AA 184 53.81 11.65 5.49
CA LEU AA 184 52.65 10.95 4.92
C LEU AA 184 51.61 10.62 5.97
N THR AA 185 52.05 10.36 7.21
CA THR AA 185 51.11 10.04 8.28
C THR AA 185 50.15 11.20 8.52
N GLN AA 186 50.67 12.43 8.51
CA GLN AA 186 49.81 13.61 8.62
C GLN AA 186 48.77 13.65 7.53
N ARG AA 187 49.08 13.13 6.34
CA ARG AA 187 48.16 13.17 5.22
C ARG AA 187 47.28 11.93 5.12
N ILE AA 188 47.50 10.91 5.94
CA ILE AA 188 46.77 9.66 5.79
C ILE AA 188 46.03 9.21 7.05
N TYR AA 189 46.37 9.75 8.24
CA TYR AA 189 45.83 9.18 9.47
C TYR AA 189 44.32 9.39 9.59
N GLU AA 190 43.82 10.56 9.17
CA GLU AA 190 42.40 10.84 9.28
C GLU AA 190 41.58 9.83 8.47
N ARG AA 191 41.95 9.64 7.20
CA ARG AA 191 41.21 8.73 6.35
C ARG AA 191 41.37 7.29 6.82
N VAL AA 192 42.55 6.93 7.33
CA VAL AA 192 42.75 5.58 7.85
C VAL AA 192 41.80 5.32 9.02
N TYR AA 193 41.73 6.28 9.95
CA TYR AA 193 40.83 6.12 11.09
C TYR AA 193 39.38 6.05 10.64
N ALA AA 194 38.99 6.89 9.69
CA ALA AA 194 37.61 6.87 9.20
C ALA AA 194 37.25 5.50 8.62
N ALA AA 195 38.12 4.98 7.75
CA ALA AA 195 37.85 3.69 7.12
C ALA AA 195 37.80 2.58 8.17
N GLU AA 196 38.74 2.57 9.12
CA GLU AA 196 38.77 1.50 10.10
C GLU AA 196 37.55 1.54 11.01
N ARG AA 197 37.16 2.73 11.48
CA ARG AA 197 35.98 2.82 12.34
C ARG AA 197 34.72 2.43 11.59
N THR AA 198 34.59 2.86 10.33
CA THR AA 198 33.43 2.48 9.55
C THR AA 198 33.37 0.97 9.35
N ALA AA 199 34.50 0.33 9.08
CA ALA AA 199 34.52 -1.11 8.94
C ALA AA 199 34.15 -1.80 10.24
N ASN AA 200 34.66 -1.28 11.37
CA ASN AA 200 34.39 -1.93 12.66
C ASN AA 200 32.95 -1.76 13.09
N GLU AA 201 32.27 -0.70 12.65
CA GLU AA 201 30.91 -0.44 13.10
C GLU AA 201 29.94 -1.53 12.65
N ALA AA 202 30.09 -2.03 11.42
CA ALA AA 202 29.08 -2.91 10.84
C ALA AA 202 28.86 -4.21 11.62
N PRO AA 203 29.90 -4.98 11.99
CA PRO AA 203 29.62 -6.26 12.67
C PRO AA 203 28.88 -6.12 13.98
N LEU AA 204 29.13 -5.06 14.74
CA LEU AA 204 28.46 -4.93 16.02
C LEU AA 204 26.99 -4.57 15.81
N LEU AA 205 26.70 -3.75 14.79
CA LEU AA 205 25.31 -3.50 14.42
C LEU AA 205 24.62 -4.78 13.98
N ALA AA 206 25.32 -5.62 13.22
CA ALA AA 206 24.77 -6.92 12.87
C ALA AA 206 24.49 -7.75 14.11
N MET AA 207 25.34 -7.64 15.13
CA MET AA 207 25.09 -8.32 16.39
C MET AA 207 23.85 -7.79 17.08
N SER AA 208 23.57 -6.50 16.95
CA SER AA 208 22.37 -5.88 17.53
C SER AA 208 21.28 -5.66 16.49
N LYS AA 209 21.12 -6.59 15.55
CA LYS AA 209 20.22 -6.37 14.41
C LYS AA 209 18.76 -6.34 14.83
N ARG AA 210 18.32 -7.32 15.61
CA ARG AA 210 16.91 -7.52 15.90
C ARG AA 210 16.62 -7.26 17.37
N THR AA 211 15.55 -6.52 17.65
CA THR AA 211 15.09 -6.25 19.00
C THR AA 211 13.66 -6.71 19.17
N SER AA 212 13.35 -7.33 20.31
CA SER AA 212 12.03 -7.86 20.60
C SER AA 212 11.48 -7.21 21.85
N THR AA 213 10.22 -6.81 21.81
CA THR AA 213 9.55 -6.17 22.95
C THR AA 213 8.17 -6.76 23.13
N ILE AA 214 7.73 -6.84 24.39
CA ILE AA 214 6.37 -7.23 24.72
C ILE AA 214 5.80 -6.24 25.73
N HIS AA 215 4.50 -6.00 25.64
CA HIS AA 215 3.80 -5.09 26.54
C HIS AA 215 2.97 -5.88 27.54
N VAL AA 216 3.22 -5.66 28.82
CA VAL AA 216 2.48 -6.31 29.89
C VAL AA 216 2.03 -5.27 30.90
N ASP AA 217 1.24 -5.71 31.87
CA ASP AA 217 0.80 -4.85 32.97
C ASP AA 217 1.87 -4.94 34.05
N VAL AA 218 2.74 -3.92 34.08
CA VAL AA 218 3.94 -3.98 34.93
C VAL AA 218 3.55 -3.99 36.40
N GLU AA 219 2.39 -3.44 36.76
CA GLU AA 219 1.97 -3.44 38.15
C GLU AA 219 1.93 -4.86 38.72
N LYS AA 220 1.23 -5.76 38.03
CA LYS AA 220 1.14 -7.14 38.49
C LYS AA 220 2.49 -7.84 38.37
N ALA AA 221 3.31 -7.47 37.39
CA ALA AA 221 4.63 -8.08 37.25
C ALA AA 221 5.51 -7.77 38.45
N ILE AA 222 5.50 -6.52 38.92
CA ILE AA 222 6.28 -6.16 40.10
C ILE AA 222 5.57 -6.51 41.40
N ALA AA 223 4.29 -6.90 41.32
CA ALA AA 223 3.61 -7.37 42.53
C ALA AA 223 4.32 -8.59 43.11
N ASN AA 224 4.71 -9.54 42.27
CA ASN AA 224 5.50 -10.69 42.71
C ASN AA 224 6.39 -11.14 41.55
N GLU AA 225 7.61 -10.63 41.53
CA GLU AA 225 8.60 -11.05 40.55
C GLU AA 225 9.25 -12.36 40.97
N GLU AA 226 10.39 -12.69 40.37
CA GLU AA 226 11.20 -13.90 40.59
C GLU AA 226 10.40 -15.16 40.27
N ALA AA 227 9.17 -14.98 39.80
CA ALA AA 227 8.43 -16.01 39.08
C ALA AA 227 8.19 -15.62 37.64
N PHE AA 228 7.77 -14.36 37.42
CA PHE AA 228 7.77 -13.79 36.08
C PHE AA 228 9.16 -13.84 35.46
N ASN AA 229 10.18 -13.47 36.23
CA ASN AA 229 11.55 -13.54 35.75
C ASN AA 229 11.95 -14.96 35.41
N ALA AA 230 11.56 -15.92 36.25
CA ALA AA 230 11.89 -17.31 35.99
C ALA AA 230 11.25 -17.81 34.70
N ARG AA 231 9.96 -17.49 34.50
CA ARG AA 231 9.28 -17.93 33.29
C ARG AA 231 9.90 -17.30 32.04
N LEU AA 232 10.22 -16.01 32.10
CA LEU AA 232 10.83 -15.35 30.96
C LEU AA 232 12.22 -15.90 30.68
N ALA AA 233 12.98 -16.21 31.73
CA ALA AA 233 14.29 -16.83 31.55
C ALA AA 233 14.16 -18.19 30.91
N PHE AA 234 13.15 -18.97 31.30
CA PHE AA 234 12.90 -20.26 30.67
C PHE AA 234 12.59 -20.09 29.19
N TRP AA 235 11.76 -19.10 28.86
CA TRP AA 235 11.43 -18.86 27.45
C TRP AA 235 12.67 -18.50 26.66
N ILE AA 236 13.52 -17.62 27.20
CA ILE AA 236 14.74 -17.24 26.49
C ILE AA 236 15.68 -18.43 26.34
N ALA AA 237 15.77 -19.27 27.38
CA ALA AA 237 16.66 -20.42 27.32
C ALA AA 237 16.21 -21.42 26.26
N ASN AA 238 14.90 -21.66 26.14
CA ASN AA 238 14.38 -22.66 25.23
C ASN AA 238 13.77 -22.04 23.97
N ARG AA 239 14.17 -20.83 23.60
CA ARG AA 239 13.58 -20.19 22.44
C ARG AA 239 14.13 -20.77 21.14
N ASP AA 240 13.24 -21.01 20.18
CA ASP AA 240 13.58 -21.48 18.84
C ASP AA 240 12.31 -21.43 18.01
N ASN AA 241 12.43 -21.83 16.75
CA ASN AA 241 11.24 -22.02 15.93
C ASN AA 241 10.53 -23.31 16.34
N HIS AA 242 9.29 -23.45 15.90
CA HIS AA 242 8.35 -24.51 16.24
C HIS AA 242 7.81 -24.40 17.66
N GLY AA 243 8.22 -23.40 18.42
CA GLY AA 243 7.68 -23.15 19.74
C GLY AA 243 6.60 -22.09 19.71
N VAL AA 244 5.70 -22.15 20.68
CA VAL AA 244 4.57 -21.23 20.77
C VAL AA 244 4.59 -20.55 22.12
N LYS AA 245 4.38 -19.23 22.11
CA LYS AA 245 4.30 -18.42 23.32
C LYS AA 245 2.86 -18.03 23.57
N VAL AA 246 2.40 -18.21 24.81
CA VAL AA 246 1.02 -17.92 25.18
C VAL AA 246 0.97 -16.58 25.90
N LEU AA 247 0.04 -15.73 25.49
CA LEU AA 247 -0.10 -14.40 26.07
C LEU AA 247 -1.57 -14.13 26.36
N GLY AA 248 -1.80 -13.20 27.28
CA GLY AA 248 -3.15 -12.78 27.61
C GLY AA 248 -3.78 -11.94 26.51
N ILE AA 249 -5.08 -11.70 26.68
CA ILE AA 249 -5.83 -10.99 25.66
C ILE AA 249 -5.44 -9.51 25.57
N ASP AA 250 -4.85 -8.96 26.62
CA ASP AA 250 -4.41 -7.57 26.62
C ASP AA 250 -2.91 -7.43 26.44
N GLU AA 251 -2.22 -8.49 26.04
CA GLU AA 251 -0.77 -8.47 25.87
C GLU AA 251 -0.44 -7.94 24.47
N GLY AA 252 0.81 -8.07 24.07
CA GLY AA 252 1.21 -7.69 22.72
C GLY AA 252 2.72 -7.65 22.55
N MET AA 253 3.22 -8.13 21.41
CA MET AA 253 4.65 -8.16 21.15
C MET AA 253 4.92 -7.59 19.77
N GLU AA 254 5.99 -6.80 19.65
CA GLU AA 254 6.43 -6.25 18.38
C GLU AA 254 7.91 -6.53 18.19
N GLN AA 255 8.33 -6.58 16.93
CA GLN AA 255 9.71 -6.82 16.56
C GLN AA 255 10.20 -5.73 15.64
N PHE AA 256 11.52 -5.51 15.65
CA PHE AA 256 12.15 -4.49 14.83
C PHE AA 256 13.36 -5.07 14.13
N ASP AA 257 13.64 -4.57 12.93
CA ASP AA 257 14.76 -5.02 12.13
C ASP AA 257 15.52 -3.83 11.58
N THR AA 258 16.79 -4.04 11.29
CA THR AA 258 17.68 -3.02 10.76
C THR AA 258 18.26 -3.48 9.43
N ASN AA 259 18.31 -2.57 8.47
CA ASN AA 259 18.81 -2.89 7.13
C ASN AA 259 20.29 -2.52 7.05
N LEU AA 260 21.12 -3.50 6.73
CA LEU AA 260 22.58 -3.33 6.70
C LEU AA 260 23.14 -3.52 5.29
N ALA AA 261 22.40 -3.10 4.27
CA ALA AA 261 22.79 -3.27 2.88
C ALA AA 261 23.46 -2.02 2.29
N ASP AA 262 24.16 -1.24 3.12
CA ASP AA 262 24.75 0.01 2.66
C ASP AA 262 26.20 0.19 3.04
N PHE AA 263 26.74 -0.59 3.98
CA PHE AA 263 28.07 -0.30 4.51
C PHE AA 263 29.17 -0.66 3.52
N ASP AA 264 28.93 -1.62 2.62
CA ASP AA 264 29.98 -2.08 1.73
C ASP AA 264 30.47 -0.96 0.83
N SER AA 265 29.56 -0.18 0.25
CA SER AA 265 29.96 0.91 -0.65
C SER AA 265 30.79 1.94 0.09
N ILE AA 266 30.36 2.31 1.30
CA ILE AA 266 31.10 3.31 2.08
C ILE AA 266 32.50 2.82 2.40
N ILE AA 267 32.61 1.57 2.86
CA ILE AA 267 33.91 1.01 3.21
C ILE AA 267 34.82 0.97 1.99
N MET AA 268 34.29 0.51 0.86
CA MET AA 268 35.10 0.41 -0.35
C MET AA 268 35.56 1.79 -0.82
N ASN AA 269 34.68 2.78 -0.76
CA ASN AA 269 35.07 4.14 -1.16
C ASN AA 269 36.16 4.68 -0.24
N GLN AA 270 36.02 4.47 1.07
CA GLN AA 270 37.05 4.93 2.00
C GLN AA 270 38.39 4.28 1.71
N TYR AA 271 38.39 2.97 1.46
CA TYR AA 271 39.64 2.29 1.17
C TYR AA 271 40.22 2.73 -0.17
N GLN AA 272 39.37 3.01 -1.16
CA GLN AA 272 39.86 3.52 -2.43
C GLN AA 272 40.56 4.86 -2.24
N LEU AA 273 39.97 5.76 -1.43
CA LEU AA 273 40.61 7.03 -1.16
C LEU AA 273 41.93 6.83 -0.40
N VAL AA 274 41.95 5.89 0.55
CA VAL AA 274 43.19 5.62 1.28
C VAL AA 274 44.28 5.17 0.33
N ALA AA 275 43.95 4.27 -0.59
CA ALA AA 275 44.93 3.85 -1.59
C ALA AA 275 45.34 5.00 -2.51
N ALA AA 276 44.39 5.90 -2.81
CA ALA AA 276 44.70 7.04 -3.65
C ALA AA 276 45.74 7.95 -3.00
N ILE AA 277 45.60 8.17 -1.68
CA ILE AA 277 46.52 9.07 -0.99
C ILE AA 277 47.96 8.53 -1.06
N ALA AA 278 48.13 7.24 -0.86
CA ALA AA 278 49.46 6.63 -0.81
C ALA AA 278 50.10 6.47 -2.18
N LYS AA 279 49.44 6.89 -3.25
CA LYS AA 279 49.97 6.78 -4.62
C LYS AA 279 50.33 5.33 -4.95
N THR AA 280 49.47 4.41 -4.52
CA THR AA 280 49.67 2.99 -4.74
C THR AA 280 48.33 2.36 -5.09
N PRO AA 281 48.29 1.47 -6.09
CA PRO AA 281 47.02 0.83 -6.44
C PRO AA 281 46.44 0.04 -5.28
N ALA AA 282 45.11 0.07 -5.17
CA ALA AA 282 44.43 -0.64 -4.10
C ALA AA 282 44.59 -2.15 -4.21
N THR AA 283 44.88 -2.66 -5.41
CA THR AA 283 45.03 -4.09 -5.62
C THR AA 283 46.22 -4.67 -4.88
N LYS AA 284 47.12 -3.83 -4.38
CA LYS AA 284 48.25 -4.29 -3.56
C LYS AA 284 48.07 -3.99 -2.08
N LEU AA 285 47.36 -2.92 -1.73
CA LEU AA 285 47.09 -2.66 -0.31
C LEU AA 285 46.06 -3.64 0.23
N LEU AA 286 44.98 -3.88 -0.52
CA LEU AA 286 43.93 -4.78 -0.07
C LEU AA 286 44.02 -6.16 -0.70
N GLY AA 287 44.64 -6.28 -1.88
CA GLY AA 287 44.73 -7.53 -2.59
C GLY AA 287 43.76 -7.70 -3.72
N THR AA 288 42.72 -6.87 -3.79
CA THR AA 288 41.72 -6.96 -4.85
C THR AA 288 41.10 -5.58 -5.02
N SER AA 289 40.59 -5.31 -6.23
CA SER AA 289 39.93 -4.05 -6.49
C SER AA 289 38.67 -3.95 -5.62
N PRO AA 290 38.34 -2.75 -5.14
CA PRO AA 290 37.18 -2.61 -4.25
C PRO AA 290 35.88 -2.92 -4.98
N LYS AA 291 34.84 -3.19 -4.19
CA LYS AA 291 33.53 -3.53 -4.74
C LYS AA 291 33.02 -2.39 -5.62
N GLY AA 292 32.50 -2.75 -6.79
CA GLY AA 292 31.92 -1.79 -7.70
C GLY AA 292 32.89 -1.12 -8.66
N PHE AA 293 34.19 -1.27 -8.43
CA PHE AA 293 35.19 -0.69 -9.31
C PHE AA 293 35.66 -1.75 -10.30
N ASN AA 294 35.78 -1.34 -11.56
CA ASN AA 294 36.22 -2.27 -12.61
C ASN AA 294 37.66 -2.69 -12.37
N ALA AA 295 38.03 -3.82 -12.99
CA ALA AA 295 39.31 -4.46 -12.69
C ALA AA 295 40.18 -4.57 -13.94
N THR AA 296 40.31 -3.46 -14.70
CA THR AA 296 41.19 -3.47 -15.87
C THR AA 296 42.62 -3.79 -15.46
N GLY AA 297 43.15 -3.06 -14.48
CA GLY AA 297 44.45 -3.40 -13.92
C GLY AA 297 45.62 -3.35 -14.86
N GLU AA 298 45.63 -2.43 -15.82
CA GLU AA 298 46.77 -2.24 -16.72
C GLU AA 298 47.41 -0.87 -16.54
N HIS AA 299 46.60 0.19 -16.70
CA HIS AA 299 47.12 1.54 -16.53
C HIS AA 299 47.60 1.76 -15.09
N GLU AA 300 46.90 1.19 -14.12
CA GLU AA 300 47.33 1.30 -12.74
C GLU AA 300 48.69 0.65 -12.53
N THR AA 301 48.90 -0.54 -13.11
CA THR AA 301 50.18 -1.21 -12.97
C THR AA 301 51.29 -0.43 -13.66
N ILE AA 302 51.04 0.11 -14.85
CA ILE AA 302 52.09 0.86 -15.54
C ILE AA 302 52.40 2.14 -14.78
N SER AA 303 51.39 2.78 -14.18
CA SER AA 303 51.64 3.97 -13.39
C SER AA 303 52.47 3.65 -12.16
N TYR AA 304 52.15 2.54 -11.48
CA TYR AA 304 52.92 2.16 -10.30
C TYR AA 304 54.36 1.83 -10.67
N HIS AA 305 54.57 1.12 -11.77
CA HIS AA 305 55.93 0.81 -12.20
C HIS AA 305 56.69 2.08 -12.55
N GLU AA 306 56.03 3.04 -13.20
CA GLU AA 306 56.73 4.26 -13.59
C GLU AA 306 57.07 5.10 -12.36
N GLU AA 307 56.17 5.12 -11.38
CA GLU AA 307 56.47 5.78 -10.11
C GLU AA 307 57.64 5.10 -9.40
N LEU AA 308 57.69 3.76 -9.45
CA LEU AA 308 58.83 3.05 -8.87
C LEU AA 308 60.12 3.43 -9.56
N GLU AA 309 60.09 3.57 -10.89
CA GLU AA 309 61.26 4.02 -11.61
C GLU AA 309 61.68 5.42 -11.17
N SER AA 310 60.71 6.32 -10.98
CA SER AA 310 61.02 7.66 -10.51
C SER AA 310 61.65 7.62 -9.12
N ILE AA 311 61.12 6.78 -8.24
CA ILE AA 311 61.69 6.64 -6.90
C ILE AA 311 63.13 6.15 -6.97
N GLN AA 312 63.37 5.15 -7.80
CA GLN AA 312 64.73 4.66 -8.00
C GLN AA 312 65.66 5.76 -8.49
N GLU AA 313 65.16 6.59 -9.42
CA GLU AA 313 65.98 7.66 -9.98
C GLU AA 313 66.29 8.72 -8.93
N HIS AA 314 65.35 9.01 -8.03
CA HIS AA 314 65.49 10.15 -7.14
C HIS AA 314 66.09 9.79 -5.79
N ILE AA 315 65.46 8.87 -5.06
CA ILE AA 315 65.82 8.64 -3.67
C ILE AA 315 67.12 7.86 -3.57
N PHE AA 316 67.17 6.68 -4.18
CA PHE AA 316 68.27 5.76 -3.97
C PHE AA 316 69.54 6.14 -4.75
N ASP AA 317 69.42 6.96 -5.79
CA ASP AA 317 70.56 7.19 -6.67
C ASP AA 317 71.71 7.93 -5.98
N PRO AA 318 71.50 9.09 -5.33
CA PRO AA 318 72.66 9.85 -4.85
C PRO AA 318 73.41 9.15 -3.72
N LEU AA 319 72.68 8.54 -2.78
CA LEU AA 319 73.33 7.83 -1.68
C LEU AA 319 74.24 6.73 -2.20
N LEU AA 320 73.72 5.90 -3.10
CA LEU AA 320 74.50 4.78 -3.61
C LEU AA 320 75.63 5.27 -4.51
N GLU AA 321 75.43 6.38 -5.23
CA GLU AA 321 76.50 6.97 -6.03
C GLU AA 321 77.66 7.41 -5.14
N ARG AA 322 77.34 8.12 -4.05
CA ARG AA 322 78.39 8.55 -3.13
C ARG AA 322 79.07 7.35 -2.47
N HIS AA 323 78.28 6.33 -2.14
CA HIS AA 323 78.87 5.11 -1.55
C HIS AA 323 79.87 4.48 -2.51
N TYR AA 324 79.50 4.37 -3.79
CA TYR AA 324 80.41 3.79 -4.76
C TYR AA 324 81.65 4.66 -4.95
N LEU AA 325 81.47 5.98 -4.94
CA LEU AA 325 82.62 6.88 -5.04
C LEU AA 325 83.60 6.67 -3.90
N LEU AA 326 83.09 6.63 -2.67
CA LEU AA 326 83.98 6.44 -1.53
C LEU AA 326 84.60 5.05 -1.51
N LEU AA 327 83.85 4.03 -1.93
CA LEU AA 327 84.43 2.69 -2.02
C LEU AA 327 85.55 2.64 -3.03
N ALA AA 328 85.38 3.29 -4.19
CA ALA AA 328 86.43 3.32 -5.18
C ALA AA 328 87.66 4.07 -4.68
N LYS AA 329 87.44 5.20 -3.99
CA LYS AA 329 88.57 5.98 -3.49
C LYS AA 329 89.32 5.23 -2.39
N SER AA 330 88.59 4.54 -1.51
CA SER AA 330 89.24 3.86 -0.39
C SER AA 330 89.97 2.60 -0.85
N GLU AA 331 89.37 1.84 -1.75
CA GLU AA 331 89.93 0.57 -2.19
C GLU AA 331 90.95 0.73 -3.31
N GLU AA 332 91.53 1.91 -3.46
CA GLU AA 332 92.57 2.22 -4.45
C GLU AA 332 92.26 1.65 -5.83
N ILE AA 333 90.98 1.62 -6.19
CA ILE AA 333 90.54 1.13 -7.50
C ILE AA 333 90.59 2.30 -8.47
N ASP AA 334 91.49 2.23 -9.44
CA ASP AA 334 91.69 3.32 -10.40
C ASP AA 334 90.78 3.14 -11.62
N VAL AA 335 89.49 2.95 -11.37
CA VAL AA 335 88.49 2.78 -12.42
C VAL AA 335 87.28 3.64 -12.08
N GLN AA 336 86.78 4.40 -13.05
CA GLN AA 336 85.54 5.13 -12.91
C GLN AA 336 84.38 4.22 -13.25
N LEU AA 337 83.38 4.16 -12.37
CA LEU AA 337 82.27 3.24 -12.52
C LEU AA 337 80.94 3.97 -12.38
N GLU AA 338 79.93 3.48 -13.10
CA GLU AA 338 78.59 4.04 -13.05
C GLU AA 338 77.57 2.96 -12.76
N ILE AA 339 76.28 3.29 -12.89
CA ILE AA 339 75.19 2.46 -12.39
C ILE AA 339 74.18 2.24 -13.49
N VAL AA 340 73.75 0.99 -13.65
CA VAL AA 340 72.68 0.62 -14.57
C VAL AA 340 71.58 -0.08 -13.79
N TRP AA 341 70.33 0.28 -14.06
CA TRP AA 341 69.19 -0.22 -13.31
C TRP AA 341 68.46 -1.32 -14.08
N ASN AA 342 68.11 -2.39 -13.37
CA ASN AA 342 67.36 -3.48 -13.97
C ASN AA 342 65.92 -3.05 -14.21
N PRO AA 343 65.21 -3.74 -15.12
CA PRO AA 343 63.81 -3.40 -15.36
C PRO AA 343 62.97 -3.56 -14.11
N VAL AA 344 62.00 -2.67 -13.94
CA VAL AA 344 61.19 -2.64 -12.73
C VAL AA 344 60.09 -3.69 -12.73
N ASP AA 345 59.62 -4.11 -13.90
CA ASP AA 345 58.51 -5.05 -13.97
C ASP AA 345 58.91 -6.42 -13.45
N SER AA 346 57.95 -7.14 -12.89
CA SER AA 346 58.14 -8.50 -12.41
C SER AA 346 57.32 -9.45 -13.28
N THR AA 347 57.93 -10.56 -13.69
CA THR AA 347 57.30 -11.49 -14.60
C THR AA 347 57.51 -12.92 -14.12
N SER AA 348 56.58 -13.79 -14.51
CA SER AA 348 56.68 -15.21 -14.21
C SER AA 348 57.45 -15.91 -15.34
N SER AA 349 57.44 -17.24 -15.33
CA SER AA 349 58.29 -17.99 -16.26
C SER AA 349 57.78 -17.91 -17.68
N GLN AA 350 56.47 -18.01 -17.88
CA GLN AA 350 55.93 -18.12 -19.24
C GLN AA 350 56.21 -16.87 -20.05
N GLN AA 351 55.84 -15.70 -19.52
CA GLN AA 351 56.09 -14.48 -20.28
C GLN AA 351 57.57 -14.12 -20.34
N GLN AA 352 58.37 -14.54 -19.36
CA GLN AA 352 59.81 -14.35 -19.46
C GLN AA 352 60.38 -15.14 -20.64
N ALA AA 353 59.98 -16.40 -20.78
CA ALA AA 353 60.44 -17.20 -21.90
C ALA AA 353 59.95 -16.64 -23.22
N GLU AA 354 58.68 -16.19 -23.26
CA GLU AA 354 58.18 -15.57 -24.48
C GLU AA 354 58.93 -14.29 -24.81
N LEU AA 355 59.33 -13.54 -23.78
CA LEU AA 355 60.15 -12.35 -23.99
C LEU AA 355 61.50 -12.71 -24.59
N ASN AA 356 62.15 -13.76 -24.07
CA ASN AA 356 63.45 -14.15 -24.59
C ASN AA 356 63.35 -14.62 -26.03
N ASN AA 357 62.30 -15.37 -26.36
CA ASN AA 357 62.16 -15.90 -27.72
C ASN AA 357 62.02 -14.78 -28.75
N LYS AA 358 61.24 -13.75 -28.41
CA LYS AA 358 61.06 -12.64 -29.35
C LYS AA 358 62.37 -11.89 -29.59
N LYS AA 359 63.18 -11.71 -28.54
CA LYS AA 359 64.46 -11.04 -28.70
C LYS AA 359 65.42 -11.87 -29.53
N ALA AA 360 65.27 -13.20 -29.53
CA ALA AA 360 66.15 -14.05 -30.32
C ALA AA 360 65.99 -13.78 -31.81
N ALA AA 361 64.75 -13.53 -32.26
CA ALA AA 361 64.52 -13.22 -33.66
C ALA AA 361 65.25 -11.94 -34.07
N THR AA 362 65.25 -10.94 -33.20
CA THR AA 362 65.97 -9.70 -33.50
C THR AA 362 67.46 -9.94 -33.66
N ASP AA 363 68.02 -10.83 -32.84
CA ASP AA 363 69.45 -11.14 -32.96
C ASP AA 363 69.76 -11.77 -34.31
N GLU AA 364 68.89 -12.69 -34.76
CA GLU AA 364 69.17 -13.41 -36.01
C GLU AA 364 69.07 -12.50 -37.23
N ILE AA 365 68.11 -11.58 -37.23
CA ILE AA 365 67.88 -10.75 -38.42
C ILE AA 365 69.03 -9.78 -38.63
N TYR AA 366 69.58 -9.22 -37.54
CA TYR AA 366 70.72 -8.32 -37.68
C TYR AA 366 72.00 -9.05 -38.04
N ILE AA 367 72.18 -10.28 -37.54
CA ILE AA 367 73.39 -11.04 -37.84
C ILE AA 367 73.49 -11.31 -39.34
N ASN AA 368 72.38 -11.72 -39.96
CA ASN AA 368 72.40 -12.02 -41.38
C ASN AA 368 72.64 -10.77 -42.23
N SER AA 369 72.29 -9.59 -41.71
CA SER AA 369 72.46 -8.35 -42.46
C SER AA 369 73.74 -7.60 -42.10
N GLY AA 370 74.50 -8.07 -41.11
CA GLY AA 370 75.74 -7.43 -40.74
C GLY AA 370 75.63 -6.27 -39.79
N VAL AA 371 74.49 -6.12 -39.10
CA VAL AA 371 74.32 -4.98 -38.21
C VAL AA 371 75.19 -5.12 -36.98
N VAL AA 372 75.23 -6.31 -36.38
CA VAL AA 372 75.90 -6.53 -35.10
C VAL AA 372 76.89 -7.69 -35.23
N SER AA 373 77.91 -7.65 -34.39
CA SER AA 373 78.91 -8.72 -34.36
C SER AA 373 78.43 -9.88 -33.50
N PRO AA 374 78.67 -11.13 -33.91
CA PRO AA 374 78.15 -12.26 -33.14
C PRO AA 374 78.63 -12.32 -31.71
N ASP AA 375 79.85 -11.88 -31.42
CA ASP AA 375 80.37 -11.92 -30.05
C ASP AA 375 79.57 -11.00 -29.13
N GLU AA 376 79.19 -9.82 -29.63
CA GLU AA 376 78.49 -8.84 -28.80
C GLU AA 376 77.14 -9.38 -28.35
N VAL AA 377 76.46 -10.13 -29.21
CA VAL AA 377 75.21 -10.76 -28.82
C VAL AA 377 75.46 -11.73 -27.66
N ARG AA 378 76.53 -12.51 -27.75
CA ARG AA 378 76.91 -13.38 -26.65
C ARG AA 378 77.24 -12.57 -25.39
N GLU AA 379 77.98 -11.47 -25.55
CA GLU AA 379 78.33 -10.64 -24.40
C GLU AA 379 77.10 -10.00 -23.79
N ARG AA 380 76.20 -9.47 -24.62
CA ARG AA 380 74.94 -8.93 -24.10
C ARG AA 380 74.13 -10.01 -23.41
N LEU AA 381 74.10 -11.22 -24.01
CA LEU AA 381 73.42 -12.35 -23.37
C LEU AA 381 74.04 -12.68 -22.02
N ARG AA 382 75.32 -12.40 -21.83
CA ARG AA 382 75.98 -12.71 -20.57
C ARG AA 382 75.57 -11.73 -19.48
N ASP AA 383 75.44 -10.45 -19.81
CA ASP AA 383 75.14 -9.43 -18.82
C ASP AA 383 73.65 -9.28 -18.53
N ASP AA 384 72.80 -9.99 -19.25
CA ASP AA 384 71.37 -9.94 -18.99
C ASP AA 384 71.05 -10.84 -17.80
N PRO AA 385 70.48 -10.32 -16.71
CA PRO AA 385 70.15 -11.17 -15.57
C PRO AA 385 68.95 -12.07 -15.83
N ARG AA 386 67.99 -11.56 -16.61
CA ARG AA 386 66.80 -12.33 -16.94
C ARG AA 386 67.07 -13.41 -17.98
N SER AA 387 68.18 -13.32 -18.71
CA SER AA 387 68.54 -14.36 -19.66
C SER AA 387 68.91 -15.65 -18.93
N GLY AA 388 68.52 -16.78 -19.51
CA GLY AA 388 68.81 -18.06 -18.89
C GLY AA 388 70.29 -18.37 -18.83
N TYR AA 389 71.04 -17.96 -19.86
CA TYR AA 389 72.45 -18.30 -19.97
C TYR AA 389 73.27 -17.48 -18.97
N ASN AA 390 73.81 -18.16 -17.96
CA ASN AA 390 74.71 -17.51 -17.01
C ASN AA 390 75.90 -18.39 -16.66
N ARG AA 391 76.16 -19.44 -17.42
CA ARG AA 391 77.32 -20.31 -17.24
C ARG AA 391 78.15 -20.38 -18.52
N LEU AA 392 78.25 -19.24 -19.20
CA LEU AA 392 79.05 -19.18 -20.41
C LEU AA 392 80.54 -19.21 -20.06
N THR AA 393 81.33 -19.82 -20.94
CA THR AA 393 82.75 -19.92 -20.72
C THR AA 393 83.43 -18.58 -20.96
N ASP AA 394 84.74 -18.54 -20.69
CA ASP AA 394 85.53 -17.34 -20.92
C ASP AA 394 86.00 -17.21 -22.37
N ASP AA 395 85.68 -18.19 -23.21
CA ASP AA 395 86.05 -18.14 -24.61
C ASP AA 395 85.37 -16.96 -25.30
N GLN AA 396 86.05 -16.39 -26.28
CA GLN AA 396 85.56 -15.22 -27.00
C GLN AA 396 85.11 -15.62 -28.40
N ALA AA 397 84.03 -15.00 -28.85
CA ALA AA 397 83.45 -15.33 -30.16
C ALA AA 397 84.01 -14.41 -31.24
N GLU AA 398 83.59 -14.67 -32.48
CA GLU AA 398 84.06 -13.91 -33.62
C GLU AA 398 83.55 -12.48 -33.56
N THR AA 399 84.40 -11.53 -33.98
CA THR AA 399 84.14 -10.11 -33.80
C THR AA 399 83.73 -9.38 -35.07
N GLU AA 400 83.74 -10.04 -36.22
CA GLU AA 400 83.38 -9.37 -37.47
C GLU AA 400 81.87 -9.37 -37.63
N PRO AA 401 81.22 -8.21 -37.72
CA PRO AA 401 79.76 -8.18 -37.89
C PRO AA 401 79.34 -8.80 -39.21
N GLY AA 402 78.28 -9.61 -39.15
CA GLY AA 402 77.69 -10.20 -40.33
C GLY AA 402 78.35 -11.46 -40.84
N MET AA 403 79.52 -11.82 -40.32
CA MET AA 403 80.17 -13.06 -40.73
C MET AA 403 79.73 -14.14 -39.75
N SER AA 404 78.77 -14.94 -40.21
CA SER AA 404 78.15 -16.01 -39.46
C SER AA 404 78.66 -17.36 -39.95
N PRO AA 405 78.40 -18.45 -39.21
CA PRO AA 405 78.78 -19.77 -39.73
C PRO AA 405 78.19 -20.07 -41.10
N GLU AA 406 76.96 -19.62 -41.36
CA GLU AA 406 76.39 -19.78 -42.70
C GLU AA 406 77.01 -18.78 -43.67
N ASN AA 407 77.21 -17.54 -43.23
CA ASN AA 407 77.74 -16.51 -44.12
C ASN AA 407 79.19 -16.79 -44.52
N LEU AA 408 79.94 -17.50 -43.67
CA LEU AA 408 81.30 -17.89 -44.05
C LEU AA 408 81.31 -18.81 -45.26
N ALA AA 409 80.38 -19.76 -45.30
CA ALA AA 409 80.36 -20.73 -46.40
C ALA AA 409 80.15 -20.04 -47.74
N GLU AA 410 79.18 -19.12 -47.82
CA GLU AA 410 78.94 -18.41 -49.06
C GLU AA 410 80.06 -17.43 -49.39
N PHE AA 411 80.76 -16.90 -48.38
CA PHE AA 411 81.85 -15.98 -48.63
C PHE AA 411 83.03 -16.67 -49.31
N GLU AA 412 83.47 -17.80 -48.76
CA GLU AA 412 84.66 -18.46 -49.29
C GLU AA 412 84.39 -19.05 -50.66
N LYS AA 413 83.21 -19.64 -50.87
CA LYS AA 413 82.89 -20.21 -52.18
C LYS AA 413 82.85 -19.14 -53.25
N ALA AA 414 82.20 -18.01 -52.96
CA ALA AA 414 82.16 -16.91 -53.91
C ALA AA 414 83.55 -16.34 -54.17
N GLY AA 415 84.35 -16.19 -53.11
CA GLY AA 415 85.72 -15.72 -53.29
C GLY AA 415 86.55 -16.69 -54.10
N ALA AA 416 86.38 -18.00 -53.85
CA ALA AA 416 87.13 -19.00 -54.59
C ALA AA 416 86.63 -19.11 -56.02
N GLN AA 417 85.32 -19.15 -56.21
CA GLN AA 417 84.77 -19.29 -57.56
C GLN AA 417 85.09 -18.08 -58.42
N SER AA 418 85.29 -16.92 -57.81
CA SER AA 418 85.63 -15.73 -58.58
C SER AA 418 86.96 -15.92 -59.32
N ALA AA 419 87.96 -16.51 -58.65
CA ALA AA 419 89.24 -16.71 -59.30
C ALA AA 419 89.13 -17.69 -60.46
N LYS AA 420 88.21 -18.65 -60.38
CA LYS AA 420 88.05 -19.61 -61.47
C LYS AA 420 87.61 -18.92 -62.76
N ALA AA 421 86.66 -18.00 -62.66
CA ALA AA 421 86.16 -17.31 -63.86
C ALA AA 421 87.23 -16.44 -64.48
N LYS AA 422 88.03 -15.75 -63.65
CA LYS AA 422 89.10 -14.91 -64.19
C LYS AA 422 90.13 -15.73 -64.93
N GLY AA 423 90.49 -16.89 -64.39
CA GLY AA 423 91.42 -17.77 -65.09
C GLY AA 423 90.89 -18.25 -66.42
N GLU AA 424 89.58 -18.48 -66.50
CA GLU AA 424 88.97 -18.88 -67.76
C GLU AA 424 89.03 -17.74 -68.78
N ALA AA 425 88.87 -16.50 -68.31
CA ALA AA 425 88.85 -15.37 -69.23
C ALA AA 425 90.17 -15.25 -69.99
N GLU AA 426 91.30 -15.35 -69.30
CA GLU AA 426 92.58 -15.30 -69.98
C GLU AA 426 92.84 -16.56 -70.79
N ARG AA 427 92.28 -17.70 -70.36
CA ARG AA 427 92.39 -18.92 -71.15
C ARG AA 427 91.66 -18.78 -72.48
N ALA AA 428 90.46 -18.21 -72.46
CA ALA AA 428 89.69 -18.04 -73.68
C ALA AA 428 90.40 -17.11 -74.66
N GLU AA 429 90.98 -16.03 -74.15
CA GLU AA 429 91.65 -15.05 -75.01
C GLU AA 429 92.97 -15.58 -75.57
N ALA AA 430 93.44 -16.75 -75.14
CA ALA AA 430 94.60 -17.36 -75.77
C ALA AA 430 94.37 -17.61 -77.25
N GLN AA 431 93.17 -18.08 -77.59
CA GLN AA 431 92.76 -18.18 -78.98
C GLN AA 431 92.03 -16.90 -79.38
N ALA AA 432 91.62 -16.83 -80.65
CA ALA AA 432 90.98 -15.66 -81.23
C ALA AA 432 91.88 -14.43 -81.14
N GLY AA 433 93.19 -14.63 -81.26
CA GLY AA 433 94.15 -13.54 -81.19
C GLY AA 433 95.47 -13.95 -80.57
N PRO BA 1 22.83 41.20 -17.80
CA PRO BA 1 22.62 40.47 -16.55
C PRO BA 1 23.41 41.06 -15.40
N THR BA 2 22.85 41.04 -14.18
CA THR BA 2 23.56 41.52 -13.01
C THR BA 2 24.11 40.38 -12.17
N MET BA 3 23.29 39.35 -11.93
CA MET BA 3 23.76 38.19 -11.18
C MET BA 3 24.91 37.50 -11.89
N LEU BA 4 24.82 37.38 -13.21
CA LEU BA 4 25.90 36.74 -13.97
C LEU BA 4 27.21 37.52 -13.84
N GLN BA 5 27.12 38.85 -13.96
CA GLN BA 5 28.32 39.67 -13.83
C GLN BA 5 28.90 39.57 -12.43
N ASP BA 6 28.05 39.56 -11.40
CA ASP BA 6 28.55 39.40 -10.04
C ASP BA 6 29.22 38.04 -9.86
N TRP BA 7 28.62 36.99 -10.41
CA TRP BA 7 29.19 35.65 -10.29
C TRP BA 7 30.55 35.57 -10.96
N TYR BA 8 30.69 36.17 -12.14
CA TYR BA 8 31.97 36.13 -12.83
C TYR BA 8 33.00 37.07 -12.21
N ASN BA 9 32.55 38.15 -11.58
CA ASN BA 9 33.47 39.05 -10.89
C ASN BA 9 33.95 38.48 -9.56
N SER BA 10 33.17 37.58 -8.95
CA SER BA 10 33.56 37.00 -7.67
C SER BA 10 34.93 36.35 -7.75
N GLN BA 11 35.19 35.61 -8.82
CA GLN BA 11 36.52 35.00 -9.00
C GLN BA 11 37.55 36.09 -9.25
N GLY BA 12 38.67 36.01 -8.53
CA GLY BA 12 39.75 36.97 -8.69
C GLY BA 12 40.99 36.45 -8.01
N PHE BA 13 42.05 37.25 -8.08
CA PHE BA 13 43.29 36.87 -7.44
C PHE BA 13 43.12 36.84 -5.93
N ILE BA 14 43.67 35.82 -5.30
CA ILE BA 14 43.50 35.60 -3.86
C ILE BA 14 44.70 36.09 -3.07
N GLY BA 15 45.90 35.81 -3.54
CA GLY BA 15 47.12 36.24 -2.86
C GLY BA 15 48.16 35.14 -2.80
N TYR BA 16 49.43 35.55 -2.74
CA TYR BA 16 50.52 34.58 -2.71
C TYR BA 16 50.52 33.79 -1.41
N GLN BA 17 50.27 34.45 -0.28
CA GLN BA 17 50.20 33.73 0.99
C GLN BA 17 49.02 32.76 0.98
N ALA BA 18 47.89 33.16 0.38
CA ALA BA 18 46.76 32.25 0.27
C ALA BA 18 47.11 31.04 -0.56
N CYS BA 19 47.79 31.25 -1.70
CA CYS BA 19 48.20 30.11 -2.52
C CYS BA 19 49.14 29.20 -1.77
N ALA BA 20 50.09 29.76 -1.02
CA ALA BA 20 51.00 28.95 -0.24
C ALA BA 20 50.27 28.12 0.80
N ILE BA 21 49.28 28.72 1.47
CA ILE BA 21 48.52 27.97 2.48
C ILE BA 21 47.70 26.88 1.82
N ILE BA 22 47.10 27.16 0.65
CA ILE BA 22 46.32 26.15 -0.05
C ILE BA 22 47.21 25.00 -0.51
N SER BA 23 48.47 25.29 -0.83
CA SER BA 23 49.37 24.27 -1.38
C SER BA 23 49.80 23.22 -0.35
N GLN BA 24 49.23 23.13 0.85
CA GLN BA 24 49.58 22.07 1.77
C GLN BA 24 48.73 20.82 1.61
N HIS BA 25 47.54 20.93 1.04
CA HIS BA 25 46.65 19.79 0.89
C HIS BA 25 47.23 18.80 -0.11
N TRP BA 26 47.00 17.52 0.15
CA TRP BA 26 47.61 16.47 -0.67
C TRP BA 26 47.05 16.48 -2.09
N LEU BA 27 45.75 16.73 -2.24
CA LEU BA 27 45.13 16.69 -3.56
C LEU BA 27 45.72 17.76 -4.48
N VAL BA 28 45.88 18.99 -3.97
CA VAL BA 28 46.43 20.06 -4.77
C VAL BA 28 47.87 19.76 -5.15
N ASP BA 29 48.66 19.26 -4.19
CA ASP BA 29 50.06 18.93 -4.47
C ASP BA 29 50.17 17.87 -5.54
N LYS BA 30 49.37 16.81 -5.43
CA LYS BA 30 49.38 15.76 -6.45
C LYS BA 30 49.00 16.32 -7.81
N ALA BA 31 47.93 17.12 -7.86
CA ALA BA 31 47.44 17.66 -9.12
C ALA BA 31 48.49 18.53 -9.79
N CYS BA 32 49.22 19.33 -9.00
CA CYS BA 32 50.21 20.21 -9.59
C CYS BA 32 51.57 19.55 -9.81
N SER BA 33 51.80 18.35 -9.25
CA SER BA 33 53.13 17.76 -9.34
C SER BA 33 53.24 16.53 -10.24
N MET BA 34 52.15 15.78 -10.46
CA MET BA 34 52.27 14.57 -11.27
C MET BA 34 52.74 14.89 -12.69
N SER BA 35 52.14 15.92 -13.32
CA SER BA 35 52.52 16.25 -14.68
C SER BA 35 53.97 16.71 -14.75
N GLY BA 36 54.39 17.53 -13.80
CA GLY BA 36 55.77 18.00 -13.79
C GLY BA 36 56.77 16.87 -13.62
N GLU BA 37 56.49 15.94 -12.71
CA GLU BA 37 57.39 14.81 -12.52
C GLU BA 37 57.35 13.86 -13.71
N ASP BA 38 56.24 13.82 -14.44
CA ASP BA 38 56.14 12.96 -15.61
C ASP BA 38 56.89 13.53 -16.81
N ALA BA 39 56.91 14.86 -16.96
CA ALA BA 39 57.46 15.46 -18.18
C ALA BA 39 58.95 15.21 -18.32
N ALA BA 40 59.72 15.50 -17.28
CA ALA BA 40 61.18 15.50 -17.36
C ALA BA 40 61.79 14.27 -16.70
N ARG BA 41 61.16 13.10 -16.85
CA ARG BA 41 61.63 11.89 -16.20
C ARG BA 41 62.28 10.90 -17.16
N ASN BA 42 61.80 10.81 -18.40
CA ASN BA 42 62.40 9.91 -19.37
C ASN BA 42 63.83 10.33 -19.70
N GLY BA 43 64.05 11.62 -19.92
CA GLY BA 43 65.37 12.14 -20.22
C GLY BA 43 65.46 12.70 -21.63
N TRP BA 44 66.67 13.10 -21.98
CA TRP BA 44 66.95 13.68 -23.30
C TRP BA 44 68.38 13.39 -23.69
N GLU BA 45 68.64 13.46 -25.00
CA GLU BA 45 69.96 13.22 -25.56
C GLU BA 45 70.36 14.41 -26.44
N LEU BA 46 71.66 14.63 -26.54
CA LEU BA 46 72.21 15.82 -27.19
C LEU BA 46 72.84 15.47 -28.53
N LYS BA 47 72.52 16.28 -29.54
CA LYS BA 47 73.11 16.15 -30.87
C LYS BA 47 73.85 17.44 -31.19
N SER BA 48 75.12 17.33 -31.58
CA SER BA 48 75.99 18.49 -31.80
C SER BA 48 76.35 18.57 -33.27
N ASP BA 49 75.93 19.67 -33.92
CA ASP BA 49 76.22 19.90 -35.34
C ASP BA 49 75.72 18.76 -36.21
N GLY BA 50 74.59 18.16 -35.81
CA GLY BA 50 74.05 17.06 -36.55
C GLY BA 50 74.86 15.79 -36.50
N ARG BA 51 75.68 15.61 -35.46
CA ARG BA 51 76.51 14.42 -35.32
C ARG BA 51 76.86 14.24 -33.86
N LYS BA 52 77.45 13.09 -33.56
CA LYS BA 52 77.85 12.76 -32.19
C LYS BA 52 79.29 13.19 -31.94
N LEU BA 53 79.50 13.95 -30.86
CA LEU BA 53 80.82 14.46 -30.52
C LEU BA 53 81.61 13.36 -29.79
N SER BA 54 82.79 13.71 -29.31
CA SER BA 54 83.73 12.74 -28.75
C SER BA 54 83.30 12.37 -27.33
N ASP BA 55 84.20 11.71 -26.60
CA ASP BA 55 83.87 11.16 -25.28
C ASP BA 55 84.15 12.14 -24.15
N GLU BA 56 85.26 12.89 -24.22
CA GLU BA 56 85.63 13.76 -23.11
C GLU BA 56 84.61 14.88 -22.91
N GLN BA 57 84.13 15.47 -23.99
CA GLN BA 57 83.12 16.53 -23.86
C GLN BA 57 81.81 15.97 -23.34
N SER BA 58 81.42 14.78 -23.80
CA SER BA 58 80.21 14.15 -23.28
C SER BA 58 80.32 13.90 -21.78
N ALA BA 59 81.47 13.38 -21.33
CA ALA BA 59 81.67 13.14 -19.91
C ALA BA 59 81.64 14.44 -19.12
N LEU BA 60 82.27 15.50 -19.66
CA LEU BA 60 82.26 16.79 -18.98
C LEU BA 60 80.85 17.34 -18.85
N ILE BA 61 80.06 17.28 -19.94
CA ILE BA 61 78.69 17.79 -19.89
C ILE BA 61 77.87 17.00 -18.90
N ALA BA 62 77.99 15.67 -18.92
CA ALA BA 62 77.24 14.84 -17.98
C ALA BA 62 77.62 15.18 -16.54
N ARG BA 63 78.92 15.29 -16.27
CA ARG BA 63 79.36 15.66 -14.93
C ARG BA 63 78.72 16.97 -14.51
N ARG BA 64 78.91 18.02 -15.32
CA ARG BA 64 78.41 19.34 -14.96
C ARG BA 64 76.90 19.31 -14.72
N ASP BA 65 76.18 18.49 -15.48
CA ASP BA 65 74.75 18.32 -15.23
C ASP BA 65 74.51 17.73 -13.84
N MET BA 66 75.30 16.72 -13.45
CA MET BA 66 75.15 16.16 -12.11
C MET BA 66 75.48 17.16 -11.00
N GLU BA 67 76.55 17.94 -11.14
CA GLU BA 67 76.74 18.95 -10.08
C GLU BA 67 75.83 20.15 -10.23
N PHE BA 68 74.92 20.18 -11.20
CA PHE BA 68 73.96 21.29 -11.31
C PHE BA 68 72.53 20.88 -11.02
N ARG BA 69 72.23 19.58 -10.94
CA ARG BA 69 70.90 19.08 -10.61
C ARG BA 69 69.83 19.71 -11.50
N VAL BA 70 69.96 19.46 -12.80
CA VAL BA 70 69.07 20.08 -13.77
C VAL BA 70 67.67 19.49 -13.68
N LYS BA 71 67.55 18.18 -13.51
CA LYS BA 71 66.25 17.54 -13.50
C LYS BA 71 65.41 18.00 -12.30
N ASP BA 72 66.03 18.07 -11.12
CA ASP BA 72 65.32 18.56 -9.94
C ASP BA 72 64.89 20.01 -10.14
N ASN BA 73 65.76 20.82 -10.75
CA ASN BA 73 65.40 22.21 -11.01
C ASN BA 73 64.21 22.31 -11.94
N LEU BA 74 64.19 21.49 -12.99
CA LEU BA 74 63.05 21.50 -13.91
C LEU BA 74 61.76 21.07 -13.21
N VAL BA 75 61.83 20.01 -12.41
CA VAL BA 75 60.64 19.52 -11.73
C VAL BA 75 60.10 20.58 -10.79
N GLU BA 76 60.96 21.18 -9.98
CA GLU BA 76 60.52 22.21 -9.06
C GLU BA 76 60.03 23.45 -9.81
N LEU BA 77 60.67 23.79 -10.92
CA LEU BA 77 60.22 24.89 -11.76
C LEU BA 77 58.77 24.70 -12.17
N ASN BA 78 58.45 23.54 -12.76
CA ASN BA 78 57.08 23.34 -13.22
C ASN BA 78 56.11 23.25 -12.05
N ARG BA 79 56.51 22.58 -10.97
CA ARG BA 79 55.63 22.44 -9.82
C ARG BA 79 55.25 23.79 -9.24
N PHE BA 80 56.24 24.66 -9.00
CA PHE BA 80 55.95 25.95 -8.39
C PHE BA 80 55.33 26.91 -9.39
N LYS BA 81 55.57 26.73 -10.69
CA LYS BA 81 54.84 27.50 -11.68
C LYS BA 81 53.35 27.18 -11.63
N ASN BA 82 53.02 25.88 -11.51
CA ASN BA 82 51.62 25.50 -11.37
C ASN BA 82 51.04 26.00 -10.06
N VAL BA 83 51.84 25.98 -8.98
CA VAL BA 83 51.33 26.38 -7.68
C VAL BA 83 51.05 27.89 -7.63
N PHE BA 84 51.99 28.70 -8.12
CA PHE BA 84 51.91 30.14 -7.96
C PHE BA 84 51.44 30.88 -9.21
N GLY BA 85 51.53 30.27 -10.38
CA GLY BA 85 51.15 30.91 -11.61
C GLY BA 85 52.28 31.61 -12.35
N VAL BA 86 53.38 31.91 -11.66
CA VAL BA 86 54.54 32.51 -12.28
C VAL BA 86 55.79 32.08 -11.51
N ARG BA 87 56.87 31.81 -12.23
CA ARG BA 87 58.12 31.38 -11.62
C ARG BA 87 59.27 32.13 -12.28
N ILE BA 88 60.30 32.40 -11.49
CA ILE BA 88 61.47 33.15 -11.94
C ILE BA 88 62.69 32.26 -11.81
N ALA BA 89 63.43 32.11 -12.91
CA ALA BA 89 64.67 31.34 -12.93
C ALA BA 89 65.82 32.29 -13.20
N LEU BA 90 66.84 32.26 -12.34
CA LEU BA 90 67.99 33.14 -12.43
C LEU BA 90 69.25 32.31 -12.58
N PHE BA 91 70.06 32.65 -13.58
CA PHE BA 91 71.31 31.95 -13.83
C PHE BA 91 72.45 32.76 -13.23
N VAL BA 92 73.16 32.17 -12.28
CA VAL BA 92 74.25 32.85 -11.58
C VAL BA 92 75.54 32.71 -12.38
N VAL BA 93 76.15 33.85 -12.69
CA VAL BA 93 77.45 33.90 -13.35
C VAL BA 93 78.28 34.98 -12.66
N GLU BA 94 79.49 34.63 -12.25
CA GLU BA 94 80.34 35.53 -11.50
C GLU BA 94 81.13 36.42 -12.46
N SER BA 95 81.06 37.74 -12.23
CA SER BA 95 81.77 38.71 -13.06
C SER BA 95 82.32 39.80 -12.17
N ASP BA 96 83.36 40.48 -12.66
CA ASP BA 96 83.97 41.58 -11.93
C ASP BA 96 83.18 42.88 -12.08
N ASP BA 97 82.27 42.96 -13.04
CA ASP BA 97 81.46 44.16 -13.21
C ASP BA 97 80.32 44.16 -12.20
N PRO BA 98 80.24 45.16 -11.32
CA PRO BA 98 79.12 45.20 -10.37
C PRO BA 98 77.75 45.27 -11.03
N ASP BA 99 77.64 45.94 -12.18
CA ASP BA 99 76.37 46.11 -12.88
C ASP BA 99 76.27 45.20 -14.10
N TYR BA 100 76.87 44.01 -14.03
CA TYR BA 100 76.76 43.07 -15.13
C TYR BA 100 75.32 42.60 -15.33
N TYR BA 101 74.62 42.31 -14.23
CA TYR BA 101 73.23 41.87 -14.33
C TYR BA 101 72.32 42.99 -14.83
N GLU BA 102 72.56 44.22 -14.36
CA GLU BA 102 71.74 45.34 -14.80
C GLU BA 102 71.93 45.62 -16.29
N LYS BA 103 73.17 45.57 -16.77
CA LYS BA 103 73.42 45.80 -18.18
C LYS BA 103 72.82 44.67 -19.01
N PRO BA 104 72.20 44.99 -20.15
CA PRO BA 104 71.51 43.94 -20.92
C PRO BA 104 72.44 42.80 -21.31
N PHE BA 105 71.87 41.60 -21.35
CA PHE BA 105 72.66 40.39 -21.52
C PHE BA 105 73.46 40.42 -22.83
N ASN BA 106 74.71 40.00 -22.74
CA ASN BA 106 75.60 39.89 -23.88
C ASN BA 106 76.09 38.45 -23.98
N PRO BA 107 75.76 37.71 -25.04
CA PRO BA 107 76.22 36.32 -25.16
C PRO BA 107 77.73 36.17 -25.16
N ASP BA 108 78.46 37.15 -25.70
CA ASP BA 108 79.90 37.06 -25.81
C ASP BA 108 80.63 37.54 -24.56
N GLY BA 109 79.91 38.01 -23.54
CA GLY BA 109 80.54 38.47 -22.32
C GLY BA 109 80.93 37.38 -21.34
N VAL BA 110 80.69 36.12 -21.69
CA VAL BA 110 80.98 35.03 -20.78
C VAL BA 110 82.48 34.82 -20.66
N THR BA 111 82.98 34.73 -19.42
CA THR BA 111 84.35 34.41 -19.07
C THR BA 111 84.47 32.96 -18.66
N PRO BA 112 85.60 32.31 -18.92
CA PRO BA 112 85.72 30.88 -18.61
C PRO BA 112 85.55 30.60 -17.13
N GLY BA 113 84.86 29.50 -16.82
CA GLY BA 113 84.65 29.08 -15.45
C GLY BA 113 83.76 29.97 -14.61
N SER BA 114 83.10 30.95 -15.23
CA SER BA 114 82.29 31.90 -14.46
C SER BA 114 80.96 31.31 -14.01
N TYR BA 115 80.39 30.38 -14.77
CA TYR BA 115 79.08 29.84 -14.45
C TYR BA 115 79.12 29.04 -13.15
N LYS BA 116 78.07 29.17 -12.35
CA LYS BA 116 78.00 28.53 -11.05
C LYS BA 116 76.80 27.60 -10.87
N GLY BA 117 75.65 27.93 -11.43
CA GLY BA 117 74.48 27.08 -11.28
C GLY BA 117 73.20 27.85 -11.61
N ILE BA 118 72.10 27.36 -11.03
CA ILE BA 118 70.77 27.90 -11.28
C ILE BA 118 70.11 28.19 -9.93
N SER BA 119 69.39 29.30 -9.85
CA SER BA 119 68.63 29.66 -8.66
C SER BA 119 67.22 30.08 -9.05
N GLN BA 120 66.27 29.78 -8.19
CA GLN BA 120 64.87 30.13 -8.40
C GLN BA 120 64.35 30.91 -7.21
N ILE BA 121 63.47 31.87 -7.48
CA ILE BA 121 63.02 32.84 -6.49
C ILE BA 121 61.50 32.75 -6.37
N ASP BA 122 61.00 32.71 -5.14
CA ASP BA 122 59.57 32.69 -4.91
C ASP BA 122 58.96 34.03 -5.29
N PRO BA 123 57.67 34.06 -5.65
CA PRO BA 123 57.06 35.31 -6.12
C PRO BA 123 57.08 36.44 -5.10
N TYR BA 124 56.98 36.15 -3.80
CA TYR BA 124 56.86 37.21 -2.82
C TYR BA 124 58.19 37.91 -2.52
N TRP BA 125 59.31 37.40 -3.06
CA TRP BA 125 60.58 38.09 -2.88
C TRP BA 125 60.85 39.12 -3.95
N ALA BA 126 60.68 38.75 -5.23
CA ALA BA 126 60.94 39.66 -6.32
C ALA BA 126 59.85 40.74 -6.42
N MET BA 127 60.24 41.86 -7.00
CA MET BA 127 59.31 42.97 -7.24
C MET BA 127 59.53 43.53 -8.63
N PRO BA 128 58.59 43.34 -9.55
CA PRO BA 128 58.79 43.83 -10.92
C PRO BA 128 58.75 45.35 -10.99
N GLN BA 129 59.45 45.89 -11.99
CA GLN BA 129 59.47 47.31 -12.27
C GLN BA 129 59.25 47.54 -13.75
N LEU BA 130 58.47 48.56 -14.08
CA LEU BA 130 58.12 48.88 -15.45
C LEU BA 130 58.88 50.12 -15.90
N THR BA 131 59.62 49.99 -17.00
CA THR BA 131 60.28 51.13 -17.60
C THR BA 131 59.26 51.97 -18.37
N ALA BA 132 59.70 53.14 -18.84
CA ALA BA 132 58.80 53.98 -19.61
C ALA BA 132 58.52 53.39 -20.99
N GLY BA 133 59.54 52.76 -21.61
CA GLY BA 133 59.36 52.22 -22.95
C GLY BA 133 58.38 51.07 -22.99
N SER BA 134 58.35 50.24 -21.94
CA SER BA 134 57.46 49.09 -21.92
C SER BA 134 56.01 49.52 -21.96
N THR BA 135 55.65 50.58 -21.24
CA THR BA 135 54.29 51.09 -21.19
C THR BA 135 54.11 52.36 -22.03
N ALA BA 136 55.03 52.62 -22.95
CA ALA BA 136 54.96 53.86 -23.73
C ALA BA 136 53.87 53.77 -24.80
N ASP BA 137 54.01 52.84 -25.72
CA ASP BA 137 53.14 52.70 -26.87
C ASP BA 137 52.66 51.26 -26.94
N PRO BA 138 51.33 51.04 -27.00
CA PRO BA 138 50.83 49.66 -27.06
C PRO BA 138 51.14 48.95 -28.36
N SER BA 139 51.60 49.65 -29.39
CA SER BA 139 52.01 48.98 -30.62
C SER BA 139 53.36 48.28 -30.49
N SER BA 140 54.10 48.56 -29.42
CA SER BA 140 55.40 47.93 -29.21
C SER BA 140 55.27 46.44 -28.96
N GLU BA 141 56.31 45.70 -29.32
CA GLU BA 141 56.31 44.26 -29.10
C GLU BA 141 56.41 43.88 -27.63
N HIS BA 142 57.07 44.71 -26.82
CA HIS BA 142 57.25 44.45 -25.39
C HIS BA 142 56.32 45.30 -24.54
N PHE BA 143 55.11 45.54 -25.03
CA PHE BA 143 54.12 46.29 -24.25
C PHE BA 143 53.67 45.47 -23.06
N TYR BA 144 53.62 46.12 -21.89
CA TYR BA 144 53.32 45.44 -20.62
C TYR BA 144 54.26 44.26 -20.39
N GLU BA 145 55.53 44.45 -20.72
CA GLU BA 145 56.56 43.45 -20.45
C GLU BA 145 57.53 44.01 -19.43
N PRO BA 146 57.53 43.51 -18.19
CA PRO BA 146 58.44 44.04 -17.17
C PRO BA 146 59.90 43.83 -17.53
N ASP BA 147 60.63 44.91 -17.79
CA ASP BA 147 62.02 44.79 -18.19
C ASP BA 147 62.95 44.63 -17.01
N PHE BA 148 62.59 45.17 -15.85
CA PHE BA 148 63.43 45.11 -14.66
C PHE BA 148 62.71 44.42 -13.53
N TRP BA 149 63.40 43.50 -12.87
CA TRP BA 149 62.92 42.84 -11.66
C TRP BA 149 63.84 43.23 -10.50
N ILE BA 150 63.25 43.67 -9.40
CA ILE BA 150 63.99 44.11 -8.23
C ILE BA 150 63.91 43.01 -7.18
N ILE BA 151 65.07 42.50 -6.76
CA ILE BA 151 65.15 41.41 -5.80
C ILE BA 151 66.09 41.86 -4.68
N SER BA 152 65.52 42.22 -3.54
CA SER BA 152 66.29 42.64 -2.36
C SER BA 152 67.23 43.79 -2.69
N GLY BA 153 66.74 44.75 -3.49
CA GLY BA 153 67.51 45.92 -3.83
C GLY BA 153 68.48 45.76 -4.97
N LYS BA 154 68.57 44.58 -5.58
CA LYS BA 154 69.46 44.33 -6.70
C LYS BA 154 68.65 44.32 -7.99
N LYS BA 155 69.06 45.13 -8.96
CA LYS BA 155 68.35 45.28 -10.22
C LYS BA 155 68.81 44.24 -11.22
N TYR BA 156 67.85 43.68 -11.97
CA TYR BA 156 68.13 42.70 -12.99
C TYR BA 156 67.37 43.02 -14.27
N HIS BA 157 68.05 42.92 -15.40
CA HIS BA 157 67.41 43.12 -16.69
C HIS BA 157 66.62 41.88 -17.10
N ARG BA 158 65.63 42.09 -17.95
CA ARG BA 158 64.75 40.99 -18.35
C ARG BA 158 65.52 39.92 -19.12
N SER BA 159 66.48 40.34 -19.96
CA SER BA 159 67.17 39.40 -20.85
C SER BA 159 67.90 38.33 -20.05
N HIS BA 160 68.52 38.71 -18.93
CA HIS BA 160 69.26 37.73 -18.13
C HIS BA 160 68.33 36.67 -17.57
N LEU BA 161 67.17 37.06 -17.07
CA LEU BA 161 66.27 36.15 -16.40
C LEU BA 161 65.50 35.29 -17.40
N VAL BA 162 64.98 34.17 -16.90
CA VAL BA 162 64.06 33.32 -17.64
C VAL BA 162 62.81 33.15 -16.79
N VAL BA 163 61.68 33.65 -17.30
CA VAL BA 163 60.43 33.67 -16.57
C VAL BA 163 59.39 32.89 -17.37
N VAL BA 164 58.70 31.97 -16.70
CA VAL BA 164 57.65 31.17 -17.32
C VAL BA 164 56.32 31.50 -16.65
N ARG BA 165 55.27 31.64 -17.46
CA ARG BA 165 53.96 32.03 -16.98
C ARG BA 165 52.92 30.99 -17.42
N GLY BA 166 51.83 30.92 -16.65
CA GLY BA 166 50.74 30.03 -16.98
C GLY BA 166 49.82 30.66 -18.01
N PRO BA 167 48.51 30.57 -17.79
CA PRO BA 167 47.56 31.25 -18.69
C PRO BA 167 47.79 32.75 -18.67
N GLN BA 168 47.64 33.37 -19.85
CA GLN BA 168 47.93 34.79 -20.00
C GLN BA 168 46.65 35.60 -19.83
N PRO BA 169 46.56 36.45 -18.82
CA PRO BA 169 45.37 37.30 -18.67
C PRO BA 169 45.40 38.44 -19.68
N PRO BA 170 44.25 39.07 -19.93
CA PRO BA 170 44.24 40.26 -20.78
C PRO BA 170 45.02 41.40 -20.15
N ASP BA 171 45.34 42.40 -20.97
CA ASP BA 171 46.25 43.46 -20.54
C ASP BA 171 45.67 44.25 -19.37
N ILE BA 172 44.37 44.53 -19.39
CA ILE BA 172 43.76 45.27 -18.28
C ILE BA 172 43.83 44.47 -16.98
N LEU BA 173 43.87 43.15 -17.07
CA LEU BA 173 43.91 42.31 -15.89
C LEU BA 173 45.34 41.98 -15.46
N LYS BA 174 46.34 42.25 -16.30
CA LYS BA 174 47.71 41.96 -15.92
C LYS BA 174 48.18 42.70 -14.66
N PRO BA 175 47.93 44.00 -14.47
CA PRO BA 175 48.36 44.65 -13.22
C PRO BA 175 47.76 44.01 -11.98
N THR BA 176 46.50 43.54 -12.05
CA THR BA 176 45.90 42.91 -10.89
C THR BA 176 46.64 41.62 -10.52
N TYR BA 177 47.03 40.84 -11.51
CA TYR BA 177 47.78 39.61 -11.29
C TYR BA 177 49.28 39.87 -11.17
N ILE BA 178 49.71 41.13 -11.26
CA ILE BA 178 51.10 41.52 -11.15
C ILE BA 178 51.87 40.79 -12.25
N PHE BA 179 51.36 40.87 -13.48
CA PHE BA 179 52.06 40.39 -14.66
C PHE BA 179 52.47 38.92 -14.53
N GLY BA 180 51.57 38.11 -13.97
CA GLY BA 180 51.81 36.69 -13.82
C GLY BA 180 50.60 35.89 -14.28
N GLY BA 181 50.83 34.57 -14.42
CA GLY BA 181 49.76 33.70 -14.85
C GLY BA 181 48.76 33.41 -13.75
N ILE BA 182 47.63 32.85 -14.15
CA ILE BA 182 46.54 32.54 -13.22
C ILE BA 182 46.88 31.28 -12.45
N PRO BA 183 46.90 31.32 -11.12
CA PRO BA 183 47.26 30.13 -10.34
C PRO BA 183 46.22 29.03 -10.45
N LEU BA 184 46.69 27.79 -10.34
CA LEU BA 184 45.79 26.64 -10.38
C LEU BA 184 45.06 26.46 -9.07
N THR BA 185 45.69 26.80 -7.94
CA THR BA 185 45.01 26.70 -6.65
C THR BA 185 43.78 27.58 -6.61
N GLN BA 186 43.87 28.78 -7.19
CA GLN BA 186 42.71 29.65 -7.32
C GLN BA 186 41.55 28.95 -8.01
N ARG BA 187 41.85 28.08 -8.98
CA ARG BA 187 40.82 27.40 -9.74
C ARG BA 187 40.43 26.04 -9.16
N ILE BA 188 41.14 25.56 -8.14
CA ILE BA 188 40.91 24.20 -7.65
C ILE BA 188 40.50 24.14 -6.18
N TYR BA 189 40.71 25.19 -5.38
CA TYR BA 189 40.55 25.05 -3.93
C TYR BA 189 39.10 24.79 -3.54
N GLU BA 190 38.15 25.51 -4.15
CA GLU BA 190 36.75 25.33 -3.79
C GLU BA 190 36.27 23.91 -4.10
N ARG BA 191 36.59 23.42 -5.29
CA ARG BA 191 36.15 22.09 -5.68
C ARG BA 191 36.84 21.02 -4.83
N VAL BA 192 38.12 21.22 -4.49
CA VAL BA 192 38.81 20.26 -3.65
C VAL BA 192 38.15 20.19 -2.27
N TYR BA 193 37.83 21.35 -1.70
CA TYR BA 193 37.15 21.36 -0.41
C TYR BA 193 35.79 20.68 -0.49
N ALA BA 194 35.03 20.96 -1.56
CA ALA BA 194 33.72 20.36 -1.69
C ALA BA 194 33.82 18.83 -1.77
N ALA BA 195 34.75 18.33 -2.59
CA ALA BA 195 34.90 16.88 -2.72
C ALA BA 195 35.33 16.25 -1.39
N GLU BA 196 36.29 16.87 -0.69
CA GLU BA 196 36.76 16.30 0.57
C GLU BA 196 35.65 16.29 1.62
N ARG BA 197 34.90 17.38 1.73
CA ARG BA 197 33.84 17.43 2.73
C ARG BA 197 32.71 16.45 2.41
N THR BA 198 32.37 16.32 1.13
CA THR BA 198 31.35 15.35 0.74
C THR BA 198 31.82 13.93 1.05
N ALA BA 199 33.10 13.63 0.80
CA ALA BA 199 33.62 12.32 1.14
C ALA BA 199 33.59 12.09 2.65
N ASN BA 200 33.90 13.11 3.43
CA ASN BA 200 33.91 12.97 4.88
C ASN BA 200 32.51 12.85 5.47
N GLU BA 201 31.49 13.38 4.80
CA GLU BA 201 30.15 13.39 5.39
C GLU BA 201 29.61 11.98 5.60
N ALA BA 202 29.78 11.10 4.62
CA ALA BA 202 29.11 9.79 4.65
C ALA BA 202 29.48 8.94 5.86
N PRO BA 203 30.75 8.77 6.23
CA PRO BA 203 31.05 7.90 7.38
C PRO BA 203 30.37 8.33 8.67
N LEU BA 204 30.21 9.63 8.90
CA LEU BA 204 29.62 10.06 10.17
C LEU BA 204 28.13 9.78 10.19
N LEU BA 205 27.45 9.95 9.05
CA LEU BA 205 26.06 9.50 8.94
C LEU BA 205 25.95 8.01 9.17
N ALA BA 206 26.90 7.23 8.64
CA ALA BA 206 26.91 5.80 8.92
C ALA BA 206 27.05 5.54 10.41
N MET BA 207 27.87 6.33 11.09
CA MET BA 207 28.01 6.19 12.54
C MET BA 207 26.69 6.45 13.25
N SER BA 208 25.94 7.45 12.81
CA SER BA 208 24.68 7.83 13.44
C SER BA 208 23.46 7.36 12.64
N LYS BA 209 23.55 6.15 12.08
CA LYS BA 209 22.53 5.70 11.12
C LYS BA 209 21.19 5.45 11.80
N ARG BA 210 21.19 4.71 12.91
CA ARG BA 210 19.95 4.23 13.52
C ARG BA 210 19.64 4.98 14.80
N THR BA 211 18.38 5.37 14.96
CA THR BA 211 17.90 6.07 16.15
C THR BA 211 16.76 5.28 16.77
N SER BA 212 16.83 5.07 18.08
CA SER BA 212 15.82 4.31 18.82
C SER BA 212 15.25 5.17 19.93
N THR BA 213 13.94 5.15 20.08
CA THR BA 213 13.25 5.95 21.10
C THR BA 213 12.14 5.13 21.73
N ILE BA 214 11.85 5.43 22.99
CA ILE BA 214 10.74 4.83 23.72
C ILE BA 214 9.93 5.93 24.38
N HIS BA 215 8.69 5.60 24.70
CA HIS BA 215 7.77 6.52 25.36
C HIS BA 215 7.41 5.96 26.73
N VAL BA 216 7.41 6.82 27.74
CA VAL BA 216 7.11 6.43 29.11
C VAL BA 216 6.63 7.65 29.86
N ASP BA 217 5.89 7.41 30.94
CA ASP BA 217 5.42 8.50 31.80
C ASP BA 217 6.62 9.10 32.52
N VAL BA 218 7.07 10.26 32.04
CA VAL BA 218 8.30 10.86 32.56
C VAL BA 218 8.11 11.36 33.99
N GLU BA 219 6.88 11.62 34.42
CA GLU BA 219 6.65 12.08 35.79
C GLU BA 219 7.09 11.03 36.80
N LYS BA 220 6.64 9.80 36.63
CA LYS BA 220 7.08 8.73 37.52
C LYS BA 220 8.57 8.48 37.41
N ALA BA 221 9.15 8.70 36.21
CA ALA BA 221 10.58 8.51 36.04
C ALA BA 221 11.38 9.51 36.86
N ILE BA 222 10.99 10.79 36.79
CA ILE BA 222 11.71 11.81 37.56
C ILE BA 222 11.33 11.75 39.03
N ALA BA 223 10.26 11.05 39.39
CA ALA BA 223 9.90 10.93 40.80
C ALA BA 223 11.00 10.27 41.59
N ASN BA 224 11.47 9.10 41.14
CA ASN BA 224 12.60 8.43 41.76
C ASN BA 224 13.48 7.84 40.66
N GLU BA 225 14.43 8.64 40.18
CA GLU BA 225 15.43 8.16 39.24
C GLU BA 225 16.63 7.64 40.02
N GLU BA 226 17.76 7.45 39.34
CA GLU BA 226 18.96 6.75 39.79
C GLU BA 226 18.72 5.25 39.91
N ALA BA 227 17.50 4.79 39.68
CA ALA BA 227 17.17 3.39 39.45
C ALA BA 227 16.64 3.15 38.06
N PHE BA 228 15.79 4.06 37.57
CA PHE BA 228 15.40 4.07 36.17
C PHE BA 228 16.63 4.14 35.26
N ASN BA 229 17.54 5.06 35.57
CA ASN BA 229 18.77 5.19 34.79
C ASN BA 229 19.61 3.93 34.89
N ALA BA 230 19.70 3.34 36.08
CA ALA BA 230 20.48 2.12 36.24
C ALA BA 230 19.92 0.99 35.39
N ARG BA 231 18.59 0.81 35.42
CA ARG BA 231 17.98 -0.25 34.64
C ARG BA 231 18.20 -0.05 33.14
N LEU BA 232 18.01 1.18 32.66
CA LEU BA 232 18.18 1.41 31.22
C LEU BA 232 19.64 1.30 30.81
N ALA BA 233 20.57 1.71 31.68
CA ALA BA 233 21.98 1.53 31.38
C ALA BA 233 22.34 0.06 31.32
N PHE BA 234 21.78 -0.75 32.23
CA PHE BA 234 22.00 -2.19 32.17
C PHE BA 234 21.46 -2.77 30.87
N TRP BA 235 20.28 -2.33 30.44
CA TRP BA 235 19.72 -2.80 29.18
C TRP BA 235 20.65 -2.44 28.02
N ILE BA 236 21.13 -1.20 27.99
CA ILE BA 236 22.01 -0.78 26.89
C ILE BA 236 23.30 -1.59 26.90
N ALA BA 237 23.87 -1.81 28.08
CA ALA BA 237 25.12 -2.56 28.17
C ALA BA 237 24.94 -4.01 27.71
N ASN BA 238 23.83 -4.64 28.07
CA ASN BA 238 23.58 -6.03 27.72
C ASN BA 238 22.69 -6.18 26.50
N ARG BA 239 22.59 -5.15 25.66
CA ARG BA 239 21.70 -5.18 24.52
C ARG BA 239 22.28 -6.02 23.39
N ASP BA 240 21.46 -6.91 22.84
CA ASP BA 240 21.77 -7.67 21.64
C ASP BA 240 20.50 -8.36 21.18
N ASN BA 241 20.58 -9.02 20.03
CA ASN BA 241 19.47 -9.84 19.59
C ASN BA 241 19.32 -11.06 20.50
N HIS BA 242 18.13 -11.66 20.45
CA HIS BA 242 17.76 -12.81 21.27
C HIS BA 242 17.61 -12.45 22.74
N GLY BA 243 17.25 -11.21 23.02
CA GLY BA 243 16.84 -10.79 24.35
C GLY BA 243 15.51 -10.07 24.27
N VAL BA 244 14.75 -10.05 25.37
CA VAL BA 244 13.40 -9.51 25.36
C VAL BA 244 13.34 -8.31 26.30
N LYS BA 245 12.71 -7.24 25.82
CA LYS BA 245 12.47 -6.05 26.62
C LYS BA 245 10.99 -6.00 26.98
N VAL BA 246 10.69 -5.73 28.24
CA VAL BA 246 9.33 -5.72 28.76
C VAL BA 246 8.93 -4.27 29.00
N LEU BA 247 7.77 -3.89 28.45
CA LEU BA 247 7.28 -2.52 28.55
C LEU BA 247 5.87 -2.52 29.14
N GLY BA 248 5.44 -1.35 29.60
CA GLY BA 248 4.10 -1.20 30.10
C GLY BA 248 3.07 -1.10 28.99
N ILE BA 249 1.80 -1.25 29.39
CA ILE BA 249 0.72 -1.18 28.41
C ILE BA 249 0.59 0.22 27.84
N ASP BA 250 0.87 1.25 28.63
CA ASP BA 250 0.82 2.63 28.15
C ASP BA 250 2.13 3.07 27.50
N GLU BA 251 3.13 2.21 27.45
CA GLU BA 251 4.44 2.58 26.92
C GLU BA 251 4.52 2.23 25.43
N GLY BA 252 5.42 2.91 24.74
CA GLY BA 252 5.63 2.68 23.32
C GLY BA 252 7.10 2.76 22.96
N MET BA 253 7.42 2.18 21.81
CA MET BA 253 8.78 2.17 21.29
C MET BA 253 8.76 2.38 19.79
N GLU BA 254 9.77 3.07 19.28
CA GLU BA 254 9.85 3.37 17.86
C GLU BA 254 11.32 3.43 17.44
N GLN BA 255 11.56 3.23 16.14
CA GLN BA 255 12.90 3.28 15.59
C GLN BA 255 12.87 4.03 14.26
N PHE BA 256 14.02 4.61 13.92
CA PHE BA 256 14.18 5.32 12.65
C PHE BA 256 15.53 4.95 12.04
N ASP BA 257 15.58 5.03 10.71
CA ASP BA 257 16.81 4.74 9.98
C ASP BA 257 17.14 5.86 9.00
N THR BA 258 18.15 5.64 8.16
CA THR BA 258 18.54 6.59 7.14
C THR BA 258 19.15 5.84 5.97
N ASN BA 259 18.75 6.21 4.76
CA ASN BA 259 19.21 5.54 3.54
C ASN BA 259 20.44 6.26 3.02
N LEU BA 260 21.58 5.57 3.00
CA LEU BA 260 22.85 6.13 2.56
C LEU BA 260 23.25 5.65 1.18
N ALA BA 261 22.27 5.30 0.35
CA ALA BA 261 22.53 4.73 -0.97
C ALA BA 261 22.61 5.77 -2.07
N ASP BA 262 23.00 7.00 -1.74
CA ASP BA 262 23.10 8.06 -2.74
C ASP BA 262 24.38 8.88 -2.66
N PHE BA 263 25.15 8.78 -1.56
CA PHE BA 263 26.38 9.56 -1.44
C PHE BA 263 27.45 9.13 -2.42
N ASP BA 264 27.39 7.88 -2.89
CA ASP BA 264 28.43 7.36 -3.78
C ASP BA 264 28.53 8.18 -5.06
N SER BA 265 27.39 8.40 -5.72
CA SER BA 265 27.40 9.13 -6.98
C SER BA 265 27.87 10.56 -6.78
N ILE BA 266 27.45 11.20 -5.69
CA ILE BA 266 27.86 12.58 -5.42
C ILE BA 266 29.37 12.66 -5.24
N ILE BA 267 29.93 11.78 -4.41
CA ILE BA 267 31.37 11.79 -4.17
C ILE BA 267 32.13 11.54 -5.47
N MET BA 268 31.66 10.58 -6.26
CA MET BA 268 32.40 10.20 -7.45
C MET BA 268 32.34 11.30 -8.51
N ASN BA 269 31.18 11.96 -8.66
CA ASN BA 269 31.07 13.08 -9.58
C ASN BA 269 31.95 14.25 -9.15
N GLN BA 270 31.98 14.54 -7.84
CA GLN BA 270 32.85 15.60 -7.36
C GLN BA 270 34.31 15.29 -7.66
N TYR BA 271 34.74 14.06 -7.43
CA TYR BA 271 36.13 13.70 -7.72
C TYR BA 271 36.42 13.74 -9.21
N GLN BA 272 35.44 13.34 -10.03
CA GLN BA 272 35.62 13.45 -11.49
C GLN BA 272 35.81 14.90 -11.91
N LEU BA 273 35.03 15.82 -11.33
CA LEU BA 273 35.19 17.23 -11.64
C LEU BA 273 36.56 17.74 -11.19
N VAL BA 274 37.01 17.32 -10.00
CA VAL BA 274 38.34 17.70 -9.53
C VAL BA 274 39.40 17.24 -10.52
N ALA BA 275 39.29 15.99 -10.99
CA ALA BA 275 40.24 15.49 -11.98
C ALA BA 275 40.16 16.30 -13.27
N ALA BA 276 38.95 16.70 -13.67
CA ALA BA 276 38.78 17.45 -14.90
C ALA BA 276 39.46 18.82 -14.82
N ILE BA 277 39.40 19.47 -13.66
CA ILE BA 277 39.98 20.80 -13.53
C ILE BA 277 41.49 20.75 -13.75
N ALA BA 278 42.16 19.76 -13.19
CA ALA BA 278 43.61 19.71 -13.19
C ALA BA 278 44.22 19.22 -14.50
N LYS BA 279 43.40 18.93 -15.51
CA LYS BA 279 43.87 18.45 -16.80
C LYS BA 279 44.71 17.18 -16.65
N THR BA 280 44.25 16.28 -15.78
CA THR BA 280 44.93 15.02 -15.53
C THR BA 280 43.88 13.91 -15.51
N PRO BA 281 44.17 12.76 -16.10
CA PRO BA 281 43.21 11.65 -16.04
C PRO BA 281 42.96 11.22 -14.60
N ALA BA 282 41.70 10.85 -14.32
CA ALA BA 282 41.33 10.47 -12.96
C ALA BA 282 42.05 9.21 -12.52
N THR BA 283 42.43 8.34 -13.47
CA THR BA 283 43.13 7.11 -13.12
C THR BA 283 44.50 7.36 -12.52
N LYS BA 284 45.02 8.57 -12.62
CA LYS BA 284 46.28 8.93 -11.99
C LYS BA 284 46.08 9.70 -10.68
N LEU BA 285 45.19 10.68 -10.67
CA LEU BA 285 44.95 11.44 -9.44
C LEU BA 285 44.30 10.57 -8.37
N LEU BA 286 43.23 9.87 -8.72
CA LEU BA 286 42.54 9.00 -7.77
C LEU BA 286 43.07 7.58 -7.80
N GLY BA 287 43.83 7.21 -8.82
CA GLY BA 287 44.38 5.88 -8.90
C GLY BA 287 43.42 4.80 -9.35
N THR BA 288 42.18 5.16 -9.69
CA THR BA 288 41.19 4.20 -10.15
C THR BA 288 40.14 4.94 -10.97
N SER BA 289 39.70 4.32 -12.05
CA SER BA 289 38.65 4.92 -12.85
C SER BA 289 37.37 5.04 -12.02
N PRO BA 290 36.75 6.22 -11.99
CA PRO BA 290 35.49 6.37 -11.23
C PRO BA 290 34.44 5.39 -11.71
N LYS BA 291 33.67 4.87 -10.76
CA LYS BA 291 32.66 3.86 -11.07
C LYS BA 291 31.54 4.47 -11.91
N GLY BA 292 31.01 3.68 -12.83
CA GLY BA 292 30.01 4.14 -13.77
C GLY BA 292 30.55 4.81 -15.00
N PHE BA 293 31.87 4.91 -15.14
CA PHE BA 293 32.51 5.50 -16.30
C PHE BA 293 33.34 4.45 -17.02
N ASN BA 294 33.58 4.67 -18.31
CA ASN BA 294 34.43 3.78 -19.08
C ASN BA 294 35.88 3.92 -18.64
N ALA BA 295 36.68 2.89 -18.93
CA ALA BA 295 38.09 2.85 -18.60
C ALA BA 295 38.89 2.30 -19.77
N THR BA 296 38.53 2.73 -20.98
CA THR BA 296 39.19 2.23 -22.17
C THR BA 296 40.67 2.63 -22.20
N GLY BA 297 40.97 3.88 -21.88
CA GLY BA 297 42.33 4.36 -21.84
C GLY BA 297 42.94 4.68 -23.19
N GLU BA 298 42.20 4.49 -24.29
CA GLU BA 298 42.75 4.76 -25.60
C GLU BA 298 42.80 6.26 -25.89
N HIS BA 299 41.94 7.05 -25.26
CA HIS BA 299 41.82 8.47 -25.55
C HIS BA 299 42.50 9.36 -24.51
N GLU BA 300 42.22 9.15 -23.23
CA GLU BA 300 42.76 10.04 -22.22
C GLU BA 300 44.26 9.88 -22.05
N THR BA 301 44.78 8.66 -22.24
CA THR BA 301 46.23 8.48 -22.21
C THR BA 301 46.91 9.23 -23.36
N ILE BA 302 46.32 9.16 -24.55
CA ILE BA 302 46.86 9.89 -25.69
C ILE BA 302 46.82 11.40 -25.43
N SER BA 303 45.71 11.89 -24.88
CA SER BA 303 45.61 13.30 -24.56
C SER BA 303 46.63 13.71 -23.51
N TYR BA 304 46.86 12.84 -22.52
CA TYR BA 304 47.87 13.13 -21.50
C TYR BA 304 49.26 13.21 -22.11
N HIS BA 305 49.58 12.28 -23.01
CA HIS BA 305 50.88 12.33 -23.68
C HIS BA 305 51.01 13.60 -24.50
N GLU BA 306 49.93 14.00 -25.16
CA GLU BA 306 49.95 15.25 -25.92
C GLU BA 306 50.21 16.45 -25.01
N GLU BA 307 49.56 16.48 -23.84
CA GLU BA 307 49.79 17.58 -22.90
C GLU BA 307 51.22 17.59 -22.38
N LEU BA 308 51.78 16.41 -22.09
CA LEU BA 308 53.17 16.34 -21.66
C LEU BA 308 54.11 16.82 -22.75
N GLU BA 309 53.79 16.51 -24.01
CA GLU BA 309 54.58 17.05 -25.12
C GLU BA 309 54.49 18.57 -25.15
N SER BA 310 53.30 19.12 -24.91
CA SER BA 310 53.16 20.58 -24.84
C SER BA 310 54.03 21.17 -23.74
N ILE BA 311 54.04 20.54 -22.57
CA ILE BA 311 54.86 21.03 -21.47
C ILE BA 311 56.33 20.98 -21.85
N GLN BA 312 56.77 19.87 -22.44
CA GLN BA 312 58.16 19.74 -22.87
C GLN BA 312 58.54 20.83 -23.86
N GLU BA 313 57.64 21.11 -24.82
CA GLU BA 313 57.97 22.10 -25.85
C GLU BA 313 58.00 23.51 -25.30
N HIS BA 314 57.09 23.83 -24.37
CA HIS BA 314 56.96 25.21 -23.91
C HIS BA 314 57.87 25.54 -22.72
N ILE BA 315 57.75 24.80 -21.63
CA ILE BA 315 58.34 25.23 -20.37
C ILE BA 315 59.82 24.84 -20.27
N PHE BA 316 60.12 23.56 -20.47
CA PHE BA 316 61.47 23.06 -20.21
C PHE BA 316 62.48 23.45 -21.28
N ASP BA 317 62.04 23.69 -22.51
CA ASP BA 317 62.97 23.94 -23.60
C ASP BA 317 63.82 25.19 -23.41
N PRO BA 318 63.26 26.38 -23.11
CA PRO BA 318 64.12 27.59 -23.07
C PRO BA 318 65.16 27.55 -21.97
N LEU BA 319 64.80 27.05 -20.79
CA LEU BA 319 65.76 26.97 -19.70
C LEU BA 319 66.93 26.07 -20.06
N LEU BA 320 66.63 24.91 -20.64
CA LEU BA 320 67.71 24.00 -21.06
C LEU BA 320 68.57 24.61 -22.15
N GLU BA 321 67.94 25.30 -23.10
CA GLU BA 321 68.71 25.94 -24.17
C GLU BA 321 69.67 26.97 -23.61
N ARG BA 322 69.18 27.85 -22.72
CA ARG BA 322 70.04 28.86 -22.12
C ARG BA 322 71.15 28.22 -21.28
N HIS BA 323 70.80 27.20 -20.50
CA HIS BA 323 71.78 26.53 -19.66
C HIS BA 323 72.90 25.92 -20.50
N TYR BA 324 72.53 25.23 -21.58
CA TYR BA 324 73.56 24.57 -22.39
C TYR BA 324 74.35 25.56 -23.21
N LEU BA 325 73.75 26.66 -23.65
CA LEU BA 325 74.52 27.73 -24.29
C LEU BA 325 75.57 28.27 -23.33
N LEU BA 326 75.17 28.57 -22.09
CA LEU BA 326 76.12 29.09 -21.11
C LEU BA 326 77.21 28.07 -20.81
N LEU BA 327 76.83 26.80 -20.67
CA LEU BA 327 77.81 25.77 -20.37
C LEU BA 327 78.81 25.58 -21.51
N ALA BA 328 78.32 25.59 -22.75
CA ALA BA 328 79.21 25.44 -23.90
C ALA BA 328 80.16 26.62 -24.03
N LYS BA 329 79.67 27.84 -23.81
CA LYS BA 329 80.54 29.00 -23.93
C LYS BA 329 81.49 29.13 -22.75
N SER BA 330 81.12 28.60 -21.58
CA SER BA 330 81.97 28.75 -20.40
C SER BA 330 83.17 27.82 -20.43
N GLU BA 331 83.01 26.61 -20.97
CA GLU BA 331 84.05 25.59 -20.94
C GLU BA 331 84.71 25.38 -22.29
N GLU BA 332 84.66 26.37 -23.17
CA GLU BA 332 85.36 26.35 -24.46
C GLU BA 332 84.94 25.14 -25.30
N ILE BA 333 83.66 25.10 -25.65
CA ILE BA 333 83.09 24.08 -26.51
C ILE BA 333 82.68 24.77 -27.81
N ASP BA 334 83.49 24.63 -28.85
CA ASP BA 334 83.22 25.28 -30.13
C ASP BA 334 82.43 24.37 -31.06
N VAL BA 335 81.33 23.82 -30.56
CA VAL BA 335 80.42 22.99 -31.35
C VAL BA 335 79.00 23.42 -31.05
N GLN BA 336 78.19 23.53 -32.10
CA GLN BA 336 76.78 23.90 -31.93
C GLN BA 336 75.97 22.66 -31.60
N LEU BA 337 75.23 22.71 -30.49
CA LEU BA 337 74.49 21.57 -29.99
C LEU BA 337 73.01 21.91 -29.85
N GLU BA 338 72.17 20.89 -29.95
CA GLU BA 338 70.73 21.03 -29.80
C GLU BA 338 70.23 19.96 -28.83
N ILE BA 339 68.94 20.02 -28.52
CA ILE BA 339 68.33 19.16 -27.50
C ILE BA 339 67.26 18.31 -28.18
N VAL BA 340 67.34 16.99 -27.97
CA VAL BA 340 66.36 16.04 -28.49
C VAL BA 340 65.75 15.30 -27.31
N TRP BA 341 64.42 15.29 -27.24
CA TRP BA 341 63.72 14.67 -26.13
C TRP BA 341 63.44 13.20 -26.42
N ASN BA 342 63.53 12.38 -25.37
CA ASN BA 342 63.15 10.98 -25.49
C ASN BA 342 61.63 10.86 -25.64
N PRO BA 343 61.16 9.77 -26.25
CA PRO BA 343 59.72 9.57 -26.34
C PRO BA 343 59.07 9.52 -24.96
N VAL BA 344 57.90 10.15 -24.85
CA VAL BA 344 57.22 10.24 -23.57
C VAL BA 344 56.43 8.98 -23.25
N ASP BA 345 56.06 8.19 -24.25
CA ASP BA 345 55.28 6.98 -24.01
C ASP BA 345 56.14 5.95 -23.29
N SER BA 346 55.59 5.39 -22.21
CA SER BA 346 56.27 4.39 -21.40
C SER BA 346 55.58 3.05 -21.56
N THR BA 347 56.36 2.02 -21.88
CA THR BA 347 55.83 0.68 -22.11
C THR BA 347 56.64 -0.32 -21.30
N SER BA 348 56.01 -1.46 -21.00
CA SER BA 348 56.65 -2.51 -20.23
C SER BA 348 57.63 -3.27 -21.12
N SER BA 349 58.19 -4.36 -20.58
CA SER BA 349 59.23 -5.09 -21.30
C SER BA 349 58.69 -5.74 -22.57
N GLN BA 350 57.49 -6.32 -22.51
CA GLN BA 350 56.94 -7.00 -23.69
C GLN BA 350 56.74 -6.03 -24.84
N GLN BA 351 55.98 -4.97 -24.61
CA GLN BA 351 55.73 -3.98 -25.66
C GLN BA 351 57.04 -3.48 -26.26
N GLN BA 352 58.08 -3.36 -25.42
CA GLN BA 352 59.41 -3.08 -25.95
C GLN BA 352 59.87 -4.20 -26.88
N ALA BA 353 59.63 -5.45 -26.51
CA ALA BA 353 60.12 -6.57 -27.30
C ALA BA 353 59.50 -6.59 -28.70
N GLU BA 354 58.17 -6.53 -28.78
CA GLU BA 354 57.59 -6.48 -30.12
C GLU BA 354 57.64 -5.09 -30.74
N LEU BA 355 58.06 -4.07 -30.01
CA LEU BA 355 58.35 -2.78 -30.63
C LEU BA 355 59.66 -2.82 -31.40
N ASN BA 356 60.69 -3.41 -30.80
CA ASN BA 356 61.99 -3.48 -31.46
C ASN BA 356 61.95 -4.43 -32.66
N ASN BA 357 61.17 -5.52 -32.56
CA ASN BA 357 61.14 -6.49 -33.64
C ASN BA 357 60.58 -5.90 -34.93
N LYS BA 358 59.53 -5.06 -34.81
CA LYS BA 358 58.96 -4.44 -36.00
C LYS BA 358 59.97 -3.52 -36.68
N LYS BA 359 60.74 -2.76 -35.89
CA LYS BA 359 61.80 -1.95 -36.49
C LYS BA 359 62.88 -2.82 -37.12
N ALA BA 360 63.21 -3.94 -36.46
CA ALA BA 360 64.20 -4.85 -37.03
C ALA BA 360 63.73 -5.41 -38.37
N ALA BA 361 62.46 -5.80 -38.45
CA ALA BA 361 61.92 -6.28 -39.72
C ALA BA 361 61.92 -5.18 -40.77
N THR BA 362 61.54 -3.96 -40.38
CA THR BA 362 61.56 -2.85 -41.32
C THR BA 362 62.98 -2.52 -41.77
N ASP BA 363 63.94 -2.61 -40.86
CA ASP BA 363 65.34 -2.30 -41.22
C ASP BA 363 65.86 -3.27 -42.27
N GLU BA 364 65.55 -4.56 -42.12
CA GLU BA 364 66.05 -5.55 -43.07
C GLU BA 364 65.50 -5.32 -44.47
N ILE BA 365 64.29 -4.77 -44.58
CA ILE BA 365 63.72 -4.51 -45.90
C ILE BA 365 64.53 -3.45 -46.63
N TYR BA 366 64.91 -2.38 -45.93
CA TYR BA 366 65.61 -1.27 -46.58
C TYR BA 366 67.01 -1.69 -47.02
N ILE BA 367 67.76 -2.37 -46.14
CA ILE BA 367 69.13 -2.74 -46.48
C ILE BA 367 69.17 -3.70 -47.65
N ASN BA 368 68.25 -4.66 -47.69
CA ASN BA 368 68.22 -5.60 -48.80
C ASN BA 368 67.88 -4.90 -50.11
N SER BA 369 67.09 -3.84 -50.05
CA SER BA 369 66.68 -3.11 -51.25
C SER BA 369 67.62 -1.96 -51.58
N GLY BA 370 68.72 -1.80 -50.84
CA GLY BA 370 69.69 -0.77 -51.13
C GLY BA 370 69.34 0.61 -50.64
N VAL BA 371 68.22 0.77 -49.94
CA VAL BA 371 67.82 2.09 -49.45
C VAL BA 371 68.82 2.60 -48.44
N VAL BA 372 69.23 1.75 -47.50
CA VAL BA 372 70.14 2.16 -46.43
C VAL BA 372 71.41 1.32 -46.51
N SER BA 373 72.35 1.59 -45.62
CA SER BA 373 73.60 0.85 -45.51
C SER BA 373 73.63 0.09 -44.19
N PRO BA 374 74.43 -0.97 -44.11
CA PRO BA 374 74.55 -1.69 -42.83
C PRO BA 374 75.01 -0.81 -41.69
N ASP BA 375 75.86 0.19 -41.96
CA ASP BA 375 76.35 1.05 -40.88
C ASP BA 375 75.30 2.08 -40.47
N GLU BA 376 74.44 2.50 -41.39
CA GLU BA 376 73.45 3.52 -41.05
C GLU BA 376 72.52 3.04 -39.94
N VAL BA 377 72.05 1.80 -40.02
CA VAL BA 377 71.21 1.26 -38.96
C VAL BA 377 72.04 1.02 -37.70
N ARG BA 378 73.32 0.64 -37.86
CA ARG BA 378 74.18 0.46 -36.69
C ARG BA 378 74.38 1.78 -35.95
N GLU BA 379 74.60 2.86 -36.69
CA GLU BA 379 74.73 4.18 -36.06
C GLU BA 379 73.43 4.59 -35.39
N ARG BA 380 72.30 4.34 -36.04
CA ARG BA 380 71.01 4.68 -35.44
C ARG BA 380 70.78 3.85 -34.17
N LEU BA 381 71.08 2.56 -34.21
CA LEU BA 381 70.81 1.70 -33.07
C LEU BA 381 71.63 2.10 -31.85
N ARG BA 382 72.87 2.55 -32.06
CA ARG BA 382 73.70 2.98 -30.94
C ARG BA 382 73.11 4.21 -30.26
N ASP BA 383 72.51 5.11 -31.04
CA ASP BA 383 71.98 6.34 -30.46
C ASP BA 383 70.74 6.10 -29.61
N ASP BA 384 69.91 5.13 -29.98
CA ASP BA 384 68.69 4.86 -29.23
C ASP BA 384 69.03 4.17 -27.92
N PRO BA 385 68.67 4.75 -26.76
CA PRO BA 385 68.95 4.05 -25.50
C PRO BA 385 68.00 2.90 -25.23
N ARG BA 386 66.77 2.97 -25.72
CA ARG BA 386 65.80 1.90 -25.49
C ARG BA 386 66.16 0.62 -26.23
N SER BA 387 67.07 0.68 -27.19
CA SER BA 387 67.49 -0.52 -27.90
C SER BA 387 68.19 -1.47 -26.94
N GLY BA 388 68.01 -2.77 -27.17
CA GLY BA 388 68.60 -3.75 -26.29
C GLY BA 388 70.12 -3.72 -26.28
N TYR BA 389 70.71 -3.41 -27.43
CA TYR BA 389 72.17 -3.41 -27.58
C TYR BA 389 72.71 -2.04 -27.16
N ASN BA 390 73.52 -2.02 -26.11
CA ASN BA 390 74.19 -0.79 -25.67
C ASN BA 390 75.65 -1.03 -25.31
N ARG BA 391 76.14 -2.26 -25.50
CA ARG BA 391 77.54 -2.60 -25.31
C ARG BA 391 78.36 -2.40 -26.58
N LEU BA 392 77.89 -1.54 -27.49
CA LEU BA 392 78.53 -1.38 -28.78
C LEU BA 392 79.96 -0.88 -28.63
N THR BA 393 80.88 -1.52 -29.35
CA THR BA 393 82.27 -1.09 -29.37
C THR BA 393 82.44 0.04 -30.38
N ASP BA 394 83.68 0.44 -30.62
CA ASP BA 394 83.97 1.51 -31.58
C ASP BA 394 84.09 0.99 -33.00
N ASP BA 395 83.88 -0.30 -33.24
CA ASP BA 395 83.98 -0.86 -34.57
C ASP BA 395 82.90 -0.29 -35.48
N GLN BA 396 83.21 -0.20 -36.77
CA GLN BA 396 82.29 0.33 -37.76
C GLN BA 396 81.84 -0.78 -38.70
N ALA BA 397 80.64 -0.61 -39.24
CA ALA BA 397 80.07 -1.55 -40.19
C ALA BA 397 80.40 -1.11 -41.61
N GLU BA 398 79.78 -1.74 -42.59
CA GLU BA 398 79.98 -1.39 -43.98
C GLU BA 398 79.11 -0.19 -44.34
N THR BA 399 79.68 0.76 -45.08
CA THR BA 399 79.06 2.07 -45.25
C THR BA 399 78.40 2.28 -46.61
N GLU BA 400 78.83 1.58 -47.66
CA GLU BA 400 78.21 1.82 -48.96
C GLU BA 400 76.84 1.15 -48.99
N PRO BA 401 75.78 1.87 -49.35
CA PRO BA 401 74.42 1.37 -49.14
C PRO BA 401 74.16 0.07 -49.90
N GLY BA 402 73.36 -0.80 -49.28
CA GLY BA 402 72.89 -2.01 -49.92
C GLY BA 402 73.84 -3.18 -49.90
N MET BA 403 75.02 -3.05 -49.30
CA MET BA 403 76.00 -4.14 -49.29
C MET BA 403 75.78 -5.03 -48.07
N SER BA 404 74.70 -5.80 -48.15
CA SER BA 404 74.47 -6.87 -47.18
C SER BA 404 75.43 -8.02 -47.47
N PRO BA 405 75.66 -8.89 -46.49
CA PRO BA 405 76.59 -10.02 -46.72
C PRO BA 405 76.21 -10.87 -47.93
N GLU BA 406 74.92 -11.11 -48.16
CA GLU BA 406 74.51 -11.83 -49.35
C GLU BA 406 74.56 -10.94 -50.59
N ASN BA 407 74.28 -9.64 -50.45
CA ASN BA 407 74.40 -8.73 -51.58
C ASN BA 407 75.86 -8.62 -52.03
N LEU BA 408 76.79 -8.55 -51.09
CA LEU BA 408 78.21 -8.51 -51.45
C LEU BA 408 78.63 -9.84 -52.06
N ALA BA 409 78.09 -10.96 -51.56
CA ALA BA 409 78.45 -12.26 -52.09
C ALA BA 409 78.05 -12.40 -53.56
N GLU BA 410 76.87 -11.91 -53.92
CA GLU BA 410 76.42 -11.96 -55.30
C GLU BA 410 77.01 -10.85 -56.15
N PHE BA 411 77.65 -9.86 -55.55
CA PHE BA 411 78.27 -8.78 -56.31
C PHE BA 411 79.39 -9.29 -57.18
N GLU BA 412 80.44 -9.86 -56.55
CA GLU BA 412 81.58 -10.33 -57.33
C GLU BA 412 81.24 -11.58 -58.13
N LYS BA 413 80.29 -12.39 -57.66
CA LYS BA 413 79.90 -13.58 -58.40
C LYS BA 413 79.28 -13.22 -59.74
N ALA BA 414 78.40 -12.22 -59.76
CA ALA BA 414 77.78 -11.82 -61.02
C ALA BA 414 78.80 -11.20 -61.97
N GLY BA 415 79.72 -10.38 -61.45
CA GLY BA 415 80.72 -9.76 -62.30
C GLY BA 415 81.69 -10.77 -62.90
N ALA BA 416 82.13 -11.74 -62.09
CA ALA BA 416 83.06 -12.75 -62.60
C ALA BA 416 82.43 -13.58 -63.69
N GLN BA 417 81.15 -13.95 -63.52
CA GLN BA 417 80.47 -14.71 -64.56
C GLN BA 417 80.33 -13.91 -65.84
N SER BA 418 80.08 -12.61 -65.73
CA SER BA 418 79.97 -11.75 -66.91
C SER BA 418 81.28 -11.70 -67.68
N ALA BA 419 82.40 -11.62 -66.98
CA ALA BA 419 83.70 -11.58 -67.65
C ALA BA 419 83.95 -12.87 -68.43
N LYS BA 420 83.56 -14.01 -67.87
CA LYS BA 420 83.70 -15.28 -68.57
C LYS BA 420 82.91 -15.28 -69.87
N ALA BA 421 81.67 -14.76 -69.83
CA ALA BA 421 80.83 -14.75 -71.01
C ALA BA 421 81.40 -13.85 -72.10
N LYS BA 422 82.00 -12.72 -71.70
CA LYS BA 422 82.53 -11.78 -72.68
C LYS BA 422 83.68 -12.40 -73.48
N GLY BA 423 84.64 -13.01 -72.80
CA GLY BA 423 85.82 -13.51 -73.48
C GLY BA 423 85.51 -14.65 -74.43
N GLU BA 424 84.71 -15.61 -73.98
CA GLU BA 424 84.43 -16.78 -74.81
C GLU BA 424 83.61 -16.41 -76.05
N ALA BA 425 82.81 -15.36 -75.96
CA ALA BA 425 82.06 -14.91 -77.14
C ALA BA 425 83.02 -14.48 -78.24
N GLU BA 426 84.08 -13.76 -77.89
CA GLU BA 426 85.12 -13.45 -78.85
C GLU BA 426 85.87 -14.70 -79.28
N ARG BA 427 86.04 -15.66 -78.36
CA ARG BA 427 86.68 -16.93 -78.71
C ARG BA 427 85.89 -17.70 -79.75
N ALA BA 428 84.55 -17.68 -79.65
CA ALA BA 428 83.72 -18.34 -80.65
C ALA BA 428 83.84 -17.68 -82.01
N GLU BA 429 84.28 -16.43 -82.07
CA GLU BA 429 84.46 -15.72 -83.32
C GLU BA 429 85.85 -15.89 -83.91
N ALA BA 430 86.67 -16.78 -83.35
CA ALA BA 430 88.01 -17.01 -83.88
C ALA BA 430 87.97 -17.50 -85.31
N GLN BA 431 87.10 -18.47 -85.60
CA GLN BA 431 86.93 -18.97 -86.94
C GLN BA 431 85.74 -18.27 -87.61
N ALA BA 432 85.45 -18.68 -88.85
CA ALA BA 432 84.37 -18.09 -89.64
C ALA BA 432 84.52 -16.57 -89.76
N GLY BA 433 85.74 -16.12 -90.01
CA GLY BA 433 86.03 -14.70 -90.14
C GLY BA 433 87.43 -14.41 -90.64
N PRO CA 1 5.53 35.62 -34.43
CA PRO CA 1 5.51 35.46 -32.98
C PRO CA 1 6.40 36.50 -32.28
N THR CA 2 5.78 37.37 -31.49
CA THR CA 2 6.53 38.40 -30.77
C THR CA 2 7.50 37.78 -29.78
N MET CA 3 7.06 36.74 -29.05
CA MET CA 3 7.90 36.14 -28.03
C MET CA 3 9.15 35.51 -28.63
N LEU CA 4 8.99 34.80 -29.76
CA LEU CA 4 10.14 34.21 -30.43
C LEU CA 4 11.11 35.29 -30.91
N GLN CA 5 10.57 36.37 -31.48
CA GLN CA 5 11.42 37.45 -31.96
C GLN CA 5 12.21 38.08 -30.82
N ASP CA 6 11.55 38.32 -29.69
CA ASP CA 6 12.24 38.89 -28.53
C ASP CA 6 13.30 37.94 -27.99
N TRP CA 7 12.97 36.65 -27.92
CA TRP CA 7 13.92 35.67 -27.39
C TRP CA 7 15.16 35.59 -28.28
N TYR CA 8 14.98 35.63 -29.60
CA TYR CA 8 16.13 35.57 -30.49
C TYR CA 8 16.88 36.89 -30.53
N ASN CA 9 16.18 38.00 -30.28
CA ASN CA 9 16.84 39.31 -30.31
C ASN CA 9 17.64 39.56 -29.04
N SER CA 10 17.25 38.91 -27.94
CA SER CA 10 17.89 39.20 -26.65
C SER CA 10 19.40 38.98 -26.70
N GLN CA 11 19.85 37.94 -27.38
CA GLN CA 11 21.29 37.72 -27.52
C GLN CA 11 21.92 38.83 -28.35
N GLY CA 12 23.04 39.36 -27.88
CA GLY CA 12 23.70 40.44 -28.56
C GLY CA 12 25.09 40.64 -27.99
N PHE CA 13 25.77 41.66 -28.51
CA PHE CA 13 27.14 41.95 -28.07
C PHE CA 13 27.14 42.34 -26.59
N ILE CA 14 28.15 41.86 -25.87
CA ILE CA 14 28.25 42.08 -24.43
C ILE CA 14 29.36 43.05 -24.06
N GLY CA 15 30.31 43.29 -24.95
CA GLY CA 15 31.37 44.23 -24.65
C GLY CA 15 32.68 43.57 -24.32
N TYR CA 16 33.77 44.24 -24.69
CA TYR CA 16 35.11 43.72 -24.44
C TYR CA 16 35.39 43.65 -22.94
N GLN CA 17 34.90 44.61 -22.17
CA GLN CA 17 35.10 44.58 -20.73
C GLN CA 17 34.44 43.34 -20.12
N ALA CA 18 33.22 43.01 -20.55
CA ALA CA 18 32.56 41.81 -20.07
C ALA CA 18 33.31 40.56 -20.52
N CYS CA 19 33.78 40.55 -21.77
CA CYS CA 19 34.50 39.38 -22.29
C CYS CA 19 35.76 39.12 -21.48
N ALA CA 20 36.49 40.18 -21.11
CA ALA CA 20 37.72 40.02 -20.36
C ALA CA 20 37.47 39.37 -19.01
N ILE CA 21 36.44 39.84 -18.29
CA ILE CA 21 36.16 39.29 -16.97
C ILE CA 21 35.61 37.87 -17.07
N ILE CA 22 34.83 37.58 -18.11
CA ILE CA 22 34.33 36.22 -18.28
C ILE CA 22 35.45 35.25 -18.62
N SER CA 23 36.49 35.72 -19.31
CA SER CA 23 37.56 34.84 -19.75
C SER CA 23 38.37 34.26 -18.60
N GLN CA 24 38.19 34.78 -17.38
CA GLN CA 24 38.99 34.31 -16.25
C GLN CA 24 38.64 32.88 -15.87
N HIS CA 25 37.40 32.46 -16.11
CA HIS CA 25 36.94 31.16 -15.65
C HIS CA 25 37.71 30.03 -16.34
N TRP CA 26 37.90 28.93 -15.61
CA TRP CA 26 38.76 27.85 -16.11
C TRP CA 26 38.14 27.15 -17.32
N LEU CA 27 36.81 26.97 -17.30
CA LEU CA 27 36.18 26.20 -18.38
C LEU CA 27 36.27 26.92 -19.71
N VAL CA 28 35.94 28.22 -19.74
CA VAL CA 28 36.03 28.96 -21.00
C VAL CA 28 37.48 29.08 -21.44
N ASP CA 29 38.41 29.20 -20.49
CA ASP CA 29 39.82 29.23 -20.83
C ASP CA 29 40.25 27.94 -21.51
N LYS CA 30 39.81 26.80 -20.97
CA LYS CA 30 40.11 25.52 -21.59
C LYS CA 30 39.52 25.43 -22.99
N ALA CA 31 38.26 25.85 -23.14
CA ALA CA 31 37.58 25.75 -24.42
C ALA CA 31 38.29 26.59 -25.48
N CYS CA 32 38.70 27.80 -25.13
CA CYS CA 32 39.39 28.64 -26.10
C CYS CA 32 40.81 28.14 -26.38
N SER CA 33 41.51 27.65 -25.35
CA SER CA 33 42.93 27.36 -25.51
C SER CA 33 43.18 26.04 -26.22
N MET CA 34 42.31 25.04 -26.02
CA MET CA 34 42.64 23.68 -26.45
C MET CA 34 42.78 23.59 -27.98
N SER CA 35 41.88 24.22 -28.72
CA SER CA 35 41.93 24.13 -30.18
C SER CA 35 43.23 24.71 -30.71
N GLY CA 36 43.57 25.93 -30.27
CA GLY CA 36 44.81 26.54 -30.71
C GLY CA 36 46.04 25.74 -30.31
N GLU CA 37 46.02 25.18 -29.09
CA GLU CA 37 47.15 24.38 -28.65
C GLU CA 37 47.32 23.13 -29.51
N ASP CA 38 46.21 22.47 -29.85
CA ASP CA 38 46.30 21.23 -30.63
C ASP CA 38 46.69 21.52 -32.07
N ALA CA 39 46.28 22.69 -32.60
CA ALA CA 39 46.44 22.94 -34.03
C ALA CA 39 47.92 22.98 -34.44
N ALA CA 40 48.76 23.65 -33.66
CA ALA CA 40 50.13 23.92 -34.05
C ALA CA 40 51.15 22.96 -33.45
N ARG CA 41 50.71 21.83 -32.88
CA ARG CA 41 51.64 20.98 -32.15
C ARG CA 41 52.61 20.26 -33.08
N ASN CA 42 52.11 19.68 -34.16
CA ASN CA 42 52.96 18.82 -34.99
C ASN CA 42 53.95 19.65 -35.80
N GLY CA 43 53.66 20.92 -36.03
CA GLY CA 43 54.59 21.81 -36.70
C GLY CA 43 54.58 21.65 -38.21
N TRP CA 44 55.43 22.45 -38.85
CA TRP CA 44 55.51 22.53 -40.30
C TRP CA 44 56.97 22.51 -40.74
N GLU CA 45 57.18 22.15 -41.99
CA GLU CA 45 58.50 22.16 -42.60
C GLU CA 45 58.53 23.12 -43.78
N LEU CA 46 59.69 23.71 -44.01
CA LEU CA 46 59.87 24.69 -45.08
C LEU CA 46 60.36 23.98 -46.33
N LYS CA 47 59.54 24.01 -47.38
CA LYS CA 47 59.87 23.39 -48.66
C LYS CA 47 59.85 24.48 -49.72
N SER CA 48 60.87 24.51 -50.59
CA SER CA 48 61.05 25.60 -51.53
C SER CA 48 61.07 25.06 -52.95
N ASP CA 49 59.93 25.19 -53.64
CA ASP CA 49 59.81 24.88 -55.06
C ASP CA 49 60.25 23.44 -55.37
N GLY CA 50 59.89 22.52 -54.49
CA GLY CA 50 60.23 21.12 -54.68
C GLY CA 50 61.72 20.85 -54.64
N ARG CA 51 62.46 21.58 -53.81
CA ARG CA 51 63.89 21.39 -53.66
C ARG CA 51 64.32 21.98 -52.33
N LYS CA 52 65.29 21.32 -51.70
CA LYS CA 52 65.85 21.81 -50.45
C LYS CA 52 66.95 22.82 -50.77
N LEU CA 53 66.84 24.00 -50.17
CA LEU CA 53 67.80 25.07 -50.40
C LEU CA 53 69.00 24.89 -49.47
N SER CA 54 69.87 25.89 -49.42
CA SER CA 54 71.14 25.74 -48.71
C SER CA 54 70.92 25.53 -47.22
N ASP CA 55 71.74 24.66 -46.62
CA ASP CA 55 71.47 24.20 -45.27
C ASP CA 55 71.81 25.26 -44.22
N GLU CA 56 72.92 25.99 -44.41
CA GLU CA 56 73.31 26.96 -43.40
C GLU CA 56 72.33 28.12 -43.35
N GLN CA 57 71.79 28.53 -44.51
CA GLN CA 57 70.77 29.58 -44.48
C GLN CA 57 69.44 29.04 -43.97
N SER CA 58 69.21 27.73 -44.12
CA SER CA 58 68.07 27.12 -43.46
C SER CA 58 68.20 27.22 -41.94
N ALA CA 59 69.38 26.93 -41.41
CA ALA CA 59 69.63 27.12 -39.99
C ALA CA 59 69.52 28.58 -39.60
N LEU CA 60 69.91 29.48 -40.51
CA LEU CA 60 69.70 30.90 -40.29
C LEU CA 60 68.22 31.21 -40.07
N ILE CA 61 67.37 30.73 -40.98
CA ILE CA 61 65.92 30.91 -40.83
C ILE CA 61 65.44 30.30 -39.52
N ALA CA 62 65.98 29.14 -39.16
CA ALA CA 62 65.56 28.47 -37.94
C ALA CA 62 65.87 29.31 -36.71
N ARG CA 63 67.09 29.83 -36.60
CA ARG CA 63 67.42 30.60 -35.41
C ARG CA 63 66.71 31.96 -35.41
N ARG CA 64 66.49 32.56 -36.58
CA ARG CA 64 65.69 33.78 -36.64
C ARG CA 64 64.27 33.54 -36.13
N ASP CA 65 63.60 32.49 -36.62
CA ASP CA 65 62.18 32.33 -36.27
C ASP CA 65 62.04 31.83 -34.83
N MET CA 66 63.00 31.04 -34.35
CA MET CA 66 63.00 30.69 -32.93
C MET CA 66 63.23 31.92 -32.07
N GLU CA 67 64.11 32.82 -32.51
CA GLU CA 67 64.32 34.07 -31.80
C GLU CA 67 63.06 34.93 -31.81
N PHE CA 68 62.33 34.92 -32.92
CA PHE CA 68 61.16 35.78 -33.08
C PHE CA 68 59.91 35.21 -32.44
N ARG CA 69 59.95 33.95 -31.98
CA ARG CA 69 58.84 33.34 -31.24
C ARG CA 69 57.55 33.33 -32.07
N VAL CA 70 57.55 32.54 -33.14
CA VAL CA 70 56.37 32.44 -33.99
C VAL CA 70 55.29 31.58 -33.33
N LYS CA 71 55.70 30.51 -32.65
CA LYS CA 71 54.74 29.53 -32.16
C LYS CA 71 53.83 30.09 -31.08
N ASP CA 72 54.41 30.72 -30.06
CA ASP CA 72 53.61 31.30 -29.00
C ASP CA 72 52.73 32.43 -29.53
N ASN CA 73 53.23 33.16 -30.54
CA ASN CA 73 52.40 34.16 -31.19
C ASN CA 73 51.17 33.54 -31.85
N LEU CA 74 51.36 32.41 -32.54
CA LEU CA 74 50.22 31.73 -33.15
C LEU CA 74 49.22 31.27 -32.09
N VAL CA 75 49.73 30.70 -30.99
CA VAL CA 75 48.84 30.19 -29.95
C VAL CA 75 48.05 31.33 -29.31
N GLU CA 76 48.73 32.42 -28.97
CA GLU CA 76 48.05 33.58 -28.40
C GLU CA 76 47.05 34.17 -29.38
N LEU CA 77 47.41 34.19 -30.67
CA LEU CA 77 46.50 34.69 -31.69
C LEU CA 77 45.22 33.89 -31.72
N ASN CA 78 45.33 32.56 -31.71
CA ASN CA 78 44.14 31.72 -31.72
C ASN CA 78 43.32 31.94 -30.44
N ARG CA 79 43.98 31.96 -29.28
CA ARG CA 79 43.26 32.13 -28.02
C ARG CA 79 42.46 33.42 -28.00
N PHE CA 80 43.10 34.53 -28.37
CA PHE CA 80 42.43 35.82 -28.21
C PHE CA 80 41.50 36.12 -29.37
N LYS CA 81 41.71 35.49 -30.53
CA LYS CA 81 40.69 35.53 -31.57
C LYS CA 81 39.44 34.80 -31.11
N ASN CA 82 39.60 33.69 -30.39
CA ASN CA 82 38.45 32.97 -29.86
C ASN CA 82 37.72 33.81 -28.81
N VAL CA 83 38.47 34.37 -27.85
CA VAL CA 83 37.82 35.03 -26.71
C VAL CA 83 37.22 36.37 -27.13
N PHE CA 84 37.91 37.13 -27.98
CA PHE CA 84 37.47 38.47 -28.32
C PHE CA 84 36.73 38.55 -29.65
N GLY CA 85 36.89 37.56 -30.52
CA GLY CA 85 36.29 37.60 -31.84
C GLY CA 85 37.21 38.12 -32.93
N VAL CA 86 38.10 39.06 -32.60
CA VAL CA 86 39.07 39.58 -33.56
C VAL CA 86 40.40 39.74 -32.85
N ARG CA 87 41.48 39.49 -33.60
CA ARG CA 87 42.82 39.75 -33.13
C ARG CA 87 43.61 40.42 -34.25
N ILE CA 88 44.51 41.31 -33.87
CA ILE CA 88 45.28 42.12 -34.80
C ILE CA 88 46.76 41.77 -34.63
N ALA CA 89 47.41 41.42 -35.73
CA ALA CA 89 48.85 41.18 -35.75
C ALA CA 89 49.50 42.19 -36.68
N LEU CA 90 50.48 42.93 -36.17
CA LEU CA 90 51.17 43.95 -36.92
C LEU CA 90 52.65 43.58 -37.02
N PHE CA 91 53.19 43.63 -38.24
CA PHE CA 91 54.59 43.29 -38.45
C PHE CA 91 55.44 44.56 -38.34
N VAL CA 92 56.31 44.61 -37.33
CA VAL CA 92 57.12 45.79 -37.06
C VAL CA 92 58.33 45.77 -37.99
N VAL CA 93 58.48 46.83 -38.77
CA VAL CA 93 59.56 46.96 -39.74
C VAL CA 93 60.19 48.33 -39.61
N GLU CA 94 61.52 48.37 -39.65
CA GLU CA 94 62.28 49.61 -39.53
C GLU CA 94 62.69 50.08 -40.92
N SER CA 95 62.11 51.19 -41.38
CA SER CA 95 62.36 51.70 -42.71
C SER CA 95 62.62 53.20 -42.65
N ASP CA 96 63.27 53.71 -43.69
CA ASP CA 96 63.61 55.13 -43.74
C ASP CA 96 62.40 55.99 -44.11
N ASP CA 97 61.36 55.39 -44.67
CA ASP CA 97 60.19 56.15 -45.09
C ASP CA 97 59.50 56.76 -43.88
N PRO CA 98 59.14 58.05 -43.93
CA PRO CA 98 58.51 58.68 -42.76
C PRO CA 98 57.21 58.02 -42.33
N ASP CA 99 56.38 57.58 -43.29
CA ASP CA 99 55.13 56.89 -43.00
C ASP CA 99 55.01 55.68 -43.93
N TYR CA 100 55.57 54.55 -43.50
CA TYR CA 100 55.45 53.33 -44.28
C TYR CA 100 54.10 52.66 -44.07
N TYR CA 101 53.66 52.60 -42.82
CA TYR CA 101 52.39 51.92 -42.52
C TYR CA 101 51.20 52.69 -43.08
N GLU CA 102 51.31 54.01 -43.19
CA GLU CA 102 50.20 54.79 -43.72
C GLU CA 102 50.09 54.62 -45.23
N LYS CA 103 51.21 54.35 -45.90
CA LYS CA 103 51.19 54.09 -47.33
C LYS CA 103 50.68 52.68 -47.60
N PRO CA 104 50.17 52.42 -48.81
CA PRO CA 104 49.80 51.06 -49.18
C PRO CA 104 51.03 50.15 -49.24
N PHE CA 105 50.79 48.85 -49.05
CA PHE CA 105 51.87 47.90 -48.95
C PHE CA 105 52.63 47.78 -50.27
N ASN CA 106 53.95 47.82 -50.20
CA ASN CA 106 54.82 47.60 -51.34
C ASN CA 106 55.86 46.57 -50.94
N PRO CA 107 55.87 45.37 -51.54
CA PRO CA 107 56.89 44.38 -51.18
C PRO CA 107 58.31 44.85 -51.46
N ASP CA 108 58.50 45.69 -52.47
CA ASP CA 108 59.84 46.15 -52.83
C ASP CA 108 60.44 47.09 -51.79
N GLY CA 109 59.63 47.60 -50.86
CA GLY CA 109 60.12 48.56 -49.90
C GLY CA 109 60.96 47.97 -48.78
N VAL CA 110 61.03 46.64 -48.72
CA VAL CA 110 61.77 45.99 -47.63
C VAL CA 110 63.26 46.21 -47.84
N THR CA 111 63.94 46.64 -46.77
CA THR CA 111 65.38 46.82 -46.74
C THR CA 111 66.03 45.72 -45.90
N PRO CA 112 67.28 45.36 -46.17
CA PRO CA 112 67.95 44.32 -45.37
C PRO CA 112 68.02 44.71 -43.91
N GLY CA 113 67.70 43.74 -43.04
CA GLY CA 113 67.71 43.95 -41.61
C GLY CA 113 66.53 44.71 -41.06
N SER CA 114 65.55 45.06 -41.90
CA SER CA 114 64.44 45.89 -41.44
C SER CA 114 63.45 45.09 -40.60
N TYR CA 115 63.19 43.84 -40.97
CA TYR CA 115 62.20 43.03 -40.27
C TYR CA 115 62.68 42.73 -38.85
N LYS CA 116 61.82 42.97 -37.87
CA LYS CA 116 62.20 42.87 -36.47
C LYS CA 116 61.36 41.88 -35.66
N GLY CA 117 60.08 41.74 -35.94
CA GLY CA 117 59.25 40.84 -35.16
C GLY CA 117 57.79 41.02 -35.48
N ILE CA 118 56.95 40.44 -34.63
CA ILE CA 118 55.51 40.46 -34.77
C ILE CA 118 54.91 41.12 -33.54
N SER CA 119 54.07 42.13 -33.74
CA SER CA 119 53.40 42.82 -32.65
C SER CA 119 51.90 42.52 -32.70
N GLN CA 120 51.34 42.24 -31.53
CA GLN CA 120 49.92 41.90 -31.38
C GLN CA 120 49.27 42.90 -30.44
N ILE CA 121 48.10 43.40 -30.82
CA ILE CA 121 47.41 44.44 -30.07
C ILE CA 121 46.00 43.97 -29.75
N ASP CA 122 45.53 44.30 -28.55
CA ASP CA 122 44.20 43.94 -28.13
C ASP CA 122 43.16 44.77 -28.87
N PRO CA 123 41.95 44.25 -29.06
CA PRO CA 123 40.95 44.98 -29.88
C PRO CA 123 40.55 46.33 -29.32
N TYR CA 124 40.49 46.49 -27.99
CA TYR CA 124 40.03 47.76 -27.44
C TYR CA 124 41.08 48.85 -27.54
N TRP CA 125 42.35 48.47 -27.73
CA TRP CA 125 43.38 49.46 -27.96
C TRP CA 125 43.24 50.12 -29.33
N ALA CA 126 42.85 49.34 -30.33
CA ALA CA 126 42.80 49.81 -31.71
C ALA CA 126 41.35 50.08 -32.12
N MET CA 127 41.10 51.30 -32.59
CA MET CA 127 39.79 51.67 -33.10
C MET CA 127 39.83 51.74 -34.61
N PRO CA 128 39.08 50.92 -35.32
CA PRO CA 128 39.13 50.94 -36.79
C PRO CA 128 38.49 52.21 -37.35
N GLN CA 129 38.93 52.57 -38.56
CA GLN CA 129 38.41 53.74 -39.26
C GLN CA 129 37.88 53.31 -40.62
N LEU CA 130 36.71 53.83 -40.98
CA LEU CA 130 36.02 53.44 -42.20
C LEU CA 130 36.02 54.64 -43.16
N THR CA 131 36.48 54.42 -44.39
CA THR CA 131 36.52 55.50 -45.36
C THR CA 131 35.25 55.53 -46.20
N ALA CA 132 34.99 56.70 -46.79
CA ALA CA 132 33.78 56.87 -47.59
C ALA CA 132 33.82 56.03 -48.85
N GLY CA 133 35.00 55.88 -49.45
CA GLY CA 133 35.12 55.06 -50.65
C GLY CA 133 34.77 53.61 -50.41
N SER CA 134 35.16 53.07 -49.25
CA SER CA 134 34.84 51.69 -48.92
C SER CA 134 33.34 51.47 -48.79
N THR CA 135 32.64 52.41 -48.16
CA THR CA 135 31.20 52.30 -47.96
C THR CA 135 30.38 52.92 -49.08
N ALA CA 136 30.95 53.07 -50.28
CA ALA CA 136 30.25 53.78 -51.33
C ALA CA 136 29.24 52.88 -52.06
N ASP CA 137 29.72 51.85 -52.74
CA ASP CA 137 28.88 51.04 -53.62
C ASP CA 137 29.00 49.57 -53.27
N PRO CA 138 27.87 48.87 -53.08
CA PRO CA 138 27.94 47.45 -52.68
C PRO CA 138 28.59 46.57 -53.73
N SER CA 139 28.69 47.02 -54.98
CA SER CA 139 29.39 46.24 -55.99
C SER CA 139 30.87 46.08 -55.64
N SER CA 140 31.41 47.01 -54.87
CA SER CA 140 32.81 46.93 -54.47
C SER CA 140 33.04 45.73 -53.55
N GLU CA 141 34.16 45.04 -53.79
CA GLU CA 141 34.50 43.88 -52.97
C GLU CA 141 34.83 44.24 -51.53
N HIS CA 142 35.34 45.45 -51.30
CA HIS CA 142 35.73 45.92 -49.97
C HIS CA 142 34.61 46.68 -49.25
N PHE CA 143 33.36 46.30 -49.49
CA PHE CA 143 32.21 46.97 -48.90
C PHE CA 143 32.00 46.51 -47.45
N TYR CA 144 32.03 47.48 -46.51
CA TYR CA 144 32.14 47.23 -45.06
C TYR CA 144 33.34 46.38 -44.66
N GLU CA 145 34.51 46.62 -45.24
CA GLU CA 145 35.76 46.26 -44.60
C GLU CA 145 36.56 47.53 -44.35
N PRO CA 146 36.92 47.81 -43.09
CA PRO CA 146 37.56 49.09 -42.78
C PRO CA 146 38.87 49.26 -43.54
N ASP CA 147 39.15 50.51 -43.93
CA ASP CA 147 40.35 50.78 -44.71
C ASP CA 147 41.55 51.03 -43.80
N PHE CA 148 41.35 51.74 -42.69
CA PHE CA 148 42.44 52.08 -41.78
C PHE CA 148 42.08 51.67 -40.36
N TRP CA 149 43.11 51.35 -39.58
CA TRP CA 149 42.97 51.08 -38.16
C TRP CA 149 43.82 52.08 -37.40
N ILE CA 150 43.26 52.69 -36.37
CA ILE CA 150 43.96 53.69 -35.57
C ILE CA 150 44.35 53.04 -34.25
N ILE CA 151 45.65 52.96 -34.01
CA ILE CA 151 46.20 52.40 -32.77
C ILE CA 151 47.02 53.47 -32.08
N SER CA 152 46.44 54.08 -31.06
CA SER CA 152 47.10 55.13 -30.27
C SER CA 152 47.58 56.28 -31.16
N GLY CA 153 46.63 56.86 -31.91
CA GLY CA 153 46.93 58.02 -32.73
C GLY CA 153 47.89 57.78 -33.87
N LYS CA 154 47.71 56.67 -34.60
CA LYS CA 154 48.49 56.39 -35.79
C LYS CA 154 47.60 55.69 -36.80
N LYS CA 155 47.82 55.98 -38.08
CA LYS CA 155 47.01 55.45 -39.16
C LYS CA 155 47.79 54.36 -39.88
N TYR CA 156 47.16 53.20 -40.04
CA TYR CA 156 47.76 52.05 -40.71
C TYR CA 156 46.84 51.59 -41.83
N HIS CA 157 47.40 51.40 -43.03
CA HIS CA 157 46.61 50.88 -44.13
C HIS CA 157 46.29 49.41 -43.90
N ARG CA 158 45.15 48.99 -44.44
CA ARG CA 158 44.64 47.64 -44.17
C ARG CA 158 45.60 46.57 -44.66
N SER CA 159 46.27 46.81 -45.79
CA SER CA 159 47.11 45.79 -46.40
C SER CA 159 48.29 45.41 -45.50
N HIS CA 160 48.80 46.38 -44.73
CA HIS CA 160 50.00 46.12 -43.93
C HIS CA 160 49.73 45.11 -42.83
N LEU CA 161 48.59 45.20 -42.17
CA LEU CA 161 48.29 44.35 -41.02
C LEU CA 161 47.31 43.25 -41.42
N VAL CA 162 47.43 42.11 -40.74
CA VAL CA 162 46.57 40.95 -40.99
C VAL CA 162 45.50 40.92 -39.92
N VAL CA 163 44.25 40.71 -40.34
CA VAL CA 163 43.11 40.70 -39.44
C VAL CA 163 42.45 39.34 -39.52
N VAL CA 164 42.25 38.72 -38.36
CA VAL CA 164 41.59 37.41 -38.25
C VAL CA 164 40.25 37.60 -37.57
N ARG CA 165 39.20 37.02 -38.15
CA ARG CA 165 37.84 37.19 -37.66
C ARG CA 165 37.17 35.84 -37.52
N GLY CA 166 36.27 35.75 -36.55
CA GLY CA 166 35.51 34.54 -36.32
C GLY CA 166 34.28 34.46 -37.21
N PRO CA 167 33.14 34.13 -36.61
CA PRO CA 167 31.89 34.07 -37.40
C PRO CA 167 31.50 35.46 -37.89
N GLN CA 168 31.53 35.64 -39.21
CA GLN CA 168 31.25 36.94 -39.81
C GLN CA 168 29.75 37.17 -39.86
N PRO CA 169 29.22 38.19 -39.18
CA PRO CA 169 27.79 38.47 -39.25
C PRO CA 169 27.42 39.10 -40.58
N PRO CA 170 26.14 39.23 -40.88
CA PRO CA 170 25.74 39.97 -42.08
C PRO CA 170 26.08 41.44 -41.97
N ASP CA 171 26.06 42.11 -43.13
CA ASP CA 171 26.49 43.50 -43.21
C ASP CA 171 25.63 44.40 -42.32
N ILE CA 172 24.36 44.03 -42.11
CA ILE CA 172 23.47 44.86 -41.31
C ILE CA 172 23.91 44.89 -39.86
N LEU CA 173 24.44 43.76 -39.35
CA LEU CA 173 24.88 43.68 -37.96
C LEU CA 173 26.37 43.91 -37.78
N LYS CA 174 27.12 44.06 -38.87
CA LYS CA 174 28.56 44.29 -38.75
C LYS CA 174 28.89 45.55 -37.96
N PRO CA 175 28.20 46.69 -38.11
CA PRO CA 175 28.48 47.82 -37.22
C PRO CA 175 28.32 47.50 -35.74
N THR CA 176 27.35 46.65 -35.40
CA THR CA 176 27.10 46.34 -33.99
C THR CA 176 28.30 45.63 -33.37
N TYR CA 177 28.89 44.68 -34.07
CA TYR CA 177 30.05 43.95 -33.58
C TYR CA 177 31.37 44.64 -33.89
N ILE CA 178 31.31 45.90 -34.34
CA ILE CA 178 32.48 46.71 -34.66
C ILE CA 178 33.29 45.96 -35.72
N PHE CA 179 32.60 45.51 -36.76
CA PHE CA 179 33.23 44.79 -37.88
C PHE CA 179 34.04 43.59 -37.39
N GLY CA 180 33.43 42.81 -36.49
CA GLY CA 180 34.13 41.69 -35.88
C GLY CA 180 33.24 40.47 -35.74
N GLY CA 181 33.87 39.36 -35.44
CA GLY CA 181 33.14 38.12 -35.25
C GLY CA 181 32.47 38.04 -33.90
N ILE CA 182 31.64 37.01 -33.75
CA ILE CA 182 30.89 36.84 -32.50
C ILE CA 182 31.79 36.16 -31.47
N PRO CA 183 31.97 36.74 -30.28
CA PRO CA 183 32.84 36.11 -29.28
C PRO CA 183 32.30 34.78 -28.80
N LEU CA 184 33.21 33.88 -28.45
CA LEU CA 184 32.81 32.58 -27.91
C LEU CA 184 32.24 32.72 -26.50
N THR CA 185 32.79 33.65 -25.71
CA THR CA 185 32.30 33.84 -24.35
C THR CA 185 30.84 34.24 -24.34
N GLN CA 186 30.45 35.15 -25.23
CA GLN CA 186 29.05 35.53 -25.36
C GLN CA 186 28.15 34.32 -25.56
N ARG CA 187 28.65 33.29 -26.24
CA ARG CA 187 27.83 32.13 -26.54
C ARG CA 187 27.85 31.12 -25.40
N ILE CA 188 28.95 31.06 -24.65
CA ILE CA 188 29.17 29.93 -23.74
C ILE CA 188 28.98 30.27 -22.27
N TYR CA 189 28.98 31.56 -21.91
CA TYR CA 189 29.08 31.93 -20.50
C TYR CA 189 27.85 31.47 -19.71
N GLU CA 190 26.66 31.63 -20.28
CA GLU CA 190 25.44 31.30 -19.53
C GLU CA 190 25.33 29.80 -19.29
N ARG CA 191 25.65 28.98 -20.29
CA ARG CA 191 25.61 27.54 -20.10
C ARG CA 191 26.67 27.08 -19.12
N VAL CA 192 27.86 27.69 -19.17
CA VAL CA 192 28.89 27.36 -18.18
C VAL CA 192 28.39 27.69 -16.77
N TYR CA 193 27.75 28.85 -16.61
CA TYR CA 193 27.21 29.21 -15.31
C TYR CA 193 26.18 28.21 -14.84
N ALA CA 194 25.28 27.78 -15.73
CA ALA CA 194 24.25 26.83 -15.34
C ALA CA 194 24.85 25.52 -14.86
N ALA CA 195 25.78 24.96 -15.65
CA ALA CA 195 26.39 23.70 -15.27
C ALA CA 195 27.14 23.81 -13.95
N GLU CA 196 27.94 24.88 -13.80
CA GLU CA 196 28.71 25.05 -12.56
C GLU CA 196 27.79 25.23 -11.36
N ARG CA 197 26.71 26.01 -11.51
CA ARG CA 197 25.80 26.24 -10.39
C ARG CA 197 25.13 24.95 -9.96
N THR CA 198 24.68 24.14 -10.92
CA THR CA 198 24.06 22.86 -10.54
C THR CA 198 25.07 21.93 -9.85
N ALA CA 199 26.28 21.86 -10.39
CA ALA CA 199 27.31 21.01 -9.79
C ALA CA 199 27.62 21.45 -8.37
N ASN CA 200 27.65 22.77 -8.13
CA ASN CA 200 27.88 23.27 -6.78
C ASN CA 200 26.67 23.01 -5.89
N GLU CA 201 25.47 23.08 -6.46
CA GLU CA 201 24.25 22.91 -5.69
C GLU CA 201 24.14 21.49 -5.13
N ALA CA 202 24.56 20.49 -5.91
CA ALA CA 202 24.32 19.11 -5.49
C ALA CA 202 24.89 18.77 -4.10
N PRO CA 203 26.18 19.02 -3.80
CA PRO CA 203 26.66 18.69 -2.45
C PRO CA 203 26.01 19.53 -1.36
N LEU CA 204 25.58 20.74 -1.69
CA LEU CA 204 24.91 21.57 -0.70
C LEU CA 204 23.63 20.92 -0.20
N LEU CA 205 22.83 20.36 -1.11
CA LEU CA 205 21.68 19.58 -0.70
C LEU CA 205 22.10 18.29 -0.02
N ALA CA 206 23.19 17.67 -0.50
CA ALA CA 206 23.66 16.44 0.13
C ALA CA 206 23.97 16.65 1.61
N MET CA 207 24.44 17.84 1.98
CA MET CA 207 24.78 18.10 3.37
C MET CA 207 23.55 18.20 4.24
N SER CA 208 22.44 18.72 3.70
CA SER CA 208 21.20 18.89 4.43
C SER CA 208 20.21 17.76 4.16
N LYS CA 209 20.70 16.54 3.98
CA LYS CA 209 19.83 15.42 3.59
C LYS CA 209 18.79 15.11 4.66
N ARG CA 210 19.19 15.13 5.93
CA ARG CA 210 18.36 14.65 7.01
C ARG CA 210 17.94 15.79 7.93
N THR CA 211 16.67 15.78 8.34
CA THR CA 211 16.15 16.73 9.31
C THR CA 211 15.39 15.97 10.39
N SER CA 212 15.55 16.40 11.64
CA SER CA 212 14.91 15.77 12.78
C SER CA 212 13.97 16.75 13.45
N THR CA 213 12.91 16.23 14.08
CA THR CA 213 11.89 17.04 14.71
C THR CA 213 11.31 16.31 15.92
N ILE CA 214 11.08 17.05 17.00
CA ILE CA 214 10.38 16.55 18.17
C ILE CA 214 9.32 17.56 18.58
N HIS CA 215 8.14 17.07 18.93
CA HIS CA 215 7.05 17.92 19.40
C HIS CA 215 6.99 17.85 20.92
N VAL CA 216 7.15 19.00 21.58
CA VAL CA 216 7.17 19.07 23.04
C VAL CA 216 6.15 20.12 23.48
N ASP CA 217 5.96 20.21 24.79
CA ASP CA 217 5.14 21.28 25.38
C ASP CA 217 6.03 22.51 25.56
N VAL CA 218 6.10 23.35 24.53
CA VAL CA 218 6.99 24.49 24.55
C VAL CA 218 6.63 25.44 25.68
N GLU CA 219 5.35 25.48 26.07
CA GLU CA 219 4.94 26.30 27.19
C GLU CA 219 5.72 25.95 28.45
N LYS CA 220 5.83 24.66 28.75
CA LYS CA 220 6.60 24.25 29.92
C LYS CA 220 8.09 24.38 29.67
N ALA CA 221 8.52 24.22 28.42
CA ALA CA 221 9.95 24.30 28.10
C ALA CA 221 10.50 25.70 28.37
N ILE CA 222 9.75 26.73 27.98
CA ILE CA 222 10.24 28.10 28.17
C ILE CA 222 10.20 28.49 29.65
N ALA CA 223 9.40 27.79 30.45
CA ALA CA 223 9.35 28.10 31.87
C ALA CA 223 10.69 27.86 32.55
N ASN CA 224 11.35 26.74 32.22
CA ASN CA 224 12.65 26.40 32.79
C ASN CA 224 13.63 26.12 31.64
N GLU CA 225 14.27 27.17 31.15
CA GLU CA 225 15.35 26.99 30.21
C GLU CA 225 16.66 26.79 30.97
N GLU CA 226 17.76 26.67 30.22
CA GLU CA 226 19.13 26.45 30.68
C GLU CA 226 19.32 25.03 31.19
N ALA CA 227 18.25 24.26 31.33
CA ALA CA 227 18.32 22.82 31.61
C ALA CA 227 17.81 21.97 30.46
N PHE CA 228 16.70 22.40 29.84
CA PHE CA 228 16.25 21.78 28.60
C PHE CA 228 17.32 21.87 27.53
N ASN CA 229 17.91 23.05 27.37
CA ASN CA 229 18.98 23.23 26.39
C ASN CA 229 20.18 22.37 26.74
N ALA CA 230 20.50 22.26 28.04
CA ALA CA 230 21.64 21.44 28.44
C ALA CA 230 21.41 19.97 28.11
N ARG CA 231 20.22 19.46 28.41
CA ARG CA 231 19.93 18.06 28.11
C ARG CA 231 19.93 17.79 26.61
N LEU CA 232 19.35 18.69 25.82
CA LEU CA 232 19.35 18.49 24.38
C LEU CA 232 20.76 18.58 23.81
N ALA CA 233 21.58 19.49 24.34
CA ALA CA 233 22.98 19.57 23.90
C ALA CA 233 23.73 18.29 24.25
N PHE CA 234 23.45 17.73 25.43
CA PHE CA 234 24.05 16.44 25.78
C PHE CA 234 23.66 15.36 24.80
N TRP CA 235 22.37 15.30 24.43
CA TRP CA 235 21.92 14.30 23.46
C TRP CA 235 22.62 14.48 22.13
N ILE CA 236 22.71 15.71 21.64
CA ILE CA 236 23.36 15.96 20.35
C ILE CA 236 24.84 15.61 20.40
N ALA CA 237 25.51 15.97 21.50
CA ALA CA 237 26.94 15.70 21.62
C ALA CA 237 27.22 14.21 21.66
N ASN CA 238 26.38 13.43 22.35
CA ASN CA 238 26.60 12.00 22.47
C ASN CA 238 25.68 11.17 21.58
N ARG CA 239 25.25 11.73 20.45
CA ARG CA 239 24.34 11.01 19.58
C ARG CA 239 25.09 9.98 18.73
N ASP CA 240 24.50 8.80 18.61
CA ASP CA 240 25.00 7.74 17.75
C ASP CA 240 23.95 6.63 17.73
N ASN CA 241 24.26 5.57 16.98
CA ASN CA 241 23.46 4.36 17.08
C ASN CA 241 23.73 3.66 18.40
N HIS CA 242 22.85 2.72 18.76
CA HIS CA 242 22.86 1.99 20.02
C HIS CA 242 22.47 2.87 21.20
N GLY CA 243 21.88 4.02 20.94
CA GLY CA 243 21.41 4.90 22.00
C GLY CA 243 19.90 5.01 21.99
N VAL CA 244 19.33 5.13 23.18
CA VAL CA 244 17.89 5.20 23.36
C VAL CA 244 17.53 6.57 23.92
N LYS CA 245 16.49 7.18 23.36
CA LYS CA 245 16.01 8.48 23.80
C LYS CA 245 14.67 8.27 24.51
N VAL CA 246 14.61 8.69 25.76
CA VAL CA 246 13.40 8.54 26.57
C VAL CA 246 12.54 9.78 26.38
N LEU CA 247 11.27 9.57 26.04
CA LEU CA 247 10.35 10.66 25.76
C LEU CA 247 9.03 10.42 26.49
N GLY CA 248 8.29 11.52 26.68
CA GLY CA 248 7.01 11.42 27.34
C GLY CA 248 5.93 10.81 26.46
N ILE CA 249 4.78 10.55 27.06
CA ILE CA 249 3.67 9.90 26.35
C ILE CA 249 3.09 10.84 25.30
N ASP CA 250 3.05 12.13 25.59
CA ASP CA 250 2.50 13.09 24.63
C ASP CA 250 3.56 13.54 23.62
N GLU CA 251 4.80 13.11 23.81
CA GLU CA 251 5.90 13.50 22.95
C GLU CA 251 5.81 12.79 21.60
N GLY CA 252 6.61 13.24 20.64
CA GLY CA 252 6.67 12.61 19.35
C GLY CA 252 7.90 13.04 18.57
N MET CA 253 8.35 12.14 17.69
CA MET CA 253 9.52 12.40 16.85
C MET CA 253 9.21 12.03 15.40
N GLU CA 254 9.66 12.86 14.47
CA GLU CA 254 9.52 12.63 13.05
C GLU CA 254 10.85 12.88 12.36
N GLN CA 255 11.06 12.18 11.25
CA GLN CA 255 12.33 12.22 10.51
C GLN CA 255 12.02 12.35 9.02
N PHE CA 256 12.78 13.22 8.34
CA PHE CA 256 12.58 13.48 6.91
C PHE CA 256 13.87 13.21 6.15
N ASP CA 257 13.73 12.66 4.95
CA ASP CA 257 14.85 12.36 4.08
C ASP CA 257 14.62 12.98 2.71
N THR CA 258 15.71 13.19 1.98
CA THR CA 258 15.67 13.77 0.64
C THR CA 258 16.43 12.87 -0.32
N ASN CA 259 15.86 12.68 -1.51
CA ASN CA 259 16.44 11.82 -2.53
C ASN CA 259 17.19 12.68 -3.54
N LEU CA 260 18.46 12.34 -3.79
CA LEU CA 260 19.33 13.13 -4.64
C LEU CA 260 19.90 12.33 -5.81
N ALA CA 261 19.12 11.40 -6.36
CA ALA CA 261 19.64 10.54 -7.42
C ALA CA 261 19.61 11.24 -8.78
N ASP CA 262 18.71 12.21 -8.96
CA ASP CA 262 18.43 12.74 -10.28
C ASP CA 262 19.48 13.72 -10.78
N PHE CA 263 20.40 14.17 -9.93
CA PHE CA 263 21.29 15.27 -10.29
C PHE CA 263 22.26 14.89 -11.40
N ASP CA 264 22.79 13.66 -11.34
CA ASP CA 264 23.91 13.29 -12.21
C ASP CA 264 23.56 13.43 -13.68
N SER CA 265 22.37 12.99 -14.07
CA SER CA 265 21.98 13.09 -15.47
C SER CA 265 21.95 14.54 -15.93
N ILE CA 266 21.42 15.43 -15.08
CA ILE CA 266 21.38 16.85 -15.42
C ILE CA 266 22.79 17.39 -15.61
N ILE CA 267 23.69 17.07 -14.68
CA ILE CA 267 25.04 17.60 -14.77
C ILE CA 267 25.73 17.12 -16.04
N MET CA 268 25.63 15.82 -16.35
CA MET CA 268 26.28 15.31 -17.55
C MET CA 268 25.67 15.90 -18.81
N ASN CA 269 24.35 16.08 -18.84
CA ASN CA 269 23.73 16.68 -20.02
C ASN CA 269 24.22 18.10 -20.24
N GLN CA 270 24.27 18.91 -19.18
CA GLN CA 270 24.75 20.28 -19.34
C GLN CA 270 26.21 20.32 -19.75
N TYR CA 271 27.05 19.44 -19.19
CA TYR CA 271 28.45 19.41 -19.58
C TYR CA 271 28.61 18.96 -21.03
N GLN CA 272 27.78 18.03 -21.47
CA GLN CA 272 27.81 17.62 -22.88
C GLN CA 272 27.45 18.78 -23.78
N LEU CA 273 26.45 19.58 -23.38
CA LEU CA 273 26.10 20.76 -24.17
C LEU CA 273 27.25 21.76 -24.21
N VAL CA 274 27.92 21.97 -23.07
CA VAL CA 274 29.06 22.87 -23.04
C VAL CA 274 30.16 22.39 -23.98
N ALA CA 275 30.41 21.08 -24.00
CA ALA CA 275 31.38 20.53 -24.93
C ALA CA 275 30.93 20.72 -26.38
N ALA CA 276 29.62 20.57 -26.63
CA ALA CA 276 29.11 20.68 -27.99
C ALA CA 276 29.29 22.08 -28.55
N ILE CA 277 28.98 23.10 -27.74
CA ILE CA 277 29.05 24.47 -28.24
C ILE CA 277 30.49 24.87 -28.52
N ALA CA 278 31.44 24.31 -27.78
CA ALA CA 278 32.84 24.65 -27.94
C ALA CA 278 33.49 23.96 -29.14
N LYS CA 279 32.75 23.12 -29.87
CA LYS CA 279 33.27 22.40 -31.03
C LYS CA 279 34.44 21.51 -30.65
N THR CA 280 34.40 20.98 -29.43
CA THR CA 280 35.45 20.12 -28.90
C THR CA 280 34.82 18.88 -28.29
N PRO CA 281 35.40 17.69 -28.53
CA PRO CA 281 34.87 16.49 -27.89
C PRO CA 281 34.91 16.60 -26.38
N ALA CA 282 33.88 16.06 -25.72
CA ALA CA 282 33.79 16.13 -24.27
C ALA CA 282 34.94 15.38 -23.60
N THR CA 283 35.54 14.43 -24.30
CA THR CA 283 36.61 13.64 -23.71
C THR CA 283 37.80 14.51 -23.33
N LYS CA 284 38.16 15.48 -24.17
CA LYS CA 284 39.29 16.33 -23.87
C LYS CA 284 38.94 17.36 -22.80
N LEU CA 285 37.74 17.95 -22.88
CA LEU CA 285 37.38 19.01 -21.94
C LEU CA 285 37.18 18.46 -20.53
N LEU CA 286 36.40 17.39 -20.39
CA LEU CA 286 36.05 16.84 -19.09
C LEU CA 286 36.98 15.71 -18.64
N GLY CA 287 37.79 15.18 -19.55
CA GLY CA 287 38.66 14.07 -19.23
C GLY CA 287 38.04 12.71 -19.43
N THR CA 288 36.72 12.63 -19.57
CA THR CA 288 36.01 11.37 -19.75
C THR CA 288 34.64 11.67 -20.34
N SER CA 289 34.12 10.71 -21.11
CA SER CA 289 32.80 10.87 -21.69
C SER CA 289 31.75 10.95 -20.59
N PRO CA 290 30.71 11.75 -20.76
CA PRO CA 290 29.71 11.92 -19.70
C PRO CA 290 28.93 10.63 -19.46
N LYS CA 291 28.35 10.53 -18.26
CA LYS CA 291 27.57 9.36 -17.88
C LYS CA 291 26.43 9.14 -18.86
N GLY CA 292 26.24 7.87 -19.25
CA GLY CA 292 25.10 7.49 -20.07
C GLY CA 292 25.28 7.70 -21.55
N PHE CA 293 26.42 8.19 -22.00
CA PHE CA 293 26.66 8.44 -23.41
C PHE CA 293 27.56 7.36 -24.00
N ASN CA 294 27.39 7.12 -25.30
CA ASN CA 294 28.16 6.07 -25.97
C ASN CA 294 29.64 6.40 -25.96
N ALA CA 295 30.46 5.35 -25.82
CA ALA CA 295 31.90 5.50 -25.68
C ALA CA 295 32.67 5.07 -26.93
N THR CA 296 32.07 5.24 -28.12
CA THR CA 296 32.77 4.87 -29.35
C THR CA 296 34.03 5.71 -29.55
N GLY CA 297 33.89 7.04 -29.49
CA GLY CA 297 35.03 7.93 -29.48
C GLY CA 297 35.91 7.93 -30.71
N GLU CA 298 35.44 7.34 -31.81
CA GLU CA 298 36.25 7.32 -33.02
C GLU CA 298 35.86 8.47 -33.96
N HIS CA 299 34.57 8.57 -34.28
CA HIS CA 299 34.10 9.65 -35.15
C HIS CA 299 34.36 11.01 -34.52
N GLU CA 300 34.34 11.09 -33.19
CA GLU CA 300 34.61 12.37 -32.53
C GLU CA 300 36.06 12.80 -32.76
N THR CA 301 37.01 11.87 -32.63
CA THR CA 301 38.39 12.20 -32.91
C THR CA 301 38.59 12.54 -34.39
N ILE CA 302 37.91 11.82 -35.28
CA ILE CA 302 38.00 12.14 -36.69
C ILE CA 302 37.52 13.56 -36.97
N SER CA 303 36.38 13.93 -36.37
CA SER CA 303 35.84 15.26 -36.56
C SER CA 303 36.76 16.32 -35.97
N TYR CA 304 37.34 16.05 -34.80
CA TYR CA 304 38.25 17.01 -34.19
C TYR CA 304 39.48 17.24 -35.06
N HIS CA 305 40.05 16.17 -35.60
CA HIS CA 305 41.19 16.31 -36.49
C HIS CA 305 40.80 17.04 -37.76
N GLU CA 306 39.61 16.76 -38.29
CA GLU CA 306 39.15 17.42 -39.50
C GLU CA 306 38.99 18.92 -39.27
N GLU CA 307 38.50 19.31 -38.09
CA GLU CA 307 38.36 20.73 -37.78
C GLU CA 307 39.72 21.38 -37.52
N LEU CA 308 40.64 20.62 -36.92
CA LEU CA 308 41.99 21.15 -36.70
C LEU CA 308 42.68 21.43 -38.03
N GLU CA 309 42.43 20.59 -39.03
CA GLU CA 309 42.96 20.85 -40.36
C GLU CA 309 42.46 22.18 -40.90
N SER CA 310 41.16 22.46 -40.73
CA SER CA 310 40.62 23.73 -41.18
C SER CA 310 41.22 24.90 -40.41
N ILE CA 311 41.43 24.73 -39.10
CA ILE CA 311 42.04 25.79 -38.30
C ILE CA 311 43.43 26.12 -38.83
N GLN CA 312 44.25 25.09 -39.08
CA GLN CA 312 45.58 25.32 -39.63
C GLN CA 312 45.49 25.97 -41.00
N GLU CA 313 44.54 25.54 -41.83
CA GLU CA 313 44.40 26.10 -43.16
C GLU CA 313 44.04 27.58 -43.11
N HIS CA 314 43.19 27.97 -42.15
CA HIS CA 314 42.57 29.29 -42.19
C HIS CA 314 43.26 30.34 -41.34
N ILE CA 315 43.66 30.02 -40.11
CA ILE CA 315 44.15 31.02 -39.17
C ILE CA 315 45.65 31.21 -39.27
N PHE CA 316 46.40 30.13 -39.44
CA PHE CA 316 47.86 30.21 -39.32
C PHE CA 316 48.52 30.52 -40.65
N ASP CA 317 47.91 30.09 -41.76
CA ASP CA 317 48.57 30.21 -43.06
C ASP CA 317 48.87 31.64 -43.47
N PRO CA 318 47.93 32.60 -43.42
CA PRO CA 318 48.26 33.95 -43.91
C PRO CA 318 49.38 34.63 -43.12
N LEU CA 319 49.29 34.61 -41.79
CA LEU CA 319 50.30 35.27 -40.96
C LEU CA 319 51.68 34.67 -41.21
N LEU CA 320 51.76 33.33 -41.17
CA LEU CA 320 53.05 32.68 -41.35
C LEU CA 320 53.60 32.90 -42.74
N GLU CA 321 52.73 32.91 -43.75
CA GLU CA 321 53.17 33.14 -45.12
C GLU CA 321 53.75 34.54 -45.28
N ARG CA 322 53.05 35.56 -44.76
CA ARG CA 322 53.57 36.92 -44.85
C ARG CA 322 54.87 37.07 -44.06
N HIS CA 323 54.95 36.42 -42.90
CA HIS CA 323 56.18 36.48 -42.12
C HIS CA 323 57.35 35.87 -42.89
N TYR CA 324 57.13 34.72 -43.53
CA TYR CA 324 58.19 34.10 -44.32
C TYR CA 324 58.57 34.97 -45.51
N LEU CA 325 57.58 35.62 -46.13
CA LEU CA 325 57.87 36.52 -47.25
C LEU CA 325 58.78 37.66 -46.80
N LEU CA 326 58.44 38.30 -45.69
CA LEU CA 326 59.27 39.42 -45.22
C LEU CA 326 60.62 38.94 -44.74
N LEU CA 327 60.69 37.74 -44.14
CA LEU CA 327 61.98 37.20 -43.73
C LEU CA 327 62.87 36.93 -44.94
N ALA CA 328 62.30 36.39 -46.02
CA ALA CA 328 63.07 36.16 -47.24
C ALA CA 328 63.54 37.48 -47.85
N LYS CA 329 62.66 38.48 -47.86
CA LYS CA 329 63.05 39.78 -48.42
C LYS CA 329 64.16 40.43 -47.58
N SER CA 330 64.07 40.34 -46.26
CA SER CA 330 65.07 40.97 -45.41
C SER CA 330 66.40 40.22 -45.46
N GLU CA 331 66.36 38.90 -45.38
CA GLU CA 331 67.57 38.08 -45.39
C GLU CA 331 68.05 37.74 -46.79
N GLU CA 332 67.62 38.51 -47.79
CA GLU CA 332 68.10 38.40 -49.19
C GLU CA 332 68.15 36.95 -49.68
N ILE CA 333 67.08 36.20 -49.39
CA ILE CA 333 66.93 34.84 -49.88
C ILE CA 333 66.02 34.89 -51.10
N ASP CA 334 66.56 34.52 -52.26
CA ASP CA 334 65.82 34.69 -53.51
C ASP CA 334 64.73 33.64 -53.67
N VAL CA 335 65.01 32.39 -53.30
CA VAL CA 335 64.05 31.32 -53.53
C VAL CA 335 62.83 31.51 -52.65
N GLN CA 336 61.65 31.37 -53.26
CA GLN CA 336 60.41 31.50 -52.51
C GLN CA 336 60.21 30.30 -51.59
N LEU CA 337 59.43 30.51 -50.54
CA LEU CA 337 59.22 29.51 -49.51
C LEU CA 337 57.77 29.02 -49.53
N GLU CA 338 57.60 27.72 -49.31
CA GLU CA 338 56.29 27.10 -49.20
C GLU CA 338 56.23 26.27 -47.93
N ILE CA 339 55.02 26.05 -47.45
CA ILE CA 339 54.79 25.43 -46.14
C ILE CA 339 54.08 24.10 -46.36
N VAL CA 340 54.57 23.06 -45.69
CA VAL CA 340 53.94 21.75 -45.66
C VAL CA 340 53.57 21.42 -44.22
N TRP CA 341 52.36 20.91 -44.02
CA TRP CA 341 51.84 20.68 -42.68
C TRP CA 341 51.97 19.21 -42.30
N ASN CA 342 52.47 18.97 -41.10
CA ASN CA 342 52.63 17.61 -40.60
C ASN CA 342 51.26 17.00 -40.28
N PRO CA 343 51.15 15.67 -40.24
CA PRO CA 343 49.87 15.05 -39.91
C PRO CA 343 49.37 15.49 -38.54
N VAL CA 344 48.07 15.71 -38.45
CA VAL CA 344 47.49 16.27 -37.23
C VAL CA 344 47.44 15.23 -36.11
N ASP CA 345 47.20 13.97 -36.46
CA ASP CA 345 46.97 12.94 -35.46
C ASP CA 345 48.22 12.70 -34.61
N SER CA 346 48.00 12.38 -33.34
CA SER CA 346 49.07 12.03 -32.43
C SER CA 346 49.17 10.52 -32.33
N THR CA 347 50.38 9.99 -32.41
CA THR CA 347 50.63 8.56 -32.45
C THR CA 347 51.57 8.15 -31.33
N SER CA 348 51.26 7.03 -30.68
CA SER CA 348 52.17 6.43 -29.72
C SER CA 348 53.26 5.65 -30.45
N SER CA 349 54.23 5.14 -29.68
CA SER CA 349 55.37 4.46 -30.28
C SER CA 349 54.93 3.20 -31.01
N GLN CA 350 54.02 2.43 -30.42
CA GLN CA 350 53.63 1.14 -31.01
C GLN CA 350 52.92 1.36 -32.35
N GLN CA 351 51.92 2.23 -32.37
CA GLN CA 351 51.19 2.46 -33.61
C GLN CA 351 52.07 3.11 -34.67
N GLN CA 352 52.98 4.00 -34.25
CA GLN CA 352 53.91 4.61 -35.20
C GLN CA 352 54.81 3.56 -35.83
N ALA CA 353 55.34 2.65 -35.00
CA ALA CA 353 56.19 1.59 -35.53
C ALA CA 353 55.45 0.67 -36.48
N GLU CA 354 54.21 0.31 -36.12
CA GLU CA 354 53.41 -0.51 -37.03
C GLU CA 354 53.10 0.25 -38.31
N LEU CA 355 52.94 1.56 -38.22
CA LEU CA 355 52.72 2.39 -39.40
C LEU CA 355 53.93 2.35 -40.32
N ASN CA 356 55.14 2.47 -39.76
CA ASN CA 356 56.34 2.48 -40.58
C ASN CA 356 56.53 1.16 -41.31
N ASN CA 357 56.20 0.04 -40.66
CA ASN CA 357 56.36 -1.27 -41.29
C ASN CA 357 55.47 -1.41 -42.52
N LYS CA 358 54.23 -0.92 -42.43
CA LYS CA 358 53.32 -1.03 -43.57
C LYS CA 358 53.83 -0.23 -44.76
N LYS CA 359 54.41 0.94 -44.51
CA LYS CA 359 54.95 1.75 -45.60
C LYS CA 359 56.15 1.07 -46.24
N ALA CA 360 56.93 0.32 -45.45
CA ALA CA 360 58.11 -0.35 -46.00
C ALA CA 360 57.72 -1.36 -47.09
N ALA CA 361 56.59 -2.05 -46.91
CA ALA CA 361 56.13 -2.98 -47.92
C ALA CA 361 55.81 -2.26 -49.23
N THR CA 362 55.24 -1.06 -49.14
CA THR CA 362 54.92 -0.29 -50.34
C THR CA 362 56.17 0.07 -51.12
N ASP CA 363 57.25 0.41 -50.41
CA ASP CA 363 58.50 0.73 -51.09
C ASP CA 363 59.07 -0.48 -51.82
N GLU CA 364 58.99 -1.66 -51.20
CA GLU CA 364 59.58 -2.85 -51.80
C GLU CA 364 58.87 -3.26 -53.08
N ILE CA 365 57.54 -3.14 -53.10
CA ILE CA 365 56.78 -3.60 -54.27
C ILE CA 365 57.03 -2.69 -55.47
N TYR CA 366 57.15 -1.38 -55.23
CA TYR CA 366 57.42 -0.46 -56.33
C TYR CA 366 58.86 -0.57 -56.82
N ILE CA 367 59.81 -0.69 -55.89
CA ILE CA 367 61.22 -0.69 -56.27
C ILE CA 367 61.55 -1.90 -57.13
N ASN CA 368 60.86 -3.02 -56.90
CA ASN CA 368 61.11 -4.21 -57.70
C ASN CA 368 60.59 -4.03 -59.12
N SER CA 369 59.49 -3.30 -59.28
CA SER CA 369 58.92 -3.04 -60.60
C SER CA 369 59.47 -1.78 -61.25
N GLY CA 370 60.34 -1.04 -60.57
CA GLY CA 370 60.93 0.14 -61.15
C GLY CA 370 60.04 1.36 -61.22
N VAL CA 371 59.03 1.45 -60.34
CA VAL CA 371 58.18 2.63 -60.32
C VAL CA 371 58.93 3.83 -59.79
N VAL CA 372 59.70 3.64 -58.73
CA VAL CA 372 60.46 4.72 -58.09
C VAL CA 372 61.93 4.31 -58.05
N SER CA 373 62.81 5.32 -58.07
CA SER CA 373 64.24 5.05 -58.02
C SER CA 373 64.67 4.76 -56.58
N PRO CA 374 65.71 3.95 -56.39
CA PRO CA 374 66.12 3.59 -55.03
C PRO CA 374 66.52 4.78 -54.17
N ASP CA 375 66.97 5.87 -54.78
CA ASP CA 375 67.36 7.03 -53.97
C ASP CA 375 66.14 7.79 -53.46
N GLU CA 376 65.12 7.95 -54.30
CA GLU CA 376 64.04 8.90 -54.00
C GLU CA 376 63.31 8.53 -52.71
N VAL CA 377 63.33 7.26 -52.32
CA VAL CA 377 62.74 6.89 -51.04
C VAL CA 377 63.60 7.41 -49.89
N ARG CA 378 64.92 7.46 -50.08
CA ARG CA 378 65.81 7.84 -48.99
C ARG CA 378 65.55 9.26 -48.50
N GLU CA 379 65.44 10.23 -49.41
CA GLU CA 379 65.21 11.60 -48.98
C GLU CA 379 63.82 11.75 -48.36
N ARG CA 380 62.87 10.94 -48.79
CA ARG CA 380 61.55 10.95 -48.14
C ARG CA 380 61.68 10.57 -46.67
N LEU CA 381 62.56 9.61 -46.37
CA LEU CA 381 62.81 9.23 -44.99
C LEU CA 381 63.41 10.40 -44.19
N ARG CA 382 64.33 11.14 -44.82
CA ARG CA 382 64.91 12.29 -44.13
C ARG CA 382 63.88 13.39 -43.91
N ASP CA 383 63.01 13.61 -44.89
CA ASP CA 383 62.02 14.69 -44.77
C ASP CA 383 60.85 14.24 -43.90
N ASP CA 384 60.68 12.94 -43.71
CA ASP CA 384 59.60 12.45 -42.85
C ASP CA 384 59.92 12.75 -41.40
N PRO CA 385 59.02 13.39 -40.65
CA PRO CA 385 59.32 13.69 -39.25
C PRO CA 385 59.25 12.47 -38.35
N ARG CA 386 58.30 11.56 -38.60
CA ARG CA 386 58.12 10.38 -37.77
C ARG CA 386 58.94 9.19 -38.22
N SER CA 387 59.74 9.34 -39.27
CA SER CA 387 60.64 8.27 -39.67
C SER CA 387 61.72 8.08 -38.61
N GLY CA 388 62.04 6.82 -38.32
CA GLY CA 388 63.02 6.53 -37.28
C GLY CA 388 64.40 7.04 -37.61
N TYR CA 389 64.76 7.03 -38.89
CA TYR CA 389 66.11 7.38 -39.32
C TYR CA 389 66.25 8.90 -39.37
N ASN CA 390 67.09 9.45 -38.50
CA ASN CA 390 67.34 10.88 -38.44
C ASN CA 390 68.81 11.24 -38.58
N ARG CA 391 69.70 10.26 -38.79
CA ARG CA 391 71.12 10.49 -38.92
C ARG CA 391 71.66 9.86 -40.21
N LEU CA 392 70.99 10.14 -41.32
CA LEU CA 392 71.43 9.60 -42.59
C LEU CA 392 72.66 10.34 -43.11
N THR CA 393 73.47 9.64 -43.90
CA THR CA 393 74.64 10.26 -44.50
C THR CA 393 74.22 11.17 -45.65
N ASP CA 394 75.10 12.10 -45.98
CA ASP CA 394 74.89 13.02 -47.09
C ASP CA 394 75.02 12.31 -48.44
N ASP CA 395 75.68 11.15 -48.47
CA ASP CA 395 75.94 10.43 -49.70
C ASP CA 395 74.63 10.03 -50.37
N GLN CA 396 74.65 9.94 -51.69
CA GLN CA 396 73.46 9.69 -52.49
C GLN CA 396 73.53 8.31 -53.14
N ALA CA 397 72.38 7.66 -53.25
CA ALA CA 397 72.30 6.33 -53.84
C ALA CA 397 72.00 6.44 -55.34
N GLU CA 398 71.78 5.30 -55.98
CA GLU CA 398 71.48 5.29 -57.41
C GLU CA 398 70.12 5.94 -57.68
N THR CA 399 70.05 6.66 -58.80
CA THR CA 399 68.86 7.43 -59.14
C THR CA 399 68.12 6.86 -60.34
N GLU CA 400 68.32 5.59 -60.66
CA GLU CA 400 67.64 4.97 -61.79
C GLU CA 400 66.59 3.99 -61.30
N PRO CA 401 65.32 4.19 -61.63
CA PRO CA 401 64.27 3.28 -61.15
C PRO CA 401 64.52 1.85 -61.59
N GLY CA 402 64.25 0.91 -60.69
CA GLY CA 402 64.47 -0.49 -60.95
C GLY CA 402 65.89 -0.96 -60.69
N MET CA 403 66.79 -0.07 -60.32
CA MET CA 403 68.19 -0.43 -60.08
C MET CA 403 68.40 -0.83 -58.62
N SER CA 404 67.67 -1.88 -58.23
CA SER CA 404 67.85 -2.47 -56.92
C SER CA 404 69.08 -3.38 -56.93
N PRO CA 405 69.65 -3.67 -55.76
CA PRO CA 405 70.85 -4.53 -55.73
C PRO CA 405 70.65 -5.89 -56.39
N GLU CA 406 69.48 -6.51 -56.19
CA GLU CA 406 69.25 -7.81 -56.82
C GLU CA 406 68.98 -7.67 -58.30
N ASN CA 407 68.19 -6.66 -58.70
CA ASN CA 407 67.84 -6.50 -60.11
C ASN CA 407 69.07 -6.16 -60.94
N LEU CA 408 70.06 -5.49 -60.34
CA LEU CA 408 71.30 -5.19 -61.05
C LEU CA 408 72.03 -6.48 -61.42
N ALA CA 409 72.10 -7.43 -60.49
CA ALA CA 409 72.83 -8.66 -60.76
C ALA CA 409 72.19 -9.47 -61.88
N GLU CA 410 70.87 -9.61 -61.86
CA GLU CA 410 70.21 -10.41 -62.89
C GLU CA 410 70.22 -9.70 -64.24
N PHE CA 411 70.19 -8.37 -64.24
CA PHE CA 411 70.24 -7.63 -65.49
C PHE CA 411 71.60 -7.76 -66.16
N GLU CA 412 72.68 -7.54 -65.41
CA GLU CA 412 74.01 -7.61 -66.00
C GLU CA 412 74.35 -9.03 -66.44
N LYS CA 413 73.86 -10.03 -65.70
CA LYS CA 413 74.01 -11.41 -66.14
C LYS CA 413 73.22 -11.66 -67.42
N ALA CA 414 72.00 -11.12 -67.51
CA ALA CA 414 71.19 -11.30 -68.71
C ALA CA 414 71.85 -10.67 -69.92
N GLY CA 415 72.42 -9.47 -69.76
CA GLY CA 415 73.17 -8.88 -70.85
C GLY CA 415 74.41 -9.67 -71.21
N ALA CA 416 75.13 -10.16 -70.20
CA ALA CA 416 76.31 -10.97 -70.44
C ALA CA 416 75.94 -12.32 -71.06
N GLN CA 417 74.87 -12.95 -70.56
CA GLN CA 417 74.48 -14.26 -71.07
C GLN CA 417 74.06 -14.17 -72.53
N SER CA 418 73.56 -13.01 -72.97
CA SER CA 418 73.17 -12.86 -74.36
C SER CA 418 74.35 -13.06 -75.30
N ALA CA 419 75.52 -12.53 -74.93
CA ALA CA 419 76.71 -12.72 -75.75
C ALA CA 419 77.10 -14.20 -75.81
N LYS CA 420 76.83 -14.95 -74.74
CA LYS CA 420 77.14 -16.38 -74.75
C LYS CA 420 76.32 -17.11 -75.79
N ALA CA 421 75.03 -16.80 -75.89
CA ALA CA 421 74.18 -17.46 -76.88
C ALA CA 421 74.52 -16.99 -78.28
N LYS CA 422 74.75 -15.68 -78.46
CA LYS CA 422 75.09 -15.16 -79.78
C LYS CA 422 76.43 -15.70 -80.25
N GLY CA 423 77.43 -15.77 -79.37
CA GLY CA 423 78.72 -16.30 -79.75
C GLY CA 423 78.66 -17.77 -80.14
N GLU CA 424 77.97 -18.57 -79.32
CA GLU CA 424 77.79 -19.98 -79.66
C GLU CA 424 76.94 -20.13 -80.92
N ALA CA 425 76.03 -19.18 -81.17
CA ALA CA 425 75.21 -19.24 -82.36
C ALA CA 425 76.05 -19.15 -83.62
N GLU CA 426 76.98 -18.20 -83.67
CA GLU CA 426 77.77 -17.98 -84.88
C GLU CA 426 78.67 -19.16 -85.17
N ARG CA 427 78.98 -19.96 -84.16
CA ARG CA 427 79.74 -21.19 -84.39
C ARG CA 427 78.95 -22.16 -85.27
N ALA CA 428 77.62 -22.10 -85.18
CA ALA CA 428 76.79 -23.05 -85.91
C ALA CA 428 76.85 -22.81 -87.42
N GLU CA 429 76.68 -21.56 -87.86
CA GLU CA 429 76.65 -21.29 -89.29
C GLU CA 429 77.99 -21.57 -89.95
N ALA CA 430 79.08 -21.63 -89.17
CA ALA CA 430 80.34 -22.11 -89.71
C ALA CA 430 80.20 -23.55 -90.19
N GLN CA 431 79.52 -24.37 -89.42
CA GLN CA 431 79.14 -25.71 -89.84
C GLN CA 431 77.89 -25.62 -90.73
N ALA CA 432 77.51 -26.76 -91.30
CA ALA CA 432 76.36 -26.85 -92.20
C ALA CA 432 76.52 -25.96 -93.43
N GLY CA 433 77.73 -25.89 -93.97
CA GLY CA 433 77.99 -25.07 -95.14
C GLY CA 433 78.78 -23.81 -94.83
N PRO DA 1 -10.10 19.73 -45.29
CA PRO DA 1 -9.98 20.14 -43.89
C PRO DA 1 -9.77 21.65 -43.75
N THR DA 2 -9.96 22.19 -42.55
CA THR DA 2 -9.75 23.60 -42.29
C THR DA 2 -8.62 23.84 -41.31
N MET DA 3 -8.58 23.11 -40.19
CA MET DA 3 -7.43 23.20 -39.28
C MET DA 3 -6.15 22.78 -39.98
N LEU DA 4 -6.20 21.70 -40.76
CA LEU DA 4 -5.02 21.27 -41.50
C LEU DA 4 -4.56 22.34 -42.49
N GLN DA 5 -5.50 22.94 -43.21
CA GLN DA 5 -5.15 23.96 -44.18
C GLN DA 5 -4.54 25.17 -43.49
N ASP DA 6 -5.10 25.59 -42.36
CA ASP DA 6 -4.54 26.71 -41.61
C ASP DA 6 -3.15 26.38 -41.09
N TRP DA 7 -2.95 25.17 -40.58
CA TRP DA 7 -1.64 24.78 -40.07
C TRP DA 7 -0.59 24.78 -41.16
N TYR DA 8 -0.94 24.26 -42.35
CA TYR DA 8 0.02 24.24 -43.44
C TYR DA 8 0.21 25.61 -44.09
N ASN DA 9 -0.78 26.51 -43.97
CA ASN DA 9 -0.66 27.84 -44.54
C ASN DA 9 0.03 28.82 -43.60
N SER DA 10 0.09 28.52 -42.31
CA SER DA 10 0.73 29.42 -41.37
C SER DA 10 2.21 29.62 -41.71
N GLN DA 11 2.91 28.54 -42.05
CA GLN DA 11 4.31 28.65 -42.43
C GLN DA 11 4.43 29.47 -43.71
N GLY DA 12 5.37 30.42 -43.69
CA GLY DA 12 5.58 31.28 -44.85
C GLY DA 12 6.85 32.09 -44.65
N PHE DA 13 7.16 32.90 -45.66
CA PHE DA 13 8.35 33.72 -45.60
C PHE DA 13 8.26 34.72 -44.45
N ILE DA 14 9.36 34.89 -43.73
CA ILE DA 14 9.40 35.75 -42.55
C ILE DA 14 9.98 37.12 -42.87
N GLY DA 15 11.12 37.17 -43.55
CA GLY DA 15 11.76 38.42 -43.90
C GLY DA 15 13.27 38.33 -43.80
N TYR DA 16 13.96 39.15 -44.59
CA TYR DA 16 15.41 39.13 -44.60
C TYR DA 16 15.98 39.63 -43.27
N GLN DA 17 15.40 40.68 -42.71
CA GLN DA 17 15.86 41.17 -41.41
C GLN DA 17 15.62 40.12 -40.32
N ALA DA 18 14.49 39.41 -40.40
CA ALA DA 18 14.22 38.34 -39.45
C ALA DA 18 15.24 37.23 -39.57
N CYS DA 19 15.59 36.85 -40.81
CA CYS DA 19 16.60 35.83 -41.01
C CYS DA 19 17.94 36.28 -40.45
N ALA DA 20 18.31 37.54 -40.68
CA ALA DA 20 19.56 38.05 -40.16
C ALA DA 20 19.59 38.01 -38.64
N ILE DA 21 18.47 38.37 -38.00
CA ILE DA 21 18.41 38.33 -36.54
C ILE DA 21 18.51 36.89 -36.03
N ILE DA 22 17.82 35.96 -36.70
CA ILE DA 22 17.88 34.56 -36.30
C ILE DA 22 19.28 34.01 -36.47
N SER DA 23 20.04 34.54 -37.43
CA SER DA 23 21.37 34.01 -37.74
C SER DA 23 22.42 34.36 -36.68
N GLN DA 24 22.08 34.83 -35.49
CA GLN DA 24 23.07 35.06 -34.45
C GLN DA 24 23.23 33.88 -33.50
N HIS DA 25 22.23 33.02 -33.38
CA HIS DA 25 22.32 31.89 -32.46
C HIS DA 25 23.38 30.91 -32.91
N TRP DA 26 24.07 30.30 -31.94
CA TRP DA 26 25.18 29.42 -32.25
C TRP DA 26 24.73 28.17 -32.98
N LEU DA 27 23.59 27.60 -32.59
CA LEU DA 27 23.12 26.37 -33.21
C LEU DA 27 22.82 26.56 -34.69
N VAL DA 28 22.14 27.66 -35.03
CA VAL DA 28 21.82 27.93 -36.43
C VAL DA 28 23.08 28.13 -37.25
N ASP DA 29 24.04 28.88 -36.70
CA ASP DA 29 25.29 29.12 -37.41
C ASP DA 29 26.05 27.82 -37.64
N LYS DA 30 26.12 26.97 -36.62
CA LYS DA 30 26.78 25.68 -36.77
C LYS DA 30 26.11 24.85 -37.84
N ALA DA 31 24.77 24.76 -37.80
CA ALA DA 31 24.06 23.96 -38.77
C ALA DA 31 24.27 24.47 -40.18
N CYS DA 32 24.31 25.80 -40.35
CA CYS DA 32 24.50 26.36 -41.67
C CYS DA 32 25.94 26.26 -42.17
N SER DA 33 26.92 26.19 -41.26
CA SER DA 33 28.31 26.35 -41.65
C SER DA 33 29.12 25.06 -41.72
N MET DA 34 28.80 24.04 -40.90
CA MET DA 34 29.63 22.85 -40.90
C MET DA 34 29.61 22.14 -42.25
N SER DA 35 28.44 22.01 -42.87
CA SER DA 35 28.36 21.34 -44.17
C SER DA 35 29.13 22.11 -45.22
N GLY DA 36 29.00 23.43 -45.24
CA GLY DA 36 29.71 24.23 -46.22
C GLY DA 36 31.21 24.14 -46.05
N GLU DA 37 31.70 24.15 -44.81
CA GLU DA 37 33.13 24.02 -44.58
C GLU DA 37 33.63 22.64 -44.96
N ASP DA 38 32.86 21.60 -44.64
CA ASP DA 38 33.30 20.23 -44.92
C ASP DA 38 33.27 19.92 -46.40
N ALA DA 39 32.42 20.61 -47.17
CA ALA DA 39 32.23 20.24 -48.57
C ALA DA 39 33.51 20.40 -49.38
N ALA DA 40 34.22 21.52 -49.20
CA ALA DA 40 35.31 21.89 -50.10
C ALA DA 40 36.54 22.35 -49.32
N ARG DA 41 36.95 21.57 -48.32
CA ARG DA 41 38.20 21.86 -47.64
C ARG DA 41 39.35 20.95 -48.08
N ASN DA 42 39.06 19.85 -48.77
CA ASN DA 42 40.12 18.98 -49.26
C ASN DA 42 40.87 19.63 -50.40
N GLY DA 43 40.16 20.24 -51.34
CA GLY DA 43 40.78 20.92 -52.46
C GLY DA 43 40.45 20.24 -53.79
N TRP DA 44 41.02 20.81 -54.84
CA TRP DA 44 40.83 20.31 -56.20
C TRP DA 44 42.12 20.52 -56.99
N GLU DA 45 42.26 19.73 -58.06
CA GLU DA 45 43.44 19.77 -58.90
C GLU DA 45 43.05 20.08 -60.34
N LEU DA 46 43.88 20.90 -61.00
CA LEU DA 46 43.61 21.32 -62.36
C LEU DA 46 44.07 20.27 -63.37
N LYS DA 47 43.22 20.02 -64.36
CA LYS DA 47 43.55 19.12 -65.47
C LYS DA 47 43.45 19.90 -66.77
N SER DA 48 44.52 19.87 -67.56
CA SER DA 48 44.63 20.68 -68.77
C SER DA 48 44.45 19.79 -69.99
N ASP DA 49 43.19 19.60 -70.40
CA ASP DA 49 42.84 18.89 -71.63
C ASP DA 49 43.46 17.49 -71.67
N GLY DA 50 43.41 16.80 -70.53
CA GLY DA 50 43.89 15.45 -70.45
C GLY DA 50 45.40 15.30 -70.30
N ARG DA 51 46.14 16.39 -70.19
CA ARG DA 51 47.57 16.35 -69.98
C ARG DA 51 47.96 17.39 -68.95
N LYS DA 52 49.22 17.35 -68.53
CA LYS DA 52 49.71 18.22 -67.47
C LYS DA 52 50.39 19.45 -68.05
N LEU DA 53 49.99 20.62 -67.57
CA LEU DA 53 50.55 21.88 -68.01
C LEU DA 53 51.89 22.15 -67.31
N SER DA 54 52.63 23.10 -67.86
CA SER DA 54 53.97 23.39 -67.39
C SER DA 54 53.95 24.18 -66.08
N ASP DA 55 55.13 24.34 -65.49
CA ASP DA 55 55.22 24.86 -64.13
C ASP DA 55 54.90 26.35 -64.06
N GLU DA 56 55.24 27.11 -65.10
CA GLU DA 56 55.10 28.56 -65.03
C GLU DA 56 53.65 28.99 -64.90
N GLN DA 57 52.77 28.45 -65.75
CA GLN DA 57 51.36 28.80 -65.63
C GLN DA 57 50.71 28.12 -64.44
N SER DA 58 51.25 26.99 -63.98
CA SER DA 58 50.77 26.40 -62.74
C SER DA 58 50.99 27.35 -61.57
N ALA DA 59 52.20 27.91 -61.47
CA ALA DA 59 52.48 28.88 -60.41
C ALA DA 59 51.66 30.15 -60.60
N LEU DA 60 51.47 30.57 -61.85
CA LEU DA 60 50.63 31.74 -62.12
C LEU DA 60 49.22 31.53 -61.58
N ILE DA 61 48.60 30.40 -61.93
CA ILE DA 61 47.24 30.12 -61.47
C ILE DA 61 47.20 29.99 -59.96
N ALA DA 62 48.21 29.34 -59.38
CA ALA DA 62 48.25 29.16 -57.93
C ALA DA 62 48.26 30.51 -57.21
N ARG DA 63 49.17 31.41 -57.61
CA ARG DA 63 49.22 32.71 -56.96
C ARG DA 63 47.96 33.52 -57.23
N ARG DA 64 47.44 33.46 -58.46
CA ARG DA 64 46.22 34.22 -58.78
C ARG DA 64 45.07 33.79 -57.88
N ASP DA 65 44.89 32.48 -57.70
CA ASP DA 65 43.89 32.01 -56.75
C ASP DA 65 44.26 32.40 -55.32
N MET DA 66 45.55 32.53 -55.03
CA MET DA 66 45.96 32.92 -53.67
C MET DA 66 45.49 34.32 -53.31
N GLU DA 67 45.73 35.29 -54.19
CA GLU DA 67 45.26 36.64 -53.87
C GLU DA 67 43.81 36.89 -54.27
N PHE DA 68 43.08 35.88 -54.71
CA PHE DA 68 41.65 36.05 -54.96
C PHE DA 68 40.78 35.44 -53.86
N ARG DA 69 41.37 34.67 -52.95
CA ARG DA 69 40.65 34.09 -51.81
C ARG DA 69 39.43 33.29 -52.27
N VAL DA 70 39.70 32.29 -53.10
CA VAL DA 70 38.63 31.49 -53.68
C VAL DA 70 37.92 30.67 -52.60
N LYS DA 71 38.69 30.05 -51.70
CA LYS DA 71 38.09 29.19 -50.69
C LYS DA 71 37.18 29.97 -49.75
N ASP DA 72 37.62 31.17 -49.35
CA ASP DA 72 36.77 32.02 -48.53
C ASP DA 72 35.47 32.36 -49.24
N ASN DA 73 35.57 32.67 -50.54
CA ASN DA 73 34.36 33.00 -51.31
C ASN DA 73 33.43 31.80 -51.37
N LEU DA 74 33.95 30.60 -51.58
CA LEU DA 74 33.10 29.41 -51.64
C LEU DA 74 32.42 29.17 -50.31
N VAL DA 75 33.17 29.25 -49.21
CA VAL DA 75 32.61 28.97 -47.89
C VAL DA 75 31.53 29.98 -47.56
N GLU DA 76 31.80 31.28 -47.78
CA GLU DA 76 30.80 32.30 -47.50
C GLU DA 76 29.60 32.17 -48.42
N LEU DA 77 29.82 31.82 -49.68
CA LEU DA 77 28.73 31.59 -50.60
C LEU DA 77 27.77 30.53 -50.06
N ASN DA 78 28.30 29.37 -49.69
CA ASN DA 78 27.43 28.30 -49.22
C ASN DA 78 26.77 28.68 -47.90
N ARG DA 79 27.53 29.29 -46.98
CA ARG DA 79 26.98 29.65 -45.68
C ARG DA 79 25.83 30.64 -45.81
N PHE DA 80 26.02 31.70 -46.59
CA PHE DA 80 24.98 32.71 -46.71
C PHE DA 80 23.84 32.25 -47.61
N LYS DA 81 24.10 31.31 -48.52
CA LYS DA 81 22.99 30.70 -49.26
C LYS DA 81 22.10 29.91 -48.32
N ASN DA 82 22.71 29.15 -47.40
CA ASN DA 82 21.92 28.43 -46.41
C ASN DA 82 21.18 29.39 -45.49
N VAL DA 83 21.84 30.49 -45.10
CA VAL DA 83 21.23 31.42 -44.15
C VAL DA 83 20.05 32.15 -44.78
N PHE DA 84 20.23 32.67 -46.00
CA PHE DA 84 19.22 33.54 -46.60
C PHE DA 84 18.35 32.86 -47.64
N GLY DA 85 18.77 31.71 -48.17
CA GLY DA 85 18.02 31.02 -49.19
C GLY DA 85 18.37 31.39 -50.61
N VAL DA 86 19.06 32.52 -50.82
CA VAL DA 86 19.48 32.94 -52.14
C VAL DA 86 20.75 33.79 -51.98
N ARG DA 87 21.71 33.56 -52.87
CA ARG DA 87 22.97 34.29 -52.84
C ARG DA 87 23.32 34.75 -54.25
N ILE DA 88 23.98 35.90 -54.33
CA ILE DA 88 24.34 36.52 -55.60
C ILE DA 88 25.86 36.65 -55.65
N ALA DA 89 26.47 36.12 -56.71
CA ALA DA 89 27.90 36.22 -56.94
C ALA DA 89 28.15 37.07 -58.17
N LEU DA 90 29.00 38.08 -58.03
CA LEU DA 90 29.30 39.01 -59.11
C LEU DA 90 30.80 39.01 -59.37
N PHE DA 91 31.17 38.91 -60.65
CA PHE DA 91 32.57 38.93 -61.06
C PHE DA 91 32.89 40.32 -61.63
N VAL DA 92 33.80 41.02 -60.98
CA VAL DA 92 34.18 42.37 -61.38
C VAL DA 92 35.25 42.28 -62.47
N VAL DA 93 34.98 42.91 -63.61
CA VAL DA 93 35.93 43.02 -64.71
C VAL DA 93 35.92 44.45 -65.21
N GLU DA 94 37.09 45.07 -65.25
CA GLU DA 94 37.18 46.48 -65.62
C GLU DA 94 37.14 46.63 -67.14
N SER DA 95 36.21 47.47 -67.61
CA SER DA 95 36.08 47.75 -69.04
C SER DA 95 35.79 49.22 -69.23
N ASP DA 96 36.16 49.72 -70.42
CA ASP DA 96 35.89 51.12 -70.76
C ASP DA 96 34.47 51.35 -71.22
N ASP DA 97 33.73 50.30 -71.55
CA ASP DA 97 32.33 50.45 -71.96
C ASP DA 97 31.47 50.73 -70.74
N PRO DA 98 30.76 51.87 -70.70
CA PRO DA 98 29.90 52.13 -69.53
C PRO DA 98 28.79 51.11 -69.33
N ASP DA 99 28.31 50.49 -70.41
CA ASP DA 99 27.21 49.54 -70.34
C ASP DA 99 27.69 48.13 -70.71
N TYR DA 100 28.88 47.77 -70.25
CA TYR DA 100 29.37 46.41 -70.47
C TYR DA 100 28.49 45.37 -69.79
N TYR DA 101 28.05 45.68 -68.56
CA TYR DA 101 27.15 44.77 -67.84
C TYR DA 101 25.76 44.74 -68.45
N GLU DA 102 25.35 45.81 -69.14
CA GLU DA 102 24.05 45.82 -69.80
C GLU DA 102 23.98 44.77 -70.90
N LYS DA 103 25.00 44.74 -71.76
CA LYS DA 103 25.01 43.79 -72.86
C LYS DA 103 25.16 42.37 -72.30
N PRO DA 104 24.47 41.39 -72.89
CA PRO DA 104 24.66 40.00 -72.46
C PRO DA 104 26.12 39.57 -72.57
N PHE DA 105 26.53 38.71 -71.65
CA PHE DA 105 27.93 38.35 -71.50
C PHE DA 105 28.49 37.77 -72.80
N ASN DA 106 29.66 38.25 -73.19
CA ASN DA 106 30.38 37.78 -74.37
C ASN DA 106 31.68 37.13 -73.92
N PRO DA 107 31.87 35.83 -74.15
CA PRO DA 107 33.14 35.20 -73.75
C PRO DA 107 34.36 35.79 -74.41
N ASP DA 108 34.23 36.26 -75.65
CA ASP DA 108 35.37 36.81 -76.39
C ASP DA 108 35.62 38.28 -76.10
N GLY DA 109 34.79 38.93 -75.29
CA GLY DA 109 34.99 40.32 -74.96
C GLY DA 109 36.00 40.60 -73.88
N VAL DA 110 36.65 39.56 -73.35
CA VAL DA 110 37.60 39.75 -72.25
C VAL DA 110 38.87 40.39 -72.77
N THR DA 111 39.34 41.44 -72.07
CA THR DA 111 40.59 42.12 -72.32
C THR DA 111 41.64 41.69 -71.29
N PRO DA 112 42.91 41.63 -71.68
CA PRO DA 112 43.93 41.12 -70.77
C PRO DA 112 44.04 41.96 -69.50
N GLY DA 113 44.24 41.28 -68.38
CA GLY DA 113 44.41 41.94 -67.09
C GLY DA 113 43.21 42.67 -66.56
N SER DA 114 42.03 42.50 -67.17
CA SER DA 114 40.85 43.25 -66.75
C SER DA 114 40.24 42.70 -65.47
N TYR DA 115 40.41 41.40 -65.19
CA TYR DA 115 39.77 40.79 -64.04
C TYR DA 115 40.33 41.32 -62.74
N LYS DA 116 39.46 41.49 -61.75
CA LYS DA 116 39.83 42.05 -60.45
C LYS DA 116 39.52 41.14 -59.28
N GLY DA 117 38.39 40.44 -59.29
CA GLY DA 117 38.06 39.56 -58.18
C GLY DA 117 36.59 39.19 -58.20
N ILE DA 118 36.10 38.77 -57.03
CA ILE DA 118 34.73 38.31 -56.86
C ILE DA 118 34.08 39.14 -55.76
N SER DA 119 32.82 39.54 -55.99
CA SER DA 119 32.05 40.25 -54.99
C SER DA 119 30.72 39.53 -54.78
N GLN DA 120 30.25 39.51 -53.54
CA GLN DA 120 28.98 38.89 -53.18
C GLN DA 120 28.08 39.93 -52.54
N ILE DA 121 26.80 39.88 -52.88
CA ILE DA 121 25.83 40.91 -52.51
C ILE DA 121 24.75 40.27 -51.65
N ASP DA 122 24.44 40.91 -50.53
CA ASP DA 122 23.39 40.43 -49.66
C ASP DA 122 22.02 40.59 -50.33
N PRO DA 123 21.05 39.75 -49.96
CA PRO DA 123 19.74 39.81 -50.64
C PRO DA 123 19.04 41.16 -50.53
N TYR DA 124 19.20 41.87 -49.42
CA TYR DA 124 18.44 43.10 -49.21
C TYR DA 124 19.06 44.31 -49.91
N TRP DA 125 20.20 44.15 -50.58
CA TRP DA 125 20.73 45.22 -51.42
C TRP DA 125 20.19 45.14 -52.84
N ALA DA 126 20.32 43.99 -53.49
CA ALA DA 126 19.89 43.83 -54.86
C ALA DA 126 18.36 43.77 -54.95
N MET DA 127 17.84 44.15 -56.11
CA MET DA 127 16.41 44.11 -56.39
C MET DA 127 16.20 43.51 -57.77
N PRO DA 128 15.53 42.37 -57.89
CA PRO DA 128 15.32 41.77 -59.21
C PRO DA 128 14.32 42.55 -60.04
N GLN DA 129 14.45 42.41 -61.36
CA GLN DA 129 13.56 43.02 -62.32
C GLN DA 129 13.17 42.00 -63.37
N LEU DA 130 11.91 42.04 -63.80
CA LEU DA 130 11.36 41.09 -64.75
C LEU DA 130 11.09 41.78 -66.09
N THR DA 131 11.67 41.24 -67.16
CA THR DA 131 11.36 41.70 -68.50
C THR DA 131 10.04 41.09 -68.98
N ALA DA 132 9.57 41.54 -70.14
CA ALA DA 132 8.33 40.98 -70.68
C ALA DA 132 8.54 39.57 -71.21
N GLY DA 133 9.71 39.27 -71.76
CA GLY DA 133 9.95 37.94 -72.28
C GLY DA 133 9.98 36.87 -71.21
N SER DA 134 10.53 37.21 -70.04
CA SER DA 134 10.60 36.25 -68.95
C SER DA 134 9.21 35.85 -68.48
N THR DA 135 8.29 36.81 -68.37
CA THR DA 135 6.93 36.56 -67.96
C THR DA 135 5.97 36.47 -69.14
N ALA DA 136 6.48 36.11 -70.32
CA ALA DA 136 5.65 36.10 -71.52
C ALA DA 136 4.67 34.92 -71.50
N ASP DA 137 5.19 33.70 -71.47
CA ASP DA 137 4.35 32.51 -71.51
C ASP DA 137 5.10 31.35 -70.88
N PRO DA 138 4.39 30.36 -70.33
CA PRO DA 138 5.08 29.22 -69.70
C PRO DA 138 5.93 28.40 -70.65
N SER DA 139 5.69 28.49 -71.96
CA SER DA 139 6.47 27.71 -72.91
C SER DA 139 7.94 28.11 -72.92
N SER DA 140 8.26 29.34 -72.53
CA SER DA 140 9.64 29.80 -72.56
C SER DA 140 10.49 29.03 -71.55
N GLU DA 141 11.76 28.84 -71.92
CA GLU DA 141 12.69 28.15 -71.05
C GLU DA 141 13.08 28.99 -69.84
N HIS DA 142 12.90 30.31 -69.91
CA HIS DA 142 13.25 31.22 -68.82
C HIS DA 142 12.00 31.87 -68.22
N PHE DA 143 10.92 31.10 -68.11
CA PHE DA 143 9.71 31.62 -67.48
C PHE DA 143 9.94 31.86 -66.00
N TYR DA 144 9.49 33.02 -65.51
CA TYR DA 144 9.73 33.45 -64.13
C TYR DA 144 11.21 33.40 -63.78
N GLU DA 145 12.04 33.84 -64.72
CA GLU DA 145 13.48 33.94 -64.49
C GLU DA 145 13.89 35.41 -64.51
N PRO DA 146 14.29 35.99 -63.37
CA PRO DA 146 14.69 37.41 -63.38
C PRO DA 146 15.89 37.66 -64.26
N ASP DA 147 15.71 38.42 -65.34
CA ASP DA 147 16.76 38.68 -66.30
C ASP DA 147 17.53 39.96 -66.01
N PHE DA 148 17.19 40.67 -64.93
CA PHE DA 148 17.90 41.88 -64.57
C PHE DA 148 17.83 42.07 -63.07
N TRP DA 149 18.91 42.61 -62.50
CA TRP DA 149 18.99 42.89 -61.07
C TRP DA 149 19.38 44.35 -60.87
N ILE DA 150 18.76 44.98 -59.88
CA ILE DA 150 19.01 46.38 -59.56
C ILE DA 150 19.88 46.44 -58.31
N ILE DA 151 21.09 46.98 -58.45
CA ILE DA 151 22.02 47.12 -57.33
C ILE DA 151 22.46 48.58 -57.31
N SER DA 152 21.87 49.36 -56.40
CA SER DA 152 22.20 50.78 -56.24
C SER DA 152 22.06 51.55 -57.56
N GLY DA 153 21.03 51.20 -58.32
CA GLY DA 153 20.75 51.87 -59.58
C GLY DA 153 21.54 51.38 -60.76
N LYS DA 154 22.45 50.42 -60.58
CA LYS DA 154 23.25 49.87 -61.66
C LYS DA 154 22.60 48.59 -62.18
N LYS DA 155 22.42 48.51 -63.49
CA LYS DA 155 21.74 47.39 -64.12
C LYS DA 155 22.75 46.32 -64.47
N TYR DA 156 22.43 45.06 -64.12
CA TYR DA 156 23.28 43.92 -64.44
C TYR DA 156 22.44 42.85 -65.12
N HIS DA 157 22.92 42.35 -66.25
CA HIS DA 157 22.24 41.27 -66.95
C HIS DA 157 22.44 39.96 -66.21
N ARG DA 158 21.49 39.04 -66.42
CA ARG DA 158 21.52 37.76 -65.72
C ARG DA 158 22.77 36.95 -66.10
N SER DA 159 23.14 36.96 -67.38
CA SER DA 159 24.25 36.14 -67.83
C SER DA 159 25.56 36.51 -67.15
N HIS DA 160 25.73 37.78 -66.77
CA HIS DA 160 26.97 38.20 -66.12
C HIS DA 160 27.08 37.71 -64.68
N LEU DA 161 25.97 37.31 -64.07
CA LEU DA 161 25.96 36.92 -62.67
C LEU DA 161 25.88 35.40 -62.53
N VAL DA 162 26.20 34.93 -61.33
CA VAL DA 162 26.04 33.53 -60.95
C VAL DA 162 25.22 33.51 -59.66
N VAL DA 163 24.03 32.93 -59.72
CA VAL DA 163 23.10 32.91 -58.61
C VAL DA 163 22.85 31.46 -58.20
N VAL DA 164 23.00 31.18 -56.91
CA VAL DA 164 22.78 29.84 -56.36
C VAL DA 164 21.52 29.90 -55.49
N ARG DA 165 20.71 28.85 -55.58
CA ARG DA 165 19.41 28.82 -54.91
C ARG DA 165 19.29 27.56 -54.08
N GLY DA 166 18.54 27.66 -52.99
CA GLY DA 166 18.25 26.51 -52.16
C GLY DA 166 17.10 25.71 -52.73
N PRO DA 167 16.18 25.27 -51.88
CA PRO DA 167 14.97 24.60 -52.38
C PRO DA 167 14.17 25.54 -53.27
N GLN DA 168 13.60 24.98 -54.34
CA GLN DA 168 12.93 25.77 -55.35
C GLN DA 168 11.42 25.76 -55.10
N PRO DA 169 10.80 26.91 -54.84
CA PRO DA 169 9.36 26.95 -54.64
C PRO DA 169 8.63 26.82 -55.97
N PRO DA 170 7.34 26.47 -55.94
CA PRO DA 170 6.55 26.46 -57.18
C PRO DA 170 6.42 27.87 -57.75
N ASP DA 171 5.98 27.93 -59.01
CA ASP DA 171 5.95 29.20 -59.72
C ASP DA 171 5.03 30.21 -59.06
N ILE DA 172 3.85 29.75 -58.59
CA ILE DA 172 2.91 30.68 -57.98
C ILE DA 172 3.46 31.23 -56.67
N LEU DA 173 4.31 30.48 -55.98
CA LEU DA 173 4.90 30.94 -54.72
C LEU DA 173 6.19 31.71 -54.91
N LYS DA 174 6.75 31.73 -56.12
CA LYS DA 174 7.99 32.46 -56.37
C LYS DA 174 7.87 33.95 -56.08
N PRO DA 175 6.83 34.66 -56.52
CA PRO DA 175 6.75 36.09 -56.18
C PRO DA 175 6.73 36.39 -54.70
N THR DA 176 6.11 35.52 -53.89
CA THR DA 176 6.08 35.73 -52.46
C THR DA 176 7.48 35.69 -51.86
N TYR DA 177 8.31 34.74 -52.32
CA TYR DA 177 9.68 34.64 -51.86
C TYR DA 177 10.62 35.55 -52.64
N ILE DA 178 10.08 36.47 -53.44
CA ILE DA 178 10.85 37.39 -54.27
C ILE DA 178 11.85 36.60 -55.12
N PHE DA 179 11.37 35.49 -55.70
CA PHE DA 179 12.17 34.66 -56.59
C PHE DA 179 13.46 34.21 -55.92
N GLY DA 180 13.30 33.57 -54.75
CA GLY DA 180 14.42 33.05 -54.00
C GLY DA 180 14.12 31.68 -53.45
N GLY DA 181 15.14 31.06 -52.86
CA GLY DA 181 14.99 29.76 -52.26
C GLY DA 181 14.37 29.83 -50.88
N ILE DA 182 14.05 28.65 -50.35
CA ILE DA 182 13.41 28.56 -49.03
C ILE DA 182 14.49 28.66 -47.96
N PRO DA 183 14.41 29.63 -47.05
CA PRO DA 183 15.45 29.79 -46.04
C PRO DA 183 15.44 28.66 -45.02
N LEU DA 184 16.64 28.29 -44.56
CA LEU DA 184 16.76 27.25 -43.55
C LEU DA 184 16.41 27.77 -42.15
N THR DA 185 16.73 29.02 -41.86
CA THR DA 185 16.39 29.60 -40.56
C THR DA 185 14.89 29.59 -40.35
N GLN DA 186 14.13 29.91 -41.40
CA GLN DA 186 12.67 29.79 -41.33
C GLN DA 186 12.24 28.39 -40.96
N ARG DA 187 13.00 27.38 -41.37
CA ARG DA 187 12.65 25.99 -41.10
C ARG DA 187 13.13 25.51 -39.74
N ILE DA 188 14.08 26.19 -39.12
CA ILE DA 188 14.77 25.64 -37.97
C ILE DA 188 14.61 26.48 -36.69
N TYR DA 189 14.19 27.74 -36.78
CA TYR DA 189 14.22 28.61 -35.60
C TYR DA 189 13.28 28.12 -34.50
N GLU DA 190 12.09 27.65 -34.87
CA GLU DA 190 11.13 27.20 -33.87
C GLU DA 190 11.66 26.00 -33.09
N ARG DA 191 12.19 25.01 -33.79
CA ARG DA 191 12.70 23.81 -33.12
C ARG DA 191 13.94 24.13 -32.31
N VAL DA 192 14.77 25.06 -32.80
CA VAL DA 192 15.95 25.46 -32.04
C VAL DA 192 15.53 26.09 -30.72
N TYR DA 193 14.54 27.00 -30.77
CA TYR DA 193 14.05 27.61 -29.55
C TYR DA 193 13.47 26.58 -28.60
N ALA DA 194 12.70 25.63 -29.13
CA ALA DA 194 12.10 24.62 -28.27
C ALA DA 194 13.17 23.79 -27.57
N ALA DA 195 14.18 23.35 -28.32
CA ALA DA 195 15.25 22.55 -27.72
C ALA DA 195 16.01 23.36 -26.67
N GLU DA 196 16.33 24.61 -26.96
CA GLU DA 196 17.09 25.42 -26.01
C GLU DA 196 16.29 25.67 -24.74
N ARG DA 197 15.00 25.98 -24.87
CA ARG DA 197 14.18 26.21 -23.69
C ARG DA 197 14.03 24.95 -22.85
N THR DA 198 13.83 23.80 -23.51
CA THR DA 198 13.73 22.55 -22.77
C THR DA 198 15.03 22.23 -22.03
N ALA DA 199 16.17 22.48 -22.69
CA ALA DA 199 17.45 22.26 -22.02
C ALA DA 199 17.62 23.21 -20.84
N ASN DA 200 17.19 24.46 -20.98
CA ASN DA 200 17.38 25.44 -19.92
C ASN DA 200 16.46 25.19 -18.74
N GLU DA 201 15.31 24.55 -18.97
CA GLU DA 201 14.34 24.42 -17.88
C GLU DA 201 14.82 23.50 -16.77
N ALA DA 202 15.57 22.45 -17.12
CA ALA DA 202 15.93 21.43 -16.12
C ALA DA 202 16.73 22.00 -14.94
N PRO DA 203 17.79 22.79 -15.12
CA PRO DA 203 18.49 23.34 -13.95
C PRO DA 203 17.62 24.20 -13.07
N LEU DA 204 16.66 24.93 -13.65
CA LEU DA 204 15.80 25.78 -12.84
C LEU DA 204 14.94 24.94 -11.89
N LEU DA 205 14.40 23.83 -12.37
CA LEU DA 205 13.66 22.93 -11.48
C LEU DA 205 14.59 22.26 -10.48
N ALA DA 206 15.78 21.87 -10.92
CA ALA DA 206 16.73 21.25 -9.99
C ALA DA 206 17.10 22.18 -8.85
N MET DA 207 17.14 23.49 -9.12
CA MET DA 207 17.55 24.44 -8.08
C MET DA 207 16.48 24.60 -7.00
N SER DA 208 15.24 24.23 -7.31
CA SER DA 208 14.16 24.31 -6.33
C SER DA 208 13.46 22.97 -6.18
N LYS DA 209 14.24 21.90 -6.09
CA LYS DA 209 13.67 20.55 -6.09
C LYS DA 209 12.84 20.30 -4.83
N ARG DA 210 13.33 20.73 -3.68
CA ARG DA 210 12.70 20.42 -2.39
C ARG DA 210 12.21 21.70 -1.72
N THR DA 211 10.97 21.68 -1.25
CA THR DA 211 10.39 22.77 -0.49
C THR DA 211 9.93 22.26 0.86
N SER DA 212 10.14 23.07 1.91
CA SER DA 212 9.81 22.70 3.27
C SER DA 212 8.89 23.76 3.88
N THR DA 213 7.80 23.31 4.49
CA THR DA 213 6.84 24.20 5.11
C THR DA 213 6.46 23.68 6.49
N ILE DA 214 6.17 24.60 7.40
CA ILE DA 214 5.75 24.28 8.76
C ILE DA 214 4.49 25.06 9.08
N HIS DA 215 3.73 24.55 10.04
CA HIS DA 215 2.52 25.19 10.51
C HIS DA 215 2.72 25.72 11.91
N VAL DA 216 2.07 26.84 12.23
CA VAL DA 216 2.16 27.45 13.54
C VAL DA 216 1.01 28.43 13.69
N ASP DA 217 0.66 28.76 14.93
CA ASP DA 217 -0.39 29.74 15.18
C ASP DA 217 0.13 31.11 14.76
N VAL DA 218 -0.27 31.56 13.58
CA VAL DA 218 0.25 32.79 13.01
C VAL DA 218 -0.17 34.02 13.80
N GLU DA 219 -1.28 33.95 14.54
CA GLU DA 219 -1.71 35.08 15.36
C GLU DA 219 -0.64 35.42 16.40
N LYS DA 220 -0.21 34.43 17.18
CA LYS DA 220 0.82 34.68 18.16
C LYS DA 220 2.15 35.03 17.52
N ALA DA 221 2.39 34.53 16.30
CA ALA DA 221 3.62 34.88 15.59
C ALA DA 221 3.65 36.37 15.25
N ILE DA 222 2.53 36.89 14.71
CA ILE DA 222 2.49 38.30 14.37
C ILE DA 222 2.27 39.18 15.60
N ALA DA 223 1.92 38.59 16.74
CA ALA DA 223 1.78 39.37 17.97
C ALA DA 223 3.09 40.08 18.32
N ASN DA 224 4.18 39.34 18.38
CA ASN DA 224 5.50 39.92 18.62
C ASN DA 224 6.52 39.21 17.73
N GLU DA 225 6.69 39.72 16.51
CA GLU DA 225 7.71 39.23 15.60
C GLU DA 225 9.00 40.03 15.83
N GLU DA 226 9.93 39.92 14.87
CA GLU DA 226 11.29 40.47 14.97
C GLU DA 226 12.12 39.68 15.97
N ALA DA 227 11.48 38.70 16.61
CA ALA DA 227 12.16 37.66 17.38
C ALA DA 227 11.86 36.27 16.85
N PHE DA 228 10.61 36.02 16.47
CA PHE DA 228 10.26 34.81 15.74
C PHE DA 228 11.06 34.72 14.45
N ASN DA 229 11.12 35.83 13.70
CA ASN DA 229 11.92 35.88 12.49
C ASN DA 229 13.39 35.64 12.78
N ALA DA 230 13.89 36.22 13.86
CA ALA DA 230 15.29 36.03 14.21
C ALA DA 230 15.60 34.56 14.52
N ARG DA 231 14.73 33.91 15.28
CA ARG DA 231 14.95 32.50 15.60
C ARG DA 231 14.92 31.63 14.35
N LEU DA 232 13.95 31.86 13.46
CA LEU DA 232 13.90 31.04 12.25
C LEU DA 232 15.06 31.34 11.30
N ALA DA 233 15.51 32.59 11.24
CA ALA DA 233 16.69 32.90 10.44
C ALA DA 233 17.92 32.22 11.01
N PHE DA 234 18.05 32.18 12.33
CA PHE DA 234 19.14 31.44 12.95
C PHE DA 234 19.09 29.96 12.58
N TRP DA 235 17.89 29.37 12.62
CA TRP DA 235 17.75 27.96 12.24
C TRP DA 235 18.17 27.75 10.80
N ILE DA 236 17.71 28.62 9.90
CA ILE DA 236 18.03 28.46 8.48
C ILE DA 236 19.53 28.61 8.25
N ALA DA 237 20.15 29.57 8.93
CA ALA DA 237 21.59 29.77 8.77
C ALA DA 237 22.39 28.57 9.26
N ASN DA 238 21.97 27.99 10.39
CA ASN DA 238 22.70 26.87 10.99
C ASN DA 238 22.07 25.52 10.67
N ARG DA 239 21.27 25.45 9.62
CA ARG DA 239 20.56 24.21 9.28
C ARG DA 239 21.52 23.20 8.66
N ASP DA 240 21.45 21.96 9.14
CA ASP DA 240 22.15 20.82 8.56
C ASP DA 240 21.63 19.57 9.23
N ASN DA 241 22.08 18.41 8.75
CA ASN DA 241 21.78 17.16 9.41
C ASN DA 241 22.53 17.09 10.74
N HIS DA 242 22.08 16.18 11.60
CA HIS DA 242 22.61 15.98 12.94
C HIS DA 242 22.29 17.15 13.87
N GLY DA 243 21.23 17.89 13.57
CA GLY DA 243 20.69 18.88 14.47
C GLY DA 243 19.21 18.62 14.67
N VAL DA 244 18.65 19.09 15.77
CA VAL DA 244 17.27 18.78 16.13
C VAL DA 244 16.47 20.07 16.19
N LYS DA 245 15.29 20.05 15.59
CA LYS DA 245 14.35 21.16 15.64
C LYS DA 245 13.20 20.81 16.59
N VAL DA 246 12.83 21.76 17.44
CA VAL DA 246 11.86 21.55 18.50
C VAL DA 246 10.61 22.34 18.16
N LEU DA 247 9.45 21.68 18.19
CA LEU DA 247 8.18 22.31 17.88
C LEU DA 247 7.18 22.00 18.99
N GLY DA 248 6.13 22.81 19.04
CA GLY DA 248 5.05 22.56 19.99
C GLY DA 248 4.17 21.40 19.58
N ILE DA 249 3.32 20.98 20.51
CA ILE DA 249 2.47 19.82 20.29
C ILE DA 249 1.37 20.06 19.26
N ASP DA 250 1.01 21.32 19.00
CA ASP DA 250 -0.07 21.63 18.08
C ASP DA 250 0.39 22.00 16.68
N GLU DA 251 1.68 21.90 16.40
CA GLU DA 251 2.23 22.27 15.10
C GLU DA 251 2.73 21.04 14.36
N GLY DA 252 3.02 21.23 13.08
CA GLY DA 252 3.51 20.16 12.22
C GLY DA 252 4.46 20.71 11.18
N MET DA 253 5.06 19.80 10.43
CA MET DA 253 6.01 20.16 9.38
C MET DA 253 6.01 19.07 8.32
N GLU DA 254 6.03 19.49 7.05
CA GLU DA 254 6.01 18.54 5.95
C GLU DA 254 6.91 19.05 4.83
N GLN DA 255 7.35 18.12 3.99
CA GLN DA 255 8.25 18.43 2.88
C GLN DA 255 7.67 17.90 1.59
N PHE DA 256 8.10 18.50 0.49
CA PHE DA 256 7.68 18.09 -0.84
C PHE DA 256 8.88 18.04 -1.77
N ASP DA 257 8.82 17.15 -2.76
CA ASP DA 257 9.91 16.99 -3.71
C ASP DA 257 9.42 17.09 -5.14
N THR DA 258 10.30 16.78 -6.10
CA THR DA 258 9.94 16.78 -7.50
C THR DA 258 10.83 15.77 -8.21
N ASN DA 259 10.24 14.99 -9.10
CA ASN DA 259 10.96 13.94 -9.84
C ASN DA 259 11.42 14.52 -11.17
N LEU DA 260 12.73 14.50 -11.39
CA LEU DA 260 13.34 15.08 -12.59
C LEU DA 260 13.96 14.02 -13.50
N ALA DA 261 13.46 12.79 -13.42
CA ALA DA 261 14.04 11.66 -14.13
C ALA DA 261 13.43 11.45 -15.51
N ASP DA 262 12.91 12.50 -16.13
CA ASP DA 262 12.31 12.40 -17.46
C ASP DA 262 12.70 13.50 -18.42
N PHE DA 263 13.40 14.54 -17.97
CA PHE DA 263 13.74 15.66 -18.86
C PHE DA 263 14.75 15.26 -19.92
N ASP DA 264 15.67 14.36 -19.58
CA ASP DA 264 16.77 14.02 -20.49
C ASP DA 264 16.26 13.45 -21.80
N SER DA 265 15.26 12.56 -21.73
CA SER DA 265 14.73 11.97 -22.95
C SER DA 265 14.12 13.03 -23.86
N ILE DA 266 13.38 13.97 -23.27
CA ILE DA 266 12.77 15.04 -24.06
C ILE DA 266 13.85 15.90 -24.71
N ILE DA 267 14.89 16.25 -23.94
CA ILE DA 267 15.96 17.08 -24.48
C ILE DA 267 16.65 16.38 -25.65
N MET DA 268 16.95 15.09 -25.50
CA MET DA 268 17.65 14.38 -26.57
C MET DA 268 16.75 14.19 -27.78
N ASN DA 269 15.45 13.98 -27.57
CA ASN DA 269 14.54 13.90 -28.71
C ASN DA 269 14.51 15.22 -29.48
N GLN DA 270 14.44 16.34 -28.76
CA GLN DA 270 14.43 17.64 -29.43
C GLN DA 270 15.72 17.87 -30.20
N TYR DA 271 16.87 17.52 -29.60
CA TYR DA 271 18.14 17.72 -30.29
C TYR DA 271 18.26 16.81 -31.51
N GLN DA 272 17.77 15.57 -31.41
CA GLN DA 272 17.77 14.69 -32.56
C GLN DA 272 16.91 15.25 -33.69
N LEU DA 273 15.76 15.81 -33.35
CA LEU DA 273 14.91 16.43 -34.37
C LEU DA 273 15.62 17.63 -35.02
N VAL DA 274 16.30 18.44 -34.21
CA VAL DA 274 17.06 19.56 -34.75
C VAL DA 274 18.12 19.07 -35.72
N ALA DA 275 18.84 18.01 -35.35
CA ALA DA 275 19.85 17.45 -36.24
C ALA DA 275 19.20 16.92 -37.52
N ALA DA 276 18.01 16.33 -37.41
CA ALA DA 276 17.32 15.82 -38.58
C ALA DA 276 16.94 16.93 -39.55
N ILE DA 277 16.53 18.08 -39.01
CA ILE DA 277 16.09 19.18 -39.87
C ILE DA 277 17.24 19.66 -40.75
N ALA DA 278 18.43 19.79 -40.18
CA ALA DA 278 19.57 20.39 -40.88
C ALA DA 278 20.27 19.44 -41.84
N LYS DA 279 19.81 18.19 -41.97
CA LYS DA 279 20.43 17.20 -42.84
C LYS DA 279 21.91 17.01 -42.49
N THR DA 280 22.17 16.82 -41.20
CA THR DA 280 23.52 16.63 -40.70
C THR DA 280 23.46 15.64 -39.53
N PRO DA 281 24.38 14.68 -39.47
CA PRO DA 281 24.39 13.74 -38.34
C PRO DA 281 24.55 14.47 -37.02
N ALA DA 282 23.84 13.97 -36.00
CA ALA DA 282 23.87 14.61 -34.68
C ALA DA 282 25.25 14.56 -34.05
N THR DA 283 26.11 13.62 -34.46
CA THR DA 283 27.45 13.52 -33.90
C THR DA 283 28.34 14.71 -34.26
N LYS DA 284 27.91 15.55 -35.20
CA LYS DA 284 28.66 16.75 -35.55
C LYS DA 284 28.10 18.00 -34.87
N LEU DA 285 26.78 18.17 -34.87
CA LEU DA 285 26.20 19.32 -34.17
C LEU DA 285 26.37 19.20 -32.67
N LEU DA 286 26.02 18.05 -32.09
CA LEU DA 286 26.10 17.85 -30.65
C LEU DA 286 27.42 17.24 -30.21
N GLY DA 287 28.19 16.67 -31.13
CA GLY DA 287 29.45 16.05 -30.75
C GLY DA 287 29.33 14.73 -30.07
N THR DA 288 28.12 14.17 -29.97
CA THR DA 288 27.89 12.88 -29.34
C THR DA 288 26.48 12.42 -29.70
N SER DA 289 26.32 11.12 -29.93
CA SER DA 289 25.00 10.58 -30.21
C SER DA 289 24.09 10.77 -29.01
N PRO DA 290 22.80 11.06 -29.22
CA PRO DA 290 21.89 11.24 -28.09
C PRO DA 290 21.73 9.95 -27.29
N LYS DA 291 21.36 10.10 -26.03
CA LYS DA 291 21.26 8.96 -25.13
C LYS DA 291 20.21 7.97 -25.63
N GLY DA 292 20.57 6.68 -25.58
CA GLY DA 292 19.67 5.63 -25.99
C GLY DA 292 19.60 5.36 -27.47
N PHE DA 293 20.35 6.10 -28.29
CA PHE DA 293 20.38 5.89 -29.72
C PHE DA 293 21.66 5.14 -30.11
N ASN DA 294 21.54 4.28 -31.12
CA ASN DA 294 22.71 3.59 -31.63
C ASN DA 294 23.67 4.60 -32.26
N ALA DA 295 24.96 4.36 -32.07
CA ALA DA 295 26.01 5.26 -32.56
C ALA DA 295 26.94 4.55 -33.52
N THR DA 296 26.39 3.61 -34.30
CA THR DA 296 27.21 2.88 -35.27
C THR DA 296 27.76 3.82 -36.34
N GLY DA 297 26.91 4.70 -36.87
CA GLY DA 297 27.35 5.68 -37.83
C GLY DA 297 27.86 5.13 -39.15
N GLU DA 298 27.59 3.85 -39.44
CA GLU DA 298 28.09 3.26 -40.68
C GLU DA 298 27.45 3.92 -41.90
N HIS DA 299 26.13 4.04 -41.89
CA HIS DA 299 25.42 4.67 -43.01
C HIS DA 299 25.35 6.18 -42.89
N GLU DA 300 25.46 6.72 -41.66
CA GLU DA 300 25.37 8.17 -41.48
C GLU DA 300 26.53 8.89 -42.15
N THR DA 301 27.75 8.37 -41.97
CA THR DA 301 28.91 8.99 -42.62
C THR DA 301 28.83 8.87 -44.13
N ILE DA 302 28.33 7.73 -44.63
CA ILE DA 302 28.17 7.56 -46.07
C ILE DA 302 27.19 8.58 -46.62
N SER DA 303 26.05 8.75 -45.94
CA SER DA 303 25.06 9.73 -46.39
C SER DA 303 25.62 11.15 -46.34
N TYR DA 304 26.37 11.47 -45.29
CA TYR DA 304 26.96 12.80 -45.19
C TYR DA 304 27.94 13.05 -46.32
N HIS DA 305 28.79 12.06 -46.63
CA HIS DA 305 29.73 12.21 -47.73
C HIS DA 305 28.99 12.38 -49.06
N GLU DA 306 27.91 11.63 -49.25
CA GLU DA 306 27.13 11.75 -50.47
C GLU DA 306 26.50 13.13 -50.59
N GLU DA 307 26.00 13.67 -49.48
CA GLU DA 307 25.44 15.02 -49.50
C GLU DA 307 26.51 16.06 -49.80
N LEU DA 308 27.71 15.90 -49.23
CA LEU DA 308 28.80 16.81 -49.54
C LEU DA 308 29.17 16.75 -51.01
N GLU DA 309 29.17 15.54 -51.59
CA GLU DA 309 29.43 15.41 -53.02
C GLU DA 309 28.36 16.11 -53.83
N SER DA 310 27.10 16.00 -53.42
CA SER DA 310 26.03 16.69 -54.14
C SER DA 310 26.21 18.20 -54.07
N ILE DA 311 26.60 18.72 -52.91
CA ILE DA 311 26.87 20.15 -52.78
C ILE DA 311 28.01 20.56 -53.70
N GLN DA 312 29.08 19.76 -53.71
CA GLN DA 312 30.21 20.04 -54.60
C GLN DA 312 29.76 20.10 -56.06
N GLU DA 313 28.92 19.14 -56.46
CA GLU DA 313 28.47 19.10 -57.85
C GLU DA 313 27.58 20.29 -58.20
N HIS DA 314 26.71 20.70 -57.28
CA HIS DA 314 25.70 21.69 -57.63
C HIS DA 314 26.15 23.13 -57.42
N ILE DA 315 26.68 23.45 -56.24
CA ILE DA 315 26.89 24.86 -55.87
C ILE DA 315 28.27 25.34 -56.30
N PHE DA 316 29.32 24.63 -55.91
CA PHE DA 316 30.67 25.14 -56.11
C PHE DA 316 31.15 25.00 -57.55
N ASP DA 317 30.61 24.02 -58.29
CA ASP DA 317 31.10 23.76 -59.65
C ASP DA 317 30.89 24.94 -60.60
N PRO DA 318 29.70 25.56 -60.70
CA PRO DA 318 29.52 26.58 -61.74
C PRO DA 318 30.38 27.81 -61.53
N LEU DA 319 30.44 28.33 -60.29
CA LEU DA 319 31.25 29.52 -60.04
C LEU DA 319 32.72 29.24 -60.31
N LEU DA 320 33.21 28.08 -59.89
CA LEU DA 320 34.61 27.73 -60.15
C LEU DA 320 34.88 27.62 -61.64
N GLU DA 321 33.96 27.00 -62.39
CA GLU DA 321 34.16 26.87 -63.83
C GLU DA 321 34.19 28.24 -64.51
N ARG DA 322 33.25 29.12 -64.14
CA ARG DA 322 33.23 30.45 -64.72
C ARG DA 322 34.50 31.23 -64.37
N HIS DA 323 34.92 31.16 -63.11
CA HIS DA 323 36.14 31.84 -62.68
C HIS DA 323 37.35 31.35 -63.45
N TYR DA 324 37.49 30.04 -63.60
CA TYR DA 324 38.66 29.51 -64.28
C TYR DA 324 38.64 29.84 -65.77
N LEU DA 325 37.47 29.78 -66.40
CA LEU DA 325 37.36 30.18 -67.80
C LEU DA 325 37.76 31.63 -67.99
N LEU DA 326 37.23 32.52 -67.13
CA LEU DA 326 37.54 33.93 -67.27
C LEU DA 326 39.02 34.20 -67.00
N LEU DA 327 39.60 33.54 -66.00
CA LEU DA 327 41.02 33.72 -65.72
C LEU DA 327 41.89 33.23 -66.85
N ALA DA 328 41.55 32.07 -67.43
CA ALA DA 328 42.33 31.54 -68.55
C ALA DA 328 42.25 32.46 -69.75
N LYS DA 329 41.07 33.02 -70.03
CA LYS DA 329 40.95 33.94 -71.16
C LYS DA 329 41.60 35.28 -70.86
N SER DA 330 41.76 35.63 -69.58
CA SER DA 330 42.31 36.93 -69.23
C SER DA 330 43.83 36.97 -69.39
N GLU DA 331 44.51 35.86 -69.11
CA GLU DA 331 45.97 35.83 -69.05
C GLU DA 331 46.58 34.99 -70.18
N GLU DA 332 45.94 34.98 -71.35
CA GLU DA 332 46.47 34.33 -72.55
C GLU DA 332 46.84 32.87 -72.29
N ILE DA 333 45.90 32.11 -71.76
CA ILE DA 333 46.07 30.69 -71.54
C ILE DA 333 45.27 29.97 -72.63
N ASP DA 334 45.95 29.49 -73.65
CA ASP DA 334 45.30 28.82 -74.77
C ASP DA 334 45.21 27.31 -74.53
N VAL DA 335 44.73 26.93 -73.36
CA VAL DA 335 44.48 25.54 -73.01
C VAL DA 335 43.16 25.48 -72.24
N GLN DA 336 42.31 24.53 -72.61
CA GLN DA 336 41.03 24.37 -71.92
C GLN DA 336 41.23 23.66 -70.59
N LEU DA 337 40.53 24.13 -69.57
CA LEU DA 337 40.69 23.64 -68.21
C LEU DA 337 39.43 22.94 -67.72
N GLU DA 338 39.62 21.92 -66.89
CA GLU DA 338 38.53 21.22 -66.24
C GLU DA 338 38.89 21.00 -64.78
N ILE DA 339 37.86 20.86 -63.95
CA ILE DA 339 38.00 20.82 -62.49
C ILE DA 339 37.74 19.39 -62.02
N VAL DA 340 38.69 18.85 -61.26
CA VAL DA 340 38.57 17.53 -60.65
C VAL DA 340 38.67 17.69 -59.14
N TRP DA 341 37.69 17.15 -58.42
CA TRP DA 341 37.63 17.30 -56.97
C TRP DA 341 38.38 16.17 -56.27
N ASN DA 342 39.05 16.51 -55.18
CA ASN DA 342 39.67 15.50 -54.33
C ASN DA 342 38.61 14.69 -53.62
N PRO DA 343 38.92 13.45 -53.23
CA PRO DA 343 37.95 12.64 -52.49
C PRO DA 343 37.54 13.33 -51.19
N VAL DA 344 36.25 13.25 -50.89
CA VAL DA 344 35.72 13.93 -49.70
C VAL DA 344 35.99 13.14 -48.43
N ASP DA 345 36.20 11.82 -48.54
CA ASP DA 345 36.45 11.00 -47.36
C ASP DA 345 37.78 11.36 -46.73
N SER DA 346 37.77 11.49 -45.40
CA SER DA 346 38.98 11.80 -44.63
C SER DA 346 39.30 10.62 -43.72
N THR DA 347 40.55 10.19 -43.74
CA THR DA 347 41.01 9.06 -42.94
C THR DA 347 42.30 9.43 -42.23
N SER DA 348 42.54 8.76 -41.10
CA SER DA 348 43.74 8.99 -40.32
C SER DA 348 44.93 8.33 -41.01
N SER DA 349 46.08 8.32 -40.32
CA SER DA 349 47.32 7.85 -40.95
C SER DA 349 47.26 6.35 -41.25
N GLN DA 350 46.71 5.55 -40.34
CA GLN DA 350 46.70 4.11 -40.54
C GLN DA 350 45.88 3.73 -41.76
N GLN DA 351 44.62 4.19 -41.81
CA GLN DA 351 43.78 3.88 -42.96
C GLN DA 351 44.41 4.33 -44.26
N GLN DA 352 45.16 5.44 -44.23
CA GLN DA 352 45.95 5.83 -45.39
C GLN DA 352 47.00 4.78 -45.70
N ALA DA 353 47.62 4.20 -44.67
CA ALA DA 353 48.68 3.22 -44.90
C ALA DA 353 48.14 1.97 -45.59
N GLU DA 354 47.09 1.36 -45.05
CA GLU DA 354 46.56 0.22 -45.80
C GLU DA 354 45.71 0.62 -47.00
N LEU DA 355 45.43 1.90 -47.20
CA LEU DA 355 44.87 2.35 -48.47
C LEU DA 355 45.93 2.32 -49.56
N ASN DA 356 47.11 2.85 -49.27
CA ASN DA 356 48.16 2.91 -50.28
C ASN DA 356 48.70 1.54 -50.61
N ASN DA 357 48.83 0.66 -49.61
CA ASN DA 357 49.38 -0.67 -49.84
C ASN DA 357 48.45 -1.48 -50.75
N LYS DA 358 47.14 -1.35 -50.57
CA LYS DA 358 46.21 -2.11 -51.40
C LYS DA 358 46.31 -1.69 -52.86
N LYS DA 359 46.42 -0.39 -53.14
CA LYS DA 359 46.62 0.04 -54.52
C LYS DA 359 47.97 -0.44 -55.04
N ALA DA 360 49.00 -0.40 -54.20
CA ALA DA 360 50.33 -0.84 -54.62
C ALA DA 360 50.32 -2.31 -55.02
N ALA DA 361 49.59 -3.14 -54.26
CA ALA DA 361 49.46 -4.55 -54.63
C ALA DA 361 48.76 -4.71 -55.97
N THR DA 362 47.72 -3.91 -56.21
CA THR DA 362 47.00 -4.00 -57.48
C THR DA 362 47.90 -3.58 -58.64
N ASP DA 363 48.74 -2.57 -58.43
CA ASP DA 363 49.62 -2.10 -59.50
C ASP DA 363 50.57 -3.20 -59.96
N GLU DA 364 51.17 -3.93 -59.02
CA GLU DA 364 52.11 -4.98 -59.39
C GLU DA 364 51.43 -6.08 -60.18
N ILE DA 365 50.18 -6.40 -59.83
CA ILE DA 365 49.44 -7.42 -60.58
C ILE DA 365 49.24 -6.97 -62.03
N TYR DA 366 48.91 -5.70 -62.24
CA TYR DA 366 48.66 -5.22 -63.58
C TYR DA 366 49.94 -5.17 -64.41
N ILE DA 367 51.03 -4.65 -63.83
CA ILE DA 367 52.26 -4.46 -64.61
C ILE DA 367 52.85 -5.80 -65.02
N ASN DA 368 52.78 -6.81 -64.14
CA ASN DA 368 53.29 -8.12 -64.48
C ASN DA 368 52.47 -8.77 -65.59
N SER DA 369 51.20 -8.38 -65.72
CA SER DA 369 50.33 -8.92 -66.76
C SER DA 369 50.39 -8.14 -68.05
N GLY DA 370 51.16 -7.06 -68.12
CA GLY DA 370 51.35 -6.32 -69.34
C GLY DA 370 50.25 -5.35 -69.70
N VAL DA 371 49.18 -5.30 -68.92
CA VAL DA 371 48.07 -4.40 -69.24
C VAL DA 371 48.49 -2.94 -69.08
N VAL DA 372 49.33 -2.66 -68.09
CA VAL DA 372 49.80 -1.30 -67.86
C VAL DA 372 51.31 -1.23 -68.10
N SER DA 373 51.87 -0.03 -68.02
CA SER DA 373 53.28 0.19 -68.24
C SER DA 373 53.91 0.79 -66.99
N PRO DA 374 55.22 0.62 -66.80
CA PRO DA 374 55.87 1.19 -65.61
C PRO DA 374 55.76 2.71 -65.52
N ASP DA 375 55.52 3.40 -66.65
CA ASP DA 375 55.46 4.85 -66.60
C ASP DA 375 54.11 5.34 -66.07
N GLU DA 376 53.01 4.84 -66.64
CA GLU DA 376 51.70 5.46 -66.36
C GLU DA 376 51.29 5.32 -64.90
N VAL DA 377 51.94 4.43 -64.15
CA VAL DA 377 51.69 4.39 -62.71
C VAL DA 377 52.47 5.50 -62.01
N ARG DA 378 53.57 5.96 -62.62
CA ARG DA 378 54.40 6.97 -61.96
C ARG DA 378 53.69 8.31 -61.86
N GLU DA 379 53.13 8.81 -62.97
CA GLU DA 379 52.45 10.10 -62.89
C GLU DA 379 51.10 9.96 -62.21
N ARG DA 380 50.49 8.77 -62.26
CA ARG DA 380 49.29 8.52 -61.48
C ARG DA 380 49.59 8.72 -59.99
N LEU DA 381 50.71 8.17 -59.52
CA LEU DA 381 51.15 8.43 -58.16
C LEU DA 381 51.55 9.88 -57.98
N ARG DA 382 52.15 10.48 -59.02
CA ARG DA 382 52.54 11.89 -58.94
C ARG DA 382 51.32 12.80 -58.83
N ASP DA 383 50.25 12.49 -59.57
CA ASP DA 383 49.07 13.34 -59.54
C ASP DA 383 48.34 13.25 -58.21
N ASP DA 384 48.39 12.10 -57.55
CA ASP DA 384 47.71 11.94 -56.26
C ASP DA 384 48.50 12.66 -55.18
N PRO DA 385 47.91 13.63 -54.49
CA PRO DA 385 48.61 14.29 -53.38
C PRO DA 385 48.63 13.44 -52.13
N ARG DA 386 47.63 12.57 -51.98
CA ARG DA 386 47.55 11.72 -50.80
C ARG DA 386 48.66 10.68 -50.78
N SER DA 387 49.28 10.37 -51.92
CA SER DA 387 50.36 9.39 -51.95
C SER DA 387 51.55 9.87 -51.13
N GLY DA 388 52.25 8.91 -50.53
CA GLY DA 388 53.39 9.26 -49.70
C GLY DA 388 54.49 9.95 -50.48
N TYR DA 389 54.70 9.54 -51.73
CA TYR DA 389 55.72 10.13 -52.58
C TYR DA 389 55.14 11.33 -53.29
N ASN DA 390 55.56 12.53 -52.90
CA ASN DA 390 55.09 13.76 -53.52
C ASN DA 390 56.24 14.67 -53.94
N ARG DA 391 57.49 14.24 -53.74
CA ARG DA 391 58.67 15.00 -54.11
C ARG DA 391 59.37 14.32 -55.28
N LEU DA 392 58.59 13.83 -56.23
CA LEU DA 392 59.12 13.12 -57.39
C LEU DA 392 59.94 14.05 -58.26
N THR DA 393 60.98 13.50 -58.88
CA THR DA 393 61.77 14.24 -59.86
C THR DA 393 61.07 14.24 -61.21
N ASP DA 394 61.71 14.85 -62.20
CA ASP DA 394 61.19 14.90 -63.56
C ASP DA 394 61.64 13.71 -64.40
N ASP DA 395 62.32 12.75 -63.80
CA ASP DA 395 62.80 11.59 -64.54
C ASP DA 395 61.63 10.74 -65.04
N GLN DA 396 61.89 10.01 -66.11
CA GLN DA 396 60.87 9.20 -66.77
C GLN DA 396 61.17 7.72 -66.60
N ALA DA 397 60.13 6.92 -66.45
CA ALA DA 397 60.25 5.48 -66.28
C ALA DA 397 60.07 4.79 -67.64
N GLU DA 398 59.99 3.46 -67.63
CA GLU DA 398 59.80 2.71 -68.85
C GLU DA 398 58.38 2.88 -69.38
N THR DA 399 58.27 3.13 -70.68
CA THR DA 399 56.97 3.42 -71.30
C THR DA 399 56.30 2.22 -71.93
N GLU DA 400 57.06 1.18 -72.29
CA GLU DA 400 56.47 0.04 -72.97
C GLU DA 400 55.61 -0.76 -71.99
N PRO DA 401 54.38 -1.09 -72.36
CA PRO DA 401 53.47 -1.76 -71.42
C PRO DA 401 54.00 -3.12 -70.98
N GLY DA 402 54.12 -3.29 -69.67
CA GLY DA 402 54.50 -4.57 -69.08
C GLY DA 402 55.98 -4.84 -69.00
N MET DA 403 56.83 -3.90 -69.39
CA MET DA 403 58.28 -4.12 -69.36
C MET DA 403 58.79 -3.85 -67.94
N SER DA 404 58.50 -4.80 -67.06
CA SER DA 404 59.07 -4.76 -65.72
C SER DA 404 60.54 -5.14 -65.78
N PRO DA 405 61.32 -4.78 -64.75
CA PRO DA 405 62.74 -5.16 -64.75
C PRO DA 405 62.94 -6.66 -64.91
N GLU DA 406 62.09 -7.47 -64.29
CA GLU DA 406 62.17 -8.92 -64.49
C GLU DA 406 61.65 -9.30 -65.87
N ASN DA 407 60.59 -8.64 -66.35
CA ASN DA 407 60.07 -8.93 -67.67
C ASN DA 407 61.07 -8.56 -68.76
N LEU DA 408 61.77 -7.44 -68.59
CA LEU DA 408 62.81 -7.07 -69.54
C LEU DA 408 63.98 -8.03 -69.49
N ALA DA 409 64.30 -8.56 -68.31
CA ALA DA 409 65.41 -9.50 -68.19
C ALA DA 409 65.16 -10.77 -68.99
N GLU DA 410 63.94 -11.29 -68.94
CA GLU DA 410 63.61 -12.49 -69.69
C GLU DA 410 63.30 -12.22 -71.15
N PHE DA 411 63.19 -10.95 -71.55
CA PHE DA 411 62.94 -10.62 -72.94
C PHE DA 411 64.12 -11.02 -73.82
N GLU DA 412 65.33 -10.62 -73.43
CA GLU DA 412 66.51 -10.97 -74.22
C GLU DA 412 66.95 -12.41 -74.00
N LYS DA 413 66.74 -12.95 -72.80
CA LYS DA 413 67.17 -14.32 -72.52
C LYS DA 413 66.41 -15.32 -73.37
N ALA DA 414 65.09 -15.13 -73.51
CA ALA DA 414 64.31 -16.04 -74.35
C ALA DA 414 64.69 -15.92 -75.81
N GLY DA 415 64.88 -14.70 -76.30
CA GLY DA 415 65.23 -14.51 -77.70
C GLY DA 415 66.60 -15.05 -78.04
N ALA DA 416 67.59 -14.81 -77.17
CA ALA DA 416 68.95 -15.28 -77.44
C ALA DA 416 69.01 -16.80 -77.52
N GLN DA 417 68.32 -17.49 -76.61
CA GLN DA 417 68.31 -18.95 -76.65
C GLN DA 417 67.59 -19.47 -77.87
N SER DA 418 66.59 -18.72 -78.37
CA SER DA 418 65.87 -19.16 -79.57
C SER DA 418 66.79 -19.20 -80.79
N ALA DA 419 67.67 -18.21 -80.93
CA ALA DA 419 68.60 -18.21 -82.05
C ALA DA 419 69.55 -19.40 -81.98
N LYS DA 420 70.03 -19.72 -80.78
CA LYS DA 420 70.89 -20.89 -80.62
C LYS DA 420 70.16 -22.17 -81.01
N ALA DA 421 68.89 -22.30 -80.60
CA ALA DA 421 68.10 -23.48 -80.97
C ALA DA 421 67.85 -23.53 -82.47
N LYS DA 422 67.60 -22.38 -83.10
CA LYS DA 422 67.36 -22.35 -84.53
C LYS DA 422 68.58 -22.80 -85.31
N GLY DA 423 69.76 -22.32 -84.92
CA GLY DA 423 70.98 -22.70 -85.63
C GLY DA 423 71.32 -24.16 -85.45
N GLU DA 424 71.04 -24.71 -84.26
CA GLU DA 424 71.39 -26.10 -83.98
C GLU DA 424 70.67 -27.05 -84.93
N ALA DA 425 69.38 -26.81 -85.19
CA ALA DA 425 68.66 -27.65 -86.13
C ALA DA 425 69.25 -27.55 -87.53
N GLU DA 426 69.58 -26.33 -87.96
CA GLU DA 426 70.26 -26.17 -89.24
C GLU DA 426 71.64 -26.82 -89.23
N ARG DA 427 72.36 -26.68 -88.10
CA ARG DA 427 73.64 -27.36 -87.96
C ARG DA 427 73.47 -28.87 -88.00
N ALA DA 428 72.34 -29.38 -87.50
CA ALA DA 428 72.08 -30.82 -87.59
C ALA DA 428 71.81 -31.25 -89.02
N GLU DA 429 71.32 -30.35 -89.87
CA GLU DA 429 70.99 -30.68 -91.24
C GLU DA 429 72.22 -30.91 -92.11
N ALA DA 430 73.41 -30.64 -91.60
CA ALA DA 430 74.62 -30.84 -92.40
C ALA DA 430 74.77 -32.30 -92.82
N GLN DA 431 74.69 -33.22 -91.87
CA GLN DA 431 74.73 -34.63 -92.19
C GLN DA 431 73.36 -35.11 -92.63
N ALA DA 432 73.31 -36.36 -93.10
CA ALA DA 432 72.09 -36.96 -93.64
C ALA DA 432 71.49 -36.11 -94.75
N GLY DA 433 72.34 -35.64 -95.65
CA GLY DA 433 71.90 -34.80 -96.75
C GLY DA 433 73.03 -34.41 -97.68
N PRO EA 1 -20.39 -2.64 -45.55
CA PRO EA 1 -20.23 -1.72 -44.42
C PRO EA 1 -20.21 -0.26 -44.86
N THR EA 2 -21.22 0.50 -44.43
CA THR EA 2 -21.28 1.91 -44.81
C THR EA 2 -20.10 2.70 -44.26
N MET EA 3 -19.72 2.44 -43.01
CA MET EA 3 -18.64 3.19 -42.39
C MET EA 3 -17.31 2.94 -43.10
N LEU EA 4 -17.03 1.68 -43.46
CA LEU EA 4 -15.80 1.38 -44.19
C LEU EA 4 -15.80 2.07 -45.55
N GLN EA 5 -16.95 2.04 -46.23
CA GLN EA 5 -17.04 2.69 -47.54
C GLN EA 5 -16.78 4.18 -47.43
N ASP EA 6 -17.39 4.84 -46.44
CA ASP EA 6 -17.17 6.27 -46.26
C ASP EA 6 -15.72 6.57 -45.89
N TRP EA 7 -15.12 5.76 -45.02
CA TRP EA 7 -13.74 5.98 -44.61
C TRP EA 7 -12.79 5.87 -45.80
N TYR EA 8 -13.02 4.88 -46.67
CA TYR EA 8 -12.16 4.72 -47.83
C TYR EA 8 -12.46 5.75 -48.91
N ASN EA 9 -13.70 6.24 -48.98
CA ASN EA 9 -14.06 7.24 -49.98
C ASN EA 9 -13.61 8.65 -49.59
N SER EA 10 -13.38 8.88 -48.30
CA SER EA 10 -13.02 10.22 -47.85
C SER EA 10 -11.73 10.71 -48.50
N GLN EA 11 -10.75 9.83 -48.65
CA GLN EA 11 -9.53 10.20 -49.35
C GLN EA 11 -9.81 10.48 -50.81
N GLY EA 12 -9.20 11.53 -51.33
CA GLY EA 12 -9.42 11.91 -52.72
C GLY EA 12 -8.56 13.08 -53.08
N PHE EA 13 -8.70 13.52 -54.34
CA PHE EA 13 -7.90 14.62 -54.84
C PHE EA 13 -8.17 15.89 -54.04
N ILE EA 14 -7.11 16.63 -53.75
CA ILE EA 14 -7.21 17.82 -52.91
C ILE EA 14 -7.12 19.11 -53.71
N GLY EA 15 -6.31 19.16 -54.77
CA GLY EA 15 -6.19 20.37 -55.55
C GLY EA 15 -4.75 20.83 -55.70
N TYR EA 16 -4.42 21.38 -56.87
CA TYR EA 16 -3.05 21.79 -57.15
C TYR EA 16 -2.61 22.89 -56.20
N GLN EA 17 -3.51 23.83 -55.88
CA GLN EA 17 -3.18 24.86 -54.91
C GLN EA 17 -2.87 24.25 -53.54
N ALA EA 18 -3.67 23.26 -53.13
CA ALA EA 18 -3.42 22.61 -51.84
C ALA EA 18 -2.07 21.92 -51.83
N CYS EA 19 -1.72 21.19 -52.90
CA CYS EA 19 -0.41 20.56 -52.95
C CYS EA 19 0.71 21.60 -52.93
N ALA EA 20 0.52 22.71 -53.63
CA ALA EA 20 1.54 23.75 -53.65
C ALA EA 20 1.77 24.32 -52.26
N ILE EA 21 0.69 24.58 -51.51
CA ILE EA 21 0.85 25.11 -50.16
C ILE EA 21 1.48 24.09 -49.24
N ILE EA 22 1.05 22.83 -49.33
CA ILE EA 22 1.59 21.79 -48.44
C ILE EA 22 3.07 21.53 -48.73
N SER EA 23 3.50 21.74 -49.96
CA SER EA 23 4.88 21.43 -50.33
C SER EA 23 5.90 22.30 -49.62
N GLN EA 24 5.48 23.38 -48.96
CA GLN EA 24 6.44 24.28 -48.30
C GLN EA 24 7.14 23.60 -47.13
N HIS EA 25 6.48 22.66 -46.46
CA HIS EA 25 7.01 22.08 -45.25
C HIS EA 25 8.29 21.30 -45.52
N TRP EA 26 9.19 21.29 -44.51
CA TRP EA 26 10.51 20.72 -44.70
C TRP EA 26 10.48 19.21 -44.88
N LEU EA 27 9.66 18.51 -44.07
CA LEU EA 27 9.64 17.06 -44.14
C LEU EA 27 9.11 16.57 -45.48
N VAL EA 28 8.03 17.18 -45.97
CA VAL EA 28 7.48 16.80 -47.27
C VAL EA 28 8.48 17.08 -48.38
N ASP EA 29 9.15 18.22 -48.30
CA ASP EA 29 10.16 18.56 -49.30
C ASP EA 29 11.28 17.54 -49.32
N LYS EA 30 11.77 17.16 -48.14
CA LYS EA 30 12.83 16.17 -48.06
C LYS EA 30 12.39 14.83 -48.65
N ALA EA 31 11.18 14.39 -48.28
CA ALA EA 31 10.68 13.12 -48.76
C ALA EA 31 10.52 13.11 -50.27
N CYS EA 32 10.03 14.22 -50.83
CA CYS EA 32 9.81 14.29 -52.27
C CYS EA 32 11.11 14.46 -53.05
N SER EA 33 12.14 15.05 -52.44
CA SER EA 33 13.32 15.44 -53.20
C SER EA 33 14.49 14.47 -53.06
N MET EA 34 14.60 13.73 -51.95
CA MET EA 34 15.81 12.95 -51.72
C MET EA 34 15.96 11.80 -52.71
N SER EA 35 14.84 11.15 -53.07
CA SER EA 35 14.92 10.07 -54.05
C SER EA 35 15.42 10.58 -55.40
N GLY EA 36 14.89 11.73 -55.85
CA GLY EA 36 15.38 12.30 -57.09
C GLY EA 36 16.84 12.71 -57.01
N GLU EA 37 17.25 13.27 -55.87
CA GLU EA 37 18.65 13.65 -55.71
C GLU EA 37 19.56 12.43 -55.77
N ASP EA 38 19.16 11.33 -55.15
CA ASP EA 38 20.02 10.15 -55.11
C ASP EA 38 20.05 9.41 -56.44
N ALA EA 39 18.92 9.38 -57.16
CA ALA EA 39 18.83 8.54 -58.35
C ALA EA 39 19.77 9.01 -59.44
N ALA EA 40 19.89 10.31 -59.66
CA ALA EA 40 20.64 10.88 -60.77
C ALA EA 40 21.97 11.46 -60.33
N ARG EA 41 22.67 10.80 -59.40
CA ARG EA 41 23.91 11.32 -58.86
C ARG EA 41 25.16 10.63 -59.42
N ASN EA 42 25.16 9.30 -59.50
CA ASN EA 42 26.34 8.59 -59.99
C ASN EA 42 26.61 8.84 -61.46
N GLY EA 43 25.64 9.37 -62.20
CA GLY EA 43 25.85 9.73 -63.58
C GLY EA 43 25.89 8.53 -64.51
N TRP EA 44 26.15 8.83 -65.78
CA TRP EA 44 26.18 7.83 -66.84
C TRP EA 44 27.28 8.19 -67.83
N GLU EA 45 27.61 7.24 -68.69
CA GLU EA 45 28.61 7.44 -69.73
C GLU EA 45 28.01 7.07 -71.07
N LEU EA 46 28.53 7.70 -72.12
CA LEU EA 46 27.98 7.55 -73.46
C LEU EA 46 28.64 6.37 -74.16
N LYS EA 47 27.82 5.40 -74.58
CA LYS EA 47 28.28 4.26 -75.35
C LYS EA 47 27.51 4.23 -76.66
N SER EA 48 28.22 4.00 -77.77
CA SER EA 48 27.64 4.04 -79.11
C SER EA 48 27.93 2.72 -79.81
N ASP EA 49 26.91 1.84 -79.84
CA ASP EA 49 26.97 0.57 -80.58
C ASP EA 49 28.15 -0.29 -80.11
N GLY EA 50 28.43 -0.27 -78.81
CA GLY EA 50 29.44 -1.12 -78.24
C GLY EA 50 30.87 -0.68 -78.46
N ARG EA 51 31.10 0.51 -79.00
CA ARG EA 51 32.45 1.00 -79.21
C ARG EA 51 32.47 2.50 -78.98
N LYS EA 52 33.67 3.02 -78.73
CA LYS EA 52 33.86 4.44 -78.44
C LYS EA 52 34.19 5.19 -79.72
N LEU EA 53 33.41 6.22 -80.01
CA LEU EA 53 33.57 7.04 -81.20
C LEU EA 53 34.58 8.15 -80.96
N SER EA 54 34.71 9.08 -81.91
CA SER EA 54 35.75 10.08 -81.85
C SER EA 54 35.53 11.06 -80.69
N ASP EA 55 36.60 11.39 -80.00
CA ASP EA 55 36.51 12.17 -78.77
C ASP EA 55 36.13 13.63 -79.01
N GLU EA 56 36.33 14.15 -80.23
CA GLU EA 56 36.01 15.55 -80.48
C GLU EA 56 34.50 15.80 -80.40
N GLN EA 57 33.71 15.00 -81.10
CA GLN EA 57 32.26 15.15 -80.99
C GLN EA 57 31.75 14.66 -79.64
N SER EA 58 32.52 13.82 -78.95
CA SER EA 58 32.19 13.50 -77.57
C SER EA 58 32.29 14.74 -76.69
N ALA EA 59 33.35 15.52 -76.87
CA ALA EA 59 33.46 16.80 -76.16
C ALA EA 59 32.38 17.77 -76.61
N LEU EA 60 31.98 17.69 -77.87
CA LEU EA 60 30.84 18.48 -78.34
C LEU EA 60 29.58 18.14 -77.55
N ILE EA 61 29.30 16.85 -77.38
CA ILE EA 61 28.16 16.41 -76.59
C ILE EA 61 28.31 16.87 -75.15
N ALA EA 62 29.54 16.81 -74.62
CA ALA EA 62 29.78 17.22 -73.24
C ALA EA 62 29.46 18.70 -73.03
N ARG EA 63 29.92 19.56 -73.95
CA ARG EA 63 29.67 20.99 -73.78
C ARG EA 63 28.20 21.31 -74.02
N ARG EA 64 27.53 20.60 -74.94
CA ARG EA 64 26.09 20.77 -75.07
C ARG EA 64 25.35 20.38 -73.80
N ASP EA 65 25.75 19.28 -73.18
CA ASP EA 65 25.11 18.85 -71.94
C ASP EA 65 25.33 19.86 -70.82
N MET EA 66 26.57 20.32 -70.65
CA MET EA 66 26.86 21.30 -69.61
C MET EA 66 26.09 22.59 -69.85
N GLU EA 67 25.99 23.02 -71.12
CA GLU EA 67 25.24 24.24 -71.44
C GLU EA 67 23.75 24.05 -71.19
N PHE EA 68 23.22 22.88 -71.50
CA PHE EA 68 21.78 22.66 -71.52
C PHE EA 68 21.22 22.17 -70.19
N ARG EA 69 22.05 22.03 -69.16
CA ARG EA 69 21.65 21.76 -67.78
C ARG EA 69 20.70 20.55 -67.71
N VAL EA 70 21.24 19.39 -68.11
CA VAL EA 70 20.44 18.17 -68.13
C VAL EA 70 20.14 17.69 -66.72
N LYS EA 71 21.16 17.70 -65.85
CA LYS EA 71 21.00 17.10 -64.52
C LYS EA 71 19.99 17.87 -63.68
N ASP EA 72 20.08 19.20 -63.68
CA ASP EA 72 19.13 20.00 -62.92
C ASP EA 72 17.72 19.83 -63.43
N ASN EA 73 17.56 19.77 -64.75
CA ASN EA 73 16.24 19.54 -65.32
C ASN EA 73 15.69 18.19 -64.89
N LEU EA 74 16.55 17.15 -64.89
CA LEU EA 74 16.10 15.83 -64.49
C LEU EA 74 15.66 15.80 -63.03
N VAL EA 75 16.46 16.42 -62.15
CA VAL EA 75 16.15 16.43 -60.73
C VAL EA 75 14.85 17.19 -60.46
N GLU EA 76 14.69 18.36 -61.11
CA GLU EA 76 13.46 19.12 -60.95
C GLU EA 76 12.27 18.34 -61.48
N LEU EA 77 12.46 17.62 -62.60
CA LEU EA 77 11.39 16.79 -63.14
C LEU EA 77 10.93 15.77 -62.12
N ASN EA 78 11.88 15.03 -61.53
CA ASN EA 78 11.51 14.03 -60.54
C ASN EA 78 10.85 14.65 -59.32
N ARG EA 79 11.38 15.77 -58.84
CA ARG EA 79 10.85 16.39 -57.63
C ARG EA 79 9.40 16.85 -57.84
N PHE EA 80 9.14 17.55 -58.95
CA PHE EA 80 7.80 18.06 -59.16
C PHE EA 80 6.85 16.97 -59.63
N LYS EA 81 7.37 15.90 -60.23
CA LYS EA 81 6.54 14.72 -60.48
C LYS EA 81 6.08 14.12 -59.16
N ASN EA 82 6.96 14.04 -58.17
CA ASN EA 82 6.56 13.52 -56.87
C ASN EA 82 5.56 14.43 -56.20
N VAL EA 83 5.79 15.75 -56.24
CA VAL EA 83 4.92 16.65 -55.48
C VAL EA 83 3.56 16.82 -56.15
N PHE EA 84 3.50 16.79 -57.48
CA PHE EA 84 2.26 17.07 -58.19
C PHE EA 84 1.59 15.84 -58.79
N GLY EA 85 2.36 14.83 -59.17
CA GLY EA 85 1.78 13.65 -59.80
C GLY EA 85 2.04 13.60 -61.29
N VAL EA 86 2.05 14.75 -61.94
CA VAL EA 86 2.30 14.84 -63.37
C VAL EA 86 3.26 15.99 -63.63
N ARG EA 87 4.22 15.76 -64.53
CA ARG EA 87 5.11 16.81 -65.00
C ARG EA 87 5.24 16.67 -66.51
N ILE EA 88 5.28 17.81 -67.20
CA ILE EA 88 5.31 17.86 -68.65
C ILE EA 88 6.64 18.46 -69.09
N ALA EA 89 7.33 17.77 -69.99
CA ALA EA 89 8.59 18.22 -70.55
C ALA EA 89 8.40 18.49 -72.04
N LEU EA 90 8.80 19.69 -72.48
CA LEU EA 90 8.67 20.12 -73.86
C LEU EA 90 10.05 20.42 -74.43
N PHE EA 91 10.34 19.85 -75.59
CA PHE EA 91 11.61 20.12 -76.29
C PHE EA 91 11.41 21.30 -77.22
N VAL EA 92 12.13 22.38 -76.96
CA VAL EA 92 11.98 23.61 -77.74
C VAL EA 92 12.78 23.46 -79.03
N VAL EA 93 12.07 23.44 -80.16
CA VAL EA 93 12.69 23.33 -81.48
C VAL EA 93 12.16 24.48 -82.34
N GLU EA 94 13.07 25.23 -82.93
CA GLU EA 94 12.72 26.37 -83.76
C GLU EA 94 12.89 26.01 -85.24
N SER EA 95 11.83 26.19 -86.02
CA SER EA 95 11.86 25.87 -87.43
C SER EA 95 10.95 26.86 -88.16
N ASP EA 96 10.75 26.63 -89.45
CA ASP EA 96 9.92 27.49 -90.28
C ASP EA 96 8.46 27.04 -90.35
N ASP EA 97 8.14 25.89 -89.79
CA ASP EA 97 6.77 25.37 -89.83
C ASP EA 97 5.90 26.15 -88.85
N PRO EA 98 4.85 26.83 -89.30
CA PRO EA 98 4.04 27.63 -88.37
C PRO EA 98 3.30 26.80 -87.32
N ASP EA 99 3.02 25.53 -87.60
CA ASP EA 99 2.28 24.66 -86.69
C ASP EA 99 2.97 23.29 -86.59
N TYR EA 100 4.29 23.31 -86.40
CA TYR EA 100 5.04 22.07 -86.32
C TYR EA 100 4.60 21.22 -85.13
N TYR EA 101 4.41 21.85 -83.97
CA TYR EA 101 4.01 21.10 -82.78
C TYR EA 101 2.60 20.52 -82.92
N GLU EA 102 1.75 21.15 -83.73
CA GLU EA 102 0.40 20.64 -83.91
C GLU EA 102 0.40 19.35 -84.72
N LYS EA 103 1.31 19.22 -85.67
CA LYS EA 103 1.41 17.99 -86.45
C LYS EA 103 2.02 16.88 -85.61
N PRO EA 104 1.75 15.62 -85.95
CA PRO EA 104 2.40 14.51 -85.24
C PRO EA 104 3.90 14.52 -85.46
N PHE EA 105 4.62 13.95 -84.49
CA PHE EA 105 6.08 14.01 -84.50
C PHE EA 105 6.65 13.24 -85.69
N ASN EA 106 7.65 13.82 -86.33
CA ASN EA 106 8.38 13.19 -87.41
C ASN EA 106 9.87 13.46 -87.24
N PRO EA 107 10.67 12.43 -86.91
CA PRO EA 107 12.11 12.66 -86.70
C PRO EA 107 12.85 13.16 -87.93
N ASP EA 108 12.31 12.94 -89.13
CA ASP EA 108 12.98 13.36 -90.36
C ASP EA 108 12.98 14.85 -90.56
N GLY EA 109 12.17 15.60 -89.80
CA GLY EA 109 12.05 17.03 -89.96
C GLY EA 109 12.98 17.87 -89.11
N VAL EA 110 14.05 17.29 -88.57
CA VAL EA 110 14.95 18.01 -87.68
C VAL EA 110 15.90 18.86 -88.50
N THR EA 111 15.90 20.17 -88.25
CA THR EA 111 16.77 21.18 -88.82
C THR EA 111 18.06 21.29 -88.02
N PRO EA 112 19.22 21.30 -88.67
CA PRO EA 112 20.48 21.47 -87.93
C PRO EA 112 20.49 22.78 -87.15
N GLY EA 113 20.81 22.67 -85.85
CA GLY EA 113 20.84 23.82 -84.98
C GLY EA 113 19.49 24.26 -84.45
N SER EA 114 18.41 23.55 -84.78
CA SER EA 114 17.08 23.95 -84.34
C SER EA 114 16.85 23.64 -82.85
N TYR EA 115 17.57 22.68 -82.30
CA TYR EA 115 17.37 22.28 -80.91
C TYR EA 115 17.93 23.34 -79.98
N LYS EA 116 17.13 23.74 -78.99
CA LYS EA 116 17.49 24.86 -78.12
C LYS EA 116 17.62 24.48 -76.65
N GLY EA 117 16.72 23.68 -76.11
CA GLY EA 117 16.80 23.34 -74.70
C GLY EA 117 15.57 22.58 -74.22
N ILE EA 118 15.42 22.55 -72.90
CA ILE EA 118 14.36 21.79 -72.23
C ILE EA 118 13.50 22.75 -71.43
N SER EA 119 12.18 22.66 -71.61
CA SER EA 119 11.24 23.49 -70.88
C SER EA 119 10.26 22.59 -70.12
N GLN EA 120 9.97 22.97 -68.88
CA GLN EA 120 9.04 22.24 -68.03
C GLN EA 120 7.91 23.17 -67.62
N ILE EA 121 6.70 22.63 -67.60
CA ILE EA 121 5.49 23.42 -67.39
C ILE EA 121 4.74 22.87 -66.19
N ASP EA 122 4.36 23.77 -65.27
CA ASP EA 122 3.57 23.38 -64.13
C ASP EA 122 2.18 22.91 -64.58
N PRO EA 123 1.55 22.01 -63.82
CA PRO EA 123 0.26 21.45 -64.28
C PRO EA 123 -0.84 22.48 -64.42
N TYR EA 124 -0.83 23.57 -63.65
CA TYR EA 124 -1.89 24.55 -63.76
C TYR EA 124 -1.74 25.47 -64.97
N TRP EA 125 -0.61 25.44 -65.66
CA TRP EA 125 -0.46 26.18 -66.90
C TRP EA 125 -0.92 25.39 -68.12
N ALA EA 126 -1.11 24.08 -67.99
CA ALA EA 126 -1.47 23.22 -69.10
C ALA EA 126 -2.84 22.60 -68.86
N MET EA 127 -3.64 22.52 -69.91
CA MET EA 127 -4.97 21.92 -69.86
C MET EA 127 -5.08 20.87 -70.95
N PRO EA 128 -5.15 19.58 -70.61
CA PRO EA 128 -5.21 18.55 -71.65
C PRO EA 128 -6.53 18.58 -72.39
N GLN EA 129 -6.48 18.12 -73.64
CA GLN EA 129 -7.64 18.04 -74.51
C GLN EA 129 -7.85 16.61 -74.96
N LEU EA 130 -9.10 16.15 -74.89
CA LEU EA 130 -9.47 14.78 -75.25
C LEU EA 130 -10.31 14.79 -76.51
N THR EA 131 -9.96 13.93 -77.45
CA THR EA 131 -10.68 13.82 -78.72
C THR EA 131 -11.58 12.58 -78.72
N ALA EA 132 -12.45 12.52 -79.74
CA ALA EA 132 -13.36 11.39 -79.85
C ALA EA 132 -12.62 10.08 -80.13
N GLY EA 133 -11.48 10.16 -80.81
CA GLY EA 133 -10.74 8.95 -81.12
C GLY EA 133 -10.20 8.26 -79.88
N SER EA 134 -9.69 9.04 -78.93
CA SER EA 134 -9.15 8.44 -77.70
C SER EA 134 -10.24 7.86 -76.81
N THR EA 135 -11.48 8.30 -76.96
CA THR EA 135 -12.60 7.80 -76.16
C THR EA 135 -13.55 6.95 -77.00
N ALA EA 136 -13.02 6.23 -77.99
CA ALA EA 136 -13.88 5.45 -78.88
C ALA EA 136 -14.32 4.15 -78.23
N ASP EA 137 -13.38 3.28 -77.88
CA ASP EA 137 -13.70 1.99 -77.30
C ASP EA 137 -12.50 1.47 -76.52
N PRO EA 138 -12.71 0.70 -75.45
CA PRO EA 138 -11.57 0.21 -74.66
C PRO EA 138 -10.65 -0.71 -75.44
N SER EA 139 -11.10 -1.29 -76.55
CA SER EA 139 -10.22 -2.12 -77.36
C SER EA 139 -9.08 -1.32 -77.99
N SER EA 140 -9.22 0.00 -78.08
CA SER EA 140 -8.16 0.84 -78.60
C SER EA 140 -7.01 0.91 -77.62
N GLU EA 141 -5.78 0.80 -78.13
CA GLU EA 141 -4.60 0.86 -77.28
C GLU EA 141 -4.37 2.24 -76.68
N HIS EA 142 -5.04 3.27 -77.21
CA HIS EA 142 -4.84 4.64 -76.80
C HIS EA 142 -6.08 5.21 -76.12
N PHE EA 143 -6.65 4.45 -75.20
CA PHE EA 143 -7.91 4.83 -74.57
C PHE EA 143 -7.64 5.62 -73.29
N TYR EA 144 -8.20 6.83 -73.22
CA TYR EA 144 -8.10 7.70 -72.05
C TYR EA 144 -6.67 8.19 -71.78
N GLU EA 145 -6.00 8.67 -72.82
CA GLU EA 145 -4.91 9.62 -72.65
C GLU EA 145 -5.04 10.71 -73.69
N PRO EA 146 -4.91 11.98 -73.32
CA PRO EA 146 -5.22 13.06 -74.26
C PRO EA 146 -4.28 13.08 -75.46
N ASP EA 147 -4.82 13.50 -76.60
CA ASP EA 147 -3.99 13.70 -77.79
C ASP EA 147 -3.25 15.03 -77.75
N PHE EA 148 -3.93 16.09 -77.27
CA PHE EA 148 -3.36 17.42 -77.28
C PHE EA 148 -3.40 18.02 -75.88
N TRP EA 149 -2.37 18.80 -75.56
CA TRP EA 149 -2.33 19.61 -74.34
C TRP EA 149 -2.30 21.07 -74.73
N ILE EA 150 -3.21 21.86 -74.18
CA ILE EA 150 -3.27 23.30 -74.44
C ILE EA 150 -2.47 24.01 -73.36
N ILE EA 151 -1.44 24.75 -73.79
CA ILE EA 151 -0.58 25.50 -72.88
C ILE EA 151 -0.66 26.96 -73.31
N SER EA 152 -1.41 27.76 -72.55
CA SER EA 152 -1.56 29.20 -72.78
C SER EA 152 -2.06 29.49 -74.20
N GLY EA 153 -3.05 28.71 -74.63
CA GLY EA 153 -3.70 28.96 -75.90
C GLY EA 153 -3.02 28.38 -77.12
N LYS EA 154 -2.09 27.45 -76.95
CA LYS EA 154 -1.45 26.78 -78.08
C LYS EA 154 -1.61 25.27 -77.96
N LYS EA 155 -1.85 24.62 -79.09
CA LYS EA 155 -2.13 23.21 -79.14
C LYS EA 155 -0.87 22.43 -79.48
N TYR EA 156 -0.55 21.44 -78.66
CA TYR EA 156 0.63 20.59 -78.84
C TYR EA 156 0.20 19.13 -78.90
N HIS EA 157 0.78 18.38 -79.84
CA HIS EA 157 0.44 16.98 -79.96
C HIS EA 157 1.09 16.16 -78.85
N ARG EA 158 0.52 14.98 -78.60
CA ARG EA 158 1.01 14.11 -77.53
C ARG EA 158 2.43 13.62 -77.82
N SER EA 159 2.72 13.30 -79.07
CA SER EA 159 4.01 12.73 -79.41
C SER EA 159 5.15 13.69 -79.10
N HIS EA 160 4.95 14.98 -79.36
CA HIS EA 160 5.99 15.97 -79.08
C HIS EA 160 6.24 16.17 -77.60
N LEU EA 161 5.36 15.67 -76.73
CA LEU EA 161 5.46 15.87 -75.30
C LEU EA 161 5.88 14.59 -74.60
N VAL EA 162 6.54 14.74 -73.45
CA VAL EA 162 6.92 13.64 -72.59
C VAL EA 162 6.22 13.84 -71.25
N VAL EA 163 5.35 12.91 -70.89
CA VAL EA 163 4.53 13.02 -69.68
C VAL EA 163 4.85 11.84 -68.77
N VAL EA 164 5.09 12.15 -67.49
CA VAL EA 164 5.39 11.14 -66.49
C VAL EA 164 4.34 11.22 -65.39
N ARG EA 165 3.84 10.06 -64.98
CA ARG EA 165 2.80 9.97 -63.98
C ARG EA 165 3.23 9.04 -62.86
N GLY EA 166 2.63 9.23 -61.68
CA GLY EA 166 2.89 8.38 -60.55
C GLY EA 166 2.04 7.13 -60.59
N PRO EA 167 1.37 6.81 -59.49
CA PRO EA 167 0.44 5.69 -59.50
C PRO EA 167 -0.67 5.91 -60.52
N GLN EA 168 -1.07 4.82 -61.18
CA GLN EA 168 -2.02 4.93 -62.27
C GLN EA 168 -3.39 4.45 -61.81
N PRO EA 169 -4.35 5.35 -61.61
CA PRO EA 169 -5.69 4.92 -61.18
C PRO EA 169 -6.43 4.25 -62.32
N PRO EA 170 -7.51 3.53 -62.02
CA PRO EA 170 -8.31 2.93 -63.09
C PRO EA 170 -9.00 4.00 -63.92
N ASP EA 171 -9.56 3.55 -65.06
CA ASP EA 171 -10.17 4.47 -66.01
C ASP EA 171 -11.32 5.26 -65.38
N ILE EA 172 -11.99 4.68 -64.38
CA ILE EA 172 -13.14 5.35 -63.79
C ILE EA 172 -12.71 6.60 -63.02
N LEU EA 173 -11.54 6.53 -62.37
CA LEU EA 173 -11.06 7.66 -61.56
C LEU EA 173 -10.09 8.56 -62.31
N LYS EA 174 -9.71 8.21 -63.54
CA LYS EA 174 -8.80 9.07 -64.29
C LYS EA 174 -9.33 10.49 -64.51
N PRO EA 175 -10.60 10.71 -64.88
CA PRO EA 175 -11.07 12.10 -64.99
C PRO EA 175 -10.98 12.89 -63.70
N THR EA 176 -11.12 12.22 -62.55
CA THR EA 176 -11.04 12.93 -61.27
C THR EA 176 -9.65 13.54 -61.07
N TYR EA 177 -8.60 12.78 -61.39
CA TYR EA 177 -7.23 13.25 -61.23
C TYR EA 177 -6.71 13.94 -62.48
N ILE EA 178 -7.60 14.29 -63.41
CA ILE EA 178 -7.25 15.00 -64.64
C ILE EA 178 -6.23 14.15 -65.39
N PHE EA 179 -6.55 12.87 -65.56
CA PHE EA 179 -5.70 11.93 -66.30
C PHE EA 179 -4.26 11.95 -65.79
N GLY EA 180 -4.13 11.90 -64.47
CA GLY EA 180 -2.82 11.98 -63.86
C GLY EA 180 -2.57 10.99 -62.74
N GLY EA 181 -1.40 11.10 -62.11
CA GLY EA 181 -1.02 10.21 -61.03
C GLY EA 181 -1.57 10.66 -59.69
N ILE EA 182 -1.12 9.98 -58.65
CA ILE EA 182 -1.56 10.24 -57.28
C ILE EA 182 -0.50 11.09 -56.60
N PRO EA 183 -0.81 12.32 -56.21
CA PRO EA 183 0.18 13.14 -55.51
C PRO EA 183 0.60 12.53 -54.18
N LEU EA 184 1.88 12.70 -53.84
CA LEU EA 184 2.39 12.23 -52.56
C LEU EA 184 1.91 13.12 -51.42
N THR EA 185 1.63 14.39 -51.70
CA THR EA 185 1.25 15.32 -50.64
C THR EA 185 -0.04 14.88 -49.95
N GLN EA 186 -1.04 14.48 -50.74
CA GLN EA 186 -2.28 14.02 -50.13
C GLN EA 186 -2.11 12.71 -49.38
N ARG EA 187 -1.05 11.97 -49.69
CA ARG EA 187 -0.79 10.70 -49.00
C ARG EA 187 0.11 10.86 -47.79
N ILE EA 188 0.72 12.02 -47.60
CA ILE EA 188 1.67 12.20 -46.50
C ILE EA 188 1.33 13.35 -45.57
N TYR EA 189 0.44 14.28 -45.95
CA TYR EA 189 0.30 15.52 -45.19
C TYR EA 189 -0.32 15.27 -43.82
N GLU EA 190 -1.36 14.44 -43.74
CA GLU EA 190 -2.02 14.22 -42.46
C GLU EA 190 -1.09 13.52 -41.47
N ARG EA 191 -0.33 12.53 -41.92
CA ARG EA 191 0.60 11.85 -41.04
C ARG EA 191 1.73 12.79 -40.61
N VAL EA 192 2.21 13.62 -41.54
CA VAL EA 192 3.24 14.59 -41.19
C VAL EA 192 2.73 15.54 -40.12
N TYR EA 193 1.50 16.03 -40.27
CA TYR EA 193 0.93 16.93 -39.27
C TYR EA 193 0.79 16.24 -37.92
N ALA EA 194 0.31 15.00 -37.93
CA ALA EA 194 0.16 14.27 -36.67
C ALA EA 194 1.49 14.12 -35.96
N ALA EA 195 2.52 13.68 -36.69
CA ALA EA 195 3.83 13.50 -36.07
C ALA EA 195 4.39 14.81 -35.56
N GLU EA 196 4.28 15.89 -36.35
CA GLU EA 196 4.85 17.17 -35.94
C GLU EA 196 4.14 17.73 -34.71
N ARG EA 197 2.81 17.67 -34.69
CA ARG EA 197 2.08 18.18 -33.53
C ARG EA 197 2.36 17.36 -32.29
N THR EA 198 2.44 16.03 -32.44
CA THR EA 198 2.77 15.18 -31.29
C THR EA 198 4.15 15.51 -30.75
N ALA EA 199 5.12 15.73 -31.65
CA ALA EA 199 6.46 16.11 -31.20
C ALA EA 199 6.44 17.46 -30.49
N ASN EA 200 5.67 18.42 -31.01
CA ASN EA 200 5.63 19.74 -30.41
C ASN EA 200 4.93 19.75 -29.07
N GLU EA 201 4.01 18.81 -28.83
CA GLU EA 201 3.23 18.83 -27.60
C GLU EA 201 4.10 18.59 -26.37
N ALA EA 202 5.08 17.68 -26.46
CA ALA EA 202 5.81 17.24 -25.27
C ALA EA 202 6.55 18.37 -24.55
N PRO EA 203 7.34 19.21 -25.23
CA PRO EA 203 8.06 20.26 -24.48
C PRO EA 203 7.14 21.22 -23.74
N LEU EA 204 5.95 21.50 -24.29
CA LEU EA 204 5.04 22.40 -23.61
C LEU EA 204 4.51 21.80 -22.31
N LEU EA 205 4.13 20.52 -22.35
CA LEU EA 205 3.72 19.84 -21.12
C LEU EA 205 4.88 19.77 -20.13
N ALA EA 206 6.11 19.61 -20.64
CA ALA EA 206 7.26 19.66 -19.75
C ALA EA 206 7.38 21.03 -19.09
N MET EA 207 7.09 22.09 -19.84
CA MET EA 207 7.10 23.43 -19.28
C MET EA 207 6.04 23.58 -18.19
N SER EA 208 4.89 22.95 -18.37
CA SER EA 208 3.79 23.02 -17.39
C SER EA 208 3.71 21.78 -16.53
N LYS EA 209 4.86 21.21 -16.14
CA LYS EA 209 4.88 19.92 -15.46
C LYS EA 209 4.32 20.00 -14.05
N ARG EA 210 4.77 20.99 -13.27
CA ARG EA 210 4.50 21.03 -11.84
C ARG EA 210 3.47 22.12 -11.51
N THR EA 211 2.54 21.77 -10.63
CA THR EA 211 1.50 22.70 -10.19
C THR EA 211 1.47 22.71 -8.66
N SER EA 212 1.41 23.91 -8.07
CA SER EA 212 1.39 24.07 -6.63
C SER EA 212 0.16 24.86 -6.21
N THR EA 213 -0.47 24.44 -5.11
CA THR EA 213 -1.66 25.10 -4.59
C THR EA 213 -1.55 25.24 -3.08
N ILE EA 214 -2.23 26.26 -2.55
CA ILE EA 214 -2.36 26.45 -1.11
C ILE EA 214 -3.81 26.83 -0.81
N HIS EA 215 -4.34 26.31 0.29
CA HIS EA 215 -5.68 26.61 0.76
C HIS EA 215 -5.57 27.58 1.93
N VAL EA 216 -6.17 28.77 1.78
CA VAL EA 216 -6.17 29.78 2.82
C VAL EA 216 -7.59 30.29 2.99
N ASP EA 217 -7.77 31.21 3.93
CA ASP EA 217 -9.05 31.88 4.16
C ASP EA 217 -9.12 33.05 3.18
N VAL EA 218 -9.75 32.81 2.02
CA VAL EA 218 -9.78 33.81 0.96
C VAL EA 218 -10.52 35.06 1.41
N GLU EA 219 -11.50 34.91 2.31
CA GLU EA 219 -12.26 36.06 2.79
C GLU EA 219 -11.34 37.08 3.44
N LYS EA 220 -10.46 36.63 4.35
CA LYS EA 220 -9.50 37.54 4.97
C LYS EA 220 -8.53 38.11 3.95
N ALA EA 221 -8.13 37.29 2.97
CA ALA EA 221 -7.19 37.76 1.95
C ALA EA 221 -7.78 38.91 1.15
N ILE EA 222 -9.05 38.80 0.76
CA ILE EA 222 -9.70 39.89 0.03
C ILE EA 222 -10.15 41.02 0.94
N ALA EA 223 -10.17 40.80 2.26
CA ALA EA 223 -10.49 41.89 3.17
C ALA EA 223 -9.49 43.03 3.02
N ASN EA 224 -8.20 42.70 2.98
CA ASN EA 224 -7.17 43.72 2.71
C ASN EA 224 -6.01 43.04 1.97
N GLU EA 225 -6.07 43.09 0.65
CA GLU EA 225 -4.99 42.61 -0.19
C GLU EA 225 -4.00 43.75 -0.45
N GLU EA 226 -3.11 43.57 -1.43
CA GLU EA 226 -2.00 44.42 -1.79
C GLU EA 226 -0.85 44.26 -0.80
N ALA EA 227 -1.07 43.60 0.33
CA ALA EA 227 -0.01 43.11 1.20
C ALA EA 227 0.14 41.59 1.12
N PHE EA 228 -0.99 40.89 1.02
CA PHE EA 228 -0.95 39.45 0.72
C PHE EA 228 -0.25 39.20 -0.61
N ASN EA 229 -0.59 39.98 -1.63
CA ASN EA 229 0.06 39.84 -2.93
C ASN EA 229 1.54 40.15 -2.83
N ALA EA 230 1.91 41.17 -2.05
CA ALA EA 230 3.32 41.51 -1.90
C ALA EA 230 4.10 40.38 -1.25
N ARG EA 231 3.54 39.79 -0.18
CA ARG EA 231 4.22 38.70 0.50
C ARG EA 231 4.37 37.48 -0.40
N LEU EA 232 3.30 37.14 -1.13
CA LEU EA 232 3.37 35.99 -2.02
C LEU EA 232 4.36 36.24 -3.16
N ALA EA 233 4.40 37.46 -3.68
CA ALA EA 233 5.36 37.80 -4.72
C ALA EA 233 6.79 37.70 -4.20
N PHE EA 234 7.01 38.13 -2.96
CA PHE EA 234 8.33 37.98 -2.36
C PHE EA 234 8.71 36.51 -2.25
N TRP EA 235 7.77 35.66 -1.83
CA TRP EA 235 8.05 34.24 -1.73
C TRP EA 235 8.41 33.66 -3.10
N ILE EA 236 7.64 34.03 -4.14
CA ILE EA 236 7.93 33.51 -5.47
C ILE EA 236 9.29 34.00 -5.96
N ALA EA 237 9.61 35.26 -5.69
CA ALA EA 237 10.87 35.82 -6.15
C ALA EA 237 12.06 35.15 -5.48
N ASN EA 238 11.95 34.86 -4.18
CA ASN EA 238 13.05 34.27 -3.43
C ASN EA 238 12.86 32.79 -3.15
N ARG EA 239 12.15 32.08 -4.02
CA ARG EA 239 11.88 30.67 -3.79
C ARG EA 239 13.05 29.80 -4.24
N ASP EA 240 13.39 28.83 -3.41
CA ASP EA 240 14.41 27.83 -3.72
C ASP EA 240 14.37 26.77 -2.64
N ASN EA 241 15.29 25.82 -2.73
CA ASN EA 241 15.50 24.88 -1.64
C ASN EA 241 16.27 25.57 -0.51
N HIS EA 242 16.29 24.92 0.65
CA HIS EA 242 16.83 25.42 1.91
C HIS EA 242 15.97 26.52 2.52
N GLY EA 243 14.88 26.89 1.89
CA GLY EA 243 13.97 27.89 2.43
C GLY EA 243 12.77 27.26 3.09
N VAL EA 244 12.22 27.96 4.07
CA VAL EA 244 11.08 27.46 4.85
C VAL EA 244 9.90 28.41 4.66
N LYS EA 245 8.73 27.83 4.46
CA LYS EA 245 7.48 28.58 4.32
C LYS EA 245 6.66 28.39 5.59
N VAL EA 246 6.19 29.50 6.17
CA VAL EA 246 5.42 29.48 7.39
C VAL EA 246 3.95 29.67 7.05
N LEU EA 247 3.10 28.78 7.57
CA LEU EA 247 1.67 28.82 7.31
C LEU EA 247 0.91 28.70 8.61
N GLY EA 248 -0.38 29.04 8.56
CA GLY EA 248 -1.24 28.89 9.71
C GLY EA 248 -1.66 27.46 9.93
N ILE EA 249 -2.31 27.24 11.08
CA ILE EA 249 -2.71 25.88 11.44
C ILE EA 249 -3.86 25.38 10.58
N ASP EA 250 -4.67 26.29 10.04
CA ASP EA 250 -5.83 25.89 9.24
C ASP EA 250 -5.55 25.89 7.74
N GLU EA 251 -4.32 26.18 7.33
CA GLU EA 251 -3.96 26.20 5.92
C GLU EA 251 -3.31 24.88 5.51
N GLY EA 252 -3.10 24.73 4.21
CA GLY EA 252 -2.44 23.55 3.68
C GLY EA 252 -1.90 23.82 2.29
N MET EA 253 -0.88 23.04 1.93
CA MET EA 253 -0.24 23.17 0.63
C MET EA 253 -0.11 21.80 -0.03
N GLU EA 254 -0.30 21.77 -1.34
CA GLU EA 254 -0.31 20.53 -2.08
C GLU EA 254 0.29 20.76 -3.46
N GLN EA 255 1.01 19.75 -3.96
CA GLN EA 255 1.66 19.83 -5.26
C GLN EA 255 1.23 18.66 -6.14
N PHE EA 256 1.37 18.85 -7.45
CA PHE EA 256 1.01 17.84 -8.44
C PHE EA 256 2.11 17.78 -9.49
N ASP EA 257 2.19 16.63 -10.16
CA ASP EA 257 3.18 16.43 -11.20
C ASP EA 257 2.63 15.51 -12.28
N THR EA 258 3.26 15.54 -13.44
CA THR EA 258 2.81 14.79 -14.61
C THR EA 258 3.93 13.88 -15.09
N ASN EA 259 3.56 12.66 -15.48
CA ASN EA 259 4.51 11.68 -15.98
C ASN EA 259 4.60 11.82 -17.50
N LEU EA 260 5.81 12.06 -18.00
CA LEU EA 260 6.05 12.31 -19.42
C LEU EA 260 7.00 11.27 -20.00
N ALA EA 261 6.80 10.00 -19.66
CA ALA EA 261 7.67 8.92 -20.09
C ALA EA 261 7.04 8.06 -21.19
N ASP EA 262 6.07 8.61 -21.93
CA ASP EA 262 5.37 7.86 -22.96
C ASP EA 262 5.42 8.50 -24.33
N PHE EA 263 5.86 9.76 -24.44
CA PHE EA 263 5.77 10.47 -25.72
C PHE EA 263 6.75 9.91 -26.75
N ASP EA 264 7.91 9.43 -26.30
CA ASP EA 264 8.98 9.04 -27.22
C ASP EA 264 8.53 7.93 -28.17
N SER EA 265 7.90 6.89 -27.63
CA SER EA 265 7.48 5.77 -28.46
C SER EA 265 6.48 6.22 -29.52
N ILE EA 266 5.54 7.08 -29.13
CA ILE EA 266 4.55 7.59 -30.08
C ILE EA 266 5.24 8.38 -31.17
N ILE EA 267 6.18 9.25 -30.81
CA ILE EA 267 6.86 10.08 -31.80
C ILE EA 267 7.62 9.21 -32.80
N MET EA 268 8.38 8.23 -32.30
CA MET EA 268 9.14 7.39 -33.21
C MET EA 268 8.24 6.51 -34.07
N ASN EA 269 7.13 6.02 -33.52
CA ASN EA 269 6.20 5.26 -34.35
C ASN EA 269 5.64 6.12 -35.48
N GLN EA 270 5.26 7.36 -35.17
CA GLN EA 270 4.75 8.25 -36.20
C GLN EA 270 5.80 8.53 -37.26
N TYR EA 271 7.04 8.78 -36.85
CA TYR EA 271 8.08 9.07 -37.83
C TYR EA 271 8.43 7.85 -38.66
N GLN EA 272 8.38 6.66 -38.06
CA GLN EA 272 8.59 5.43 -38.82
C GLN EA 272 7.52 5.26 -39.87
N LEU EA 273 6.26 5.54 -39.52
CA LEU EA 273 5.19 5.46 -40.50
C LEU EA 273 5.39 6.49 -41.62
N VAL EA 274 5.82 7.70 -41.26
CA VAL EA 274 6.06 8.74 -42.27
C VAL EA 274 7.14 8.28 -43.23
N ALA EA 275 8.24 7.73 -42.71
CA ALA EA 275 9.29 7.20 -43.58
C ALA EA 275 8.79 6.03 -44.41
N ALA EA 276 7.87 5.24 -43.87
CA ALA EA 276 7.30 4.13 -44.64
C ALA EA 276 6.51 4.63 -45.83
N ILE EA 277 5.76 5.71 -45.65
CA ILE EA 277 4.95 6.23 -46.75
C ILE EA 277 5.84 6.67 -47.91
N ALA EA 278 6.94 7.34 -47.61
CA ALA EA 278 7.83 7.90 -48.63
C ALA EA 278 8.68 6.84 -49.33
N LYS EA 279 8.59 5.58 -48.92
CA LYS EA 279 9.39 4.50 -49.52
C LYS EA 279 10.89 4.78 -49.40
N THR EA 280 11.29 5.41 -48.30
CA THR EA 280 12.67 5.75 -48.04
C THR EA 280 13.01 5.40 -46.60
N PRO EA 281 14.17 4.78 -46.34
CA PRO EA 281 14.51 4.41 -44.97
C PRO EA 281 14.58 5.63 -44.06
N ALA EA 282 14.10 5.44 -42.82
CA ALA EA 282 14.10 6.52 -41.84
C ALA EA 282 15.51 6.98 -41.47
N THR EA 283 16.51 6.12 -41.65
CA THR EA 283 17.88 6.48 -41.32
C THR EA 283 18.40 7.63 -42.16
N LYS EA 284 17.71 7.97 -43.25
CA LYS EA 284 18.08 9.11 -44.08
C LYS EA 284 17.16 10.31 -43.89
N LEU EA 285 15.87 10.09 -43.61
CA LEU EA 285 14.98 11.21 -43.32
C LEU EA 285 15.32 11.85 -41.98
N LEU EA 286 15.47 11.04 -40.94
CA LEU EA 286 15.76 11.58 -39.61
C LEU EA 286 17.24 11.51 -39.26
N GLY EA 287 18.00 10.66 -39.94
CA GLY EA 287 19.42 10.52 -39.68
C GLY EA 287 19.78 9.34 -38.80
N THR EA 288 18.81 8.68 -38.18
CA THR EA 288 19.10 7.55 -37.30
C THR EA 288 17.85 6.67 -37.24
N SER EA 289 18.06 5.40 -36.92
CA SER EA 289 16.93 4.51 -36.72
C SER EA 289 16.10 4.99 -35.52
N PRO EA 290 14.78 4.88 -35.57
CA PRO EA 290 13.95 5.37 -34.47
C PRO EA 290 14.17 4.57 -33.20
N LYS EA 291 13.74 5.16 -32.08
CA LYS EA 291 13.87 4.53 -30.78
C LYS EA 291 13.18 3.18 -30.77
N GLY EA 292 13.87 2.17 -30.23
CA GLY EA 292 13.29 0.86 -30.05
C GLY EA 292 13.35 -0.04 -31.26
N PHE EA 293 13.73 0.47 -32.42
CA PHE EA 293 13.83 -0.33 -33.63
C PHE EA 293 15.28 -0.77 -33.82
N ASN EA 294 15.48 -2.06 -34.08
CA ASN EA 294 16.82 -2.57 -34.30
C ASN EA 294 17.43 -1.94 -35.55
N ALA EA 295 18.76 -1.81 -35.54
CA ALA EA 295 19.44 -1.00 -36.55
C ALA EA 295 20.43 -1.81 -37.38
N THR EA 296 20.02 -3.00 -37.84
CA THR EA 296 20.87 -3.76 -38.75
C THR EA 296 21.07 -3.00 -40.06
N GLY EA 297 19.97 -2.57 -40.68
CA GLY EA 297 20.03 -1.68 -41.83
C GLY EA 297 20.67 -2.25 -43.07
N GLU EA 298 20.95 -3.55 -43.12
CA GLU EA 298 21.57 -4.13 -44.31
C GLU EA 298 20.57 -4.22 -45.46
N HIS EA 299 19.36 -4.70 -45.19
CA HIS EA 299 18.38 -4.90 -46.25
C HIS EA 299 17.73 -3.61 -46.70
N GLU EA 300 17.64 -2.61 -45.82
CA GLU EA 300 16.99 -1.36 -46.19
C GLU EA 300 17.79 -0.61 -47.25
N THR EA 301 19.12 -0.65 -47.16
CA THR EA 301 19.94 -0.05 -48.19
C THR EA 301 19.73 -0.75 -49.53
N ILE EA 302 19.60 -2.08 -49.52
CA ILE EA 302 19.35 -2.81 -50.75
C ILE EA 302 18.00 -2.41 -51.35
N SER EA 303 16.97 -2.31 -50.50
CA SER EA 303 15.65 -1.92 -50.99
C SER EA 303 15.67 -0.51 -51.57
N TYR EA 304 16.35 0.42 -50.89
CA TYR EA 304 16.44 1.79 -51.40
C TYR EA 304 17.18 1.81 -52.73
N HIS EA 305 18.27 1.04 -52.85
CA HIS EA 305 18.98 0.97 -54.11
C HIS EA 305 18.10 0.42 -55.23
N GLU EA 306 17.34 -0.64 -54.93
CA GLU EA 306 16.43 -1.23 -55.92
C GLU EA 306 15.43 -0.19 -56.41
N GLU EA 307 14.79 0.53 -55.48
CA GLU EA 307 13.92 1.62 -55.88
C GLU EA 307 14.68 2.66 -56.69
N LEU EA 308 15.97 2.83 -56.41
CA LEU EA 308 16.75 3.84 -57.12
C LEU EA 308 16.93 3.47 -58.60
N GLU EA 309 17.33 2.23 -58.90
CA GLU EA 309 17.41 1.94 -60.33
C GLU EA 309 16.04 1.80 -60.97
N SER EA 310 15.01 1.49 -60.18
CA SER EA 310 13.66 1.55 -60.73
C SER EA 310 13.32 2.96 -61.21
N ILE EA 311 13.62 3.96 -60.38
CA ILE EA 311 13.40 5.35 -60.77
C ILE EA 311 14.25 5.69 -61.98
N GLN EA 312 15.51 5.27 -61.98
CA GLN EA 312 16.41 5.57 -63.10
C GLN EA 312 15.86 5.01 -64.41
N GLU EA 313 15.36 3.77 -64.37
CA GLU EA 313 14.86 3.13 -65.58
C GLU EA 313 13.53 3.75 -66.02
N HIS EA 314 12.72 4.20 -65.07
CA HIS EA 314 11.36 4.59 -65.44
C HIS EA 314 11.24 6.08 -65.74
N ILE EA 315 11.64 6.94 -64.81
CA ILE EA 315 11.41 8.37 -64.97
C ILE EA 315 12.45 8.99 -65.89
N PHE EA 316 13.73 8.77 -65.59
CA PHE EA 316 14.79 9.52 -66.28
C PHE EA 316 15.06 9.01 -67.68
N ASP EA 317 14.86 7.71 -67.92
CA ASP EA 317 15.34 7.10 -69.16
C ASP EA 317 14.72 7.66 -70.43
N PRO EA 318 13.38 7.76 -70.56
CA PRO EA 318 12.83 8.17 -71.86
C PRO EA 318 13.16 9.60 -72.25
N LEU EA 319 13.10 10.53 -71.29
CA LEU EA 319 13.42 11.92 -71.57
C LEU EA 319 14.84 12.05 -72.08
N LEU EA 320 15.80 11.44 -71.37
CA LEU EA 320 17.20 11.54 -71.77
C LEU EA 320 17.45 10.83 -73.09
N GLU EA 321 16.77 9.71 -73.32
CA GLU EA 321 16.93 8.99 -74.59
C GLU EA 321 16.47 9.86 -75.77
N ARG EA 322 15.29 10.45 -75.65
CA ARG EA 322 14.80 11.30 -76.73
C ARG EA 322 15.67 12.54 -76.89
N HIS EA 323 16.17 13.09 -75.78
CA HIS EA 323 17.09 14.22 -75.86
C HIS EA 323 18.34 13.86 -76.65
N TYR EA 324 18.94 12.70 -76.36
CA TYR EA 324 20.14 12.29 -77.08
C TYR EA 324 19.84 12.04 -78.55
N LEU EA 325 18.69 11.42 -78.85
CA LEU EA 325 18.31 11.20 -80.24
C LEU EA 325 18.18 12.50 -80.99
N LEU EA 326 17.50 13.48 -80.39
CA LEU EA 326 17.26 14.75 -81.06
C LEU EA 326 18.53 15.56 -81.19
N LEU EA 327 19.42 15.48 -80.19
CA LEU EA 327 20.73 16.12 -80.30
C LEU EA 327 21.55 15.51 -81.42
N ALA EA 328 21.54 14.18 -81.54
CA ALA EA 328 22.26 13.53 -82.62
C ALA EA 328 21.72 13.92 -83.98
N LYS EA 329 20.39 14.02 -84.10
CA LYS EA 329 19.81 14.44 -85.36
C LYS EA 329 20.16 15.90 -85.68
N SER EA 330 20.14 16.76 -84.67
CA SER EA 330 20.41 18.18 -84.89
C SER EA 330 21.89 18.43 -85.20
N GLU EA 331 22.78 17.80 -84.44
CA GLU EA 331 24.21 18.04 -84.56
C GLU EA 331 24.87 17.16 -85.61
N GLU EA 332 24.10 16.67 -86.59
CA GLU EA 332 24.56 15.87 -87.72
C GLU EA 332 25.58 14.81 -87.33
N ILE EA 333 25.41 14.19 -86.17
CA ILE EA 333 26.26 13.09 -85.73
C ILE EA 333 25.62 11.80 -86.24
N ASP EA 334 26.24 11.20 -87.26
CA ASP EA 334 25.69 10.01 -87.88
C ASP EA 334 26.17 8.73 -87.20
N VAL EA 335 26.02 8.67 -85.87
CA VAL EA 335 26.40 7.52 -85.08
C VAL EA 335 25.26 7.19 -84.13
N GLN EA 336 24.88 5.92 -84.07
CA GLN EA 336 23.85 5.48 -83.13
C GLN EA 336 24.45 5.28 -81.75
N LEU EA 337 23.82 5.87 -80.74
CA LEU EA 337 24.32 5.82 -79.37
C LEU EA 337 23.17 5.50 -78.42
N GLU EA 338 23.53 4.92 -77.27
CA GLU EA 338 22.57 4.57 -76.23
C GLU EA 338 23.13 5.01 -74.89
N ILE EA 339 22.47 4.59 -73.82
CA ILE EA 339 22.78 5.04 -72.46
C ILE EA 339 23.07 3.83 -71.59
N VAL EA 340 24.15 3.90 -70.83
CA VAL EA 340 24.49 2.88 -69.83
C VAL EA 340 24.70 3.58 -68.49
N TRP EA 341 24.18 2.96 -67.43
CA TRP EA 341 24.12 3.59 -66.12
C TRP EA 341 25.24 3.10 -65.22
N ASN EA 342 25.77 4.01 -64.41
CA ASN EA 342 26.79 3.67 -63.44
C ASN EA 342 26.17 2.95 -62.25
N PRO EA 343 26.97 2.23 -61.46
CA PRO EA 343 26.43 1.59 -60.26
C PRO EA 343 25.85 2.61 -59.30
N VAL EA 344 24.76 2.22 -58.64
CA VAL EA 344 24.02 3.15 -57.80
C VAL EA 344 24.62 3.27 -56.40
N ASP EA 345 25.39 2.29 -55.94
CA ASP EA 345 25.92 2.33 -54.60
C ASP EA 345 27.02 3.38 -54.48
N SER EA 346 27.24 3.83 -53.24
CA SER EA 346 28.31 4.76 -52.90
C SER EA 346 29.21 4.10 -51.88
N THR EA 347 30.53 4.23 -52.08
CA THR EA 347 31.51 3.54 -51.26
C THR EA 347 32.57 4.52 -50.79
N SER EA 348 33.29 4.09 -49.75
CA SER EA 348 34.40 4.87 -49.20
C SER EA 348 35.70 4.45 -49.87
N SER EA 349 36.79 5.12 -49.48
CA SER EA 349 38.10 4.83 -50.08
C SER EA 349 38.53 3.40 -49.81
N GLN EA 350 38.39 2.94 -48.56
CA GLN EA 350 38.77 1.57 -48.23
C GLN EA 350 37.93 0.56 -49.01
N GLN EA 351 36.61 0.79 -49.08
CA GLN EA 351 35.74 -0.13 -49.80
C GLN EA 351 36.08 -0.15 -51.28
N GLN EA 352 36.33 1.02 -51.88
CA GLN EA 352 36.69 1.06 -53.30
C GLN EA 352 38.02 0.35 -53.55
N ALA EA 353 39.00 0.57 -52.68
CA ALA EA 353 40.30 -0.07 -52.87
C ALA EA 353 40.20 -1.58 -52.76
N GLU EA 354 39.46 -2.08 -51.75
CA GLU EA 354 39.27 -3.51 -51.63
C GLU EA 354 38.39 -4.07 -52.74
N LEU EA 355 37.55 -3.24 -53.35
CA LEU EA 355 36.77 -3.68 -54.50
C LEU EA 355 37.66 -3.87 -55.72
N ASN EA 356 38.55 -2.90 -55.98
CA ASN EA 356 39.42 -3.00 -57.14
C ASN EA 356 40.40 -4.16 -57.01
N ASN EA 357 40.90 -4.41 -55.79
CA ASN EA 357 41.88 -5.48 -55.60
C ASN EA 357 41.28 -6.85 -55.92
N LYS EA 358 40.03 -7.09 -55.53
CA LYS EA 358 39.39 -8.35 -55.83
C LYS EA 358 39.22 -8.55 -57.33
N LYS EA 359 38.88 -7.47 -58.04
CA LYS EA 359 38.72 -7.56 -59.49
C LYS EA 359 40.05 -7.82 -60.19
N ALA EA 360 41.16 -7.35 -59.61
CA ALA EA 360 42.46 -7.57 -60.21
C ALA EA 360 42.80 -9.06 -60.28
N ALA EA 361 42.44 -9.81 -59.23
CA ALA EA 361 42.71 -11.24 -59.23
C ALA EA 361 41.95 -11.95 -60.37
N THR EA 362 40.70 -11.52 -60.62
CA THR EA 362 39.94 -12.10 -61.71
C THR EA 362 40.60 -11.83 -63.05
N ASP EA 363 41.19 -10.64 -63.21
CA ASP EA 363 41.88 -10.33 -64.46
C ASP EA 363 43.08 -11.24 -64.68
N GLU EA 364 43.87 -11.47 -63.62
CA GLU EA 364 45.08 -12.26 -63.77
C GLU EA 364 44.78 -13.70 -64.12
N ILE EA 365 43.76 -14.29 -63.50
CA ILE EA 365 43.47 -15.70 -63.72
C ILE EA 365 43.00 -15.95 -65.15
N TYR EA 366 42.25 -15.02 -65.73
CA TYR EA 366 41.78 -15.19 -67.10
C TYR EA 366 42.90 -14.99 -68.11
N ILE EA 367 43.79 -14.03 -67.85
CA ILE EA 367 44.88 -13.75 -68.77
C ILE EA 367 45.79 -14.96 -68.90
N ASN EA 368 46.12 -15.60 -67.78
CA ASN EA 368 46.98 -16.78 -67.83
C ASN EA 368 46.32 -17.92 -68.59
N SER EA 369 45.00 -18.01 -68.55
CA SER EA 369 44.27 -19.02 -69.31
C SER EA 369 43.87 -18.56 -70.70
N GLY EA 370 44.07 -17.28 -71.03
CA GLY EA 370 43.81 -16.80 -72.36
C GLY EA 370 42.36 -16.50 -72.69
N VAL EA 371 41.54 -16.23 -71.68
CA VAL EA 371 40.14 -15.90 -71.95
C VAL EA 371 40.02 -14.53 -72.60
N VAL EA 372 40.75 -13.54 -72.08
CA VAL EA 372 40.70 -12.18 -72.59
C VAL EA 372 42.11 -11.73 -72.95
N SER EA 373 42.19 -10.60 -73.70
CA SER EA 373 43.45 -10.04 -74.13
C SER EA 373 43.82 -8.82 -73.29
N PRO EA 374 45.12 -8.57 -73.10
CA PRO EA 374 45.53 -7.46 -72.21
C PRO EA 374 44.97 -6.11 -72.60
N ASP EA 375 44.86 -5.81 -73.90
CA ASP EA 375 44.23 -4.55 -74.30
C ASP EA 375 42.75 -4.53 -73.96
N GLU EA 376 42.07 -5.67 -74.12
CA GLU EA 376 40.63 -5.73 -73.93
C GLU EA 376 40.21 -5.52 -72.49
N VAL EA 377 41.13 -5.70 -71.54
CA VAL EA 377 40.85 -5.32 -70.16
C VAL EA 377 41.39 -3.92 -69.87
N ARG EA 378 42.42 -3.47 -70.61
CA ARG EA 378 42.89 -2.11 -70.46
C ARG EA 378 41.81 -1.11 -70.83
N GLU EA 379 41.07 -1.37 -71.91
CA GLU EA 379 39.98 -0.49 -72.30
C GLU EA 379 38.87 -0.49 -71.25
N ARG EA 380 38.54 -1.66 -70.71
CA ARG EA 380 37.57 -1.72 -69.62
C ARG EA 380 38.05 -0.95 -68.40
N LEU EA 381 39.34 -1.08 -68.09
CA LEU EA 381 39.92 -0.30 -67.00
C LEU EA 381 39.83 1.19 -67.27
N ARG EA 382 40.01 1.59 -68.54
CA ARG EA 382 39.95 3.00 -68.90
C ARG EA 382 38.54 3.56 -68.70
N ASP EA 383 37.52 2.82 -69.11
CA ASP EA 383 36.16 3.34 -69.08
C ASP EA 383 35.53 3.29 -67.69
N ASP EA 384 36.07 2.48 -66.79
CA ASP EA 384 35.49 2.37 -65.44
C ASP EA 384 35.70 3.68 -64.69
N PRO EA 385 34.66 4.26 -64.10
CA PRO EA 385 34.83 5.53 -63.39
C PRO EA 385 35.45 5.35 -62.01
N ARG EA 386 35.14 4.24 -61.34
CA ARG EA 386 35.69 3.98 -60.02
C ARG EA 386 37.14 3.50 -60.08
N SER EA 387 37.60 3.09 -61.25
CA SER EA 387 39.00 2.68 -61.39
C SER EA 387 39.92 3.88 -61.24
N GLY EA 388 41.04 3.66 -60.54
CA GLY EA 388 41.99 4.74 -60.34
C GLY EA 388 42.65 5.19 -61.63
N TYR EA 389 42.92 4.26 -62.54
CA TYR EA 389 43.64 4.55 -63.77
C TYR EA 389 42.73 5.30 -64.73
N ASN EA 390 42.88 6.62 -64.79
CA ASN EA 390 42.18 7.44 -65.77
C ASN EA 390 43.14 8.31 -66.57
N ARG EA 391 44.46 8.11 -66.41
CA ARG EA 391 45.48 8.85 -67.12
C ARG EA 391 46.10 8.02 -68.25
N LEU EA 392 45.47 6.92 -68.64
CA LEU EA 392 46.01 6.06 -69.68
C LEU EA 392 46.16 6.83 -70.98
N THR EA 393 47.28 6.59 -71.66
CA THR EA 393 47.58 7.27 -72.91
C THR EA 393 46.80 6.61 -74.05
N ASP EA 394 47.07 7.05 -75.28
CA ASP EA 394 46.42 6.49 -76.46
C ASP EA 394 47.12 5.25 -76.99
N ASP EA 395 48.22 4.85 -76.37
CA ASP EA 395 48.93 3.65 -76.80
C ASP EA 395 48.06 2.41 -76.62
N GLN EA 396 48.23 1.44 -77.50
CA GLN EA 396 47.46 0.22 -77.51
C GLN EA 396 48.34 -0.95 -77.08
N ALA EA 397 47.80 -1.79 -76.20
CA ALA EA 397 48.54 -2.92 -75.65
C ALA EA 397 48.34 -4.14 -76.55
N GLU EA 398 48.87 -5.28 -76.14
CA GLU EA 398 48.81 -6.49 -76.95
C GLU EA 398 47.35 -6.90 -77.16
N THR EA 399 47.06 -7.42 -78.36
CA THR EA 399 45.67 -7.52 -78.82
C THR EA 399 45.09 -8.93 -78.81
N GLU EA 400 45.91 -9.98 -78.79
CA GLU EA 400 45.19 -11.26 -78.85
C GLU EA 400 45.30 -12.00 -77.52
N PRO EA 401 44.22 -12.68 -77.10
CA PRO EA 401 44.19 -13.25 -75.75
C PRO EA 401 45.24 -14.33 -75.55
N GLY EA 402 45.71 -14.44 -74.30
CA GLY EA 402 46.66 -15.45 -73.91
C GLY EA 402 48.11 -15.06 -74.09
N MET EA 403 48.37 -13.90 -74.70
CA MET EA 403 49.73 -13.51 -75.06
C MET EA 403 50.24 -12.58 -73.96
N SER EA 404 50.39 -13.14 -72.76
CA SER EA 404 50.81 -12.40 -71.58
C SER EA 404 52.33 -12.32 -71.52
N PRO EA 405 52.88 -11.33 -70.80
CA PRO EA 405 54.35 -11.16 -70.79
C PRO EA 405 55.12 -12.41 -70.43
N GLU EA 406 54.64 -13.20 -69.46
CA GLU EA 406 55.27 -14.49 -69.21
C GLU EA 406 54.90 -15.50 -70.30
N ASN EA 407 53.69 -15.39 -70.86
CA ASN EA 407 53.31 -16.27 -71.96
C ASN EA 407 54.13 -15.98 -73.21
N LEU EA 408 54.70 -14.78 -73.35
CA LEU EA 408 55.73 -14.58 -74.37
C LEU EA 408 56.87 -15.58 -74.19
N ALA EA 409 57.60 -15.47 -73.08
CA ALA EA 409 58.89 -16.14 -72.95
C ALA EA 409 58.76 -17.65 -73.17
N GLU EA 410 57.79 -18.28 -72.52
CA GLU EA 410 57.66 -19.73 -72.64
C GLU EA 410 57.25 -20.15 -74.05
N PHE EA 411 56.72 -19.21 -74.86
CA PHE EA 411 56.27 -19.57 -76.20
C PHE EA 411 57.45 -19.84 -77.12
N GLU EA 412 58.40 -18.90 -77.22
CA GLU EA 412 59.52 -19.10 -78.14
C GLU EA 412 60.38 -20.27 -77.70
N LYS EA 413 60.66 -20.38 -76.40
CA LYS EA 413 61.50 -21.47 -75.92
C LYS EA 413 60.93 -22.83 -76.29
N ALA EA 414 59.62 -23.01 -76.06
CA ALA EA 414 58.97 -24.23 -76.52
C ALA EA 414 58.99 -24.34 -78.04
N GLY EA 415 58.75 -23.21 -78.73
CA GLY EA 415 58.81 -23.23 -80.18
C GLY EA 415 60.21 -23.48 -80.71
N ALA EA 416 61.21 -22.84 -80.10
CA ALA EA 416 62.58 -23.00 -80.58
C ALA EA 416 63.12 -24.39 -80.22
N GLN EA 417 62.88 -24.85 -79.00
CA GLN EA 417 63.39 -26.16 -78.60
C GLN EA 417 62.78 -27.28 -79.43
N SER EA 418 61.56 -27.07 -79.95
CA SER EA 418 60.96 -28.09 -80.81
C SER EA 418 61.78 -28.30 -82.07
N ALA EA 419 62.28 -27.23 -82.68
CA ALA EA 419 63.10 -27.35 -83.88
C ALA EA 419 64.39 -28.10 -83.59
N LYS EA 420 65.00 -27.86 -82.43
CA LYS EA 420 66.24 -28.54 -82.09
C LYS EA 420 66.03 -30.04 -81.97
N ALA EA 421 64.94 -30.47 -81.35
CA ALA EA 421 64.69 -31.89 -81.17
C ALA EA 421 64.47 -32.58 -82.51
N LYS EA 422 63.74 -31.94 -83.43
CA LYS EA 422 63.53 -32.54 -84.75
C LYS EA 422 64.84 -32.65 -85.52
N GLY EA 423 65.72 -31.66 -85.38
CA GLY EA 423 67.02 -31.73 -86.04
C GLY EA 423 67.83 -32.92 -85.56
N GLU EA 424 67.72 -33.25 -84.28
CA GLU EA 424 68.43 -34.42 -83.76
C GLU EA 424 67.81 -35.71 -84.27
N ALA EA 425 66.50 -35.72 -84.56
CA ALA EA 425 65.84 -36.93 -85.01
C ALA EA 425 66.44 -37.42 -86.32
N GLU EA 426 66.62 -36.52 -87.29
CA GLU EA 426 67.24 -36.91 -88.56
C GLU EA 426 68.74 -37.16 -88.40
N ARG EA 427 69.38 -36.44 -87.47
CA ARG EA 427 70.79 -36.70 -87.19
C ARG EA 427 70.98 -38.11 -86.62
N ALA EA 428 70.10 -38.51 -85.70
CA ALA EA 428 70.20 -39.84 -85.12
C ALA EA 428 69.98 -40.93 -86.17
N GLU EA 429 69.00 -40.73 -87.05
CA GLU EA 429 68.70 -41.73 -88.08
C GLU EA 429 69.70 -41.71 -89.23
N ALA EA 430 70.63 -40.76 -89.24
CA ALA EA 430 71.68 -40.77 -90.24
C ALA EA 430 72.52 -42.04 -90.15
N GLN EA 431 72.82 -42.47 -88.93
CA GLN EA 431 73.44 -43.77 -88.71
C GLN EA 431 72.35 -44.80 -88.47
N ALA EA 432 72.77 -46.03 -88.15
CA ALA EA 432 71.86 -47.16 -87.97
C ALA EA 432 71.01 -47.42 -89.22
N GLY EA 433 71.60 -47.23 -90.39
CA GLY EA 433 70.89 -47.43 -91.64
C GLY EA 433 71.16 -46.35 -92.66
N PRO FA 1 -22.04 -25.96 -37.47
CA PRO FA 1 -22.35 -24.84 -36.58
C PRO FA 1 -23.13 -23.74 -37.28
N THR FA 2 -23.62 -22.76 -36.53
CA THR FA 2 -24.38 -21.64 -37.08
C THR FA 2 -23.57 -20.36 -37.13
N MET FA 3 -22.99 -19.94 -36.01
CA MET FA 3 -22.19 -18.71 -36.00
C MET FA 3 -20.94 -18.86 -36.87
N LEU FA 4 -20.30 -20.03 -36.82
CA LEU FA 4 -19.15 -20.29 -37.67
C LEU FA 4 -19.54 -20.21 -39.15
N GLN FA 5 -20.66 -20.82 -39.51
CA GLN FA 5 -21.11 -20.79 -40.90
C GLN FA 5 -21.41 -19.37 -41.34
N ASP FA 6 -22.08 -18.59 -40.49
CA ASP FA 6 -22.37 -17.20 -40.83
C ASP FA 6 -21.09 -16.39 -40.99
N TRP FA 7 -20.13 -16.58 -40.08
CA TRP FA 7 -18.88 -15.83 -40.16
C TRP FA 7 -18.12 -16.15 -41.44
N TYR FA 8 -18.08 -17.43 -41.82
CA TYR FA 8 -17.36 -17.79 -43.03
C TYR FA 8 -18.13 -17.41 -44.30
N ASN FA 9 -19.45 -17.36 -44.22
CA ASN FA 9 -20.28 -17.01 -45.38
C ASN FA 9 -20.37 -15.52 -45.60
N SER FA 10 -20.13 -14.71 -44.57
CA SER FA 10 -20.24 -13.25 -44.72
C SER FA 10 -19.26 -12.74 -45.77
N GLN FA 11 -18.02 -13.23 -45.74
CA GLN FA 11 -17.03 -12.80 -46.72
C GLN FA 11 -17.45 -13.22 -48.13
N GLY FA 12 -17.34 -12.30 -49.07
CA GLY FA 12 -17.71 -12.59 -50.44
C GLY FA 12 -17.24 -11.49 -51.36
N PHE FA 13 -17.66 -11.59 -52.62
CA PHE FA 13 -17.32 -10.56 -53.59
C PHE FA 13 -17.98 -9.24 -53.22
N ILE FA 14 -17.25 -8.15 -53.41
CA ILE FA 14 -17.72 -6.81 -53.04
C ILE FA 14 -18.21 -6.03 -54.25
N GLY FA 15 -17.40 -5.97 -55.30
CA GLY FA 15 -17.76 -5.25 -56.51
C GLY FA 15 -16.56 -4.55 -57.12
N TYR FA 16 -16.61 -4.36 -58.44
CA TYR FA 16 -15.51 -3.73 -59.16
C TYR FA 16 -15.36 -2.26 -58.76
N GLN FA 17 -16.47 -1.55 -58.62
CA GLN FA 17 -16.39 -0.16 -58.18
C GLN FA 17 -15.84 -0.05 -56.77
N ALA FA 18 -16.23 -0.98 -55.90
CA ALA FA 18 -15.69 -1.01 -54.54
C ALA FA 18 -14.19 -1.26 -54.56
N CYS FA 19 -13.74 -2.19 -55.39
CA CYS FA 19 -12.31 -2.45 -55.52
C CYS FA 19 -11.57 -1.22 -56.02
N ALA FA 20 -12.13 -0.53 -57.00
CA ALA FA 20 -11.51 0.68 -57.53
C ALA FA 20 -11.40 1.75 -56.45
N ILE FA 21 -12.45 1.92 -55.64
CA ILE FA 21 -12.40 2.91 -54.58
C ILE FA 21 -11.37 2.53 -53.51
N ILE FA 22 -11.30 1.24 -53.18
CA ILE FA 22 -10.32 0.78 -52.19
C ILE FA 22 -8.90 0.98 -52.72
N SER FA 23 -8.72 0.90 -54.04
CA SER FA 23 -7.40 0.99 -54.64
C SER FA 23 -6.79 2.38 -54.62
N GLN FA 24 -7.31 3.35 -53.86
CA GLN FA 24 -6.67 4.65 -53.74
C GLN FA 24 -5.74 4.75 -52.53
N HIS FA 25 -5.96 3.95 -51.49
CA HIS FA 25 -5.14 4.03 -50.30
C HIS FA 25 -3.70 3.61 -50.60
N TRP FA 26 -2.77 4.27 -49.91
CA TRP FA 26 -1.35 4.04 -50.20
C TRP FA 26 -0.91 2.63 -49.81
N LEU FA 27 -1.42 2.11 -48.69
CA LEU FA 27 -1.00 0.80 -48.23
C LEU FA 27 -1.38 -0.29 -49.23
N VAL FA 28 -2.62 -0.25 -49.73
CA VAL FA 28 -3.07 -1.24 -50.68
C VAL FA 28 -2.26 -1.15 -51.97
N ASP FA 29 -2.02 0.07 -52.45
CA ASP FA 29 -1.26 0.26 -53.68
C ASP FA 29 0.16 -0.30 -53.53
N LYS FA 30 0.82 0.01 -52.41
CA LYS FA 30 2.15 -0.52 -52.17
C LYS FA 30 2.13 -2.04 -52.13
N ALA FA 31 1.17 -2.61 -51.41
CA ALA FA 31 1.11 -4.06 -51.26
C ALA FA 31 0.91 -4.75 -52.61
N CYS FA 32 0.08 -4.18 -53.47
CA CYS FA 32 -0.19 -4.81 -54.75
C CYS FA 32 0.83 -4.44 -55.82
N SER FA 33 1.70 -3.46 -55.59
CA SER FA 33 2.61 -3.00 -56.63
C SER FA 33 4.07 -3.34 -56.43
N MET FA 34 4.55 -3.49 -55.20
CA MET FA 34 5.97 -3.75 -55.01
C MET FA 34 6.40 -5.07 -55.65
N SER FA 35 5.60 -6.12 -55.48
CA SER FA 35 5.96 -7.41 -56.06
C SER FA 35 6.00 -7.35 -57.58
N GLY FA 36 5.00 -6.69 -58.18
CA GLY FA 36 4.98 -6.57 -59.62
C GLY FA 36 6.16 -5.77 -60.16
N GLU FA 37 6.51 -4.68 -59.49
CA GLU FA 37 7.65 -3.88 -59.95
C GLU FA 37 8.97 -4.61 -59.74
N ASP FA 38 9.06 -5.43 -58.70
CA ASP FA 38 10.30 -6.16 -58.44
C ASP FA 38 10.48 -7.35 -59.37
N ALA FA 39 9.38 -7.96 -59.82
CA ALA FA 39 9.50 -9.17 -60.64
C ALA FA 39 10.21 -8.91 -61.95
N ALA FA 40 9.88 -7.81 -62.62
CA ALA FA 40 10.31 -7.57 -63.99
C ALA FA 40 11.23 -6.36 -64.10
N ARG FA 41 12.20 -6.25 -63.20
CA ARG FA 41 13.18 -5.17 -63.26
C ARG FA 41 14.55 -5.61 -63.74
N ASN FA 42 14.97 -6.83 -63.39
CA ASN FA 42 16.28 -7.29 -63.84
C ASN FA 42 16.33 -7.44 -65.36
N GLY FA 43 15.29 -8.00 -65.96
CA GLY FA 43 15.22 -8.18 -67.40
C GLY FA 43 15.39 -9.63 -67.80
N TRP FA 44 15.48 -9.84 -69.11
CA TRP FA 44 15.61 -11.16 -69.69
C TRP FA 44 16.45 -11.09 -70.95
N GLU FA 45 17.05 -12.22 -71.31
CA GLU FA 45 17.88 -12.34 -72.51
C GLU FA 45 17.33 -13.45 -73.39
N LEU FA 46 17.61 -13.33 -74.69
CA LEU FA 46 16.98 -14.17 -75.71
C LEU FA 46 18.00 -15.14 -76.30
N LYS FA 47 17.62 -16.40 -76.42
CA LYS FA 47 18.42 -17.42 -77.06
C LYS FA 47 17.63 -18.00 -78.22
N SER FA 48 18.23 -18.02 -79.41
CA SER FA 48 17.56 -18.45 -80.64
C SER FA 48 18.20 -19.74 -81.13
N ASP FA 49 17.42 -20.82 -81.13
CA ASP FA 49 17.88 -22.14 -81.61
C ASP FA 49 19.11 -22.60 -80.84
N GLY FA 50 19.20 -22.24 -79.57
CA GLY FA 50 20.35 -22.61 -78.77
C GLY FA 50 21.64 -21.91 -79.15
N ARG FA 51 21.54 -20.75 -79.79
CA ARG FA 51 22.74 -20.02 -80.22
C ARG FA 51 22.39 -18.54 -80.28
N LYS FA 52 23.43 -17.73 -80.45
CA LYS FA 52 23.28 -16.27 -80.48
C LYS FA 52 23.03 -15.80 -81.90
N LEU FA 53 21.93 -15.07 -82.09
CA LEU FA 53 21.56 -14.52 -83.38
C LEU FA 53 22.39 -13.27 -83.70
N SER FA 54 22.33 -12.86 -84.97
CA SER FA 54 23.20 -11.78 -85.45
C SER FA 54 22.72 -10.43 -84.94
N ASP FA 55 23.46 -9.38 -85.31
CA ASP FA 55 23.26 -8.07 -84.71
C ASP FA 55 22.02 -7.36 -85.25
N GLU FA 56 21.73 -7.53 -86.55
CA GLU FA 56 20.68 -6.71 -87.16
C GLU FA 56 19.30 -7.06 -86.61
N GLN FA 57 18.98 -8.35 -86.51
CA GLN FA 57 17.67 -8.72 -85.96
C GLN FA 57 17.63 -8.52 -84.46
N SER FA 58 18.77 -8.61 -83.77
CA SER FA 58 18.81 -8.25 -82.36
C SER FA 58 18.41 -6.79 -82.16
N ALA FA 59 18.99 -5.91 -82.97
CA ALA FA 59 18.64 -4.49 -82.90
C ALA FA 59 17.18 -4.27 -83.27
N LEU FA 60 16.69 -5.00 -84.27
CA LEU FA 60 15.29 -4.86 -84.67
C LEU FA 60 14.36 -5.25 -83.53
N ILE FA 61 14.64 -6.39 -82.88
CA ILE FA 61 13.80 -6.85 -81.77
C ILE FA 61 13.87 -5.87 -80.61
N ALA FA 62 15.06 -5.39 -80.27
CA ALA FA 62 15.20 -4.44 -79.18
C ALA FA 62 14.40 -3.17 -79.48
N ARG FA 63 14.54 -2.63 -80.69
CA ARG FA 63 13.78 -1.46 -81.08
C ARG FA 63 12.29 -1.70 -80.92
N ARG FA 64 11.79 -2.79 -81.53
CA ARG FA 64 10.36 -3.08 -81.48
C ARG FA 64 9.87 -3.19 -80.04
N ASP FA 65 10.68 -3.77 -79.16
CA ASP FA 65 10.33 -3.81 -77.75
C ASP FA 65 10.24 -2.40 -77.17
N MET FA 66 11.15 -1.51 -77.55
CA MET FA 66 11.08 -0.13 -77.07
C MET FA 66 9.80 0.56 -77.54
N GLU FA 67 9.42 0.39 -78.81
CA GLU FA 67 8.18 1.05 -79.23
C GLU FA 67 6.92 0.34 -78.77
N PHE FA 68 7.05 -0.77 -78.04
CA PHE FA 68 5.87 -1.48 -77.55
C PHE FA 68 5.69 -1.39 -76.04
N ARG FA 69 6.69 -0.88 -75.31
CA ARG FA 69 6.60 -0.69 -73.86
C ARG FA 69 6.20 -1.98 -73.15
N VAL FA 70 7.03 -3.00 -73.33
CA VAL FA 70 6.74 -4.32 -72.78
C VAL FA 70 6.75 -4.30 -71.25
N LYS FA 71 7.77 -3.65 -70.68
CA LYS FA 71 7.91 -3.64 -69.22
C LYS FA 71 6.74 -2.93 -68.56
N ASP FA 72 6.31 -1.81 -69.12
CA ASP FA 72 5.15 -1.10 -68.59
C ASP FA 72 3.91 -1.99 -68.64
N ASN FA 73 3.72 -2.69 -69.75
CA ASN FA 73 2.56 -3.58 -69.88
C ASN FA 73 2.61 -4.69 -68.84
N LEU FA 74 3.77 -5.29 -68.62
CA LEU FA 74 3.88 -6.35 -67.64
C LEU FA 74 3.60 -5.84 -66.22
N VAL FA 75 4.18 -4.69 -65.87
CA VAL FA 75 3.99 -4.15 -64.53
C VAL FA 75 2.53 -3.81 -64.29
N GLU FA 76 1.89 -3.14 -65.25
CA GLU FA 76 0.49 -2.79 -65.09
C GLU FA 76 -0.38 -4.04 -65.09
N LEU FA 77 -0.03 -5.04 -65.89
CA LEU FA 77 -0.76 -6.30 -65.88
C LEU FA 77 -0.79 -6.91 -64.49
N ASN FA 78 0.39 -7.06 -63.87
CA ASN FA 78 0.45 -7.68 -62.55
C ASN FA 78 -0.26 -6.81 -61.52
N ARG FA 79 -0.04 -5.50 -61.56
CA ARG FA 79 -0.64 -4.61 -60.57
C ARG FA 79 -2.16 -4.67 -60.62
N PHE FA 80 -2.73 -4.55 -61.82
CA PHE FA 80 -4.19 -4.55 -61.93
C PHE FA 80 -4.78 -5.94 -61.78
N LYS FA 81 -4.01 -7.00 -62.05
CA LYS FA 81 -4.48 -8.33 -61.69
C LYS FA 81 -4.61 -8.46 -60.18
N ASN FA 82 -3.63 -7.95 -59.44
CA ASN FA 82 -3.73 -7.99 -57.98
C ASN FA 82 -4.88 -7.12 -57.48
N VAL FA 83 -5.09 -5.96 -58.11
CA VAL FA 83 -6.15 -5.05 -57.65
C VAL FA 83 -7.53 -5.63 -57.92
N PHE FA 84 -7.76 -6.14 -59.13
CA PHE FA 84 -9.09 -6.53 -59.55
C PHE FA 84 -9.34 -8.04 -59.50
N GLY FA 85 -8.30 -8.86 -59.44
CA GLY FA 85 -8.46 -10.29 -59.43
C GLY FA 85 -8.47 -10.94 -60.80
N VAL FA 86 -8.69 -10.17 -61.86
CA VAL FA 86 -8.67 -10.68 -63.22
C VAL FA 86 -8.24 -9.56 -64.16
N ARG FA 87 -7.39 -9.90 -65.12
CA ARG FA 87 -6.90 -8.94 -66.09
C ARG FA 87 -7.00 -9.54 -67.49
N ILE FA 88 -7.25 -8.68 -68.47
CA ILE FA 88 -7.45 -9.09 -69.85
C ILE FA 88 -6.39 -8.41 -70.71
N ALA FA 89 -5.64 -9.19 -71.46
CA ALA FA 89 -4.63 -8.69 -72.38
C ALA FA 89 -5.05 -9.02 -73.81
N LEU FA 90 -5.06 -8.01 -74.68
CA LEU FA 90 -5.50 -8.15 -76.06
C LEU FA 90 -4.39 -7.68 -76.99
N PHE FA 91 -4.08 -8.50 -77.98
CA PHE FA 91 -3.05 -8.19 -78.97
C PHE FA 91 -3.72 -7.68 -80.24
N VAL FA 92 -3.44 -6.43 -80.59
CA VAL FA 92 -4.06 -5.81 -81.76
C VAL FA 92 -3.25 -6.17 -83.01
N VAL FA 93 -3.92 -6.79 -83.98
CA VAL FA 93 -3.34 -7.09 -85.28
C VAL FA 93 -4.35 -6.70 -86.35
N GLU FA 94 -3.93 -5.88 -87.30
CA GLU FA 94 -4.83 -5.35 -88.32
C GLU FA 94 -4.97 -6.35 -89.45
N SER FA 95 -6.22 -6.67 -89.81
CA SER FA 95 -6.51 -7.62 -90.87
C SER FA 95 -7.67 -7.10 -91.70
N ASP FA 96 -7.74 -7.58 -92.94
CA ASP FA 96 -8.83 -7.19 -93.84
C ASP FA 96 -10.15 -7.87 -93.48
N ASP FA 97 -10.11 -9.07 -92.92
CA ASP FA 97 -11.32 -9.79 -92.57
C ASP FA 97 -11.96 -9.13 -91.34
N PRO FA 98 -13.21 -8.67 -91.42
CA PRO FA 98 -13.84 -8.06 -90.24
C PRO FA 98 -13.99 -9.01 -89.07
N ASP FA 99 -14.14 -10.31 -89.33
CA ASP FA 99 -14.37 -11.30 -88.28
C ASP FA 99 -13.11 -12.10 -87.97
N TYR FA 100 -11.95 -11.44 -88.03
CA TYR FA 100 -10.70 -12.10 -87.67
C TYR FA 100 -10.69 -12.49 -86.19
N TYR FA 101 -11.12 -11.58 -85.32
CA TYR FA 101 -11.09 -11.85 -83.88
C TYR FA 101 -12.13 -12.88 -83.48
N GLU FA 102 -13.31 -12.83 -84.10
CA GLU FA 102 -14.35 -13.81 -83.79
C GLU FA 102 -13.92 -15.21 -84.22
N LYS FA 103 -13.29 -15.33 -85.38
CA LYS FA 103 -12.78 -16.61 -85.82
C LYS FA 103 -11.69 -17.09 -84.87
N PRO FA 104 -11.66 -18.38 -84.54
CA PRO FA 104 -10.62 -18.88 -83.63
C PRO FA 104 -9.22 -18.60 -84.16
N PHE FA 105 -8.31 -18.30 -83.24
CA PHE FA 105 -6.98 -17.86 -83.62
C PHE FA 105 -6.20 -18.96 -84.32
N ASN FA 106 -5.35 -18.56 -85.25
CA ASN FA 106 -4.49 -19.46 -86.00
C ASN FA 106 -3.17 -18.75 -86.26
N PRO FA 107 -2.04 -19.46 -86.13
CA PRO FA 107 -0.74 -18.79 -86.27
C PRO FA 107 -0.30 -18.57 -87.71
N ASP FA 108 -0.91 -19.27 -88.67
CA ASP FA 108 -0.50 -19.16 -90.07
C ASP FA 108 -1.08 -17.95 -90.78
N GLY FA 109 -2.08 -17.28 -90.20
CA GLY FA 109 -2.77 -16.19 -90.85
C GLY FA 109 -2.18 -14.82 -90.65
N VAL FA 110 -1.00 -14.71 -90.03
CA VAL FA 110 -0.42 -13.41 -89.73
C VAL FA 110 0.12 -12.78 -91.00
N THR FA 111 -0.31 -11.54 -91.27
CA THR FA 111 0.17 -10.71 -92.37
C THR FA 111 1.38 -9.92 -91.93
N PRO FA 112 2.46 -9.91 -92.71
CA PRO FA 112 3.67 -9.19 -92.28
C PRO FA 112 3.40 -7.70 -92.05
N GLY FA 113 3.96 -7.17 -90.98
CA GLY FA 113 3.82 -5.77 -90.66
C GLY FA 113 2.47 -5.37 -90.10
N SER FA 114 1.60 -6.33 -89.81
CA SER FA 114 0.25 -6.02 -89.36
C SER FA 114 0.14 -5.85 -87.84
N TYR FA 115 1.17 -6.24 -87.09
CA TYR FA 115 1.10 -6.11 -85.64
C TYR FA 115 1.21 -4.64 -85.23
N LYS FA 116 0.46 -4.27 -84.20
CA LYS FA 116 0.42 -2.87 -83.76
C LYS FA 116 0.85 -2.67 -82.31
N GLY FA 117 0.45 -3.55 -81.40
CA GLY FA 117 0.84 -3.38 -80.01
C GLY FA 117 0.00 -4.25 -79.09
N ILE FA 118 -0.11 -3.81 -77.83
CA ILE FA 118 -0.81 -4.53 -76.78
C ILE FA 118 -1.80 -3.58 -76.12
N SER FA 119 -2.99 -4.08 -75.82
CA SER FA 119 -4.00 -3.31 -75.12
C SER FA 119 -4.57 -4.14 -73.97
N GLN FA 120 -4.92 -3.47 -72.88
CA GLN FA 120 -5.49 -4.10 -71.70
C GLN FA 120 -6.80 -3.43 -71.36
N ILE FA 121 -7.77 -4.23 -70.91
CA ILE FA 121 -9.14 -3.78 -70.70
C ILE FA 121 -9.49 -3.97 -69.23
N ASP FA 122 -10.12 -2.95 -68.63
CA ASP FA 122 -10.57 -3.05 -67.26
C ASP FA 122 -11.74 -4.04 -67.17
N PRO FA 123 -11.94 -4.66 -66.00
CA PRO FA 123 -12.99 -5.69 -65.89
C PRO FA 123 -14.39 -5.18 -66.19
N TYR FA 124 -14.71 -3.93 -65.85
CA TYR FA 124 -16.08 -3.46 -66.00
C TYR FA 124 -16.45 -3.14 -67.44
N TRP FA 125 -15.50 -3.17 -68.36
CA TRP FA 125 -15.82 -2.96 -69.77
C TRP FA 125 -16.21 -4.26 -70.47
N ALA FA 126 -15.38 -5.29 -70.34
CA ALA FA 126 -15.65 -6.56 -71.01
C ALA FA 126 -16.80 -7.30 -70.35
N MET FA 127 -17.47 -8.15 -71.12
CA MET FA 127 -18.57 -8.96 -70.63
C MET FA 127 -18.44 -10.38 -71.17
N PRO FA 128 -18.10 -11.36 -70.34
CA PRO FA 128 -17.90 -12.72 -70.84
C PRO FA 128 -19.22 -13.35 -71.30
N GLN FA 129 -19.10 -14.26 -72.26
CA GLN FA 129 -20.23 -15.02 -72.77
C GLN FA 129 -19.87 -16.49 -72.79
N LEU FA 130 -20.80 -17.33 -72.32
CA LEU FA 130 -20.57 -18.77 -72.20
C LEU FA 130 -21.29 -19.49 -73.34
N THR FA 131 -20.55 -20.27 -74.11
CA THR FA 131 -21.13 -21.09 -75.15
C THR FA 131 -21.76 -22.35 -74.55
N ALA FA 132 -22.41 -23.14 -75.40
CA ALA FA 132 -23.03 -24.37 -74.91
C ALA FA 132 -21.98 -25.45 -74.65
N GLY FA 133 -20.93 -25.48 -75.45
CA GLY FA 133 -19.89 -26.48 -75.25
C GLY FA 133 -19.13 -26.31 -73.96
N SER FA 134 -18.90 -25.06 -73.56
CA SER FA 134 -18.18 -24.81 -72.31
C SER FA 134 -18.97 -25.31 -71.11
N THR FA 135 -20.28 -25.08 -71.10
CA THR FA 135 -21.15 -25.52 -70.02
C THR FA 135 -21.82 -26.86 -70.33
N ALA FA 136 -21.21 -27.68 -71.19
CA ALA FA 136 -21.84 -28.93 -71.60
C ALA FA 136 -21.80 -29.97 -70.48
N ASP FA 137 -20.62 -30.35 -70.04
CA ASP FA 137 -20.48 -31.38 -69.02
C ASP FA 137 -19.13 -31.22 -68.34
N PRO FA 138 -18.98 -31.68 -67.09
CA PRO FA 138 -17.69 -31.55 -66.40
C PRO FA 138 -16.57 -32.34 -67.04
N SER FA 139 -16.89 -33.34 -67.88
CA SER FA 139 -15.83 -34.15 -68.48
C SER FA 139 -14.96 -33.34 -69.42
N SER FA 140 -15.51 -32.28 -70.02
CA SER FA 140 -14.76 -31.48 -70.97
C SER FA 140 -13.61 -30.75 -70.28
N GLU FA 141 -12.51 -30.58 -71.03
CA GLU FA 141 -11.35 -29.88 -70.50
C GLU FA 141 -11.61 -28.38 -70.33
N HIS FA 142 -12.58 -27.83 -71.05
CA HIS FA 142 -12.86 -26.40 -71.03
C HIS FA 142 -14.21 -26.12 -70.36
N PHE FA 143 -14.51 -26.85 -69.28
CA PHE FA 143 -15.75 -26.66 -68.55
C PHE FA 143 -15.64 -25.41 -67.68
N TYR FA 144 -16.60 -24.48 -67.85
CA TYR FA 144 -16.60 -23.19 -67.16
C TYR FA 144 -15.38 -22.36 -67.53
N GLU FA 145 -15.14 -22.22 -68.84
CA GLU FA 145 -14.19 -21.26 -69.37
C GLU FA 145 -14.92 -20.44 -70.43
N PRO FA 146 -15.09 -19.13 -70.23
CA PRO FA 146 -15.79 -18.32 -71.24
C PRO FA 146 -15.02 -18.29 -72.55
N ASP FA 147 -15.61 -18.88 -73.59
CA ASP FA 147 -14.95 -18.97 -74.88
C ASP FA 147 -15.14 -17.73 -75.73
N PHE FA 148 -15.89 -16.73 -75.25
CA PHE FA 148 -16.06 -15.48 -75.98
C PHE FA 148 -16.20 -14.34 -74.99
N TRP FA 149 -15.50 -13.25 -75.27
CA TRP FA 149 -15.58 -12.03 -74.48
C TRP FA 149 -16.15 -10.92 -75.35
N ILE FA 150 -17.18 -10.25 -74.83
CA ILE FA 150 -17.86 -9.18 -75.55
C ILE FA 150 -17.38 -7.85 -75.01
N ILE FA 151 -16.77 -7.03 -75.87
CA ILE FA 151 -16.23 -5.74 -75.50
C ILE FA 151 -16.86 -4.70 -76.42
N SER FA 152 -17.80 -3.92 -75.89
CA SER FA 152 -18.46 -2.85 -76.65
C SER FA 152 -19.10 -3.39 -77.92
N GLY FA 153 -19.71 -4.57 -77.82
CA GLY FA 153 -20.41 -5.17 -78.94
C GLY FA 153 -19.55 -5.96 -79.90
N LYS FA 154 -18.25 -6.04 -79.68
CA LYS FA 154 -17.35 -6.79 -80.55
C LYS FA 154 -16.99 -8.11 -79.89
N LYS FA 155 -17.12 -9.20 -80.65
CA LYS FA 155 -16.88 -10.54 -80.14
C LYS FA 155 -15.43 -10.93 -80.37
N TYR FA 156 -14.80 -11.47 -79.31
CA TYR FA 156 -13.41 -11.92 -79.38
C TYR FA 156 -13.34 -13.35 -78.87
N HIS FA 157 -12.72 -14.23 -79.65
CA HIS FA 157 -12.58 -15.62 -79.24
C HIS FA 157 -11.51 -15.75 -78.16
N ARG FA 158 -11.67 -16.79 -77.33
CA ARG FA 158 -10.76 -16.98 -76.20
C ARG FA 158 -9.33 -17.21 -76.65
N SER FA 159 -9.15 -17.86 -77.81
CA SER FA 159 -7.82 -18.21 -78.27
C SER FA 159 -6.96 -16.97 -78.51
N HIS FA 160 -7.56 -15.93 -79.09
CA HIS FA 160 -6.81 -14.71 -79.38
C HIS FA 160 -6.31 -14.05 -78.10
N LEU FA 161 -7.17 -13.97 -77.09
CA LEU FA 161 -6.84 -13.22 -75.88
C LEU FA 161 -5.92 -14.01 -74.96
N VAL FA 162 -5.25 -13.28 -74.08
CA VAL FA 162 -4.47 -13.87 -73.00
C VAL FA 162 -5.01 -13.29 -71.68
N VAL FA 163 -5.60 -14.16 -70.85
CA VAL FA 163 -6.25 -13.74 -69.62
C VAL FA 163 -5.56 -14.41 -68.45
N VAL FA 164 -5.19 -13.61 -67.45
CA VAL FA 164 -4.54 -14.09 -66.25
C VAL FA 164 -5.40 -13.71 -65.04
N ARG FA 165 -5.56 -14.64 -64.11
CA ARG FA 165 -6.37 -14.43 -62.93
C ARG FA 165 -5.62 -14.92 -61.71
N GLY FA 166 -6.05 -14.42 -60.54
CA GLY FA 166 -5.41 -14.75 -59.30
C GLY FA 166 -5.84 -16.11 -58.76
N PRO FA 167 -6.15 -16.17 -57.47
CA PRO FA 167 -6.61 -17.44 -56.88
C PRO FA 167 -7.87 -17.94 -57.57
N GLN FA 168 -7.95 -19.25 -57.76
CA GLN FA 168 -9.02 -19.85 -58.53
C GLN FA 168 -10.13 -20.30 -57.60
N PRO FA 169 -11.35 -19.78 -57.75
CA PRO FA 169 -12.46 -20.22 -56.91
C PRO FA 169 -13.01 -21.55 -57.38
N PRO FA 170 -13.77 -22.25 -56.55
CA PRO FA 170 -14.46 -23.46 -57.01
C PRO FA 170 -15.51 -23.13 -58.05
N ASP FA 171 -15.95 -24.19 -58.76
CA ASP FA 171 -16.84 -23.99 -59.90
C ASP FA 171 -18.17 -23.39 -59.48
N ILE FA 172 -18.72 -23.83 -58.34
CA ILE FA 172 -20.00 -23.28 -57.89
C ILE FA 172 -19.87 -21.79 -57.57
N LEU FA 173 -18.70 -21.34 -57.12
CA LEU FA 173 -18.49 -19.94 -56.81
C LEU FA 173 -17.98 -19.14 -57.99
N LYS FA 174 -17.65 -19.79 -59.10
CA LYS FA 174 -17.14 -19.06 -60.27
C LYS FA 174 -18.15 -18.05 -60.81
N PRO FA 175 -19.44 -18.39 -61.00
CA PRO FA 175 -20.38 -17.37 -61.51
C PRO FA 175 -20.50 -16.15 -60.61
N THR FA 176 -20.39 -16.33 -59.28
CA THR FA 176 -20.49 -15.19 -58.38
C THR FA 176 -19.34 -14.20 -58.61
N TYR FA 177 -18.13 -14.72 -58.82
CA TYR FA 177 -16.98 -13.89 -59.12
C TYR FA 177 -16.87 -13.56 -60.60
N ILE FA 178 -17.86 -13.98 -61.41
CA ILE FA 178 -17.91 -13.73 -62.84
C ILE FA 178 -16.65 -14.33 -63.46
N PHE FA 179 -16.37 -15.59 -63.11
CA PHE FA 179 -15.29 -16.36 -63.72
C PHE FA 179 -13.95 -15.63 -63.63
N GLY FA 180 -13.67 -15.09 -62.44
CA GLY FA 180 -12.42 -14.38 -62.21
C GLY FA 180 -11.83 -14.76 -60.87
N GLY FA 181 -10.60 -14.28 -60.65
CA GLY FA 181 -9.91 -14.56 -59.40
C GLY FA 181 -10.40 -13.70 -58.26
N ILE FA 182 -10.04 -14.11 -57.04
CA ILE FA 182 -10.46 -13.40 -55.83
C ILE FA 182 -9.58 -12.17 -55.66
N PRO FA 183 -10.17 -10.98 -55.55
CA PRO FA 183 -9.37 -9.76 -55.40
C PRO FA 183 -8.65 -9.71 -54.06
N LEU FA 184 -7.47 -9.09 -54.07
CA LEU FA 184 -6.70 -8.93 -52.84
C LEU FA 184 -7.27 -7.82 -51.97
N THR FA 185 -7.83 -6.77 -52.59
CA THR FA 185 -8.42 -5.69 -51.81
C THR FA 185 -9.54 -6.20 -50.92
N GLN FA 186 -10.37 -7.11 -51.45
CA GLN FA 186 -11.41 -7.73 -50.64
C GLN FA 186 -10.84 -8.42 -49.40
N ARG FA 187 -9.62 -8.94 -49.52
CA ARG FA 187 -8.99 -9.67 -48.42
C ARG FA 187 -8.07 -8.81 -47.56
N ILE FA 188 -7.89 -7.54 -47.89
CA ILE FA 188 -6.95 -6.71 -47.16
C ILE FA 188 -7.56 -5.42 -46.60
N TYR FA 189 -8.72 -4.97 -47.10
CA TYR FA 189 -9.20 -3.63 -46.76
C TYR FA 189 -9.55 -3.51 -45.28
N GLU FA 190 -10.19 -4.53 -44.71
CA GLU FA 190 -10.58 -4.48 -43.30
C GLU FA 190 -9.35 -4.33 -42.40
N ARG FA 191 -8.33 -5.14 -42.65
CA ARG FA 191 -7.14 -5.09 -41.81
C ARG FA 191 -6.39 -3.78 -42.01
N VAL FA 192 -6.38 -3.26 -43.25
CA VAL FA 192 -5.74 -1.96 -43.49
C VAL FA 192 -6.44 -0.88 -42.70
N TYR FA 193 -7.78 -0.88 -42.71
CA TYR FA 193 -8.52 0.11 -41.94
C TYR FA 193 -8.24 -0.02 -40.45
N ALA FA 194 -8.20 -1.26 -39.95
CA ALA FA 194 -7.94 -1.46 -38.53
C ALA FA 194 -6.57 -0.93 -38.14
N ALA FA 195 -5.55 -1.24 -38.93
CA ALA FA 195 -4.21 -0.77 -38.64
C ALA FA 195 -4.13 0.75 -38.70
N GLU FA 196 -4.74 1.36 -39.70
CA GLU FA 196 -4.70 2.82 -39.83
C GLU FA 196 -5.40 3.50 -38.67
N ARG FA 197 -6.57 2.99 -38.27
CA ARG FA 197 -7.29 3.59 -37.16
C ARG FA 197 -6.53 3.43 -35.85
N THR FA 198 -5.94 2.26 -35.63
CA THR FA 198 -5.16 2.07 -34.41
C THR FA 198 -3.95 3.00 -34.38
N ALA FA 199 -3.28 3.17 -35.53
CA ALA FA 199 -2.16 4.10 -35.58
C ALA FA 199 -2.60 5.53 -35.32
N ASN FA 200 -3.76 5.92 -35.87
CA ASN FA 200 -4.23 7.30 -35.71
C ASN FA 200 -4.74 7.58 -34.30
N GLU FA 201 -5.18 6.56 -33.57
CA GLU FA 201 -5.78 6.80 -32.25
C GLU FA 201 -4.75 7.36 -31.27
N ALA FA 202 -3.52 6.85 -31.30
CA ALA FA 202 -2.55 7.19 -30.26
C ALA FA 202 -2.25 8.67 -30.15
N PRO FA 203 -1.93 9.41 -31.23
CA PRO FA 203 -1.66 10.85 -31.04
C PRO FA 203 -2.86 11.62 -30.51
N LEU FA 204 -4.07 11.28 -30.96
CA LEU FA 204 -5.25 11.99 -30.47
C LEU FA 204 -5.46 11.77 -28.99
N LEU FA 205 -5.27 10.54 -28.52
CA LEU FA 205 -5.38 10.28 -27.08
C LEU FA 205 -4.26 10.94 -26.30
N ALA FA 206 -3.07 11.04 -26.89
CA ALA FA 206 -1.97 11.72 -26.23
C ALA FA 206 -2.23 13.20 -26.07
N MET FA 207 -2.88 13.82 -27.06
CA MET FA 207 -3.11 15.27 -27.01
C MET FA 207 -3.99 15.67 -25.84
N SER FA 208 -4.75 14.76 -25.27
CA SER FA 208 -5.60 15.02 -24.11
C SER FA 208 -5.23 14.09 -22.96
N LYS FA 209 -3.94 13.96 -22.70
CA LYS FA 209 -3.46 12.98 -21.72
C LYS FA 209 -3.87 13.35 -20.30
N ARG FA 210 -3.76 14.63 -19.95
CA ARG FA 210 -3.97 15.07 -18.57
C ARG FA 210 -5.14 16.05 -18.51
N THR FA 211 -6.03 15.83 -17.55
CA THR FA 211 -7.18 16.70 -17.32
C THR FA 211 -7.16 17.20 -15.88
N SER FA 212 -7.37 18.50 -15.71
CA SER FA 212 -7.36 19.13 -14.40
C SER FA 212 -8.75 19.68 -14.08
N THR FA 213 -9.18 19.45 -12.85
CA THR FA 213 -10.51 19.89 -12.42
C THR FA 213 -10.42 20.50 -11.03
N ILE FA 214 -11.27 21.49 -10.78
CA ILE FA 214 -11.37 22.13 -9.48
C ILE FA 214 -12.84 22.12 -9.05
N HIS FA 215 -13.05 22.11 -7.74
CA HIS FA 215 -14.37 22.23 -7.16
C HIS FA 215 -14.50 23.59 -6.50
N VAL FA 216 -15.61 24.28 -6.74
CA VAL FA 216 -15.90 25.56 -6.12
C VAL FA 216 -17.39 25.62 -5.79
N ASP FA 217 -17.78 26.67 -5.07
CA ASP FA 217 -19.19 26.94 -4.82
C ASP FA 217 -19.75 27.61 -6.07
N VAL FA 218 -20.38 26.81 -6.93
CA VAL FA 218 -20.83 27.30 -8.23
C VAL FA 218 -21.91 28.37 -8.10
N GLU FA 219 -22.63 28.39 -6.98
CA GLU FA 219 -23.66 29.42 -6.78
C GLU FA 219 -23.03 30.81 -6.76
N LYS FA 220 -21.99 30.99 -5.95
CA LYS FA 220 -21.30 32.28 -5.92
C LYS FA 220 -20.65 32.59 -7.26
N ALA FA 221 -20.17 31.56 -7.96
CA ALA FA 221 -19.55 31.78 -9.26
C ALA FA 221 -20.55 32.34 -10.26
N ILE FA 222 -21.74 31.74 -10.32
CA ILE FA 222 -22.76 32.24 -11.24
C ILE FA 222 -23.42 33.52 -10.75
N ALA FA 223 -23.24 33.86 -9.46
CA ALA FA 223 -23.82 35.10 -8.96
C ALA FA 223 -23.28 36.30 -9.71
N ASN FA 224 -21.95 36.42 -9.80
CA ASN FA 224 -21.32 37.49 -10.58
C ASN FA 224 -20.12 36.89 -11.33
N GLU FA 225 -20.37 36.39 -12.53
CA GLU FA 225 -19.31 35.93 -13.41
C GLU FA 225 -18.85 37.09 -14.28
N GLU FA 226 -18.11 36.78 -15.34
CA GLU FA 226 -17.37 37.72 -16.19
C GLU FA 226 -16.19 38.33 -15.46
N ALA FA 227 -16.02 38.04 -14.17
CA ALA FA 227 -14.79 38.30 -13.42
C ALA FA 227 -14.14 37.03 -12.94
N PHE FA 228 -14.94 36.06 -12.47
CA PHE FA 228 -14.44 34.72 -12.23
C PHE FA 228 -13.83 34.14 -13.49
N ASN FA 229 -14.54 34.28 -14.63
CA ASN FA 229 -14.01 33.81 -15.90
C ASN FA 229 -12.72 34.53 -16.25
N ALA FA 230 -12.66 35.84 -16.01
CA ALA FA 230 -11.45 36.59 -16.32
C ALA FA 230 -10.26 36.10 -15.51
N ARG FA 231 -10.47 35.89 -14.21
CA ARG FA 231 -9.38 35.40 -13.35
C ARG FA 231 -8.91 34.02 -13.79
N LEU FA 232 -9.85 33.12 -14.09
CA LEU FA 232 -9.46 31.77 -14.50
C LEU FA 232 -8.76 31.78 -15.85
N ALA FA 233 -9.21 32.62 -16.78
CA ALA FA 233 -8.55 32.74 -18.07
C ALA FA 233 -7.15 33.30 -17.91
N PHE FA 234 -6.97 34.27 -17.02
CA PHE FA 234 -5.62 34.78 -16.75
C PHE FA 234 -4.72 33.69 -16.20
N TRP FA 235 -5.24 32.88 -15.27
CA TRP FA 235 -4.46 31.77 -14.74
C TRP FA 235 -4.06 30.81 -15.86
N ILE FA 236 -5.01 30.45 -16.71
CA ILE FA 236 -4.71 29.50 -17.79
C ILE FA 236 -3.66 30.08 -18.74
N ALA FA 237 -3.78 31.37 -19.05
CA ALA FA 237 -2.83 32.00 -19.96
C ALA FA 237 -1.43 32.03 -19.36
N ASN FA 238 -1.33 32.33 -18.07
CA ASN FA 238 -0.03 32.46 -17.41
C ASN FA 238 0.36 31.20 -16.64
N ARG FA 239 -0.23 30.06 -16.96
CA ARG FA 239 0.03 28.83 -16.21
C ARG FA 239 1.39 28.25 -16.59
N ASP FA 240 2.17 27.91 -15.57
CA ASP FA 240 3.43 27.18 -15.72
C ASP FA 240 3.91 26.79 -14.33
N ASN FA 241 5.01 26.05 -14.27
CA ASN FA 241 5.64 25.77 -13.00
C ASN FA 241 6.27 27.05 -12.44
N HIS FA 242 6.66 26.98 -11.17
CA HIS FA 242 7.16 28.11 -10.37
C HIS FA 242 6.07 29.11 -10.05
N GLY FA 243 4.81 28.80 -10.30
CA GLY FA 243 3.70 29.65 -9.92
C GLY FA 243 2.83 28.99 -8.88
N VAL FA 244 2.12 29.77 -8.08
CA VAL FA 244 1.31 29.26 -6.99
C VAL FA 244 -0.14 29.68 -7.21
N LYS FA 245 -1.07 28.75 -7.00
CA LYS FA 245 -2.50 29.02 -7.08
C LYS FA 245 -3.08 29.03 -5.68
N VAL FA 246 -3.89 30.03 -5.38
CA VAL FA 246 -4.46 30.23 -4.05
C VAL FA 246 -5.93 29.84 -4.09
N LEU FA 247 -6.34 28.97 -3.17
CA LEU FA 247 -7.71 28.50 -3.07
C LEU FA 247 -8.22 28.71 -1.65
N GLY FA 248 -9.54 28.67 -1.50
CA GLY FA 248 -10.16 28.78 -0.20
C GLY FA 248 -10.10 27.48 0.57
N ILE FA 249 -10.49 27.57 1.85
CA ILE FA 249 -10.42 26.41 2.73
C ILE FA 249 -11.43 25.34 2.30
N ASP FA 250 -12.52 25.74 1.66
CA ASP FA 250 -13.58 24.80 1.33
C ASP FA 250 -13.62 24.38 -0.14
N GLU FA 251 -12.51 24.50 -0.86
CA GLU FA 251 -12.39 23.90 -2.19
C GLU FA 251 -11.14 23.04 -2.29
N GLY FA 252 -11.08 22.26 -3.38
CA GLY FA 252 -9.96 21.41 -3.66
C GLY FA 252 -9.73 21.30 -5.15
N MET FA 253 -8.60 20.69 -5.52
CA MET FA 253 -8.23 20.50 -6.91
C MET FA 253 -7.83 19.05 -7.13
N GLU FA 254 -8.02 18.58 -8.37
CA GLU FA 254 -7.74 17.19 -8.70
C GLU FA 254 -7.15 17.11 -10.11
N GLN FA 255 -6.40 16.05 -10.35
CA GLN FA 255 -5.80 15.79 -11.65
C GLN FA 255 -5.95 14.32 -12.01
N PHE FA 256 -5.95 14.05 -13.31
CA PHE FA 256 -6.02 12.69 -13.82
C PHE FA 256 -5.10 12.56 -15.03
N ASP FA 257 -4.61 11.34 -15.26
CA ASP FA 257 -3.71 11.04 -16.36
C ASP FA 257 -4.24 9.84 -17.12
N THR FA 258 -3.42 9.35 -18.06
CA THR FA 258 -3.74 8.17 -18.84
C THR FA 258 -2.44 7.50 -19.27
N ASN FA 259 -2.40 6.18 -19.17
CA ASN FA 259 -1.19 5.41 -19.50
C ASN FA 259 -1.25 4.98 -20.96
N LEU FA 260 -0.25 5.37 -21.74
CA LEU FA 260 -0.21 5.10 -23.17
C LEU FA 260 0.91 4.14 -23.55
N ALA FA 261 1.35 3.29 -22.62
CA ALA FA 261 2.50 2.44 -22.83
C ALA FA 261 2.13 1.07 -23.39
N ASP FA 262 1.01 0.96 -24.11
CA ASP FA 262 0.58 -0.31 -24.68
C ASP FA 262 0.11 -0.21 -26.13
N PHE FA 263 -0.01 0.99 -26.70
CA PHE FA 263 -0.53 1.11 -28.05
C PHE FA 263 0.46 0.60 -29.09
N ASP FA 264 1.76 0.75 -28.83
CA ASP FA 264 2.75 0.41 -29.84
C ASP FA 264 2.70 -1.08 -30.19
N SER FA 265 2.54 -1.94 -29.20
CA SER FA 265 2.47 -3.38 -29.47
C SER FA 265 1.28 -3.70 -30.36
N ILE FA 266 0.13 -3.08 -30.10
CA ILE FA 266 -1.06 -3.32 -30.92
C ILE FA 266 -0.81 -2.84 -32.34
N ILE FA 267 -0.22 -1.65 -32.50
CA ILE FA 267 0.02 -1.12 -33.84
C ILE FA 267 0.94 -2.04 -34.62
N MET FA 268 2.03 -2.49 -33.99
CA MET FA 268 2.98 -3.34 -34.70
C MET FA 268 2.38 -4.71 -35.00
N ASN FA 269 1.54 -5.25 -34.11
CA ASN FA 269 0.87 -6.50 -34.41
C ASN FA 269 -0.05 -6.36 -35.62
N GLN FA 270 -0.83 -5.27 -35.66
CA GLN FA 270 -1.71 -5.06 -36.81
C GLN FA 270 -0.91 -4.92 -38.10
N TYR FA 271 0.21 -4.19 -38.06
CA TYR FA 271 1.01 -4.02 -39.27
C TYR FA 271 1.67 -5.33 -39.69
N GLN FA 272 2.09 -6.15 -38.73
CA GLN FA 272 2.64 -7.46 -39.06
C GLN FA 272 1.59 -8.34 -39.73
N LEU FA 273 0.35 -8.30 -39.22
CA LEU FA 273 -0.72 -9.05 -39.86
C LEU FA 273 -0.98 -8.54 -41.28
N VAL FA 274 -0.96 -7.23 -41.46
CA VAL FA 274 -1.14 -6.65 -42.80
C VAL FA 274 -0.06 -7.16 -43.74
N ALA FA 275 1.19 -7.16 -43.28
CA ALA FA 275 2.28 -7.66 -44.09
C ALA FA 275 2.10 -9.14 -44.41
N ALA FA 276 1.60 -9.90 -43.43
CA ALA FA 276 1.38 -11.33 -43.66
C ALA FA 276 0.32 -11.57 -44.73
N ILE FA 277 -0.73 -10.73 -44.76
CA ILE FA 277 -1.79 -10.93 -45.74
C ILE FA 277 -1.26 -10.74 -47.16
N ALA FA 278 -0.43 -9.72 -47.37
CA ALA FA 278 0.00 -9.35 -48.71
C ALA FA 278 1.12 -10.22 -49.26
N LYS FA 279 1.55 -11.25 -48.54
CA LYS FA 279 2.63 -12.14 -48.98
C LYS FA 279 3.91 -11.36 -49.28
N THR FA 280 4.21 -10.38 -48.44
CA THR FA 280 5.39 -9.55 -48.60
C THR FA 280 6.06 -9.35 -47.25
N PRO FA 281 7.39 -9.41 -47.19
CA PRO FA 281 8.08 -9.13 -45.92
C PRO FA 281 7.77 -7.73 -45.42
N ALA FA 282 7.65 -7.61 -44.09
CA ALA FA 282 7.31 -6.32 -43.50
C ALA FA 282 8.41 -5.29 -43.73
N THR FA 283 9.65 -5.74 -43.92
CA THR FA 283 10.76 -4.81 -44.14
C THR FA 283 10.62 -4.02 -45.43
N LYS FA 284 9.74 -4.46 -46.33
CA LYS FA 284 9.49 -3.72 -47.57
C LYS FA 284 8.24 -2.86 -47.50
N LEU FA 285 7.15 -3.38 -46.95
CA LEU FA 285 5.93 -2.59 -46.83
C LEU FA 285 6.11 -1.45 -45.81
N LEU FA 286 6.62 -1.77 -44.62
CA LEU FA 286 6.80 -0.78 -43.58
C LEU FA 286 8.19 -0.15 -43.59
N GLY FA 287 9.15 -0.78 -44.26
CA GLY FA 287 10.50 -0.24 -44.28
C GLY FA 287 11.32 -0.49 -43.04
N THR FA 288 10.80 -1.28 -42.10
CA THR FA 288 11.51 -1.62 -40.88
C THR FA 288 10.76 -2.76 -40.21
N SER FA 289 11.50 -3.70 -39.62
CA SER FA 289 10.87 -4.79 -38.90
C SER FA 289 10.09 -4.26 -37.71
N PRO FA 290 8.92 -4.81 -37.41
CA PRO FA 290 8.13 -4.31 -36.27
C PRO FA 290 8.88 -4.49 -34.96
N LYS FA 291 8.60 -3.58 -34.02
CA LYS FA 291 9.27 -3.59 -32.73
C LYS FA 291 9.01 -4.90 -32.00
N GLY FA 292 10.07 -5.49 -31.46
CA GLY FA 292 9.99 -6.74 -30.74
C GLY FA 292 10.16 -7.99 -31.57
N PHE FA 293 10.22 -7.85 -32.90
CA PHE FA 293 10.42 -8.98 -33.79
C PHE FA 293 11.86 -9.03 -34.25
N ASN FA 294 12.39 -10.24 -34.41
CA ASN FA 294 13.71 -10.42 -34.98
C ASN FA 294 13.71 -10.06 -36.45
N ALA FA 295 14.83 -9.53 -36.93
CA ALA FA 295 14.97 -9.07 -38.31
C ALA FA 295 16.14 -9.74 -38.99
N THR FA 296 16.32 -11.05 -38.76
CA THR FA 296 17.39 -11.77 -39.42
C THR FA 296 17.20 -11.76 -40.94
N GLY FA 297 15.99 -12.05 -41.40
CA GLY FA 297 15.68 -11.98 -42.81
C GLY FA 297 16.34 -13.03 -43.67
N GLU FA 298 17.00 -14.02 -43.07
CA GLU FA 298 17.65 -15.06 -43.86
C GLU FA 298 16.64 -15.87 -44.66
N HIS FA 299 15.52 -16.22 -44.02
CA HIS FA 299 14.47 -16.98 -44.71
C HIS FA 299 13.47 -16.08 -45.41
N GLU FA 300 13.25 -14.86 -44.90
CA GLU FA 300 12.29 -13.96 -45.52
C GLU FA 300 12.70 -13.59 -46.94
N THR FA 301 13.98 -13.24 -47.13
CA THR FA 301 14.45 -12.87 -48.47
C THR FA 301 14.40 -14.07 -49.41
N ILE FA 302 14.75 -15.26 -48.92
CA ILE FA 302 14.70 -16.45 -49.76
C ILE FA 302 13.28 -16.72 -50.21
N SER FA 303 12.32 -16.64 -49.28
CA SER FA 303 10.93 -16.85 -49.62
C SER FA 303 10.44 -15.80 -50.61
N TYR FA 304 10.86 -14.55 -50.42
CA TYR FA 304 10.46 -13.50 -51.34
C TYR FA 304 10.99 -13.77 -52.74
N HIS FA 305 12.27 -14.13 -52.86
CA HIS FA 305 12.83 -14.41 -54.18
C HIS FA 305 12.13 -15.60 -54.83
N GLU FA 306 11.80 -16.62 -54.03
CA GLU FA 306 11.07 -17.76 -54.55
C GLU FA 306 9.69 -17.35 -55.07
N GLU FA 307 8.99 -16.49 -54.32
CA GLU FA 307 7.68 -16.02 -54.76
C GLU FA 307 7.79 -15.22 -56.05
N LEU FA 308 8.81 -14.35 -56.15
CA LEU FA 308 8.99 -13.57 -57.37
C LEU FA 308 9.28 -14.47 -58.58
N GLU FA 309 10.10 -15.51 -58.41
CA GLU FA 309 10.36 -16.36 -59.57
C GLU FA 309 9.13 -17.20 -59.91
N SER FA 310 8.30 -17.53 -58.92
CA SER FA 310 7.03 -18.18 -59.23
C SER FA 310 6.14 -17.28 -60.05
N ILE FA 311 6.08 -16.00 -59.68
CA ILE FA 311 5.29 -15.03 -60.46
C ILE FA 311 5.83 -14.94 -61.88
N GLN FA 312 7.16 -14.88 -62.02
CA GLN FA 312 7.77 -14.83 -63.34
C GLN FA 312 7.38 -16.06 -64.16
N GLU FA 313 7.43 -17.25 -63.56
CA GLU FA 313 7.10 -18.46 -64.29
C GLU FA 313 5.62 -18.48 -64.68
N HIS FA 314 4.74 -18.01 -63.81
CA HIS FA 314 3.31 -18.17 -64.04
C HIS FA 314 2.70 -17.09 -64.93
N ILE FA 315 2.80 -15.83 -64.53
CA ILE FA 315 2.00 -14.80 -65.21
C ILE FA 315 2.75 -14.13 -66.34
N PHE FA 316 4.04 -13.84 -66.18
CA PHE FA 316 4.76 -13.08 -67.19
C PHE FA 316 5.15 -13.92 -68.40
N ASP FA 317 5.31 -15.23 -68.25
CA ASP FA 317 5.77 -16.07 -69.35
C ASP FA 317 4.83 -16.09 -70.54
N PRO FA 318 3.52 -16.38 -70.40
CA PRO FA 318 2.70 -16.58 -71.60
C PRO FA 318 2.56 -15.34 -72.46
N LEU FA 319 2.43 -14.16 -71.84
CA LEU FA 319 2.31 -12.94 -72.61
C LEU FA 319 3.55 -12.68 -73.45
N LEU FA 320 4.74 -12.87 -72.85
CA LEU FA 320 5.97 -12.70 -73.60
C LEU FA 320 6.09 -13.74 -74.71
N GLU FA 321 5.70 -14.98 -74.43
CA GLU FA 321 5.75 -16.02 -75.46
C GLU FA 321 4.91 -15.63 -76.65
N ARG FA 322 3.66 -15.23 -76.42
CA ARG FA 322 2.77 -14.85 -77.51
C ARG FA 322 3.30 -13.64 -78.26
N HIS FA 323 3.72 -12.60 -77.52
CA HIS FA 323 4.17 -11.37 -78.17
C HIS FA 323 5.39 -11.65 -79.03
N TYR FA 324 6.33 -12.45 -78.54
CA TYR FA 324 7.51 -12.75 -79.35
C TYR FA 324 7.17 -13.66 -80.51
N LEU FA 325 6.17 -14.53 -80.37
CA LEU FA 325 5.75 -15.34 -81.52
C LEU FA 325 5.24 -14.45 -82.64
N LEU FA 326 4.35 -13.51 -82.30
CA LEU FA 326 3.87 -12.57 -83.32
C LEU FA 326 4.98 -11.71 -83.89
N LEU FA 327 5.89 -11.23 -83.03
CA LEU FA 327 6.98 -10.38 -83.53
C LEU FA 327 7.90 -11.16 -84.45
N ALA FA 328 8.22 -12.41 -84.11
CA ALA FA 328 9.09 -13.22 -84.95
C ALA FA 328 8.44 -13.54 -86.28
N LYS FA 329 7.14 -13.86 -86.28
CA LYS FA 329 6.51 -14.23 -87.53
C LYS FA 329 6.23 -13.02 -88.41
N SER FA 330 5.90 -11.88 -87.82
CA SER FA 330 5.49 -10.71 -88.60
C SER FA 330 6.64 -10.16 -89.43
N GLU FA 331 7.84 -10.12 -88.87
CA GLU FA 331 8.98 -9.47 -89.51
C GLU FA 331 9.94 -10.45 -90.17
N GLU FA 332 9.41 -11.58 -90.66
CA GLU FA 332 10.19 -12.57 -91.41
C GLU FA 332 11.41 -13.05 -90.63
N ILE FA 333 11.22 -13.30 -89.34
CA ILE FA 333 12.26 -13.89 -88.50
C ILE FA 333 11.95 -15.37 -88.40
N ASP FA 334 12.62 -16.17 -89.22
CA ASP FA 334 12.34 -17.61 -89.29
C ASP FA 334 13.23 -18.40 -88.33
N VAL FA 335 13.24 -17.97 -87.07
CA VAL FA 335 13.97 -18.67 -86.01
C VAL FA 335 13.11 -18.65 -84.76
N GLN FA 336 12.97 -19.80 -84.10
CA GLN FA 336 12.22 -19.87 -82.86
C GLN FA 336 12.95 -19.12 -81.75
N LEU FA 337 12.18 -18.57 -80.82
CA LEU FA 337 12.71 -17.78 -79.72
C LEU FA 337 12.27 -18.37 -78.39
N GLU FA 338 13.21 -18.40 -77.44
CA GLU FA 338 12.93 -18.82 -76.07
C GLU FA 338 13.45 -17.76 -75.11
N ILE FA 339 12.79 -17.66 -73.96
CA ILE FA 339 13.01 -16.56 -73.03
C ILE FA 339 13.74 -17.10 -71.80
N VAL FA 340 14.86 -16.45 -71.46
CA VAL FA 340 15.64 -16.79 -70.28
C VAL FA 340 15.64 -15.59 -69.35
N TRP FA 341 15.22 -15.80 -68.11
CA TRP FA 341 15.10 -14.74 -67.13
C TRP FA 341 16.42 -14.51 -66.41
N ASN FA 342 16.73 -13.23 -66.15
CA ASN FA 342 17.88 -12.90 -65.34
C ASN FA 342 17.63 -13.32 -63.89
N PRO FA 343 18.70 -13.59 -63.12
CA PRO FA 343 18.51 -13.94 -61.71
C PRO FA 343 17.78 -12.84 -60.95
N VAL FA 344 16.82 -13.27 -60.13
CA VAL FA 344 16.03 -12.31 -59.36
C VAL FA 344 16.86 -11.71 -58.23
N ASP FA 345 17.83 -12.46 -57.71
CA ASP FA 345 18.65 -11.99 -56.61
C ASP FA 345 19.47 -10.78 -57.03
N SER FA 346 19.48 -9.75 -56.17
CA SER FA 346 20.23 -8.53 -56.42
C SER FA 346 21.19 -8.28 -55.27
N THR FA 347 22.45 -8.02 -55.62
CA THR FA 347 23.50 -7.80 -54.63
C THR FA 347 24.27 -6.53 -54.98
N SER FA 348 24.91 -5.96 -53.97
CA SER FA 348 25.69 -4.74 -54.16
C SER FA 348 26.99 -5.05 -54.89
N SER FA 349 27.85 -4.04 -55.03
CA SER FA 349 29.06 -4.20 -55.83
C SER FA 349 30.02 -5.22 -55.23
N GLN FA 350 30.16 -5.22 -53.91
CA GLN FA 350 31.12 -6.13 -53.26
C GLN FA 350 30.73 -7.58 -53.53
N GLN FA 351 29.50 -7.96 -53.17
CA GLN FA 351 29.06 -9.33 -53.39
C GLN FA 351 29.19 -9.73 -54.84
N GLN FA 352 29.00 -8.78 -55.76
CA GLN FA 352 29.30 -9.04 -57.17
C GLN FA 352 30.77 -9.38 -57.35
N ALA FA 353 31.66 -8.64 -56.65
CA ALA FA 353 33.10 -8.85 -56.82
C ALA FA 353 33.52 -10.24 -56.38
N GLU FA 354 33.15 -10.64 -55.16
CA GLU FA 354 33.52 -12.01 -54.79
C GLU FA 354 32.62 -13.07 -55.41
N LEU FA 355 31.52 -12.69 -56.05
CA LEU FA 355 30.77 -13.66 -56.85
C LEU FA 355 31.49 -13.99 -58.14
N ASN FA 356 32.00 -12.96 -58.83
CA ASN FA 356 32.71 -13.18 -60.08
C ASN FA 356 34.01 -13.95 -59.85
N ASN FA 357 34.73 -13.64 -58.76
CA ASN FA 357 36.01 -14.28 -58.51
C ASN FA 357 35.84 -15.77 -58.27
N LYS FA 358 34.81 -16.18 -57.54
CA LYS FA 358 34.57 -17.60 -57.30
C LYS FA 358 34.28 -18.34 -58.59
N LYS FA 359 33.50 -17.72 -59.49
CA LYS FA 359 33.28 -18.32 -60.79
C LYS FA 359 34.58 -18.41 -61.58
N ALA FA 360 35.42 -17.37 -61.50
CA ALA FA 360 36.68 -17.39 -62.21
C ALA FA 360 37.58 -18.52 -61.70
N ALA FA 361 37.63 -18.72 -60.38
CA ALA FA 361 38.44 -19.79 -59.83
C ALA FA 361 37.92 -21.15 -60.27
N THR FA 362 36.60 -21.33 -60.30
CA THR FA 362 36.03 -22.60 -60.74
C THR FA 362 36.33 -22.85 -62.21
N ASP FA 363 36.30 -21.80 -63.04
CA ASP FA 363 36.58 -21.97 -64.46
C ASP FA 363 38.00 -22.46 -64.70
N GLU FA 364 38.97 -21.91 -63.97
CA GLU FA 364 40.36 -22.28 -64.19
C GLU FA 364 40.61 -23.77 -63.90
N ILE FA 365 39.85 -24.34 -62.96
CA ILE FA 365 40.02 -25.75 -62.65
C ILE FA 365 39.60 -26.61 -63.85
N TYR FA 366 38.48 -26.26 -64.49
CA TYR FA 366 37.97 -27.08 -65.58
C TYR FA 366 38.87 -27.03 -66.80
N ILE FA 367 39.31 -25.84 -67.19
CA ILE FA 367 40.11 -25.69 -68.41
C ILE FA 367 41.44 -26.41 -68.25
N ASN FA 368 42.08 -26.28 -67.09
CA ASN FA 368 43.34 -26.99 -66.86
C ASN FA 368 43.15 -28.49 -66.87
N SER FA 369 41.97 -28.96 -66.47
CA SER FA 369 41.67 -30.38 -66.43
C SER FA 369 41.10 -30.93 -67.73
N GLY FA 370 40.97 -30.09 -68.75
CA GLY FA 370 40.49 -30.52 -70.04
C GLY FA 370 38.98 -30.64 -70.18
N VAL FA 371 38.22 -30.31 -69.12
CA VAL FA 371 36.76 -30.43 -69.20
C VAL FA 371 36.20 -29.45 -70.22
N VAL FA 372 36.69 -28.21 -70.21
CA VAL FA 372 36.19 -27.19 -71.11
C VAL FA 372 37.33 -26.64 -71.97
N SER FA 373 37.01 -25.69 -72.84
CA SER FA 373 37.97 -25.04 -73.71
C SER FA 373 38.07 -23.56 -73.34
N PRO FA 374 39.18 -22.91 -73.68
CA PRO FA 374 39.27 -21.46 -73.43
C PRO FA 374 38.17 -20.67 -74.12
N ASP FA 375 37.73 -21.09 -75.30
CA ASP FA 375 36.71 -20.34 -76.01
C ASP FA 375 35.33 -20.55 -75.39
N GLU FA 376 35.10 -21.71 -74.77
CA GLU FA 376 33.80 -21.96 -74.16
C GLU FA 376 33.51 -20.98 -73.04
N VAL FA 377 34.53 -20.61 -72.25
CA VAL FA 377 34.33 -19.64 -71.19
C VAL FA 377 34.05 -18.26 -71.78
N ARG FA 378 34.58 -17.97 -72.96
CA ARG FA 378 34.45 -16.63 -73.52
C ARG FA 378 33.00 -16.27 -73.81
N GLU FA 379 32.20 -17.22 -74.32
CA GLU FA 379 30.81 -16.92 -74.59
C GLU FA 379 30.03 -16.64 -73.32
N ARG FA 380 30.31 -17.39 -72.25
CA ARG FA 380 29.56 -17.23 -71.02
C ARG FA 380 29.74 -15.83 -70.44
N LEU FA 381 30.98 -15.33 -70.42
CA LEU FA 381 31.22 -13.96 -69.99
C LEU FA 381 30.54 -12.97 -70.91
N ARG FA 382 30.56 -13.24 -72.22
CA ARG FA 382 29.86 -12.38 -73.17
C ARG FA 382 28.35 -12.39 -72.95
N ASP FA 383 27.79 -13.57 -72.67
CA ASP FA 383 26.34 -13.67 -72.51
C ASP FA 383 25.88 -13.09 -71.17
N ASP FA 384 26.69 -13.20 -70.14
CA ASP FA 384 26.30 -12.70 -68.82
C ASP FA 384 26.43 -11.19 -68.77
N PRO FA 385 25.36 -10.44 -68.53
CA PRO FA 385 25.50 -8.98 -68.41
C PRO FA 385 26.10 -8.54 -67.10
N ARG FA 386 25.88 -9.30 -66.02
CA ARG FA 386 26.40 -8.91 -64.71
C ARG FA 386 27.92 -8.98 -64.64
N SER FA 387 28.56 -9.72 -65.55
CA SER FA 387 30.01 -9.78 -65.57
C SER FA 387 30.60 -8.42 -65.90
N GLY FA 388 31.76 -8.12 -65.30
CA GLY FA 388 32.39 -6.84 -65.54
C GLY FA 388 32.80 -6.64 -66.98
N TYR FA 389 33.14 -7.72 -67.68
CA TYR FA 389 33.54 -7.66 -69.08
C TYR FA 389 32.29 -7.75 -69.94
N ASN FA 390 31.93 -6.65 -70.60
CA ASN FA 390 30.78 -6.61 -71.49
C ASN FA 390 31.03 -5.95 -72.83
N ARG FA 391 32.13 -5.20 -72.98
CA ARG FA 391 32.50 -4.57 -74.25
C ARG FA 391 33.30 -5.52 -75.14
N LEU FA 392 33.17 -6.82 -74.92
CA LEU FA 392 34.01 -7.81 -75.59
C LEU FA 392 33.96 -7.66 -77.11
N THR FA 393 35.13 -7.78 -77.73
CA THR FA 393 35.24 -7.75 -79.18
C THR FA 393 34.72 -9.06 -79.78
N ASP FA 394 34.72 -9.12 -81.11
CA ASP FA 394 34.23 -10.28 -81.83
C ASP FA 394 35.31 -11.32 -82.09
N ASP FA 395 36.46 -11.22 -81.42
CA ASP FA 395 37.53 -12.19 -81.60
C ASP FA 395 37.13 -13.53 -81.00
N GLN FA 396 37.93 -14.56 -81.32
CA GLN FA 396 37.65 -15.92 -80.90
C GLN FA 396 38.88 -16.53 -80.27
N ALA FA 397 38.66 -17.38 -79.26
CA ALA FA 397 39.71 -18.10 -78.57
C ALA FA 397 39.82 -19.51 -79.15
N GLU FA 398 40.62 -20.36 -78.51
CA GLU FA 398 40.80 -21.73 -78.95
C GLU FA 398 39.63 -22.59 -78.48
N THR FA 399 39.00 -23.29 -79.41
CA THR FA 399 37.83 -24.11 -79.11
C THR FA 399 38.16 -25.53 -78.70
N GLU FA 400 39.41 -25.95 -78.82
CA GLU FA 400 39.77 -27.33 -78.46
C GLU FA 400 39.84 -27.45 -76.95
N PRO FA 401 39.11 -28.40 -76.35
CA PRO FA 401 39.02 -28.43 -74.89
C PRO FA 401 40.37 -28.65 -74.22
N GLY FA 402 40.62 -27.87 -73.16
CA GLY FA 402 41.80 -28.03 -72.34
C GLY FA 402 43.07 -27.41 -72.87
N MET FA 403 43.02 -26.73 -74.02
CA MET FA 403 44.23 -26.15 -74.61
C MET FA 403 44.48 -24.76 -74.02
N SER FA 404 44.93 -24.77 -72.76
CA SER FA 404 45.39 -23.55 -72.13
C SER FA 404 46.74 -23.14 -72.71
N PRO FA 405 47.11 -21.86 -72.58
CA PRO FA 405 48.41 -21.44 -73.11
C PRO FA 405 49.58 -22.25 -72.59
N GLU FA 406 49.55 -22.63 -71.31
CA GLU FA 406 50.59 -23.50 -70.77
C GLU FA 406 50.37 -24.95 -71.19
N ASN FA 407 49.11 -25.38 -71.34
CA ASN FA 407 48.84 -26.72 -71.83
C ASN FA 407 49.34 -26.91 -73.25
N LEU FA 408 49.14 -25.91 -74.10
CA LEU FA 408 49.66 -25.99 -75.47
C LEU FA 408 51.18 -25.96 -75.48
N ALA FA 409 51.79 -25.22 -74.55
CA ALA FA 409 53.25 -25.15 -74.49
C ALA FA 409 53.85 -26.52 -74.22
N GLU FA 410 53.27 -27.28 -73.30
CA GLU FA 410 53.76 -28.62 -72.99
C GLU FA 410 53.32 -29.66 -74.00
N PHE FA 411 52.42 -29.31 -74.93
CA PHE FA 411 51.96 -30.26 -75.94
C PHE FA 411 53.10 -30.63 -76.88
N GLU FA 412 53.67 -29.64 -77.58
CA GLU FA 412 54.74 -29.94 -78.53
C GLU FA 412 56.04 -30.29 -77.83
N LYS FA 413 56.26 -29.78 -76.62
CA LYS FA 413 57.49 -30.09 -75.91
C LYS FA 413 57.58 -31.58 -75.59
N ALA FA 414 56.47 -32.17 -75.14
CA ALA FA 414 56.46 -33.60 -74.86
C ALA FA 414 56.62 -34.42 -76.14
N GLY FA 415 55.95 -34.01 -77.21
CA GLY FA 415 56.04 -34.75 -78.46
C GLY FA 415 57.43 -34.70 -79.07
N ALA FA 416 58.07 -33.53 -79.05
CA ALA FA 416 59.40 -33.40 -79.62
C ALA FA 416 60.41 -34.27 -78.88
N GLN FA 417 60.33 -34.28 -77.55
CA GLN FA 417 61.21 -35.15 -76.78
C GLN FA 417 60.93 -36.61 -77.07
N SER FA 418 59.66 -36.97 -77.26
CA SER FA 418 59.32 -38.35 -77.59
C SER FA 418 59.92 -38.76 -78.94
N ALA FA 419 59.85 -37.88 -79.92
CA ALA FA 419 60.46 -38.18 -81.22
C ALA FA 419 61.95 -38.39 -81.10
N LYS FA 420 62.62 -37.56 -80.30
CA LYS FA 420 64.04 -37.74 -80.06
C LYS FA 420 64.31 -39.07 -79.38
N ALA FA 421 63.45 -39.47 -78.44
CA ALA FA 421 63.65 -40.71 -77.70
C ALA FA 421 63.56 -41.93 -78.61
N LYS FA 422 62.68 -41.91 -79.60
CA LYS FA 422 62.55 -43.05 -80.50
C LYS FA 422 63.82 -43.25 -81.33
N GLY FA 423 64.34 -42.17 -81.91
CA GLY FA 423 65.48 -42.30 -82.81
C GLY FA 423 66.74 -42.77 -82.11
N GLU FA 424 67.03 -42.22 -80.94
CA GLU FA 424 68.26 -42.57 -80.24
C GLU FA 424 68.27 -44.05 -79.85
N ALA FA 425 67.10 -44.59 -79.50
CA ALA FA 425 67.02 -46.03 -79.25
C ALA FA 425 67.34 -46.83 -80.50
N GLU FA 426 66.82 -46.38 -81.65
CA GLU FA 426 67.14 -47.05 -82.91
C GLU FA 426 68.57 -46.82 -83.32
N ARG FA 427 69.14 -45.65 -82.99
CA ARG FA 427 70.55 -45.41 -83.29
C ARG FA 427 71.44 -46.37 -82.52
N ALA FA 428 71.10 -46.66 -81.26
CA ALA FA 428 71.86 -47.63 -80.48
C ALA FA 428 71.70 -49.04 -81.01
N GLU FA 429 70.61 -49.32 -81.74
CA GLU FA 429 70.40 -50.66 -82.29
C GLU FA 429 71.45 -51.03 -83.33
N ALA FA 430 72.12 -50.04 -83.93
CA ALA FA 430 73.21 -50.35 -84.84
C ALA FA 430 74.34 -51.08 -84.13
N GLN FA 431 74.72 -50.61 -82.95
CA GLN FA 431 75.71 -51.32 -82.16
C GLN FA 431 75.08 -52.54 -81.49
N ALA FA 432 75.92 -53.55 -81.23
CA ALA FA 432 75.48 -54.82 -80.66
C ALA FA 432 74.41 -55.46 -81.54
N GLY FA 433 74.61 -55.41 -82.85
CA GLY FA 433 73.68 -55.98 -83.80
C GLY FA 433 74.30 -56.33 -85.13
N PRO GA 1 -15.14 -42.88 -20.45
CA PRO GA 1 -15.65 -41.53 -20.23
C PRO GA 1 -16.58 -41.09 -21.35
N THR GA 2 -17.85 -40.83 -21.00
CA THR GA 2 -18.82 -40.41 -22.00
C THR GA 2 -18.45 -39.07 -22.61
N MET GA 3 -18.01 -38.13 -21.78
CA MET GA 3 -17.69 -36.79 -22.28
C MET GA 3 -16.52 -36.83 -23.25
N LEU GA 4 -15.49 -37.62 -22.95
CA LEU GA 4 -14.35 -37.73 -23.86
C LEU GA 4 -14.77 -38.29 -25.21
N GLN GA 5 -15.58 -39.35 -25.19
CA GLN GA 5 -16.01 -39.98 -26.43
C GLN GA 5 -16.90 -39.04 -27.23
N ASP GA 6 -17.79 -38.30 -26.56
CA ASP GA 6 -18.61 -37.32 -27.27
C ASP GA 6 -17.77 -36.22 -27.89
N TRP GA 7 -16.78 -35.72 -27.14
CA TRP GA 7 -15.91 -34.66 -27.65
C TRP GA 7 -15.14 -35.14 -28.88
N TYR GA 8 -14.66 -36.38 -28.85
CA TYR GA 8 -13.89 -36.89 -29.99
C TYR GA 8 -14.81 -37.21 -31.17
N ASN GA 9 -16.04 -37.63 -30.90
CA ASN GA 9 -16.95 -38.02 -31.96
C ASN GA 9 -17.60 -36.80 -32.62
N SER GA 10 -17.61 -35.66 -31.92
CA SER GA 10 -18.27 -34.48 -32.45
C SER GA 10 -17.68 -34.05 -33.79
N GLN GA 11 -16.37 -34.21 -33.96
CA GLN GA 11 -15.75 -33.91 -35.24
C GLN GA 11 -16.21 -34.91 -36.30
N GLY GA 12 -16.55 -34.41 -37.48
CA GLY GA 12 -17.04 -35.25 -38.55
C GLY GA 12 -17.05 -34.50 -39.85
N PHE GA 13 -17.54 -35.18 -40.89
CA PHE GA 13 -17.58 -34.58 -42.21
C PHE GA 13 -18.54 -33.40 -42.23
N ILE GA 14 -18.18 -32.35 -42.97
CA ILE GA 14 -18.95 -31.12 -42.99
C ILE GA 14 -19.69 -30.90 -44.31
N GLY GA 15 -19.26 -31.55 -45.39
CA GLY GA 15 -19.94 -31.39 -46.66
C GLY GA 15 -19.18 -30.49 -47.62
N TYR GA 16 -19.23 -30.86 -48.90
CA TYR GA 16 -18.49 -30.12 -49.92
C TYR GA 16 -18.98 -28.69 -50.03
N GLN GA 17 -20.26 -28.46 -49.79
CA GLN GA 17 -20.78 -27.09 -49.78
C GLN GA 17 -20.13 -26.27 -48.68
N ALA GA 18 -19.96 -26.86 -47.50
CA ALA GA 18 -19.28 -26.15 -46.41
C ALA GA 18 -17.81 -25.90 -46.75
N CYS GA 19 -17.12 -26.91 -47.32
CA CYS GA 19 -15.72 -26.72 -47.66
C CYS GA 19 -15.53 -25.62 -48.71
N ALA GA 20 -16.42 -25.57 -49.70
CA ALA GA 20 -16.29 -24.56 -50.74
C ALA GA 20 -16.40 -23.15 -50.16
N ILE GA 21 -17.36 -22.94 -49.26
CA ILE GA 21 -17.50 -21.63 -48.63
C ILE GA 21 -16.31 -21.32 -47.75
N ILE GA 22 -15.84 -22.31 -46.97
CA ILE GA 22 -14.74 -22.07 -46.04
C ILE GA 22 -13.45 -21.74 -46.79
N SER GA 23 -13.26 -22.32 -47.97
CA SER GA 23 -12.02 -22.12 -48.71
C SER GA 23 -11.82 -20.70 -49.21
N GLN GA 24 -12.84 -19.84 -49.12
CA GLN GA 24 -12.70 -18.48 -49.60
C GLN GA 24 -11.71 -17.68 -48.76
N HIS GA 25 -11.61 -18.00 -47.47
CA HIS GA 25 -10.81 -17.19 -46.56
C HIS GA 25 -9.35 -17.23 -46.96
N TRP GA 26 -8.65 -16.10 -46.75
CA TRP GA 26 -7.30 -15.94 -47.24
C TRP GA 26 -6.34 -16.92 -46.57
N LEU GA 27 -6.47 -17.12 -45.26
CA LEU GA 27 -5.51 -17.95 -44.54
C LEU GA 27 -5.61 -19.41 -44.97
N VAL GA 28 -6.83 -19.93 -45.08
CA VAL GA 28 -7.01 -21.32 -45.49
C VAL GA 28 -6.51 -21.52 -46.91
N ASP GA 29 -6.83 -20.58 -47.81
CA ASP GA 29 -6.36 -20.67 -49.18
C ASP GA 29 -4.84 -20.67 -49.24
N LYS GA 30 -4.20 -19.79 -48.47
CA LYS GA 30 -2.74 -19.73 -48.46
C LYS GA 30 -2.15 -21.03 -47.94
N ALA GA 31 -2.70 -21.56 -46.86
CA ALA GA 31 -2.17 -22.79 -46.28
C ALA GA 31 -2.30 -23.95 -47.25
N CYS GA 32 -3.44 -24.04 -47.94
CA CYS GA 32 -3.62 -25.12 -48.91
C CYS GA 32 -2.73 -24.94 -50.13
N SER GA 33 -2.47 -23.69 -50.52
CA SER GA 33 -1.83 -23.44 -51.80
C SER GA 33 -0.31 -23.55 -51.72
N MET GA 34 0.30 -23.08 -50.63
CA MET GA 34 1.74 -22.88 -50.62
C MET GA 34 2.52 -24.19 -50.80
N SER GA 35 2.05 -25.27 -50.18
CA SER GA 35 2.76 -26.55 -50.30
C SER GA 35 2.79 -27.03 -51.75
N GLY GA 36 1.63 -27.06 -52.39
CA GLY GA 36 1.57 -27.46 -53.78
C GLY GA 36 2.38 -26.54 -54.67
N GLU GA 37 2.38 -25.24 -54.37
CA GLU GA 37 3.21 -24.32 -55.13
C GLU GA 37 4.69 -24.65 -55.00
N ASP GA 38 5.16 -24.85 -53.77
CA ASP GA 38 6.58 -25.10 -53.55
C ASP GA 38 7.02 -26.43 -54.15
N ALA GA 39 6.09 -27.39 -54.26
CA ALA GA 39 6.49 -28.74 -54.62
C ALA GA 39 7.09 -28.81 -56.03
N ALA GA 40 6.43 -28.23 -57.04
CA ALA GA 40 6.78 -28.51 -58.42
C ALA GA 40 7.55 -27.37 -59.11
N ARG GA 41 7.86 -26.29 -58.39
CA ARG GA 41 8.44 -25.11 -59.02
C ARG GA 41 9.93 -25.30 -59.35
N ASN GA 42 10.62 -26.21 -58.68
CA ASN GA 42 12.00 -26.50 -59.07
C ASN GA 42 12.07 -27.25 -60.39
N GLY GA 43 11.09 -28.10 -60.67
CA GLY GA 43 10.95 -28.71 -61.97
C GLY GA 43 11.66 -30.05 -62.08
N TRP GA 44 11.41 -30.73 -63.19
CA TRP GA 44 11.96 -32.04 -63.49
C TRP GA 44 12.61 -32.03 -64.86
N GLU GA 45 13.57 -32.92 -65.08
CA GLU GA 45 14.22 -33.07 -66.38
C GLU GA 45 13.99 -34.47 -66.91
N LEU GA 46 13.74 -34.57 -68.21
CA LEU GA 46 13.42 -35.86 -68.82
C LEU GA 46 14.64 -36.78 -68.81
N LYS GA 47 14.38 -38.09 -68.73
CA LYS GA 47 15.44 -39.09 -68.72
C LYS GA 47 14.88 -40.38 -69.29
N SER GA 48 15.68 -41.03 -70.15
CA SER GA 48 15.23 -42.22 -70.88
C SER GA 48 16.27 -43.34 -70.73
N ASP GA 49 16.16 -44.11 -69.65
CA ASP GA 49 16.90 -45.36 -69.48
C ASP GA 49 18.42 -45.19 -69.64
N GLY GA 50 18.96 -44.13 -69.04
CA GLY GA 50 20.39 -43.94 -69.01
C GLY GA 50 20.99 -43.37 -70.29
N ARG GA 51 20.18 -43.08 -71.30
CA ARG GA 51 20.67 -42.54 -72.56
C ARG GA 51 19.74 -41.42 -73.00
N LYS GA 52 20.32 -40.43 -73.68
CA LYS GA 52 19.57 -39.28 -74.17
C LYS GA 52 19.10 -39.55 -75.59
N LEU GA 53 17.81 -39.35 -75.83
CA LEU GA 53 17.20 -39.66 -77.11
C LEU GA 53 17.30 -38.44 -78.03
N SER GA 54 16.60 -38.50 -79.17
CA SER GA 54 16.73 -37.46 -80.19
C SER GA 54 16.29 -36.10 -79.65
N ASP GA 55 17.10 -35.08 -79.93
CA ASP GA 55 16.83 -33.74 -79.41
C ASP GA 55 15.57 -33.14 -80.04
N GLU GA 56 15.34 -33.42 -81.32
CA GLU GA 56 14.11 -32.95 -81.95
C GLU GA 56 12.89 -33.59 -81.31
N GLN GA 57 12.99 -34.88 -80.96
CA GLN GA 57 11.91 -35.53 -80.22
C GLN GA 57 11.72 -34.88 -78.86
N SER GA 58 12.82 -34.49 -78.21
CA SER GA 58 12.71 -33.79 -76.94
C SER GA 58 12.00 -32.46 -77.10
N ALA GA 59 12.30 -31.72 -78.17
CA ALA GA 59 11.59 -30.47 -78.43
C ALA GA 59 10.11 -30.71 -78.69
N LEU GA 60 9.79 -31.77 -79.44
CA LEU GA 60 8.39 -32.15 -79.64
C LEU GA 60 7.69 -32.40 -78.31
N ILE GA 61 8.34 -33.18 -77.44
CA ILE GA 61 7.76 -33.48 -76.13
C ILE GA 61 7.57 -32.20 -75.33
N ALA GA 62 8.56 -31.31 -75.36
CA ALA GA 62 8.47 -30.07 -74.60
C ALA GA 62 7.32 -29.20 -75.10
N ARG GA 63 7.13 -29.10 -76.41
CA ARG GA 63 6.08 -28.24 -76.93
C ARG GA 63 4.70 -28.85 -76.71
N ARG GA 64 4.58 -30.18 -76.80
CA ARG GA 64 3.34 -30.83 -76.38
C ARG GA 64 3.05 -30.56 -74.90
N ASP GA 65 4.08 -30.66 -74.06
CA ASP GA 65 3.89 -30.48 -72.63
C ASP GA 65 3.46 -29.05 -72.31
N MET GA 66 4.08 -28.07 -72.96
CA MET GA 66 3.69 -26.68 -72.75
C MET GA 66 2.27 -26.44 -73.26
N GLU GA 67 1.91 -27.05 -74.39
CA GLU GA 67 0.54 -26.93 -74.88
C GLU GA 67 -0.47 -27.54 -73.92
N PHE GA 68 -0.11 -28.66 -73.30
CA PHE GA 68 -1.04 -29.37 -72.42
C PHE GA 68 -1.14 -28.77 -71.03
N ARG GA 69 -0.24 -27.85 -70.66
CA ARG GA 69 -0.30 -27.15 -69.38
C ARG GA 69 -0.26 -28.14 -68.21
N VAL GA 70 0.84 -28.88 -68.12
CA VAL GA 70 0.96 -29.89 -67.07
C VAL GA 70 1.16 -29.23 -65.70
N LYS GA 71 1.92 -28.13 -65.65
CA LYS GA 71 2.30 -27.55 -64.37
C LYS GA 71 1.09 -26.99 -63.63
N ASP GA 72 0.23 -26.25 -64.34
CA ASP GA 72 -0.94 -25.68 -63.71
C ASP GA 72 -1.90 -26.76 -63.24
N ASN GA 73 -2.05 -27.82 -64.04
CA ASN GA 73 -2.87 -28.94 -63.61
C ASN GA 73 -2.30 -29.59 -62.35
N LEU GA 74 -0.97 -29.74 -62.30
CA LEU GA 74 -0.34 -30.33 -61.13
C LEU GA 74 -0.61 -29.49 -59.88
N VAL GA 75 -0.47 -28.18 -60.00
CA VAL GA 75 -0.70 -27.30 -58.86
C VAL GA 75 -2.16 -27.35 -58.41
N GLU GA 76 -3.08 -27.26 -59.38
CA GLU GA 76 -4.51 -27.29 -59.05
C GLU GA 76 -4.91 -28.62 -58.41
N LEU GA 77 -4.29 -29.71 -58.85
CA LEU GA 77 -4.58 -31.01 -58.26
C LEU GA 77 -4.30 -31.02 -56.77
N ASN GA 78 -3.11 -30.58 -56.37
CA ASN GA 78 -2.77 -30.55 -54.96
C ASN GA 78 -3.65 -29.57 -54.20
N ARG GA 79 -3.92 -28.39 -54.79
CA ARG GA 79 -4.77 -27.42 -54.11
C ARG GA 79 -6.13 -28.01 -53.77
N PHE GA 80 -6.82 -28.57 -54.77
CA PHE GA 80 -8.17 -29.02 -54.52
C PHE GA 80 -8.21 -30.38 -53.83
N LYS GA 81 -7.09 -31.13 -53.86
CA LYS GA 81 -7.00 -32.32 -53.01
C LYS GA 81 -6.92 -31.92 -51.55
N ASN GA 82 -6.16 -30.87 -51.24
CA ASN GA 82 -6.15 -30.36 -49.87
C ASN GA 82 -7.51 -29.79 -49.47
N VAL GA 83 -8.15 -29.06 -50.39
CA VAL GA 83 -9.41 -28.41 -50.05
C VAL GA 83 -10.53 -29.43 -49.84
N PHE GA 84 -10.68 -30.37 -50.76
CA PHE GA 84 -11.84 -31.27 -50.75
C PHE GA 84 -11.52 -32.65 -50.21
N GLY GA 85 -10.25 -33.02 -50.11
CA GLY GA 85 -9.87 -34.36 -49.71
C GLY GA 85 -9.54 -35.29 -50.86
N VAL GA 86 -10.27 -35.22 -51.96
CA VAL GA 86 -10.01 -36.04 -53.14
C VAL GA 86 -10.10 -35.16 -54.38
N ARG GA 87 -9.28 -35.49 -55.36
CA ARG GA 87 -9.34 -34.85 -56.67
C ARG GA 87 -9.21 -35.93 -57.74
N ILE GA 88 -9.91 -35.74 -58.86
CA ILE GA 88 -9.99 -36.72 -59.92
C ILE GA 88 -9.42 -36.12 -61.19
N ALA GA 89 -8.48 -36.83 -61.82
CA ALA GA 89 -7.88 -36.43 -63.08
C ALA GA 89 -8.24 -37.47 -64.13
N LEU GA 90 -8.72 -36.99 -65.28
CA LEU GA 90 -9.21 -37.86 -66.36
C LEU GA 90 -8.35 -37.65 -67.60
N PHE GA 91 -7.84 -38.75 -68.15
CA PHE GA 91 -7.11 -38.72 -69.40
C PHE GA 91 -8.09 -38.78 -70.56
N VAL GA 92 -8.26 -37.67 -71.27
CA VAL GA 92 -9.18 -37.60 -72.40
C VAL GA 92 -8.47 -38.14 -73.64
N VAL GA 93 -9.05 -39.17 -74.24
CA VAL GA 93 -8.47 -39.85 -75.38
C VAL GA 93 -9.56 -40.04 -76.43
N GLU GA 94 -9.22 -39.78 -77.70
CA GLU GA 94 -10.14 -39.91 -78.81
C GLU GA 94 -9.85 -41.22 -79.55
N SER GA 95 -10.82 -42.13 -79.55
CA SER GA 95 -10.63 -43.43 -80.18
C SER GA 95 -11.95 -43.85 -80.85
N ASP GA 96 -11.82 -44.81 -81.77
CA ASP GA 96 -13.01 -45.30 -82.48
C ASP GA 96 -13.85 -46.23 -81.62
N ASP GA 97 -13.30 -46.73 -80.53
CA ASP GA 97 -14.04 -47.64 -79.66
C ASP GA 97 -15.25 -46.93 -79.07
N PRO GA 98 -16.43 -47.55 -79.07
CA PRO GA 98 -17.62 -46.85 -78.57
C PRO GA 98 -17.54 -46.49 -77.10
N ASP GA 99 -17.06 -47.41 -76.25
CA ASP GA 99 -16.91 -47.17 -74.82
C ASP GA 99 -15.50 -47.60 -74.40
N TYR GA 100 -14.54 -46.68 -74.55
CA TYR GA 100 -13.18 -46.96 -74.13
C TYR GA 100 -13.03 -46.91 -72.61
N TYR GA 101 -13.65 -45.91 -71.98
CA TYR GA 101 -13.48 -45.72 -70.55
C TYR GA 101 -14.20 -46.79 -69.75
N GLU GA 102 -15.27 -47.37 -70.31
CA GLU GA 102 -16.06 -48.32 -69.55
C GLU GA 102 -15.35 -49.66 -69.41
N LYS GA 103 -14.64 -50.09 -70.45
CA LYS GA 103 -13.86 -51.32 -70.36
C LYS GA 103 -12.55 -51.07 -69.61
N PRO GA 104 -11.94 -52.13 -69.06
CA PRO GA 104 -10.67 -51.96 -68.35
C PRO GA 104 -9.57 -51.45 -69.27
N PHE GA 105 -8.59 -50.80 -68.67
CA PHE GA 105 -7.53 -50.13 -69.42
C PHE GA 105 -6.71 -51.13 -70.23
N ASN GA 106 -6.49 -50.81 -71.49
CA ASN GA 106 -5.59 -51.58 -72.36
C ASN GA 106 -4.58 -50.60 -72.94
N PRO GA 107 -3.31 -50.67 -72.56
CA PRO GA 107 -2.32 -49.72 -73.11
C PRO GA 107 -2.17 -49.82 -74.62
N ASP GA 108 -2.37 -51.01 -75.19
CA ASP GA 108 -2.18 -51.19 -76.62
C ASP GA 108 -3.27 -50.52 -77.45
N GLY GA 109 -4.36 -50.09 -76.81
CA GLY GA 109 -5.45 -49.47 -77.55
C GLY GA 109 -5.18 -48.06 -78.00
N VAL GA 110 -4.05 -47.47 -77.59
CA VAL GA 110 -3.75 -46.09 -77.94
C VAL GA 110 -3.42 -45.98 -79.42
N THR GA 111 -4.06 -45.03 -80.09
CA THR GA 111 -3.80 -44.74 -81.48
C THR GA 111 -3.09 -43.39 -81.62
N PRO GA 112 -2.28 -43.20 -82.66
CA PRO GA 112 -1.55 -41.93 -82.80
C PRO GA 112 -2.51 -40.75 -82.90
N GLY GA 113 -2.14 -39.65 -82.23
CA GLY GA 113 -2.94 -38.44 -82.22
C GLY GA 113 -4.14 -38.46 -81.31
N SER GA 114 -4.34 -39.54 -80.55
CA SER GA 114 -5.55 -39.67 -79.73
C SER GA 114 -5.49 -38.78 -78.49
N TYR GA 115 -4.32 -38.65 -77.88
CA TYR GA 115 -4.20 -37.91 -76.63
C TYR GA 115 -4.53 -36.43 -76.85
N LYS GA 116 -5.38 -35.88 -75.99
CA LYS GA 116 -5.82 -34.50 -76.11
C LYS GA 116 -5.41 -33.62 -74.93
N GLY GA 117 -5.49 -34.11 -73.70
CA GLY GA 117 -5.12 -33.29 -72.56
C GLY GA 117 -5.54 -33.95 -71.26
N ILE GA 118 -5.64 -33.10 -70.23
CA ILE GA 118 -6.00 -33.53 -68.88
C ILE GA 118 -7.23 -32.75 -68.45
N SER GA 119 -8.25 -33.47 -67.97
CA SER GA 119 -9.45 -32.86 -67.42
C SER GA 119 -9.56 -33.21 -65.95
N GLN GA 120 -10.00 -32.23 -65.15
CA GLN GA 120 -10.16 -32.40 -63.71
C GLN GA 120 -11.60 -32.14 -63.35
N ILE GA 121 -12.14 -32.98 -62.45
CA ILE GA 121 -13.55 -32.97 -62.11
C ILE GA 121 -13.69 -32.71 -60.61
N ASP GA 122 -14.54 -31.75 -60.26
CA ASP GA 122 -14.84 -31.50 -58.86
C ASP GA 122 -15.58 -32.70 -58.26
N PRO GA 123 -15.38 -32.97 -56.96
CA PRO GA 123 -15.98 -34.18 -56.37
C PRO GA 123 -17.50 -34.21 -56.41
N TYR GA 124 -18.17 -33.05 -56.38
CA TYR GA 124 -19.62 -33.07 -56.32
C TYR GA 124 -20.23 -33.38 -57.69
N TRP GA 125 -19.45 -33.25 -58.76
CA TRP GA 125 -19.92 -33.72 -60.07
C TRP GA 125 -19.90 -35.23 -60.17
N ALA GA 126 -18.87 -35.88 -59.65
CA ALA GA 126 -18.65 -37.31 -59.84
C ALA GA 126 -19.07 -38.07 -58.58
N MET GA 127 -19.91 -39.08 -58.76
CA MET GA 127 -20.37 -39.92 -57.66
C MET GA 127 -19.77 -41.30 -57.82
N PRO GA 128 -19.02 -41.81 -56.84
CA PRO GA 128 -18.45 -43.16 -56.96
C PRO GA 128 -19.54 -44.23 -56.95
N GLN GA 129 -19.26 -45.32 -57.64
CA GLN GA 129 -20.17 -46.46 -57.69
C GLN GA 129 -19.42 -47.70 -57.25
N LEU GA 130 -20.02 -48.46 -56.33
CA LEU GA 130 -19.35 -49.58 -55.67
C LEU GA 130 -19.96 -50.88 -56.19
N THR GA 131 -19.11 -51.78 -56.68
CA THR GA 131 -19.57 -53.05 -57.19
C THR GA 131 -19.56 -54.12 -56.08
N ALA GA 132 -20.43 -55.11 -56.24
CA ALA GA 132 -20.57 -56.15 -55.23
C ALA GA 132 -19.30 -57.00 -55.13
N GLY GA 133 -18.63 -57.24 -56.26
CA GLY GA 133 -17.45 -58.09 -56.24
C GLY GA 133 -16.32 -57.53 -55.40
N SER GA 134 -16.10 -56.21 -55.50
CA SER GA 134 -15.01 -55.59 -54.73
C SER GA 134 -15.27 -55.66 -53.24
N THR GA 135 -16.52 -55.44 -52.82
CA THR GA 135 -16.88 -55.44 -51.41
C THR GA 135 -17.29 -56.82 -50.91
N ALA GA 136 -17.05 -57.87 -51.68
CA ALA GA 136 -17.50 -59.21 -51.28
C ALA GA 136 -16.64 -59.77 -50.15
N ASP GA 137 -15.33 -59.64 -50.26
CA ASP GA 137 -14.42 -60.32 -49.35
C ASP GA 137 -13.27 -59.39 -48.93
N PRO GA 138 -13.09 -59.17 -47.63
CA PRO GA 138 -11.94 -58.36 -47.19
C PRO GA 138 -10.60 -58.98 -47.55
N SER GA 139 -10.55 -60.28 -47.84
CA SER GA 139 -9.31 -60.90 -48.30
C SER GA 139 -8.84 -60.27 -49.60
N SER GA 140 -9.79 -59.92 -50.48
CA SER GA 140 -9.44 -59.28 -51.73
C SER GA 140 -8.86 -57.88 -51.49
N GLU GA 141 -7.85 -57.53 -52.27
CA GLU GA 141 -7.19 -56.23 -52.15
C GLU GA 141 -8.09 -55.07 -52.56
N HIS GA 142 -9.20 -55.35 -53.26
CA HIS GA 142 -10.10 -54.30 -53.74
C HIS GA 142 -11.24 -54.02 -52.78
N PHE GA 143 -11.05 -54.26 -51.49
CA PHE GA 143 -12.13 -54.10 -50.52
C PHE GA 143 -12.35 -52.63 -50.19
N TYR GA 144 -13.58 -52.16 -50.46
CA TYR GA 144 -13.97 -50.76 -50.25
C TYR GA 144 -13.15 -49.79 -51.09
N GLU GA 145 -12.75 -50.21 -52.28
CA GLU GA 145 -12.27 -49.29 -53.31
C GLU GA 145 -13.28 -49.27 -54.44
N PRO GA 146 -13.89 -48.13 -54.75
CA PRO GA 146 -14.94 -48.09 -55.78
C PRO GA 146 -14.41 -48.56 -57.12
N ASP GA 147 -15.25 -49.31 -57.84
CA ASP GA 147 -14.82 -49.86 -59.13
C ASP GA 147 -15.10 -48.89 -60.26
N PHE GA 148 -16.25 -48.22 -60.23
CA PHE GA 148 -16.62 -47.28 -61.27
C PHE GA 148 -16.97 -45.93 -60.65
N TRP GA 149 -16.70 -44.87 -61.41
CA TRP GA 149 -17.11 -43.52 -61.07
C TRP GA 149 -18.01 -43.01 -62.19
N ILE GA 150 -19.17 -42.48 -61.83
CA ILE GA 150 -20.12 -41.95 -62.80
C ILE GA 150 -20.07 -40.43 -62.75
N ILE GA 151 -19.81 -39.82 -63.91
CA ILE GA 151 -19.72 -38.37 -64.03
C ILE GA 151 -20.73 -37.93 -65.09
N SER GA 152 -21.87 -37.42 -64.65
CA SER GA 152 -22.92 -36.93 -65.53
C SER GA 152 -23.37 -38.00 -66.52
N GLY GA 153 -23.84 -39.11 -65.97
CA GLY GA 153 -24.43 -40.17 -66.78
C GLY GA 153 -23.46 -40.88 -67.70
N LYS GA 154 -22.28 -41.23 -67.21
CA LYS GA 154 -21.32 -42.04 -67.95
C LYS GA 154 -20.48 -42.84 -66.96
N LYS GA 155 -20.16 -44.07 -67.34
CA LYS GA 155 -19.45 -45.00 -66.46
C LYS GA 155 -17.99 -45.07 -66.88
N TYR GA 156 -17.09 -44.89 -65.91
CA TYR GA 156 -15.65 -44.93 -66.15
C TYR GA 156 -15.03 -45.97 -65.22
N HIS GA 157 -14.16 -46.80 -65.77
CA HIS GA 157 -13.49 -47.80 -64.95
C HIS GA 157 -12.44 -47.16 -64.06
N ARG GA 158 -12.12 -47.84 -62.96
CA ARG GA 158 -11.16 -47.31 -61.99
C ARG GA 158 -9.77 -47.17 -62.61
N SER GA 159 -9.37 -48.14 -63.44
CA SER GA 159 -8.02 -48.13 -63.98
C SER GA 159 -7.76 -46.91 -64.85
N HIS GA 160 -8.74 -46.50 -65.65
CA HIS GA 160 -8.56 -45.33 -66.52
C HIS GA 160 -8.35 -44.07 -65.70
N LEU GA 161 -9.07 -43.93 -64.59
CA LEU GA 161 -9.03 -42.71 -63.80
C LEU GA 161 -7.86 -42.72 -62.83
N VAL GA 162 -7.46 -41.52 -62.39
CA VAL GA 162 -6.43 -41.34 -61.38
C VAL GA 162 -7.06 -40.61 -60.20
N VAL GA 163 -7.01 -41.21 -59.03
CA VAL GA 163 -7.64 -40.68 -57.83
C VAL GA 163 -6.58 -40.51 -56.75
N VAL GA 164 -6.55 -39.34 -56.13
CA VAL GA 164 -5.60 -39.01 -55.07
C VAL GA 164 -6.39 -38.67 -53.81
N ARG GA 165 -5.97 -39.23 -52.68
CA ARG GA 165 -6.65 -39.03 -51.41
C ARG GA 165 -5.66 -38.54 -50.36
N GLY GA 166 -6.17 -37.85 -49.36
CA GLY GA 166 -5.38 -37.39 -48.25
C GLY GA 166 -5.27 -38.44 -47.16
N PRO GA 167 -5.55 -38.06 -45.92
CA PRO GA 167 -5.52 -39.02 -44.82
C PRO GA 167 -6.61 -40.06 -44.98
N GLN GA 168 -6.21 -41.31 -45.20
CA GLN GA 168 -7.16 -42.39 -45.48
C GLN GA 168 -7.79 -42.87 -44.17
N PRO GA 169 -9.11 -42.76 -44.01
CA PRO GA 169 -9.75 -43.25 -42.79
C PRO GA 169 -9.82 -44.76 -42.79
N PRO GA 170 -10.17 -45.38 -41.66
CA PRO GA 170 -10.38 -46.83 -41.64
C PRO GA 170 -11.63 -47.21 -42.45
N ASP GA 171 -11.74 -48.51 -42.71
CA ASP GA 171 -12.82 -49.00 -43.56
C ASP GA 171 -14.19 -48.72 -42.95
N ILE GA 172 -14.26 -48.64 -41.62
CA ILE GA 172 -15.55 -48.41 -40.97
C ILE GA 172 -16.06 -47.01 -41.27
N LEU GA 173 -15.16 -46.02 -41.36
CA LEU GA 173 -15.54 -44.64 -41.61
C LEU GA 173 -15.42 -44.25 -43.07
N LYS GA 174 -14.89 -45.13 -43.93
CA LYS GA 174 -14.77 -44.81 -45.35
C LYS GA 174 -16.10 -44.48 -46.01
N PRO GA 175 -17.20 -45.21 -45.77
CA PRO GA 175 -18.48 -44.79 -46.36
C PRO GA 175 -18.92 -43.40 -45.91
N THR GA 176 -18.60 -43.02 -44.67
CA THR GA 176 -18.99 -41.70 -44.18
C THR GA 176 -18.33 -40.59 -44.99
N TYR GA 177 -17.03 -40.74 -45.27
CA TYR GA 177 -16.29 -39.75 -46.03
C TYR GA 177 -16.42 -39.95 -47.54
N ILE GA 178 -17.32 -40.83 -47.97
CA ILE GA 178 -17.55 -41.11 -49.39
C ILE GA 178 -16.25 -41.60 -50.01
N PHE GA 179 -15.59 -42.54 -49.32
CA PHE GA 179 -14.35 -43.16 -49.81
C PHE GA 179 -13.29 -42.10 -50.13
N GLY GA 180 -13.09 -41.16 -49.20
CA GLY GA 180 -12.17 -40.07 -49.42
C GLY GA 180 -11.43 -39.69 -48.16
N GLY GA 181 -10.36 -38.92 -48.35
CA GLY GA 181 -9.58 -38.46 -47.22
C GLY GA 181 -10.25 -37.33 -46.46
N ILE GA 182 -9.69 -37.03 -45.30
CA ILE GA 182 -10.26 -35.97 -44.44
C ILE GA 182 -9.86 -34.60 -44.99
N PRO GA 183 -10.81 -33.71 -45.23
CA PRO GA 183 -10.46 -32.38 -45.76
C PRO GA 183 -9.64 -31.58 -44.77
N LEU GA 184 -8.76 -30.73 -45.31
CA LEU GA 184 -7.96 -29.85 -44.46
C LEU GA 184 -8.83 -28.75 -43.83
N THR GA 185 -9.83 -28.27 -44.58
CA THR GA 185 -10.69 -27.21 -44.06
C THR GA 185 -11.42 -27.67 -42.81
N GLN GA 186 -11.92 -28.91 -42.82
CA GLN GA 186 -12.57 -29.45 -41.63
C GLN GA 186 -11.65 -29.39 -40.42
N ARG GA 187 -10.34 -29.59 -40.64
CA ARG GA 187 -9.40 -29.63 -39.52
C ARG GA 187 -8.97 -28.23 -39.11
N ILE GA 188 -9.07 -27.26 -40.01
CA ILE GA 188 -8.39 -25.98 -39.81
C ILE GA 188 -9.34 -24.80 -39.62
N TYR GA 189 -10.63 -24.95 -39.90
CA TYR GA 189 -11.51 -23.78 -39.94
C TYR GA 189 -11.71 -23.16 -38.57
N GLU GA 190 -11.90 -23.98 -37.54
CA GLU GA 190 -12.28 -23.45 -36.24
C GLU GA 190 -11.12 -22.69 -35.58
N ARG GA 191 -9.92 -23.25 -35.64
CA ARG GA 191 -8.76 -22.56 -35.04
C ARG GA 191 -8.46 -21.27 -35.79
N VAL GA 192 -8.62 -21.28 -37.11
CA VAL GA 192 -8.45 -20.06 -37.89
C VAL GA 192 -9.45 -19.01 -37.46
N TYR GA 193 -10.72 -19.41 -37.27
CA TYR GA 193 -11.72 -18.46 -36.79
C TYR GA 193 -11.34 -17.90 -35.43
N ALA GA 194 -10.89 -18.76 -34.51
CA ALA GA 194 -10.53 -18.30 -33.18
C ALA GA 194 -9.39 -17.29 -33.25
N ALA GA 195 -8.34 -17.60 -33.99
CA ALA GA 195 -7.20 -16.68 -34.10
C ALA GA 195 -7.61 -15.36 -34.72
N GLU GA 196 -8.40 -15.41 -35.80
CA GLU GA 196 -8.81 -14.18 -36.46
C GLU GA 196 -9.69 -13.32 -35.56
N ARG GA 197 -10.63 -13.94 -34.84
CA ARG GA 197 -11.51 -13.17 -33.96
C ARG GA 197 -10.72 -12.53 -32.82
N THR GA 198 -9.80 -13.28 -32.22
CA THR GA 198 -9.00 -12.70 -31.14
C THR GA 198 -8.11 -11.57 -31.65
N ALA GA 199 -7.55 -11.73 -32.85
CA ALA GA 199 -6.75 -10.64 -33.41
C ALA GA 199 -7.61 -9.40 -33.66
N ASN GA 200 -8.83 -9.60 -34.16
CA ASN GA 200 -9.71 -8.46 -34.46
C ASN GA 200 -10.18 -7.79 -33.18
N GLU GA 201 -10.25 -8.54 -32.07
CA GLU GA 201 -10.81 -7.99 -30.84
C GLU GA 201 -9.96 -6.85 -30.29
N ALA GA 202 -8.64 -6.94 -30.41
CA ALA GA 202 -7.76 -6.03 -29.68
C ALA GA 202 -7.98 -4.56 -30.04
N PRO GA 203 -8.02 -4.14 -31.32
CA PRO GA 203 -8.26 -2.71 -31.59
C PRO GA 203 -9.62 -2.23 -31.09
N LEU GA 204 -10.62 -3.12 -31.08
CA LEU GA 204 -11.94 -2.74 -30.61
C LEU GA 204 -11.89 -2.33 -29.15
N LEU GA 205 -11.18 -3.10 -28.32
CA LEU GA 205 -11.00 -2.72 -26.92
C LEU GA 205 -10.09 -1.51 -26.79
N ALA GA 206 -9.09 -1.40 -27.67
CA ALA GA 206 -8.20 -0.24 -27.62
C ALA GA 206 -8.98 1.06 -27.84
N MET GA 207 -10.04 0.99 -28.65
CA MET GA 207 -10.87 2.18 -28.86
C MET GA 207 -11.54 2.62 -27.57
N SER GA 208 -12.03 1.67 -26.77
CA SER GA 208 -12.74 1.96 -25.53
C SER GA 208 -11.82 1.86 -24.30
N LYS GA 209 -10.56 2.23 -24.44
CA LYS GA 209 -9.61 2.10 -23.34
C LYS GA 209 -10.00 2.97 -22.15
N ARG GA 210 -10.44 4.20 -22.41
CA ARG GA 210 -10.70 5.18 -21.37
C ARG GA 210 -12.19 5.50 -21.30
N THR GA 211 -12.73 5.51 -20.08
CA THR GA 211 -14.11 5.89 -19.82
C THR GA 211 -14.13 6.95 -18.73
N SER GA 212 -14.91 8.00 -18.94
CA SER GA 212 -14.99 9.11 -18.01
C SER GA 212 -16.42 9.25 -17.49
N THR GA 213 -16.55 9.58 -16.21
CA THR GA 213 -17.84 9.75 -15.57
C THR GA 213 -17.82 10.98 -14.67
N ILE GA 214 -18.98 11.61 -14.52
CA ILE GA 214 -19.18 12.71 -13.57
C ILE GA 214 -20.49 12.48 -12.85
N HIS GA 215 -20.48 12.69 -11.53
CA HIS GA 215 -21.69 12.56 -10.72
C HIS GA 215 -22.28 13.94 -10.49
N VAL GA 216 -23.53 14.13 -10.91
CA VAL GA 216 -24.24 15.39 -10.74
C VAL GA 216 -25.59 15.09 -10.10
N ASP GA 217 -26.30 16.15 -9.71
CA ASP GA 217 -27.64 16.00 -9.16
C ASP GA 217 -28.59 16.07 -10.34
N VAL GA 218 -29.10 14.91 -10.77
CA VAL GA 218 -29.70 14.78 -12.09
C VAL GA 218 -30.99 15.58 -12.19
N GLU GA 219 -31.76 15.66 -11.10
CA GLU GA 219 -33.08 16.28 -11.19
C GLU GA 219 -32.98 17.74 -11.62
N LYS GA 220 -31.99 18.47 -11.10
CA LYS GA 220 -31.79 19.85 -11.55
C LYS GA 220 -31.39 19.89 -13.02
N ALA GA 221 -30.58 18.93 -13.47
CA ALA GA 221 -30.16 18.89 -14.86
C ALA GA 221 -31.35 18.69 -15.79
N ILE GA 222 -32.26 17.79 -15.43
CA ILE GA 222 -33.43 17.56 -16.27
C ILE GA 222 -34.45 18.68 -16.10
N ALA GA 223 -34.36 19.44 -15.01
CA ALA GA 223 -35.25 20.58 -14.84
C ALA GA 223 -35.03 21.61 -15.94
N ASN GA 224 -33.79 22.00 -16.19
CA ASN GA 224 -33.43 22.94 -17.25
C ASN GA 224 -32.28 22.35 -18.05
N GLU GA 225 -32.60 21.51 -19.04
CA GLU GA 225 -31.59 21.04 -19.96
C GLU GA 225 -31.57 21.91 -21.21
N GLU GA 226 -30.86 21.42 -22.23
CA GLU GA 226 -30.66 22.11 -23.50
C GLU GA 226 -29.66 23.25 -23.31
N ALA GA 227 -29.30 23.51 -22.06
CA ALA GA 227 -28.14 24.34 -21.71
C ALA GA 227 -27.04 23.53 -21.06
N PHE GA 228 -27.41 22.59 -20.18
CA PHE GA 228 -26.46 21.62 -19.68
C PHE GA 228 -25.83 20.83 -20.82
N ASN GA 229 -26.66 20.37 -21.76
CA ASN GA 229 -26.15 19.66 -22.93
C ASN GA 229 -25.21 20.54 -23.74
N ALA GA 230 -25.57 21.82 -23.92
CA ALA GA 230 -24.72 22.72 -24.69
C ALA GA 230 -23.36 22.90 -24.03
N ARG GA 231 -23.35 23.12 -22.71
CA ARG GA 231 -22.09 23.31 -22.00
C ARG GA 231 -21.23 22.05 -22.06
N LEU GA 232 -21.84 20.87 -21.86
CA LEU GA 232 -21.07 19.64 -21.92
C LEU GA 232 -20.54 19.38 -23.34
N ALA GA 233 -21.33 19.70 -24.35
CA ALA GA 233 -20.87 19.57 -25.73
C ALA GA 233 -19.70 20.51 -25.99
N PHE GA 234 -19.75 21.72 -25.46
CA PHE GA 234 -18.62 22.63 -25.60
C PHE GA 234 -17.37 22.06 -24.94
N TRP GA 235 -17.52 21.49 -23.74
CA TRP GA 235 -16.37 20.90 -23.06
C TRP GA 235 -15.78 19.76 -23.88
N ILE GA 236 -16.63 18.90 -24.43
CA ILE GA 236 -16.13 17.78 -25.23
C ILE GA 236 -15.46 18.30 -26.51
N ALA GA 237 -16.02 19.35 -27.11
CA ALA GA 237 -15.45 19.89 -28.34
C ALA GA 237 -14.07 20.48 -28.10
N ASN GA 238 -13.88 21.19 -26.99
CA ASN GA 238 -12.62 21.87 -26.73
C ASN GA 238 -11.78 21.18 -25.66
N ARG GA 239 -11.88 19.86 -25.54
CA ARG GA 239 -11.07 19.16 -24.55
C ARG GA 239 -9.64 18.99 -25.03
N ASP GA 240 -8.70 19.26 -24.12
CA ASP GA 240 -7.27 19.11 -24.40
C ASP GA 240 -6.51 19.28 -23.10
N ASN GA 241 -5.19 19.28 -23.20
CA ASN GA 241 -4.35 19.59 -22.06
C ASN GA 241 -4.45 21.08 -21.75
N HIS GA 242 -3.99 21.46 -20.55
CA HIS GA 242 -3.97 22.84 -20.08
C HIS GA 242 -5.36 23.43 -19.92
N GLY GA 243 -6.39 22.60 -19.92
CA GLY GA 243 -7.75 23.06 -19.69
C GLY GA 243 -8.23 22.64 -18.33
N VAL GA 244 -8.96 23.54 -17.67
CA VAL GA 244 -9.44 23.32 -16.30
C VAL GA 244 -10.96 23.22 -16.34
N LYS GA 245 -11.51 22.23 -15.65
CA LYS GA 245 -12.94 22.04 -15.55
C LYS GA 245 -13.40 22.48 -14.16
N VAL GA 246 -14.38 23.37 -14.12
CA VAL GA 246 -14.91 23.91 -12.87
C VAL GA 246 -16.13 23.09 -12.49
N LEU GA 247 -16.16 22.62 -11.24
CA LEU GA 247 -17.24 21.77 -10.76
C LEU GA 247 -17.72 22.28 -9.42
N GLY GA 248 -18.93 21.86 -9.05
CA GLY GA 248 -19.47 22.22 -7.76
C GLY GA 248 -18.84 21.42 -6.63
N ILE GA 249 -19.15 21.83 -5.40
CA ILE GA 249 -18.55 21.18 -4.23
C ILE GA 249 -19.06 19.76 -4.08
N ASP GA 250 -20.33 19.52 -4.42
CA ASP GA 250 -20.89 18.18 -4.27
C ASP GA 250 -20.69 17.34 -5.52
N GLU GA 251 -20.06 17.92 -6.54
CA GLU GA 251 -19.76 17.20 -7.77
C GLU GA 251 -18.67 16.16 -7.55
N GLY GA 252 -18.53 15.27 -8.53
CA GLY GA 252 -17.44 14.31 -8.51
C GLY GA 252 -17.18 13.76 -9.89
N MET GA 253 -15.91 13.50 -10.18
CA MET GA 253 -15.50 12.96 -11.46
C MET GA 253 -14.52 11.81 -11.25
N GLU GA 254 -14.71 10.74 -12.00
CA GLU GA 254 -13.91 9.52 -11.87
C GLU GA 254 -13.54 9.01 -13.26
N GLN GA 255 -12.37 8.40 -13.37
CA GLN GA 255 -11.83 7.90 -14.63
C GLN GA 255 -11.43 6.45 -14.49
N PHE GA 256 -11.61 5.68 -15.57
CA PHE GA 256 -11.27 4.26 -15.60
C PHE GA 256 -10.36 3.98 -16.78
N ASP GA 257 -9.47 3.00 -16.60
CA ASP GA 257 -8.54 2.58 -17.65
C ASP GA 257 -8.52 1.07 -17.75
N THR GA 258 -8.11 0.57 -18.92
CA THR GA 258 -8.05 -0.85 -19.20
C THR GA 258 -6.66 -1.20 -19.71
N ASN GA 259 -6.15 -2.36 -19.30
CA ASN GA 259 -4.82 -2.83 -19.68
C ASN GA 259 -4.94 -3.90 -20.75
N LEU GA 260 -4.25 -3.73 -21.87
CA LEU GA 260 -4.37 -4.60 -23.03
C LEU GA 260 -3.04 -5.24 -23.42
N ALA GA 261 -2.21 -5.61 -22.45
CA ALA GA 261 -0.88 -6.13 -22.77
C ALA GA 261 -0.92 -7.60 -23.14
N ASP GA 262 -1.93 -8.33 -22.68
CA ASP GA 262 -1.88 -9.79 -22.72
C ASP GA 262 -2.24 -10.37 -24.09
N PHE GA 263 -2.76 -9.56 -25.01
CA PHE GA 263 -3.34 -10.12 -26.23
C PHE GA 263 -2.28 -10.71 -27.16
N ASP GA 264 -1.07 -10.13 -27.15
CA ASP GA 264 -0.05 -10.56 -28.11
C ASP GA 264 0.30 -12.03 -27.93
N SER GA 265 0.47 -12.47 -26.68
CA SER GA 265 0.90 -13.84 -26.44
C SER GA 265 -0.12 -14.85 -26.98
N ILE GA 266 -1.40 -14.63 -26.68
CA ILE GA 266 -2.42 -15.57 -27.14
C ILE GA 266 -2.56 -15.52 -28.65
N ILE GA 267 -2.42 -14.32 -29.24
CA ILE GA 267 -2.52 -14.20 -30.69
C ILE GA 267 -1.43 -15.03 -31.36
N MET GA 268 -0.18 -14.86 -30.91
CA MET GA 268 0.91 -15.62 -31.51
C MET GA 268 0.77 -17.11 -31.24
N ASN GA 269 0.29 -17.49 -30.06
CA ASN GA 269 0.10 -18.92 -29.78
C ASN GA 269 -0.91 -19.54 -30.73
N GLN GA 270 -2.04 -18.86 -30.94
CA GLN GA 270 -3.05 -19.38 -31.86
C GLN GA 270 -2.51 -19.44 -33.28
N TYR GA 271 -1.77 -18.42 -33.71
CA TYR GA 271 -1.21 -18.45 -35.06
C TYR GA 271 -0.19 -19.57 -35.22
N GLN GA 272 0.61 -19.83 -34.18
CA GLN GA 272 1.55 -20.94 -34.23
C GLN GA 272 0.81 -22.27 -34.33
N LEU GA 273 -0.30 -22.42 -33.60
CA LEU GA 273 -1.08 -23.64 -33.72
C LEU GA 273 -1.66 -23.80 -35.13
N VAL GA 274 -2.14 -22.70 -35.72
CA VAL GA 274 -2.65 -22.75 -37.08
C VAL GA 274 -1.56 -23.19 -38.04
N ALA GA 275 -0.36 -22.64 -37.90
CA ALA GA 275 0.75 -23.06 -38.74
C ALA GA 275 1.09 -24.52 -38.52
N ALA GA 276 0.97 -24.99 -37.28
CA ALA GA 276 1.25 -26.39 -36.97
C ALA GA 276 0.27 -27.31 -37.68
N ILE GA 277 -1.01 -26.95 -37.71
CA ILE GA 277 -2.01 -27.79 -38.36
C ILE GA 277 -1.73 -27.89 -39.85
N ALA GA 278 -1.35 -26.78 -40.48
CA ALA GA 278 -1.14 -26.76 -41.92
C ALA GA 278 0.15 -27.49 -42.31
N LYS GA 279 0.92 -27.94 -41.32
CA LYS GA 279 2.18 -28.67 -41.50
C LYS GA 279 3.22 -27.85 -42.25
N THR GA 280 3.16 -26.52 -42.15
CA THR GA 280 4.09 -25.62 -42.79
C THR GA 280 4.68 -24.67 -41.74
N PRO GA 281 5.97 -24.37 -41.81
CA PRO GA 281 6.57 -23.46 -40.83
C PRO GA 281 5.89 -22.09 -40.83
N ALA GA 282 5.73 -21.52 -39.63
CA ALA GA 282 5.02 -20.27 -39.49
C ALA GA 282 5.72 -19.12 -40.21
N THR GA 283 7.02 -19.25 -40.46
CA THR GA 283 7.74 -18.21 -41.19
C THR GA 283 7.18 -18.02 -42.58
N LYS GA 284 6.73 -19.10 -43.22
CA LYS GA 284 6.15 -19.01 -44.55
C LYS GA 284 4.76 -18.36 -44.50
N LEU GA 285 3.93 -18.77 -43.54
CA LEU GA 285 2.56 -18.27 -43.50
C LEU GA 285 2.50 -16.81 -43.08
N LEU GA 286 3.21 -16.45 -42.00
CA LEU GA 286 3.10 -15.11 -41.43
C LEU GA 286 4.26 -14.20 -41.80
N GLY GA 287 5.21 -14.68 -42.60
CA GLY GA 287 6.37 -13.89 -42.97
C GLY GA 287 7.44 -13.80 -41.90
N THR GA 288 7.08 -13.93 -40.63
CA THR GA 288 8.03 -13.85 -39.52
C THR GA 288 7.65 -14.89 -38.48
N SER GA 289 8.61 -15.23 -37.63
CA SER GA 289 8.35 -16.15 -36.55
C SER GA 289 7.46 -15.49 -35.50
N PRO GA 290 6.62 -16.26 -34.81
CA PRO GA 290 5.74 -15.66 -33.81
C PRO GA 290 6.52 -15.10 -32.63
N LYS GA 291 5.89 -14.17 -31.92
CA LYS GA 291 6.54 -13.51 -30.79
C LYS GA 291 6.93 -14.53 -29.71
N GLY GA 292 8.16 -14.42 -29.23
CA GLY GA 292 8.63 -15.20 -28.10
C GLY GA 292 9.16 -16.58 -28.45
N PHE GA 293 9.03 -17.00 -29.70
CA PHE GA 293 9.52 -18.31 -30.11
C PHE GA 293 10.95 -18.21 -30.65
N ASN GA 294 11.66 -19.33 -30.57
CA ASN GA 294 13.05 -19.35 -31.04
C ASN GA 294 13.12 -19.12 -32.54
N ALA GA 295 14.14 -18.40 -32.97
CA ALA GA 295 14.31 -18.01 -34.36
C ALA GA 295 15.40 -18.82 -35.06
N THR GA 296 15.62 -20.08 -34.66
CA THR GA 296 16.63 -20.90 -35.31
C THR GA 296 16.27 -21.16 -36.76
N GLY GA 297 15.06 -21.66 -37.02
CA GLY GA 297 14.55 -21.83 -38.36
C GLY GA 297 15.17 -22.94 -39.18
N GLU GA 298 16.37 -23.41 -38.84
CA GLU GA 298 17.09 -24.35 -39.70
C GLU GA 298 16.39 -25.71 -39.74
N HIS GA 299 16.08 -26.26 -38.57
CA HIS GA 299 15.42 -27.57 -38.52
C HIS GA 299 14.05 -27.52 -39.17
N GLU GA 300 13.34 -26.41 -39.01
CA GLU GA 300 12.04 -26.26 -39.67
C GLU GA 300 12.18 -26.27 -41.18
N THR GA 301 13.21 -25.60 -41.72
CA THR GA 301 13.41 -25.65 -43.17
C THR GA 301 13.75 -27.07 -43.63
N ILE GA 302 14.57 -27.79 -42.87
CA ILE GA 302 14.87 -29.17 -43.25
C ILE GA 302 13.60 -30.02 -43.25
N SER GA 303 12.77 -29.87 -42.21
CA SER GA 303 11.54 -30.64 -42.12
C SER GA 303 10.59 -30.29 -43.26
N TYR GA 304 10.50 -29.01 -43.59
CA TYR GA 304 9.63 -28.60 -44.70
C TYR GA 304 10.10 -29.18 -46.02
N HIS GA 305 11.41 -29.18 -46.27
CA HIS GA 305 11.92 -29.76 -47.51
C HIS GA 305 11.67 -31.26 -47.56
N GLU GA 306 11.88 -31.95 -46.44
CA GLU GA 306 11.69 -33.40 -46.43
C GLU GA 306 10.21 -33.77 -46.56
N GLU GA 307 9.32 -32.89 -46.09
CA GLU GA 307 7.90 -33.09 -46.34
C GLU GA 307 7.57 -32.81 -47.80
N LEU GA 308 8.21 -31.81 -48.38
CA LEU GA 308 7.96 -31.48 -49.79
C LEU GA 308 8.37 -32.63 -50.70
N GLU GA 309 9.43 -33.35 -50.32
CA GLU GA 309 9.86 -34.50 -51.13
C GLU GA 309 8.75 -35.55 -51.22
N SER GA 310 8.05 -35.79 -50.11
CA SER GA 310 7.00 -36.80 -50.10
C SER GA 310 5.86 -36.42 -51.04
N ILE GA 311 5.57 -35.11 -51.16
CA ILE GA 311 4.51 -34.67 -52.07
C ILE GA 311 4.85 -35.04 -53.50
N GLN GA 312 6.08 -34.75 -53.92
CA GLN GA 312 6.50 -35.14 -55.27
C GLN GA 312 6.49 -36.65 -55.44
N GLU GA 313 6.88 -37.38 -54.39
CA GLU GA 313 6.92 -38.83 -54.48
C GLU GA 313 5.51 -39.41 -54.66
N HIS GA 314 4.51 -38.85 -53.98
CA HIS GA 314 3.20 -39.49 -53.91
C HIS GA 314 2.17 -38.89 -54.84
N ILE GA 315 2.00 -37.58 -54.88
CA ILE GA 315 0.93 -36.95 -55.63
C ILE GA 315 1.28 -36.78 -57.10
N PHE GA 316 2.48 -36.28 -57.39
CA PHE GA 316 2.80 -35.88 -58.75
C PHE GA 316 3.28 -37.06 -59.59
N ASP GA 317 3.92 -38.05 -58.97
CA ASP GA 317 4.53 -39.13 -59.74
C ASP GA 317 3.54 -39.94 -60.56
N PRO GA 318 2.41 -40.42 -60.02
CA PRO GA 318 1.52 -41.26 -60.85
C PRO GA 318 0.95 -40.53 -62.05
N LEU GA 319 0.41 -39.33 -61.84
CA LEU GA 319 -0.21 -38.57 -62.92
C LEU GA 319 0.80 -38.30 -64.03
N LEU GA 320 1.98 -37.79 -63.66
CA LEU GA 320 2.97 -37.44 -64.67
C LEU GA 320 3.55 -38.68 -65.34
N GLU GA 321 3.67 -39.79 -64.60
CA GLU GA 321 4.12 -41.04 -65.19
C GLU GA 321 3.15 -41.52 -66.27
N ARG GA 322 1.84 -41.55 -65.94
CA ARG GA 322 0.87 -41.97 -66.94
C ARG GA 322 0.79 -40.99 -68.10
N HIS GA 323 0.98 -39.69 -67.82
CA HIS GA 323 1.00 -38.70 -68.89
C HIS GA 323 2.13 -38.98 -69.87
N TYR GA 324 3.33 -39.23 -69.35
CA TYR GA 324 4.45 -39.53 -70.24
C TYR GA 324 4.25 -40.84 -70.99
N LEU GA 325 3.68 -41.85 -70.32
CA LEU GA 325 3.41 -43.12 -71.00
C LEU GA 325 2.45 -42.90 -72.17
N LEU GA 326 1.35 -42.18 -71.92
CA LEU GA 326 0.37 -41.95 -72.97
C LEU GA 326 0.93 -41.10 -74.08
N LEU GA 327 1.74 -40.09 -73.74
CA LEU GA 327 2.35 -39.25 -74.77
C LEU GA 327 3.32 -40.05 -75.63
N ALA GA 328 4.11 -40.94 -75.02
CA ALA GA 328 5.01 -41.78 -75.77
C ALA GA 328 4.25 -42.72 -76.69
N LYS GA 329 3.15 -43.29 -76.20
CA LYS GA 329 2.34 -44.17 -77.04
C LYS GA 329 1.71 -43.42 -78.20
N SER GA 330 1.23 -42.20 -77.95
CA SER GA 330 0.57 -41.43 -79.01
C SER GA 330 1.57 -40.91 -80.02
N GLU GA 331 2.70 -40.38 -79.57
CA GLU GA 331 3.71 -39.81 -80.45
C GLU GA 331 4.73 -40.84 -80.94
N GLU GA 332 4.37 -42.13 -80.88
CA GLU GA 332 5.17 -43.24 -81.43
C GLU GA 332 6.65 -43.12 -81.07
N ILE GA 333 6.92 -42.75 -79.82
CA ILE GA 333 8.29 -42.72 -79.30
C ILE GA 333 8.56 -44.06 -78.65
N ASP GA 334 9.37 -44.89 -79.32
CA ASP GA 334 9.60 -46.25 -78.85
C ASP GA 334 10.37 -46.30 -77.54
N VAL GA 335 11.37 -45.43 -77.39
CA VAL GA 335 12.21 -45.48 -76.20
C VAL GA 335 11.41 -45.08 -74.97
N GLN GA 336 11.47 -45.90 -73.93
CA GLN GA 336 10.79 -45.59 -72.68
C GLN GA 336 11.48 -44.42 -71.98
N LEU GA 337 10.69 -43.65 -71.24
CA LEU GA 337 11.17 -42.46 -70.56
C LEU GA 337 10.80 -42.52 -69.09
N GLU GA 338 11.64 -41.92 -68.25
CA GLU GA 338 11.43 -41.90 -66.81
C GLU GA 338 11.54 -40.47 -66.31
N ILE GA 339 11.34 -40.31 -65.00
CA ILE GA 339 11.25 -38.99 -64.37
C ILE GA 339 12.29 -38.90 -63.27
N VAL GA 340 13.05 -37.80 -63.28
CA VAL GA 340 13.98 -37.48 -62.20
C VAL GA 340 13.72 -36.04 -61.76
N TRP GA 341 14.01 -35.76 -60.49
CA TRP GA 341 13.60 -34.53 -59.83
C TRP GA 341 14.81 -33.67 -59.48
N ASN GA 342 14.67 -32.36 -59.68
CA ASN GA 342 15.68 -31.40 -59.25
C ASN GA 342 15.66 -31.25 -57.73
N PRO GA 343 16.74 -30.77 -57.14
CA PRO GA 343 16.77 -30.56 -55.69
C PRO GA 343 15.68 -29.60 -55.23
N VAL GA 344 15.10 -29.89 -54.07
CA VAL GA 344 13.97 -29.10 -53.58
C VAL GA 344 14.44 -27.75 -53.06
N ASP GA 345 15.65 -27.67 -52.53
CA ASP GA 345 16.12 -26.46 -51.88
C ASP GA 345 16.27 -25.32 -52.86
N SER GA 346 16.00 -24.11 -52.38
CA SER GA 346 16.20 -22.88 -53.15
C SER GA 346 17.43 -22.16 -52.61
N THR GA 347 18.30 -21.73 -53.52
CA THR GA 347 19.58 -21.13 -53.16
C THR GA 347 19.74 -19.79 -53.85
N SER GA 348 20.44 -18.87 -53.18
CA SER GA 348 20.78 -17.59 -53.78
C SER GA 348 21.98 -17.73 -54.71
N SER GA 349 22.31 -16.64 -55.40
CA SER GA 349 23.43 -16.67 -56.33
C SER GA 349 24.75 -16.95 -55.62
N GLN GA 350 24.97 -16.30 -54.47
CA GLN GA 350 26.20 -16.52 -53.72
C GLN GA 350 26.29 -17.95 -53.22
N GLN GA 351 25.18 -18.48 -52.69
CA GLN GA 351 25.16 -19.85 -52.21
C GLN GA 351 25.42 -20.83 -53.33
N GLN GA 352 24.80 -20.61 -54.49
CA GLN GA 352 25.01 -21.50 -55.63
C GLN GA 352 26.45 -21.43 -56.11
N ALA GA 353 27.04 -20.24 -56.14
CA ALA GA 353 28.43 -20.10 -56.57
C ALA GA 353 29.38 -20.82 -55.62
N GLU GA 354 29.17 -20.70 -54.32
CA GLU GA 354 30.01 -21.44 -53.38
C GLU GA 354 29.76 -22.94 -53.50
N LEU GA 355 28.53 -23.35 -53.81
CA LEU GA 355 28.22 -24.75 -54.00
C LEU GA 355 28.99 -25.33 -55.18
N ASN GA 356 29.03 -24.60 -56.29
CA ASN GA 356 29.67 -25.12 -57.50
C ASN GA 356 31.18 -25.26 -57.29
N ASN GA 357 31.79 -24.34 -56.55
CA ASN GA 357 33.24 -24.38 -56.38
C ASN GA 357 33.69 -25.64 -55.65
N LYS GA 358 32.96 -26.03 -54.61
CA LYS GA 358 33.32 -27.25 -53.89
C LYS GA 358 33.17 -28.49 -54.76
N LYS GA 359 32.20 -28.48 -55.67
CA LYS GA 359 32.04 -29.58 -56.60
C LYS GA 359 33.23 -29.68 -57.55
N ALA GA 360 33.78 -28.53 -57.96
CA ALA GA 360 34.90 -28.53 -58.88
C ALA GA 360 36.12 -29.22 -58.28
N ALA GA 361 36.34 -29.04 -56.97
CA ALA GA 361 37.45 -29.71 -56.32
C ALA GA 361 37.31 -31.23 -56.39
N THR GA 362 36.08 -31.73 -56.24
CA THR GA 362 35.85 -33.16 -56.35
C THR GA 362 36.17 -33.68 -57.75
N ASP GA 363 35.87 -32.87 -58.77
CA ASP GA 363 36.19 -33.28 -60.13
C ASP GA 363 37.70 -33.42 -60.34
N GLU GA 364 38.47 -32.48 -59.81
CA GLU GA 364 39.92 -32.49 -60.03
C GLU GA 364 40.57 -33.72 -59.40
N ILE GA 365 40.14 -34.08 -58.19
CA ILE GA 365 40.81 -35.14 -57.45
C ILE GA 365 40.58 -36.50 -58.13
N TYR GA 366 39.39 -36.71 -58.68
CA TYR GA 366 39.11 -37.97 -59.35
C TYR GA 366 39.80 -38.05 -60.72
N ILE GA 367 39.83 -36.94 -61.46
CA ILE GA 367 40.47 -36.95 -62.78
C ILE GA 367 41.95 -37.27 -62.65
N ASN GA 368 42.62 -36.69 -61.66
CA ASN GA 368 44.05 -36.96 -61.49
C ASN GA 368 44.30 -38.42 -61.15
N SER GA 369 43.39 -39.05 -60.43
CA SER GA 369 43.55 -40.44 -60.03
C SER GA 369 42.91 -41.43 -60.98
N GLY GA 370 42.22 -40.96 -62.01
CA GLY GA 370 41.64 -41.84 -63.01
C GLY GA 370 40.32 -42.47 -62.64
N VAL GA 371 39.59 -41.90 -61.68
CA VAL GA 371 38.31 -42.48 -61.28
C VAL GA 371 37.27 -42.31 -62.37
N VAL GA 372 37.20 -41.13 -62.96
CA VAL GA 372 36.18 -40.83 -63.97
C VAL GA 372 36.85 -40.24 -65.21
N SER GA 373 36.13 -40.31 -66.32
CA SER GA 373 36.61 -39.79 -67.60
C SER GA 373 36.25 -38.31 -67.73
N PRO GA 374 37.13 -37.49 -68.31
CA PRO GA 374 36.85 -36.05 -68.40
C PRO GA 374 35.58 -35.71 -69.16
N ASP GA 375 35.21 -36.53 -70.16
CA ASP GA 375 34.00 -36.24 -70.92
C ASP GA 375 32.75 -36.32 -70.05
N GLU GA 376 32.69 -37.31 -69.15
CA GLU GA 376 31.51 -37.49 -68.31
C GLU GA 376 31.31 -36.30 -67.37
N VAL GA 377 32.42 -35.70 -66.92
CA VAL GA 377 32.31 -34.47 -66.14
C VAL GA 377 31.70 -33.36 -66.99
N ARG GA 378 32.15 -33.25 -68.25
CA ARG GA 378 31.55 -32.28 -69.16
C ARG GA 378 30.08 -32.59 -69.41
N GLU GA 379 29.75 -33.87 -69.60
CA GLU GA 379 28.36 -34.26 -69.78
C GLU GA 379 27.55 -33.99 -68.53
N ARG GA 380 28.12 -34.27 -67.35
CA ARG GA 380 27.42 -34.00 -66.10
C ARG GA 380 27.13 -32.51 -65.94
N LEU GA 381 27.95 -31.67 -66.58
CA LEU GA 381 27.69 -30.24 -66.54
C LEU GA 381 26.43 -29.88 -67.32
N ARG GA 382 26.10 -30.67 -68.34
CA ARG GA 382 24.95 -30.36 -69.18
C ARG GA 382 23.63 -30.57 -68.44
N ASP GA 383 23.48 -31.73 -67.78
CA ASP GA 383 22.19 -32.07 -67.20
C ASP GA 383 21.95 -31.32 -65.89
N ASP GA 384 23.00 -30.73 -65.32
CA ASP GA 384 22.83 -29.96 -64.09
C ASP GA 384 22.08 -28.67 -64.39
N PRO GA 385 20.97 -28.40 -63.70
CA PRO GA 385 20.23 -27.16 -64.00
C PRO GA 385 20.90 -25.92 -63.44
N ARG GA 386 21.55 -26.03 -62.28
CA ARG GA 386 22.19 -24.89 -61.65
C ARG GA 386 23.64 -24.69 -62.08
N SER GA 387 24.13 -25.54 -62.99
CA SER GA 387 25.47 -25.33 -63.53
C SER GA 387 25.50 -24.06 -64.37
N GLY GA 388 26.61 -23.33 -64.26
CA GLY GA 388 26.72 -22.06 -64.98
C GLY GA 388 26.74 -22.24 -66.49
N TYR GA 389 27.37 -23.30 -66.96
CA TYR GA 389 27.55 -23.52 -68.40
C TYR GA 389 26.27 -24.11 -68.97
N ASN GA 390 25.67 -23.39 -69.92
CA ASN GA 390 24.45 -23.85 -70.59
C ASN GA 390 24.54 -23.77 -72.11
N ARG GA 391 25.71 -23.48 -72.66
CA ARG GA 391 25.90 -23.40 -74.10
C ARG GA 391 27.12 -24.21 -74.55
N LEU GA 392 27.36 -25.36 -73.91
CA LEU GA 392 28.43 -26.23 -74.37
C LEU GA 392 28.08 -26.84 -75.71
N THR GA 393 29.07 -26.94 -76.59
CA THR GA 393 28.85 -27.47 -77.92
C THR GA 393 28.67 -28.99 -77.86
N ASP GA 394 28.23 -29.56 -78.99
CA ASP GA 394 28.02 -30.99 -79.09
C ASP GA 394 29.32 -31.79 -79.14
N ASP GA 395 30.45 -31.11 -79.22
CA ASP GA 395 31.74 -31.79 -79.29
C ASP GA 395 31.98 -32.59 -78.01
N GLN GA 396 32.66 -33.72 -78.16
CA GLN GA 396 32.95 -34.62 -77.05
C GLN GA 396 34.45 -34.69 -76.80
N ALA GA 397 34.83 -34.77 -75.54
CA ALA GA 397 36.24 -34.96 -75.18
C ALA GA 397 36.58 -36.45 -75.18
N GLU GA 398 37.84 -36.75 -74.87
CA GLU GA 398 38.28 -38.13 -74.83
C GLU GA 398 37.62 -38.89 -73.68
N THR GA 399 37.36 -40.17 -73.90
CA THR GA 399 36.55 -40.98 -72.99
C THR GA 399 37.38 -41.86 -72.06
N GLU GA 400 38.70 -41.69 -72.04
CA GLU GA 400 39.56 -42.53 -71.20
C GLU GA 400 39.74 -41.88 -69.84
N PRO GA 401 39.33 -42.56 -68.75
CA PRO GA 401 39.46 -41.96 -67.42
C PRO GA 401 40.91 -41.67 -67.07
N GLY GA 402 41.13 -40.53 -66.41
CA GLY GA 402 42.44 -40.16 -65.94
C GLY GA 402 43.37 -39.61 -66.99
N MET GA 403 42.92 -39.49 -68.24
CA MET GA 403 43.79 -39.08 -69.34
C MET GA 403 43.73 -37.56 -69.50
N SER GA 404 44.10 -36.88 -68.42
CA SER GA 404 44.05 -35.44 -68.36
C SER GA 404 45.17 -34.83 -69.22
N PRO GA 405 45.05 -33.55 -69.58
CA PRO GA 405 46.10 -32.94 -70.41
C PRO GA 405 47.50 -33.04 -69.81
N GLU GA 406 47.62 -32.92 -68.49
CA GLU GA 406 48.94 -33.12 -67.88
C GLU GA 406 49.30 -34.59 -67.85
N ASN GA 407 48.33 -35.46 -67.64
CA ASN GA 407 48.58 -36.90 -67.69
C ASN GA 407 48.96 -37.33 -69.10
N LEU GA 408 48.53 -36.57 -70.11
CA LEU GA 408 48.99 -36.82 -71.47
C LEU GA 408 50.51 -36.68 -71.58
N ALA GA 409 51.06 -35.60 -71.00
CA ALA GA 409 52.48 -35.32 -71.17
C ALA GA 409 53.35 -36.32 -70.43
N GLU GA 410 53.04 -36.57 -69.15
CA GLU GA 410 53.94 -37.40 -68.34
C GLU GA 410 53.88 -38.85 -68.76
N PHE GA 411 52.71 -39.34 -69.16
CA PHE GA 411 52.61 -40.72 -69.61
C PHE GA 411 53.34 -40.94 -70.92
N GLU GA 412 53.11 -40.07 -71.91
CA GLU GA 412 53.77 -40.23 -73.21
C GLU GA 412 55.27 -40.04 -73.10
N LYS GA 413 55.72 -39.19 -72.16
CA LYS GA 413 57.15 -39.02 -71.96
C LYS GA 413 57.76 -40.24 -71.29
N ALA GA 414 57.06 -40.82 -70.31
CA ALA GA 414 57.57 -42.00 -69.64
C ALA GA 414 57.70 -43.17 -70.60
N GLY GA 415 56.69 -43.37 -71.45
CA GLY GA 415 56.79 -44.41 -72.47
C GLY GA 415 57.93 -44.15 -73.44
N ALA GA 416 58.09 -42.89 -73.85
CA ALA GA 416 59.20 -42.54 -74.73
C ALA GA 416 60.55 -42.72 -74.02
N GLN GA 417 60.62 -42.32 -72.74
CA GLN GA 417 61.88 -42.42 -72.02
C GLN GA 417 62.33 -43.87 -71.88
N SER GA 418 61.38 -44.79 -71.79
CA SER GA 418 61.74 -46.20 -71.65
C SER GA 418 62.52 -46.70 -72.85
N ALA GA 419 62.30 -46.09 -74.02
CA ALA GA 419 63.09 -46.45 -75.19
C ALA GA 419 64.56 -46.11 -75.00
N LYS GA 420 64.84 -44.94 -74.42
CA LYS GA 420 66.23 -44.52 -74.21
C LYS GA 420 66.93 -45.44 -73.22
N ALA GA 421 66.23 -45.84 -72.16
CA ALA GA 421 66.87 -46.64 -71.12
C ALA GA 421 67.24 -48.03 -71.65
N LYS GA 422 66.29 -48.72 -72.29
CA LYS GA 422 66.60 -50.04 -72.83
C LYS GA 422 67.43 -49.93 -74.11
N GLY GA 423 67.32 -48.81 -74.82
CA GLY GA 423 68.13 -48.63 -76.01
C GLY GA 423 69.62 -48.61 -75.72
N GLU GA 424 70.01 -47.88 -74.68
CA GLU GA 424 71.40 -47.90 -74.25
C GLU GA 424 71.73 -49.19 -73.52
N ALA GA 425 70.71 -49.82 -72.92
CA ALA GA 425 70.94 -51.05 -72.18
C ALA GA 425 71.45 -52.17 -73.08
N GLU GA 426 70.86 -52.32 -74.27
CA GLU GA 426 71.32 -53.35 -75.19
C GLU GA 426 72.68 -52.99 -75.79
N ARG GA 427 72.99 -51.69 -75.87
CA ARG GA 427 74.31 -51.28 -76.30
C ARG GA 427 75.37 -51.67 -75.28
N ALA GA 428 74.98 -51.81 -74.02
CA ALA GA 428 75.94 -52.11 -72.96
C ALA GA 428 76.55 -53.50 -73.14
N GLU GA 429 75.74 -54.49 -73.49
CA GLU GA 429 76.26 -55.86 -73.59
C GLU GA 429 77.22 -56.02 -74.76
N ALA GA 430 77.29 -55.03 -75.66
CA ALA GA 430 78.33 -55.05 -76.67
C ALA GA 430 79.71 -55.02 -76.02
N GLN GA 431 79.89 -54.18 -75.01
CA GLN GA 431 81.05 -54.22 -74.16
C GLN GA 431 80.92 -55.37 -73.16
N ALA GA 432 82.06 -55.82 -72.63
CA ALA GA 432 82.15 -56.92 -71.68
C ALA GA 432 81.72 -58.25 -72.27
N GLY GA 433 82.11 -58.53 -73.52
CA GLY GA 433 81.77 -59.78 -74.17
C GLY GA 433 80.87 -59.60 -75.37
N PRO HA 1 -1.11 -50.36 -1.21
CA PRO HA 1 -1.90 -49.21 -1.65
C PRO HA 1 -3.19 -49.62 -2.34
N THR HA 2 -4.24 -48.82 -2.18
CA THR HA 2 -5.53 -49.07 -2.82
C THR HA 2 -5.84 -48.04 -3.90
N MET HA 3 -5.67 -46.76 -3.61
CA MET HA 3 -5.86 -45.73 -4.63
C MET HA 3 -4.89 -45.91 -5.78
N LEU HA 4 -3.64 -46.28 -5.48
CA LEU HA 4 -2.67 -46.52 -6.55
C LEU HA 4 -3.08 -47.68 -7.44
N GLN HA 5 -3.55 -48.78 -6.82
CA GLN HA 5 -4.00 -49.92 -7.61
C GLN HA 5 -5.20 -49.56 -8.46
N ASP HA 6 -6.15 -48.80 -7.91
CA ASP HA 6 -7.29 -48.37 -8.71
C ASP HA 6 -6.87 -47.49 -9.87
N TRP HA 7 -5.94 -46.56 -9.62
CA TRP HA 7 -5.46 -45.68 -10.67
C TRP HA 7 -4.79 -46.46 -11.79
N TYR HA 8 -3.97 -47.46 -11.43
CA TYR HA 8 -3.30 -48.23 -12.47
C TYR HA 8 -4.23 -49.22 -13.15
N ASN HA 9 -5.29 -49.67 -12.47
CA ASN HA 9 -6.26 -50.55 -13.09
C ASN HA 9 -7.19 -49.79 -14.03
N SER HA 10 -7.38 -48.49 -13.80
CA SER HA 10 -8.28 -47.70 -14.64
C SER HA 10 -7.87 -47.77 -16.11
N GLN HA 11 -6.57 -47.63 -16.39
CA GLN HA 11 -6.09 -47.75 -17.75
C GLN HA 11 -6.28 -49.17 -18.25
N GLY HA 12 -6.78 -49.30 -19.48
CA GLY HA 12 -7.01 -50.61 -20.06
C GLY HA 12 -7.38 -50.47 -21.52
N PHE HA 13 -7.63 -51.61 -22.15
CA PHE HA 13 -8.04 -51.60 -23.55
C PHE HA 13 -9.41 -50.96 -23.68
N ILE HA 14 -9.58 -50.13 -24.71
CA ILE HA 14 -10.80 -49.35 -24.91
C ILE HA 14 -11.72 -49.98 -25.94
N GLY HA 15 -11.16 -50.44 -27.06
CA GLY HA 15 -11.94 -51.06 -28.12
C GLY HA 15 -11.52 -50.59 -29.50
N TYR HA 16 -11.72 -51.45 -30.49
CA TYR HA 16 -11.33 -51.12 -31.86
C TYR HA 16 -12.17 -49.98 -32.42
N GLN HA 17 -13.48 -49.99 -32.16
CA GLN HA 17 -14.33 -48.89 -32.61
C GLN HA 17 -13.93 -47.59 -31.93
N ALA HA 18 -13.58 -47.65 -30.65
CA ALA HA 18 -13.12 -46.45 -29.95
C ALA HA 18 -11.83 -45.92 -30.56
N CYS HA 19 -10.88 -46.81 -30.87
CA CYS HA 19 -9.66 -46.38 -31.51
C CYS HA 19 -9.92 -45.75 -32.87
N ALA HA 20 -10.83 -46.35 -33.64
CA ALA HA 20 -11.17 -45.79 -34.94
C ALA HA 20 -11.78 -44.40 -34.81
N ILE HA 21 -12.66 -44.21 -33.83
CA ILE HA 21 -13.25 -42.89 -33.62
C ILE HA 21 -12.20 -41.88 -33.19
N ILE HA 22 -11.28 -42.28 -32.30
CA ILE HA 22 -10.22 -41.39 -31.85
C ILE HA 22 -9.31 -41.01 -33.02
N SER HA 23 -9.13 -41.92 -33.96
CA SER HA 23 -8.19 -41.72 -35.07
C SER HA 23 -8.63 -40.64 -36.06
N GLN HA 24 -9.67 -39.83 -35.84
CA GLN HA 24 -10.00 -38.76 -36.77
C GLN HA 24 -9.34 -37.43 -36.41
N HIS HA 25 -8.91 -37.25 -35.17
CA HIS HA 25 -8.31 -35.99 -34.76
C HIS HA 25 -6.97 -35.79 -35.45
N TRP HA 26 -6.67 -34.53 -35.78
CA TRP HA 26 -5.47 -34.23 -36.56
C TRP HA 26 -4.20 -34.53 -35.75
N LEU HA 27 -4.21 -34.23 -34.46
CA LEU HA 27 -3.02 -34.43 -33.64
C LEU HA 27 -2.63 -35.91 -33.58
N VAL HA 28 -3.62 -36.78 -33.36
CA VAL HA 28 -3.33 -38.21 -33.28
C VAL HA 28 -2.82 -38.72 -34.62
N ASP HA 29 -3.44 -38.29 -35.72
CA ASP HA 29 -3.01 -38.72 -37.04
C ASP HA 29 -1.58 -38.30 -37.31
N LYS HA 30 -1.26 -37.04 -37.02
CA LYS HA 30 0.12 -36.57 -37.22
C LYS HA 30 1.09 -37.39 -36.37
N ALA HA 31 0.75 -37.60 -35.10
CA ALA HA 31 1.64 -38.32 -34.20
C ALA HA 31 1.91 -39.74 -34.69
N CYS HA 32 0.87 -40.41 -35.19
CA CYS HA 32 1.04 -41.79 -35.63
C CYS HA 32 1.55 -41.92 -37.06
N SER HA 33 1.57 -40.84 -37.84
CA SER HA 33 1.93 -40.97 -39.25
C SER HA 33 3.25 -40.33 -39.64
N MET HA 34 3.72 -39.30 -38.91
CA MET HA 34 4.97 -38.66 -39.32
C MET HA 34 6.14 -39.62 -39.30
N SER HA 35 6.27 -40.42 -38.23
CA SER HA 35 7.38 -41.35 -38.14
C SER HA 35 7.31 -42.41 -39.24
N GLY HA 36 6.10 -42.92 -39.51
CA GLY HA 36 5.96 -43.92 -40.56
C GLY HA 36 6.30 -43.39 -41.93
N GLU HA 37 5.85 -42.17 -42.24
CA GLU HA 37 6.16 -41.60 -43.56
C GLU HA 37 7.63 -41.21 -43.67
N ASP HA 38 8.25 -40.81 -42.56
CA ASP HA 38 9.65 -40.40 -42.61
C ASP HA 38 10.61 -41.57 -42.66
N ALA HA 39 10.25 -42.71 -42.06
CA ALA HA 39 11.19 -43.81 -41.94
C ALA HA 39 11.58 -44.39 -43.30
N ALA HA 40 10.62 -44.57 -44.19
CA ALA HA 40 10.82 -45.31 -45.43
C ALA HA 40 10.64 -44.44 -46.66
N ARG HA 41 11.18 -43.22 -46.63
CA ARG HA 41 11.10 -42.33 -47.77
C ARG HA 41 12.40 -42.26 -48.58
N ASN HA 42 13.55 -42.46 -47.93
CA ASN HA 42 14.81 -42.42 -48.66
C ASN HA 42 14.91 -43.54 -49.68
N GLY HA 43 14.49 -44.75 -49.31
CA GLY HA 43 14.50 -45.88 -50.21
C GLY HA 43 15.55 -46.91 -49.82
N TRP HA 44 15.68 -47.92 -50.68
CA TRP HA 44 16.63 -49.01 -50.45
C TRP HA 44 17.14 -49.51 -51.78
N GLU HA 45 18.30 -50.17 -51.73
CA GLU HA 45 18.93 -50.74 -52.92
C GLU HA 45 19.21 -52.21 -52.70
N LEU HA 46 19.18 -52.97 -53.79
CA LEU HA 46 19.27 -54.42 -53.75
C LEU HA 46 20.67 -54.90 -54.10
N LYS HA 47 21.14 -55.90 -53.34
CA LYS HA 47 22.41 -56.56 -53.60
C LYS HA 47 22.16 -58.05 -53.76
N SER HA 48 22.68 -58.62 -54.85
CA SER HA 48 22.42 -60.01 -55.20
C SER HA 48 23.73 -60.80 -55.09
N ASP HA 49 23.80 -61.68 -54.10
CA ASP HA 49 24.97 -62.54 -53.87
C ASP HA 49 26.24 -61.70 -53.73
N GLY HA 50 26.12 -60.56 -53.04
CA GLY HA 50 27.27 -59.72 -52.81
C GLY HA 50 27.78 -58.98 -54.04
N ARG HA 51 26.93 -58.80 -55.05
CA ARG HA 51 27.34 -58.11 -56.26
C ARG HA 51 26.10 -57.59 -56.97
N LYS HA 52 26.31 -56.74 -57.97
CA LYS HA 52 25.22 -56.16 -58.73
C LYS HA 52 24.86 -57.06 -59.91
N LEU HA 53 23.59 -57.36 -60.06
CA LEU HA 53 23.10 -58.23 -61.13
C LEU HA 53 22.94 -57.41 -62.42
N SER HA 54 22.36 -58.04 -63.44
CA SER HA 54 22.30 -57.45 -64.78
C SER HA 54 21.18 -56.41 -64.85
N ASP HA 55 20.82 -56.00 -66.06
CA ASP HA 55 19.87 -54.91 -66.24
C ASP HA 55 18.43 -55.38 -66.38
N GLU HA 56 18.20 -56.50 -67.07
CA GLU HA 56 16.82 -56.95 -67.31
C GLU HA 56 16.12 -57.34 -66.01
N GLN HA 57 16.83 -58.04 -65.11
CA GLN HA 57 16.22 -58.40 -63.84
C GLN HA 57 15.97 -57.17 -62.97
N SER HA 58 16.89 -56.22 -63.00
CA SER HA 58 16.67 -54.98 -62.25
C SER HA 58 15.43 -54.25 -62.75
N ALA HA 59 15.28 -54.15 -64.08
CA ALA HA 59 14.10 -53.50 -64.65
C ALA HA 59 12.83 -54.26 -64.29
N LEU HA 60 12.88 -55.59 -64.33
CA LEU HA 60 11.71 -56.39 -63.98
C LEU HA 60 11.31 -56.19 -62.51
N ILE HA 61 12.30 -56.19 -61.61
CA ILE HA 61 12.00 -56.00 -60.19
C ILE HA 61 11.43 -54.60 -59.95
N ALA HA 62 12.03 -53.59 -60.58
CA ALA HA 62 11.53 -52.23 -60.42
C ALA HA 62 10.09 -52.13 -60.93
N ARG HA 63 9.81 -52.69 -62.10
CA ARG HA 63 8.45 -52.67 -62.62
C ARG HA 63 7.50 -53.33 -61.63
N ARG HA 64 7.80 -54.57 -61.24
CA ARG HA 64 6.90 -55.30 -60.35
C ARG HA 64 6.65 -54.54 -59.06
N ASP HA 65 7.67 -53.85 -58.55
CA ASP HA 65 7.47 -52.99 -57.39
C ASP HA 65 6.48 -51.87 -57.71
N MET HA 66 6.58 -51.28 -58.90
CA MET HA 66 5.64 -50.23 -59.29
C MET HA 66 4.20 -50.74 -59.37
N GLU HA 67 3.96 -51.91 -59.99
CA GLU HA 67 2.59 -52.39 -59.99
C GLU HA 67 2.19 -53.07 -58.67
N PHE HA 68 3.03 -53.06 -57.64
CA PHE HA 68 2.63 -53.61 -56.34
C PHE HA 68 2.50 -52.55 -55.25
N ARG HA 69 2.98 -51.33 -55.48
CA ARG HA 69 2.86 -50.22 -54.53
C ARG HA 69 3.38 -50.61 -53.15
N VAL HA 70 4.67 -50.95 -53.12
CA VAL HA 70 5.28 -51.43 -51.88
C VAL HA 70 5.41 -50.30 -50.86
N LYS HA 71 5.79 -49.10 -51.31
CA LYS HA 71 5.99 -48.00 -50.38
C LYS HA 71 4.70 -47.59 -49.69
N ASP HA 72 3.60 -47.51 -50.45
CA ASP HA 72 2.31 -47.20 -49.86
C ASP HA 72 1.90 -48.27 -48.86
N ASN HA 73 2.15 -49.54 -49.20
CA ASN HA 73 1.83 -50.63 -48.28
C ASN HA 73 2.61 -50.51 -46.99
N LEU HA 74 3.90 -50.19 -47.07
CA LEU HA 74 4.72 -50.04 -45.87
C LEU HA 74 4.22 -48.88 -45.01
N VAL HA 75 3.94 -47.74 -45.65
CA VAL HA 75 3.50 -46.56 -44.90
C VAL HA 75 2.19 -46.84 -44.20
N GLU HA 76 1.22 -47.41 -44.92
CA GLU HA 76 -0.07 -47.72 -44.31
C GLU HA 76 0.06 -48.78 -43.24
N LEU HA 77 0.95 -49.76 -43.46
CA LEU HA 77 1.20 -50.79 -42.46
C LEU HA 77 1.62 -50.16 -41.14
N ASN HA 78 2.65 -49.31 -41.18
CA ASN HA 78 3.14 -48.72 -39.94
C ASN HA 78 2.10 -47.78 -39.33
N ARG HA 79 1.42 -46.99 -40.16
CA ARG HA 79 0.42 -46.06 -39.66
C ARG HA 79 -0.70 -46.78 -38.92
N PHE HA 80 -1.26 -47.83 -39.53
CA PHE HA 80 -2.36 -48.53 -38.90
C PHE HA 80 -1.90 -49.43 -37.76
N LYS HA 81 -0.64 -49.89 -37.78
CA LYS HA 81 -0.09 -50.58 -36.63
C LYS HA 81 -0.03 -49.65 -35.43
N ASN HA 82 0.40 -48.40 -35.64
CA ASN HA 82 0.41 -47.44 -34.56
C ASN HA 82 -1.00 -47.10 -34.11
N VAL HA 83 -1.94 -47.00 -35.06
CA VAL HA 83 -3.31 -46.62 -34.72
C VAL HA 83 -4.00 -47.70 -33.90
N PHE HA 84 -3.90 -48.95 -34.35
CA PHE HA 84 -4.68 -50.03 -33.75
C PHE HA 84 -3.90 -50.90 -32.78
N GLY HA 85 -2.56 -50.90 -32.85
CA GLY HA 85 -1.74 -51.71 -31.99
C GLY HA 85 -1.37 -53.06 -32.58
N VAL HA 86 -2.10 -53.53 -33.59
CA VAL HA 86 -1.79 -54.79 -34.25
C VAL HA 86 -2.23 -54.68 -35.70
N ARG HA 87 -1.43 -55.24 -36.61
CA ARG HA 87 -1.72 -55.21 -38.03
C ARG HA 87 -1.27 -56.52 -38.66
N ILE HA 88 -2.03 -56.99 -39.63
CA ILE HA 88 -1.76 -58.26 -40.31
C ILE HA 88 -1.68 -57.99 -41.81
N ALA HA 89 -0.67 -58.58 -42.44
CA ALA HA 89 -0.46 -58.47 -43.88
C ALA HA 89 -0.59 -59.85 -44.50
N LEU HA 90 -1.36 -59.94 -45.58
CA LEU HA 90 -1.64 -61.20 -46.25
C LEU HA 90 -1.14 -61.11 -47.70
N PHE HA 91 -0.33 -62.08 -48.10
CA PHE HA 91 0.20 -62.15 -49.46
C PHE HA 91 -0.68 -63.08 -50.28
N VAL HA 92 -1.32 -62.54 -51.31
CA VAL HA 92 -2.21 -63.32 -52.16
C VAL HA 92 -1.40 -64.05 -53.21
N VAL HA 93 -1.54 -65.37 -53.25
CA VAL HA 93 -0.92 -66.22 -54.27
C VAL HA 93 -1.97 -67.24 -54.71
N GLU HA 94 -2.20 -67.32 -56.02
CA GLU HA 94 -3.25 -68.18 -56.56
C GLU HA 94 -2.72 -69.60 -56.76
N SER HA 95 -3.45 -70.57 -56.23
CA SER HA 95 -3.08 -71.98 -56.34
C SER HA 95 -4.32 -72.81 -56.62
N ASP HA 96 -4.10 -74.00 -57.19
CA ASP HA 96 -5.19 -74.91 -57.49
C ASP HA 96 -5.75 -75.59 -56.26
N ASP HA 97 -4.92 -75.82 -55.24
CA ASP HA 97 -5.38 -76.47 -54.02
C ASP HA 97 -6.26 -75.52 -53.22
N PRO HA 98 -7.51 -75.87 -52.93
CA PRO HA 98 -8.37 -74.96 -52.16
C PRO HA 98 -7.87 -74.70 -50.75
N ASP HA 99 -7.05 -75.59 -50.20
CA ASP HA 99 -6.53 -75.47 -48.83
C ASP HA 99 -5.04 -75.14 -48.83
N TYR HA 100 -4.61 -74.30 -49.77
CA TYR HA 100 -3.22 -73.85 -49.78
C TYR HA 100 -2.90 -73.01 -48.55
N TYR HA 101 -3.78 -72.10 -48.18
CA TYR HA 101 -3.51 -71.22 -47.05
C TYR HA 101 -3.57 -71.97 -45.73
N GLU HA 102 -4.51 -72.92 -45.60
CA GLU HA 102 -4.61 -73.69 -44.37
C GLU HA 102 -3.38 -74.57 -44.16
N LYS HA 103 -2.89 -75.20 -45.21
CA LYS HA 103 -1.71 -76.04 -45.08
C LYS HA 103 -0.49 -75.15 -44.82
N PRO HA 104 0.41 -75.56 -43.92
CA PRO HA 104 1.54 -74.70 -43.55
C PRO HA 104 2.39 -74.32 -44.76
N PHE HA 105 2.91 -73.10 -44.72
CA PHE HA 105 3.59 -72.52 -45.87
C PHE HA 105 4.78 -73.37 -46.29
N ASN HA 106 4.92 -73.56 -47.60
CA ASN HA 106 6.03 -74.29 -48.20
C ASN HA 106 6.76 -73.36 -49.16
N PRO HA 107 8.02 -73.04 -48.91
CA PRO HA 107 8.75 -72.14 -49.83
C PRO HA 107 8.86 -72.70 -51.24
N ASP HA 108 8.94 -74.02 -51.40
CA ASP HA 108 9.10 -74.63 -52.71
C ASP HA 108 7.80 -74.83 -53.46
N GLY HA 109 6.66 -74.49 -52.87
CA GLY HA 109 5.38 -74.66 -53.52
C GLY HA 109 4.99 -73.56 -54.48
N VAL HA 110 5.86 -72.57 -54.68
CA VAL HA 110 5.52 -71.44 -55.53
C VAL HA 110 5.54 -71.87 -56.99
N THR HA 111 4.50 -71.50 -57.73
CA THR HA 111 4.33 -71.68 -59.16
C THR HA 111 4.55 -70.37 -59.90
N PRO HA 112 5.12 -70.40 -61.10
CA PRO HA 112 5.43 -69.15 -61.80
C PRO HA 112 4.18 -68.34 -62.11
N GLY HA 113 4.29 -67.02 -61.97
CA GLY HA 113 3.21 -66.12 -62.26
C GLY HA 113 2.03 -66.17 -61.31
N SER HA 114 2.15 -66.91 -60.20
CA SER HA 114 1.02 -67.07 -59.30
C SER HA 114 0.81 -65.85 -58.41
N TYR HA 115 1.86 -65.08 -58.12
CA TYR HA 115 1.75 -63.97 -57.19
C TYR HA 115 0.92 -62.85 -57.77
N LYS HA 116 0.12 -62.20 -56.92
CA LYS HA 116 -0.78 -61.14 -57.34
C LYS HA 116 -0.55 -59.82 -56.63
N GLY HA 117 -0.29 -59.82 -55.33
CA GLY HA 117 -0.07 -58.58 -54.62
C GLY HA 117 -0.14 -58.76 -53.12
N ILE HA 118 -0.39 -57.65 -52.43
CA ILE HA 118 -0.42 -57.61 -50.96
C ILE HA 118 -1.77 -57.04 -50.52
N SER HA 119 -2.33 -57.65 -49.48
CA SER HA 119 -3.57 -57.16 -48.88
C SER HA 119 -3.40 -57.07 -47.37
N GLN HA 120 -4.04 -56.05 -46.79
CA GLN HA 120 -4.01 -55.83 -45.34
C GLN HA 120 -5.43 -55.78 -44.82
N ILE HA 121 -5.64 -56.40 -43.66
CA ILE HA 121 -6.97 -56.58 -43.08
C ILE HA 121 -7.04 -55.81 -41.76
N ASP HA 122 -8.13 -55.09 -41.57
CA ASP HA 122 -8.33 -54.35 -40.32
C ASP HA 122 -8.56 -55.33 -39.17
N PRO HA 123 -8.24 -54.91 -37.94
CA PRO HA 123 -8.35 -55.83 -36.80
C PRO HA 123 -9.75 -56.39 -36.57
N TYR HA 124 -10.79 -55.61 -36.85
CA TYR HA 124 -12.14 -56.06 -36.52
C TYR HA 124 -12.71 -57.05 -37.52
N TRP HA 125 -12.01 -57.34 -38.61
CA TRP HA 125 -12.46 -58.37 -39.55
C TRP HA 125 -11.93 -59.74 -39.18
N ALA HA 126 -10.63 -59.86 -38.92
CA ALA HA 126 -10.03 -61.14 -38.59
C ALA HA 126 -10.42 -61.59 -37.19
N MET HA 127 -10.39 -62.90 -36.99
CA MET HA 127 -10.67 -63.49 -35.68
C MET HA 127 -9.65 -64.59 -35.40
N PRO HA 128 -8.75 -64.40 -34.44
CA PRO HA 128 -7.73 -65.40 -34.16
C PRO HA 128 -8.32 -66.64 -33.50
N GLN HA 129 -7.64 -67.76 -33.70
CA GLN HA 129 -8.02 -69.02 -33.07
C GLN HA 129 -6.77 -69.67 -32.48
N LEU HA 130 -6.95 -70.34 -31.35
CA LEU HA 130 -5.86 -70.92 -30.59
C LEU HA 130 -5.92 -72.45 -30.67
N THR HA 131 -4.84 -73.07 -31.12
CA THR HA 131 -4.75 -74.52 -31.14
C THR HA 131 -4.36 -75.04 -29.75
N ALA HA 132 -4.43 -76.36 -29.61
CA ALA HA 132 -4.07 -76.97 -28.33
C ALA HA 132 -2.57 -76.88 -28.08
N GLY HA 133 -1.76 -76.99 -29.14
CA GLY HA 133 -0.32 -76.94 -28.96
C GLY HA 133 0.17 -75.57 -28.50
N SER HA 134 -0.46 -74.51 -29.00
CA SER HA 134 -0.04 -73.16 -28.62
C SER HA 134 -0.28 -72.91 -27.14
N THR HA 135 -1.40 -73.37 -26.61
CA THR HA 135 -1.73 -73.22 -25.20
C THR HA 135 -1.40 -74.48 -24.39
N ALA HA 136 -0.44 -75.27 -24.85
CA ALA HA 136 -0.12 -76.54 -24.18
C ALA HA 136 0.64 -76.31 -22.89
N ASP HA 137 1.83 -75.71 -22.97
CA ASP HA 137 2.67 -75.49 -21.81
C ASP HA 137 3.62 -74.34 -22.09
N PRO HA 138 4.08 -73.64 -21.06
CA PRO HA 138 5.01 -72.52 -21.30
C PRO HA 138 6.34 -72.94 -21.89
N SER HA 139 6.71 -74.22 -21.82
CA SER HA 139 7.98 -74.67 -22.37
C SER HA 139 8.04 -74.48 -23.88
N SER HA 140 6.89 -74.51 -24.55
CA SER HA 140 6.85 -74.37 -26.00
C SER HA 140 7.28 -72.97 -26.41
N GLU HA 141 7.94 -72.88 -27.56
CA GLU HA 141 8.37 -71.60 -28.08
C GLU HA 141 7.19 -70.72 -28.48
N HIS HA 142 6.12 -71.33 -28.97
CA HIS HA 142 4.94 -70.61 -29.47
C HIS HA 142 3.83 -70.59 -28.44
N PHE HA 143 4.19 -70.53 -27.16
CA PHE HA 143 3.19 -70.51 -26.10
C PHE HA 143 2.43 -69.19 -26.11
N TYR HA 144 1.10 -69.29 -26.01
CA TYR HA 144 0.20 -68.13 -26.07
C TYR HA 144 0.45 -67.32 -27.33
N GLU HA 145 0.42 -67.99 -28.48
CA GLU HA 145 0.59 -67.33 -29.77
C GLU HA 145 -0.45 -67.90 -30.73
N PRO HA 146 -1.32 -67.07 -31.30
CA PRO HA 146 -2.36 -67.59 -32.21
C PRO HA 146 -1.74 -68.19 -33.46
N ASP HA 147 -2.02 -69.48 -33.69
CA ASP HA 147 -1.45 -70.17 -34.83
C ASP HA 147 -2.33 -70.09 -36.07
N PHE HA 148 -3.61 -69.76 -35.91
CA PHE HA 148 -4.51 -69.64 -37.04
C PHE HA 148 -5.38 -68.39 -36.89
N TRP HA 149 -5.67 -67.76 -38.02
CA TRP HA 149 -6.55 -66.60 -38.09
C TRP HA 149 -7.71 -66.94 -39.01
N ILE HA 150 -8.93 -66.58 -38.58
CA ILE HA 150 -10.14 -66.82 -39.35
C ILE HA 150 -10.63 -65.48 -39.88
N ILE HA 151 -10.77 -65.38 -41.21
CA ILE HA 151 -11.18 -64.16 -41.88
C ILE HA 151 -12.35 -64.51 -42.79
N SER HA 152 -13.56 -64.11 -42.38
CA SER HA 152 -14.78 -64.34 -43.16
C SER HA 152 -14.97 -65.81 -43.49
N GLY HA 153 -14.68 -66.68 -42.52
CA GLY HA 153 -14.87 -68.10 -42.68
C GLY HA 153 -13.74 -68.85 -43.33
N LYS HA 154 -12.68 -68.16 -43.74
CA LYS HA 154 -11.52 -68.80 -44.36
C LYS HA 154 -10.40 -68.90 -43.34
N LYS HA 155 -9.82 -70.10 -43.22
CA LYS HA 155 -8.78 -70.39 -42.25
C LYS HA 155 -7.42 -70.18 -42.87
N TYR HA 156 -6.54 -69.46 -42.17
CA TYR HA 156 -5.19 -69.18 -42.65
C TYR HA 156 -4.18 -69.59 -41.60
N HIS HA 157 -3.15 -70.32 -42.01
CA HIS HA 157 -2.09 -70.72 -41.10
C HIS HA 157 -1.20 -69.53 -40.78
N ARG HA 158 -0.50 -69.63 -39.64
CA ARG HA 158 0.36 -68.54 -39.18
C ARG HA 158 1.47 -68.25 -40.19
N SER HA 159 2.10 -69.28 -40.73
CA SER HA 159 3.30 -69.09 -41.55
C SER HA 159 3.02 -68.27 -42.80
N HIS HA 160 1.82 -68.39 -43.36
CA HIS HA 160 1.49 -67.63 -44.57
C HIS HA 160 1.37 -66.15 -44.31
N LEU HA 161 1.04 -65.74 -43.08
CA LEU HA 161 0.79 -64.35 -42.74
C LEU HA 161 2.03 -63.69 -42.18
N VAL HA 162 2.04 -62.36 -42.21
CA VAL HA 162 3.06 -61.54 -41.57
C VAL HA 162 2.33 -60.56 -40.65
N VAL HA 163 2.58 -60.67 -39.35
CA VAL HA 163 1.90 -59.88 -38.33
C VAL HA 163 2.92 -59.06 -37.58
N VAL HA 164 2.66 -57.76 -37.44
CA VAL HA 164 3.51 -56.85 -36.70
C VAL HA 164 2.72 -56.30 -35.52
N ARG HA 165 3.34 -56.25 -34.35
CA ARG HA 165 2.69 -55.82 -33.13
C ARG HA 165 3.49 -54.71 -32.47
N GLY HA 166 2.80 -53.88 -31.69
CA GLY HA 166 3.44 -52.81 -30.98
C GLY HA 166 4.09 -53.29 -29.69
N PRO HA 167 3.88 -52.56 -28.60
CA PRO HA 167 4.38 -53.01 -27.30
C PRO HA 167 3.79 -54.37 -26.93
N GLN HA 168 4.62 -55.20 -26.31
CA GLN HA 168 4.23 -56.58 -26.02
C GLN HA 168 3.67 -56.69 -24.62
N PRO HA 169 2.40 -57.03 -24.45
CA PRO HA 169 1.84 -57.19 -23.10
C PRO HA 169 2.28 -58.50 -22.49
N PRO HA 170 2.20 -58.62 -21.16
CA PRO HA 170 2.49 -59.91 -20.51
C PRO HA 170 1.46 -60.97 -20.92
N ASP HA 171 1.81 -62.22 -20.63
CA ASP HA 171 1.00 -63.35 -21.09
C ASP HA 171 -0.42 -63.29 -20.51
N ILE HA 172 -0.55 -62.96 -19.22
CA ILE HA 172 -1.87 -62.94 -18.60
C ILE HA 172 -2.74 -61.84 -19.21
N LEU HA 173 -2.13 -60.75 -19.69
CA LEU HA 173 -2.88 -59.66 -20.27
C LEU HA 173 -3.12 -59.81 -21.76
N LYS HA 174 -2.48 -60.79 -22.41
CA LYS HA 174 -2.67 -60.99 -23.84
C LYS HA 174 -4.11 -61.28 -24.22
N PRO HA 175 -4.85 -62.16 -23.54
CA PRO HA 175 -6.25 -62.39 -23.94
C PRO HA 175 -7.11 -61.14 -23.87
N THR HA 176 -6.86 -60.25 -22.91
CA THR HA 176 -7.65 -59.02 -22.83
C THR HA 176 -7.43 -58.15 -24.06
N TYR HA 177 -6.19 -58.06 -24.53
CA TYR HA 177 -5.88 -57.30 -25.74
C TYR HA 177 -6.09 -58.11 -27.01
N ILE HA 178 -6.58 -59.34 -26.89
CA ILE HA 178 -6.84 -60.23 -28.02
C ILE HA 178 -5.52 -60.42 -28.76
N PHE HA 179 -4.46 -60.72 -28.00
CA PHE HA 179 -3.16 -61.06 -28.58
C PHE HA 179 -2.66 -59.99 -29.54
N GLY HA 180 -2.80 -58.73 -29.13
CA GLY HA 180 -2.31 -57.62 -29.91
C GLY HA 180 -1.54 -56.64 -29.05
N GLY HA 181 -0.85 -55.71 -29.72
CA GLY HA 181 -0.08 -54.70 -29.03
C GLY HA 181 -0.96 -53.60 -28.46
N ILE HA 182 -0.36 -52.83 -27.55
CA ILE HA 182 -1.07 -51.74 -26.89
C ILE HA 182 -1.22 -50.56 -27.85
N PRO HA 183 -2.44 -50.09 -28.11
CA PRO HA 183 -2.62 -48.99 -29.05
C PRO HA 183 -2.07 -47.68 -28.51
N LEU HA 184 -1.64 -46.82 -29.43
CA LEU HA 184 -1.14 -45.50 -29.05
C LEU HA 184 -2.28 -44.54 -28.72
N THR HA 185 -3.42 -44.66 -29.40
CA THR HA 185 -4.55 -43.78 -29.10
C THR HA 185 -5.01 -43.95 -27.66
N GLN HA 186 -5.02 -45.19 -27.18
CA GLN HA 186 -5.36 -45.44 -25.77
C GLN HA 186 -4.43 -44.68 -24.83
N ARG HA 187 -3.18 -44.48 -25.24
CA ARG HA 187 -2.20 -43.79 -24.41
C ARG HA 187 -2.10 -42.30 -24.70
N ILE HA 188 -2.82 -41.79 -25.70
CA ILE HA 188 -2.67 -40.39 -26.09
C ILE HA 188 -3.97 -39.60 -26.06
N TYR HA 189 -5.14 -40.24 -26.00
CA TYR HA 189 -6.37 -39.48 -26.22
C TYR HA 189 -6.65 -38.48 -25.09
N GLU HA 190 -6.44 -38.88 -23.84
CA GLU HA 190 -6.73 -37.98 -22.73
C GLU HA 190 -5.82 -36.75 -22.78
N ARG HA 191 -4.53 -36.96 -23.02
CA ARG HA 191 -3.61 -35.82 -23.06
C ARG HA 191 -3.89 -34.93 -24.26
N VAL HA 192 -4.25 -35.51 -25.40
CA VAL HA 192 -4.60 -34.71 -26.57
C VAL HA 192 -5.81 -33.84 -26.28
N TYR HA 193 -6.84 -34.43 -25.66
CA TYR HA 193 -8.02 -33.65 -25.31
C TYR HA 193 -7.67 -32.54 -24.33
N ALA HA 194 -6.84 -32.84 -23.33
CA ALA HA 194 -6.47 -31.82 -22.35
C ALA HA 194 -5.76 -30.65 -23.02
N ALA HA 195 -4.79 -30.96 -23.88
CA ALA HA 195 -4.06 -29.90 -24.56
C ALA HA 195 -4.97 -29.06 -25.45
N GLU HA 196 -5.84 -29.72 -26.21
CA GLU HA 196 -6.71 -28.98 -27.12
C GLU HA 196 -7.69 -28.10 -26.35
N ARG HA 197 -8.27 -28.62 -25.26
CA ARG HA 197 -9.22 -27.84 -24.49
C ARG HA 197 -8.53 -26.67 -23.80
N THR HA 198 -7.32 -26.89 -23.27
CA THR HA 198 -6.58 -25.80 -22.65
C THR HA 198 -6.25 -24.71 -23.68
N ALA HA 199 -5.87 -25.11 -24.89
CA ALA HA 199 -5.62 -24.14 -25.94
C ALA HA 199 -6.89 -23.37 -26.30
N ASN HA 200 -8.02 -24.06 -26.32
CA ASN HA 200 -9.27 -23.42 -26.71
C ASN HA 200 -9.80 -22.48 -25.64
N GLU HA 201 -9.46 -22.73 -24.37
CA GLU HA 201 -10.04 -21.94 -23.28
C GLU HA 201 -9.62 -20.47 -23.35
N ALA HA 202 -8.35 -20.21 -23.65
CA ALA HA 202 -7.83 -18.84 -23.55
C ALA HA 202 -8.55 -17.84 -24.45
N PRO HA 203 -8.79 -18.12 -25.74
CA PRO HA 203 -9.45 -17.09 -26.58
C PRO HA 203 -10.80 -16.64 -26.06
N LEU HA 204 -11.62 -17.56 -25.53
CA LEU HA 204 -12.96 -17.17 -25.09
C LEU HA 204 -12.88 -16.32 -23.83
N LEU HA 205 -12.00 -16.69 -22.90
CA LEU HA 205 -11.79 -15.87 -21.71
C LEU HA 205 -11.25 -14.49 -22.09
N ALA HA 206 -10.47 -14.42 -23.16
CA ALA HA 206 -10.05 -13.11 -23.68
C ALA HA 206 -11.26 -12.33 -24.20
N MET HA 207 -12.17 -13.01 -24.89
CA MET HA 207 -13.39 -12.35 -25.35
C MET HA 207 -14.20 -11.79 -24.19
N SER HA 208 -14.18 -12.47 -23.05
CA SER HA 208 -14.94 -12.02 -21.87
C SER HA 208 -14.03 -11.38 -20.83
N LYS HA 209 -13.03 -10.61 -21.26
CA LYS HA 209 -12.00 -10.14 -20.33
C LYS HA 209 -12.52 -9.06 -19.39
N ARG HA 210 -13.24 -8.06 -19.92
CA ARG HA 210 -13.60 -6.88 -19.16
C ARG HA 210 -15.08 -6.87 -18.85
N THR HA 211 -15.44 -6.57 -17.60
CA THR HA 211 -16.81 -6.50 -17.15
C THR HA 211 -17.07 -5.14 -16.52
N SER HA 212 -18.16 -4.49 -16.92
CA SER HA 212 -18.53 -3.18 -16.42
C SER HA 212 -19.92 -3.23 -15.81
N THR HA 213 -20.06 -2.64 -14.63
CA THR HA 213 -21.33 -2.63 -13.92
C THR HA 213 -21.57 -1.26 -13.31
N ILE HA 214 -22.85 -0.87 -13.23
CA ILE HA 214 -23.26 0.39 -12.62
C ILE HA 214 -24.38 0.10 -11.64
N HIS HA 215 -24.56 1.04 -10.71
CA HIS HA 215 -25.60 0.93 -9.68
C HIS HA 215 -26.56 2.10 -9.81
N VAL HA 216 -27.85 1.79 -9.91
CA VAL HA 216 -28.92 2.79 -9.98
C VAL HA 216 -30.06 2.33 -9.07
N ASP HA 217 -31.06 3.20 -8.94
CA ASP HA 217 -32.27 2.85 -8.21
C ASP HA 217 -33.18 2.08 -9.16
N VAL HA 218 -33.17 0.75 -9.04
CA VAL HA 218 -33.88 -0.10 -9.99
C VAL HA 218 -35.39 0.10 -9.92
N GLU HA 219 -35.91 0.59 -8.79
CA GLU HA 219 -37.35 0.84 -8.69
C GLU HA 219 -37.80 1.89 -9.71
N LYS HA 220 -37.12 3.03 -9.74
CA LYS HA 220 -37.45 4.05 -10.73
C LYS HA 220 -37.20 3.55 -12.15
N ALA HA 221 -36.21 2.67 -12.32
CA ALA HA 221 -35.93 2.14 -13.65
C ALA HA 221 -37.08 1.28 -14.15
N ILE HA 222 -37.57 0.36 -13.33
CA ILE HA 222 -38.70 -0.48 -13.73
C ILE HA 222 -40.02 0.27 -13.71
N ALA HA 223 -40.06 1.45 -13.09
CA ALA HA 223 -41.28 2.24 -13.11
C ALA HA 223 -41.69 2.59 -14.53
N ASN HA 224 -40.75 3.15 -15.31
CA ASN HA 224 -41.00 3.44 -16.72
C ASN HA 224 -39.73 3.10 -17.50
N GLU HA 225 -39.63 1.85 -17.95
CA GLU HA 225 -38.57 1.44 -18.84
C GLU HA 225 -39.00 1.72 -20.28
N GLU HA 226 -38.27 1.17 -21.25
CA GLU HA 226 -38.38 1.43 -22.68
C GLU HA 226 -37.84 2.81 -23.05
N ALA HA 227 -37.48 3.62 -22.07
CA ALA HA 227 -36.70 4.84 -22.26
C ALA HA 227 -35.35 4.76 -21.58
N PHE HA 228 -35.31 4.21 -20.37
CA PHE HA 228 -34.04 3.85 -19.73
C PHE HA 228 -33.25 2.91 -20.62
N ASN HA 229 -33.90 1.88 -21.15
CA ASN HA 229 -33.24 0.94 -22.04
C ASN HA 229 -32.76 1.64 -23.30
N ALA HA 230 -33.57 2.55 -23.85
CA ALA HA 230 -33.17 3.27 -25.05
C ALA HA 230 -31.92 4.11 -24.80
N ARG HA 231 -31.89 4.84 -23.69
CA ARG HA 231 -30.73 5.65 -23.37
C ARG HA 231 -29.49 4.80 -23.17
N LEU HA 232 -29.63 3.69 -22.45
CA LEU HA 232 -28.47 2.82 -22.20
C LEU HA 232 -27.96 2.20 -23.49
N ALA HA 233 -28.89 1.77 -24.37
CA ALA HA 233 -28.48 1.21 -25.66
C ALA HA 233 -27.79 2.25 -26.52
N PHE HA 234 -28.27 3.49 -26.49
CA PHE HA 234 -27.59 4.56 -27.22
C PHE HA 234 -26.17 4.76 -26.69
N TRP HA 235 -26.01 4.76 -25.36
CA TRP HA 235 -24.67 4.88 -24.78
C TRP HA 235 -23.77 3.74 -25.25
N ILE HA 236 -24.27 2.51 -25.22
CA ILE HA 236 -23.46 1.37 -25.61
C ILE HA 236 -23.08 1.47 -27.08
N ALA HA 237 -24.03 1.88 -27.93
CA ALA HA 237 -23.74 2.00 -29.36
C ALA HA 237 -22.70 3.07 -29.64
N ASN HA 238 -22.78 4.21 -28.95
CA ASN HA 238 -21.87 5.32 -29.19
C ASN HA 238 -20.72 5.36 -28.20
N ARG HA 239 -20.38 4.24 -27.57
CA ARG HA 239 -19.36 4.22 -26.53
C ARG HA 239 -17.96 4.23 -27.15
N ASP HA 240 -17.10 5.10 -26.62
CA ASP HA 240 -15.69 5.16 -26.96
C ASP HA 240 -15.02 6.14 -26.01
N ASN HA 241 -13.71 6.26 -26.12
CA ASN HA 241 -13.01 7.28 -25.36
C ASN HA 241 -13.34 8.66 -25.94
N HIS HA 242 -12.91 9.69 -25.21
CA HIS HA 242 -13.25 11.09 -25.51
C HIS HA 242 -14.73 11.36 -25.35
N GLY HA 243 -15.42 10.54 -24.55
CA GLY HA 243 -16.82 10.77 -24.23
C GLY HA 243 -17.04 10.81 -22.74
N VAL HA 244 -18.15 11.40 -22.30
CA VAL HA 244 -18.43 11.57 -20.88
C VAL HA 244 -19.79 10.96 -20.56
N LYS HA 245 -19.86 10.24 -19.45
CA LYS HA 245 -21.10 9.67 -18.95
C LYS HA 245 -21.51 10.41 -17.69
N VAL HA 246 -22.79 10.75 -17.60
CA VAL HA 246 -23.32 11.53 -16.48
C VAL HA 246 -24.15 10.60 -15.60
N LEU HA 247 -23.87 10.62 -14.30
CA LEU HA 247 -24.55 9.74 -13.35
C LEU HA 247 -25.10 10.58 -12.20
N GLY HA 248 -26.01 9.96 -11.44
CA GLY HA 248 -26.55 10.60 -10.26
C GLY HA 248 -25.60 10.56 -9.09
N ILE HA 249 -25.91 11.38 -8.07
CA ILE HA 249 -25.09 11.43 -6.88
C ILE HA 249 -25.16 10.11 -6.11
N ASP HA 250 -26.33 9.46 -6.14
CA ASP HA 250 -26.49 8.17 -5.47
C ASP HA 250 -26.04 7.00 -6.34
N GLU HA 251 -25.67 7.24 -7.59
CA GLU HA 251 -25.29 6.18 -8.50
C GLU HA 251 -23.79 5.90 -8.41
N GLY HA 252 -23.41 4.70 -8.85
CA GLY HA 252 -22.01 4.32 -8.86
C GLY HA 252 -21.69 3.47 -10.07
N MET HA 253 -20.40 3.36 -10.36
CA MET HA 253 -19.90 2.58 -11.48
C MET HA 253 -18.63 1.87 -11.07
N GLU HA 254 -18.45 0.65 -11.59
CA GLU HA 254 -17.30 -0.17 -11.22
C GLU HA 254 -16.95 -1.08 -12.38
N GLN HA 255 -15.68 -1.46 -12.46
CA GLN HA 255 -15.17 -2.30 -13.54
C GLN HA 255 -14.31 -3.42 -12.97
N PHE HA 256 -14.19 -4.50 -13.73
CA PHE HA 256 -13.35 -5.63 -13.38
C PHE HA 256 -12.62 -6.12 -14.61
N ASP HA 257 -11.47 -6.76 -14.38
CA ASP HA 257 -10.66 -7.31 -15.45
C ASP HA 257 -10.27 -8.76 -15.10
N THR HA 258 -9.38 -9.32 -15.90
CA THR HA 258 -8.88 -10.67 -15.68
C THR HA 258 -7.47 -10.77 -16.26
N ASN HA 259 -6.57 -11.40 -15.52
CA ASN HA 259 -5.18 -11.52 -15.94
C ASN HA 259 -4.99 -12.84 -16.69
N LEU HA 260 -4.54 -12.75 -17.94
CA LEU HA 260 -4.38 -13.91 -18.81
C LEU HA 260 -2.90 -14.22 -19.07
N ALA HA 261 -2.02 -13.83 -18.16
CA ALA HA 261 -0.58 -13.94 -18.36
C ALA HA 261 -0.02 -15.26 -17.82
N ASP HA 262 -0.83 -16.31 -17.75
CA ASP HA 262 -0.35 -17.60 -17.26
C ASP HA 262 -0.77 -18.80 -18.12
N PHE HA 263 -1.73 -18.64 -19.03
CA PHE HA 263 -2.15 -19.74 -19.88
C PHE HA 263 -1.04 -20.24 -20.80
N ASP HA 264 -0.08 -19.37 -21.11
CA ASP HA 264 0.99 -19.72 -22.05
C ASP HA 264 1.77 -20.94 -21.57
N SER HA 265 2.25 -20.89 -20.32
CA SER HA 265 3.05 -21.99 -19.79
C SER HA 265 2.24 -23.28 -19.74
N ILE HA 266 0.98 -23.20 -19.34
CA ILE HA 266 0.14 -24.39 -19.25
C ILE HA 266 -0.02 -25.03 -20.62
N ILE HA 267 -0.38 -24.23 -21.63
CA ILE HA 267 -0.58 -24.77 -22.97
C ILE HA 267 0.71 -25.39 -23.48
N MET HA 268 1.84 -24.71 -23.30
CA MET HA 268 3.07 -25.21 -23.89
C MET HA 268 3.57 -26.46 -23.17
N ASN HA 269 3.37 -26.53 -21.86
CA ASN HA 269 3.70 -27.74 -21.12
C ASN HA 269 2.84 -28.92 -21.57
N GLN HA 270 1.55 -28.68 -21.77
CA GLN HA 270 0.68 -29.75 -22.25
C GLN HA 270 1.14 -30.24 -23.62
N TYR HA 271 1.48 -29.32 -24.52
CA TYR HA 271 1.93 -29.73 -25.85
C TYR HA 271 3.27 -30.46 -25.79
N GLN HA 272 4.17 -30.04 -24.91
CA GLN HA 272 5.43 -30.75 -24.72
C GLN HA 272 5.19 -32.17 -24.24
N LEU HA 273 4.25 -32.34 -23.30
CA LEU HA 273 3.93 -33.69 -22.82
C LEU HA 273 3.34 -34.54 -23.95
N VAL HA 274 2.47 -33.95 -24.77
CA VAL HA 274 1.91 -34.67 -25.91
C VAL HA 274 3.02 -35.12 -26.85
N ALA HA 275 3.97 -34.24 -27.13
CA ALA HA 275 5.11 -34.62 -27.97
C ALA HA 275 5.93 -35.72 -27.33
N ALA HA 276 6.08 -35.68 -26.01
CA ALA HA 276 6.85 -36.70 -25.31
C ALA HA 276 6.19 -38.07 -25.42
N ILE HA 277 4.86 -38.11 -25.35
CA ILE HA 277 4.15 -39.40 -25.41
C ILE HA 277 4.40 -40.09 -26.75
N ALA HA 278 4.34 -39.34 -27.83
CA ALA HA 278 4.37 -39.92 -29.18
C ALA HA 278 5.76 -40.29 -29.66
N LYS HA 279 6.80 -40.13 -28.83
CA LYS HA 279 8.17 -40.44 -29.22
C LYS HA 279 8.60 -39.68 -30.48
N THR HA 280 8.21 -38.41 -30.56
CA THR HA 280 8.53 -37.55 -31.69
C THR HA 280 8.97 -36.20 -31.15
N PRO HA 281 10.00 -35.60 -31.73
CA PRO HA 281 10.40 -34.26 -31.30
C PRO HA 281 9.28 -33.25 -31.53
N ALA HA 282 9.16 -32.31 -30.59
CA ALA HA 282 8.10 -31.31 -30.67
C ALA HA 282 8.26 -30.42 -31.90
N THR HA 283 9.50 -30.25 -32.38
CA THR HA 283 9.75 -29.41 -33.54
C THR HA 283 9.13 -29.96 -34.82
N LYS HA 284 8.68 -31.22 -34.82
CA LYS HA 284 7.99 -31.81 -35.95
C LYS HA 284 6.48 -31.86 -35.76
N LEU HA 285 6.01 -32.24 -34.57
CA LEU HA 285 4.58 -32.27 -34.31
C LEU HA 285 3.99 -30.86 -34.30
N LEU HA 286 4.59 -29.95 -33.55
CA LEU HA 286 4.10 -28.58 -33.48
C LEU HA 286 4.79 -27.67 -34.48
N GLY HA 287 5.92 -28.07 -35.05
CA GLY HA 287 6.63 -27.25 -36.00
C GLY HA 287 7.55 -26.21 -35.39
N THR HA 288 7.56 -26.07 -34.06
CA THR HA 288 8.43 -25.12 -33.39
C THR HA 288 8.63 -25.60 -31.96
N SER HA 289 9.84 -25.37 -31.45
CA SER HA 289 10.13 -25.74 -30.07
C SER HA 289 9.23 -24.95 -29.12
N PRO HA 290 8.73 -25.57 -28.06
CA PRO HA 290 7.85 -24.85 -27.13
C PRO HA 290 8.58 -23.66 -26.50
N LYS HA 291 7.84 -22.59 -26.28
CA LYS HA 291 8.42 -21.37 -25.74
C LYS HA 291 8.95 -21.62 -24.32
N GLY HA 292 10.15 -21.09 -24.06
CA GLY HA 292 10.81 -21.30 -22.80
C GLY HA 292 11.71 -22.52 -22.75
N PHE HA 293 11.74 -23.32 -23.81
CA PHE HA 293 12.61 -24.49 -23.90
C PHE HA 293 13.73 -24.21 -24.89
N ASN HA 294 14.90 -24.78 -24.59
CA ASN HA 294 16.01 -24.67 -25.52
C ASN HA 294 15.71 -25.41 -26.81
N ALA HA 295 16.05 -24.79 -27.94
CA ALA HA 295 15.75 -25.32 -29.26
C ALA HA 295 16.99 -25.83 -29.99
N THR HA 296 17.98 -26.33 -29.24
CA THR HA 296 19.20 -26.83 -29.87
C THR HA 296 18.90 -28.03 -30.75
N GLY HA 297 18.18 -29.02 -30.22
CA GLY HA 297 17.78 -30.17 -31.00
C GLY HA 297 18.91 -31.05 -31.50
N GLU HA 298 20.12 -30.88 -30.97
CA GLU HA 298 21.24 -31.70 -31.42
C GLU HA 298 21.01 -33.17 -31.07
N HIS HA 299 20.51 -33.44 -29.86
CA HIS HA 299 20.25 -34.82 -29.47
C HIS HA 299 18.88 -35.30 -29.94
N GLU HA 300 17.93 -34.38 -30.12
CA GLU HA 300 16.59 -34.77 -30.55
C GLU HA 300 16.61 -35.40 -31.93
N THR HA 301 17.33 -34.78 -32.87
CA THR HA 301 17.40 -35.35 -34.22
C THR HA 301 18.10 -36.70 -34.21
N ILE HA 302 19.15 -36.84 -33.39
CA ILE HA 302 19.86 -38.12 -33.30
C ILE HA 302 18.92 -39.20 -32.78
N SER HA 303 18.17 -38.89 -31.72
CA SER HA 303 17.25 -39.87 -31.17
C SER HA 303 16.15 -40.23 -32.17
N TYR HA 304 15.65 -39.24 -32.90
CA TYR HA 304 14.64 -39.51 -33.91
C TYR HA 304 15.19 -40.41 -35.01
N HIS HA 305 16.41 -40.15 -35.46
CA HIS HA 305 17.02 -41.00 -36.48
C HIS HA 305 17.21 -42.42 -35.96
N GLU HA 306 17.59 -42.55 -34.69
CA GLU HA 306 17.76 -43.89 -34.12
C GLU HA 306 16.44 -44.64 -34.03
N GLU HA 307 15.37 -43.93 -33.66
CA GLU HA 307 14.05 -44.55 -33.65
C GLU HA 307 13.63 -44.97 -35.06
N LEU HA 308 13.93 -44.14 -36.06
CA LEU HA 308 13.62 -44.51 -37.44
C LEU HA 308 14.40 -45.75 -37.87
N GLU HA 309 15.68 -45.84 -37.46
CA GLU HA 309 16.46 -47.03 -37.76
C GLU HA 309 15.87 -48.26 -37.08
N SER HA 310 15.40 -48.11 -35.84
CA SER HA 310 14.77 -49.22 -35.15
C SER HA 310 13.51 -49.68 -35.89
N ILE HA 311 12.70 -48.73 -36.34
CA ILE HA 311 11.51 -49.08 -37.12
C ILE HA 311 11.90 -49.81 -38.39
N GLN HA 312 12.91 -49.30 -39.09
CA GLN HA 312 13.37 -49.96 -40.32
C GLN HA 312 13.80 -51.39 -40.05
N GLU HA 313 14.54 -51.60 -38.95
CA GLU HA 313 15.04 -52.95 -38.64
C GLU HA 313 13.90 -53.88 -38.24
N HIS HA 314 12.90 -53.37 -37.53
CA HIS HA 314 11.91 -54.27 -36.92
C HIS HA 314 10.70 -54.51 -37.82
N ILE HA 315 10.07 -53.45 -38.33
CA ILE HA 315 8.77 -53.59 -38.98
C ILE HA 315 8.91 -53.81 -40.48
N PHE HA 316 9.67 -52.96 -41.17
CA PHE HA 316 9.69 -53.02 -42.62
C PHE HA 316 10.53 -54.17 -43.16
N ASP HA 317 11.56 -54.59 -42.42
CA ASP HA 317 12.46 -55.63 -42.93
C ASP HA 317 11.77 -56.95 -43.22
N PRO HA 318 10.97 -57.54 -42.31
CA PRO HA 318 10.42 -58.88 -42.60
C PRO HA 318 9.47 -58.91 -43.78
N LEU HA 319 8.58 -57.92 -43.88
CA LEU HA 319 7.62 -57.90 -44.98
C LEU HA 319 8.33 -57.80 -46.32
N LEU HA 320 9.32 -56.90 -46.42
CA LEU HA 320 10.05 -56.75 -47.67
C LEU HA 320 10.85 -58.01 -47.99
N GLU HA 321 11.46 -58.63 -46.97
CA GLU HA 321 12.23 -59.85 -47.21
C GLU HA 321 11.34 -60.96 -47.75
N ARG HA 322 10.17 -61.16 -47.13
CA ARG HA 322 9.24 -62.18 -47.60
C ARG HA 322 8.74 -61.86 -49.00
N HIS HA 323 8.40 -60.58 -49.24
CA HIS HA 323 7.93 -60.17 -50.56
C HIS HA 323 8.97 -60.47 -51.64
N TYR HA 324 10.23 -60.13 -51.37
CA TYR HA 324 11.26 -60.28 -52.40
C TYR HA 324 11.62 -61.76 -52.59
N LEU HA 325 11.61 -62.54 -51.51
CA LEU HA 325 11.80 -63.98 -51.68
C LEU HA 325 10.70 -64.59 -52.54
N LEU HA 326 9.45 -64.24 -52.26
CA LEU HA 326 8.34 -64.78 -53.03
C LEU HA 326 8.41 -64.32 -54.48
N LEU HA 327 8.76 -63.06 -54.71
CA LEU HA 327 8.88 -62.56 -56.07
C LEU HA 327 9.99 -63.25 -56.84
N ALA HA 328 11.15 -63.45 -56.20
CA ALA HA 328 12.26 -64.11 -56.85
C ALA HA 328 11.91 -65.55 -57.20
N LYS HA 329 11.23 -66.25 -56.30
CA LYS HA 329 10.83 -67.63 -56.62
C LYS HA 329 9.68 -67.66 -57.61
N SER HA 330 8.94 -66.56 -57.75
CA SER HA 330 7.80 -66.53 -58.67
C SER HA 330 8.27 -66.43 -60.11
N GLU HA 331 9.26 -65.58 -60.39
CA GLU HA 331 9.74 -65.35 -61.75
C GLU HA 331 11.05 -66.07 -62.04
N GLU HA 332 11.26 -67.23 -61.40
CA GLU HA 332 12.43 -68.08 -61.59
C GLU HA 332 13.72 -67.29 -61.70
N ILE HA 333 13.91 -66.36 -60.76
CA ILE HA 333 15.17 -65.62 -60.62
C ILE HA 333 16.03 -66.42 -59.65
N ASP HA 334 16.99 -67.17 -60.19
CA ASP HA 334 17.80 -68.10 -59.41
C ASP HA 334 19.02 -67.41 -58.80
N VAL HA 335 18.80 -66.28 -58.12
CA VAL HA 335 19.85 -65.56 -57.42
C VAL HA 335 19.27 -65.03 -56.11
N GLN HA 336 19.94 -65.32 -55.00
CA GLN HA 336 19.53 -64.77 -53.72
C GLN HA 336 19.88 -63.29 -53.64
N LEU HA 337 19.00 -62.53 -52.98
CA LEU HA 337 19.18 -61.09 -52.86
C LEU HA 337 18.87 -60.65 -51.45
N GLU HA 338 19.49 -59.54 -51.04
CA GLU HA 338 19.30 -58.96 -49.72
C GLU HA 338 18.93 -57.50 -49.86
N ILE HA 339 18.52 -56.90 -48.74
CA ILE HA 339 17.99 -55.54 -48.71
C ILE HA 339 18.97 -54.66 -47.95
N VAL HA 340 19.37 -53.55 -48.58
CA VAL HA 340 20.25 -52.56 -47.97
C VAL HA 340 19.52 -51.23 -47.95
N TRP HA 341 19.44 -50.62 -46.77
CA TRP HA 341 18.69 -49.38 -46.60
C TRP HA 341 19.58 -48.18 -46.86
N ASN HA 342 18.99 -47.14 -47.47
CA ASN HA 342 19.69 -45.88 -47.64
C ASN HA 342 19.85 -45.20 -46.28
N PRO HA 343 20.86 -44.34 -46.14
CA PRO HA 343 21.02 -43.60 -44.87
C PRO HA 343 19.78 -42.77 -44.56
N VAL HA 344 19.38 -42.78 -43.29
CA VAL HA 344 18.19 -42.06 -42.89
C VAL HA 344 18.45 -40.57 -42.69
N ASP HA 345 19.70 -40.18 -42.42
CA ASP HA 345 20.01 -38.77 -42.24
C ASP HA 345 19.82 -38.02 -43.55
N SER HA 346 19.16 -36.87 -43.47
CA SER HA 346 18.85 -36.04 -44.63
C SER HA 346 19.55 -34.70 -44.50
N THR HA 347 20.21 -34.28 -45.57
CA THR HA 347 20.98 -33.05 -45.59
C THR HA 347 20.65 -32.26 -46.86
N SER HA 348 20.86 -30.95 -46.79
CA SER HA 348 20.62 -30.08 -47.92
C SER HA 348 21.78 -30.19 -48.91
N SER HA 349 21.75 -29.38 -49.97
CA SER HA 349 22.74 -29.50 -51.04
C SER HA 349 24.15 -29.18 -50.55
N GLN HA 350 24.29 -28.17 -49.70
CA GLN HA 350 25.62 -27.78 -49.23
C GLN HA 350 26.27 -28.92 -48.47
N GLN HA 351 25.58 -29.44 -47.44
CA GLN HA 351 26.12 -30.54 -46.67
C GLN HA 351 26.47 -31.72 -47.56
N GLN HA 352 25.72 -31.94 -48.64
CA GLN HA 352 26.14 -32.92 -49.63
C GLN HA 352 27.47 -32.53 -50.26
N ALA HA 353 27.66 -31.24 -50.55
CA ALA HA 353 28.90 -30.80 -51.20
C ALA HA 353 30.12 -31.06 -50.32
N GLU HA 354 30.08 -30.61 -49.06
CA GLU HA 354 31.25 -30.92 -48.22
C GLU HA 354 31.20 -32.32 -47.62
N LEU HA 355 30.15 -33.10 -47.87
CA LEU HA 355 30.17 -34.50 -47.48
C LEU HA 355 30.87 -35.35 -48.53
N ASN HA 356 30.62 -35.07 -49.81
CA ASN HA 356 31.27 -35.83 -50.87
C ASN HA 356 32.76 -35.49 -50.95
N ASN HA 357 33.12 -34.24 -50.68
CA ASN HA 357 34.52 -33.83 -50.80
C ASN HA 357 35.40 -34.56 -49.80
N LYS HA 358 34.92 -34.74 -48.57
CA LYS HA 358 35.70 -35.46 -47.57
C LYS HA 358 35.90 -36.91 -47.99
N LYS HA 359 34.87 -37.54 -48.54
CA LYS HA 359 35.03 -38.89 -49.06
C LYS HA 359 36.01 -38.92 -50.22
N ALA HA 360 35.94 -37.92 -51.10
CA ALA HA 360 36.88 -37.84 -52.21
C ALA HA 360 38.31 -37.68 -51.72
N ALA HA 361 38.51 -36.82 -50.72
CA ALA HA 361 39.84 -36.64 -50.16
C ALA HA 361 40.37 -37.92 -49.54
N THR HA 362 39.51 -38.64 -48.82
CA THR HA 362 39.93 -39.91 -48.23
C THR HA 362 40.27 -40.94 -49.30
N ASP HA 363 39.53 -40.92 -50.41
CA ASP HA 363 39.78 -41.89 -51.48
C ASP HA 363 41.17 -41.73 -52.07
N GLU HA 364 41.60 -40.49 -52.28
CA GLU HA 364 42.91 -40.27 -52.89
C GLU HA 364 44.04 -40.79 -52.01
N ILE HA 365 43.86 -40.76 -50.69
CA ILE HA 365 44.89 -41.27 -49.79
C ILE HA 365 45.06 -42.77 -49.98
N TYR HA 366 43.95 -43.51 -50.10
CA TYR HA 366 44.04 -44.96 -50.19
C TYR HA 366 44.65 -45.39 -51.52
N ILE HA 367 44.19 -44.80 -52.62
CA ILE HA 367 44.67 -45.23 -53.94
C ILE HA 367 46.15 -44.91 -54.11
N ASN HA 368 46.59 -43.74 -53.63
CA ASN HA 368 48.00 -43.41 -53.70
C ASN HA 368 48.85 -44.34 -52.85
N SER HA 369 48.29 -44.86 -51.76
CA SER HA 369 49.02 -45.75 -50.88
C SER HA 369 48.85 -47.21 -51.23
N GLY HA 370 48.14 -47.52 -52.30
CA GLY HA 370 47.98 -48.90 -52.74
C GLY HA 370 46.94 -49.70 -52.00
N VAL HA 371 46.21 -49.10 -51.05
CA VAL HA 371 45.21 -49.84 -50.30
C VAL HA 371 44.08 -50.28 -51.22
N VAL HA 372 43.61 -49.39 -52.08
CA VAL HA 372 42.50 -49.69 -52.99
C VAL HA 372 42.98 -49.56 -54.43
N SER HA 373 42.09 -49.87 -55.37
CA SER HA 373 42.36 -49.74 -56.79
C SER HA 373 41.56 -48.58 -57.37
N PRO HA 374 42.01 -48.04 -58.51
CA PRO HA 374 41.21 -46.99 -59.17
C PRO HA 374 39.80 -47.46 -59.51
N ASP HA 375 39.62 -48.72 -59.88
CA ASP HA 375 38.29 -49.21 -60.20
C ASP HA 375 37.46 -49.48 -58.95
N GLU HA 376 38.10 -49.84 -57.83
CA GLU HA 376 37.35 -50.19 -56.63
C GLU HA 376 36.46 -49.05 -56.17
N VAL HA 377 36.96 -47.82 -56.22
CA VAL HA 377 36.14 -46.67 -55.86
C VAL HA 377 35.09 -46.38 -56.92
N ARG HA 378 35.30 -46.82 -58.16
CA ARG HA 378 34.34 -46.54 -59.22
C ARG HA 378 33.01 -47.21 -58.96
N GLU HA 379 33.03 -48.47 -58.51
CA GLU HA 379 31.76 -49.15 -58.23
C GLU HA 379 31.03 -48.52 -57.06
N ARG HA 380 31.76 -48.07 -56.03
CA ARG HA 380 31.10 -47.41 -54.90
C ARG HA 380 30.42 -46.13 -55.34
N LEU HA 381 31.08 -45.35 -56.20
CA LEU HA 381 30.46 -44.14 -56.73
C LEU HA 381 29.25 -44.46 -57.60
N ARG HA 382 29.18 -45.66 -58.17
CA ARG HA 382 28.09 -46.01 -59.08
C ARG HA 382 26.79 -46.23 -58.32
N ASP HA 383 26.85 -46.83 -57.13
CA ASP HA 383 25.63 -47.24 -56.45
C ASP HA 383 25.04 -46.14 -55.56
N ASP HA 384 25.87 -45.23 -55.07
CA ASP HA 384 25.40 -44.19 -54.15
C ASP HA 384 24.50 -43.22 -54.88
N PRO HA 385 23.23 -43.07 -54.48
CA PRO HA 385 22.36 -42.08 -55.14
C PRO HA 385 22.68 -40.66 -54.71
N ARG HA 386 23.12 -40.49 -53.46
CA ARG HA 386 23.47 -39.17 -52.95
C ARG HA 386 24.66 -38.57 -53.70
N SER HA 387 25.51 -39.40 -54.28
CA SER HA 387 26.63 -38.88 -55.07
C SER HA 387 26.12 -38.22 -56.35
N GLY HA 388 26.83 -37.18 -56.78
CA GLY HA 388 26.43 -36.45 -57.97
C GLY HA 388 26.66 -37.19 -59.27
N TYR HA 389 27.55 -38.18 -59.26
CA TYR HA 389 27.89 -38.93 -60.47
C TYR HA 389 26.92 -40.09 -60.64
N ASN HA 390 26.04 -39.99 -61.64
CA ASN HA 390 25.15 -41.09 -61.99
C ASN HA 390 25.04 -41.28 -63.50
N ARG HA 391 25.79 -40.52 -64.29
CA ARG HA 391 25.85 -40.68 -65.73
C ARG HA 391 26.94 -41.65 -66.16
N LEU HA 392 27.48 -42.41 -65.21
CA LEU HA 392 28.57 -43.34 -65.52
C LEU HA 392 28.14 -44.35 -66.57
N THR HA 393 29.00 -44.56 -67.55
CA THR HA 393 28.76 -45.53 -68.61
C THR HA 393 29.25 -46.90 -68.16
N ASP HA 394 29.21 -47.89 -69.06
CA ASP HA 394 29.64 -49.24 -68.76
C ASP HA 394 31.15 -49.42 -68.86
N ASP HA 395 31.92 -48.34 -68.94
CA ASP HA 395 33.37 -48.44 -69.04
C ASP HA 395 33.96 -48.94 -67.73
N GLN HA 396 35.20 -49.43 -67.81
CA GLN HA 396 35.89 -50.02 -66.68
C GLN HA 396 37.22 -49.31 -66.44
N ALA HA 397 37.56 -49.13 -65.16
CA ALA HA 397 38.83 -48.54 -64.77
C ALA HA 397 39.87 -49.64 -64.55
N GLU HA 398 41.01 -49.26 -63.96
CA GLU HA 398 42.06 -50.24 -63.67
C GLU HA 398 41.80 -50.89 -62.33
N THR HA 399 41.89 -52.23 -62.30
CA THR HA 399 41.49 -53.00 -61.13
C THR HA 399 42.65 -53.38 -60.22
N GLU HA 400 43.89 -53.28 -60.68
CA GLU HA 400 45.01 -53.67 -59.83
C GLU HA 400 45.27 -52.58 -58.80
N PRO HA 401 45.32 -52.91 -57.52
CA PRO HA 401 45.37 -51.86 -56.48
C PRO HA 401 46.59 -50.95 -56.62
N GLY HA 402 46.37 -49.66 -56.39
CA GLY HA 402 47.44 -48.69 -56.32
C GLY HA 402 47.94 -48.18 -57.66
N MET HA 403 47.36 -48.59 -58.78
CA MET HA 403 47.82 -48.15 -60.10
C MET HA 403 47.16 -46.83 -60.48
N SER HA 404 47.57 -45.78 -59.77
CA SER HA 404 47.20 -44.43 -60.15
C SER HA 404 47.99 -44.03 -61.40
N PRO HA 405 47.49 -43.04 -62.15
CA PRO HA 405 48.21 -42.62 -63.35
C PRO HA 405 49.66 -42.22 -63.09
N GLU HA 406 49.94 -41.56 -61.96
CA GLU HA 406 51.32 -41.24 -61.63
C GLU HA 406 52.06 -42.44 -61.08
N ASN HA 407 51.36 -43.31 -60.36
CA ASN HA 407 51.98 -44.57 -59.92
C ASN HA 407 52.33 -45.45 -61.10
N LEU HA 408 51.45 -45.55 -62.09
CA LEU HA 408 51.76 -46.31 -63.29
C LEU HA 408 52.90 -45.66 -64.07
N ALA HA 409 52.92 -44.33 -64.12
CA ALA HA 409 53.98 -43.63 -64.85
C ALA HA 409 55.35 -43.92 -64.26
N GLU HA 410 55.46 -43.95 -62.94
CA GLU HA 410 56.73 -44.25 -62.30
C GLU HA 410 57.01 -45.75 -62.22
N PHE HA 411 56.02 -46.60 -62.54
CA PHE HA 411 56.25 -48.03 -62.50
C PHE HA 411 57.26 -48.47 -63.56
N GLU HA 412 57.04 -48.06 -64.81
CA GLU HA 412 57.96 -48.43 -65.87
C GLU HA 412 59.23 -47.60 -65.84
N LYS HA 413 59.15 -46.35 -65.39
CA LYS HA 413 60.35 -45.51 -65.32
C LYS HA 413 61.36 -46.07 -64.34
N ALA HA 414 60.89 -46.51 -63.17
CA ALA HA 414 61.80 -47.09 -62.18
C ALA HA 414 62.43 -48.38 -62.69
N GLY HA 415 61.62 -49.24 -63.32
CA GLY HA 415 62.15 -50.49 -63.83
C GLY HA 415 63.15 -50.31 -64.96
N ALA HA 416 62.86 -49.39 -65.88
CA ALA HA 416 63.77 -49.15 -67.00
C ALA HA 416 65.11 -48.62 -66.51
N GLN HA 417 65.09 -47.70 -65.55
CA GLN HA 417 66.33 -47.19 -64.98
C GLN HA 417 67.08 -48.29 -64.24
N SER HA 418 66.36 -49.13 -63.49
CA SER HA 418 67.00 -50.22 -62.77
C SER HA 418 67.62 -51.23 -63.72
N ALA HA 419 66.91 -51.56 -64.80
CA ALA HA 419 67.45 -52.50 -65.78
C ALA HA 419 68.72 -51.96 -66.42
N LYS HA 420 68.72 -50.66 -66.75
CA LYS HA 420 69.93 -50.04 -67.28
C LYS HA 420 71.06 -50.06 -66.25
N ALA HA 421 70.74 -49.80 -64.99
CA ALA HA 421 71.76 -49.61 -63.97
C ALA HA 421 72.64 -50.86 -63.81
N LYS HA 422 72.05 -52.05 -63.98
CA LYS HA 422 72.84 -53.26 -63.90
C LYS HA 422 73.72 -53.48 -65.13
N GLY HA 423 73.45 -52.74 -66.21
CA GLY HA 423 74.25 -52.92 -67.42
C GLY HA 423 75.68 -52.46 -67.25
N GLU HA 424 75.88 -51.24 -66.74
CA GLU HA 424 77.22 -50.71 -66.61
C GLU HA 424 78.02 -51.41 -65.52
N ALA HA 425 77.33 -52.03 -64.55
CA ALA HA 425 78.04 -52.81 -63.54
C ALA HA 425 78.79 -53.97 -64.19
N GLU HA 426 78.16 -54.67 -65.13
CA GLU HA 426 78.87 -55.69 -65.90
C GLU HA 426 79.85 -55.06 -66.88
N ARG HA 427 79.53 -53.87 -67.40
CA ARG HA 427 80.47 -53.16 -68.25
C ARG HA 427 81.73 -52.79 -67.49
N ALA HA 428 81.60 -52.48 -66.20
CA ALA HA 428 82.77 -52.17 -65.39
C ALA HA 428 83.68 -53.39 -65.25
N GLU HA 429 83.09 -54.58 -65.12
CA GLU HA 429 83.87 -55.80 -64.93
C GLU HA 429 84.63 -56.21 -66.19
N ALA HA 430 84.37 -55.58 -67.33
CA ALA HA 430 85.12 -55.88 -68.54
C ALA HA 430 86.61 -55.57 -68.34
N GLN HA 431 86.92 -54.38 -67.86
CA GLN HA 431 88.29 -53.99 -67.60
C GLN HA 431 88.72 -54.44 -66.20
N ALA HA 432 90.03 -54.60 -66.03
CA ALA HA 432 90.62 -55.07 -64.78
C ALA HA 432 90.01 -56.41 -64.37
N GLY HA 433 89.88 -57.33 -65.32
CA GLY HA 433 89.32 -58.64 -65.05
C GLY HA 433 89.72 -59.68 -66.09
N PRO IA 1 15.81 -44.72 15.48
CA PRO IA 1 14.56 -44.02 15.18
C PRO IA 1 13.49 -44.95 14.64
N THR IA 2 12.38 -45.08 15.37
CA THR IA 2 11.30 -45.96 14.94
C THR IA 2 10.70 -45.50 13.62
N MET IA 3 10.49 -44.19 13.47
CA MET IA 3 9.85 -43.68 12.25
C MET IA 3 10.74 -43.92 11.04
N LEU IA 4 12.05 -43.70 11.16
CA LEU IA 4 12.95 -43.99 10.05
C LEU IA 4 12.94 -45.46 9.69
N GLN IA 5 12.93 -46.33 10.70
CA GLN IA 5 12.90 -47.76 10.45
C GLN IA 5 11.63 -48.15 9.72
N ASP IA 6 10.48 -47.63 10.15
CA ASP IA 6 9.22 -47.95 9.49
C ASP IA 6 9.19 -47.41 8.06
N TRP IA 7 9.68 -46.19 7.86
CA TRP IA 7 9.69 -45.61 6.52
C TRP IA 7 10.56 -46.42 5.57
N TYR IA 8 11.71 -46.88 6.03
CA TYR IA 8 12.59 -47.66 5.16
C TYR IA 8 12.10 -49.09 4.99
N ASN IA 9 11.37 -49.62 5.97
CA ASN IA 9 10.86 -50.98 5.88
C ASN IA 9 9.57 -51.08 5.06
N SER IA 10 8.83 -49.98 4.91
CA SER IA 10 7.56 -50.05 4.21
C SER IA 10 7.75 -50.49 2.76
N GLN IA 11 8.78 -50.00 2.09
CA GLN IA 11 9.05 -50.42 0.73
C GLN IA 11 9.43 -51.91 0.69
N GLY IA 12 8.88 -52.62 -0.27
CA GLY IA 12 9.14 -54.05 -0.36
C GLY IA 12 8.50 -54.63 -1.60
N PHE IA 13 8.54 -55.96 -1.68
CA PHE IA 13 7.98 -56.65 -2.82
C PHE IA 13 6.48 -56.41 -2.93
N ILE IA 14 5.99 -56.25 -4.16
CA ILE IA 14 4.59 -55.92 -4.39
C ILE IA 14 3.82 -57.06 -5.04
N GLY IA 15 4.48 -57.92 -5.82
CA GLY IA 15 3.78 -59.02 -6.46
C GLY IA 15 3.86 -59.00 -7.97
N TYR IA 16 3.90 -60.19 -8.58
CA TYR IA 16 3.99 -60.28 -10.03
C TYR IA 16 2.75 -59.73 -10.70
N GLN IA 17 1.57 -59.97 -10.12
CA GLN IA 17 0.34 -59.40 -10.69
C GLN IA 17 0.38 -57.89 -10.67
N ALA IA 18 0.82 -57.30 -9.54
CA ALA IA 18 0.92 -55.85 -9.46
C ALA IA 18 1.92 -55.31 -10.47
N CYS IA 19 3.07 -55.97 -10.63
CA CYS IA 19 4.05 -55.53 -11.62
C CYS IA 19 3.46 -55.59 -13.03
N ALA IA 20 2.75 -56.67 -13.35
CA ALA IA 20 2.17 -56.81 -14.67
C ALA IA 20 1.14 -55.71 -14.94
N ILE IA 21 0.30 -55.40 -13.94
CA ILE IA 21 -0.70 -54.35 -14.13
C ILE IA 21 -0.02 -52.99 -14.30
N ILE IA 22 0.98 -52.70 -13.46
CA ILE IA 22 1.66 -51.40 -13.52
C ILE IA 22 2.40 -51.25 -14.84
N SER IA 23 2.84 -52.36 -15.44
CA SER IA 23 3.59 -52.28 -16.69
C SER IA 23 2.78 -51.73 -17.86
N GLN IA 24 1.47 -51.61 -17.73
CA GLN IA 24 0.65 -51.11 -18.83
C GLN IA 24 0.93 -49.65 -19.13
N HIS IA 25 1.32 -48.86 -18.13
CA HIS IA 25 1.47 -47.43 -18.31
C HIS IA 25 2.54 -47.11 -19.33
N TRP IA 26 2.32 -46.05 -20.09
CA TRP IA 26 3.22 -45.71 -21.20
C TRP IA 26 4.62 -45.34 -20.72
N LEU IA 27 4.70 -44.54 -19.66
CA LEU IA 27 6.01 -44.04 -19.22
C LEU IA 27 6.84 -45.15 -18.62
N VAL IA 28 6.23 -46.02 -17.82
CA VAL IA 28 6.97 -47.14 -17.23
C VAL IA 28 7.47 -48.07 -18.33
N ASP IA 29 6.62 -48.35 -19.32
CA ASP IA 29 7.04 -49.20 -20.44
C ASP IA 29 8.20 -48.56 -21.19
N LYS IA 30 8.12 -47.24 -21.44
CA LYS IA 30 9.19 -46.54 -22.15
C LYS IA 30 10.50 -46.63 -21.38
N ALA IA 31 10.45 -46.38 -20.06
CA ALA IA 31 11.65 -46.44 -19.25
C ALA IA 31 12.24 -47.84 -19.22
N CYS IA 32 11.39 -48.87 -19.14
CA CYS IA 32 11.90 -50.23 -19.07
C CYS IA 32 12.43 -50.70 -20.41
N SER IA 33 11.91 -50.18 -21.52
CA SER IA 33 12.25 -50.70 -22.83
C SER IA 33 13.35 -49.94 -23.55
N MET IA 34 13.56 -48.65 -23.23
CA MET IA 34 14.51 -47.85 -24.02
C MET IA 34 15.92 -48.40 -23.91
N SER IA 35 16.38 -48.71 -22.69
CA SER IA 35 17.74 -49.18 -22.51
C SER IA 35 17.96 -50.52 -23.23
N GLY IA 36 17.01 -51.44 -23.06
CA GLY IA 36 17.14 -52.74 -23.73
C GLY IA 36 17.14 -52.61 -25.23
N GLU IA 37 16.28 -51.74 -25.78
CA GLU IA 37 16.25 -51.55 -27.22
C GLU IA 37 17.55 -50.93 -27.72
N ASP IA 38 18.09 -49.95 -26.99
CA ASP IA 38 19.29 -49.26 -27.46
C ASP IA 38 20.53 -50.14 -27.34
N ALA IA 39 20.56 -51.05 -26.36
CA ALA IA 39 21.77 -51.84 -26.14
C ALA IA 39 22.08 -52.74 -27.31
N ALA IA 40 21.07 -53.36 -27.90
CA ALA IA 40 21.26 -54.38 -28.94
C ALA IA 40 20.94 -53.86 -30.33
N ARG IA 41 21.29 -52.61 -30.63
CA ARG IA 41 21.01 -52.02 -31.93
C ARG IA 41 22.18 -52.10 -32.90
N ASN IA 42 23.37 -51.68 -32.47
CA ASN IA 42 24.52 -51.61 -33.37
C ASN IA 42 25.03 -52.97 -33.78
N GLY IA 43 24.58 -54.05 -33.14
CA GLY IA 43 24.93 -55.39 -33.57
C GLY IA 43 26.34 -55.79 -33.19
N TRP IA 44 26.73 -56.96 -33.68
CA TRP IA 44 28.02 -57.56 -33.37
C TRP IA 44 28.53 -58.32 -34.59
N GLU IA 45 29.81 -58.65 -34.55
CA GLU IA 45 30.46 -59.40 -35.61
C GLU IA 45 31.03 -60.70 -35.04
N LEU IA 46 31.09 -61.72 -35.88
CA LEU IA 46 31.56 -63.04 -35.48
C LEU IA 46 33.02 -63.20 -35.88
N LYS IA 47 33.90 -63.24 -34.89
CA LYS IA 47 35.33 -63.45 -35.11
C LYS IA 47 35.72 -64.81 -34.53
N SER IA 48 36.48 -65.58 -35.31
CA SER IA 48 36.85 -66.94 -34.93
C SER IA 48 38.36 -67.09 -35.05
N ASP IA 49 39.02 -67.38 -33.93
CA ASP IA 49 40.47 -67.60 -33.89
C ASP IA 49 41.23 -66.40 -34.46
N GLY IA 50 40.72 -65.20 -34.18
CA GLY IA 50 41.36 -63.99 -34.65
C GLY IA 50 41.41 -63.85 -36.15
N ARG IA 51 40.50 -64.50 -36.88
CA ARG IA 51 40.50 -64.45 -38.34
C ARG IA 51 39.10 -64.78 -38.84
N LYS IA 52 38.93 -64.67 -40.14
CA LYS IA 52 37.64 -64.93 -40.79
C LYS IA 52 37.71 -66.27 -41.51
N LEU IA 53 36.71 -67.12 -41.24
CA LEU IA 53 36.62 -68.45 -41.82
C LEU IA 53 35.81 -68.41 -43.12
N SER IA 54 35.47 -69.58 -43.65
CA SER IA 54 34.83 -69.67 -44.96
C SER IA 54 33.46 -69.01 -44.95
N ASP IA 55 33.14 -68.31 -46.04
CA ASP IA 55 31.94 -67.48 -46.08
C ASP IA 55 30.67 -68.30 -46.23
N GLU IA 56 30.77 -69.54 -46.73
CA GLU IA 56 29.57 -70.33 -46.94
C GLU IA 56 28.90 -70.70 -45.63
N GLN IA 57 29.66 -71.26 -44.69
CA GLN IA 57 29.08 -71.57 -43.39
C GLN IA 57 28.83 -70.30 -42.57
N SER IA 58 29.52 -69.20 -42.90
CA SER IA 58 29.16 -67.92 -42.30
C SER IA 58 27.75 -67.50 -42.72
N ALA IA 59 27.43 -67.67 -44.01
CA ALA IA 59 26.06 -67.40 -44.46
C ALA IA 59 25.08 -68.38 -43.85
N LEU IA 60 25.52 -69.63 -43.64
CA LEU IA 60 24.70 -70.60 -42.93
C LEU IA 60 24.35 -70.10 -41.53
N ILE IA 61 25.35 -69.62 -40.80
CA ILE IA 61 25.11 -69.05 -39.48
C ILE IA 61 24.19 -67.85 -39.57
N ALA IA 62 24.35 -67.04 -40.61
CA ALA IA 62 23.50 -65.87 -40.79
C ALA IA 62 22.03 -66.26 -40.97
N ARG IA 63 21.76 -67.28 -41.79
CA ARG IA 63 20.37 -67.68 -41.99
C ARG IA 63 19.80 -68.36 -40.75
N ARG IA 64 20.63 -69.11 -40.02
CA ARG IA 64 20.18 -69.65 -38.74
C ARG IA 64 19.81 -68.54 -37.76
N ASP IA 65 20.65 -67.51 -37.69
CA ASP IA 65 20.37 -66.38 -36.80
C ASP IA 65 19.08 -65.66 -37.21
N MET IA 66 18.92 -65.40 -38.50
CA MET IA 66 17.73 -64.71 -38.97
C MET IA 66 16.47 -65.52 -38.71
N GLU IA 67 16.54 -66.84 -38.91
CA GLU IA 67 15.39 -67.70 -38.66
C GLU IA 67 15.01 -67.71 -37.19
N PHE IA 68 16.01 -67.75 -36.31
CA PHE IA 68 15.77 -67.94 -34.88
C PHE IA 68 15.42 -66.65 -34.15
N ARG IA 69 15.63 -65.49 -34.77
CA ARG IA 69 15.26 -64.19 -34.20
C ARG IA 69 15.91 -63.97 -32.83
N VAL IA 70 17.25 -63.90 -32.85
CA VAL IA 70 18.00 -63.70 -31.62
C VAL IA 70 17.81 -62.27 -31.10
N LYS IA 71 17.78 -61.29 -32.01
CA LYS IA 71 17.71 -59.88 -31.58
C LYS IA 71 16.42 -59.59 -30.82
N ASP IA 72 15.29 -60.05 -31.35
CA ASP IA 72 14.02 -59.84 -30.66
C ASP IA 72 14.01 -60.57 -29.32
N ASN IA 73 14.62 -61.75 -29.26
CA ASN IA 73 14.72 -62.46 -28.00
C ASN IA 73 15.51 -61.67 -26.98
N LEU IA 74 16.63 -61.07 -27.39
CA LEU IA 74 17.43 -60.25 -26.48
C LEU IA 74 16.65 -59.04 -25.99
N VAL IA 75 15.94 -58.37 -26.91
CA VAL IA 75 15.20 -57.17 -26.53
C VAL IA 75 14.10 -57.52 -25.54
N GLU IA 76 13.34 -58.58 -25.83
CA GLU IA 76 12.29 -59.00 -24.92
C GLU IA 76 12.85 -59.45 -23.57
N LEU IA 77 13.99 -60.15 -23.60
CA LEU IA 77 14.63 -60.58 -22.37
C LEU IA 77 14.99 -59.40 -21.49
N ASN IA 78 15.64 -58.38 -22.07
CA ASN IA 78 16.01 -57.22 -21.27
C ASN IA 78 14.78 -56.49 -20.74
N ARG IA 79 13.76 -56.31 -21.60
CA ARG IA 79 12.58 -55.57 -21.18
C ARG IA 79 11.87 -56.27 -20.03
N PHE IA 80 11.68 -57.59 -20.14
CA PHE IA 80 10.95 -58.30 -19.10
C PHE IA 80 11.79 -58.55 -17.86
N LYS IA 81 13.12 -58.60 -18.00
CA LYS IA 81 13.97 -58.61 -16.81
C LYS IA 81 13.85 -57.30 -16.06
N ASN IA 82 13.78 -56.18 -16.79
CA ASN IA 82 13.60 -54.89 -16.13
C ASN IA 82 12.24 -54.82 -15.43
N VAL IA 83 11.18 -55.25 -16.10
CA VAL IA 83 9.85 -55.07 -15.51
C VAL IA 83 9.61 -56.05 -14.37
N PHE IA 84 10.15 -57.27 -14.45
CA PHE IA 84 9.85 -58.32 -13.48
C PHE IA 84 10.97 -58.60 -12.49
N GLY IA 85 12.21 -58.26 -12.82
CA GLY IA 85 13.35 -58.54 -11.97
C GLY IA 85 14.11 -59.79 -12.38
N VAL IA 86 13.41 -60.82 -12.85
CA VAL IA 86 14.04 -62.05 -13.28
C VAL IA 86 13.40 -62.51 -14.58
N ARG IA 87 14.22 -63.03 -15.49
CA ARG IA 87 13.74 -63.66 -16.71
C ARG IA 87 14.54 -64.93 -16.96
N ILE IA 88 13.85 -65.97 -17.41
CA ILE IA 88 14.45 -67.28 -17.63
C ILE IA 88 14.36 -67.61 -19.11
N ALA IA 89 15.50 -67.93 -19.71
CA ALA IA 89 15.57 -68.35 -21.10
C ALA IA 89 16.02 -69.80 -21.15
N LEU IA 90 15.30 -70.62 -21.91
CA LEU IA 90 15.57 -72.05 -22.02
C LEU IA 90 15.89 -72.40 -23.46
N PHE IA 91 16.97 -73.15 -23.66
CA PHE IA 91 17.37 -73.59 -24.99
C PHE IA 91 16.73 -74.94 -25.28
N VAL IA 92 15.86 -74.98 -26.28
CA VAL IA 92 15.10 -76.19 -26.58
C VAL IA 92 15.94 -77.11 -27.46
N VAL IA 93 16.29 -78.28 -26.92
CA VAL IA 93 17.06 -79.28 -27.64
C VAL IA 93 16.29 -80.60 -27.59
N GLU IA 94 16.07 -81.20 -28.76
CA GLU IA 94 15.35 -82.45 -28.87
C GLU IA 94 16.34 -83.59 -29.02
N SER IA 95 16.26 -84.57 -28.13
CA SER IA 95 17.15 -85.73 -28.14
C SER IA 95 16.38 -86.96 -27.71
N ASP IA 96 17.09 -88.07 -27.55
CA ASP IA 96 16.49 -89.35 -27.17
C ASP IA 96 16.55 -89.62 -25.67
N ASP IA 97 17.25 -88.80 -24.91
CA ASP IA 97 17.37 -89.02 -23.47
C ASP IA 97 16.06 -88.64 -22.79
N PRO IA 98 15.38 -89.57 -22.11
CA PRO IA 98 14.12 -89.22 -21.44
C PRO IA 98 14.29 -88.24 -20.29
N ASP IA 99 15.50 -88.11 -19.73
CA ASP IA 99 15.75 -87.21 -18.60
C ASP IA 99 16.96 -86.33 -18.87
N TYR IA 100 17.06 -85.81 -20.10
CA TYR IA 100 18.21 -84.99 -20.46
C TYR IA 100 18.25 -83.70 -19.65
N TYR IA 101 17.11 -83.04 -19.47
CA TYR IA 101 17.09 -81.75 -18.78
C TYR IA 101 17.47 -81.89 -17.31
N GLU IA 102 16.99 -82.95 -16.65
CA GLU IA 102 17.36 -83.14 -15.24
C GLU IA 102 18.84 -83.45 -15.09
N LYS IA 103 19.40 -84.22 -16.02
CA LYS IA 103 20.81 -84.55 -15.96
C LYS IA 103 21.65 -83.30 -16.21
N PRO IA 104 22.72 -83.08 -15.44
CA PRO IA 104 23.47 -81.83 -15.55
C PRO IA 104 24.08 -81.65 -16.92
N PHE IA 105 24.24 -80.38 -17.32
CA PHE IA 105 24.61 -80.05 -18.68
C PHE IA 105 25.96 -80.67 -19.05
N ASN IA 106 26.01 -81.28 -20.24
CA ASN IA 106 27.23 -81.85 -20.79
C ASN IA 106 27.29 -81.50 -22.28
N PRO IA 107 28.24 -80.66 -22.70
CA PRO IA 107 28.29 -80.26 -24.10
C PRO IA 107 28.55 -81.40 -25.07
N ASP IA 108 29.12 -82.52 -24.59
CA ASP IA 108 29.41 -83.64 -25.47
C ASP IA 108 28.16 -84.36 -25.95
N GLY IA 109 26.99 -84.07 -25.38
CA GLY IA 109 25.76 -84.74 -25.73
C GLY IA 109 24.95 -84.09 -26.83
N VAL IA 110 25.50 -83.10 -27.52
CA VAL IA 110 24.76 -82.39 -28.56
C VAL IA 110 24.66 -83.27 -29.80
N THR IA 111 23.44 -83.52 -30.26
CA THR IA 111 23.04 -84.24 -31.45
C THR IA 111 22.95 -83.29 -32.63
N PRO IA 112 23.50 -83.67 -33.78
CA PRO IA 112 23.38 -82.80 -34.97
C PRO IA 112 21.92 -82.55 -35.32
N GLY IA 113 21.57 -81.27 -35.46
CA GLY IA 113 20.21 -80.87 -35.76
C GLY IA 113 19.28 -80.83 -34.58
N SER IA 114 19.78 -81.10 -33.36
CA SER IA 114 18.90 -81.14 -32.19
C SER IA 114 18.50 -79.75 -31.73
N TYR IA 115 19.30 -78.73 -32.02
CA TYR IA 115 18.99 -77.38 -31.59
C TYR IA 115 17.76 -76.86 -32.33
N LYS IA 116 16.83 -76.29 -31.58
CA LYS IA 116 15.56 -75.84 -32.16
C LYS IA 116 15.30 -74.35 -32.00
N GLY IA 117 15.59 -73.78 -30.84
CA GLY IA 117 15.31 -72.37 -30.64
C GLY IA 117 15.48 -72.00 -29.17
N ILE IA 118 15.01 -70.79 -28.86
CA ILE IA 118 15.11 -70.21 -27.53
C ILE IA 118 13.71 -69.90 -27.03
N SER IA 119 13.40 -70.37 -25.83
CA SER IA 119 12.10 -70.14 -25.20
C SER IA 119 12.27 -69.30 -23.94
N GLN IA 120 11.35 -68.38 -23.72
CA GLN IA 120 11.34 -67.53 -22.55
C GLN IA 120 10.08 -67.76 -21.74
N ILE IA 121 10.22 -67.80 -20.42
CA ILE IA 121 9.14 -68.18 -19.52
C ILE IA 121 8.93 -67.06 -18.50
N ASP IA 122 7.68 -66.66 -18.32
CA ASP IA 122 7.35 -65.67 -17.31
C ASP IA 122 7.63 -66.21 -15.92
N PRO IA 123 7.97 -65.34 -14.96
CA PRO IA 123 8.35 -65.84 -13.63
C PRO IA 123 7.24 -66.59 -12.91
N TYR IA 124 5.98 -66.29 -13.20
CA TYR IA 124 4.88 -66.96 -12.49
C TYR IA 124 4.53 -68.32 -13.08
N TRP IA 125 5.17 -68.73 -14.19
CA TRP IA 125 5.03 -70.08 -14.68
C TRP IA 125 6.04 -71.05 -14.08
N ALA IA 126 7.09 -70.53 -13.45
CA ALA IA 126 8.14 -71.35 -12.86
C ALA IA 126 8.18 -71.17 -11.35
N MET IA 127 8.78 -72.16 -10.67
CA MET IA 127 8.92 -72.13 -9.23
C MET IA 127 10.29 -72.70 -8.86
N PRO IA 128 11.06 -72.04 -8.01
CA PRO IA 128 12.38 -72.53 -7.65
C PRO IA 128 12.32 -73.72 -6.70
N GLN IA 129 13.44 -74.44 -6.62
CA GLN IA 129 13.58 -75.59 -5.74
C GLN IA 129 14.98 -75.59 -5.15
N LEU IA 130 15.07 -75.92 -3.86
CA LEU IA 130 16.34 -75.98 -3.15
C LEU IA 130 16.54 -77.38 -2.59
N THR IA 131 17.80 -77.79 -2.52
CA THR IA 131 18.20 -79.07 -1.94
C THR IA 131 19.07 -78.82 -0.71
N ALA IA 132 19.57 -79.92 -0.13
CA ALA IA 132 20.45 -79.80 1.03
C ALA IA 132 21.74 -79.08 0.68
N GLY IA 133 22.30 -79.36 -0.51
CA GLY IA 133 23.54 -78.71 -0.90
C GLY IA 133 23.42 -77.21 -1.05
N SER IA 134 22.25 -76.73 -1.50
CA SER IA 134 22.05 -75.30 -1.65
C SER IA 134 22.07 -74.58 -0.31
N THR IA 135 21.58 -75.23 0.74
CA THR IA 135 21.53 -74.63 2.08
C THR IA 135 22.41 -75.38 3.07
N ALA IA 136 23.57 -75.85 2.62
CA ALA IA 136 24.46 -76.61 3.50
C ALA IA 136 25.23 -75.68 4.44
N ASP IA 137 26.06 -74.79 3.87
CA ASP IA 137 26.84 -73.87 4.67
C ASP IA 137 27.24 -72.67 3.81
N PRO IA 138 27.43 -71.50 4.40
CA PRO IA 138 27.76 -70.31 3.59
C PRO IA 138 29.09 -70.41 2.86
N SER IA 139 29.98 -71.30 3.29
CA SER IA 139 31.25 -71.45 2.57
C SER IA 139 31.06 -72.01 1.17
N SER IA 140 29.92 -72.64 0.90
CA SER IA 140 29.64 -73.15 -0.43
C SER IA 140 29.38 -72.00 -1.40
N GLU IA 141 29.91 -72.13 -2.61
CA GLU IA 141 29.74 -71.10 -3.64
C GLU IA 141 28.33 -71.03 -4.19
N HIS IA 142 27.47 -72.00 -3.87
CA HIS IA 142 26.12 -72.03 -4.39
C HIS IA 142 25.08 -72.02 -3.27
N PHE IA 143 25.24 -71.11 -2.32
CA PHE IA 143 24.28 -70.91 -1.23
C PHE IA 143 23.20 -69.94 -1.68
N TYR IA 144 21.94 -70.38 -1.61
CA TYR IA 144 20.78 -69.59 -2.03
C TYR IA 144 20.81 -69.26 -3.53
N GLU IA 145 21.22 -70.22 -4.35
CA GLU IA 145 20.92 -70.23 -5.78
C GLU IA 145 20.16 -71.51 -6.09
N PRO IA 146 18.95 -71.42 -6.65
CA PRO IA 146 18.11 -72.62 -6.81
C PRO IA 146 18.82 -73.70 -7.61
N ASP IA 147 18.76 -74.93 -7.09
CA ASP IA 147 19.36 -76.06 -7.79
C ASP IA 147 18.51 -76.49 -8.98
N PHE IA 148 17.19 -76.53 -8.81
CA PHE IA 148 16.27 -76.99 -9.85
C PHE IA 148 15.17 -75.97 -10.06
N TRP IA 149 14.62 -75.99 -11.27
CA TRP IA 149 13.51 -75.11 -11.67
C TRP IA 149 12.38 -75.97 -12.20
N ILE IA 150 11.17 -75.76 -11.66
CA ILE IA 150 9.99 -76.51 -12.08
C ILE IA 150 9.12 -75.59 -12.93
N ILE IA 151 8.91 -75.99 -14.18
CA ILE IA 151 8.09 -75.24 -15.12
C ILE IA 151 6.94 -76.13 -15.55
N SER IA 152 5.74 -75.84 -15.04
CA SER IA 152 4.53 -76.59 -15.39
C SER IA 152 4.67 -78.08 -15.09
N GLY IA 153 5.31 -78.39 -13.96
CA GLY IA 153 5.45 -79.76 -13.51
C GLY IA 153 6.67 -80.51 -14.00
N LYS IA 154 7.50 -79.89 -14.84
CA LYS IA 154 8.71 -80.52 -15.34
C LYS IA 154 9.92 -79.93 -14.62
N LYS IA 155 10.79 -80.80 -14.12
CA LYS IA 155 11.94 -80.39 -13.33
C LYS IA 155 13.13 -80.13 -14.24
N TYR IA 156 13.72 -78.94 -14.14
CA TYR IA 156 14.86 -78.55 -14.95
C TYR IA 156 16.05 -78.24 -14.05
N HIS IA 157 17.24 -78.67 -14.47
CA HIS IA 157 18.45 -78.38 -13.72
C HIS IA 157 18.90 -76.94 -13.96
N ARG IA 158 19.68 -76.42 -13.01
CA ARG IA 158 20.14 -75.03 -13.09
C ARG IA 158 21.07 -74.82 -14.27
N SER IA 159 21.95 -75.79 -14.54
CA SER IA 159 22.98 -75.59 -15.57
C SER IA 159 22.37 -75.39 -16.95
N HIS IA 160 21.31 -76.14 -17.27
CA HIS IA 160 20.69 -76.05 -18.58
C HIS IA 160 19.98 -74.72 -18.81
N LEU IA 161 19.77 -73.91 -17.78
CA LEU IA 161 19.03 -72.67 -17.87
C LEU IA 161 19.96 -71.47 -17.73
N VAL IA 162 19.52 -70.34 -18.27
CA VAL IA 162 20.20 -69.07 -18.13
C VAL IA 162 19.27 -68.11 -17.39
N VAL IA 163 19.71 -67.64 -16.24
CA VAL IA 163 18.91 -66.79 -15.37
C VAL IA 163 19.61 -65.46 -15.21
N VAL IA 164 18.88 -64.36 -15.42
CA VAL IA 164 19.40 -63.01 -15.29
C VAL IA 164 18.59 -62.26 -14.25
N ARG IA 165 19.28 -61.54 -13.37
CA ARG IA 165 18.65 -60.81 -12.29
C ARG IA 165 19.12 -59.37 -12.32
N GLY IA 166 18.30 -58.50 -11.73
CA GLY IA 166 18.64 -57.11 -11.57
C GLY IA 166 19.50 -56.89 -10.35
N PRO IA 167 19.12 -55.93 -9.51
CA PRO IA 167 19.85 -55.73 -8.26
C PRO IA 167 19.81 -56.98 -7.39
N GLN IA 168 20.90 -57.24 -6.71
CA GLN IA 168 21.03 -58.49 -5.94
C GLN IA 168 20.87 -58.20 -4.45
N PRO IA 169 19.75 -58.59 -3.85
CA PRO IA 169 19.57 -58.36 -2.41
C PRO IA 169 20.45 -59.30 -1.59
N PRO IA 170 20.65 -59.02 -0.31
CA PRO IA 170 21.41 -59.93 0.54
C PRO IA 170 20.67 -61.24 0.76
N ASP IA 171 21.39 -62.20 1.34
CA ASP IA 171 20.84 -63.53 1.54
C ASP IA 171 19.60 -63.53 2.41
N ILE IA 172 19.52 -62.60 3.36
CA ILE IA 172 18.38 -62.57 4.28
C ILE IA 172 17.10 -62.21 3.54
N LEU IA 173 17.18 -61.33 2.53
CA LEU IA 173 16.01 -60.89 1.79
C LEU IA 173 15.78 -61.67 0.50
N LYS IA 174 16.69 -62.56 0.12
CA LYS IA 174 16.50 -63.35 -1.09
C LYS IA 174 15.23 -64.18 -1.08
N PRO IA 175 14.84 -64.87 0.01
CA PRO IA 175 13.56 -65.59 -0.01
C PRO IA 175 12.36 -64.68 -0.24
N THR IA 176 12.41 -63.43 0.24
CA THR IA 176 11.30 -62.53 0.05
C THR IA 176 11.05 -62.24 -1.43
N TYR IA 177 12.13 -61.99 -2.18
CA TYR IA 177 12.03 -61.72 -3.60
C TYR IA 177 12.07 -62.99 -4.44
N ILE IA 178 11.92 -64.16 -3.82
CA ILE IA 178 11.90 -65.45 -4.50
C ILE IA 178 13.21 -65.61 -5.25
N PHE IA 179 14.32 -65.38 -4.55
CA PHE IA 179 15.67 -65.54 -5.10
C PHE IA 179 15.84 -64.78 -6.41
N GLY IA 180 15.43 -63.51 -6.39
CA GLY IA 180 15.49 -62.70 -7.58
C GLY IA 180 15.81 -61.23 -7.34
N GLY IA 181 15.81 -60.45 -8.42
CA GLY IA 181 16.11 -59.03 -8.33
C GLY IA 181 14.92 -58.21 -7.88
N ILE IA 182 15.15 -56.91 -7.77
CA ILE IA 182 14.14 -55.95 -7.34
C ILE IA 182 13.51 -55.34 -8.59
N PRO IA 183 12.19 -55.42 -8.77
CA PRO IA 183 11.57 -54.89 -9.98
C PRO IA 183 11.71 -53.37 -10.08
N LEU IA 184 11.83 -52.90 -11.31
CA LEU IA 184 11.88 -51.46 -11.54
C LEU IA 184 10.54 -50.80 -11.27
N THR IA 185 9.44 -51.50 -11.60
CA THR IA 185 8.12 -50.94 -11.39
C THR IA 185 7.86 -50.63 -9.92
N GLN IA 186 8.27 -51.56 -9.03
CA GLN IA 186 8.13 -51.32 -7.60
C GLN IA 186 8.83 -50.05 -7.17
N ARG IA 187 9.94 -49.70 -7.82
CA ARG IA 187 10.68 -48.51 -7.45
C ARG IA 187 10.14 -47.24 -8.11
N ILE IA 188 9.48 -47.36 -9.26
CA ILE IA 188 9.16 -46.20 -10.07
C ILE IA 188 7.68 -45.83 -10.07
N TYR IA 189 6.78 -46.73 -9.66
CA TYR IA 189 5.35 -46.50 -9.88
C TYR IA 189 4.83 -45.31 -9.10
N GLU IA 190 5.25 -45.16 -7.83
CA GLU IA 190 4.73 -44.07 -7.01
C GLU IA 190 5.17 -42.72 -7.53
N ARG IA 191 6.45 -42.59 -7.94
CA ARG IA 191 6.92 -41.33 -8.50
C ARG IA 191 6.23 -41.04 -9.84
N VAL IA 192 6.01 -42.07 -10.66
CA VAL IA 192 5.30 -41.86 -11.92
C VAL IA 192 3.89 -41.34 -11.66
N TYR IA 193 3.20 -41.95 -10.69
CA TYR IA 193 1.85 -41.50 -10.36
C TYR IA 193 1.86 -40.06 -9.86
N ALA IA 194 2.82 -39.71 -8.99
CA ALA IA 194 2.89 -38.36 -8.48
C ALA IA 194 3.07 -37.36 -9.61
N ALA IA 195 4.03 -37.62 -10.50
CA ALA IA 195 4.28 -36.70 -11.61
C ALA IA 195 3.07 -36.58 -12.52
N GLU IA 196 2.44 -37.71 -12.85
CA GLU IA 196 1.31 -37.68 -13.77
C GLU IA 196 0.13 -36.93 -13.18
N ARG IA 197 -0.19 -37.19 -11.91
CA ARG IA 197 -1.31 -36.51 -11.29
C ARG IA 197 -1.03 -35.02 -11.14
N THR IA 198 0.20 -34.65 -10.79
CA THR IA 198 0.56 -33.23 -10.70
C THR IA 198 0.41 -32.56 -12.05
N ALA IA 199 0.86 -33.21 -13.13
CA ALA IA 199 0.70 -32.64 -14.46
C ALA IA 199 -0.78 -32.49 -14.82
N ASN IA 200 -1.59 -33.49 -14.48
CA ASN IA 200 -3.01 -33.43 -14.81
C ASN IA 200 -3.76 -32.38 -14.00
N GLU IA 201 -3.25 -32.02 -12.82
CA GLU IA 201 -3.97 -31.09 -11.96
C GLU IA 201 -4.09 -29.70 -12.60
N ALA IA 202 -3.03 -29.23 -13.25
CA ALA IA 202 -2.98 -27.83 -13.68
C ALA IA 202 -4.09 -27.41 -14.64
N PRO IA 203 -4.37 -28.14 -15.73
CA PRO IA 203 -5.40 -27.65 -16.66
C PRO IA 203 -6.77 -27.54 -16.03
N LEU IA 204 -7.11 -28.42 -15.10
CA LEU IA 204 -8.42 -28.34 -14.45
C LEU IA 204 -8.54 -27.06 -13.63
N LEU IA 205 -7.49 -26.72 -12.87
CA LEU IA 205 -7.49 -25.44 -12.14
C LEU IA 205 -7.55 -24.27 -13.10
N ALA IA 206 -6.86 -24.37 -14.24
CA ALA IA 206 -6.96 -23.32 -15.25
C ALA IA 206 -8.40 -23.16 -15.72
N MET IA 207 -9.11 -24.27 -15.88
CA MET IA 207 -10.50 -24.20 -16.29
C MET IA 207 -11.38 -23.59 -15.21
N SER IA 208 -11.06 -23.83 -13.95
CA SER IA 208 -11.80 -23.23 -12.83
C SER IA 208 -11.09 -22.00 -12.28
N LYS IA 209 -10.46 -21.21 -13.16
CA LYS IA 209 -9.58 -20.13 -12.71
C LYS IA 209 -10.37 -18.99 -12.06
N ARG IA 210 -11.44 -18.52 -12.71
CA ARG IA 210 -12.12 -17.30 -12.31
C ARG IA 210 -13.53 -17.64 -11.81
N THR IA 211 -13.91 -17.03 -10.69
CA THR IA 211 -15.24 -17.18 -10.11
C THR IA 211 -15.85 -15.81 -9.89
N SER IA 212 -17.15 -15.70 -10.16
CA SER IA 212 -17.87 -14.45 -10.03
C SER IA 212 -19.06 -14.62 -9.08
N THR IA 213 -19.27 -13.63 -8.22
CA THR IA 213 -20.36 -13.65 -7.25
C THR IA 213 -21.07 -12.31 -7.24
N ILE IA 214 -22.36 -12.34 -6.95
CA ILE IA 214 -23.17 -11.14 -6.75
C ILE IA 214 -24.02 -11.34 -5.50
N HIS IA 215 -24.16 -10.27 -4.70
CA HIS IA 215 -24.98 -10.29 -3.51
C HIS IA 215 -26.30 -9.57 -3.80
N VAL IA 216 -27.41 -10.30 -3.68
CA VAL IA 216 -28.73 -9.75 -3.91
C VAL IA 216 -29.62 -10.15 -2.73
N ASP IA 217 -30.87 -9.67 -2.77
CA ASP IA 217 -31.86 -10.01 -1.75
C ASP IA 217 -32.52 -11.32 -2.17
N VAL IA 218 -32.01 -12.43 -1.61
CA VAL IA 218 -32.51 -13.75 -2.00
C VAL IA 218 -33.97 -13.92 -1.63
N GLU IA 219 -34.45 -13.18 -0.62
CA GLU IA 219 -35.86 -13.26 -0.24
C GLU IA 219 -36.76 -12.91 -1.41
N LYS IA 220 -36.53 -11.74 -2.03
CA LYS IA 220 -37.33 -11.36 -3.18
C LYS IA 220 -37.05 -12.25 -4.38
N ALA IA 221 -35.82 -12.76 -4.51
CA ALA IA 221 -35.49 -13.64 -5.62
C ALA IA 221 -36.32 -14.92 -5.58
N ILE IA 222 -36.45 -15.51 -4.38
CA ILE IA 222 -37.28 -16.71 -4.24
C ILE IA 222 -38.75 -16.38 -4.11
N ALA IA 223 -39.11 -15.11 -3.90
CA ALA IA 223 -40.53 -14.74 -3.91
C ALA IA 223 -41.18 -15.10 -5.23
N ASN IA 224 -40.57 -14.69 -6.34
CA ASN IA 224 -41.03 -15.06 -7.69
C ASN IA 224 -39.82 -15.23 -8.59
N GLU IA 225 -39.32 -16.45 -8.66
CA GLU IA 225 -38.22 -16.80 -9.55
C GLU IA 225 -38.79 -17.14 -10.93
N GLU IA 226 -37.98 -17.82 -11.77
CA GLU IA 226 -38.22 -18.20 -13.16
C GLU IA 226 -38.43 -16.97 -14.04
N ALA IA 227 -38.27 -15.79 -13.46
CA ALA IA 227 -37.98 -14.57 -14.19
C ALA IA 227 -36.59 -14.05 -13.87
N PHE IA 228 -36.20 -14.10 -12.59
CA PHE IA 228 -34.83 -13.85 -12.20
C PHE IA 228 -33.87 -14.82 -12.89
N ASN IA 229 -34.24 -16.11 -12.92
CA ASN IA 229 -33.42 -17.09 -13.60
C ASN IA 229 -33.33 -16.79 -15.09
N ALA IA 230 -34.44 -16.38 -15.70
CA ALA IA 230 -34.43 -16.06 -17.13
C ALA IA 230 -33.51 -14.88 -17.42
N ARG IA 231 -33.58 -13.84 -16.61
CA ARG IA 231 -32.71 -12.67 -16.84
C ARG IA 231 -31.25 -13.03 -16.64
N LEU IA 232 -30.94 -13.82 -15.61
CA LEU IA 232 -29.55 -14.21 -15.38
C LEU IA 232 -29.04 -15.11 -16.50
N ALA IA 233 -29.89 -16.01 -17.00
CA ALA IA 233 -29.50 -16.84 -18.13
C ALA IA 233 -29.24 -15.99 -19.37
N PHE IA 234 -30.06 -14.96 -19.58
CA PHE IA 234 -29.83 -14.04 -20.69
C PHE IA 234 -28.48 -13.36 -20.55
N TRP IA 235 -28.15 -12.90 -19.34
CA TRP IA 235 -26.85 -12.27 -19.12
C TRP IA 235 -25.72 -13.24 -19.41
N ILE IA 236 -25.81 -14.46 -18.91
CA ILE IA 236 -24.74 -15.44 -19.13
C ILE IA 236 -24.59 -15.75 -20.62
N ALA IA 237 -25.71 -15.88 -21.32
CA ALA IA 237 -25.67 -16.18 -22.74
C ALA IA 237 -25.02 -15.06 -23.54
N ASN IA 238 -25.33 -13.81 -23.21
CA ASN IA 238 -24.85 -12.66 -23.97
C ASN IA 238 -23.77 -11.89 -23.21
N ARG IA 239 -22.90 -12.58 -22.49
CA ARG IA 239 -21.84 -11.92 -21.73
C ARG IA 239 -20.58 -11.78 -22.58
N ASP IA 240 -19.99 -10.59 -22.53
CA ASP IA 240 -18.73 -10.28 -23.21
C ASP IA 240 -18.28 -8.91 -22.74
N ASN IA 241 -17.18 -8.44 -23.31
CA ASN IA 241 -16.76 -7.06 -23.11
C ASN IA 241 -17.66 -6.13 -23.93
N HIS IA 242 -17.53 -4.83 -23.65
CA HIS IA 242 -18.40 -3.77 -24.18
C HIS IA 242 -19.83 -3.88 -23.66
N GLY IA 243 -20.07 -4.69 -22.65
CA GLY IA 243 -21.40 -4.85 -22.07
C GLY IA 243 -21.46 -4.26 -20.68
N VAL IA 244 -22.65 -3.81 -20.30
CA VAL IA 244 -22.88 -3.16 -19.01
C VAL IA 244 -23.97 -3.92 -18.26
N LYS IA 245 -23.73 -4.18 -16.99
CA LYS IA 245 -24.70 -4.82 -16.11
C LYS IA 245 -25.27 -3.79 -15.16
N VAL IA 246 -26.61 -3.72 -15.09
CA VAL IA 246 -27.29 -2.74 -14.26
C VAL IA 246 -27.73 -3.43 -12.97
N LEU IA 247 -27.38 -2.85 -11.83
CA LEU IA 247 -27.71 -3.39 -10.53
C LEU IA 247 -28.33 -2.30 -9.67
N GLY IA 248 -28.98 -2.73 -8.59
CA GLY IA 248 -29.56 -1.80 -7.64
C GLY IA 248 -28.51 -1.23 -6.70
N ILE IA 249 -28.98 -0.34 -5.82
CA ILE IA 249 -28.06 0.38 -4.94
C ILE IA 249 -27.58 -0.48 -3.76
N ASP IA 250 -28.28 -1.55 -3.43
CA ASP IA 250 -27.90 -2.38 -2.28
C ASP IA 250 -27.29 -3.72 -2.68
N GLU IA 251 -27.06 -3.97 -3.96
CA GLU IA 251 -26.33 -5.14 -4.40
C GLU IA 251 -24.85 -4.83 -4.64
N GLY IA 252 -24.09 -5.88 -4.88
CA GLY IA 252 -22.67 -5.73 -5.17
C GLY IA 252 -22.15 -6.98 -5.84
N MET IA 253 -21.01 -6.84 -6.52
CA MET IA 253 -20.43 -7.94 -7.27
C MET IA 253 -18.92 -7.90 -7.14
N GLU IA 254 -18.31 -9.08 -7.02
CA GLU IA 254 -16.86 -9.19 -6.92
C GLU IA 254 -16.39 -10.44 -7.65
N GLN IA 255 -15.12 -10.45 -8.01
CA GLN IA 255 -14.50 -11.55 -8.73
C GLN IA 255 -13.26 -12.02 -7.99
N PHE IA 256 -12.86 -13.26 -8.26
CA PHE IA 256 -11.68 -13.86 -7.67
C PHE IA 256 -10.83 -14.50 -8.75
N ASP IA 257 -9.52 -14.45 -8.56
CA ASP IA 257 -8.56 -15.01 -9.51
C ASP IA 257 -7.61 -15.94 -8.77
N THR IA 258 -7.05 -16.88 -9.53
CA THR IA 258 -6.10 -17.86 -9.00
C THR IA 258 -4.79 -17.77 -9.79
N ASN IA 259 -3.68 -17.78 -9.07
CA ASN IA 259 -2.36 -17.67 -9.67
C ASN IA 259 -1.83 -19.06 -9.99
N LEU IA 260 -1.48 -19.30 -11.25
CA LEU IA 260 -1.06 -20.60 -11.73
C LEU IA 260 0.36 -20.57 -12.29
N ALA IA 261 1.22 -19.74 -11.71
CA ALA IA 261 2.59 -19.58 -12.19
C ALA IA 261 3.60 -20.37 -11.36
N ASP IA 262 3.19 -21.52 -10.83
CA ASP IA 262 4.06 -22.32 -9.98
C ASP IA 262 4.12 -23.79 -10.33
N PHE IA 263 3.24 -24.28 -11.19
CA PHE IA 263 3.14 -25.72 -11.41
C PHE IA 263 4.31 -26.25 -12.23
N ASP IA 264 4.85 -25.42 -13.13
CA ASP IA 264 5.85 -25.91 -14.08
C ASP IA 264 7.09 -26.42 -13.38
N SER IA 265 7.59 -25.69 -12.38
CA SER IA 265 8.80 -26.12 -11.68
C SER IA 265 8.59 -27.46 -11.00
N ILE IA 266 7.44 -27.63 -10.35
CA ILE IA 266 7.14 -28.89 -9.67
C ILE IA 266 7.08 -30.04 -10.69
N ILE IA 267 6.40 -29.81 -11.80
CA ILE IA 267 6.24 -30.87 -12.81
C ILE IA 267 7.59 -31.29 -13.35
N MET IA 268 8.44 -30.31 -13.70
CA MET IA 268 9.73 -30.66 -14.28
C MET IA 268 10.65 -31.29 -13.26
N ASN IA 269 10.57 -30.87 -11.99
CA ASN IA 269 11.36 -31.54 -10.96
C ASN IA 269 10.95 -33.00 -10.81
N GLN IA 270 9.64 -33.27 -10.81
CA GLN IA 270 9.16 -34.65 -10.72
C GLN IA 270 9.65 -35.47 -11.90
N TYR IA 271 9.57 -34.90 -13.12
CA TYR IA 271 10.01 -35.64 -14.29
C TYR IA 271 11.52 -35.86 -14.29
N GLN IA 272 12.28 -34.90 -13.78
CA GLN IA 272 13.72 -35.09 -13.64
C GLN IA 272 14.02 -36.23 -12.68
N LEU IA 273 13.29 -36.31 -11.57
CA LEU IA 273 13.48 -37.42 -10.64
C LEU IA 273 13.12 -38.75 -11.30
N VAL IA 274 12.04 -38.76 -12.08
CA VAL IA 274 11.65 -39.98 -12.79
C VAL IA 274 12.74 -40.42 -13.75
N ALA IA 275 13.32 -39.47 -14.48
CA ALA IA 275 14.43 -39.81 -15.37
C ALA IA 275 15.63 -40.31 -14.58
N ALA IA 276 15.88 -39.73 -13.40
CA ALA IA 276 17.03 -40.13 -12.60
C ALA IA 276 16.88 -41.57 -12.12
N ILE IA 277 15.70 -41.96 -11.65
CA ILE IA 277 15.54 -43.31 -11.10
C ILE IA 277 15.66 -44.37 -12.19
N ALA IA 278 15.32 -44.02 -13.42
CA ALA IA 278 15.37 -44.97 -14.52
C ALA IA 278 16.76 -45.11 -15.14
N LYS IA 279 17.75 -44.38 -14.63
CA LYS IA 279 19.11 -44.43 -15.14
C LYS IA 279 19.18 -44.11 -16.63
N THR IA 280 18.32 -43.17 -17.06
CA THR IA 280 18.24 -42.75 -18.44
C THR IA 280 18.16 -41.23 -18.47
N PRO IA 281 18.91 -40.58 -19.36
CA PRO IA 281 18.81 -39.12 -19.47
C PRO IA 281 17.41 -38.67 -19.83
N ALA IA 282 16.99 -37.54 -19.26
CA ALA IA 282 15.65 -37.02 -19.51
C ALA IA 282 15.45 -36.62 -20.96
N THR IA 283 16.53 -36.30 -21.66
CA THR IA 283 16.43 -35.85 -23.05
C THR IA 283 15.89 -36.92 -23.99
N LYS IA 284 15.86 -38.18 -23.56
CA LYS IA 284 15.26 -39.25 -24.34
C LYS IA 284 13.91 -39.69 -23.82
N LEU IA 285 13.71 -39.71 -22.50
CA LEU IA 285 12.40 -40.06 -21.96
C LEU IA 285 11.37 -39.01 -22.29
N LEU IA 286 11.71 -37.73 -22.13
CA LEU IA 286 10.77 -36.66 -22.42
C LEU IA 286 11.03 -35.99 -23.76
N GLY IA 287 12.24 -36.09 -24.29
CA GLY IA 287 12.59 -35.48 -25.56
C GLY IA 287 13.29 -34.15 -25.45
N THR IA 288 13.29 -33.51 -24.29
CA THR IA 288 13.95 -32.23 -24.10
C THR IA 288 14.34 -32.09 -22.64
N SER IA 289 15.40 -31.33 -22.39
CA SER IA 289 15.81 -31.08 -21.02
C SER IA 289 14.73 -30.32 -20.27
N PRO IA 290 14.50 -30.61 -19.00
CA PRO IA 290 13.40 -29.96 -18.26
C PRO IA 290 13.65 -28.48 -18.06
N LYS IA 291 12.57 -27.79 -17.69
CA LYS IA 291 12.62 -26.35 -17.45
C LYS IA 291 13.64 -26.02 -16.36
N GLY IA 292 14.47 -25.01 -16.63
CA GLY IA 292 15.40 -24.52 -15.64
C GLY IA 292 16.68 -25.32 -15.48
N PHE IA 293 16.83 -26.41 -16.22
CA PHE IA 293 18.02 -27.24 -16.17
C PHE IA 293 18.91 -26.94 -17.37
N ASN IA 294 20.20 -26.80 -17.12
CA ASN IA 294 21.15 -26.55 -18.20
C ASN IA 294 21.14 -27.70 -19.20
N ALA IA 295 21.29 -27.35 -20.48
CA ALA IA 295 21.15 -28.29 -21.58
C ALA IA 295 22.47 -28.54 -22.28
N THR IA 296 23.56 -28.65 -21.50
CA THR IA 296 24.85 -28.99 -22.09
C THR IA 296 24.82 -30.38 -22.70
N GLY IA 297 24.40 -31.38 -21.92
CA GLY IA 297 24.17 -32.71 -22.42
C GLY IA 297 25.40 -33.45 -22.91
N GLU IA 298 26.61 -32.94 -22.66
CA GLU IA 298 27.81 -33.62 -23.11
C GLU IA 298 28.07 -34.89 -22.30
N HIS IA 299 27.97 -34.78 -20.98
CA HIS IA 299 28.33 -35.90 -20.11
C HIS IA 299 27.21 -36.92 -19.99
N GLU IA 300 25.95 -36.51 -20.20
CA GLU IA 300 24.85 -37.45 -20.09
C GLU IA 300 24.90 -38.51 -21.17
N THR IA 301 25.27 -38.11 -22.40
CA THR IA 301 25.43 -39.09 -23.47
C THR IA 301 26.53 -40.08 -23.15
N ILE IA 302 27.64 -39.60 -22.58
CA ILE IA 302 28.74 -40.48 -22.20
C ILE IA 302 28.28 -41.47 -21.14
N SER IA 303 27.56 -40.98 -20.13
CA SER IA 303 27.06 -41.87 -19.08
C SER IA 303 26.10 -42.90 -19.64
N TYR IA 304 25.21 -42.49 -20.54
CA TYR IA 304 24.27 -43.42 -21.13
C TYR IA 304 24.98 -44.48 -21.97
N HIS IA 305 26.01 -44.08 -22.72
CA HIS IA 305 26.79 -45.04 -23.49
C HIS IA 305 27.53 -46.01 -22.58
N GLU IA 306 28.05 -45.51 -21.46
CA GLU IA 306 28.70 -46.37 -20.48
C GLU IA 306 27.72 -47.42 -19.95
N GLU IA 307 26.52 -46.98 -19.58
CA GLU IA 307 25.51 -47.92 -19.09
C GLU IA 307 25.11 -48.91 -20.18
N LEU IA 308 25.01 -48.44 -21.43
CA LEU IA 308 24.64 -49.32 -22.53
C LEU IA 308 25.70 -50.40 -22.75
N GLU IA 309 26.97 -50.03 -22.71
CA GLU IA 309 28.02 -51.04 -22.90
C GLU IA 309 28.10 -51.97 -21.70
N SER IA 310 27.80 -51.49 -20.50
CA SER IA 310 27.71 -52.39 -19.35
C SER IA 310 26.59 -53.41 -19.54
N ILE IA 311 25.44 -52.95 -20.02
CA ILE IA 311 24.33 -53.87 -20.29
C ILE IA 311 24.73 -54.89 -21.35
N GLN IA 312 25.39 -54.43 -22.41
CA GLN IA 312 25.84 -55.34 -23.46
C GLN IA 312 26.78 -56.39 -22.89
N GLU IA 313 27.71 -55.98 -22.02
CA GLU IA 313 28.67 -56.91 -21.44
C GLU IA 313 28.00 -57.91 -20.51
N HIS IA 314 26.94 -57.47 -19.80
CA HIS IA 314 26.41 -58.29 -18.72
C HIS IA 314 25.23 -59.17 -19.16
N ILE IA 315 24.19 -58.56 -19.71
CA ILE IA 315 22.94 -59.29 -19.95
C ILE IA 315 23.04 -60.16 -21.19
N PHE IA 316 23.36 -59.55 -22.33
CA PHE IA 316 23.27 -60.25 -23.60
C PHE IA 316 24.42 -61.24 -23.83
N ASP IA 317 25.56 -61.00 -23.21
CA ASP IA 317 26.76 -61.77 -23.55
C ASP IA 317 26.63 -63.27 -23.25
N PRO IA 318 26.22 -63.71 -22.05
CA PRO IA 318 26.22 -65.16 -21.80
C PRO IA 318 25.20 -65.92 -22.62
N LEU IA 319 24.00 -65.37 -22.76
CA LEU IA 319 22.97 -66.04 -23.56
C LEU IA 319 23.43 -66.25 -25.00
N LEU IA 320 23.95 -65.18 -25.62
CA LEU IA 320 24.38 -65.28 -27.00
C LEU IA 320 25.60 -66.19 -27.13
N GLU IA 321 26.49 -66.18 -26.13
CA GLU IA 321 27.65 -67.05 -26.17
C GLU IA 321 27.24 -68.52 -26.14
N ARG IA 322 26.32 -68.87 -25.23
CA ARG IA 322 25.84 -70.25 -25.17
C ARG IA 322 25.10 -70.62 -26.46
N HIS IA 323 24.32 -69.68 -27.01
CA HIS IA 323 23.63 -69.94 -28.27
C HIS IA 323 24.63 -70.26 -29.38
N TYR IA 324 25.69 -69.47 -29.48
CA TYR IA 324 26.71 -69.73 -30.51
C TYR IA 324 27.42 -71.05 -30.26
N LEU IA 325 27.69 -71.37 -28.99
CA LEU IA 325 28.32 -72.66 -28.68
C LEU IA 325 27.47 -73.83 -29.14
N LEU IA 326 26.18 -73.79 -28.82
CA LEU IA 326 25.30 -74.90 -29.21
C LEU IA 326 25.09 -74.93 -30.72
N LEU IA 327 25.05 -73.76 -31.37
CA LEU IA 327 24.95 -73.74 -32.83
C LEU IA 327 26.17 -74.37 -33.47
N ALA IA 328 27.36 -74.07 -32.94
CA ALA IA 328 28.58 -74.67 -33.47
C ALA IA 328 28.60 -76.18 -33.24
N LYS IA 329 28.18 -76.62 -32.05
CA LYS IA 329 28.19 -78.05 -31.76
C LYS IA 329 27.18 -78.80 -32.62
N SER IA 330 26.00 -78.22 -32.82
CA SER IA 330 24.94 -78.91 -33.56
C SER IA 330 25.23 -78.95 -35.06
N GLU IA 331 25.72 -77.83 -35.62
CA GLU IA 331 25.94 -77.71 -37.05
C GLU IA 331 27.33 -78.19 -37.48
N GLU IA 332 27.93 -79.08 -36.70
CA GLU IA 332 29.22 -79.74 -37.02
C GLU IA 332 30.27 -78.75 -37.53
N ILE IA 333 30.24 -77.53 -37.03
CA ILE IA 333 31.26 -76.53 -37.35
C ILE IA 333 32.38 -76.67 -36.33
N ASP IA 334 33.51 -77.19 -36.78
CA ASP IA 334 34.64 -77.46 -35.88
C ASP IA 334 35.55 -76.24 -35.73
N VAL IA 335 34.95 -75.09 -35.43
CA VAL IA 335 35.68 -73.85 -35.20
C VAL IA 335 35.07 -73.13 -34.01
N GLN IA 336 35.92 -72.65 -33.11
CA GLN IA 336 35.46 -71.87 -31.98
C GLN IA 336 35.21 -70.43 -32.39
N LEU IA 337 34.10 -69.87 -31.91
CA LEU IA 337 33.65 -68.54 -32.30
C LEU IA 337 33.73 -67.58 -31.12
N GLU IA 338 34.11 -66.34 -31.42
CA GLU IA 338 34.13 -65.27 -30.42
C GLU IA 338 33.22 -64.14 -30.88
N ILE IA 339 33.05 -63.15 -30.00
CA ILE IA 339 32.10 -62.07 -30.21
C ILE IA 339 32.85 -60.75 -30.06
N VAL IA 340 32.66 -59.85 -31.03
CA VAL IA 340 33.16 -58.49 -30.97
C VAL IA 340 31.99 -57.54 -31.15
N TRP IA 341 31.95 -56.51 -30.30
CA TRP IA 341 30.80 -55.60 -30.24
C TRP IA 341 31.10 -54.34 -31.03
N ASN IA 342 30.15 -53.90 -31.84
CA ASN IA 342 30.27 -52.66 -32.58
C ASN IA 342 30.22 -51.48 -31.61
N PRO IA 343 30.77 -50.33 -32.01
CA PRO IA 343 30.75 -49.16 -31.13
C PRO IA 343 29.32 -48.76 -30.79
N VAL IA 344 29.12 -48.34 -29.55
CA VAL IA 344 27.78 -47.99 -29.07
C VAL IA 344 27.35 -46.59 -29.50
N ASP IA 345 28.30 -45.73 -29.85
CA ASP IA 345 27.96 -44.36 -30.21
C ASP IA 345 27.16 -44.32 -31.50
N SER IA 346 26.34 -43.28 -31.65
CA SER IA 346 25.50 -43.08 -32.81
C SER IA 346 25.93 -41.82 -33.53
N THR IA 347 26.14 -41.90 -34.84
CA THR IA 347 26.63 -40.78 -35.62
C THR IA 347 25.83 -40.65 -36.91
N SER IA 348 25.72 -39.41 -37.39
CA SER IA 348 25.10 -39.14 -38.68
C SER IA 348 26.19 -39.12 -39.75
N SER IA 349 25.82 -38.73 -40.98
CA SER IA 349 26.74 -38.84 -42.10
C SER IA 349 27.93 -37.90 -41.96
N GLN IA 350 27.71 -36.67 -41.50
CA GLN IA 350 28.77 -35.67 -41.52
C GLN IA 350 29.92 -36.03 -40.60
N GLN IA 351 29.62 -36.31 -39.33
CA GLN IA 351 30.69 -36.65 -38.40
C GLN IA 351 31.26 -38.03 -38.68
N GLN IA 352 30.46 -38.93 -39.28
CA GLN IA 352 31.01 -40.20 -39.73
C GLN IA 352 32.07 -40.00 -40.81
N ALA IA 353 31.79 -39.11 -41.77
CA ALA IA 353 32.76 -38.83 -42.82
C ALA IA 353 34.00 -38.18 -42.25
N GLU IA 354 33.83 -37.23 -41.33
CA GLU IA 354 35.02 -36.64 -40.70
C GLU IA 354 35.78 -37.67 -39.86
N LEU IA 355 35.08 -38.65 -39.31
CA LEU IA 355 35.74 -39.73 -38.58
C LEU IA 355 36.60 -40.58 -39.51
N ASN IA 356 36.05 -40.93 -40.68
CA ASN IA 356 36.80 -41.76 -41.62
C ASN IA 356 38.03 -41.02 -42.15
N ASN IA 357 37.90 -39.72 -42.42
CA ASN IA 357 39.02 -38.96 -42.95
C ASN IA 357 40.16 -38.88 -41.95
N LYS IA 358 39.84 -38.68 -40.67
CA LYS IA 358 40.89 -38.58 -39.66
C LYS IA 358 41.65 -39.89 -39.52
N LYS IA 359 40.95 -41.02 -39.62
CA LYS IA 359 41.62 -42.31 -39.51
C LYS IA 359 42.47 -42.61 -40.75
N ALA IA 360 42.14 -42.01 -41.89
CA ALA IA 360 42.93 -42.21 -43.10
C ALA IA 360 44.34 -41.67 -42.93
N ALA IA 361 44.48 -40.52 -42.24
CA ALA IA 361 45.81 -39.97 -42.00
C ALA IA 361 46.67 -40.91 -41.17
N THR IA 362 46.05 -41.57 -40.18
CA THR IA 362 46.79 -42.55 -39.39
C THR IA 362 47.25 -43.72 -40.25
N ASP IA 363 46.42 -44.15 -41.20
CA ASP IA 363 46.83 -45.22 -42.10
C ASP IA 363 48.03 -44.81 -42.94
N GLU IA 364 48.00 -43.57 -43.47
CA GLU IA 364 49.06 -43.13 -44.36
C GLU IA 364 50.40 -43.01 -43.65
N ILE IA 365 50.40 -42.48 -42.42
CA ILE IA 365 51.65 -42.22 -41.72
C ILE IA 365 52.35 -43.54 -41.36
N TYR IA 366 51.60 -44.59 -41.03
CA TYR IA 366 52.22 -45.85 -40.65
C TYR IA 366 52.77 -46.59 -41.87
N ILE IA 367 52.08 -46.50 -43.01
CA ILE IA 367 52.54 -47.19 -44.21
C ILE IA 367 53.89 -46.65 -44.66
N ASN IA 368 54.06 -45.32 -44.62
CA ASN IA 368 55.33 -44.74 -45.03
C ASN IA 368 56.47 -45.18 -44.12
N SER IA 369 56.20 -45.33 -42.83
CA SER IA 369 57.21 -45.83 -41.90
C SER IA 369 57.25 -47.34 -41.81
N GLY IA 370 56.29 -48.04 -42.42
CA GLY IA 370 56.31 -49.48 -42.45
C GLY IA 370 55.84 -50.17 -41.20
N VAL IA 371 54.98 -49.52 -40.40
CA VAL IA 371 54.48 -50.16 -39.20
C VAL IA 371 53.51 -51.28 -39.54
N VAL IA 372 52.63 -51.06 -40.52
CA VAL IA 372 51.63 -52.03 -40.91
C VAL IA 372 51.75 -52.31 -42.41
N SER IA 373 51.19 -53.46 -42.82
CA SER IA 373 51.22 -53.93 -44.20
C SER IA 373 50.03 -53.39 -44.99
N PRO IA 374 50.23 -53.08 -46.27
CA PRO IA 374 49.15 -52.51 -47.08
C PRO IA 374 47.92 -53.40 -47.17
N ASP IA 375 48.08 -54.72 -47.09
CA ASP IA 375 46.92 -55.60 -47.16
C ASP IA 375 46.09 -55.55 -45.89
N GLU IA 376 46.75 -55.45 -44.73
CA GLU IA 376 46.04 -55.53 -43.46
C GLU IA 376 45.08 -54.37 -43.27
N VAL IA 377 45.51 -53.15 -43.64
CA VAL IA 377 44.61 -52.00 -43.54
C VAL IA 377 43.43 -52.17 -44.47
N ARG IA 378 43.66 -52.76 -45.65
CA ARG IA 378 42.54 -53.10 -46.53
C ARG IA 378 41.61 -54.10 -45.89
N GLU IA 379 42.17 -55.10 -45.20
CA GLU IA 379 41.34 -56.12 -44.56
C GLU IA 379 40.50 -55.53 -43.43
N ARG IA 380 41.10 -54.70 -42.58
CA ARG IA 380 40.33 -54.06 -41.52
C ARG IA 380 39.25 -53.15 -42.10
N LEU IA 381 39.59 -52.45 -43.19
CA LEU IA 381 38.60 -51.63 -43.88
C LEU IA 381 37.43 -52.47 -44.37
N ARG IA 382 37.66 -53.75 -44.67
CA ARG IA 382 36.59 -54.62 -45.10
C ARG IA 382 35.68 -55.01 -43.94
N ASP IA 383 36.27 -55.26 -42.76
CA ASP IA 383 35.49 -55.71 -41.62
C ASP IA 383 34.66 -54.57 -41.04
N ASP IA 384 35.20 -53.36 -41.03
CA ASP IA 384 34.52 -52.22 -40.43
C ASP IA 384 33.20 -51.94 -41.13
N PRO IA 385 32.07 -51.96 -40.43
CA PRO IA 385 30.79 -51.67 -41.09
C PRO IA 385 30.59 -50.17 -41.33
N ARG IA 386 31.11 -49.34 -40.42
CA ARG IA 386 30.99 -47.91 -40.59
C ARG IA 386 31.83 -47.39 -41.76
N SER IA 387 32.82 -48.16 -42.21
CA SER IA 387 33.59 -47.78 -43.38
C SER IA 387 32.72 -47.84 -44.63
N GLY IA 388 32.96 -46.90 -45.55
CA GLY IA 388 32.15 -46.85 -46.76
C GLY IA 388 32.33 -48.06 -47.65
N TYR IA 389 33.57 -48.53 -47.78
CA TYR IA 389 33.87 -49.64 -48.70
C TYR IA 389 33.38 -50.95 -48.12
N ASN IA 390 32.45 -51.60 -48.81
CA ASN IA 390 31.93 -52.89 -48.39
C ASN IA 390 31.76 -53.89 -49.52
N ARG IA 391 32.16 -53.54 -50.75
CA ARG IA 391 32.10 -54.46 -51.88
C ARG IA 391 33.50 -54.73 -52.43
N LEU IA 392 34.49 -54.78 -51.54
CA LEU IA 392 35.86 -55.04 -51.97
C LEU IA 392 35.98 -56.46 -52.52
N THR IA 393 36.83 -56.62 -53.53
CA THR IA 393 37.03 -57.92 -54.15
C THR IA 393 37.84 -58.83 -53.23
N ASP IA 394 37.98 -60.09 -53.64
CA ASP IA 394 38.72 -61.07 -52.88
C ASP IA 394 40.24 -60.94 -53.08
N ASP IA 395 40.67 -60.05 -53.97
CA ASP IA 395 42.09 -59.91 -54.28
C ASP IA 395 42.87 -59.45 -53.04
N GLN IA 396 44.19 -59.62 -53.11
CA GLN IA 396 45.08 -59.31 -52.00
C GLN IA 396 46.22 -58.42 -52.47
N ALA IA 397 46.57 -57.44 -51.64
CA ALA IA 397 47.62 -56.49 -51.92
C ALA IA 397 48.92 -56.94 -51.27
N GLU IA 398 49.93 -56.07 -51.27
CA GLU IA 398 51.22 -56.42 -50.71
C GLU IA 398 51.07 -56.81 -49.23
N THR IA 399 51.61 -57.97 -48.88
CA THR IA 399 51.39 -58.57 -47.57
C THR IA 399 52.47 -58.24 -46.56
N GLU IA 400 53.53 -57.54 -46.96
CA GLU IA 400 54.59 -57.24 -46.00
C GLU IA 400 54.74 -55.73 -45.84
N PRO IA 401 54.90 -55.25 -44.60
CA PRO IA 401 54.91 -53.81 -44.36
C PRO IA 401 56.16 -53.13 -44.91
N GLY IA 402 56.03 -51.84 -45.15
CA GLY IA 402 57.17 -51.02 -45.52
C GLY IA 402 57.18 -50.56 -46.96
N MET IA 403 56.69 -51.40 -47.87
CA MET IA 403 56.82 -51.16 -49.30
C MET IA 403 55.49 -50.66 -49.84
N SER IA 404 55.30 -49.35 -49.82
CA SER IA 404 54.18 -48.71 -50.48
C SER IA 404 54.49 -48.55 -51.96
N PRO IA 405 53.48 -48.29 -52.79
CA PRO IA 405 53.74 -48.06 -54.22
C PRO IA 405 54.79 -46.98 -54.47
N GLU IA 406 54.78 -45.91 -53.68
CA GLU IA 406 55.83 -44.91 -53.80
C GLU IA 406 57.17 -45.44 -53.30
N ASN IA 407 57.15 -46.19 -52.19
CA ASN IA 407 58.39 -46.75 -51.65
C ASN IA 407 58.95 -47.83 -52.56
N LEU IA 408 58.12 -48.42 -53.42
CA LEU IA 408 58.60 -49.41 -54.38
C LEU IA 408 59.63 -48.81 -55.32
N ALA IA 409 59.33 -47.62 -55.86
CA ALA IA 409 60.21 -47.02 -56.86
C ALA IA 409 61.56 -46.64 -56.27
N GLU IA 410 61.57 -46.03 -55.08
CA GLU IA 410 62.83 -45.56 -54.53
C GLU IA 410 63.70 -46.71 -54.04
N PHE IA 411 63.09 -47.82 -53.63
CA PHE IA 411 63.89 -48.97 -53.19
C PHE IA 411 64.66 -49.58 -54.36
N GLU IA 412 63.98 -49.88 -55.47
CA GLU IA 412 64.65 -50.48 -56.60
C GLU IA 412 65.66 -49.52 -57.22
N LYS IA 413 65.31 -48.23 -57.30
CA LYS IA 413 66.22 -47.26 -57.85
C LYS IA 413 67.50 -47.15 -57.03
N ALA IA 414 67.37 -47.11 -55.70
CA ALA IA 414 68.54 -47.08 -54.84
C ALA IA 414 69.28 -48.40 -54.88
N GLY IA 415 68.55 -49.52 -54.87
CA GLY IA 415 69.20 -50.82 -54.95
C GLY IA 415 69.97 -51.02 -56.25
N ALA IA 416 69.37 -50.57 -57.37
CA ALA IA 416 70.06 -50.67 -58.65
C ALA IA 416 71.23 -49.69 -58.73
N GLN IA 417 71.06 -48.49 -58.20
CA GLN IA 417 72.11 -47.48 -58.28
C GLN IA 417 73.37 -47.93 -57.54
N SER IA 418 73.21 -48.72 -56.47
CA SER IA 418 74.38 -49.21 -55.74
C SER IA 418 75.26 -50.08 -56.63
N ALA IA 419 74.67 -50.82 -57.56
CA ALA IA 419 75.45 -51.66 -58.46
C ALA IA 419 76.38 -50.82 -59.34
N LYS IA 420 75.89 -49.66 -59.81
CA LYS IA 420 76.72 -48.80 -60.64
C LYS IA 420 77.93 -48.28 -59.88
N ALA IA 421 77.73 -47.82 -58.64
CA ALA IA 421 78.83 -47.25 -57.88
C ALA IA 421 79.88 -48.31 -57.52
N LYS IA 422 79.44 -49.51 -57.15
CA LYS IA 422 80.39 -50.57 -56.81
C LYS IA 422 81.25 -50.95 -58.02
N GLY IA 423 80.63 -51.05 -59.20
CA GLY IA 423 81.41 -51.32 -60.40
C GLY IA 423 82.41 -50.23 -60.72
N GLU IA 424 82.05 -48.97 -60.45
CA GLU IA 424 82.98 -47.87 -60.68
C GLU IA 424 84.17 -47.93 -59.73
N ALA IA 425 83.98 -48.49 -58.52
CA ALA IA 425 85.07 -48.53 -57.55
C ALA IA 425 86.25 -49.34 -58.08
N GLU IA 426 85.99 -50.53 -58.62
CA GLU IA 426 87.06 -51.34 -59.17
C GLU IA 426 87.55 -50.84 -60.51
N ARG IA 427 86.71 -50.12 -61.26
CA ARG IA 427 87.19 -49.46 -62.47
C ARG IA 427 88.25 -48.43 -62.16
N ALA IA 428 88.02 -47.62 -61.12
CA ALA IA 428 89.01 -46.62 -60.72
C ALA IA 428 90.30 -47.28 -60.22
N GLU IA 429 90.18 -48.37 -59.46
CA GLU IA 429 91.35 -49.05 -58.93
C GLU IA 429 92.17 -49.75 -60.01
N ALA IA 430 91.64 -49.88 -61.22
CA ALA IA 430 92.47 -50.32 -62.33
C ALA IA 430 93.59 -49.33 -62.60
N GLN IA 431 93.27 -48.03 -62.54
CA GLN IA 431 94.30 -47.01 -62.51
C GLN IA 431 95.00 -47.01 -61.16
N ALA IA 432 96.25 -46.52 -61.16
CA ALA IA 432 97.09 -46.50 -59.97
C ALA IA 432 97.35 -47.91 -59.44
N GLY IA 433 97.48 -48.87 -60.33
CA GLY IA 433 97.73 -50.25 -59.94
C GLY IA 433 97.74 -51.21 -61.11
N PRO JA 1 32.02 -28.98 25.93
CA PRO JA 1 30.59 -28.89 25.63
C PRO JA 1 29.86 -30.18 25.94
N THR JA 2 28.54 -30.10 26.17
CA THR JA 2 27.73 -31.28 26.43
C THR JA 2 26.79 -31.59 25.27
N MET JA 3 26.11 -30.57 24.73
CA MET JA 3 25.28 -30.77 23.54
C MET JA 3 26.12 -31.26 22.36
N LEU JA 4 27.30 -30.68 22.17
CA LEU JA 4 28.17 -31.12 21.08
C LEU JA 4 28.59 -32.58 21.27
N GLN JA 5 28.96 -32.95 22.49
CA GLN JA 5 29.35 -34.33 22.75
C GLN JA 5 28.20 -35.28 22.51
N ASP JA 6 27.00 -34.92 22.95
CA ASP JA 6 25.84 -35.78 22.71
C ASP JA 6 25.54 -35.91 21.23
N TRP JA 7 25.62 -34.79 20.49
CA TRP JA 7 25.34 -34.83 19.05
C TRP JA 7 26.35 -35.71 18.33
N TYR JA 8 27.64 -35.61 18.67
CA TYR JA 8 28.64 -36.41 17.99
C TYR JA 8 28.65 -37.86 18.47
N ASN JA 9 28.13 -38.12 19.68
CA ASN JA 9 28.08 -39.48 20.20
C ASN JA 9 26.83 -40.22 19.77
N SER JA 10 25.78 -39.50 19.33
CA SER JA 10 24.56 -40.17 18.89
C SER JA 10 24.83 -41.08 17.70
N GLN JA 11 25.64 -40.62 16.75
CA GLN JA 11 25.99 -41.45 15.61
C GLN JA 11 26.80 -42.66 16.07
N GLY JA 12 26.41 -43.83 15.59
CA GLY JA 12 27.08 -45.06 15.97
C GLY JA 12 26.60 -46.20 15.09
N PHE JA 13 27.18 -47.37 15.32
CA PHE JA 13 26.81 -48.55 14.55
C PHE JA 13 25.35 -48.90 14.79
N ILE JA 14 24.64 -49.22 13.71
CA ILE JA 14 23.20 -49.46 13.77
C ILE JA 14 22.89 -50.96 13.81
N GLY JA 15 23.54 -51.75 12.97
CA GLY JA 15 23.30 -53.18 12.93
C GLY JA 15 23.29 -53.72 11.51
N TYR JA 16 23.64 -55.00 11.38
CA TYR JA 16 23.70 -55.62 10.06
C TYR JA 16 22.31 -55.77 9.45
N GLN JA 17 21.33 -56.18 10.25
CA GLN JA 17 19.96 -56.27 9.75
C GLN JA 17 19.43 -54.90 9.35
N ALA JA 18 19.77 -53.87 10.14
CA ALA JA 18 19.36 -52.51 9.78
C ALA JA 18 19.98 -52.08 8.46
N CYS JA 19 21.28 -52.38 8.26
CA CYS JA 19 21.93 -52.05 7.00
C CYS JA 19 21.26 -52.79 5.84
N ALA JA 20 20.94 -54.07 6.03
CA ALA JA 20 20.28 -54.83 4.98
C ALA JA 20 18.91 -54.23 4.63
N ILE JA 21 18.16 -53.81 5.64
CA ILE JA 21 16.85 -53.20 5.38
C ILE JA 21 17.02 -51.87 4.66
N ILE JA 22 18.00 -51.06 5.06
CA ILE JA 22 18.25 -49.79 4.39
C ILE JA 22 18.66 -50.01 2.94
N SER JA 23 19.35 -51.11 2.66
CA SER JA 23 19.86 -51.38 1.32
C SER JA 23 18.78 -51.70 0.30
N GLN JA 24 17.49 -51.52 0.56
CA GLN JA 24 16.47 -51.75 -0.45
C GLN JA 24 16.13 -50.50 -1.25
N HIS JA 25 16.36 -49.32 -0.69
CA HIS JA 25 16.01 -48.08 -1.38
C HIS JA 25 16.87 -47.90 -2.63
N TRP JA 26 16.27 -47.33 -3.67
CA TRP JA 26 16.96 -47.20 -4.95
C TRP JA 26 18.15 -46.25 -4.86
N LEU JA 27 17.99 -45.14 -4.12
CA LEU JA 27 19.06 -44.15 -4.05
C LEU JA 27 20.31 -44.72 -3.42
N VAL JA 28 20.15 -45.46 -2.31
CA VAL JA 28 21.31 -46.05 -1.64
C VAL JA 28 21.99 -47.07 -2.54
N ASP JA 29 21.20 -47.91 -3.21
CA ASP JA 29 21.77 -48.92 -4.09
C ASP JA 29 22.55 -48.27 -5.23
N LYS JA 30 21.97 -47.24 -5.86
CA LYS JA 30 22.67 -46.54 -6.92
C LYS JA 30 23.97 -45.95 -6.40
N ALA JA 31 23.92 -45.27 -5.26
CA ALA JA 31 25.10 -44.61 -4.71
C ALA JA 31 26.21 -45.61 -4.42
N CYS JA 32 25.85 -46.78 -3.88
CA CYS JA 32 26.88 -47.76 -3.53
C CYS JA 32 27.29 -48.65 -4.69
N SER JA 33 26.56 -48.63 -5.82
CA SER JA 33 26.87 -49.56 -6.90
C SER JA 33 27.46 -48.93 -8.15
N MET JA 34 27.16 -47.66 -8.45
CA MET JA 34 27.65 -47.07 -9.70
C MET JA 34 29.17 -47.03 -9.71
N SER JA 35 29.79 -46.63 -8.60
CA SER JA 35 31.25 -46.56 -8.57
C SER JA 35 31.88 -47.93 -8.75
N GLY JA 36 31.34 -48.95 -8.09
CA GLY JA 36 31.87 -50.28 -8.23
C GLY JA 36 31.73 -50.82 -9.65
N GLU JA 37 30.58 -50.59 -10.27
CA GLU JA 37 30.39 -51.06 -11.64
C GLU JA 37 31.26 -50.31 -12.62
N ASP JA 38 31.49 -49.02 -12.39
CA ASP JA 38 32.29 -48.22 -13.31
C ASP JA 38 33.79 -48.48 -13.17
N ALA JA 39 34.24 -48.88 -11.98
CA ALA JA 39 35.67 -48.95 -11.70
C ALA JA 39 36.36 -49.98 -12.60
N ALA JA 40 35.78 -51.17 -12.76
CA ALA JA 40 36.46 -52.28 -13.40
C ALA JA 40 35.77 -52.75 -14.67
N ARG JA 41 34.99 -51.90 -15.33
CA ARG JA 41 34.32 -52.31 -16.55
C ARG JA 41 35.28 -52.33 -17.74
N ASN JA 42 36.29 -51.46 -17.75
CA ASN JA 42 37.21 -51.40 -18.89
C ASN JA 42 37.98 -52.71 -19.05
N GLY JA 43 38.46 -53.28 -17.96
CA GLY JA 43 39.18 -54.53 -18.00
C GLY JA 43 40.66 -54.36 -17.72
N TRP JA 44 41.38 -55.46 -17.86
CA TRP JA 44 42.82 -55.50 -17.61
C TRP JA 44 43.47 -56.52 -18.53
N GLU JA 45 44.78 -56.37 -18.71
CA GLU JA 45 45.55 -57.25 -19.59
C GLU JA 45 46.72 -57.83 -18.81
N LEU JA 46 47.12 -59.04 -19.20
CA LEU JA 46 48.16 -59.79 -18.50
C LEU JA 46 49.54 -59.45 -19.04
N LYS JA 47 50.48 -59.22 -18.14
CA LYS JA 47 51.89 -59.05 -18.47
C LYS JA 47 52.68 -60.16 -17.79
N SER JA 48 53.42 -60.93 -18.58
CA SER JA 48 54.14 -62.10 -18.07
C SER JA 48 55.63 -61.91 -18.36
N ASP JA 49 56.41 -61.71 -17.30
CA ASP JA 49 57.87 -61.55 -17.40
C ASP JA 49 58.25 -60.41 -18.34
N GLY JA 50 57.43 -59.36 -18.40
CA GLY JA 50 57.72 -58.24 -19.26
C GLY JA 50 57.57 -58.51 -20.73
N ARG JA 51 56.78 -59.51 -21.11
CA ARG JA 51 56.60 -59.86 -22.51
C ARG JA 51 55.27 -60.60 -22.67
N LYS JA 52 54.85 -60.74 -23.92
CA LYS JA 52 53.59 -61.41 -24.22
C LYS JA 52 53.78 -62.92 -24.18
N LEU JA 53 52.85 -63.62 -23.52
CA LEU JA 53 52.89 -65.06 -23.40
C LEU JA 53 52.24 -65.73 -24.61
N SER JA 54 52.32 -67.05 -24.67
CA SER JA 54 51.92 -67.79 -25.86
C SER JA 54 50.41 -67.86 -25.99
N ASP JA 55 49.95 -68.44 -27.11
CA ASP JA 55 48.53 -68.43 -27.43
C ASP JA 55 47.73 -69.38 -26.54
N GLU JA 56 48.24 -70.60 -26.32
CA GLU JA 56 47.46 -71.58 -25.57
C GLU JA 56 47.38 -71.22 -24.10
N GLN JA 57 48.43 -70.63 -23.53
CA GLN JA 57 48.35 -70.17 -22.15
C GLN JA 57 47.30 -69.07 -22.00
N SER JA 58 47.28 -68.13 -22.96
CA SER JA 58 46.28 -67.07 -22.92
C SER JA 58 44.87 -67.64 -23.05
N ALA JA 59 44.68 -68.61 -23.94
CA ALA JA 59 43.37 -69.22 -24.09
C ALA JA 59 42.94 -69.94 -22.81
N LEU JA 60 43.86 -70.66 -22.18
CA LEU JA 60 43.53 -71.35 -20.93
C LEU JA 60 43.16 -70.36 -19.84
N ILE JA 61 43.94 -69.28 -19.70
CA ILE JA 61 43.66 -68.30 -18.66
C ILE JA 61 42.31 -67.63 -18.92
N ALA JA 62 42.03 -67.27 -20.17
CA ALA JA 62 40.75 -66.65 -20.49
C ALA JA 62 39.59 -67.60 -20.19
N ARG JA 63 39.73 -68.87 -20.59
CA ARG JA 63 38.67 -69.83 -20.32
C ARG JA 63 38.41 -69.96 -18.82
N ARG JA 64 39.50 -70.06 -18.03
CA ARG JA 64 39.35 -70.16 -16.59
C ARG JA 64 38.66 -68.93 -16.02
N ASP JA 65 39.05 -67.74 -16.50
CA ASP JA 65 38.44 -66.51 -15.98
C ASP JA 65 36.96 -66.45 -16.28
N MET JA 66 36.56 -66.81 -17.51
CA MET JA 66 35.13 -66.80 -17.82
C MET JA 66 34.35 -67.83 -17.01
N GLU JA 67 34.92 -69.03 -16.81
CA GLU JA 67 34.15 -70.04 -16.09
C GLU JA 67 34.15 -69.79 -14.58
N PHE JA 68 34.89 -68.79 -14.09
CA PHE JA 68 34.88 -68.44 -12.68
C PHE JA 68 34.13 -67.14 -12.39
N ARG JA 69 33.79 -66.35 -13.42
CA ARG JA 69 33.02 -65.12 -13.26
C ARG JA 69 33.72 -64.15 -12.30
N VAL JA 70 34.92 -63.73 -12.69
CA VAL JA 70 35.72 -62.86 -11.84
C VAL JA 70 35.12 -61.46 -11.76
N LYS JA 71 34.60 -60.95 -12.88
CA LYS JA 71 34.06 -59.59 -12.90
C LYS JA 71 32.85 -59.47 -11.98
N ASP JA 72 31.96 -60.46 -12.01
CA ASP JA 72 30.82 -60.45 -11.11
C ASP JA 72 31.27 -60.46 -9.66
N ASN JA 73 32.30 -61.28 -9.35
CA ASN JA 73 32.82 -61.33 -8.00
C ASN JA 73 33.36 -59.97 -7.56
N LEU JA 74 34.11 -59.30 -8.44
CA LEU JA 74 34.66 -57.99 -8.09
C LEU JA 74 33.56 -56.97 -7.86
N VAL JA 75 32.56 -56.94 -8.76
CA VAL JA 75 31.49 -55.96 -8.64
C VAL JA 75 30.71 -56.18 -7.35
N GLU JA 76 30.34 -57.43 -7.06
CA GLU JA 76 29.60 -57.72 -5.85
C GLU JA 76 30.45 -57.47 -4.61
N LEU JA 77 31.75 -57.75 -4.69
CA LEU JA 77 32.66 -57.44 -3.61
C LEU JA 77 32.60 -55.97 -3.24
N ASN JA 78 32.78 -55.10 -4.23
CA ASN JA 78 32.78 -53.67 -3.94
C ASN JA 78 31.41 -53.20 -3.47
N ARG JA 79 30.34 -53.68 -4.12
CA ARG JA 79 29.00 -53.25 -3.75
C ARG JA 79 28.66 -53.62 -2.31
N PHE JA 80 28.92 -54.87 -1.92
CA PHE JA 80 28.57 -55.29 -0.57
C PHE JA 80 29.56 -54.76 0.47
N LYS JA 81 30.79 -54.45 0.06
CA LYS JA 81 31.69 -53.75 0.96
C LYS JA 81 31.17 -52.36 1.28
N ASN JA 82 30.67 -51.65 0.26
CA ASN JA 82 30.07 -50.35 0.52
C ASN JA 82 28.81 -50.47 1.36
N VAL JA 83 28.01 -51.52 1.11
CA VAL JA 83 26.74 -51.67 1.81
C VAL JA 83 26.98 -51.98 3.29
N PHE JA 84 27.86 -52.94 3.57
CA PHE JA 84 28.02 -53.45 4.93
C PHE JA 84 29.23 -52.90 5.67
N GLY JA 85 30.22 -52.37 4.95
CA GLY JA 85 31.43 -51.86 5.57
C GLY JA 85 32.56 -52.86 5.66
N VAL JA 86 32.28 -54.15 5.54
CA VAL JA 86 33.30 -55.19 5.57
C VAL JA 86 32.81 -56.35 4.71
N ARG JA 87 33.73 -56.95 3.96
CA ARG JA 87 33.42 -58.07 3.09
C ARG JA 87 34.50 -59.14 3.24
N ILE JA 88 34.08 -60.40 3.09
CA ILE JA 88 34.97 -61.55 3.25
C ILE JA 88 34.99 -62.32 1.94
N ALA JA 89 36.18 -62.54 1.40
CA ALA JA 89 36.38 -63.32 0.19
C ALA JA 89 37.14 -64.60 0.54
N LEU JA 90 36.60 -65.73 0.12
CA LEU JA 90 37.18 -67.04 0.43
C LEU JA 90 37.46 -67.78 -0.87
N PHE JA 91 38.67 -68.33 -0.99
CA PHE JA 91 39.06 -69.10 -2.15
C PHE JA 91 39.00 -70.58 -1.80
N VAL JA 92 38.16 -71.32 -2.51
CA VAL JA 92 37.97 -72.74 -2.23
C VAL JA 92 39.02 -73.55 -3.00
N VAL JA 93 39.78 -74.35 -2.27
CA VAL JA 93 40.75 -75.28 -2.85
C VAL JA 93 40.61 -76.61 -2.13
N GLU JA 94 40.43 -77.68 -2.89
CA GLU JA 94 40.14 -79.00 -2.32
C GLU JA 94 41.43 -79.72 -2.00
N SER JA 95 41.54 -80.21 -0.76
CA SER JA 95 42.70 -80.95 -0.31
C SER JA 95 42.26 -82.10 0.59
N ASP JA 96 43.11 -83.11 0.69
CA ASP JA 96 42.81 -84.26 1.54
C ASP JA 96 43.02 -83.96 3.02
N ASP JA 97 43.76 -82.92 3.35
CA ASP JA 97 43.99 -82.57 4.75
C ASP JA 97 42.73 -81.97 5.35
N PRO JA 98 42.16 -82.56 6.40
CA PRO JA 98 40.96 -81.97 7.02
C PRO JA 98 41.19 -80.57 7.58
N ASP JA 99 42.40 -80.27 8.04
CA ASP JA 99 42.73 -78.99 8.64
C ASP JA 99 43.68 -78.17 7.77
N TYR JA 100 43.49 -78.24 6.45
CA TYR JA 100 44.29 -77.43 5.54
C TYR JA 100 44.05 -75.95 5.78
N TYR JA 101 42.78 -75.55 5.99
CA TYR JA 101 42.48 -74.16 6.27
C TYR JA 101 42.98 -73.75 7.66
N GLU JA 102 43.08 -74.70 8.58
CA GLU JA 102 43.60 -74.39 9.91
C GLU JA 102 45.06 -73.96 9.85
N LYS JA 103 45.89 -74.74 9.17
CA LYS JA 103 47.30 -74.43 9.08
C LYS JA 103 47.51 -73.21 8.18
N PRO JA 104 48.37 -72.28 8.57
CA PRO JA 104 48.49 -71.02 7.82
C PRO JA 104 48.85 -71.25 6.35
N PHE JA 105 48.32 -70.39 5.50
CA PHE JA 105 48.44 -70.57 4.05
C PHE JA 105 49.89 -70.52 3.62
N ASN JA 106 50.23 -71.36 2.65
CA ASN JA 106 51.56 -71.44 2.06
C ASN JA 106 51.40 -71.64 0.56
N PRO JA 107 52.36 -71.15 -0.24
CA PRO JA 107 52.21 -71.23 -1.69
C PRO JA 107 52.72 -72.54 -2.30
N ASP JA 108 53.53 -73.28 -1.55
CA ASP JA 108 54.10 -74.52 -2.05
C ASP JA 108 53.16 -75.72 -1.96
N GLY JA 109 52.07 -75.59 -1.21
CA GLY JA 109 51.16 -76.70 -0.99
C GLY JA 109 50.08 -76.88 -2.04
N VAL JA 110 50.10 -76.09 -3.12
CA VAL JA 110 49.06 -76.18 -4.13
C VAL JA 110 49.22 -77.47 -4.92
N THR JA 111 48.13 -78.22 -5.06
CA THR JA 111 48.02 -79.43 -5.85
C THR JA 111 47.29 -79.15 -7.15
N PRO JA 112 47.70 -79.79 -8.25
CA PRO JA 112 47.10 -79.47 -9.55
C PRO JA 112 45.61 -79.75 -9.59
N GLY JA 113 44.87 -78.84 -10.25
CA GLY JA 113 43.45 -79.01 -10.44
C GLY JA 113 42.60 -78.87 -9.20
N SER JA 114 43.19 -78.46 -8.08
CA SER JA 114 42.44 -78.40 -6.81
C SER JA 114 41.52 -77.19 -6.73
N TYR JA 115 41.85 -76.11 -7.44
CA TYR JA 115 41.06 -74.89 -7.34
C TYR JA 115 39.66 -75.07 -7.91
N LYS JA 116 38.69 -74.46 -7.26
CA LYS JA 116 37.28 -74.59 -7.65
C LYS JA 116 36.62 -73.25 -7.96
N GLY JA 117 36.87 -72.21 -7.19
CA GLY JA 117 36.23 -70.93 -7.45
C GLY JA 117 36.41 -69.98 -6.28
N ILE JA 118 35.52 -68.99 -6.22
CA ILE JA 118 35.54 -67.95 -5.20
C ILE JA 118 34.18 -67.92 -4.51
N SER JA 119 34.19 -67.77 -3.19
CA SER JA 119 32.97 -67.65 -2.41
C SER JA 119 33.06 -66.41 -1.52
N GLN JA 120 31.94 -65.72 -1.36
CA GLN JA 120 31.85 -64.53 -0.53
C GLN JA 120 30.78 -64.75 0.55
N ILE JA 121 31.08 -64.28 1.76
CA ILE JA 121 30.28 -64.57 2.94
C ILE JA 121 29.73 -63.25 3.49
N ASP JA 122 28.43 -63.23 3.80
CA ASP JA 122 27.83 -62.06 4.40
C ASP JA 122 28.35 -61.87 5.82
N PRO JA 123 28.36 -60.63 6.32
CA PRO JA 123 28.92 -60.37 7.65
C PRO JA 123 28.23 -61.13 8.78
N TYR JA 124 26.93 -61.36 8.69
CA TYR JA 124 26.22 -61.98 9.80
C TYR JA 124 26.41 -63.49 9.89
N TRP JA 125 27.09 -64.09 8.91
CA TRP JA 125 27.40 -65.52 8.99
C TRP JA 125 28.71 -65.77 9.74
N ALA JA 126 29.78 -65.11 9.34
CA ALA JA 126 31.08 -65.31 9.95
C ALA JA 126 31.14 -64.65 11.33
N MET JA 127 32.00 -65.21 12.19
CA MET JA 127 32.22 -64.68 13.53
C MET JA 127 33.72 -64.63 13.80
N PRO JA 128 34.32 -63.45 13.93
CA PRO JA 128 35.77 -63.38 14.13
C PRO JA 128 36.16 -63.85 15.51
N GLN JA 129 37.40 -64.33 15.62
CA GLN JA 129 37.98 -64.76 16.88
C GLN JA 129 39.36 -64.14 17.04
N LEU JA 130 39.71 -63.79 18.28
CA LEU JA 130 40.97 -63.15 18.60
C LEU JA 130 41.86 -64.09 19.39
N THR JA 131 43.07 -64.32 18.89
CA THR JA 131 44.07 -65.07 19.63
C THR JA 131 44.72 -64.17 20.68
N ALA JA 132 45.58 -64.76 21.51
CA ALA JA 132 46.28 -63.97 22.52
C ALA JA 132 47.37 -63.10 21.89
N GLY JA 133 48.00 -63.59 20.82
CA GLY JA 133 49.05 -62.80 20.18
C GLY JA 133 48.54 -61.53 19.54
N SER JA 134 47.34 -61.59 18.95
CA SER JA 134 46.78 -60.41 18.31
C SER JA 134 46.51 -59.30 19.31
N THR JA 135 46.00 -59.66 20.49
CA THR JA 135 45.72 -58.70 21.56
C THR JA 135 46.82 -58.68 22.62
N ALA JA 136 48.05 -59.06 22.24
CA ALA JA 136 49.13 -59.15 23.22
C ALA JA 136 49.60 -57.77 23.65
N ASP JA 137 50.10 -56.97 22.71
CA ASP JA 137 50.62 -55.65 23.02
C ASP JA 137 50.57 -54.78 21.77
N PRO JA 138 50.49 -53.46 21.92
CA PRO JA 138 50.42 -52.58 20.74
C PRO JA 138 51.65 -52.64 19.85
N SER JA 139 52.78 -53.11 20.37
CA SER JA 139 54.00 -53.17 19.56
C SER JA 139 53.88 -54.13 18.39
N SER JA 140 53.01 -55.13 18.49
CA SER JA 140 52.86 -56.10 17.42
C SER JA 140 52.29 -55.45 16.16
N GLU JA 141 52.72 -55.96 15.01
CA GLU JA 141 52.24 -55.44 13.74
C GLU JA 141 50.81 -55.89 13.44
N HIS JA 142 50.30 -56.89 14.14
CA HIS JA 142 48.94 -57.39 13.95
C HIS JA 142 48.09 -57.17 15.19
N PHE JA 143 48.30 -56.03 15.84
CA PHE JA 143 47.48 -55.70 17.01
C PHE JA 143 46.05 -55.41 16.58
N TYR JA 144 45.09 -55.98 17.32
CA TYR JA 144 43.67 -55.89 16.98
C TYR JA 144 43.42 -56.34 15.55
N GLU JA 145 44.10 -57.41 15.16
CA GLU JA 145 43.90 -58.03 13.85
C GLU JA 145 43.32 -59.42 14.05
N PRO JA 146 42.05 -59.65 13.70
CA PRO JA 146 41.49 -60.99 13.88
C PRO JA 146 42.20 -62.02 13.02
N ASP JA 147 42.92 -62.94 13.65
CA ASP JA 147 43.69 -63.95 12.93
C ASP JA 147 42.88 -65.19 12.60
N PHE JA 148 41.60 -65.21 12.97
CA PHE JA 148 40.79 -66.40 12.76
C PHE JA 148 39.34 -65.99 12.59
N TRP JA 149 38.61 -66.77 11.79
CA TRP JA 149 37.20 -66.52 11.52
C TRP JA 149 36.42 -67.81 11.67
N ILE JA 150 35.28 -67.73 12.36
CA ILE JA 150 34.41 -68.88 12.57
C ILE JA 150 33.23 -68.77 11.60
N ILE JA 151 33.08 -69.76 10.73
CA ILE JA 151 32.01 -69.80 9.75
C ILE JA 151 31.32 -71.15 9.89
N SER JA 152 30.15 -71.17 10.53
CA SER JA 152 29.35 -72.37 10.71
C SER JA 152 30.16 -73.49 11.37
N GLY JA 153 31.01 -73.11 12.32
CA GLY JA 153 31.81 -74.07 13.05
C GLY JA 153 33.09 -74.50 12.37
N LYS JA 154 33.37 -74.01 11.16
CA LYS JA 154 34.59 -74.35 10.44
C LYS JA 154 35.61 -73.26 10.67
N LYS JA 155 36.79 -73.64 11.15
CA LYS JA 155 37.78 -72.70 11.64
C LYS JA 155 38.70 -72.33 10.47
N TYR JA 156 38.84 -71.03 10.20
CA TYR JA 156 39.66 -70.56 9.08
C TYR JA 156 40.72 -69.59 9.56
N HIS JA 157 41.93 -69.76 9.04
CA HIS JA 157 43.02 -68.85 9.35
C HIS JA 157 42.93 -67.58 8.51
N ARG JA 158 43.53 -66.50 9.03
CA ARG JA 158 43.47 -65.21 8.36
C ARG JA 158 44.17 -65.24 7.01
N SER JA 159 45.32 -65.91 6.92
CA SER JA 159 46.12 -65.87 5.69
C SER JA 159 45.37 -66.47 4.51
N HIS JA 160 44.49 -67.44 4.76
CA HIS JA 160 43.74 -68.06 3.67
C HIS JA 160 42.67 -67.16 3.11
N LEU JA 161 42.29 -66.09 3.83
CA LEU JA 161 41.21 -65.23 3.43
C LEU JA 161 41.73 -63.89 2.92
N VAL JA 162 40.87 -63.21 2.17
CA VAL JA 162 41.10 -61.85 1.71
C VAL JA 162 39.94 -61.00 2.19
N VAL JA 163 40.22 -60.05 3.07
CA VAL JA 163 39.20 -59.22 3.69
C VAL JA 163 39.46 -57.76 3.32
N VAL JA 164 38.43 -57.08 2.85
CA VAL JA 164 38.51 -55.68 2.46
C VAL JA 164 37.63 -54.86 3.40
N ARG JA 165 38.13 -53.72 3.83
CA ARG JA 165 37.44 -52.85 4.77
C ARG JA 165 37.32 -51.44 4.19
N GLY JA 166 36.28 -50.74 4.63
CA GLY JA 166 36.09 -49.35 4.25
C GLY JA 166 36.93 -48.44 5.11
N PRO JA 167 36.34 -47.34 5.57
CA PRO JA 167 37.05 -46.48 6.53
C PRO JA 167 37.39 -47.26 7.80
N GLN JA 168 38.60 -47.02 8.32
CA GLN JA 168 39.09 -47.80 9.45
C GLN JA 168 38.88 -47.03 10.75
N PRO JA 169 38.11 -47.56 11.68
CA PRO JA 169 37.90 -46.86 12.95
C PRO JA 169 39.13 -46.95 13.83
N PRO JA 170 39.25 -46.09 14.84
CA PRO JA 170 40.36 -46.21 15.80
C PRO JA 170 40.25 -47.51 16.59
N ASP JA 171 41.35 -47.84 17.28
CA ASP JA 171 41.44 -49.14 17.94
C ASP JA 171 40.38 -49.32 19.01
N ILE JA 172 40.10 -48.26 19.79
CA ILE JA 172 39.12 -48.38 20.86
C ILE JA 172 37.72 -48.59 20.29
N LEU JA 173 37.44 -48.06 19.09
CA LEU JA 173 36.14 -48.22 18.47
C LEU JA 173 36.03 -49.48 17.62
N LYS JA 174 37.14 -50.18 17.39
CA LYS JA 174 37.10 -51.39 16.57
C LYS JA 174 36.19 -52.47 17.14
N PRO JA 175 36.22 -52.79 18.44
CA PRO JA 175 35.31 -53.83 18.95
C PRO JA 175 33.84 -53.49 18.74
N THR JA 176 33.45 -52.22 18.82
CA THR JA 176 32.05 -51.85 18.62
C THR JA 176 31.61 -52.17 17.20
N TYR JA 177 32.46 -51.89 16.21
CA TYR JA 177 32.16 -52.21 14.82
C TYR JA 177 32.51 -53.64 14.45
N ILE JA 178 32.96 -54.44 15.42
CA ILE JA 178 33.32 -55.84 15.23
C ILE JA 178 34.42 -55.89 14.17
N PHE JA 179 35.43 -55.05 14.36
CA PHE JA 179 36.65 -55.08 13.54
C PHE JA 179 36.32 -54.97 12.05
N GLY JA 180 35.42 -54.05 11.72
CA GLY JA 180 35.03 -53.81 10.34
C GLY JA 180 34.97 -52.33 10.04
N GLY JA 181 34.80 -52.03 8.75
CA GLY JA 181 34.72 -50.65 8.30
C GLY JA 181 33.37 -50.02 8.61
N ILE JA 182 33.34 -48.69 8.52
CA ILE JA 182 32.13 -47.92 8.79
C ILE JA 182 31.19 -48.03 7.59
N PRO JA 183 29.96 -48.48 7.78
CA PRO JA 183 29.05 -48.63 6.65
C PRO JA 183 28.63 -47.29 6.06
N LEU JA 184 28.38 -47.29 4.75
CA LEU JA 184 27.94 -46.08 4.06
C LEU JA 184 26.45 -45.81 4.33
N THR JA 185 25.65 -46.86 4.47
CA THR JA 185 24.23 -46.69 4.75
C THR JA 185 24.02 -45.93 6.06
N GLN JA 186 24.83 -46.25 7.08
CA GLN JA 186 24.77 -45.52 8.34
C GLN JA 186 24.98 -44.03 8.13
N ARG JA 187 25.80 -43.66 7.16
CA ARG JA 187 26.11 -42.25 6.91
C ARG JA 187 25.19 -41.60 5.89
N ILE JA 188 24.35 -42.37 5.20
CA ILE JA 188 23.56 -41.79 4.10
C ILE JA 188 22.05 -41.91 4.32
N TYR JA 189 21.56 -42.79 5.21
CA TYR JA 189 20.12 -43.06 5.26
C TYR JA 189 19.33 -41.84 5.71
N GLU JA 190 19.83 -41.10 6.70
CA GLU JA 190 19.10 -39.94 7.19
C GLU JA 190 18.91 -38.90 6.10
N ARG JA 191 19.99 -38.57 5.39
CA ARG JA 191 19.91 -37.55 4.34
C ARG JA 191 19.06 -38.05 3.18
N VAL JA 192 19.13 -39.34 2.86
CA VAL JA 192 18.27 -39.89 1.81
C VAL JA 192 16.81 -39.73 2.17
N TYR JA 193 16.46 -40.07 3.42
CA TYR JA 193 15.07 -39.91 3.85
C TYR JA 193 14.64 -38.45 3.78
N ALA JA 194 15.51 -37.54 4.23
CA ALA JA 194 15.16 -36.12 4.21
C ALA JA 194 14.90 -35.64 2.79
N ALA JA 195 15.79 -36.01 1.86
CA ALA JA 195 15.62 -35.58 0.47
C ALA JA 195 14.35 -36.16 -0.14
N GLU JA 196 14.08 -37.45 0.12
CA GLU JA 196 12.88 -38.07 -0.45
C GLU JA 196 11.61 -37.45 0.11
N ARG JA 197 11.57 -37.19 1.42
CA ARG JA 197 10.40 -36.58 2.01
C ARG JA 197 10.18 -35.16 1.49
N THR JA 198 11.26 -34.38 1.37
CA THR JA 198 11.13 -33.04 0.82
C THR JA 198 10.63 -33.07 -0.62
N ALA JA 199 11.15 -34.01 -1.42
CA ALA JA 199 10.67 -34.13 -2.79
C ALA JA 199 9.20 -34.51 -2.84
N ASN JA 200 8.78 -35.40 -1.95
CA ASN JA 200 7.39 -35.86 -1.96
C ASN JA 200 6.44 -34.80 -1.45
N GLU JA 201 6.91 -33.87 -0.62
CA GLU JA 201 6.01 -32.90 0.01
C GLU JA 201 5.37 -31.97 -1.02
N ALA JA 202 6.15 -31.49 -1.99
CA ALA JA 202 5.67 -30.44 -2.88
C ALA JA 202 4.40 -30.82 -3.65
N PRO JA 203 4.29 -31.99 -4.29
CA PRO JA 203 3.03 -32.31 -4.98
C PRO JA 203 1.83 -32.35 -4.06
N LEU JA 204 2.02 -32.74 -2.80
CA LEU JA 204 0.89 -32.80 -1.88
C LEU JA 204 0.30 -31.41 -1.64
N LEU JA 205 1.15 -30.40 -1.45
CA LEU JA 205 0.65 -29.04 -1.30
C LEU JA 205 0.10 -28.50 -2.62
N ALA JA 206 0.74 -28.84 -3.74
CA ALA JA 206 0.21 -28.44 -5.03
C ALA JA 206 -1.19 -28.98 -5.25
N MET JA 207 -1.49 -30.16 -4.69
CA MET JA 207 -2.81 -30.75 -4.82
C MET JA 207 -3.88 -29.97 -4.09
N SER JA 208 -3.50 -29.19 -3.06
CA SER JA 208 -4.48 -28.41 -2.31
C SER JA 208 -4.03 -26.96 -2.21
N LYS JA 209 -3.63 -26.38 -3.32
CA LYS JA 209 -3.07 -25.03 -3.32
C LYS JA 209 -4.11 -23.99 -2.90
N ARG JA 210 -5.33 -24.11 -3.40
CA ARG JA 210 -6.36 -23.10 -3.20
C ARG JA 210 -7.52 -23.69 -2.41
N THR JA 211 -7.96 -22.96 -1.38
CA THR JA 211 -9.12 -23.33 -0.59
C THR JA 211 -10.15 -22.21 -0.64
N SER JA 212 -11.42 -22.58 -0.76
CA SER JA 212 -12.51 -21.62 -0.89
C SER JA 212 -13.51 -21.84 0.24
N THR JA 213 -13.98 -20.75 0.84
CA THR JA 213 -14.91 -20.81 1.95
C THR JA 213 -16.01 -19.79 1.75
N ILE JA 214 -17.19 -20.10 2.29
CA ILE JA 214 -18.32 -19.18 2.26
C ILE JA 214 -18.90 -19.09 3.66
N HIS JA 215 -19.56 -17.98 3.93
CA HIS JA 215 -20.30 -17.79 5.17
C HIS JA 215 -21.79 -17.82 4.87
N VAL JA 216 -22.57 -18.26 5.85
CA VAL JA 216 -24.02 -18.31 5.72
C VAL JA 216 -24.61 -18.48 7.11
N ASP JA 217 -25.87 -18.10 7.28
CA ASP JA 217 -26.56 -18.35 8.55
C ASP JA 217 -26.79 -19.84 8.67
N VAL JA 218 -25.93 -20.50 9.44
CA VAL JA 218 -25.95 -21.96 9.53
C VAL JA 218 -27.21 -22.47 10.21
N GLU JA 219 -27.90 -21.63 11.00
CA GLU JA 219 -29.14 -22.06 11.63
C GLU JA 219 -30.19 -22.44 10.59
N LYS JA 220 -30.44 -21.55 9.62
CA LYS JA 220 -31.37 -21.86 8.55
C LYS JA 220 -30.88 -23.03 7.72
N ALA JA 221 -29.57 -23.19 7.56
CA ALA JA 221 -29.04 -24.31 6.80
C ALA JA 221 -29.35 -25.64 7.46
N ILE JA 222 -29.14 -25.73 8.77
CA ILE JA 222 -29.44 -26.97 9.47
C ILE JA 222 -30.93 -27.14 9.71
N ALA JA 223 -31.72 -26.07 9.55
CA ALA JA 223 -33.16 -26.19 9.72
C ALA JA 223 -33.75 -27.20 8.74
N ASN JA 224 -33.45 -27.04 7.45
CA ASN JA 224 -33.87 -28.00 6.43
C ASN JA 224 -32.72 -28.18 5.44
N GLU JA 225 -31.83 -29.12 5.74
CA GLU JA 225 -30.78 -29.50 4.82
C GLU JA 225 -31.31 -30.62 3.91
N GLU JA 226 -30.40 -31.29 3.21
CA GLU JA 226 -30.67 -32.25 2.12
C GLU JA 226 -31.19 -31.55 0.88
N ALA JA 227 -31.43 -30.25 0.93
CA ALA JA 227 -31.68 -29.41 -0.23
C ALA JA 227 -30.63 -28.33 -0.38
N PHE JA 228 -30.24 -27.68 0.71
CA PHE JA 228 -29.07 -26.82 0.73
C PHE JA 228 -27.83 -27.59 0.27
N ASN JA 229 -27.65 -28.80 0.82
CA ASN JA 229 -26.55 -29.65 0.41
C ASN JA 229 -26.63 -30.01 -1.06
N ALA JA 230 -27.84 -30.31 -1.55
CA ALA JA 230 -28.00 -30.65 -2.96
C ALA JA 230 -27.65 -29.48 -3.86
N ARG JA 231 -28.08 -28.27 -3.50
CA ARG JA 231 -27.76 -27.10 -4.30
C ARG JA 231 -26.26 -26.85 -4.35
N LEU JA 232 -25.58 -26.95 -3.21
CA LEU JA 232 -24.15 -26.71 -3.22
C LEU JA 232 -23.40 -27.82 -3.95
N ALA JA 233 -23.86 -29.06 -3.85
CA ALA JA 233 -23.25 -30.14 -4.60
C ALA JA 233 -23.41 -29.92 -6.10
N PHE JA 234 -24.58 -29.44 -6.52
CA PHE JA 234 -24.78 -29.11 -7.93
C PHE JA 234 -23.83 -28.00 -8.37
N TRP JA 235 -23.66 -26.97 -7.53
CA TRP JA 235 -22.73 -25.90 -7.86
C TRP JA 235 -21.31 -26.44 -8.02
N ILE JA 236 -20.88 -27.29 -7.09
CA ILE JA 236 -19.52 -27.84 -7.17
C ILE JA 236 -19.36 -28.70 -8.41
N ALA JA 237 -20.38 -29.49 -8.75
CA ALA JA 237 -20.31 -30.34 -9.94
C ALA JA 237 -20.22 -29.51 -11.21
N ASN JA 238 -20.98 -28.43 -11.29
CA ASN JA 238 -21.02 -27.61 -12.49
C ASN JA 238 -20.13 -26.38 -12.40
N ARG JA 239 -19.19 -26.35 -11.46
CA ARG JA 239 -18.36 -25.18 -11.25
C ARG JA 239 -17.34 -25.01 -12.37
N ASP JA 240 -17.27 -23.81 -12.91
CA ASP JA 240 -16.23 -23.41 -13.86
C ASP JA 240 -16.33 -21.90 -14.04
N ASN JA 241 -15.36 -21.35 -14.78
CA ASN JA 241 -15.43 -19.93 -15.10
C ASN JA 241 -16.58 -19.68 -16.08
N HIS JA 242 -16.98 -18.41 -16.15
CA HIS JA 242 -18.10 -17.91 -16.94
C HIS JA 242 -19.45 -18.32 -16.36
N GLY JA 243 -19.48 -18.74 -15.09
CA GLY JA 243 -20.72 -18.94 -14.37
C GLY JA 243 -20.81 -17.96 -13.22
N VAL JA 244 -22.02 -17.71 -12.72
CA VAL JA 244 -22.25 -16.70 -11.69
C VAL JA 244 -22.91 -17.36 -10.50
N LYS JA 245 -22.42 -17.04 -9.30
CA LYS JA 245 -23.00 -17.51 -8.05
C LYS JA 245 -23.72 -16.36 -7.36
N VAL JA 246 -24.92 -16.64 -6.85
CA VAL JA 246 -25.78 -15.64 -6.24
C VAL JA 246 -25.83 -15.88 -4.74
N LEU JA 247 -25.56 -14.83 -3.97
CA LEU JA 247 -25.52 -14.92 -2.51
C LEU JA 247 -26.42 -13.85 -1.91
N GLY JA 248 -26.85 -14.07 -0.67
CA GLY JA 248 -27.61 -13.08 0.05
C GLY JA 248 -26.75 -11.92 0.50
N ILE JA 249 -27.43 -10.84 0.87
CA ILE JA 249 -26.74 -9.61 1.25
C ILE JA 249 -26.01 -9.74 2.58
N ASP JA 250 -26.33 -10.76 3.39
CA ASP JA 250 -25.77 -10.87 4.72
C ASP JA 250 -24.52 -11.73 4.79
N GLU JA 251 -24.10 -12.36 3.70
CA GLU JA 251 -22.91 -13.20 3.73
C GLU JA 251 -21.91 -12.78 2.67
N GLY JA 252 -20.76 -13.45 2.67
CA GLY JA 252 -19.69 -13.18 1.73
C GLY JA 252 -18.94 -14.44 1.38
N MET JA 253 -17.89 -14.26 0.58
CA MET JA 253 -17.05 -15.37 0.13
C MET JA 253 -15.58 -14.99 0.31
N GLU JA 254 -14.74 -16.01 0.49
CA GLU JA 254 -13.32 -15.78 0.70
C GLU JA 254 -12.53 -16.90 0.03
N GLN JA 255 -11.29 -16.58 -0.33
CA GLN JA 255 -10.39 -17.55 -0.94
C GLN JA 255 -9.00 -17.40 -0.35
N PHE JA 256 -8.23 -18.49 -0.37
CA PHE JA 256 -6.85 -18.48 0.11
C PHE JA 256 -6.00 -19.30 -0.85
N ASP JA 257 -4.71 -18.95 -0.91
CA ASP JA 257 -3.76 -19.61 -1.78
C ASP JA 257 -2.53 -20.02 -0.98
N THR JA 258 -1.51 -20.49 -1.69
CA THR JA 258 -0.24 -20.87 -1.09
C THR JA 258 0.86 -20.71 -2.12
N ASN JA 259 1.99 -20.17 -1.71
CA ASN JA 259 3.11 -19.91 -2.60
C ASN JA 259 4.09 -21.07 -2.53
N LEU JA 260 4.31 -21.73 -3.67
CA LEU JA 260 5.16 -22.91 -3.76
C LEU JA 260 6.45 -22.64 -4.52
N ALA JA 261 6.90 -21.39 -4.56
CA ALA JA 261 8.04 -20.99 -5.37
C ALA JA 261 9.36 -21.09 -4.62
N ASP JA 262 9.44 -21.94 -3.60
CA ASP JA 262 10.67 -22.10 -2.83
C ASP JA 262 11.06 -23.55 -2.55
N PHE JA 263 10.22 -24.53 -2.88
CA PHE JA 263 10.54 -25.92 -2.56
C PHE JA 263 11.69 -26.45 -3.42
N ASP JA 264 11.80 -25.97 -4.66
CA ASP JA 264 12.78 -26.52 -5.59
C ASP JA 264 14.20 -26.31 -5.07
N SER JA 265 14.49 -25.13 -4.53
CA SER JA 265 15.84 -24.87 -4.02
C SER JA 265 16.19 -25.83 -2.89
N ILE JA 266 15.24 -26.07 -1.98
CA ILE JA 266 15.47 -27.00 -0.88
C ILE JA 266 15.71 -28.40 -1.41
N ILE JA 267 14.89 -28.84 -2.37
CA ILE JA 267 15.05 -30.19 -2.92
C ILE JA 267 16.42 -30.36 -3.56
N MET JA 268 16.84 -29.37 -4.35
CA MET JA 268 18.12 -29.50 -5.03
C MET JA 268 19.29 -29.40 -4.05
N ASN JA 269 19.17 -28.59 -3.00
CA ASN JA 269 20.21 -28.56 -1.98
C ASN JA 269 20.34 -29.92 -1.29
N GLN JA 270 19.21 -30.54 -0.94
CA GLN JA 270 19.25 -31.85 -0.31
C GLN JA 270 19.88 -32.88 -1.24
N TYR JA 271 19.52 -32.86 -2.52
CA TYR JA 271 20.07 -33.84 -3.45
C TYR JA 271 21.57 -33.60 -3.67
N GLN JA 272 22.00 -32.34 -3.70
CA GLN JA 272 23.43 -32.05 -3.82
C GLN JA 272 24.18 -32.57 -2.60
N LEU JA 273 23.60 -32.41 -1.41
CA LEU JA 273 24.25 -32.94 -0.21
C LEU JA 273 24.33 -34.47 -0.26
N VAL JA 274 23.26 -35.12 -0.73
CA VAL JA 274 23.29 -36.57 -0.87
C VAL JA 274 24.40 -37.00 -1.83
N ALA JA 275 24.52 -36.30 -2.96
CA ALA JA 275 25.60 -36.61 -3.90
C ALA JA 275 26.96 -36.40 -3.25
N ALA JA 276 27.10 -35.35 -2.44
CA ALA JA 276 28.37 -35.08 -1.78
C ALA JA 276 28.74 -36.19 -0.81
N ILE JA 277 27.75 -36.74 -0.10
CA ILE JA 277 28.05 -37.77 0.89
C ILE JA 277 28.65 -39.01 0.23
N ALA JA 278 28.11 -39.41 -0.93
CA ALA JA 278 28.50 -40.66 -1.57
C ALA JA 278 29.79 -40.56 -2.37
N LYS JA 279 30.42 -39.38 -2.41
CA LYS JA 279 31.65 -39.17 -3.17
C LYS JA 279 31.45 -39.53 -4.65
N THR JA 280 30.39 -38.97 -5.24
CA THR JA 280 30.04 -39.21 -6.63
C THR JA 280 29.41 -37.93 -7.18
N PRO JA 281 29.79 -37.52 -8.39
CA PRO JA 281 29.18 -36.32 -8.97
C PRO JA 281 27.68 -36.47 -9.11
N ALA JA 282 26.95 -35.37 -8.87
CA ALA JA 282 25.50 -35.41 -8.93
C ALA JA 282 24.98 -35.73 -10.33
N THR JA 283 25.78 -35.49 -11.36
CA THR JA 283 25.36 -35.76 -12.74
C THR JA 283 25.20 -37.25 -13.00
N LYS JA 284 25.67 -38.12 -12.10
CA LYS JA 284 25.48 -39.55 -12.24
C LYS JA 284 24.32 -40.07 -11.41
N LEU JA 285 24.20 -39.65 -10.15
CA LEU JA 285 23.07 -40.07 -9.33
C LEU JA 285 21.76 -39.49 -9.85
N LEU JA 286 21.73 -38.18 -10.09
CA LEU JA 286 20.51 -37.52 -10.54
C LEU JA 286 20.42 -37.43 -12.06
N GLY JA 287 21.52 -37.62 -12.78
CA GLY JA 287 21.50 -37.52 -14.22
C GLY JA 287 21.49 -36.11 -14.75
N THR JA 288 21.55 -35.10 -13.89
CA THR JA 288 21.54 -33.70 -14.30
C THR JA 288 21.99 -32.86 -13.11
N SER JA 289 22.78 -31.83 -13.39
CA SER JA 289 23.23 -30.95 -12.33
C SER JA 289 22.03 -30.24 -11.69
N PRO JA 290 22.06 -30.00 -10.38
CA PRO JA 290 20.95 -29.31 -9.74
C PRO JA 290 20.79 -27.89 -10.25
N LYS JA 291 19.57 -27.37 -10.15
CA LYS JA 291 19.26 -26.05 -10.66
C LYS JA 291 20.10 -24.98 -9.96
N GLY JA 292 20.67 -24.07 -10.75
CA GLY JA 292 21.47 -23.00 -10.22
C GLY JA 292 22.93 -23.33 -10.00
N PHE JA 293 23.34 -24.57 -10.23
CA PHE JA 293 24.72 -24.97 -10.07
C PHE JA 293 25.41 -25.08 -11.43
N ASN JA 294 26.61 -24.53 -11.53
CA ASN JA 294 27.38 -24.66 -12.76
C ASN JA 294 27.74 -26.13 -13.00
N ALA JA 295 27.66 -26.54 -14.26
CA ALA JA 295 27.86 -27.93 -14.64
C ALA JA 295 29.02 -28.08 -15.60
N THR JA 296 30.11 -27.37 -15.33
CA THR JA 296 31.29 -27.50 -16.19
C THR JA 296 31.86 -28.92 -16.12
N GLY JA 297 31.96 -29.47 -14.91
CA GLY JA 297 32.36 -30.86 -14.74
C GLY JA 297 33.79 -31.18 -15.13
N GLU JA 298 34.61 -30.17 -15.42
CA GLU JA 298 35.99 -30.43 -15.79
C GLU JA 298 36.77 -31.01 -14.62
N HIS JA 299 36.47 -30.55 -13.40
CA HIS JA 299 37.10 -31.08 -12.21
C HIS JA 299 36.39 -32.31 -11.65
N GLU JA 300 35.07 -32.37 -11.82
CA GLU JA 300 34.29 -33.48 -11.26
C GLU JA 300 34.69 -34.79 -11.92
N THR JA 301 34.79 -34.82 -13.24
CA THR JA 301 35.18 -36.04 -13.93
C THR JA 301 36.59 -36.48 -13.57
N ILE JA 302 37.51 -35.51 -13.44
CA ILE JA 302 38.88 -35.84 -13.06
C ILE JA 302 38.91 -36.46 -11.67
N SER JA 303 38.18 -35.86 -10.72
CA SER JA 303 38.15 -36.40 -9.37
C SER JA 303 37.51 -37.79 -9.35
N TYR JA 304 36.45 -37.99 -10.13
CA TYR JA 304 35.82 -39.30 -10.19
C TYR JA 304 36.77 -40.36 -10.75
N HIS JA 305 37.50 -40.01 -11.82
CA HIS JA 305 38.46 -40.95 -12.40
C HIS JA 305 39.56 -41.27 -11.41
N GLU JA 306 40.03 -40.27 -10.66
CA GLU JA 306 41.08 -40.51 -9.68
C GLU JA 306 40.57 -41.41 -8.55
N GLU JA 307 39.32 -41.21 -8.12
CA GLU JA 307 38.73 -42.08 -7.12
C GLU JA 307 38.61 -43.52 -7.63
N LEU JA 308 38.21 -43.69 -8.90
CA LEU JA 308 38.16 -45.03 -9.47
C LEU JA 308 39.55 -45.65 -9.53
N GLU JA 309 40.57 -44.83 -9.81
CA GLU JA 309 41.94 -45.33 -9.78
C GLU JA 309 42.32 -45.81 -8.38
N SER JA 310 41.92 -45.06 -7.35
CA SER JA 310 42.19 -45.49 -5.98
C SER JA 310 41.49 -46.80 -5.65
N ILE JA 311 40.24 -46.94 -6.09
CA ILE JA 311 39.52 -48.20 -5.86
C ILE JA 311 40.23 -49.35 -6.55
N GLN JA 312 40.64 -49.15 -7.80
CA GLN JA 312 41.36 -50.19 -8.53
C GLN JA 312 42.65 -50.57 -7.79
N GLU JA 313 43.37 -49.58 -7.29
CA GLU JA 313 44.62 -49.85 -6.60
C GLU JA 313 44.40 -50.63 -5.30
N HIS JA 314 43.36 -50.27 -4.54
CA HIS JA 314 43.25 -50.81 -3.18
C HIS JA 314 42.41 -52.08 -3.10
N ILE JA 315 41.21 -52.08 -3.69
CA ILE JA 315 40.26 -53.16 -3.44
C ILE JA 315 40.46 -54.32 -4.41
N PHE JA 316 40.46 -54.04 -5.72
CA PHE JA 316 40.47 -55.12 -6.70
C PHE JA 316 41.84 -55.76 -6.86
N ASP JA 317 42.92 -55.02 -6.60
CA ASP JA 317 44.26 -55.54 -6.84
C ASP JA 317 44.59 -56.80 -6.03
N PRO JA 318 44.41 -56.83 -4.70
CA PRO JA 318 44.87 -58.00 -3.95
C PRO JA 318 44.14 -59.29 -4.30
N LEU JA 319 42.82 -59.23 -4.46
CA LEU JA 319 42.06 -60.43 -4.80
C LEU JA 319 42.49 -60.98 -6.14
N LEU JA 320 42.65 -60.11 -7.14
CA LEU JA 320 43.09 -60.58 -8.46
C LEU JA 320 44.51 -61.14 -8.40
N GLU JA 321 45.40 -60.49 -7.64
CA GLU JA 321 46.76 -61.00 -7.53
C GLU JA 321 46.78 -62.40 -6.91
N ARG JA 322 46.04 -62.59 -5.82
CA ARG JA 322 45.99 -63.89 -5.18
C ARG JA 322 45.36 -64.94 -6.10
N HIS JA 323 44.28 -64.57 -6.77
CA HIS JA 323 43.61 -65.50 -7.70
C HIS JA 323 44.56 -65.93 -8.82
N TYR JA 324 45.28 -64.97 -9.39
CA TYR JA 324 46.15 -65.29 -10.52
C TYR JA 324 47.35 -66.11 -10.07
N LEU JA 325 47.91 -65.80 -8.90
CA LEU JA 325 49.00 -66.62 -8.37
C LEU JA 325 48.55 -68.05 -8.15
N LEU JA 326 47.39 -68.22 -7.51
CA LEU JA 326 46.90 -69.56 -7.23
C LEU JA 326 46.59 -70.31 -8.52
N LEU JA 327 45.99 -69.63 -9.50
CA LEU JA 327 45.68 -70.28 -10.78
C LEU JA 327 46.94 -70.68 -11.51
N ALA JA 328 47.96 -69.82 -11.52
CA ALA JA 328 49.20 -70.14 -12.20
C ALA JA 328 49.90 -71.32 -11.54
N LYS JA 329 49.88 -71.37 -10.21
CA LYS JA 329 50.50 -72.51 -9.53
C LYS JA 329 49.66 -73.78 -9.64
N SER JA 330 48.36 -73.63 -9.92
CA SER JA 330 47.48 -74.79 -9.99
C SER JA 330 47.63 -75.54 -11.30
N GLU JA 331 47.84 -74.83 -12.41
CA GLU JA 331 47.83 -75.43 -13.74
C GLU JA 331 49.21 -75.41 -14.40
N GLU JA 332 50.27 -75.48 -13.59
CA GLU JA 332 51.65 -75.61 -14.07
C GLU JA 332 52.02 -74.47 -15.03
N ILE JA 333 52.01 -73.26 -14.50
CA ILE JA 333 52.40 -72.07 -15.24
C ILE JA 333 53.70 -71.57 -14.61
N ASP JA 334 54.83 -71.89 -15.24
CA ASP JA 334 56.14 -71.49 -14.72
C ASP JA 334 56.58 -70.14 -15.29
N VAL JA 335 55.68 -69.16 -15.22
CA VAL JA 335 55.95 -67.79 -15.66
C VAL JA 335 55.35 -66.85 -14.63
N GLN JA 336 56.06 -65.78 -14.31
CA GLN JA 336 55.55 -64.79 -13.37
C GLN JA 336 54.53 -63.89 -14.06
N LEU JA 337 53.40 -63.66 -13.39
CA LEU JA 337 52.32 -62.83 -13.91
C LEU JA 337 52.17 -61.56 -13.09
N GLU JA 338 51.84 -60.47 -13.77
CA GLU JA 338 51.49 -59.21 -13.12
C GLU JA 338 50.30 -58.60 -13.86
N ILE JA 339 49.57 -57.74 -13.15
CA ILE JA 339 48.30 -57.21 -13.63
C ILE JA 339 48.49 -55.76 -14.04
N VAL JA 340 48.04 -55.43 -15.26
CA VAL JA 340 48.07 -54.07 -15.78
C VAL JA 340 46.65 -53.65 -16.10
N TRP JA 341 46.25 -52.49 -15.59
CA TRP JA 341 44.88 -52.01 -15.74
C TRP JA 341 44.74 -51.16 -17.00
N ASN JA 342 43.59 -51.30 -17.66
CA ASN JA 342 43.26 -50.44 -18.78
C ASN JA 342 42.95 -49.02 -18.29
N PRO JA 343 43.10 -48.02 -19.14
CA PRO JA 343 42.75 -46.66 -18.74
C PRO JA 343 41.28 -46.56 -18.34
N VAL JA 344 41.04 -45.80 -17.27
CA VAL JA 344 39.68 -45.68 -16.74
C VAL JA 344 38.82 -44.71 -17.54
N ASP JA 345 39.45 -43.78 -18.26
CA ASP JA 345 38.69 -42.79 -19.02
C ASP JA 345 37.97 -43.46 -20.19
N SER JA 346 36.71 -43.07 -20.40
CA SER JA 346 35.91 -43.53 -21.51
C SER JA 346 35.61 -42.36 -22.43
N THR JA 347 35.94 -42.51 -23.71
CA THR JA 347 35.76 -41.46 -24.68
C THR JA 347 34.99 -41.97 -25.89
N SER JA 348 34.34 -41.06 -26.60
CA SER JA 348 33.56 -41.42 -27.76
C SER JA 348 34.49 -41.75 -28.93
N SER JA 349 33.89 -42.05 -30.09
CA SER JA 349 34.67 -42.46 -31.24
C SER JA 349 35.55 -41.33 -31.77
N GLN JA 350 35.03 -40.10 -31.77
CA GLN JA 350 35.82 -38.97 -32.27
C GLN JA 350 37.07 -38.77 -31.43
N GLN JA 351 36.89 -38.65 -30.10
CA GLN JA 351 38.04 -38.45 -29.21
C GLN JA 351 39.06 -39.56 -29.40
N GLN JA 352 38.60 -40.79 -29.66
CA GLN JA 352 39.52 -41.86 -30.03
C GLN JA 352 40.25 -41.53 -31.32
N ALA JA 353 39.55 -40.95 -32.30
CA ALA JA 353 40.17 -40.66 -33.59
C ALA JA 353 41.30 -39.65 -33.46
N GLU JA 354 41.03 -38.51 -32.82
CA GLU JA 354 42.15 -37.57 -32.64
C GLU JA 354 43.05 -37.91 -31.45
N LEU JA 355 42.76 -38.97 -30.71
CA LEU JA 355 43.75 -39.47 -29.77
C LEU JA 355 44.76 -40.38 -30.45
N ASN JA 356 44.29 -41.27 -31.33
CA ASN JA 356 45.20 -42.16 -32.04
C ASN JA 356 46.08 -41.38 -33.01
N ASN JA 357 45.53 -40.39 -33.69
CA ASN JA 357 46.30 -39.63 -34.68
C ASN JA 357 47.46 -38.90 -34.03
N LYS JA 358 47.23 -38.29 -32.86
CA LYS JA 358 48.31 -37.60 -32.16
C LYS JA 358 49.39 -38.59 -31.74
N LYS JA 359 49.00 -39.77 -31.27
CA LYS JA 359 49.98 -40.80 -30.94
C LYS JA 359 50.75 -41.24 -32.17
N ALA JA 360 50.04 -41.40 -33.30
CA ALA JA 360 50.72 -41.82 -34.53
C ALA JA 360 51.74 -40.77 -34.98
N ALA JA 361 51.40 -39.49 -34.87
CA ALA JA 361 52.34 -38.44 -35.24
C ALA JA 361 53.58 -38.48 -34.36
N THR JA 362 53.41 -38.71 -33.06
CA THR JA 362 54.55 -38.79 -32.17
C THR JA 362 55.45 -39.96 -32.52
N ASP JA 363 54.86 -41.10 -32.91
CA ASP JA 363 55.67 -42.26 -33.27
C ASP JA 363 56.56 -41.98 -34.47
N GLU JA 364 56.04 -41.27 -35.48
CA GLU JA 364 56.82 -41.00 -36.68
C GLU JA 364 58.04 -40.14 -36.36
N ILE JA 365 57.93 -39.22 -35.39
CA ILE JA 365 59.06 -38.38 -35.03
C ILE JA 365 60.19 -39.22 -34.46
N TYR JA 366 59.86 -40.18 -33.59
CA TYR JA 366 60.88 -40.98 -32.94
C TYR JA 366 61.61 -41.88 -33.93
N ILE JA 367 60.85 -42.58 -34.78
CA ILE JA 367 61.46 -43.55 -35.69
C ILE JA 367 62.35 -42.85 -36.70
N ASN JA 368 61.93 -41.69 -37.19
CA ASN JA 368 62.76 -40.95 -38.15
C ASN JA 368 64.06 -40.47 -37.51
N SER JA 369 64.05 -40.22 -36.20
CA SER JA 369 65.24 -39.73 -35.51
C SER JA 369 66.06 -40.84 -34.88
N GLY JA 370 65.70 -42.10 -35.09
CA GLY JA 370 66.44 -43.21 -34.55
C GLY JA 370 66.21 -43.51 -33.09
N VAL JA 371 65.29 -42.79 -32.44
CA VAL JA 371 65.02 -43.03 -31.02
C VAL JA 371 64.43 -44.42 -30.82
N VAL JA 372 63.50 -44.82 -31.69
CA VAL JA 372 62.84 -46.11 -31.57
C VAL JA 372 63.07 -46.90 -32.85
N SER JA 373 62.53 -48.10 -32.91
CA SER JA 373 62.67 -49.00 -34.05
C SER JA 373 61.31 -49.30 -34.65
N PRO JA 374 61.27 -49.66 -35.94
CA PRO JA 374 59.98 -49.97 -36.57
C PRO JA 374 59.26 -51.15 -35.93
N ASP JA 375 59.96 -52.02 -35.21
CA ASP JA 375 59.29 -53.14 -34.57
C ASP JA 375 58.58 -52.72 -33.29
N GLU JA 376 59.28 -52.01 -32.40
CA GLU JA 376 58.76 -51.74 -31.06
C GLU JA 376 57.42 -51.01 -31.09
N VAL JA 377 57.15 -50.23 -32.13
CA VAL JA 377 55.83 -49.61 -32.24
C VAL JA 377 54.77 -50.65 -32.58
N ARG JA 378 55.15 -51.70 -33.31
CA ARG JA 378 54.16 -52.67 -33.79
C ARG JA 378 53.49 -53.41 -32.63
N GLU JA 379 54.28 -53.99 -31.73
CA GLU JA 379 53.67 -54.71 -30.61
C GLU JA 379 53.08 -53.74 -29.60
N ARG JA 380 53.61 -52.51 -29.52
CA ARG JA 380 52.97 -51.49 -28.69
C ARG JA 380 51.55 -51.25 -29.16
N LEU JA 381 51.37 -51.11 -30.48
CA LEU JA 381 50.04 -51.00 -31.04
C LEU JA 381 49.25 -52.30 -30.90
N ARG JA 382 49.94 -53.43 -30.97
CA ARG JA 382 49.27 -54.72 -30.84
C ARG JA 382 48.69 -54.91 -29.45
N ASP JA 383 49.42 -54.49 -28.41
CA ASP JA 383 48.95 -54.70 -27.05
C ASP JA 383 47.78 -53.78 -26.69
N ASP JA 384 47.70 -52.61 -27.32
CA ASP JA 384 46.63 -51.68 -27.02
C ASP JA 384 45.33 -52.16 -27.66
N PRO JA 385 44.28 -52.45 -26.88
CA PRO JA 385 43.02 -52.87 -27.49
C PRO JA 385 42.28 -51.71 -28.14
N ARG JA 386 42.48 -50.51 -27.61
CA ARG JA 386 41.81 -49.32 -28.14
C ARG JA 386 42.28 -48.96 -29.55
N SER JA 387 43.45 -49.43 -29.95
CA SER JA 387 43.95 -49.14 -31.28
C SER JA 387 43.04 -49.74 -32.34
N GLY JA 388 42.92 -49.04 -33.47
CA GLY JA 388 42.07 -49.52 -34.54
C GLY JA 388 42.51 -50.87 -35.08
N TYR JA 389 43.81 -51.09 -35.18
CA TYR JA 389 44.36 -52.34 -35.69
C TYR JA 389 44.40 -53.36 -34.56
N ASN JA 390 43.59 -54.41 -34.67
CA ASN JA 390 43.60 -55.48 -33.69
C ASN JA 390 43.63 -56.87 -34.32
N ARG JA 391 43.71 -56.97 -35.64
CA ARG JA 391 43.83 -58.24 -36.34
C ARG JA 391 45.26 -58.44 -36.84
N LEU JA 392 46.23 -58.04 -36.03
CA LEU JA 392 47.64 -58.14 -36.41
C LEU JA 392 48.05 -59.60 -36.55
N THR JA 393 48.83 -59.88 -37.60
CA THR JA 393 49.42 -61.19 -37.78
C THR JA 393 50.69 -61.31 -36.96
N ASP JA 394 51.36 -62.45 -37.09
CA ASP JA 394 52.63 -62.69 -36.39
C ASP JA 394 53.83 -62.20 -37.17
N ASP JA 395 53.63 -61.52 -38.30
CA ASP JA 395 54.74 -61.03 -39.09
C ASP JA 395 55.53 -59.98 -38.31
N GLN JA 396 56.83 -59.94 -38.57
CA GLN JA 396 57.76 -59.10 -37.82
C GLN JA 396 58.25 -57.96 -38.69
N ALA JA 397 58.37 -56.78 -38.11
CA ALA JA 397 58.86 -55.60 -38.82
C ALA JA 397 60.37 -55.47 -38.62
N GLU JA 398 60.93 -54.34 -39.04
CA GLU JA 398 62.37 -54.11 -38.88
C GLU JA 398 62.71 -53.83 -37.42
N THR JA 399 63.79 -54.46 -36.95
CA THR JA 399 64.16 -54.39 -35.54
C THR JA 399 65.22 -53.35 -35.23
N GLU JA 400 66.02 -52.94 -36.21
CA GLU JA 400 67.11 -52.01 -35.94
C GLU JA 400 66.54 -50.63 -35.65
N PRO JA 401 66.99 -49.95 -34.58
CA PRO JA 401 66.40 -48.67 -34.22
C PRO JA 401 66.57 -47.61 -35.30
N GLY JA 402 65.45 -47.10 -35.79
CA GLY JA 402 65.45 -45.98 -36.72
C GLY JA 402 65.57 -46.34 -38.18
N MET JA 403 65.57 -47.63 -38.54
CA MET JA 403 65.69 -48.03 -39.93
C MET JA 403 64.32 -47.99 -40.62
N SER JA 404 63.87 -46.76 -40.86
CA SER JA 404 62.65 -46.54 -41.63
C SER JA 404 62.90 -46.84 -43.11
N PRO JA 405 61.84 -47.07 -43.88
CA PRO JA 405 62.05 -47.35 -45.31
C PRO JA 405 62.84 -46.26 -46.03
N GLU JA 406 62.60 -44.99 -45.70
CA GLU JA 406 63.42 -43.93 -46.28
C GLU JA 406 64.82 -43.93 -45.69
N ASN JA 407 64.96 -44.28 -44.41
CA ASN JA 407 66.28 -44.37 -43.80
C ASN JA 407 67.10 -45.49 -44.43
N LEU JA 408 66.46 -46.63 -44.71
CA LEU JA 408 67.15 -47.72 -45.40
C LEU JA 408 67.59 -47.31 -46.80
N ALA JA 409 66.75 -46.54 -47.51
CA ALA JA 409 67.09 -46.15 -48.87
C ALA JA 409 68.35 -45.30 -48.92
N GLU JA 410 68.49 -44.36 -47.98
CA GLU JA 410 69.68 -43.52 -47.93
C GLU JA 410 70.86 -44.21 -47.25
N PHE JA 411 70.65 -45.35 -46.61
CA PHE JA 411 71.75 -46.06 -45.96
C PHE JA 411 72.78 -46.53 -46.99
N GLU JA 412 72.36 -47.39 -47.91
CA GLU JA 412 73.29 -47.91 -48.91
C GLU JA 412 73.68 -46.86 -49.94
N LYS JA 413 72.79 -45.89 -50.21
CA LYS JA 413 73.11 -44.86 -51.18
C LYS JA 413 74.29 -44.00 -50.72
N ALA JA 414 74.30 -43.62 -49.45
CA ALA JA 414 75.40 -42.81 -48.94
C ALA JA 414 76.72 -43.58 -48.97
N GLY JA 415 76.69 -44.85 -48.57
CA GLY JA 415 77.90 -45.65 -48.58
C GLY JA 415 78.45 -45.91 -49.96
N ALA JA 416 77.58 -46.07 -50.96
CA ALA JA 416 78.03 -46.35 -52.31
C ALA JA 416 78.87 -45.20 -52.86
N GLN JA 417 78.43 -43.97 -52.66
CA GLN JA 417 79.22 -42.83 -53.11
C GLN JA 417 80.50 -42.66 -52.31
N SER JA 418 80.55 -43.13 -51.07
CA SER JA 418 81.78 -43.06 -50.29
C SER JA 418 82.88 -43.89 -50.93
N ALA JA 419 82.54 -45.11 -51.36
CA ALA JA 419 83.53 -45.94 -52.04
C ALA JA 419 83.97 -45.32 -53.35
N LYS JA 420 83.02 -44.76 -54.11
CA LYS JA 420 83.38 -44.09 -55.36
C LYS JA 420 84.28 -42.89 -55.10
N ALA JA 421 83.96 -42.10 -54.06
CA ALA JA 421 84.80 -40.95 -53.72
C ALA JA 421 86.18 -41.40 -53.24
N LYS JA 422 86.23 -42.48 -52.46
CA LYS JA 422 87.52 -42.95 -51.95
C LYS JA 422 88.44 -43.39 -53.09
N GLY JA 423 87.90 -44.17 -54.04
CA GLY JA 423 88.70 -44.61 -55.17
C GLY JA 423 89.11 -43.46 -56.07
N GLU JA 424 88.24 -42.46 -56.22
CA GLU JA 424 88.55 -41.35 -57.11
C GLU JA 424 89.79 -40.59 -56.66
N ALA JA 425 89.93 -40.37 -55.35
CA ALA JA 425 91.12 -39.70 -54.84
C ALA JA 425 92.38 -40.52 -55.14
N GLU JA 426 92.30 -41.85 -54.94
CA GLU JA 426 93.44 -42.71 -55.27
C GLU JA 426 93.70 -42.74 -56.77
N ARG JA 427 92.67 -42.54 -57.59
CA ARG JA 427 92.87 -42.45 -59.04
C ARG JA 427 93.75 -41.27 -59.38
N ALA JA 428 93.53 -40.13 -58.73
CA ALA JA 428 94.35 -38.94 -58.98
C ALA JA 428 95.78 -39.13 -58.48
N GLU JA 429 95.98 -39.97 -57.47
CA GLU JA 429 97.31 -40.18 -56.92
C GLU JA 429 98.25 -40.85 -57.92
N ALA JA 430 97.71 -41.55 -58.92
CA ALA JA 430 98.56 -42.09 -59.98
C ALA JA 430 99.26 -40.97 -60.74
N GLN JA 431 98.51 -39.92 -61.07
CA GLN JA 431 99.09 -38.74 -61.69
C GLN JA 431 99.80 -37.89 -60.63
N ALA JA 432 100.77 -37.11 -61.09
CA ALA JA 432 101.61 -36.28 -60.22
C ALA JA 432 102.31 -37.15 -59.17
N GLY JA 433 102.81 -38.30 -59.59
CA GLY JA 433 103.50 -39.21 -58.69
C GLY JA 433 104.39 -40.21 -59.41
#